data_5UK6
#
_entry.id   5UK6
#
_entity_poly.entity_id   1
_entity_poly.type   'polypeptide(L)'
_entity_poly.pdbx_seq_one_letter_code
;MNLESLLHWIYVAGMTIGALHFWSLSRNPRGVPQYEYLVAMFIPIWSGLAYMAMAIDQGKVEAAGQIAHYARYIDWMVTT
PLLLLSLSWTAMQFIKKDWTLIGFLMSTQIVVITSGLIADLSERDWVRYLWYICGVCAFLIILWGIWNPLRAKTRTQSSE
LANLYDKLVTYFTVLWIGYPIVWIIGPSGFGWINQTIDTFLFCLLPFFS(LYR)VGFSFLDLHGLRNLNDSRQHHHHHH
;
_entity_poly.pdbx_strand_id   A,B,C
#
# COMPACT_ATOMS: atom_id res chain seq x y z
N MET A 1 -21.35 -15.57 -24.20
CA MET A 1 -22.19 -16.78 -24.12
C MET A 1 -21.40 -18.03 -24.47
N ASN A 2 -20.15 -17.84 -24.89
CA ASN A 2 -19.28 -18.95 -25.27
C ASN A 2 -18.57 -19.51 -24.04
N LEU A 3 -18.23 -18.62 -23.11
CA LEU A 3 -17.56 -19.02 -21.88
C LEU A 3 -18.22 -18.40 -20.66
N GLU A 4 -19.04 -19.19 -19.97
CA GLU A 4 -19.76 -18.72 -18.79
C GLU A 4 -19.44 -19.60 -17.58
N SER A 5 -19.40 -18.99 -16.40
CA SER A 5 -19.11 -19.71 -15.17
C SER A 5 -20.12 -19.38 -14.09
N LEU A 6 -20.23 -20.26 -13.10
CA LEU A 6 -21.16 -20.06 -11.99
C LEU A 6 -20.52 -20.42 -10.66
N LEU A 7 -19.24 -20.79 -10.71
CA LEU A 7 -18.50 -21.16 -9.50
C LEU A 7 -18.12 -19.91 -8.72
N HIS A 8 -17.49 -18.96 -9.39
CA HIS A 8 -17.07 -17.71 -8.76
C HIS A 8 -18.27 -16.85 -8.43
N TRP A 9 -19.35 -17.05 -9.17
CA TRP A 9 -20.58 -16.28 -8.95
C TRP A 9 -21.17 -16.59 -7.57
N ILE A 10 -21.36 -17.87 -7.28
CA ILE A 10 -21.91 -18.29 -6.00
C ILE A 10 -20.92 -17.96 -4.88
N TYR A 11 -19.66 -17.83 -5.25
CA TYR A 11 -18.60 -17.53 -4.29
C TYR A 11 -18.91 -16.22 -3.55
N VAL A 12 -19.12 -15.15 -4.31
CA VAL A 12 -19.43 -13.85 -3.72
C VAL A 12 -20.77 -13.85 -3.03
N ALA A 13 -21.70 -14.68 -3.53
CA ALA A 13 -23.03 -14.77 -2.95
C ALA A 13 -22.96 -15.16 -1.47
N GLY A 14 -22.19 -16.20 -1.18
CA GLY A 14 -22.05 -16.65 0.19
C GLY A 14 -21.23 -15.71 1.05
N MET A 15 -20.36 -14.94 0.41
CA MET A 15 -19.51 -13.98 1.12
C MET A 15 -20.31 -12.76 1.59
N THR A 16 -21.19 -12.27 0.72
CA THR A 16 -22.01 -11.11 1.04
C THR A 16 -22.91 -11.40 2.25
N ILE A 17 -23.59 -12.53 2.21
CA ILE A 17 -24.48 -12.92 3.29
C ILE A 17 -23.70 -13.21 4.57
N GLY A 18 -22.42 -13.53 4.41
CA GLY A 18 -21.58 -13.83 5.55
C GLY A 18 -21.45 -12.65 6.49
N ALA A 19 -20.95 -11.52 5.98
CA ALA A 19 -20.79 -10.32 6.78
C ALA A 19 -22.11 -9.87 7.36
N LEU A 20 -23.19 -10.05 6.59
CA LEU A 20 -24.52 -9.66 7.03
C LEU A 20 -24.95 -10.49 8.24
N HIS A 21 -24.51 -11.75 8.26
CA HIS A 21 -24.84 -12.66 9.36
C HIS A 21 -24.32 -12.10 10.68
N PHE A 22 -23.25 -11.32 10.60
CA PHE A 22 -22.66 -10.71 11.79
C PHE A 22 -23.47 -9.50 12.23
N TRP A 23 -24.12 -8.84 11.28
CA TRP A 23 -24.92 -7.67 11.57
C TRP A 23 -26.11 -8.03 12.47
N SER A 24 -26.67 -9.22 12.25
CA SER A 24 -27.80 -9.68 13.04
C SER A 24 -27.33 -10.33 14.34
N LEU A 25 -26.27 -11.13 14.25
CA LEU A 25 -25.73 -11.83 15.41
C LEU A 25 -24.98 -10.85 16.32
N SER A 26 -24.89 -9.59 15.90
CA SER A 26 -24.20 -8.58 16.67
C SER A 26 -24.89 -8.32 18.01
N ARG A 27 -26.20 -8.60 18.07
CA ARG A 27 -26.96 -8.41 19.29
C ARG A 27 -26.25 -9.08 20.45
N ASN A 28 -25.56 -10.18 20.15
CA ASN A 28 -24.80 -10.93 21.13
C ASN A 28 -23.90 -11.94 20.45
N PRO A 29 -22.61 -12.01 20.84
CA PRO A 29 -21.64 -12.92 20.26
C PRO A 29 -21.52 -14.21 21.06
N ARG A 30 -20.76 -15.16 20.53
CA ARG A 30 -20.55 -16.45 21.19
C ARG A 30 -19.31 -16.41 22.09
N GLY A 31 -19.29 -15.46 23.01
CA GLY A 31 -18.16 -15.34 23.93
C GLY A 31 -17.03 -14.50 23.36
N VAL A 32 -16.69 -14.74 22.10
CA VAL A 32 -15.62 -14.00 21.44
C VAL A 32 -16.13 -12.63 20.97
N PRO A 33 -15.43 -11.54 21.35
CA PRO A 33 -15.82 -10.18 20.96
C PRO A 33 -15.89 -10.01 19.44
N GLN A 34 -16.52 -8.91 19.01
CA GLN A 34 -16.68 -8.62 17.59
C GLN A 34 -15.35 -8.44 16.86
N TYR A 35 -14.29 -8.20 17.62
CA TYR A 35 -12.95 -7.99 17.03
C TYR A 35 -12.62 -9.08 15.99
N GLU A 36 -12.96 -10.33 16.32
CA GLU A 36 -12.67 -11.44 15.42
C GLU A 36 -13.54 -11.36 14.17
N TYR A 37 -14.83 -11.10 14.36
CA TYR A 37 -15.76 -10.99 13.25
C TYR A 37 -15.44 -9.77 12.39
N LEU A 38 -14.76 -8.79 12.98
CA LEU A 38 -14.38 -7.58 12.28
C LEU A 38 -13.44 -7.90 11.12
N VAL A 39 -12.28 -8.46 11.45
CA VAL A 39 -11.30 -8.81 10.43
C VAL A 39 -11.88 -9.87 9.49
N ALA A 40 -12.72 -10.73 10.04
CA ALA A 40 -13.36 -11.79 9.26
C ALA A 40 -14.50 -11.24 8.42
N MET A 41 -14.80 -9.96 8.60
CA MET A 41 -15.87 -9.31 7.85
C MET A 41 -15.33 -8.72 6.54
N PHE A 42 -14.15 -8.13 6.61
CA PHE A 42 -13.52 -7.52 5.44
C PHE A 42 -13.01 -8.56 4.44
N ILE A 43 -12.45 -9.65 4.96
CA ILE A 43 -11.91 -10.71 4.11
C ILE A 43 -12.93 -11.18 3.05
N PRO A 44 -14.17 -11.52 3.45
CA PRO A 44 -15.20 -11.97 2.50
C PRO A 44 -15.69 -10.87 1.57
N ILE A 45 -15.88 -9.67 2.11
CA ILE A 45 -16.37 -8.55 1.29
C ILE A 45 -15.49 -8.30 0.07
N TRP A 46 -14.23 -7.94 0.30
CA TRP A 46 -13.30 -7.66 -0.79
C TRP A 46 -13.20 -8.83 -1.76
N SER A 47 -12.82 -9.99 -1.24
CA SER A 47 -12.67 -11.18 -2.07
C SER A 47 -13.93 -11.45 -2.89
N GLY A 48 -15.08 -11.17 -2.29
CA GLY A 48 -16.34 -11.38 -2.97
C GLY A 48 -16.40 -10.73 -4.34
N LEU A 49 -16.17 -9.42 -4.37
CA LEU A 49 -16.19 -8.68 -5.63
C LEU A 49 -15.20 -9.26 -6.63
N ALA A 50 -14.06 -9.74 -6.11
CA ALA A 50 -13.04 -10.33 -6.96
C ALA A 50 -13.50 -11.64 -7.57
N TYR A 51 -14.28 -12.41 -6.82
CA TYR A 51 -14.78 -13.69 -7.30
C TYR A 51 -15.75 -13.51 -8.47
N MET A 52 -16.85 -12.78 -8.23
CA MET A 52 -17.83 -12.55 -9.28
C MET A 52 -17.16 -12.08 -10.57
N ALA A 53 -16.04 -11.38 -10.41
CA ALA A 53 -15.30 -10.88 -11.56
C ALA A 53 -14.73 -12.04 -12.38
N MET A 54 -14.18 -13.03 -11.67
CA MET A 54 -13.61 -14.20 -12.33
C MET A 54 -14.65 -14.88 -13.21
N ALA A 55 -15.91 -14.78 -12.80
CA ALA A 55 -17.01 -15.38 -13.54
C ALA A 55 -17.13 -14.75 -14.92
N ILE A 56 -17.21 -13.42 -14.95
CA ILE A 56 -17.31 -12.70 -16.21
C ILE A 56 -15.96 -12.59 -16.90
N ASP A 57 -14.95 -13.21 -16.29
CA ASP A 57 -13.59 -13.21 -16.84
C ASP A 57 -13.04 -11.79 -16.94
N GLN A 58 -13.49 -10.91 -16.04
CA GLN A 58 -13.03 -9.53 -16.03
C GLN A 58 -11.83 -9.36 -15.11
N GLY A 59 -10.88 -8.52 -15.52
CA GLY A 59 -9.70 -8.29 -14.73
C GLY A 59 -8.51 -9.09 -15.20
N LYS A 60 -8.59 -9.59 -16.43
CA LYS A 60 -7.51 -10.37 -17.02
C LYS A 60 -7.10 -9.81 -18.38
N VAL A 61 -5.79 -9.79 -18.63
CA VAL A 61 -5.27 -9.28 -19.90
C VAL A 61 -4.62 -10.41 -20.70
N GLU A 62 -4.82 -10.38 -22.02
CA GLU A 62 -4.26 -11.40 -22.89
C GLU A 62 -2.87 -11.01 -23.39
N ALA A 63 -1.85 -11.48 -22.69
CA ALA A 63 -0.47 -11.18 -23.06
C ALA A 63 0.11 -12.30 -23.92
N ALA A 64 0.44 -11.96 -25.16
CA ALA A 64 1.00 -12.93 -26.10
C ALA A 64 0.03 -14.08 -26.35
N GLY A 65 -1.26 -13.78 -26.25
CA GLY A 65 -2.28 -14.80 -26.47
C GLY A 65 -2.52 -15.67 -25.25
N GLN A 66 -1.75 -15.41 -24.19
CA GLN A 66 -1.90 -16.18 -22.95
C GLN A 66 -2.60 -15.36 -21.87
N ILE A 67 -3.63 -15.95 -21.27
CA ILE A 67 -4.39 -15.28 -20.22
C ILE A 67 -3.65 -15.35 -18.89
N ALA A 68 -3.47 -14.18 -18.26
CA ALA A 68 -2.78 -14.10 -16.97
C ALA A 68 -3.78 -14.01 -15.83
N HIS A 69 -3.49 -14.72 -14.74
CA HIS A 69 -4.36 -14.70 -13.56
C HIS A 69 -4.10 -13.47 -12.71
N TYR A 70 -4.41 -12.30 -13.28
CA TYR A 70 -4.22 -11.03 -12.61
C TYR A 70 -5.10 -10.91 -11.37
N ALA A 71 -6.39 -11.18 -11.54
CA ALA A 71 -7.35 -11.09 -10.43
C ALA A 71 -7.02 -12.09 -9.32
N ARG A 72 -6.34 -13.16 -9.68
CA ARG A 72 -5.99 -14.20 -8.71
C ARG A 72 -4.98 -13.73 -7.67
N TYR A 73 -3.87 -13.16 -8.12
CA TYR A 73 -2.83 -12.71 -7.19
C TYR A 73 -3.21 -11.39 -6.50
N ILE A 74 -3.88 -10.49 -7.22
CA ILE A 74 -4.26 -9.21 -6.63
C ILE A 74 -5.02 -9.42 -5.32
N ASP A 75 -5.99 -10.33 -5.34
CA ASP A 75 -6.75 -10.63 -4.13
C ASP A 75 -5.85 -11.29 -3.10
N TRP A 76 -4.76 -11.87 -3.58
CA TRP A 76 -3.80 -12.54 -2.71
C TRP A 76 -2.76 -11.58 -2.19
N MET A 77 -2.93 -10.29 -2.49
CA MET A 77 -2.00 -9.27 -2.03
C MET A 77 -2.61 -8.47 -0.88
N VAL A 78 -3.93 -8.54 -0.77
CA VAL A 78 -4.65 -7.83 0.28
C VAL A 78 -5.32 -8.79 1.26
N THR A 79 -5.96 -9.83 0.74
CA THR A 79 -6.65 -10.81 1.57
C THR A 79 -5.69 -11.60 2.45
N THR A 80 -4.70 -12.24 1.81
CA THR A 80 -3.72 -13.06 2.52
C THR A 80 -3.08 -12.31 3.70
N PRO A 81 -2.51 -11.10 3.47
CA PRO A 81 -1.89 -10.34 4.56
C PRO A 81 -2.87 -10.09 5.69
N LEU A 82 -4.11 -9.81 5.33
CA LEU A 82 -5.16 -9.58 6.31
C LEU A 82 -5.45 -10.87 7.06
N LEU A 83 -5.26 -12.00 6.39
CA LEU A 83 -5.49 -13.30 6.99
C LEU A 83 -4.38 -13.58 7.99
N LEU A 84 -3.26 -12.89 7.80
CA LEU A 84 -2.10 -13.03 8.67
C LEU A 84 -2.24 -12.12 9.89
N LEU A 85 -2.92 -10.98 9.70
CA LEU A 85 -3.15 -10.02 10.76
C LEU A 85 -4.18 -10.53 11.76
N SER A 86 -5.15 -11.29 11.26
CA SER A 86 -6.21 -11.84 12.11
C SER A 86 -5.62 -12.70 13.22
N LEU A 87 -4.46 -13.30 12.93
CA LEU A 87 -3.78 -14.15 13.89
C LEU A 87 -3.24 -13.33 15.06
N SER A 88 -2.76 -12.13 14.75
CA SER A 88 -2.21 -11.23 15.76
C SER A 88 -3.27 -10.88 16.79
N TRP A 89 -4.48 -10.61 16.32
CA TRP A 89 -5.59 -10.25 17.21
C TRP A 89 -6.08 -11.45 18.00
N THR A 90 -5.95 -12.63 17.40
CA THR A 90 -6.39 -13.86 18.05
C THR A 90 -5.66 -14.08 19.37
N ALA A 91 -4.36 -13.85 19.37
CA ALA A 91 -3.54 -14.03 20.57
C ALA A 91 -3.54 -12.78 21.44
N MET A 92 -3.53 -11.62 20.79
CA MET A 92 -3.52 -10.35 21.50
C MET A 92 -4.94 -9.88 21.80
N GLN A 93 -5.39 -10.13 23.04
CA GLN A 93 -6.73 -9.72 23.46
C GLN A 93 -6.73 -8.26 23.89
N PHE A 94 -5.55 -7.65 23.90
CA PHE A 94 -5.41 -6.26 24.29
C PHE A 94 -4.05 -5.71 23.85
N ILE A 95 -3.96 -4.39 23.71
CA ILE A 95 -2.73 -3.74 23.29
C ILE A 95 -2.36 -2.61 24.25
N LYS A 96 -1.06 -2.46 24.51
CA LYS A 96 -0.58 -1.42 25.41
C LYS A 96 0.69 -0.77 24.86
N LYS A 97 1.48 -1.55 24.12
CA LYS A 97 2.72 -1.05 23.54
C LYS A 97 2.90 -1.55 22.11
N ASP A 98 3.36 -0.65 21.23
CA ASP A 98 3.57 -0.99 19.83
C ASP A 98 4.61 -2.09 19.69
N TRP A 99 4.18 -3.24 19.17
CA TRP A 99 5.07 -4.39 18.99
C TRP A 99 5.70 -4.36 17.60
N THR A 100 6.92 -4.89 17.52
CA THR A 100 7.65 -4.94 16.26
C THR A 100 7.44 -6.29 15.56
N LEU A 101 7.05 -7.29 16.33
CA LEU A 101 6.81 -8.62 15.80
C LEU A 101 5.82 -8.59 14.64
N ILE A 102 4.77 -7.78 14.77
CA ILE A 102 3.76 -7.66 13.73
C ILE A 102 4.37 -7.16 12.42
N GLY A 103 5.33 -6.23 12.53
CA GLY A 103 5.98 -5.69 11.36
C GLY A 103 6.79 -6.74 10.62
N PHE A 104 7.28 -7.73 11.38
CA PHE A 104 8.09 -8.81 10.81
C PHE A 104 7.22 -9.75 9.97
N LEU A 105 6.00 -9.99 10.43
CA LEU A 105 5.07 -10.87 9.75
C LEU A 105 4.48 -10.21 8.50
N MET A 106 4.24 -8.91 8.58
CA MET A 106 3.67 -8.17 7.46
C MET A 106 4.67 -8.06 6.31
N SER A 107 5.90 -7.69 6.62
CA SER A 107 6.94 -7.53 5.62
C SER A 107 7.22 -8.85 4.89
N THR A 108 7.49 -9.89 5.66
CA THR A 108 7.78 -11.21 5.10
C THR A 108 6.64 -11.71 4.20
N GLN A 109 5.42 -11.31 4.55
CA GLN A 109 4.25 -11.72 3.78
C GLN A 109 4.27 -11.10 2.38
N ILE A 110 4.68 -9.83 2.30
CA ILE A 110 4.75 -9.13 1.04
C ILE A 110 5.70 -9.82 0.06
N VAL A 111 6.77 -10.40 0.61
CA VAL A 111 7.76 -11.09 -0.21
C VAL A 111 7.19 -12.38 -0.81
N VAL A 112 6.34 -13.05 -0.03
CA VAL A 112 5.72 -14.30 -0.49
C VAL A 112 4.72 -14.05 -1.62
N ILE A 113 3.80 -13.11 -1.40
CA ILE A 113 2.80 -12.77 -2.41
C ILE A 113 3.46 -12.29 -3.69
N THR A 114 4.69 -11.78 -3.57
CA THR A 114 5.43 -11.30 -4.72
C THR A 114 5.81 -12.45 -5.64
N SER A 115 6.25 -13.54 -5.03
CA SER A 115 6.64 -14.73 -5.78
C SER A 115 5.41 -15.37 -6.42
N GLY A 116 4.23 -15.07 -5.88
CA GLY A 116 2.99 -15.63 -6.40
C GLY A 116 2.47 -14.89 -7.62
N LEU A 117 2.68 -13.57 -7.65
CA LEU A 117 2.21 -12.76 -8.77
C LEU A 117 3.14 -12.87 -9.97
N ILE A 118 4.40 -13.17 -9.70
CA ILE A 118 5.40 -13.30 -10.76
C ILE A 118 5.38 -14.70 -11.39
N ALA A 119 5.00 -15.69 -10.58
CA ALA A 119 4.94 -17.08 -11.06
C ALA A 119 4.06 -17.21 -12.29
N ASP A 120 2.92 -16.52 -12.27
CA ASP A 120 1.98 -16.57 -13.38
C ASP A 120 2.44 -15.67 -14.52
N LEU A 121 3.33 -14.73 -14.21
CA LEU A 121 3.85 -13.80 -15.21
C LEU A 121 5.12 -14.35 -15.86
N SER A 122 5.23 -15.67 -15.92
CA SER A 122 6.39 -16.32 -16.52
C SER A 122 6.52 -15.94 -18.00
N GLU A 123 7.68 -15.44 -18.39
CA GLU A 123 7.92 -15.05 -19.77
C GLU A 123 8.39 -16.25 -20.60
N ARG A 124 9.06 -17.19 -19.95
CA ARG A 124 9.55 -18.39 -20.62
C ARG A 124 9.31 -19.63 -19.77
N ASP A 125 9.47 -20.80 -20.38
CA ASP A 125 9.27 -22.06 -19.67
C ASP A 125 10.48 -22.39 -18.80
N TRP A 126 11.58 -21.67 -19.03
CA TRP A 126 12.81 -21.88 -18.27
C TRP A 126 12.83 -20.98 -17.04
N VAL A 127 12.43 -19.73 -17.21
CA VAL A 127 12.41 -18.77 -16.12
C VAL A 127 11.40 -19.16 -15.04
N ARG A 128 10.33 -19.83 -15.46
CA ARG A 128 9.29 -20.26 -14.54
C ARG A 128 9.83 -21.31 -13.56
N TYR A 129 10.90 -22.01 -13.97
CA TYR A 129 11.51 -23.04 -13.15
C TYR A 129 12.38 -22.42 -12.06
N LEU A 130 12.88 -21.22 -12.31
CA LEU A 130 13.74 -20.52 -11.36
C LEU A 130 12.92 -19.84 -10.28
N TRP A 131 11.95 -19.02 -10.70
CA TRP A 131 11.09 -18.30 -9.77
C TRP A 131 10.32 -19.24 -8.85
N TYR A 132 9.95 -20.40 -9.38
CA TYR A 132 9.20 -21.38 -8.60
C TYR A 132 9.97 -21.80 -7.35
N ILE A 133 11.25 -22.14 -7.54
CA ILE A 133 12.10 -22.56 -6.43
C ILE A 133 12.29 -21.44 -5.41
N CYS A 134 12.29 -20.19 -5.90
CA CYS A 134 12.47 -19.04 -5.03
C CYS A 134 11.27 -18.85 -4.11
N GLY A 135 10.09 -19.18 -4.61
CA GLY A 135 8.88 -19.04 -3.82
C GLY A 135 8.87 -19.97 -2.62
N VAL A 136 9.10 -21.26 -2.86
CA VAL A 136 9.10 -22.24 -1.79
C VAL A 136 10.24 -22.00 -0.81
N CYS A 137 11.42 -21.67 -1.35
CA CYS A 137 12.59 -21.42 -0.52
C CYS A 137 12.30 -20.32 0.50
N ALA A 138 11.56 -19.30 0.07
CA ALA A 138 11.21 -18.20 0.95
C ALA A 138 10.35 -18.70 2.11
N PHE A 139 9.41 -19.58 1.81
CA PHE A 139 8.53 -20.14 2.82
C PHE A 139 9.32 -20.95 3.85
N LEU A 140 10.44 -21.51 3.43
CA LEU A 140 11.28 -22.31 4.31
C LEU A 140 11.83 -21.47 5.48
N ILE A 141 12.60 -20.44 5.14
CA ILE A 141 13.19 -19.57 6.15
C ILE A 141 12.11 -18.92 7.02
N ILE A 142 10.94 -18.67 6.42
CA ILE A 142 9.84 -18.06 7.14
C ILE A 142 9.17 -19.07 8.09
N LEU A 143 9.22 -20.34 7.72
CA LEU A 143 8.62 -21.39 8.54
C LEU A 143 9.43 -21.62 9.81
N TRP A 144 10.75 -21.67 9.66
CA TRP A 144 11.63 -21.87 10.79
C TRP A 144 11.60 -20.68 11.75
N GLY A 145 11.30 -19.51 11.21
CA GLY A 145 11.23 -18.31 12.02
C GLY A 145 9.89 -18.14 12.72
N ILE A 146 8.82 -18.40 11.98
CA ILE A 146 7.46 -18.28 12.54
C ILE A 146 7.22 -19.35 13.60
N TRP A 147 8.08 -20.38 13.60
CA TRP A 147 7.97 -21.47 14.55
C TRP A 147 8.81 -21.18 15.78
N ASN A 148 9.42 -20.00 15.80
CA ASN A 148 10.27 -19.61 16.92
C ASN A 148 9.45 -19.05 18.08
N PRO A 149 8.49 -18.12 17.83
CA PRO A 149 7.65 -17.53 18.88
C PRO A 149 7.20 -18.55 19.91
N LEU A 150 7.03 -19.80 19.47
CA LEU A 150 6.60 -20.87 20.36
C LEU A 150 7.81 -21.50 21.06
N ARG A 151 8.64 -20.64 21.67
CA ARG A 151 9.83 -21.08 22.38
C ARG A 151 9.49 -22.14 23.42
N ALA A 152 10.38 -23.11 23.57
CA ALA A 152 10.18 -24.19 24.53
C ALA A 152 10.48 -23.72 25.95
N LYS A 153 11.22 -22.62 26.06
CA LYS A 153 11.57 -22.05 27.36
C LYS A 153 10.46 -21.15 27.88
N THR A 154 9.73 -20.54 26.95
CA THR A 154 8.64 -19.64 27.31
C THR A 154 7.41 -20.43 27.75
N ARG A 155 7.47 -21.75 27.59
CA ARG A 155 6.36 -22.62 27.96
C ARG A 155 6.09 -22.52 29.46
N THR A 156 7.07 -22.05 30.22
CA THR A 156 6.95 -21.90 31.65
C THR A 156 6.17 -20.64 32.01
N GLN A 157 6.16 -19.67 31.10
CA GLN A 157 5.46 -18.42 31.31
C GLN A 157 3.95 -18.65 31.39
N SER A 158 3.37 -19.15 30.30
CA SER A 158 1.94 -19.42 30.25
C SER A 158 1.63 -20.54 29.27
N SER A 159 1.17 -21.67 29.77
CA SER A 159 0.83 -22.81 28.94
C SER A 159 -0.51 -22.61 28.26
N GLU A 160 -1.36 -21.77 28.85
CA GLU A 160 -2.68 -21.49 28.30
C GLU A 160 -2.57 -20.80 26.94
N LEU A 161 -1.89 -19.65 26.92
CA LEU A 161 -1.72 -18.89 25.70
C LEU A 161 -0.89 -19.67 24.68
N ALA A 162 -0.04 -20.57 25.17
CA ALA A 162 0.81 -21.38 24.32
C ALA A 162 0.00 -22.42 23.54
N ASN A 163 -0.98 -23.00 24.22
CA ASN A 163 -1.83 -24.03 23.61
C ASN A 163 -2.70 -23.42 22.51
N LEU A 164 -3.24 -22.23 22.77
CA LEU A 164 -4.09 -21.54 21.80
C LEU A 164 -3.34 -21.26 20.52
N TYR A 165 -2.14 -20.70 20.66
CA TYR A 165 -1.32 -20.37 19.51
C TYR A 165 -0.78 -21.62 18.82
N ASP A 166 -0.68 -22.70 19.58
CA ASP A 166 -0.19 -23.97 19.03
C ASP A 166 -1.23 -24.66 18.18
N LYS A 167 -2.51 -24.36 18.46
CA LYS A 167 -3.60 -24.97 17.72
C LYS A 167 -3.89 -24.22 16.42
N LEU A 168 -3.80 -22.89 16.46
CA LEU A 168 -4.07 -22.07 15.28
C LEU A 168 -2.89 -22.09 14.31
N VAL A 169 -1.70 -22.32 14.82
CA VAL A 169 -0.50 -22.36 13.98
C VAL A 169 -0.44 -23.65 13.17
N THR A 170 -1.07 -24.71 13.69
CA THR A 170 -1.08 -25.99 13.03
C THR A 170 -1.86 -25.93 11.72
N TYR A 171 -3.13 -25.55 11.81
CA TYR A 171 -3.97 -25.46 10.62
C TYR A 171 -3.43 -24.40 9.66
N PHE A 172 -2.81 -23.36 10.22
CA PHE A 172 -2.24 -22.28 9.42
C PHE A 172 -1.19 -22.82 8.44
N THR A 173 -0.27 -23.63 8.95
CA THR A 173 0.80 -24.19 8.14
C THR A 173 0.23 -25.09 7.03
N VAL A 174 -0.82 -25.84 7.35
CA VAL A 174 -1.44 -26.74 6.38
C VAL A 174 -1.92 -25.99 5.15
N LEU A 175 -2.45 -24.78 5.35
CA LEU A 175 -2.95 -23.97 4.24
C LEU A 175 -1.80 -23.36 3.43
N TRP A 176 -0.92 -22.65 4.12
CA TRP A 176 0.22 -22.00 3.47
C TRP A 176 1.04 -22.99 2.66
N ILE A 177 1.08 -24.24 3.10
CA ILE A 177 1.83 -25.27 2.41
C ILE A 177 0.96 -25.93 1.33
N GLY A 178 -0.35 -25.83 1.51
CA GLY A 178 -1.28 -26.43 0.56
C GLY A 178 -1.10 -25.91 -0.86
N TYR A 179 -1.10 -24.58 -1.01
CA TYR A 179 -0.96 -23.98 -2.34
C TYR A 179 0.34 -24.42 -3.03
N PRO A 180 1.52 -24.24 -2.39
CA PRO A 180 2.80 -24.63 -2.98
C PRO A 180 2.79 -26.06 -3.54
N ILE A 181 1.98 -26.93 -2.93
CA ILE A 181 1.88 -28.32 -3.36
C ILE A 181 1.18 -28.44 -4.70
N VAL A 182 -0.04 -27.94 -4.77
CA VAL A 182 -0.83 -28.01 -6.00
C VAL A 182 -0.12 -27.31 -7.16
N TRP A 183 0.74 -26.34 -6.84
CA TRP A 183 1.47 -25.61 -7.86
C TRP A 183 2.43 -26.53 -8.62
N ILE A 184 2.86 -27.61 -7.97
CA ILE A 184 3.78 -28.55 -8.59
C ILE A 184 3.25 -29.04 -9.92
N ILE A 185 1.92 -29.00 -10.07
CA ILE A 185 1.29 -29.43 -11.31
C ILE A 185 0.32 -28.36 -11.82
N GLY A 186 -0.06 -28.45 -13.09
CA GLY A 186 -0.98 -27.49 -13.68
C GLY A 186 -0.24 -26.35 -14.37
N PRO A 187 -0.97 -25.27 -14.73
CA PRO A 187 -0.36 -24.11 -15.39
C PRO A 187 0.47 -23.27 -14.44
N SER A 188 1.41 -22.52 -14.99
CA SER A 188 2.29 -21.66 -14.19
C SER A 188 2.99 -22.48 -13.12
N GLY A 189 3.10 -23.78 -13.35
CA GLY A 189 3.75 -24.66 -12.39
C GLY A 189 4.01 -26.04 -12.95
N PHE A 190 4.57 -26.09 -14.16
CA PHE A 190 4.86 -27.35 -14.82
C PHE A 190 3.60 -28.20 -14.98
N GLY A 191 2.95 -28.06 -16.13
CA GLY A 191 1.74 -28.82 -16.38
C GLY A 191 0.84 -28.15 -17.41
N TRP A 192 0.83 -28.68 -18.62
CA TRP A 192 0.02 -28.12 -19.70
C TRP A 192 -1.34 -28.83 -19.79
N ILE A 193 -2.30 -28.37 -19.00
CA ILE A 193 -3.63 -28.96 -18.99
C ILE A 193 -4.70 -27.89 -19.08
N ASN A 194 -5.96 -28.31 -19.16
CA ASN A 194 -7.07 -27.37 -19.26
C ASN A 194 -7.09 -26.43 -18.06
N GLN A 195 -7.56 -25.21 -18.29
CA GLN A 195 -7.62 -24.21 -17.23
C GLN A 195 -8.92 -24.32 -16.45
N THR A 196 -9.74 -25.30 -16.81
CA THR A 196 -11.02 -25.53 -16.14
C THR A 196 -10.81 -26.12 -14.75
N ILE A 197 -10.05 -27.22 -14.69
CA ILE A 197 -9.79 -27.88 -13.41
C ILE A 197 -8.89 -27.02 -12.53
N ASP A 198 -8.02 -26.23 -13.16
CA ASP A 198 -7.12 -25.35 -12.43
C ASP A 198 -7.89 -24.30 -11.65
N THR A 199 -8.70 -23.53 -12.36
CA THR A 199 -9.51 -22.50 -11.73
C THR A 199 -10.49 -23.10 -10.72
N PHE A 200 -10.75 -24.39 -10.87
CA PHE A 200 -11.66 -25.10 -9.98
C PHE A 200 -10.96 -25.53 -8.69
N LEU A 201 -9.66 -25.80 -8.79
CA LEU A 201 -8.88 -26.22 -7.64
C LEU A 201 -8.46 -25.04 -6.78
N PHE A 202 -7.98 -23.97 -7.43
CA PHE A 202 -7.54 -22.78 -6.72
C PHE A 202 -8.74 -21.97 -6.23
N CYS A 203 -9.94 -22.46 -6.52
CA CYS A 203 -11.16 -21.80 -6.08
C CYS A 203 -11.68 -22.44 -4.79
N LEU A 204 -11.71 -23.77 -4.80
CA LEU A 204 -12.20 -24.54 -3.66
C LEU A 204 -11.23 -24.49 -2.48
N LEU A 205 -9.94 -24.34 -2.75
CA LEU A 205 -8.94 -24.31 -1.68
C LEU A 205 -9.10 -23.06 -0.81
N PRO A 206 -9.09 -21.84 -1.39
CA PRO A 206 -9.26 -20.61 -0.60
C PRO A 206 -10.54 -20.66 0.22
N PHE A 207 -11.59 -21.23 -0.37
CA PHE A 207 -12.87 -21.35 0.30
C PHE A 207 -12.72 -22.25 1.52
N PHE A 208 -12.05 -23.39 1.32
CA PHE A 208 -11.85 -24.35 2.40
C PHE A 208 -11.00 -23.73 3.52
N SER A 209 -10.32 -22.64 3.18
CA SER A 209 -9.47 -21.94 4.14
C SER A 209 -10.20 -20.77 4.77
N VAL A 211 -13.80 -20.20 5.28
CA VAL A 211 -14.77 -20.64 6.28
C VAL A 211 -14.12 -21.51 7.35
N GLY A 212 -13.10 -22.26 6.96
CA GLY A 212 -12.41 -23.12 7.91
C GLY A 212 -11.71 -22.34 9.01
N PHE A 213 -11.26 -21.13 8.69
CA PHE A 213 -10.57 -20.29 9.65
C PHE A 213 -11.55 -19.66 10.64
N SER A 214 -12.76 -19.37 10.16
CA SER A 214 -13.80 -18.77 11.00
C SER A 214 -14.14 -19.68 12.17
N PHE A 215 -14.62 -20.87 11.86
CA PHE A 215 -15.00 -21.85 12.89
C PHE A 215 -13.80 -22.23 13.75
N LEU A 216 -12.60 -22.12 13.18
CA LEU A 216 -11.38 -22.46 13.89
C LEU A 216 -11.20 -21.60 15.14
N ASP A 217 -11.22 -20.28 14.96
CA ASP A 217 -11.07 -19.35 16.07
C ASP A 217 -12.15 -19.56 17.12
N LEU A 218 -13.35 -19.91 16.67
CA LEU A 218 -14.47 -20.13 17.57
C LEU A 218 -14.13 -21.16 18.65
N HIS A 219 -13.62 -22.31 18.23
CA HIS A 219 -13.26 -23.37 19.17
C HIS A 219 -11.85 -23.14 19.73
N GLY A 220 -11.06 -22.35 19.02
CA GLY A 220 -9.70 -22.08 19.45
C GLY A 220 -9.64 -21.39 20.80
N LEU A 221 -10.26 -20.21 20.89
CA LEU A 221 -10.27 -19.46 22.14
C LEU A 221 -11.24 -20.07 23.15
N ARG A 222 -12.52 -20.15 22.76
CA ARG A 222 -13.54 -20.71 23.64
C ARG A 222 -13.53 -20.00 24.99
N ASN A 223 -14.05 -18.78 25.02
CA ASN A 223 -14.09 -17.98 26.23
C ASN A 223 -15.50 -17.46 26.49
N LEU A 224 -15.84 -17.29 27.77
CA LEU A 224 -17.15 -16.79 28.15
C LEU A 224 -17.05 -15.40 28.78
N ASN A 225 -15.83 -14.90 28.89
CA ASN A 225 -15.59 -13.58 29.49
C ASN A 225 -15.69 -12.49 28.42
N ASP A 226 -16.67 -11.60 28.58
CA ASP A 226 -16.87 -10.51 27.64
C ASP A 226 -16.35 -9.20 28.22
N SER A 227 -15.99 -8.27 27.35
CA SER A 227 -15.48 -6.98 27.78
C SER A 227 -15.84 -5.88 26.79
N ARG A 228 -16.77 -5.02 27.17
CA ARG A 228 -17.20 -3.92 26.31
C ARG A 228 -16.15 -2.81 26.27
N GLN A 229 -16.34 -1.85 25.37
CA GLN A 229 -15.42 -0.74 25.24
C GLN A 229 -15.99 0.53 25.86
N MET B 1 0.71 18.41 -30.04
CA MET B 1 0.31 19.70 -30.67
C MET B 1 -1.10 19.62 -31.24
N ASN B 2 -1.61 18.40 -31.34
CA ASN B 2 -2.96 18.19 -31.88
C ASN B 2 -3.93 17.77 -30.77
N LEU B 3 -3.44 17.81 -29.53
CA LEU B 3 -4.26 17.43 -28.38
C LEU B 3 -3.73 18.06 -27.10
N GLU B 4 -3.36 19.34 -27.18
CA GLU B 4 -2.83 20.05 -26.03
C GLU B 4 -3.97 20.52 -25.12
N SER B 5 -3.66 20.65 -23.83
CA SER B 5 -4.66 21.09 -22.85
C SER B 5 -4.03 22.05 -21.84
N LEU B 6 -4.86 22.91 -21.27
CA LEU B 6 -4.39 23.88 -20.28
C LEU B 6 -5.22 23.82 -19.01
N LEU B 7 -6.23 22.94 -18.99
CA LEU B 7 -7.09 22.79 -17.82
C LEU B 7 -6.36 22.09 -16.69
N HIS B 8 -5.80 20.93 -16.99
CA HIS B 8 -5.06 20.15 -16.00
C HIS B 8 -3.80 20.89 -15.56
N TRP B 9 -3.30 21.77 -16.41
CA TRP B 9 -2.11 22.55 -16.11
C TRP B 9 -2.37 23.52 -14.96
N ILE B 10 -3.44 24.29 -15.08
CA ILE B 10 -3.80 25.25 -14.04
C ILE B 10 -4.19 24.53 -12.75
N TYR B 11 -4.56 23.27 -12.89
CA TYR B 11 -4.96 22.46 -11.75
C TYR B 11 -3.81 22.32 -10.76
N VAL B 12 -2.67 21.83 -11.24
CA VAL B 12 -1.50 21.65 -10.39
C VAL B 12 -0.95 22.99 -9.92
N ALA B 13 -1.16 24.03 -10.72
CA ALA B 13 -0.69 25.37 -10.38
C ALA B 13 -1.36 25.89 -9.12
N GLY B 14 -2.65 25.64 -9.00
CA GLY B 14 -3.40 26.10 -7.84
C GLY B 14 -3.13 25.24 -6.61
N MET B 15 -2.81 23.97 -6.83
CA MET B 15 -2.55 23.05 -5.73
C MET B 15 -1.17 23.32 -5.11
N THR B 16 -0.20 23.61 -5.96
CA THR B 16 1.16 23.88 -5.50
C THR B 16 1.18 25.11 -4.59
N ILE B 17 0.60 26.21 -5.07
CA ILE B 17 0.56 27.45 -4.31
C ILE B 17 -0.27 27.27 -3.03
N GLY B 18 -1.16 26.28 -3.04
CA GLY B 18 -2.00 26.02 -1.89
C GLY B 18 -1.19 25.63 -0.65
N ALA B 19 -0.37 24.59 -0.78
CA ALA B 19 0.45 24.13 0.32
C ALA B 19 1.38 25.24 0.81
N LEU B 20 1.93 26.00 -0.13
CA LEU B 20 2.84 27.09 0.20
C LEU B 20 2.11 28.18 0.98
N HIS B 21 0.82 28.35 0.69
CA HIS B 21 0.01 29.36 1.36
C HIS B 21 -0.02 29.09 2.86
N PHE B 22 0.11 27.82 3.23
CA PHE B 22 0.11 27.42 4.63
C PHE B 22 1.48 27.66 5.27
N TRP B 23 2.53 27.55 4.45
CA TRP B 23 3.89 27.74 4.93
C TRP B 23 4.07 29.15 5.49
N SER B 24 3.43 30.13 4.84
CA SER B 24 3.52 31.52 5.26
C SER B 24 2.52 31.82 6.38
N LEU B 25 1.32 31.27 6.24
CA LEU B 25 0.27 31.46 7.23
C LEU B 25 0.52 30.60 8.46
N SER B 26 1.57 29.77 8.40
CA SER B 26 1.92 28.89 9.50
C SER B 26 2.23 29.68 10.77
N ARG B 27 2.62 30.95 10.60
CA ARG B 27 2.93 31.79 11.75
C ARG B 27 1.81 31.72 12.77
N ASN B 28 0.60 31.52 12.27
CA ASN B 28 -0.58 31.41 13.11
C ASN B 28 -1.79 31.02 12.26
N PRO B 29 -2.58 30.01 12.70
CA PRO B 29 -3.75 29.57 11.98
C PRO B 29 -5.03 30.24 12.47
N ARG B 30 -6.14 29.96 11.78
CA ARG B 30 -7.43 30.55 12.13
C ARG B 30 -8.08 29.78 13.27
N GLY B 31 -7.36 29.63 14.38
CA GLY B 31 -7.89 28.91 15.53
C GLY B 31 -7.72 27.40 15.40
N VAL B 32 -7.84 26.89 14.19
CA VAL B 32 -7.72 25.45 13.94
C VAL B 32 -6.24 25.03 13.91
N PRO B 33 -5.88 23.97 14.68
CA PRO B 33 -4.50 23.47 14.74
C PRO B 33 -3.92 23.14 13.37
N GLN B 34 -2.61 22.95 13.33
CA GLN B 34 -1.89 22.66 12.09
C GLN B 34 -2.18 21.26 11.54
N TYR B 35 -2.71 20.36 12.36
CA TYR B 35 -2.99 19.01 11.89
C TYR B 35 -4.04 19.02 10.77
N GLU B 36 -4.85 20.06 10.74
CA GLU B 36 -5.89 20.20 9.72
C GLU B 36 -5.26 20.47 8.36
N TYR B 37 -4.46 21.53 8.30
CA TYR B 37 -3.80 21.90 7.06
C TYR B 37 -2.76 20.86 6.66
N LEU B 38 -2.31 20.08 7.65
CA LEU B 38 -1.31 19.05 7.40
C LEU B 38 -1.82 18.03 6.39
N VAL B 39 -2.89 17.33 6.73
CA VAL B 39 -3.47 16.34 5.84
C VAL B 39 -3.97 17.00 4.55
N ALA B 40 -4.49 18.22 4.68
CA ALA B 40 -5.00 18.96 3.55
C ALA B 40 -3.86 19.50 2.68
N MET B 41 -2.62 19.30 3.15
CA MET B 41 -1.45 19.75 2.41
C MET B 41 -0.98 18.67 1.44
N PHE B 42 -1.01 17.42 1.90
CA PHE B 42 -0.57 16.29 1.08
C PHE B 42 -1.55 16.02 -0.07
N ILE B 43 -2.83 16.27 0.18
CA ILE B 43 -3.86 16.04 -0.83
C ILE B 43 -3.56 16.78 -2.15
N PRO B 44 -3.35 18.12 -2.11
CA PRO B 44 -3.08 18.91 -3.31
C PRO B 44 -1.71 18.63 -3.93
N ILE B 45 -0.73 18.28 -3.10
CA ILE B 45 0.61 18.01 -3.58
C ILE B 45 0.62 16.82 -4.54
N TRP B 46 0.24 15.64 -4.04
CA TRP B 46 0.22 14.43 -4.86
C TRP B 46 -0.68 14.61 -6.07
N SER B 47 -1.95 14.91 -5.82
CA SER B 47 -2.91 15.11 -6.90
C SER B 47 -2.41 16.15 -7.90
N GLY B 48 -1.65 17.12 -7.40
CA GLY B 48 -1.13 18.16 -8.27
C GLY B 48 -0.33 17.62 -9.43
N LEU B 49 0.75 16.90 -9.13
CA LEU B 49 1.60 16.33 -10.17
C LEU B 49 0.82 15.37 -11.06
N ALA B 50 -0.21 14.75 -10.50
CA ALA B 50 -1.04 13.81 -11.25
C ALA B 50 -1.82 14.50 -12.36
N TYR B 51 -2.50 15.59 -12.01
CA TYR B 51 -3.28 16.34 -12.98
C TYR B 51 -2.39 16.95 -14.06
N MET B 52 -1.29 17.56 -13.65
CA MET B 52 -0.36 18.17 -14.61
C MET B 52 -0.05 17.18 -15.74
N ALA B 53 0.08 15.92 -15.38
CA ALA B 53 0.36 14.87 -16.37
C ALA B 53 -0.78 14.73 -17.35
N MET B 54 -2.01 14.79 -16.83
CA MET B 54 -3.20 14.68 -17.66
C MET B 54 -3.15 15.69 -18.81
N ALA B 55 -2.51 16.83 -18.56
CA ALA B 55 -2.39 17.87 -19.57
C ALA B 55 -1.44 17.43 -20.68
N ILE B 56 -0.29 16.89 -20.28
CA ILE B 56 0.70 16.43 -21.24
C ILE B 56 0.30 15.07 -21.85
N ASP B 57 -0.84 14.56 -21.40
CA ASP B 57 -1.36 13.29 -21.88
C ASP B 57 -0.42 12.14 -21.52
N GLN B 58 -0.06 12.04 -20.25
CA GLN B 58 0.82 10.98 -19.77
C GLN B 58 0.10 10.06 -18.79
N GLY B 59 0.74 8.94 -18.46
CA GLY B 59 0.14 7.99 -17.54
C GLY B 59 -1.00 7.22 -18.16
N LYS B 60 -1.16 7.35 -19.48
CA LYS B 60 -2.23 6.65 -20.20
C LYS B 60 -1.64 5.68 -21.22
N VAL B 61 -2.28 4.53 -21.36
CA VAL B 61 -1.84 3.51 -22.31
C VAL B 61 -2.90 3.25 -23.38
N GLU B 62 -2.45 3.11 -24.62
CA GLU B 62 -3.37 2.87 -25.73
C GLU B 62 -3.49 1.37 -26.01
N ALA B 63 -4.51 0.74 -25.43
CA ALA B 63 -4.73 -0.68 -25.62
C ALA B 63 -5.80 -0.94 -26.67
N ALA B 64 -5.40 -1.56 -27.78
CA ALA B 64 -6.31 -1.87 -28.87
C ALA B 64 -6.93 -0.59 -29.44
N GLY B 65 -6.17 0.49 -29.40
CA GLY B 65 -6.67 1.76 -29.92
C GLY B 65 -7.63 2.43 -28.97
N GLN B 66 -7.70 1.93 -27.74
CA GLN B 66 -8.59 2.49 -26.74
C GLN B 66 -7.80 3.10 -25.58
N ILE B 67 -8.06 4.37 -25.30
CA ILE B 67 -7.37 5.07 -24.22
C ILE B 67 -7.97 4.69 -22.87
N ALA B 68 -7.12 4.44 -21.89
CA ALA B 68 -7.57 4.07 -20.56
C ALA B 68 -7.26 5.16 -19.54
N HIS B 69 -8.19 5.40 -18.63
CA HIS B 69 -8.03 6.41 -17.59
C HIS B 69 -7.23 5.84 -16.41
N TYR B 70 -6.04 5.33 -16.70
CA TYR B 70 -5.18 4.75 -15.68
C TYR B 70 -4.84 5.75 -14.58
N ALA B 71 -4.25 6.87 -14.98
CA ALA B 71 -3.86 7.90 -14.03
C ALA B 71 -5.07 8.50 -13.31
N ARG B 72 -6.24 8.38 -13.91
CA ARG B 72 -7.45 8.93 -13.31
C ARG B 72 -7.79 8.28 -11.99
N TYR B 73 -7.84 6.94 -11.95
CA TYR B 73 -8.17 6.23 -10.72
C TYR B 73 -6.98 6.19 -9.77
N ILE B 74 -5.77 6.21 -10.32
CA ILE B 74 -4.55 6.18 -9.50
C ILE B 74 -4.60 7.26 -8.41
N ASP B 75 -4.85 8.49 -8.83
CA ASP B 75 -4.94 9.59 -7.89
C ASP B 75 -6.15 9.41 -6.98
N TRP B 76 -7.10 8.61 -7.43
CA TRP B 76 -8.31 8.34 -6.66
C TRP B 76 -8.10 7.18 -5.71
N MET B 77 -6.90 6.61 -5.73
CA MET B 77 -6.57 5.49 -4.87
C MET B 77 -5.71 5.94 -3.69
N VAL B 78 -5.08 7.10 -3.83
CA VAL B 78 -4.23 7.64 -2.78
C VAL B 78 -4.79 8.91 -2.17
N THR B 79 -5.51 9.69 -2.97
CA THR B 79 -6.08 10.95 -2.50
C THR B 79 -7.38 10.72 -1.72
N THR B 80 -8.30 9.96 -2.31
CA THR B 80 -9.59 9.68 -1.69
C THR B 80 -9.44 9.11 -0.27
N PRO B 81 -8.62 8.04 -0.08
CA PRO B 81 -8.43 7.46 1.25
C PRO B 81 -7.92 8.48 2.25
N LEU B 82 -7.13 9.42 1.76
CA LEU B 82 -6.60 10.49 2.60
C LEU B 82 -7.68 11.52 2.89
N LEU B 83 -8.61 11.68 1.95
CA LEU B 83 -9.70 12.62 2.12
C LEU B 83 -10.66 12.11 3.19
N LEU B 84 -10.60 10.80 3.42
CA LEU B 84 -11.43 10.14 4.42
C LEU B 84 -10.78 10.23 5.79
N LEU B 85 -9.47 9.98 5.82
CA LEU B 85 -8.69 10.01 7.05
C LEU B 85 -8.78 11.37 7.71
N SER B 86 -8.82 12.42 6.90
CA SER B 86 -8.91 13.79 7.40
C SER B 86 -10.13 13.97 8.30
N LEU B 87 -11.20 13.23 7.98
CA LEU B 87 -12.43 13.31 8.75
C LEU B 87 -12.21 12.80 10.17
N SER B 88 -11.38 11.76 10.31
CA SER B 88 -11.09 11.19 11.61
C SER B 88 -10.36 12.19 12.50
N TRP B 89 -9.51 13.01 11.90
CA TRP B 89 -8.75 14.01 12.64
C TRP B 89 -9.64 15.17 13.07
N THR B 90 -10.56 15.56 12.19
CA THR B 90 -11.48 16.66 12.48
C THR B 90 -12.46 16.29 13.58
N ALA B 91 -12.70 14.99 13.74
CA ALA B 91 -13.63 14.50 14.76
C ALA B 91 -12.89 14.08 16.01
N MET B 92 -11.58 13.94 15.92
CA MET B 92 -10.76 13.53 17.05
C MET B 92 -9.62 14.51 17.27
N GLN B 93 -9.74 15.32 18.32
CA GLN B 93 -8.72 16.32 18.64
C GLN B 93 -7.42 15.64 19.09
N PHE B 94 -7.51 14.86 20.16
CA PHE B 94 -6.34 14.16 20.69
C PHE B 94 -6.63 12.67 20.87
N ILE B 95 -5.67 11.83 20.49
CA ILE B 95 -5.83 10.39 20.60
C ILE B 95 -5.14 9.85 21.85
N LYS B 96 -5.76 8.87 22.49
CA LYS B 96 -5.21 8.26 23.70
C LYS B 96 -5.19 6.74 23.57
N LYS B 97 -6.05 6.22 22.70
CA LYS B 97 -6.14 4.77 22.48
C LYS B 97 -6.39 4.47 21.01
N ASP B 98 -5.76 3.42 20.50
CA ASP B 98 -5.92 3.02 19.11
C ASP B 98 -7.33 2.52 18.84
N TRP B 99 -8.04 3.19 17.94
CA TRP B 99 -9.41 2.82 17.59
C TRP B 99 -9.42 1.73 16.52
N THR B 100 -10.55 1.06 16.37
CA THR B 100 -10.69 0.01 15.37
C THR B 100 -11.60 0.45 14.22
N LEU B 101 -12.44 1.45 14.50
CA LEU B 101 -13.35 1.98 13.49
C LEU B 101 -12.58 2.60 12.34
N ILE B 102 -11.38 3.12 12.64
CA ILE B 102 -10.55 3.75 11.63
C ILE B 102 -10.11 2.72 10.58
N GLY B 103 -10.03 1.46 11.00
CA GLY B 103 -9.63 0.41 10.08
C GLY B 103 -10.77 -0.02 9.17
N PHE B 104 -11.97 -0.10 9.73
CA PHE B 104 -13.14 -0.50 8.96
C PHE B 104 -13.49 0.55 7.91
N LEU B 105 -13.05 1.78 8.16
CA LEU B 105 -13.30 2.89 7.24
C LEU B 105 -12.32 2.88 6.08
N MET B 106 -11.04 2.72 6.41
CA MET B 106 -9.99 2.70 5.40
C MET B 106 -10.12 1.47 4.50
N SER B 107 -10.64 0.39 5.06
CA SER B 107 -10.82 -0.85 4.31
C SER B 107 -11.96 -0.75 3.32
N THR B 108 -13.13 -0.35 3.82
CA THR B 108 -14.31 -0.22 2.98
C THR B 108 -14.06 0.73 1.80
N GLN B 109 -13.16 1.69 2.00
CA GLN B 109 -12.83 2.65 0.94
C GLN B 109 -12.07 1.97 -0.18
N ILE B 110 -11.10 1.13 0.18
CA ILE B 110 -10.31 0.41 -0.81
C ILE B 110 -11.22 -0.38 -1.75
N VAL B 111 -12.34 -0.84 -1.22
CA VAL B 111 -13.31 -1.60 -2.02
C VAL B 111 -13.97 -0.70 -3.06
N VAL B 112 -14.31 0.51 -2.65
CA VAL B 112 -14.96 1.47 -3.54
C VAL B 112 -14.04 1.86 -4.69
N ILE B 113 -12.79 2.17 -4.36
CA ILE B 113 -11.81 2.56 -5.36
C ILE B 113 -11.58 1.44 -6.37
N THR B 114 -11.68 0.20 -5.91
CA THR B 114 -11.49 -0.96 -6.78
C THR B 114 -12.50 -0.96 -7.91
N SER B 115 -13.76 -0.71 -7.58
CA SER B 115 -14.82 -0.68 -8.58
C SER B 115 -14.65 0.51 -9.51
N GLY B 116 -13.90 1.52 -9.04
CA GLY B 116 -13.68 2.71 -9.84
C GLY B 116 -12.60 2.53 -10.89
N LEU B 117 -11.57 1.77 -10.56
CA LEU B 117 -10.46 1.54 -11.49
C LEU B 117 -10.85 0.52 -12.56
N ILE B 118 -11.74 -0.39 -12.21
CA ILE B 118 -12.18 -1.42 -13.15
C ILE B 118 -13.30 -0.91 -14.06
N ALA B 119 -14.06 0.07 -13.56
CA ALA B 119 -15.16 0.64 -14.33
C ALA B 119 -14.69 1.14 -15.69
N ASP B 120 -13.50 1.75 -15.71
CA ASP B 120 -12.94 2.28 -16.94
C ASP B 120 -12.25 1.19 -17.75
N LEU B 121 -11.81 0.14 -17.07
CA LEU B 121 -11.12 -0.96 -17.73
C LEU B 121 -12.11 -1.99 -18.25
N SER B 122 -13.28 -1.53 -18.69
CA SER B 122 -14.31 -2.41 -19.21
C SER B 122 -13.85 -3.08 -20.50
N GLU B 123 -13.90 -4.41 -20.52
CA GLU B 123 -13.48 -5.19 -21.69
C GLU B 123 -14.65 -5.39 -22.66
N ARG B 124 -15.87 -5.29 -22.14
CA ARG B 124 -17.06 -5.46 -22.95
C ARG B 124 -18.12 -4.42 -22.61
N ASP B 125 -19.06 -4.20 -23.52
CA ASP B 125 -20.12 -3.22 -23.30
C ASP B 125 -21.17 -3.78 -22.33
N TRP B 126 -21.13 -5.09 -22.12
CA TRP B 126 -22.07 -5.74 -21.23
C TRP B 126 -21.50 -5.85 -19.82
N VAL B 127 -20.21 -6.19 -19.73
CA VAL B 127 -19.55 -6.33 -18.44
C VAL B 127 -19.50 -4.99 -17.69
N ARG B 128 -19.57 -3.89 -18.45
CA ARG B 128 -19.54 -2.56 -17.87
C ARG B 128 -20.80 -2.29 -17.05
N TYR B 129 -21.95 -2.71 -17.57
CA TYR B 129 -23.22 -2.51 -16.89
C TYR B 129 -23.25 -3.28 -15.57
N LEU B 130 -22.55 -4.42 -15.53
CA LEU B 130 -22.51 -5.25 -14.33
C LEU B 130 -21.62 -4.62 -13.26
N TRP B 131 -20.38 -4.31 -13.62
CA TRP B 131 -19.44 -3.71 -12.68
C TRP B 131 -19.94 -2.36 -12.16
N TYR B 132 -20.80 -1.72 -12.94
CA TYR B 132 -21.34 -0.42 -12.56
C TYR B 132 -22.27 -0.53 -11.36
N ILE B 133 -23.32 -1.35 -11.49
CA ILE B 133 -24.28 -1.53 -10.41
C ILE B 133 -23.60 -2.06 -9.15
N CYS B 134 -22.44 -2.68 -9.33
CA CYS B 134 -21.69 -3.23 -8.20
C CYS B 134 -21.06 -2.10 -7.38
N GLY B 135 -20.61 -1.06 -8.06
CA GLY B 135 -19.99 0.06 -7.39
C GLY B 135 -20.98 0.81 -6.51
N VAL B 136 -22.13 1.18 -7.08
CA VAL B 136 -23.16 1.89 -6.35
C VAL B 136 -23.70 1.05 -5.21
N CYS B 137 -23.94 -0.23 -5.48
CA CYS B 137 -24.45 -1.15 -4.46
C CYS B 137 -23.53 -1.16 -3.26
N ALA B 138 -22.22 -1.14 -3.52
CA ALA B 138 -21.24 -1.15 -2.45
C ALA B 138 -21.37 0.10 -1.60
N PHE B 139 -21.71 1.22 -2.24
CA PHE B 139 -21.88 2.48 -1.55
C PHE B 139 -23.14 2.46 -0.69
N LEU B 140 -24.09 1.61 -1.06
CA LEU B 140 -25.34 1.50 -0.33
C LEU B 140 -25.11 0.98 1.08
N ILE B 141 -24.50 -0.20 1.18
CA ILE B 141 -24.22 -0.81 2.48
C ILE B 141 -23.33 0.08 3.33
N ILE B 142 -22.41 0.79 2.68
CA ILE B 142 -21.50 1.69 3.38
C ILE B 142 -22.23 2.94 3.85
N LEU B 143 -23.31 3.29 3.14
CA LEU B 143 -24.09 4.47 3.47
C LEU B 143 -24.88 4.25 4.77
N TRP B 144 -25.41 3.04 4.93
CA TRP B 144 -26.18 2.70 6.13
C TRP B 144 -25.27 2.52 7.33
N GLY B 145 -24.04 2.07 7.08
CA GLY B 145 -23.10 1.87 8.17
C GLY B 145 -22.38 3.15 8.57
N ILE B 146 -22.13 4.02 7.60
CA ILE B 146 -21.47 5.29 7.87
C ILE B 146 -22.41 6.25 8.58
N TRP B 147 -23.70 6.00 8.44
CA TRP B 147 -24.72 6.84 9.06
C TRP B 147 -25.09 6.32 10.45
N ASN B 148 -24.38 5.28 10.87
CA ASN B 148 -24.64 4.68 12.17
C ASN B 148 -23.91 5.44 13.30
N PRO B 149 -22.61 5.78 13.13
CA PRO B 149 -21.84 6.51 14.14
C PRO B 149 -22.66 7.56 14.88
N LEU B 150 -23.51 8.26 14.16
CA LEU B 150 -24.37 9.28 14.76
C LEU B 150 -25.63 8.65 15.35
N ARG B 151 -25.44 7.83 16.36
CA ARG B 151 -26.56 7.15 17.01
C ARG B 151 -27.45 8.14 17.74
N ALA B 152 -28.76 7.94 17.64
CA ALA B 152 -29.72 8.82 18.28
C ALA B 152 -29.72 8.62 19.80
N LYS B 153 -29.18 7.49 20.24
CA LYS B 153 -29.13 7.19 21.67
C LYS B 153 -27.87 7.77 22.30
N THR B 154 -26.86 8.04 21.48
CA THR B 154 -25.62 8.61 21.98
C THR B 154 -25.66 10.13 21.96
N ARG B 155 -26.81 10.68 21.59
CA ARG B 155 -26.98 12.12 21.53
C ARG B 155 -27.00 12.72 22.93
N THR B 156 -27.20 11.87 23.93
CA THR B 156 -27.23 12.31 25.32
C THR B 156 -25.82 12.57 25.84
N GLN B 157 -24.83 12.21 25.04
CA GLN B 157 -23.43 12.43 25.41
C GLN B 157 -23.02 13.87 25.20
N SER B 158 -22.90 14.26 23.93
CA SER B 158 -22.51 15.62 23.59
C SER B 158 -23.16 16.05 22.27
N SER B 159 -24.00 17.08 22.35
CA SER B 159 -24.69 17.60 21.17
C SER B 159 -23.74 18.45 20.33
N GLU B 160 -22.65 18.90 20.94
CA GLU B 160 -21.66 19.71 20.24
C GLU B 160 -20.85 18.88 19.27
N LEU B 161 -20.31 17.76 19.76
CA LEU B 161 -19.50 16.86 18.94
C LEU B 161 -20.36 16.20 17.87
N ALA B 162 -21.64 16.03 18.17
CA ALA B 162 -22.57 15.40 17.23
C ALA B 162 -22.87 16.33 16.06
N ASN B 163 -23.28 17.56 16.37
CA ASN B 163 -23.60 18.53 15.34
C ASN B 163 -22.40 18.77 14.44
N LEU B 164 -21.21 18.48 14.96
CA LEU B 164 -19.97 18.65 14.22
C LEU B 164 -19.86 17.61 13.11
N TYR B 165 -20.12 16.36 13.47
CA TYR B 165 -20.04 15.26 12.50
C TYR B 165 -21.24 15.27 11.55
N ASP B 166 -22.33 15.89 11.98
CA ASP B 166 -23.53 15.96 11.16
C ASP B 166 -23.29 16.82 9.92
N LYS B 167 -22.84 18.05 10.15
CA LYS B 167 -22.56 18.98 9.05
C LYS B 167 -21.43 18.46 8.16
N LEU B 168 -20.51 17.71 8.76
CA LEU B 168 -19.38 17.16 8.01
C LEU B 168 -19.83 16.09 7.02
N VAL B 169 -20.54 15.08 7.53
CA VAL B 169 -21.02 13.98 6.70
C VAL B 169 -22.00 14.48 5.63
N THR B 170 -22.72 15.56 5.94
CA THR B 170 -23.69 16.12 5.00
C THR B 170 -23.05 16.39 3.64
N TYR B 171 -22.02 17.23 3.63
CA TYR B 171 -21.34 17.58 2.39
C TYR B 171 -20.53 16.40 1.88
N PHE B 172 -20.08 15.55 2.80
CA PHE B 172 -19.29 14.37 2.44
C PHE B 172 -20.10 13.41 1.58
N THR B 173 -21.40 13.32 1.84
CA THR B 173 -22.27 12.43 1.08
C THR B 173 -22.59 13.00 -0.29
N VAL B 174 -22.79 14.31 -0.36
CA VAL B 174 -23.11 14.97 -1.64
C VAL B 174 -22.02 14.72 -2.67
N LEU B 175 -20.78 14.65 -2.20
CA LEU B 175 -19.63 14.41 -3.08
C LEU B 175 -19.53 12.94 -3.47
N TRP B 176 -19.47 12.08 -2.46
CA TRP B 176 -19.38 10.64 -2.68
C TRP B 176 -20.50 10.15 -3.60
N ILE B 177 -21.64 10.82 -3.54
CA ILE B 177 -22.78 10.46 -4.38
C ILE B 177 -22.69 11.18 -5.72
N GLY B 178 -21.98 12.30 -5.73
CA GLY B 178 -21.84 13.09 -6.95
C GLY B 178 -21.29 12.30 -8.11
N TYR B 179 -20.14 11.66 -7.92
CA TYR B 179 -19.52 10.88 -9.00
C TYR B 179 -20.49 9.81 -9.52
N PRO B 180 -21.01 8.91 -8.64
CA PRO B 180 -21.95 7.86 -9.07
C PRO B 180 -23.06 8.37 -9.97
N ILE B 181 -23.40 9.65 -9.82
CA ILE B 181 -24.45 10.27 -10.62
C ILE B 181 -23.99 10.53 -12.05
N VAL B 182 -22.93 11.32 -12.18
CA VAL B 182 -22.40 11.66 -13.49
C VAL B 182 -21.99 10.43 -14.28
N TRP B 183 -21.69 9.34 -13.57
CA TRP B 183 -21.29 8.10 -14.21
C TRP B 183 -22.42 7.52 -15.07
N ILE B 184 -23.66 7.83 -14.69
CA ILE B 184 -24.82 7.35 -15.42
C ILE B 184 -24.71 7.65 -16.92
N ILE B 185 -24.01 8.73 -17.25
CA ILE B 185 -23.83 9.13 -18.64
C ILE B 185 -22.35 9.33 -18.96
N GLY B 186 -22.00 9.18 -20.24
CA GLY B 186 -20.63 9.36 -20.66
C GLY B 186 -19.88 8.03 -20.75
N PRO B 187 -18.60 8.06 -21.18
CA PRO B 187 -17.78 6.85 -21.31
C PRO B 187 -17.66 6.10 -20.00
N SER B 188 -17.42 4.80 -20.08
CA SER B 188 -17.30 3.96 -18.89
C SER B 188 -18.56 4.06 -18.04
N GLY B 189 -19.63 4.59 -18.64
CA GLY B 189 -20.89 4.74 -17.94
C GLY B 189 -22.07 4.85 -18.87
N PHE B 190 -22.03 4.08 -19.96
CA PHE B 190 -23.10 4.09 -20.95
C PHE B 190 -23.30 5.49 -21.52
N GLY B 191 -22.53 5.81 -22.56
CA GLY B 191 -22.63 7.11 -23.20
C GLY B 191 -21.48 7.39 -24.14
N TRP B 192 -21.69 7.11 -25.42
CA TRP B 192 -20.65 7.32 -26.43
C TRP B 192 -20.61 8.79 -26.87
N ILE B 193 -19.76 9.57 -26.22
CA ILE B 193 -19.62 10.99 -26.56
C ILE B 193 -18.16 11.42 -26.55
N ASN B 194 -17.92 12.68 -26.89
CA ASN B 194 -16.55 13.21 -26.92
C ASN B 194 -15.89 13.09 -25.56
N GLN B 195 -14.56 12.94 -25.56
CA GLN B 195 -13.80 12.80 -24.32
C GLN B 195 -13.43 14.17 -23.76
N THR B 196 -13.86 15.23 -24.46
CA THR B 196 -13.57 16.59 -24.03
C THR B 196 -14.40 16.97 -22.80
N ILE B 197 -15.73 16.86 -22.94
CA ILE B 197 -16.63 17.19 -21.85
C ILE B 197 -16.48 16.20 -20.69
N ASP B 198 -16.08 14.97 -21.01
CA ASP B 198 -15.90 13.95 -20.00
C ASP B 198 -14.81 14.35 -19.00
N THR B 199 -13.61 14.62 -19.53
CA THR B 199 -12.48 15.02 -18.69
C THR B 199 -12.70 16.40 -18.10
N PHE B 200 -13.60 17.18 -18.71
CA PHE B 200 -13.90 18.52 -18.25
C PHE B 200 -14.80 18.50 -17.01
N LEU B 201 -15.68 17.51 -16.95
CA LEU B 201 -16.60 17.39 -15.82
C LEU B 201 -15.94 16.66 -14.65
N PHE B 202 -15.23 15.57 -14.96
CA PHE B 202 -14.57 14.78 -13.92
C PHE B 202 -13.38 15.52 -13.32
N CYS B 203 -13.00 16.65 -13.92
CA CYS B 203 -11.89 17.44 -13.41
C CYS B 203 -12.41 18.58 -12.53
N LEU B 204 -13.54 19.16 -12.94
CA LEU B 204 -14.14 20.27 -12.22
C LEU B 204 -14.79 19.83 -10.91
N LEU B 205 -15.30 18.60 -10.87
CA LEU B 205 -15.95 18.10 -9.67
C LEU B 205 -14.95 17.95 -8.52
N PRO B 206 -13.82 17.22 -8.73
CA PRO B 206 -12.80 17.05 -7.67
C PRO B 206 -12.32 18.39 -7.13
N PHE B 207 -12.09 19.34 -8.04
CA PHE B 207 -11.63 20.66 -7.65
C PHE B 207 -12.67 21.37 -6.80
N PHE B 208 -13.93 21.18 -7.15
CA PHE B 208 -15.03 21.79 -6.42
C PHE B 208 -15.15 21.21 -5.01
N SER B 209 -14.65 19.99 -4.85
CA SER B 209 -14.69 19.32 -3.56
C SER B 209 -13.38 19.48 -2.80
N VAL B 211 -11.17 22.37 -2.76
CA VAL B 211 -11.16 23.66 -2.08
C VAL B 211 -12.37 23.83 -1.16
N GLY B 212 -13.50 23.25 -1.57
CA GLY B 212 -14.71 23.36 -0.77
C GLY B 212 -14.59 22.67 0.58
N PHE B 213 -13.77 21.63 0.65
CA PHE B 213 -13.59 20.89 1.89
C PHE B 213 -12.74 21.68 2.89
N SER B 214 -11.72 22.37 2.39
CA SER B 214 -10.84 23.16 3.26
C SER B 214 -11.63 24.21 4.02
N PHE B 215 -12.33 25.07 3.30
CA PHE B 215 -13.13 26.13 3.91
C PHE B 215 -14.25 25.55 4.76
N LEU B 216 -14.64 24.32 4.46
CA LEU B 216 -15.71 23.65 5.19
C LEU B 216 -15.33 23.42 6.66
N ASP B 217 -14.21 22.73 6.87
CA ASP B 217 -13.75 22.42 8.22
C ASP B 217 -13.50 23.69 9.03
N LEU B 218 -13.06 24.75 8.36
CA LEU B 218 -12.78 26.02 9.03
C LEU B 218 -14.02 26.51 9.78
N HIS B 219 -15.15 26.55 9.10
CA HIS B 219 -16.40 27.00 9.71
C HIS B 219 -17.06 25.88 10.50
N GLY B 220 -16.68 24.63 10.18
CA GLY B 220 -17.25 23.49 10.86
C GLY B 220 -16.90 23.44 12.33
N LEU B 221 -15.61 23.47 12.64
CA LEU B 221 -15.15 23.42 14.03
C LEU B 221 -15.30 24.77 14.72
N ARG B 222 -14.65 25.79 14.16
CA ARG B 222 -14.69 27.14 14.72
C ARG B 222 -14.31 27.11 16.21
N ASN B 223 -13.02 27.09 16.47
CA ASN B 223 -12.52 27.07 17.85
C ASN B 223 -11.47 28.16 18.07
N LEU B 224 -11.46 28.73 19.26
CA LEU B 224 -10.52 29.78 19.60
C LEU B 224 -9.55 29.34 20.68
N ASN B 225 -9.49 28.02 20.90
CA ASN B 225 -8.61 27.45 21.92
C ASN B 225 -7.57 26.53 21.29
N ASP B 226 -6.40 27.09 20.98
CA ASP B 226 -5.33 26.31 20.36
C ASP B 226 -4.51 25.59 21.42
N SER B 227 -3.79 24.56 21.00
CA SER B 227 -2.95 23.78 21.90
C SER B 227 -1.64 23.38 21.22
N ARG B 228 -0.52 23.73 21.85
CA ARG B 228 0.79 23.41 21.30
C ARG B 228 1.21 22.00 21.69
N GLN B 229 2.28 21.52 21.06
CA GLN B 229 2.79 20.18 21.33
C GLN B 229 3.66 20.18 22.59
N MET C 1 20.57 -17.63 -22.77
CA MET C 1 21.17 -18.03 -24.08
C MET C 1 22.15 -16.97 -24.58
N ASN C 2 21.62 -15.81 -24.96
CA ASN C 2 22.45 -14.72 -25.47
C ASN C 2 22.55 -13.59 -24.45
N LEU C 3 21.40 -13.08 -24.03
CA LEU C 3 21.35 -11.99 -23.05
C LEU C 3 21.35 -12.54 -21.63
N GLU C 4 22.53 -12.68 -21.05
CA GLU C 4 22.68 -13.19 -19.70
C GLU C 4 23.45 -12.21 -18.83
N SER C 5 23.11 -12.16 -17.55
CA SER C 5 23.77 -11.27 -16.60
C SER C 5 24.39 -12.06 -15.46
N LEU C 6 25.05 -11.35 -14.55
CA LEU C 6 25.70 -11.98 -13.40
C LEU C 6 25.85 -10.99 -12.25
N LEU C 7 25.70 -9.71 -12.56
CA LEU C 7 25.83 -8.66 -11.56
C LEU C 7 24.65 -8.70 -10.57
N HIS C 8 23.44 -8.84 -11.11
CA HIS C 8 22.24 -8.88 -10.29
C HIS C 8 22.16 -10.21 -9.53
N TRP C 9 22.81 -11.23 -10.07
CA TRP C 9 22.83 -12.54 -9.43
C TRP C 9 23.58 -12.50 -8.11
N ILE C 10 24.82 -12.01 -8.16
CA ILE C 10 25.64 -11.90 -6.96
C ILE C 10 25.03 -10.91 -5.98
N TYR C 11 24.19 -10.02 -6.51
CA TYR C 11 23.51 -9.02 -5.71
C TYR C 11 22.70 -9.67 -4.61
N VAL C 12 21.75 -10.52 -5.00
CA VAL C 12 20.90 -11.22 -4.04
C VAL C 12 21.74 -12.12 -3.14
N ALA C 13 22.85 -12.64 -3.67
CA ALA C 13 23.73 -13.51 -2.91
C ALA C 13 24.24 -12.83 -1.64
N GLY C 14 24.74 -11.61 -1.81
CA GLY C 14 25.26 -10.87 -0.67
C GLY C 14 24.18 -10.38 0.26
N MET C 15 22.96 -10.23 -0.25
CA MET C 15 21.84 -9.77 0.56
C MET C 15 21.30 -10.87 1.45
N THR C 16 21.13 -12.07 0.88
CA THR C 16 20.62 -13.20 1.63
C THR C 16 21.52 -13.53 2.82
N ILE C 17 22.82 -13.64 2.54
CA ILE C 17 23.78 -13.94 3.59
C ILE C 17 23.80 -12.84 4.65
N GLY C 18 23.52 -11.62 4.22
CA GLY C 18 23.52 -10.49 5.14
C GLY C 18 22.56 -10.69 6.31
N ALA C 19 21.28 -10.87 6.00
CA ALA C 19 20.25 -11.08 7.02
C ALA C 19 20.60 -12.28 7.89
N LEU C 20 21.28 -13.27 7.30
CA LEU C 20 21.66 -14.47 8.02
C LEU C 20 22.78 -14.16 9.01
N HIS C 21 23.63 -13.21 8.67
CA HIS C 21 24.73 -12.82 9.53
C HIS C 21 24.20 -12.28 10.87
N PHE C 22 23.01 -11.67 10.82
CA PHE C 22 22.39 -11.13 12.01
C PHE C 22 21.82 -12.25 12.89
N TRP C 23 21.42 -13.34 12.25
CA TRP C 23 20.86 -14.48 12.96
C TRP C 23 21.90 -15.09 13.91
N SER C 24 23.14 -15.13 13.45
CA SER C 24 24.23 -15.68 14.26
C SER C 24 24.79 -14.63 15.20
N LEU C 25 24.90 -13.40 14.70
CA LEU C 25 25.42 -12.29 15.50
C LEU C 25 24.39 -11.83 16.52
N SER C 26 23.18 -12.35 16.41
CA SER C 26 22.09 -11.99 17.32
C SER C 26 22.47 -12.29 18.77
N ARG C 27 23.37 -13.24 18.96
CA ARG C 27 23.82 -13.61 20.30
C ARG C 27 24.17 -12.36 21.09
N ASN C 28 24.68 -11.36 20.38
CA ASN C 28 25.04 -10.08 20.98
C ASN C 28 25.39 -9.08 19.88
N PRO C 29 24.85 -7.85 19.94
CA PRO C 29 25.10 -6.83 18.95
C PRO C 29 26.28 -5.94 19.34
N ARG C 30 26.69 -5.07 18.41
CA ARG C 30 27.82 -4.17 18.66
C ARG C 30 27.37 -2.91 19.37
N GLY C 31 26.57 -3.07 20.42
CA GLY C 31 26.09 -1.93 21.18
C GLY C 31 24.70 -1.49 20.79
N VAL C 32 24.44 -1.39 19.49
CA VAL C 32 23.14 -0.97 19.00
C VAL C 32 22.13 -2.11 19.10
N PRO C 33 20.88 -1.81 19.48
CA PRO C 33 19.82 -2.82 19.61
C PRO C 33 19.46 -3.45 18.27
N GLN C 34 18.73 -4.56 18.34
CA GLN C 34 18.32 -5.29 17.14
C GLN C 34 17.40 -4.49 16.23
N TYR C 35 16.77 -3.43 16.75
CA TYR C 35 15.86 -2.62 15.93
C TYR C 35 16.56 -2.12 14.67
N GLU C 36 17.84 -1.79 14.80
CA GLU C 36 18.62 -1.30 13.68
C GLU C 36 18.76 -2.38 12.60
N TYR C 37 19.15 -3.58 13.02
CA TYR C 37 19.32 -4.68 12.11
C TYR C 37 17.98 -5.17 11.59
N LEU C 38 16.92 -4.83 12.31
CA LEU C 38 15.56 -5.23 11.93
C LEU C 38 15.23 -4.69 10.55
N VAL C 39 15.18 -3.37 10.43
CA VAL C 39 14.88 -2.72 9.16
C VAL C 39 15.95 -3.04 8.13
N ALA C 40 17.18 -3.21 8.58
CA ALA C 40 18.29 -3.52 7.70
C ALA C 40 18.24 -4.99 7.25
N MET C 41 17.30 -5.74 7.84
CA MET C 41 17.13 -7.15 7.51
C MET C 41 16.15 -7.34 6.35
N PHE C 42 15.04 -6.60 6.39
CA PHE C 42 14.01 -6.71 5.36
C PHE C 42 14.45 -6.06 4.05
N ILE C 43 15.12 -4.91 4.15
CA ILE C 43 15.59 -4.19 2.97
C ILE C 43 16.35 -5.10 1.98
N PRO C 44 17.36 -5.87 2.46
CA PRO C 44 18.13 -6.76 1.59
C PRO C 44 17.34 -7.98 1.11
N ILE C 45 16.48 -8.52 1.98
CA ILE C 45 15.68 -9.69 1.63
C ILE C 45 14.82 -9.43 0.38
N TRP C 46 13.91 -8.47 0.49
CA TRP C 46 13.03 -8.13 -0.62
C TRP C 46 13.83 -7.77 -1.88
N SER C 47 14.70 -6.77 -1.75
CA SER C 47 15.51 -6.31 -2.86
C SER C 47 16.26 -7.47 -3.51
N GLY C 48 16.69 -8.43 -2.70
CA GLY C 48 17.41 -9.58 -3.21
C GLY C 48 16.65 -10.29 -4.31
N LEU C 49 15.40 -10.64 -4.03
CA LEU C 49 14.57 -11.34 -5.01
C LEU C 49 14.40 -10.49 -6.26
N ALA C 50 14.31 -9.19 -6.09
CA ALA C 50 14.13 -8.27 -7.21
C ALA C 50 15.38 -8.23 -8.09
N TYR C 51 16.54 -8.35 -7.46
CA TYR C 51 17.80 -8.32 -8.20
C TYR C 51 18.00 -9.56 -9.05
N MET C 52 17.98 -10.73 -8.40
CA MET C 52 18.15 -11.99 -9.12
C MET C 52 17.24 -12.04 -10.36
N ALA C 53 16.10 -11.39 -10.26
CA ALA C 53 15.15 -11.35 -11.36
C ALA C 53 15.74 -10.56 -12.54
N MET C 54 16.33 -9.42 -12.25
CA MET C 54 16.94 -8.58 -13.28
C MET C 54 17.95 -9.38 -14.10
N ALA C 55 18.57 -10.37 -13.46
CA ALA C 55 19.55 -11.21 -14.13
C ALA C 55 18.90 -12.09 -15.18
N ILE C 56 17.83 -12.78 -14.79
CA ILE C 56 17.12 -13.66 -15.72
C ILE C 56 16.19 -12.86 -16.63
N ASP C 57 16.27 -11.54 -16.53
CA ASP C 57 15.45 -10.64 -17.34
C ASP C 57 13.97 -10.90 -17.10
N GLN C 58 13.55 -10.83 -15.84
CA GLN C 58 12.16 -11.04 -15.48
C GLN C 58 11.60 -9.85 -14.72
N GLY C 59 10.35 -9.49 -15.02
CA GLY C 59 9.71 -8.37 -14.37
C GLY C 59 9.51 -7.18 -15.28
N LYS C 60 10.07 -7.28 -16.49
CA LYS C 60 9.95 -6.19 -17.47
C LYS C 60 8.93 -6.55 -18.54
N VAL C 61 8.52 -5.56 -19.31
CA VAL C 61 7.54 -5.76 -20.38
C VAL C 61 8.00 -5.11 -21.68
N GLU C 62 7.67 -5.73 -22.80
CA GLU C 62 8.05 -5.22 -24.12
C GLU C 62 6.94 -4.35 -24.70
N ALA C 63 7.06 -3.04 -24.49
CA ALA C 63 6.07 -2.09 -25.01
C ALA C 63 6.53 -1.48 -26.32
N ALA C 64 5.90 -1.88 -27.42
CA ALA C 64 6.23 -1.38 -28.74
C ALA C 64 7.68 -1.69 -29.11
N GLY C 65 8.17 -2.83 -28.63
CA GLY C 65 9.54 -3.22 -28.92
C GLY C 65 10.54 -2.61 -27.96
N GLN C 66 10.04 -1.85 -26.99
CA GLN C 66 10.90 -1.21 -26.00
C GLN C 66 10.87 -1.96 -24.68
N ILE C 67 11.96 -1.87 -23.92
CA ILE C 67 12.07 -2.53 -22.63
C ILE C 67 11.93 -1.53 -21.50
N ALA C 68 10.86 -1.66 -20.73
CA ALA C 68 10.61 -0.77 -19.60
C ALA C 68 11.21 -1.29 -18.31
N HIS C 69 11.74 -0.38 -17.50
CA HIS C 69 12.35 -0.75 -16.22
C HIS C 69 11.28 -0.86 -15.14
N TYR C 70 10.33 -1.75 -15.36
CA TYR C 70 9.23 -1.97 -14.43
C TYR C 70 9.72 -2.39 -13.05
N ALA C 71 10.46 -3.49 -13.00
CA ALA C 71 10.98 -4.02 -11.74
C ALA C 71 11.98 -3.06 -11.09
N ARG C 72 12.58 -2.18 -11.89
CA ARG C 72 13.56 -1.24 -11.39
C ARG C 72 12.97 -0.29 -10.36
N TYR C 73 11.85 0.35 -10.70
CA TYR C 73 11.22 1.29 -9.79
C TYR C 73 10.41 0.54 -8.71
N ILE C 74 9.93 -0.65 -9.04
CA ILE C 74 9.16 -1.45 -8.09
C ILE C 74 9.85 -1.51 -6.74
N ASP C 75 11.09 -1.98 -6.73
CA ASP C 75 11.85 -2.06 -5.50
C ASP C 75 12.01 -0.68 -4.89
N TRP C 76 12.01 0.34 -5.74
CA TRP C 76 12.15 1.72 -5.28
C TRP C 76 10.83 2.27 -4.78
N MET C 77 9.83 1.39 -4.70
CA MET C 77 8.52 1.78 -4.22
C MET C 77 8.29 1.28 -2.79
N VAL C 78 9.00 0.22 -2.43
CA VAL C 78 8.89 -0.36 -1.10
C VAL C 78 10.17 -0.22 -0.29
N THR C 79 11.32 -0.41 -0.95
CA THR C 79 12.62 -0.32 -0.30
C THR C 79 12.93 1.10 0.16
N THR C 80 12.95 2.04 -0.78
CA THR C 80 13.25 3.43 -0.48
C THR C 80 12.45 3.95 0.72
N PRO C 81 11.11 3.80 0.72
CA PRO C 81 10.28 4.26 1.85
C PRO C 81 10.80 3.73 3.18
N LEU C 82 11.15 2.45 3.21
CA LEU C 82 11.66 1.82 4.42
C LEU C 82 13.01 2.42 4.80
N LEU C 83 13.78 2.80 3.78
CA LEU C 83 15.10 3.39 4.03
C LEU C 83 14.95 4.62 4.92
N LEU C 84 13.81 5.31 4.78
CA LEU C 84 13.52 6.49 5.58
C LEU C 84 13.08 6.07 6.97
N LEU C 85 12.21 5.08 7.03
CA LEU C 85 11.70 4.58 8.29
C LEU C 85 12.86 4.27 9.24
N SER C 86 13.91 3.66 8.70
CA SER C 86 15.08 3.32 9.49
C SER C 86 15.67 4.55 10.17
N LEU C 87 15.59 5.69 9.48
CA LEU C 87 16.11 6.95 10.00
C LEU C 87 15.35 7.40 11.24
N SER C 88 14.03 7.16 11.25
CA SER C 88 13.20 7.55 12.38
C SER C 88 13.50 6.70 13.60
N TRP C 89 13.99 5.48 13.38
CA TRP C 89 14.32 4.57 14.46
C TRP C 89 15.68 4.90 15.07
N THR C 90 16.60 5.35 14.23
CA THR C 90 17.94 5.72 14.69
C THR C 90 17.90 6.95 15.56
N ALA C 91 16.89 7.79 15.36
CA ALA C 91 16.74 9.01 16.14
C ALA C 91 15.92 8.77 17.39
N MET C 92 14.82 8.03 17.24
CA MET C 92 13.95 7.71 18.37
C MET C 92 14.27 6.34 18.94
N GLN C 93 14.91 6.32 20.11
CA GLN C 93 15.28 5.08 20.76
C GLN C 93 14.09 4.49 21.51
N PHE C 94 13.04 5.30 21.66
CA PHE C 94 11.84 4.87 22.37
C PHE C 94 10.66 5.79 22.03
N ILE C 95 9.50 5.19 21.81
CA ILE C 95 8.30 5.95 21.47
C ILE C 95 7.31 5.96 22.63
N LYS C 96 6.62 7.09 22.81
CA LYS C 96 5.63 7.24 23.87
C LYS C 96 4.32 7.80 23.33
N LYS C 97 4.43 8.53 22.23
CA LYS C 97 3.25 9.14 21.59
C LYS C 97 3.42 9.17 20.08
N ASP C 98 2.36 8.83 19.36
CA ASP C 98 2.41 8.82 17.89
C ASP C 98 2.68 10.20 17.33
N TRP C 99 3.72 10.32 16.52
CA TRP C 99 4.10 11.58 15.90
C TRP C 99 3.45 11.74 14.52
N THR C 100 3.42 12.97 14.04
CA THR C 100 2.85 13.27 12.73
C THR C 100 3.95 13.49 11.70
N LEU C 101 5.14 13.83 12.17
CA LEU C 101 6.28 14.07 11.30
C LEU C 101 6.61 12.83 10.48
N ILE C 102 6.36 11.65 11.08
CA ILE C 102 6.63 10.39 10.41
C ILE C 102 5.79 10.26 9.14
N GLY C 103 4.58 10.82 9.17
CA GLY C 103 3.70 10.75 8.02
C GLY C 103 4.10 11.73 6.94
N PHE C 104 4.74 12.83 7.35
CA PHE C 104 5.19 13.85 6.40
C PHE C 104 6.26 13.29 5.47
N LEU C 105 7.15 12.48 6.01
CA LEU C 105 8.23 11.88 5.23
C LEU C 105 7.71 10.78 4.32
N MET C 106 6.93 9.87 4.90
CA MET C 106 6.36 8.76 4.15
C MET C 106 5.54 9.25 2.96
N SER C 107 4.75 10.29 3.18
CA SER C 107 3.91 10.85 2.13
C SER C 107 4.75 11.47 1.01
N THR C 108 5.57 12.45 1.37
CA THR C 108 6.42 13.12 0.40
C THR C 108 7.28 12.12 -0.37
N GLN C 109 7.55 10.97 0.23
CA GLN C 109 8.35 9.93 -0.40
C GLN C 109 7.60 9.32 -1.57
N ILE C 110 6.34 8.97 -1.36
CA ILE C 110 5.51 8.36 -2.40
C ILE C 110 5.48 9.27 -3.64
N VAL C 111 5.56 10.57 -3.41
CA VAL C 111 5.54 11.55 -4.48
C VAL C 111 6.79 11.42 -5.36
N VAL C 112 7.95 11.31 -4.71
CA VAL C 112 9.21 11.19 -5.42
C VAL C 112 9.25 9.91 -6.26
N ILE C 113 8.88 8.80 -5.62
CA ILE C 113 8.88 7.51 -6.30
C ILE C 113 7.98 7.55 -7.54
N THR C 114 6.88 8.30 -7.45
CA THR C 114 5.96 8.43 -8.57
C THR C 114 6.68 8.96 -9.80
N SER C 115 7.49 9.98 -9.61
CA SER C 115 8.24 10.58 -10.71
C SER C 115 9.33 9.63 -11.19
N GLY C 116 9.74 8.71 -10.32
CA GLY C 116 10.78 7.77 -10.68
C GLY C 116 10.28 6.63 -11.54
N LEU C 117 9.03 6.23 -11.33
CA LEU C 117 8.43 5.13 -12.10
C LEU C 117 7.91 5.62 -13.44
N ILE C 118 7.52 6.89 -13.50
CA ILE C 118 6.99 7.47 -14.73
C ILE C 118 8.11 7.95 -15.65
N ALA C 119 9.26 8.28 -15.06
CA ALA C 119 10.41 8.76 -15.82
C ALA C 119 10.81 7.75 -16.90
N ASP C 120 10.73 6.46 -16.57
CA ASP C 120 11.07 5.41 -17.50
C ASP C 120 9.89 5.06 -18.39
N LEU C 121 8.71 5.54 -18.02
CA LEU C 121 7.50 5.28 -18.78
C LEU C 121 7.19 6.42 -19.75
N SER C 122 8.23 7.14 -20.16
CA SER C 122 8.07 8.26 -21.09
C SER C 122 7.58 7.76 -22.44
N GLU C 123 6.43 8.29 -22.89
CA GLU C 123 5.86 7.91 -24.16
C GLU C 123 6.43 8.75 -25.30
N ARG C 124 7.04 9.87 -24.94
CA ARG C 124 7.64 10.77 -25.94
C ARG C 124 9.01 11.25 -25.48
N ASP C 125 9.73 11.89 -26.39
CA ASP C 125 11.06 12.43 -26.09
C ASP C 125 10.96 13.80 -25.46
N TRP C 126 9.79 14.44 -25.62
CA TRP C 126 9.56 15.77 -25.07
C TRP C 126 8.98 15.67 -23.66
N VAL C 127 8.09 14.71 -23.47
CA VAL C 127 7.44 14.50 -22.18
C VAL C 127 8.46 14.10 -21.12
N ARG C 128 9.55 13.48 -21.56
CA ARG C 128 10.61 13.04 -20.66
C ARG C 128 11.30 14.24 -20.02
N TYR C 129 11.42 15.33 -20.78
CA TYR C 129 12.07 16.54 -20.27
C TYR C 129 11.16 17.27 -19.28
N LEU C 130 9.86 17.07 -19.43
CA LEU C 130 8.88 17.71 -18.55
C LEU C 130 8.74 16.95 -17.23
N TRP C 131 8.73 15.62 -17.32
CA TRP C 131 8.60 14.78 -16.14
C TRP C 131 9.87 14.79 -15.32
N TYR C 132 11.01 14.95 -16.00
CA TYR C 132 12.30 14.99 -15.32
C TYR C 132 12.40 16.18 -14.38
N ILE C 133 12.24 17.39 -14.94
CA ILE C 133 12.30 18.60 -14.14
C ILE C 133 11.29 18.57 -12.99
N CYS C 134 10.18 17.85 -13.20
CA CYS C 134 9.14 17.74 -12.20
C CYS C 134 9.66 16.97 -10.98
N GLY C 135 10.46 15.94 -11.23
CA GLY C 135 10.99 15.14 -10.14
C GLY C 135 11.98 15.92 -9.28
N VAL C 136 12.99 16.49 -9.92
CA VAL C 136 14.00 17.25 -9.19
C VAL C 136 13.39 18.44 -8.46
N CYS C 137 12.30 18.98 -9.03
CA CYS C 137 11.61 20.12 -8.42
C CYS C 137 11.06 19.73 -7.05
N ALA C 138 10.40 18.59 -6.98
CA ALA C 138 9.82 18.10 -5.74
C ALA C 138 10.90 17.79 -4.73
N PHE C 139 12.07 17.41 -5.22
CA PHE C 139 13.20 17.09 -4.36
C PHE C 139 13.77 18.36 -3.73
N LEU C 140 13.49 19.49 -4.35
CA LEU C 140 13.97 20.78 -3.87
C LEU C 140 13.18 21.23 -2.64
N ILE C 141 11.86 21.31 -2.78
CA ILE C 141 11.00 21.75 -1.69
C ILE C 141 11.14 20.85 -0.47
N ILE C 142 11.34 19.56 -0.69
CA ILE C 142 11.48 18.61 0.41
C ILE C 142 12.85 18.72 1.04
N LEU C 143 13.83 19.21 0.28
CA LEU C 143 15.18 19.36 0.78
C LEU C 143 15.23 20.39 1.91
N TRP C 144 14.61 21.55 1.69
CA TRP C 144 14.58 22.60 2.70
C TRP C 144 13.72 22.19 3.88
N GLY C 145 12.68 21.41 3.62
CA GLY C 145 11.80 20.96 4.68
C GLY C 145 12.45 19.93 5.57
N ILE C 146 13.22 19.02 4.98
CA ILE C 146 13.90 17.98 5.73
C ILE C 146 15.11 18.56 6.46
N TRP C 147 15.56 19.72 5.99
CA TRP C 147 16.69 20.41 6.59
C TRP C 147 16.23 21.34 7.69
N ASN C 148 14.92 21.32 7.94
CA ASN C 148 14.33 22.17 8.96
C ASN C 148 14.44 21.56 10.36
N PRO C 149 14.09 20.26 10.53
CA PRO C 149 14.16 19.59 11.83
C PRO C 149 15.41 19.94 12.62
N LEU C 150 16.51 20.17 11.91
CA LEU C 150 17.77 20.53 12.54
C LEU C 150 17.84 22.03 12.79
N ARG C 151 16.78 22.57 13.39
CA ARG C 151 16.70 23.99 13.69
C ARG C 151 17.90 24.45 14.50
N ALA C 152 18.32 25.70 14.28
CA ALA C 152 19.45 26.27 15.00
C ALA C 152 19.05 26.73 16.38
N LYS C 153 17.75 26.90 16.59
CA LYS C 153 17.23 27.35 17.88
C LYS C 153 17.08 26.17 18.84
N THR C 154 16.86 24.98 18.29
CA THR C 154 16.71 23.78 19.10
C THR C 154 18.06 23.18 19.46
N ARG C 155 19.14 23.87 19.07
CA ARG C 155 20.48 23.40 19.36
C ARG C 155 20.76 23.45 20.86
N THR C 156 20.09 24.36 21.56
CA THR C 156 20.26 24.51 23.00
C THR C 156 19.53 23.41 23.76
N GLN C 157 18.78 22.59 23.04
CA GLN C 157 18.03 21.49 23.64
C GLN C 157 18.94 20.30 23.91
N SER C 158 19.59 19.81 22.86
CA SER C 158 20.48 18.67 22.98
C SER C 158 21.48 18.64 21.82
N SER C 159 22.76 18.85 22.14
CA SER C 159 23.80 18.84 21.14
C SER C 159 24.16 17.41 20.72
N GLU C 160 23.97 16.47 21.63
CA GLU C 160 24.28 15.08 21.36
C GLU C 160 23.41 14.54 20.22
N LEU C 161 22.11 14.52 20.43
CA LEU C 161 21.17 14.02 19.43
C LEU C 161 21.25 14.84 18.15
N ALA C 162 21.45 16.15 18.30
CA ALA C 162 21.54 17.05 17.15
C ALA C 162 22.71 16.68 16.24
N ASN C 163 23.80 16.21 16.84
CA ASN C 163 24.98 15.83 16.08
C ASN C 163 24.77 14.49 15.37
N LEU C 164 23.95 13.64 15.96
CA LEU C 164 23.67 12.33 15.38
C LEU C 164 22.90 12.48 14.06
N TYR C 165 21.81 13.24 14.11
CA TYR C 165 20.99 13.46 12.93
C TYR C 165 21.72 14.31 11.89
N ASP C 166 22.69 15.08 12.35
CA ASP C 166 23.47 15.93 11.45
C ASP C 166 24.40 15.11 10.58
N LYS C 167 24.98 14.07 11.15
CA LYS C 167 25.89 13.20 10.42
C LYS C 167 25.12 12.17 9.60
N LEU C 168 23.89 11.90 10.03
CA LEU C 168 23.04 10.93 9.35
C LEU C 168 22.43 11.52 8.08
N VAL C 169 22.02 12.77 8.16
CA VAL C 169 21.41 13.45 7.02
C VAL C 169 22.46 13.81 5.96
N THR C 170 23.71 13.94 6.41
CA THR C 170 24.80 14.29 5.50
C THR C 170 24.95 13.25 4.39
N TYR C 171 25.20 12.01 4.79
CA TYR C 171 25.36 10.92 3.83
C TYR C 171 24.06 10.62 3.11
N PHE C 172 22.95 10.82 3.81
CA PHE C 172 21.62 10.58 3.26
C PHE C 172 21.35 11.48 2.05
N THR C 173 21.79 12.72 2.13
CA THR C 173 21.58 13.68 1.05
C THR C 173 22.46 13.39 -0.15
N VAL C 174 23.67 12.88 0.10
CA VAL C 174 24.61 12.56 -0.97
C VAL C 174 24.05 11.50 -1.91
N LEU C 175 23.32 10.53 -1.37
CA LEU C 175 22.74 9.47 -2.18
C LEU C 175 21.45 9.91 -2.85
N TRP C 176 20.59 10.57 -2.08
CA TRP C 176 19.31 11.06 -2.61
C TRP C 176 19.55 12.00 -3.79
N ILE C 177 20.66 12.72 -3.75
CA ILE C 177 21.01 13.64 -4.82
C ILE C 177 21.80 12.91 -5.90
N GLY C 178 22.38 11.78 -5.53
CA GLY C 178 23.18 11.00 -6.45
C GLY C 178 22.41 10.56 -7.69
N TYR C 179 21.29 9.87 -7.49
CA TYR C 179 20.47 9.40 -8.61
C TYR C 179 20.10 10.54 -9.55
N PRO C 180 19.48 11.62 -9.02
CA PRO C 180 19.09 12.77 -9.85
C PRO C 180 20.20 13.24 -10.78
N ILE C 181 21.44 13.07 -10.35
CA ILE C 181 22.60 13.47 -11.14
C ILE C 181 22.79 12.57 -12.36
N VAL C 182 22.99 11.28 -12.11
CA VAL C 182 23.21 10.32 -13.19
C VAL C 182 22.08 10.31 -14.21
N TRP C 183 20.89 10.73 -13.78
CA TRP C 183 19.72 10.76 -14.67
C TRP C 183 19.89 11.76 -15.81
N ILE C 184 20.81 12.70 -15.68
CA ILE C 184 21.03 13.71 -16.72
C ILE C 184 21.54 13.08 -18.01
N ILE C 185 21.96 11.82 -17.94
CA ILE C 185 22.47 11.11 -19.10
C ILE C 185 21.99 9.66 -19.13
N GLY C 186 21.87 9.11 -20.33
CA GLY C 186 21.43 7.73 -20.47
C GLY C 186 19.94 7.63 -20.76
N PRO C 187 19.41 6.41 -20.92
CA PRO C 187 17.99 6.18 -21.19
C PRO C 187 17.09 6.80 -20.14
N SER C 188 15.90 7.23 -20.56
CA SER C 188 14.94 7.85 -19.65
C SER C 188 15.56 9.07 -18.98
N GLY C 189 16.62 9.59 -19.58
CA GLY C 189 17.29 10.75 -19.03
C GLY C 189 18.21 11.43 -20.04
N PHE C 190 17.74 11.55 -21.27
CA PHE C 190 18.51 12.18 -22.33
C PHE C 190 19.84 11.46 -22.54
N GLY C 191 19.85 10.47 -23.43
CA GLY C 191 21.05 9.72 -23.71
C GLY C 191 20.76 8.38 -24.36
N TRP C 192 20.96 8.30 -25.67
CA TRP C 192 20.73 7.07 -26.40
C TRP C 192 22.00 6.22 -26.46
N ILE C 193 22.27 5.52 -25.36
CA ILE C 193 23.45 4.66 -25.26
C ILE C 193 23.05 3.24 -24.89
N ASN C 194 24.03 2.33 -24.92
CA ASN C 194 23.78 0.93 -24.59
C ASN C 194 23.21 0.79 -23.18
N GLN C 195 22.26 -0.13 -23.03
CA GLN C 195 21.62 -0.36 -21.73
C GLN C 195 22.55 -1.13 -20.80
N THR C 196 23.68 -1.60 -21.32
CA THR C 196 24.65 -2.34 -20.53
C THR C 196 25.26 -1.45 -19.45
N ILE C 197 25.58 -0.22 -19.84
CA ILE C 197 26.18 0.75 -18.91
C ILE C 197 25.15 1.24 -17.89
N ASP C 198 23.99 1.65 -18.38
CA ASP C 198 22.92 2.15 -17.52
C ASP C 198 22.57 1.14 -16.43
N THR C 199 22.31 -0.10 -16.85
CA THR C 199 21.94 -1.15 -15.92
C THR C 199 23.10 -1.48 -14.97
N PHE C 200 24.32 -1.20 -15.40
CA PHE C 200 25.51 -1.48 -14.61
C PHE C 200 25.77 -0.36 -13.60
N LEU C 201 25.34 0.85 -13.91
CA LEU C 201 25.56 1.99 -13.01
C LEU C 201 24.49 2.05 -11.93
N PHE C 202 23.22 1.93 -12.32
CA PHE C 202 22.12 1.96 -11.36
C PHE C 202 22.12 0.71 -10.48
N CYS C 203 23.10 -0.15 -10.69
CA CYS C 203 23.23 -1.38 -9.90
C CYS C 203 24.22 -1.18 -8.74
N LEU C 204 25.38 -0.63 -9.07
CA LEU C 204 26.43 -0.40 -8.08
C LEU C 204 26.08 0.75 -7.14
N LEU C 205 25.31 1.73 -7.62
CA LEU C 205 24.94 2.86 -6.79
C LEU C 205 24.10 2.43 -5.59
N PRO C 206 22.98 1.71 -5.79
CA PRO C 206 22.14 1.25 -4.68
C PRO C 206 22.94 0.41 -3.70
N PHE C 207 23.79 -0.47 -4.23
CA PHE C 207 24.62 -1.32 -3.39
C PHE C 207 25.59 -0.49 -2.56
N PHE C 208 26.01 0.65 -3.14
CA PHE C 208 26.93 1.55 -2.45
C PHE C 208 26.26 2.24 -1.27
N SER C 209 24.94 2.36 -1.34
CA SER C 209 24.17 2.99 -0.28
C SER C 209 23.60 1.95 0.69
N VAL C 211 25.07 -1.21 1.81
CA VAL C 211 26.07 -1.59 2.81
C VAL C 211 26.65 -0.38 3.52
N GLY C 212 26.76 0.74 2.79
CA GLY C 212 27.31 1.95 3.36
C GLY C 212 26.45 2.52 4.46
N PHE C 213 25.14 2.31 4.36
CA PHE C 213 24.20 2.81 5.36
C PHE C 213 24.25 1.96 6.63
N SER C 214 24.58 0.68 6.47
CA SER C 214 24.67 -0.23 7.60
C SER C 214 25.75 0.19 8.58
N PHE C 215 27.00 0.19 8.10
CA PHE C 215 28.13 0.58 8.94
C PHE C 215 28.02 2.03 9.38
N LEU C 216 27.26 2.81 8.62
CA LEU C 216 27.07 4.23 8.92
C LEU C 216 26.39 4.40 10.27
N ASP C 217 25.32 3.64 10.50
CA ASP C 217 24.58 3.72 11.76
C ASP C 217 25.42 3.21 12.92
N LEU C 218 26.24 2.19 12.65
CA LEU C 218 27.11 1.61 13.68
C LEU C 218 28.04 2.66 14.27
N HIS C 219 28.61 3.49 13.40
CA HIS C 219 29.54 4.54 13.83
C HIS C 219 28.77 5.81 14.19
N GLY C 220 27.55 5.92 13.69
CA GLY C 220 26.74 7.10 13.97
C GLY C 220 26.33 7.21 15.42
N LEU C 221 25.74 6.15 15.96
CA LEU C 221 25.29 6.16 17.36
C LEU C 221 26.44 5.81 18.31
N ARG C 222 27.02 4.62 18.13
CA ARG C 222 28.11 4.18 18.98
C ARG C 222 27.75 4.29 20.45
N ASN C 223 26.93 3.36 20.93
CA ASN C 223 26.49 3.37 22.32
C ASN C 223 26.74 2.02 22.98
N LEU C 224 27.03 2.05 24.29
CA LEU C 224 27.29 0.83 25.05
C LEU C 224 26.11 0.48 25.95
N ASN C 225 25.14 1.39 26.03
CA ASN C 225 23.96 1.17 26.86
C ASN C 225 22.94 0.34 26.11
N ASP C 226 22.66 -0.87 26.62
CA ASP C 226 21.71 -1.76 25.99
C ASP C 226 20.46 -1.92 26.86
N SER C 227 19.31 -2.09 26.22
CA SER C 227 18.05 -2.25 26.92
C SER C 227 17.25 -3.42 26.36
N ARG C 228 16.75 -4.26 27.24
CA ARG C 228 15.97 -5.43 26.84
C ARG C 228 14.48 -5.20 27.06
N GLN C 229 13.66 -6.09 26.49
CA GLN C 229 12.21 -5.98 26.63
C GLN C 229 11.64 -7.21 27.33
N MET A 1 -16.31 -16.26 -26.27
CA MET A 1 -17.48 -15.86 -25.45
C MET A 1 -18.26 -17.09 -24.97
N ASN A 2 -17.61 -18.26 -25.05
CA ASN A 2 -18.24 -19.50 -24.63
C ASN A 2 -17.81 -19.88 -23.22
N LEU A 3 -16.88 -19.11 -22.66
CA LEU A 3 -16.38 -19.37 -21.32
C LEU A 3 -17.27 -18.72 -20.26
N GLU A 4 -18.35 -19.42 -19.90
CA GLU A 4 -19.28 -18.92 -18.90
C GLU A 4 -19.11 -19.65 -17.57
N SER A 5 -18.63 -18.94 -16.56
CA SER A 5 -18.41 -19.52 -15.24
C SER A 5 -19.38 -18.94 -14.22
N LEU A 6 -19.92 -19.80 -13.37
CA LEU A 6 -20.87 -19.39 -12.34
C LEU A 6 -20.28 -19.58 -10.94
N LEU A 7 -19.19 -20.35 -10.88
CA LEU A 7 -18.53 -20.62 -9.61
C LEU A 7 -18.02 -19.32 -8.96
N HIS A 8 -17.44 -18.46 -9.78
CA HIS A 8 -16.91 -17.18 -9.30
C HIS A 8 -18.03 -16.31 -8.74
N TRP A 9 -19.20 -16.38 -9.37
CA TRP A 9 -20.35 -15.60 -8.94
C TRP A 9 -20.87 -16.09 -7.59
N ILE A 10 -21.13 -17.39 -7.50
CA ILE A 10 -21.63 -17.99 -6.26
C ILE A 10 -20.67 -17.70 -5.11
N TYR A 11 -19.38 -17.65 -5.43
CA TYR A 11 -18.36 -17.36 -4.44
C TYR A 11 -18.63 -16.01 -3.78
N VAL A 12 -19.02 -15.05 -4.62
CA VAL A 12 -19.33 -13.70 -4.16
C VAL A 12 -20.43 -13.72 -3.09
N ALA A 13 -21.50 -14.44 -3.39
CA ALA A 13 -22.65 -14.55 -2.49
C ALA A 13 -22.23 -15.09 -1.12
N GLY A 14 -21.41 -16.14 -1.12
CA GLY A 14 -20.95 -16.72 0.13
C GLY A 14 -20.23 -15.73 1.02
N MET A 15 -19.37 -14.91 0.42
CA MET A 15 -18.63 -13.92 1.17
C MET A 15 -19.54 -12.81 1.68
N THR A 16 -20.58 -12.50 0.91
CA THR A 16 -21.54 -11.46 1.28
C THR A 16 -22.24 -11.79 2.59
N ILE A 17 -22.94 -12.91 2.62
CA ILE A 17 -23.67 -13.32 3.82
C ILE A 17 -22.73 -13.45 5.02
N GLY A 18 -21.46 -13.70 4.74
CA GLY A 18 -20.48 -13.84 5.81
C GLY A 18 -20.39 -12.57 6.65
N ALA A 19 -20.25 -11.43 5.98
CA ALA A 19 -20.15 -10.15 6.66
C ALA A 19 -21.48 -9.76 7.31
N LEU A 20 -22.57 -10.32 6.80
CA LEU A 20 -23.90 -10.04 7.32
C LEU A 20 -24.04 -10.59 8.74
N HIS A 21 -23.57 -11.82 8.95
CA HIS A 21 -23.65 -12.45 10.27
C HIS A 21 -22.90 -11.65 11.32
N PHE A 22 -21.99 -10.79 10.87
CA PHE A 22 -21.20 -9.96 11.76
C PHE A 22 -22.10 -9.09 12.62
N TRP A 23 -23.06 -8.42 11.98
CA TRP A 23 -24.00 -7.55 12.68
C TRP A 23 -24.98 -8.37 13.51
N SER A 24 -25.37 -9.54 12.99
CA SER A 24 -26.31 -10.41 13.68
C SER A 24 -25.68 -11.05 14.91
N LEU A 25 -24.35 -11.08 14.95
CA LEU A 25 -23.63 -11.66 16.07
C LEU A 25 -23.41 -10.64 17.19
N SER A 26 -23.70 -9.38 16.89
CA SER A 26 -23.54 -8.31 17.86
C SER A 26 -24.51 -8.49 19.04
N ARG A 27 -25.61 -9.22 18.80
CA ARG A 27 -26.59 -9.47 19.85
C ARG A 27 -25.88 -9.91 21.13
N ASN A 28 -24.77 -10.61 20.94
CA ASN A 28 -23.96 -11.09 22.04
C ASN A 28 -22.67 -11.74 21.51
N PRO A 29 -21.50 -11.39 22.09
CA PRO A 29 -20.23 -11.95 21.67
C PRO A 29 -19.85 -13.17 22.50
N ARG A 30 -19.27 -14.17 21.82
CA ARG A 30 -18.87 -15.40 22.49
C ARG A 30 -17.53 -15.25 23.20
N GLY A 31 -17.53 -14.52 24.31
CA GLY A 31 -16.31 -14.32 25.08
C GLY A 31 -15.41 -13.25 24.50
N VAL A 32 -15.17 -13.30 23.19
CA VAL A 32 -14.31 -12.33 22.54
C VAL A 32 -15.13 -11.23 21.85
N PRO A 33 -14.67 -9.97 21.93
CA PRO A 33 -15.36 -8.84 21.31
C PRO A 33 -15.46 -8.98 19.79
N GLN A 34 -16.32 -8.17 19.19
CA GLN A 34 -16.54 -8.20 17.75
C GLN A 34 -15.29 -7.83 16.97
N TYR A 35 -14.33 -7.18 17.63
CA TYR A 35 -13.10 -6.76 16.95
C TYR A 35 -12.48 -7.90 16.15
N GLU A 36 -12.60 -9.12 16.67
CA GLU A 36 -12.06 -10.29 15.98
C GLU A 36 -12.79 -10.52 14.66
N TYR A 37 -14.11 -10.58 14.72
CA TYR A 37 -14.92 -10.78 13.53
C TYR A 37 -14.86 -9.56 12.62
N LEU A 38 -14.43 -8.43 13.18
CA LEU A 38 -14.33 -7.18 12.42
C LEU A 38 -13.34 -7.35 11.28
N VAL A 39 -12.13 -7.81 11.61
CA VAL A 39 -11.10 -8.03 10.60
C VAL A 39 -11.54 -9.15 9.66
N ALA A 40 -12.20 -10.15 10.22
CA ALA A 40 -12.68 -11.28 9.44
C ALA A 40 -13.84 -10.87 8.56
N MET A 41 -14.32 -9.63 8.75
CA MET A 41 -15.42 -9.11 7.94
C MET A 41 -14.89 -8.43 6.68
N PHE A 42 -13.75 -7.75 6.82
CA PHE A 42 -13.15 -7.05 5.70
C PHE A 42 -12.64 -8.03 4.64
N ILE A 43 -12.18 -9.20 5.10
CA ILE A 43 -11.66 -10.22 4.19
C ILE A 43 -12.67 -10.63 3.12
N PRO A 44 -13.90 -11.06 3.51
CA PRO A 44 -14.93 -11.48 2.54
C PRO A 44 -15.44 -10.35 1.66
N ILE A 45 -15.49 -9.13 2.19
CA ILE A 45 -15.96 -7.99 1.42
C ILE A 45 -15.18 -7.81 0.12
N TRP A 46 -13.88 -7.55 0.24
CA TRP A 46 -13.03 -7.34 -0.92
C TRP A 46 -12.91 -8.63 -1.74
N SER A 47 -12.63 -9.73 -1.05
CA SER A 47 -12.49 -11.03 -1.71
C SER A 47 -13.79 -11.45 -2.39
N GLY A 48 -14.86 -10.71 -2.13
CA GLY A 48 -16.14 -11.03 -2.74
C GLY A 48 -16.28 -10.43 -4.12
N LEU A 49 -16.18 -9.11 -4.20
CA LEU A 49 -16.30 -8.40 -5.47
C LEU A 49 -15.22 -8.88 -6.45
N ALA A 50 -14.10 -9.34 -5.90
CA ALA A 50 -13.00 -9.85 -6.71
C ALA A 50 -13.45 -11.01 -7.59
N TYR A 51 -14.07 -12.00 -6.95
CA TYR A 51 -14.55 -13.17 -7.67
C TYR A 51 -15.74 -12.82 -8.56
N MET A 52 -16.47 -11.77 -8.20
CA MET A 52 -17.61 -11.32 -9.00
C MET A 52 -17.15 -11.03 -10.41
N ALA A 53 -15.95 -10.49 -10.53
CA ALA A 53 -15.37 -10.17 -11.82
C ALA A 53 -14.94 -11.43 -12.55
N MET A 54 -14.29 -12.33 -11.82
CA MET A 54 -13.83 -13.59 -12.39
C MET A 54 -14.96 -14.29 -13.12
N ALA A 55 -16.19 -14.02 -12.70
CA ALA A 55 -17.37 -14.63 -13.31
C ALA A 55 -17.74 -13.93 -14.62
N ILE A 56 -17.76 -12.61 -14.59
CA ILE A 56 -18.10 -11.83 -15.77
C ILE A 56 -16.87 -11.61 -16.67
N ASP A 57 -15.83 -12.39 -16.42
CA ASP A 57 -14.60 -12.29 -17.20
C ASP A 57 -14.02 -10.88 -17.16
N GLN A 58 -13.78 -10.39 -15.94
CA GLN A 58 -13.22 -9.06 -15.75
C GLN A 58 -11.96 -9.11 -14.91
N GLY A 59 -11.28 -7.98 -14.78
CA GLY A 59 -10.06 -7.93 -13.99
C GLY A 59 -8.93 -8.71 -14.64
N LYS A 60 -9.11 -9.07 -15.90
CA LYS A 60 -8.11 -9.81 -16.65
C LYS A 60 -7.28 -8.88 -17.53
N VAL A 61 -6.26 -9.41 -18.16
CA VAL A 61 -5.39 -8.63 -19.03
C VAL A 61 -4.71 -9.50 -20.07
N GLU A 62 -4.75 -9.05 -21.33
CA GLU A 62 -4.13 -9.79 -22.42
C GLU A 62 -2.80 -9.17 -22.80
N ALA A 63 -1.73 -9.62 -22.13
CA ALA A 63 -0.40 -9.10 -22.40
C ALA A 63 0.42 -10.09 -23.22
N ALA A 64 1.07 -9.59 -24.28
CA ALA A 64 1.88 -10.43 -25.14
C ALA A 64 1.06 -11.53 -25.80
N GLY A 65 -0.23 -11.28 -25.98
CA GLY A 65 -1.10 -12.26 -26.59
C GLY A 65 -1.55 -13.34 -25.62
N GLN A 66 -0.91 -13.37 -24.45
CA GLN A 66 -1.25 -14.35 -23.43
C GLN A 66 -2.19 -13.77 -22.39
N ILE A 67 -3.03 -14.61 -21.80
CA ILE A 67 -3.99 -14.18 -20.80
C ILE A 67 -3.43 -14.37 -19.40
N ALA A 68 -3.27 -13.26 -18.67
CA ALA A 68 -2.74 -13.30 -17.31
C ALA A 68 -3.84 -13.15 -16.28
N HIS A 69 -3.69 -13.83 -15.16
CA HIS A 69 -4.69 -13.78 -14.09
C HIS A 69 -4.38 -12.64 -13.11
N TYR A 70 -4.55 -11.41 -13.61
CA TYR A 70 -4.30 -10.22 -12.81
C TYR A 70 -5.20 -10.19 -11.57
N ALA A 71 -6.43 -10.67 -11.71
CA ALA A 71 -7.38 -10.70 -10.62
C ALA A 71 -7.04 -11.76 -9.57
N ARG A 72 -6.32 -12.78 -10.00
CA ARG A 72 -5.96 -13.87 -9.12
C ARG A 72 -4.94 -13.44 -8.05
N TYR A 73 -3.84 -12.83 -8.48
CA TYR A 73 -2.80 -12.41 -7.53
C TYR A 73 -3.15 -11.08 -6.84
N ILE A 74 -3.88 -10.21 -7.53
CA ILE A 74 -4.25 -8.91 -6.95
C ILE A 74 -5.03 -9.13 -5.65
N ASP A 75 -5.97 -10.07 -5.68
CA ASP A 75 -6.76 -10.36 -4.50
C ASP A 75 -5.88 -11.02 -3.45
N TRP A 76 -4.76 -11.56 -3.90
CA TRP A 76 -3.82 -12.22 -3.00
C TRP A 76 -2.82 -11.23 -2.43
N MET A 77 -2.99 -9.96 -2.80
CA MET A 77 -2.10 -8.91 -2.32
C MET A 77 -2.80 -8.06 -1.26
N VAL A 78 -4.13 -8.13 -1.22
CA VAL A 78 -4.91 -7.38 -0.25
C VAL A 78 -5.62 -8.29 0.74
N THR A 79 -6.01 -9.47 0.30
CA THR A 79 -6.71 -10.42 1.15
C THR A 79 -5.76 -11.23 2.02
N THR A 80 -4.64 -11.65 1.44
CA THR A 80 -3.65 -12.44 2.18
C THR A 80 -3.09 -11.67 3.38
N PRO A 81 -2.64 -10.42 3.20
CA PRO A 81 -2.09 -9.62 4.31
C PRO A 81 -3.08 -9.48 5.46
N LEU A 82 -4.35 -9.43 5.13
CA LEU A 82 -5.39 -9.29 6.15
C LEU A 82 -5.74 -10.64 6.76
N LEU A 83 -5.34 -11.71 6.07
CA LEU A 83 -5.60 -13.06 6.56
C LEU A 83 -4.69 -13.37 7.74
N LEU A 84 -3.41 -13.06 7.60
CA LEU A 84 -2.43 -13.30 8.64
C LEU A 84 -2.57 -12.28 9.77
N LEU A 85 -3.02 -11.09 9.41
CA LEU A 85 -3.21 -10.02 10.38
C LEU A 85 -4.26 -10.40 11.42
N SER A 86 -5.30 -11.10 10.97
CA SER A 86 -6.37 -11.53 11.85
C SER A 86 -5.83 -12.47 12.92
N LEU A 87 -4.72 -13.13 12.63
CA LEU A 87 -4.09 -14.05 13.56
C LEU A 87 -3.46 -13.30 14.72
N SER A 88 -2.93 -12.11 14.44
CA SER A 88 -2.30 -11.29 15.47
C SER A 88 -3.35 -10.73 16.42
N TRP A 89 -4.56 -10.53 15.91
CA TRP A 89 -5.65 -10.01 16.73
C TRP A 89 -6.33 -11.12 17.52
N THR A 90 -6.27 -12.34 17.00
CA THR A 90 -6.88 -13.49 17.66
C THR A 90 -5.98 -14.03 18.76
N ALA A 91 -4.67 -13.79 18.63
CA ALA A 91 -3.71 -14.26 19.62
C ALA A 91 -3.41 -13.17 20.64
N MET A 92 -3.40 -11.92 20.19
CA MET A 92 -3.12 -10.79 21.07
C MET A 92 -4.31 -9.84 21.14
N GLN A 93 -4.96 -9.79 22.30
CA GLN A 93 -6.11 -8.91 22.49
C GLN A 93 -5.66 -7.47 22.64
N PHE A 94 -4.42 -7.28 23.07
CA PHE A 94 -3.87 -5.94 23.26
C PHE A 94 -2.44 -5.88 22.72
N ILE A 95 -2.10 -4.76 22.09
CA ILE A 95 -0.77 -4.57 21.53
C ILE A 95 -0.14 -3.27 21.99
N LYS A 96 1.17 -3.29 22.20
CA LYS A 96 1.90 -2.11 22.64
C LYS A 96 2.38 -1.31 21.44
N LYS A 97 2.96 -0.14 21.70
CA LYS A 97 3.46 0.73 20.65
C LYS A 97 4.87 0.32 20.22
N ASP A 98 5.01 -0.96 19.88
CA ASP A 98 6.31 -1.49 19.46
C ASP A 98 6.14 -2.39 18.24
N TRP A 99 6.31 -1.80 17.05
CA TRP A 99 6.18 -2.54 15.80
C TRP A 99 7.36 -3.49 15.59
N THR A 100 7.31 -4.64 16.25
CA THR A 100 8.38 -5.63 16.14
C THR A 100 7.85 -6.96 15.60
N LEU A 101 6.91 -7.55 16.33
CA LEU A 101 6.31 -8.83 15.93
C LEU A 101 5.39 -8.65 14.73
N ILE A 102 4.36 -7.81 14.90
CA ILE A 102 3.39 -7.56 13.84
C ILE A 102 4.08 -7.06 12.57
N GLY A 103 5.13 -6.26 12.74
CA GLY A 103 5.87 -5.73 11.61
C GLY A 103 6.63 -6.80 10.85
N PHE A 104 7.07 -7.84 11.56
CA PHE A 104 7.81 -8.92 10.95
C PHE A 104 6.96 -9.65 9.92
N LEU A 105 5.74 -10.02 10.32
CA LEU A 105 4.83 -10.74 9.44
C LEU A 105 4.45 -9.90 8.21
N MET A 106 4.16 -8.63 8.44
CA MET A 106 3.78 -7.72 7.36
C MET A 106 4.84 -7.67 6.26
N SER A 107 6.10 -7.68 6.65
CA SER A 107 7.20 -7.63 5.69
C SER A 107 7.33 -8.94 4.93
N THR A 108 7.27 -10.05 5.67
CA THR A 108 7.38 -11.38 5.07
C THR A 108 6.22 -11.68 4.13
N GLN A 109 5.12 -10.95 4.30
CA GLN A 109 3.95 -11.16 3.47
C GLN A 109 4.13 -10.51 2.09
N ILE A 110 4.70 -9.31 2.08
CA ILE A 110 4.94 -8.60 0.83
C ILE A 110 5.87 -9.40 -0.08
N VAL A 111 6.80 -10.12 0.54
CA VAL A 111 7.76 -10.93 -0.21
C VAL A 111 7.07 -12.11 -0.90
N VAL A 112 6.23 -12.82 -0.14
CA VAL A 112 5.52 -13.97 -0.68
C VAL A 112 4.59 -13.58 -1.82
N ILE A 113 3.86 -12.48 -1.63
CA ILE A 113 2.93 -11.99 -2.66
C ILE A 113 3.65 -11.80 -4.00
N THR A 114 4.87 -11.27 -3.93
CA THR A 114 5.66 -11.04 -5.12
C THR A 114 5.92 -12.33 -5.87
N SER A 115 6.18 -13.41 -5.13
CA SER A 115 6.42 -14.70 -5.74
C SER A 115 5.23 -15.12 -6.59
N GLY A 116 4.06 -15.17 -5.98
CA GLY A 116 2.85 -15.55 -6.70
C GLY A 116 2.44 -14.50 -7.71
N LEU A 117 3.03 -13.32 -7.60
CA LEU A 117 2.74 -12.21 -8.50
C LEU A 117 3.31 -12.50 -9.89
N ILE A 118 4.61 -12.74 -9.95
CA ILE A 118 5.30 -13.01 -11.21
C ILE A 118 5.16 -14.48 -11.61
N ALA A 119 4.92 -15.35 -10.63
CA ALA A 119 4.77 -16.79 -10.88
C ALA A 119 3.79 -17.03 -12.03
N ASP A 120 2.71 -16.26 -12.05
CA ASP A 120 1.70 -16.39 -13.09
C ASP A 120 2.07 -15.54 -14.30
N LEU A 121 2.92 -14.54 -14.08
CA LEU A 121 3.36 -13.66 -15.15
C LEU A 121 4.64 -14.18 -15.79
N SER A 122 4.80 -15.50 -15.81
CA SER A 122 5.98 -16.13 -16.39
C SER A 122 5.78 -16.37 -17.88
N GLU A 123 6.74 -15.92 -18.69
CA GLU A 123 6.66 -16.08 -20.13
C GLU A 123 7.24 -17.42 -20.57
N ARG A 124 8.56 -17.56 -20.45
CA ARG A 124 9.24 -18.79 -20.84
C ARG A 124 8.98 -19.91 -19.82
N ASP A 125 8.71 -21.11 -20.32
CA ASP A 125 8.45 -22.26 -19.45
C ASP A 125 9.73 -22.79 -18.83
N TRP A 126 10.87 -22.29 -19.30
CA TRP A 126 12.16 -22.72 -18.80
C TRP A 126 12.49 -22.01 -17.49
N VAL A 127 12.29 -20.69 -17.47
CA VAL A 127 12.57 -19.88 -16.29
C VAL A 127 11.47 -20.04 -15.24
N ARG A 128 10.28 -20.43 -15.68
CA ARG A 128 9.15 -20.60 -14.79
C ARG A 128 9.47 -21.61 -13.68
N TYR A 129 10.30 -22.59 -14.01
CA TYR A 129 10.67 -23.63 -13.05
C TYR A 129 11.61 -23.08 -11.99
N LEU A 130 12.34 -22.02 -12.32
CA LEU A 130 13.28 -21.42 -11.38
C LEU A 130 12.58 -20.45 -10.43
N TRP A 131 11.76 -19.56 -10.98
CA TRP A 131 11.04 -18.59 -10.17
C TRP A 131 10.13 -19.29 -9.16
N TYR A 132 9.69 -20.49 -9.51
CA TYR A 132 8.83 -21.27 -8.64
C TYR A 132 9.59 -21.71 -7.38
N ILE A 133 10.82 -22.18 -7.57
CA ILE A 133 11.65 -22.63 -6.47
C ILE A 133 12.04 -21.45 -5.58
N CYS A 134 12.14 -20.27 -6.19
CA CYS A 134 12.50 -19.06 -5.46
C CYS A 134 11.41 -18.70 -4.43
N GLY A 135 10.16 -18.90 -4.82
CA GLY A 135 9.05 -18.60 -3.94
C GLY A 135 9.02 -19.49 -2.71
N VAL A 136 8.98 -20.80 -2.94
CA VAL A 136 8.95 -21.76 -1.84
C VAL A 136 10.14 -21.56 -0.91
N CYS A 137 11.27 -21.16 -1.49
CA CYS A 137 12.48 -20.94 -0.71
C CYS A 137 12.25 -19.83 0.33
N ALA A 138 11.48 -18.82 -0.07
CA ALA A 138 11.17 -17.70 0.81
C ALA A 138 10.34 -18.17 2.00
N PHE A 139 9.42 -19.09 1.75
CA PHE A 139 8.57 -19.63 2.80
C PHE A 139 9.32 -20.69 3.60
N LEU A 140 10.43 -21.16 3.06
CA LEU A 140 11.24 -22.17 3.72
C LEU A 140 11.83 -21.60 5.00
N ILE A 141 12.58 -20.50 4.87
CA ILE A 141 13.20 -19.86 6.01
C ILE A 141 12.15 -19.28 6.95
N ILE A 142 11.08 -18.73 6.35
CA ILE A 142 10.01 -18.14 7.14
C ILE A 142 9.28 -19.21 7.95
N LEU A 143 9.14 -20.40 7.38
CA LEU A 143 8.47 -21.50 8.06
C LEU A 143 9.18 -21.82 9.37
N TRP A 144 10.51 -21.86 9.33
CA TRP A 144 11.31 -22.14 10.50
C TRP A 144 11.13 -21.04 11.55
N GLY A 145 10.84 -19.83 11.07
CA GLY A 145 10.65 -18.71 11.98
C GLY A 145 9.26 -18.70 12.60
N ILE A 146 8.27 -19.16 11.85
CA ILE A 146 6.89 -19.21 12.34
C ILE A 146 6.75 -20.28 13.41
N TRP A 147 7.63 -21.27 13.37
CA TRP A 147 7.62 -22.36 14.33
C TRP A 147 8.45 -22.02 15.55
N ASN A 148 8.95 -20.80 15.58
CA ASN A 148 9.78 -20.36 16.70
C ASN A 148 8.95 -19.87 17.89
N PRO A 149 7.94 -19.00 17.65
CA PRO A 149 7.10 -18.46 18.74
C PRO A 149 6.71 -19.53 19.76
N LEU A 150 6.55 -20.76 19.30
CA LEU A 150 6.18 -21.87 20.18
C LEU A 150 7.43 -22.49 20.82
N ARG A 151 8.32 -21.64 21.31
CA ARG A 151 9.55 -22.08 21.94
C ARG A 151 9.25 -23.04 23.09
N ALA A 152 10.16 -23.98 23.32
CA ALA A 152 9.98 -24.97 24.39
C ALA A 152 10.04 -24.30 25.76
N LYS A 153 10.63 -23.11 25.82
CA LYS A 153 10.76 -22.39 27.08
C LYS A 153 9.52 -21.55 27.37
N THR A 154 8.48 -21.70 26.55
CA THR A 154 7.24 -20.95 26.73
C THR A 154 6.38 -21.54 27.84
N ARG A 155 6.87 -22.64 28.41
CA ARG A 155 6.14 -23.32 29.50
C ARG A 155 6.09 -22.43 30.74
N THR A 156 7.10 -21.59 30.90
CA THR A 156 7.18 -20.69 32.04
C THR A 156 6.58 -19.32 31.71
N GLN A 157 6.56 -18.99 30.43
CA GLN A 157 6.00 -17.72 29.97
C GLN A 157 4.48 -17.72 30.08
N SER A 158 3.83 -18.45 29.18
CA SER A 158 2.38 -18.53 29.18
C SER A 158 1.92 -19.80 28.45
N SER A 159 1.33 -20.73 29.20
CA SER A 159 0.84 -21.98 28.64
C SER A 159 -0.49 -21.78 27.93
N GLU A 160 -1.28 -20.83 28.42
CA GLU A 160 -2.59 -20.52 27.85
C GLU A 160 -2.45 -20.01 26.42
N LEU A 161 -1.72 -18.91 26.26
CA LEU A 161 -1.51 -18.31 24.95
C LEU A 161 -0.81 -19.27 24.01
N ALA A 162 0.11 -20.06 24.55
CA ALA A 162 0.86 -21.03 23.75
C ALA A 162 -0.06 -22.11 23.21
N ASN A 163 -1.16 -22.37 23.92
CA ASN A 163 -2.12 -23.38 23.50
C ASN A 163 -2.96 -22.89 22.32
N LEU A 164 -3.30 -21.60 22.35
CA LEU A 164 -4.11 -21.00 21.29
C LEU A 164 -3.32 -20.91 19.99
N TYR A 165 -2.00 -20.70 20.12
CA TYR A 165 -1.13 -20.58 18.97
C TYR A 165 -0.79 -21.94 18.37
N ASP A 166 -0.73 -22.96 19.23
CA ASP A 166 -0.40 -24.30 18.78
C ASP A 166 -1.47 -24.83 17.81
N LYS A 167 -2.72 -24.60 18.15
CA LYS A 167 -3.84 -25.05 17.32
C LYS A 167 -4.11 -24.07 16.18
N LEU A 168 -3.64 -22.85 16.33
CA LEU A 168 -3.85 -21.81 15.31
C LEU A 168 -2.87 -21.95 14.15
N VAL A 169 -1.62 -22.26 14.47
CA VAL A 169 -0.57 -22.38 13.45
C VAL A 169 -0.69 -23.68 12.65
N THR A 170 -1.19 -24.74 13.28
CA THR A 170 -1.34 -26.03 12.60
C THR A 170 -2.20 -25.91 11.35
N TYR A 171 -3.32 -25.19 11.47
CA TYR A 171 -4.22 -25.00 10.34
C TYR A 171 -3.67 -23.96 9.38
N PHE A 172 -2.88 -23.03 9.92
CA PHE A 172 -2.29 -21.98 9.10
C PHE A 172 -1.29 -22.55 8.10
N THR A 173 -0.41 -23.44 8.58
CA THR A 173 0.60 -24.05 7.73
C THR A 173 -0.04 -24.91 6.64
N VAL A 174 -1.08 -25.65 6.98
CA VAL A 174 -1.77 -26.49 6.01
C VAL A 174 -2.27 -25.68 4.83
N LEU A 175 -2.70 -24.44 5.09
CA LEU A 175 -3.21 -23.57 4.03
C LEU A 175 -2.08 -23.03 3.16
N TRP A 176 -1.13 -22.35 3.79
CA TRP A 176 0.00 -21.78 3.07
C TRP A 176 0.76 -22.84 2.29
N ILE A 177 0.67 -24.08 2.75
CA ILE A 177 1.32 -25.20 2.06
C ILE A 177 0.41 -25.77 0.99
N GLY A 178 -0.90 -25.63 1.19
CA GLY A 178 -1.88 -26.13 0.25
C GLY A 178 -1.64 -25.64 -1.17
N TYR A 179 -1.56 -24.32 -1.34
CA TYR A 179 -1.34 -23.75 -2.67
C TYR A 179 -0.08 -24.31 -3.34
N PRO A 180 1.11 -24.18 -2.70
CA PRO A 180 2.36 -24.69 -3.27
C PRO A 180 2.23 -26.09 -3.86
N ILE A 181 1.33 -26.88 -3.28
CA ILE A 181 1.10 -28.25 -3.76
C ILE A 181 0.47 -28.26 -5.13
N VAL A 182 -0.70 -27.63 -5.25
CA VAL A 182 -1.42 -27.59 -6.51
C VAL A 182 -0.59 -26.90 -7.59
N TRP A 183 0.34 -26.04 -7.18
CA TRP A 183 1.19 -25.34 -8.14
C TRP A 183 2.18 -26.28 -8.79
N ILE A 184 2.46 -27.41 -8.14
CA ILE A 184 3.39 -28.40 -8.66
C ILE A 184 2.98 -28.87 -10.05
N ILE A 185 1.69 -29.10 -10.24
CA ILE A 185 1.18 -29.56 -11.52
C ILE A 185 0.10 -28.62 -12.06
N GLY A 186 -0.07 -28.63 -13.38
CA GLY A 186 -1.07 -27.77 -14.01
C GLY A 186 -0.46 -26.53 -14.63
N PRO A 187 -1.28 -25.70 -15.30
CA PRO A 187 -0.80 -24.47 -15.94
C PRO A 187 -0.05 -23.57 -14.98
N SER A 188 0.92 -22.82 -15.50
CA SER A 188 1.73 -21.92 -14.68
C SER A 188 2.44 -22.70 -13.59
N GLY A 189 2.50 -24.02 -13.76
CA GLY A 189 3.16 -24.88 -12.78
C GLY A 189 4.17 -25.80 -13.41
N PHE A 190 3.70 -26.73 -14.24
CA PHE A 190 4.57 -27.68 -14.92
C PHE A 190 3.86 -28.33 -16.09
N GLY A 191 2.54 -28.39 -16.02
CA GLY A 191 1.77 -29.00 -17.10
C GLY A 191 0.94 -28.00 -17.88
N TRP A 192 0.36 -28.46 -18.99
CA TRP A 192 -0.47 -27.61 -19.83
C TRP A 192 -1.87 -28.19 -19.96
N ILE A 193 -2.65 -28.10 -18.89
CA ILE A 193 -4.01 -28.63 -18.89
C ILE A 193 -5.01 -27.48 -19.06
N ASN A 194 -6.27 -27.82 -19.29
CA ASN A 194 -7.32 -26.82 -19.49
C ASN A 194 -7.25 -25.74 -18.41
N GLN A 195 -7.50 -24.50 -18.81
CA GLN A 195 -7.46 -23.36 -17.89
C GLN A 195 -8.74 -23.30 -17.05
N THR A 196 -9.76 -24.05 -17.46
CA THR A 196 -11.03 -24.07 -16.74
C THR A 196 -10.89 -24.78 -15.40
N ILE A 197 -10.16 -25.89 -15.40
CA ILE A 197 -9.95 -26.67 -14.18
C ILE A 197 -9.03 -25.93 -13.21
N ASP A 198 -8.00 -25.29 -13.74
CA ASP A 198 -7.05 -24.54 -12.91
C ASP A 198 -7.77 -23.54 -12.03
N THR A 199 -8.46 -22.59 -12.67
CA THR A 199 -9.20 -21.56 -11.94
C THR A 199 -10.29 -22.17 -11.05
N PHE A 200 -10.71 -23.38 -11.39
CA PHE A 200 -11.75 -24.06 -10.63
C PHE A 200 -11.21 -24.56 -9.30
N LEU A 201 -9.93 -24.94 -9.28
CA LEU A 201 -9.30 -25.45 -8.07
C LEU A 201 -8.81 -24.31 -7.17
N PHE A 202 -8.20 -23.28 -7.78
CA PHE A 202 -7.70 -22.15 -7.01
C PHE A 202 -8.82 -21.30 -6.44
N CYS A 203 -10.06 -21.70 -6.71
CA CYS A 203 -11.23 -20.99 -6.20
C CYS A 203 -11.74 -21.64 -4.91
N LEU A 204 -11.82 -22.96 -4.93
CA LEU A 204 -12.30 -23.72 -3.79
C LEU A 204 -11.28 -23.75 -2.66
N LEU A 205 -9.99 -23.77 -3.00
CA LEU A 205 -8.94 -23.80 -1.97
C LEU A 205 -9.02 -22.58 -1.06
N PRO A 206 -9.01 -21.34 -1.59
CA PRO A 206 -9.11 -20.14 -0.77
C PRO A 206 -10.39 -20.15 0.06
N PHE A 207 -11.46 -20.69 -0.52
CA PHE A 207 -12.74 -20.79 0.18
C PHE A 207 -12.58 -21.63 1.43
N PHE A 208 -11.68 -22.61 1.37
CA PHE A 208 -11.42 -23.48 2.51
C PHE A 208 -10.46 -22.83 3.48
N SER A 209 -9.74 -21.81 3.01
CA SER A 209 -8.79 -21.09 3.83
C SER A 209 -9.47 -19.99 4.62
N VAL A 211 -13.07 -19.57 5.16
CA VAL A 211 -14.08 -20.16 6.03
C VAL A 211 -13.42 -21.02 7.12
N GLY A 212 -12.29 -21.63 6.79
CA GLY A 212 -11.60 -22.47 7.75
C GLY A 212 -11.22 -21.73 9.01
N PHE A 213 -10.89 -20.45 8.86
CA PHE A 213 -10.50 -19.62 10.01
C PHE A 213 -11.70 -19.31 10.90
N SER A 214 -12.85 -19.13 10.28
CA SER A 214 -14.08 -18.83 11.02
C SER A 214 -14.35 -19.89 12.08
N PHE A 215 -14.48 -21.13 11.65
CA PHE A 215 -14.74 -22.25 12.55
C PHE A 215 -13.55 -22.47 13.48
N LEU A 216 -12.38 -22.00 13.05
CA LEU A 216 -11.16 -22.15 13.84
C LEU A 216 -11.24 -21.36 15.13
N ASP A 217 -11.42 -20.04 15.00
CA ASP A 217 -11.52 -19.17 16.16
C ASP A 217 -12.65 -19.60 17.09
N LEU A 218 -13.68 -20.22 16.52
CA LEU A 218 -14.81 -20.70 17.29
C LEU A 218 -14.39 -21.80 18.26
N HIS A 219 -13.61 -22.74 17.77
CA HIS A 219 -13.13 -23.85 18.59
C HIS A 219 -11.98 -23.40 19.49
N GLY A 220 -11.24 -22.40 19.03
CA GLY A 220 -10.12 -21.89 19.81
C GLY A 220 -10.57 -21.25 21.11
N LEU A 221 -11.83 -20.84 21.15
CA LEU A 221 -12.39 -20.21 22.34
C LEU A 221 -12.39 -21.18 23.51
N ARG A 222 -13.03 -22.34 23.31
CA ARG A 222 -13.10 -23.38 24.34
C ARG A 222 -13.83 -22.87 25.58
N ASN A 223 -13.09 -22.20 26.46
CA ASN A 223 -13.66 -21.66 27.70
C ASN A 223 -14.40 -20.35 27.42
N LEU A 224 -15.62 -20.24 27.93
CA LEU A 224 -16.42 -19.04 27.76
C LEU A 224 -16.08 -17.99 28.80
N ASN A 225 -15.31 -16.99 28.39
CA ASN A 225 -14.91 -15.91 29.30
C ASN A 225 -14.85 -14.57 28.57
N ASP A 226 -15.44 -13.55 29.18
CA ASP A 226 -15.47 -12.21 28.58
C ASP A 226 -14.67 -11.23 29.42
N SER A 227 -14.13 -10.20 28.77
CA SER A 227 -13.35 -9.19 29.45
C SER A 227 -14.11 -7.87 29.54
N ARG A 228 -14.29 -7.39 30.77
CA ARG A 228 -15.01 -6.14 30.99
C ARG A 228 -14.16 -4.94 30.60
N GLN A 229 -12.84 -5.08 30.71
CA GLN A 229 -11.92 -4.02 30.36
C GLN A 229 -12.00 -3.68 28.87
N MET B 1 -0.71 13.76 -32.24
CA MET B 1 -0.06 14.83 -31.44
C MET B 1 -0.85 16.14 -31.55
N ASN B 2 -2.15 16.02 -31.79
CA ASN B 2 -3.02 17.19 -31.94
C ASN B 2 -3.97 17.32 -30.75
N LEU B 3 -3.67 16.61 -29.66
CA LEU B 3 -4.49 16.65 -28.47
C LEU B 3 -3.81 17.41 -27.34
N GLU B 4 -4.10 18.70 -27.24
CA GLU B 4 -3.51 19.55 -26.20
C GLU B 4 -4.52 19.89 -25.13
N SER B 5 -4.04 20.08 -23.90
CA SER B 5 -4.90 20.42 -22.77
C SER B 5 -4.14 21.26 -21.75
N LEU B 6 -4.81 22.29 -21.23
CA LEU B 6 -4.20 23.17 -20.23
C LEU B 6 -5.00 23.14 -18.94
N LEU B 7 -6.08 22.36 -18.91
CA LEU B 7 -6.94 22.25 -17.74
C LEU B 7 -6.23 21.50 -16.61
N HIS B 8 -5.49 20.45 -16.98
CA HIS B 8 -4.77 19.65 -16.00
C HIS B 8 -3.58 20.42 -15.43
N TRP B 9 -2.99 21.29 -16.26
CA TRP B 9 -1.85 22.09 -15.84
C TRP B 9 -2.23 23.07 -14.72
N ILE B 10 -3.21 23.93 -15.00
CA ILE B 10 -3.67 24.91 -14.03
C ILE B 10 -4.08 24.22 -12.73
N TYR B 11 -4.59 23.00 -12.87
CA TYR B 11 -5.00 22.21 -11.72
C TYR B 11 -3.83 22.00 -10.79
N VAL B 12 -2.65 21.83 -11.38
CA VAL B 12 -1.43 21.62 -10.62
C VAL B 12 -1.05 22.88 -9.83
N ALA B 13 -1.05 24.02 -10.52
CA ALA B 13 -0.70 25.29 -9.89
C ALA B 13 -1.60 25.59 -8.69
N GLY B 14 -2.86 25.22 -8.79
CA GLY B 14 -3.79 25.46 -7.70
C GLY B 14 -3.47 24.64 -6.48
N MET B 15 -2.97 23.43 -6.70
CA MET B 15 -2.62 22.54 -5.60
C MET B 15 -1.31 22.95 -4.93
N THR B 16 -0.38 23.46 -5.73
CA THR B 16 0.91 23.88 -5.21
C THR B 16 0.78 25.02 -4.21
N ILE B 17 0.02 26.05 -4.58
CA ILE B 17 -0.19 27.20 -3.71
C ILE B 17 -0.89 26.78 -2.42
N GLY B 18 -1.80 25.82 -2.53
CA GLY B 18 -2.52 25.34 -1.37
C GLY B 18 -1.60 24.91 -0.23
N ALA B 19 -0.61 24.08 -0.56
CA ALA B 19 0.33 23.59 0.43
C ALA B 19 1.24 24.72 0.95
N LEU B 20 1.40 25.76 0.14
CA LEU B 20 2.23 26.90 0.53
C LEU B 20 1.58 27.70 1.65
N HIS B 21 0.25 27.80 1.59
CA HIS B 21 -0.50 28.53 2.60
C HIS B 21 -0.33 27.87 3.98
N PHE B 22 0.04 26.60 3.97
CA PHE B 22 0.23 25.84 5.20
C PHE B 22 1.34 26.46 6.04
N TRP B 23 2.41 26.89 5.38
CA TRP B 23 3.53 27.52 6.07
C TRP B 23 3.19 28.92 6.55
N SER B 24 2.49 29.67 5.71
CA SER B 24 2.10 31.04 6.04
C SER B 24 1.01 31.07 7.10
N LEU B 25 0.32 29.94 7.27
CA LEU B 25 -0.76 29.84 8.26
C LEU B 25 -0.22 29.41 9.63
N SER B 26 1.06 29.05 9.67
CA SER B 26 1.69 28.63 10.92
C SER B 26 1.84 29.80 11.88
N ARG B 27 1.84 31.02 11.34
CA ARG B 27 1.97 32.22 12.15
C ARG B 27 1.01 32.16 13.32
N ASN B 28 -0.16 31.59 13.06
CA ASN B 28 -1.19 31.41 14.08
C ASN B 28 -2.32 30.55 13.54
N PRO B 29 -2.76 29.53 14.30
CA PRO B 29 -3.83 28.64 13.90
C PRO B 29 -5.19 29.09 14.43
N ARG B 30 -6.26 28.70 13.74
CA ARG B 30 -7.61 29.08 14.15
C ARG B 30 -8.15 28.09 15.18
N GLY B 31 -7.51 28.04 16.35
CA GLY B 31 -7.94 27.14 17.39
C GLY B 31 -7.48 25.72 17.17
N VAL B 32 -7.52 25.27 15.92
CA VAL B 32 -7.10 23.92 15.57
C VAL B 32 -5.64 23.89 15.09
N PRO B 33 -4.81 23.00 15.66
CA PRO B 33 -3.40 22.90 15.28
C PRO B 33 -3.24 22.60 13.80
N GLN B 34 -2.04 22.87 13.28
CA GLN B 34 -1.74 22.67 11.87
C GLN B 34 -1.87 21.21 11.45
N TYR B 35 -1.87 20.29 12.43
CA TYR B 35 -1.98 18.86 12.12
C TYR B 35 -3.12 18.59 11.13
N GLU B 36 -4.20 19.35 11.26
CA GLU B 36 -5.34 19.21 10.37
C GLU B 36 -4.97 19.63 8.95
N TYR B 37 -4.32 20.78 8.84
CA TYR B 37 -3.89 21.29 7.55
C TYR B 37 -2.76 20.45 6.99
N LEU B 38 -2.09 19.70 7.88
CA LEU B 38 -0.99 18.83 7.48
C LEU B 38 -1.48 17.80 6.47
N VAL B 39 -2.52 17.08 6.85
CA VAL B 39 -3.10 16.07 5.96
C VAL B 39 -3.65 16.72 4.71
N ALA B 40 -4.23 17.90 4.87
CA ALA B 40 -4.79 18.65 3.75
C ALA B 40 -3.69 19.22 2.87
N MET B 41 -2.46 19.08 3.31
CA MET B 41 -1.31 19.59 2.55
C MET B 41 -0.79 18.53 1.57
N PHE B 42 -0.78 17.28 2.02
CA PHE B 42 -0.31 16.18 1.18
C PHE B 42 -1.29 15.89 0.04
N ILE B 43 -2.58 16.07 0.29
CA ILE B 43 -3.59 15.83 -0.73
C ILE B 43 -3.29 16.56 -2.05
N PRO B 44 -3.09 17.89 -2.00
CA PRO B 44 -2.80 18.68 -3.21
C PRO B 44 -1.42 18.36 -3.79
N ILE B 45 -0.46 18.03 -2.94
CA ILE B 45 0.89 17.71 -3.40
C ILE B 45 0.88 16.57 -4.43
N TRP B 46 0.38 15.41 -4.02
CA TRP B 46 0.33 14.25 -4.92
C TRP B 46 -0.58 14.51 -6.11
N SER B 47 -1.83 14.89 -5.83
CA SER B 47 -2.80 15.15 -6.88
C SER B 47 -2.29 16.20 -7.86
N GLY B 48 -1.38 17.05 -7.39
CA GLY B 48 -0.82 18.07 -8.25
C GLY B 48 -0.01 17.51 -9.39
N LEU B 49 1.04 16.77 -9.04
CA LEU B 49 1.91 16.15 -10.04
C LEU B 49 1.11 15.23 -10.96
N ALA B 50 0.08 14.61 -10.40
CA ALA B 50 -0.77 13.70 -11.17
C ALA B 50 -1.38 14.39 -12.37
N TYR B 51 -2.03 15.52 -12.14
CA TYR B 51 -2.67 16.27 -13.22
C TYR B 51 -1.63 16.95 -14.09
N MET B 52 -0.44 17.19 -13.55
CA MET B 52 0.63 17.81 -14.31
C MET B 52 0.93 16.97 -15.55
N ALA B 53 0.83 15.66 -15.39
CA ALA B 53 1.07 14.74 -16.48
C ALA B 53 -0.14 14.66 -17.40
N MET B 54 -1.33 14.68 -16.79
CA MET B 54 -2.57 14.62 -17.55
C MET B 54 -2.59 15.73 -18.60
N ALA B 55 -1.83 16.79 -18.35
CA ALA B 55 -1.75 17.92 -19.27
C ALA B 55 -0.76 17.63 -20.39
N ILE B 56 0.42 17.15 -20.03
CA ILE B 56 1.45 16.83 -21.00
C ILE B 56 1.20 15.47 -21.65
N ASP B 57 0.02 14.92 -21.40
CA ASP B 57 -0.36 13.61 -21.95
C ASP B 57 0.60 12.52 -21.48
N GLN B 58 0.59 12.25 -20.18
CA GLN B 58 1.45 11.22 -19.60
C GLN B 58 0.78 10.54 -18.42
N GLY B 59 1.14 9.27 -18.19
CA GLY B 59 0.56 8.52 -17.10
C GLY B 59 -0.43 7.48 -17.55
N LYS B 60 -0.99 7.67 -18.74
CA LYS B 60 -1.97 6.73 -19.29
C LYS B 60 -1.34 5.86 -20.37
N VAL B 61 -1.76 4.60 -20.41
CA VAL B 61 -1.25 3.65 -21.39
C VAL B 61 -2.37 3.07 -22.24
N GLU B 62 -2.04 2.69 -23.48
CA GLU B 62 -3.01 2.11 -24.39
C GLU B 62 -2.89 0.60 -24.45
N ALA B 63 -3.85 -0.10 -23.85
CA ALA B 63 -3.84 -1.56 -23.82
C ALA B 63 -4.91 -2.13 -24.75
N ALA B 64 -4.49 -3.04 -25.63
CA ALA B 64 -5.40 -3.66 -26.59
C ALA B 64 -6.06 -2.62 -27.48
N GLY B 65 -5.29 -1.60 -27.85
CA GLY B 65 -5.82 -0.55 -28.70
C GLY B 65 -6.78 0.36 -27.97
N GLN B 66 -7.02 0.07 -26.69
CA GLN B 66 -7.92 0.87 -25.87
C GLN B 66 -7.14 1.81 -24.97
N ILE B 67 -7.65 3.03 -24.83
CA ILE B 67 -6.99 4.03 -24.00
C ILE B 67 -7.56 4.03 -22.58
N ALA B 68 -6.81 3.43 -21.65
CA ALA B 68 -7.24 3.35 -20.26
C ALA B 68 -6.66 4.50 -19.45
N HIS B 69 -7.51 5.14 -18.64
CA HIS B 69 -7.08 6.25 -17.80
C HIS B 69 -6.35 5.75 -16.56
N TYR B 70 -5.11 5.31 -16.77
CA TYR B 70 -4.29 4.80 -15.68
C TYR B 70 -3.99 5.89 -14.65
N ALA B 71 -3.91 7.13 -15.12
CA ALA B 71 -3.61 8.26 -14.25
C ALA B 71 -4.83 8.72 -13.46
N ARG B 72 -6.02 8.50 -14.01
CA ARG B 72 -7.25 8.92 -13.35
C ARG B 72 -7.55 8.14 -12.08
N TYR B 73 -7.51 6.80 -12.17
CA TYR B 73 -7.82 5.97 -11.00
C TYR B 73 -6.64 5.90 -10.03
N ILE B 74 -5.42 5.90 -10.55
CA ILE B 74 -4.23 5.81 -9.69
C ILE B 74 -4.26 6.91 -8.64
N ASP B 75 -4.61 8.13 -9.06
CA ASP B 75 -4.69 9.25 -8.13
C ASP B 75 -5.85 9.03 -7.18
N TRP B 76 -6.80 8.20 -7.61
CA TRP B 76 -7.97 7.89 -6.80
C TRP B 76 -7.68 6.73 -5.87
N MET B 77 -6.43 6.29 -5.85
CA MET B 77 -6.02 5.19 -4.98
C MET B 77 -5.22 5.71 -3.79
N VAL B 78 -4.63 6.89 -3.94
CA VAL B 78 -3.83 7.48 -2.88
C VAL B 78 -4.44 8.76 -2.32
N THR B 79 -5.11 9.53 -3.17
CA THR B 79 -5.72 10.78 -2.75
C THR B 79 -7.01 10.56 -1.97
N THR B 80 -7.88 9.72 -2.50
CA THR B 80 -9.17 9.43 -1.86
C THR B 80 -9.00 8.93 -0.42
N PRO B 81 -8.15 7.90 -0.19
CA PRO B 81 -7.93 7.37 1.17
C PRO B 81 -7.55 8.46 2.16
N LEU B 82 -6.69 9.37 1.72
CA LEU B 82 -6.26 10.48 2.56
C LEU B 82 -7.36 11.51 2.73
N LEU B 83 -8.22 11.63 1.71
CA LEU B 83 -9.32 12.58 1.76
C LEU B 83 -10.33 12.16 2.83
N LEU B 84 -10.41 10.86 3.06
CA LEU B 84 -11.32 10.32 4.06
C LEU B 84 -10.67 10.37 5.45
N LEU B 85 -9.37 10.09 5.49
CA LEU B 85 -8.63 10.12 6.74
C LEU B 85 -8.65 11.51 7.35
N SER B 86 -8.66 12.53 6.49
CA SER B 86 -8.70 13.91 6.94
C SER B 86 -9.94 14.18 7.79
N LEU B 87 -10.97 13.37 7.58
CA LEU B 87 -12.22 13.51 8.32
C LEU B 87 -12.08 12.97 9.74
N SER B 88 -11.16 12.02 9.91
CA SER B 88 -10.93 11.41 11.22
C SER B 88 -10.12 12.34 12.12
N TRP B 89 -9.25 13.14 11.51
CA TRP B 89 -8.42 14.08 12.26
C TRP B 89 -9.21 15.33 12.67
N THR B 90 -10.09 15.78 11.79
CA THR B 90 -10.89 16.97 12.05
C THR B 90 -12.00 16.68 13.07
N ALA B 91 -12.38 15.41 13.17
CA ALA B 91 -13.42 15.00 14.10
C ALA B 91 -12.83 14.54 15.44
N MET B 92 -11.69 13.89 15.37
CA MET B 92 -11.03 13.39 16.57
C MET B 92 -9.66 14.06 16.77
N GLN B 93 -9.51 14.74 17.90
CA GLN B 93 -8.27 15.43 18.22
C GLN B 93 -7.23 14.45 18.75
N PHE B 94 -7.71 13.37 19.35
CA PHE B 94 -6.85 12.33 19.91
C PHE B 94 -7.39 10.94 19.60
N ILE B 95 -6.49 9.98 19.42
CA ILE B 95 -6.87 8.61 19.11
C ILE B 95 -6.15 7.62 20.01
N LYS B 96 -6.85 6.55 20.38
CA LYS B 96 -6.28 5.51 21.23
C LYS B 96 -5.83 4.30 20.41
N LYS B 97 -5.00 3.47 21.01
CA LYS B 97 -4.50 2.28 20.33
C LYS B 97 -5.57 1.19 20.29
N ASP B 98 -6.34 1.19 19.20
CA ASP B 98 -7.41 0.20 19.04
C ASP B 98 -7.61 -0.15 17.56
N TRP B 99 -7.58 0.86 16.70
CA TRP B 99 -7.77 0.66 15.27
C TRP B 99 -9.05 -0.10 14.98
N THR B 100 -10.19 0.53 15.30
CA THR B 100 -11.50 -0.07 15.08
C THR B 100 -12.31 0.76 14.09
N LEU B 101 -12.53 2.02 14.43
CA LEU B 101 -13.30 2.92 13.57
C LEU B 101 -12.50 3.29 12.33
N ILE B 102 -11.26 3.74 12.54
CA ILE B 102 -10.39 4.13 11.44
C ILE B 102 -10.15 2.96 10.48
N GLY B 103 -9.84 1.80 11.04
CA GLY B 103 -9.59 0.62 10.22
C GLY B 103 -10.79 0.24 9.37
N PHE B 104 -11.98 0.47 9.89
CA PHE B 104 -13.21 0.15 9.18
C PHE B 104 -13.35 1.01 7.93
N LEU B 105 -13.00 2.29 8.06
CA LEU B 105 -13.09 3.23 6.94
C LEU B 105 -12.02 2.93 5.89
N MET B 106 -10.82 2.62 6.34
CA MET B 106 -9.70 2.31 5.45
C MET B 106 -10.04 1.15 4.53
N SER B 107 -10.46 0.03 5.11
CA SER B 107 -10.81 -1.15 4.33
C SER B 107 -11.93 -0.85 3.34
N THR B 108 -12.90 -0.05 3.77
CA THR B 108 -14.02 0.32 2.93
C THR B 108 -13.56 1.06 1.68
N GLN B 109 -12.55 1.92 1.84
CA GLN B 109 -12.02 2.70 0.73
C GLN B 109 -11.39 1.79 -0.32
N ILE B 110 -10.56 0.84 0.12
CA ILE B 110 -9.89 -0.08 -0.79
C ILE B 110 -10.88 -0.78 -1.71
N VAL B 111 -12.07 -1.06 -1.18
CA VAL B 111 -13.12 -1.73 -1.96
C VAL B 111 -13.66 -0.82 -3.07
N VAL B 112 -14.04 0.41 -2.70
CA VAL B 112 -14.57 1.37 -3.66
C VAL B 112 -13.58 1.66 -4.77
N ILE B 113 -12.34 1.96 -4.39
CA ILE B 113 -11.30 2.26 -5.36
C ILE B 113 -11.16 1.16 -6.40
N THR B 114 -11.35 -0.08 -5.98
CA THR B 114 -11.25 -1.22 -6.88
C THR B 114 -12.28 -1.12 -8.00
N SER B 115 -13.53 -0.85 -7.63
CA SER B 115 -14.60 -0.74 -8.60
C SER B 115 -14.38 0.44 -9.54
N GLY B 116 -13.56 1.40 -9.10
CA GLY B 116 -13.28 2.57 -9.92
C GLY B 116 -12.22 2.33 -10.98
N LEU B 117 -11.20 1.57 -10.62
CA LEU B 117 -10.12 1.27 -11.55
C LEU B 117 -10.53 0.24 -12.60
N ILE B 118 -11.47 -0.63 -12.23
CA ILE B 118 -11.94 -1.67 -13.15
C ILE B 118 -13.01 -1.13 -14.09
N ALA B 119 -13.79 -0.18 -13.61
CA ALA B 119 -14.86 0.41 -14.40
C ALA B 119 -14.32 0.98 -15.71
N ASP B 120 -13.15 1.59 -15.64
CA ASP B 120 -12.51 2.17 -16.81
C ASP B 120 -11.83 1.10 -17.66
N LEU B 121 -11.37 0.04 -17.01
CA LEU B 121 -10.70 -1.06 -17.70
C LEU B 121 -11.72 -2.02 -18.32
N SER B 122 -12.97 -1.59 -18.40
CA SER B 122 -14.03 -2.41 -18.98
C SER B 122 -13.91 -2.45 -20.50
N GLU B 123 -13.75 -3.65 -21.05
CA GLU B 123 -13.63 -3.83 -22.49
C GLU B 123 -15.01 -3.89 -23.15
N ARG B 124 -15.71 -5.01 -22.94
CA ARG B 124 -17.04 -5.20 -23.51
C ARG B 124 -18.01 -4.14 -22.96
N ASP B 125 -18.88 -3.64 -23.83
CA ASP B 125 -19.84 -2.63 -23.43
C ASP B 125 -21.03 -3.24 -22.69
N TRP B 126 -21.22 -4.55 -22.86
CA TRP B 126 -22.32 -5.26 -22.21
C TRP B 126 -22.01 -5.53 -20.73
N VAL B 127 -20.75 -5.79 -20.44
CA VAL B 127 -20.31 -6.08 -19.08
C VAL B 127 -20.10 -4.79 -18.29
N ARG B 128 -19.85 -3.70 -19.01
CA ARG B 128 -19.63 -2.40 -18.39
C ARG B 128 -20.81 -2.01 -17.51
N TYR B 129 -22.01 -2.41 -17.91
CA TYR B 129 -23.22 -2.10 -17.16
C TYR B 129 -23.34 -2.95 -15.90
N LEU B 130 -22.62 -4.06 -15.86
CA LEU B 130 -22.65 -4.94 -14.69
C LEU B 130 -21.77 -4.40 -13.57
N TRP B 131 -20.51 -4.14 -13.89
CA TRP B 131 -19.56 -3.62 -12.90
C TRP B 131 -20.06 -2.30 -12.30
N TYR B 132 -20.63 -1.45 -13.14
CA TYR B 132 -21.15 -0.16 -12.70
C TYR B 132 -22.10 -0.33 -11.52
N ILE B 133 -23.01 -1.29 -11.61
CA ILE B 133 -23.97 -1.55 -10.56
C ILE B 133 -23.31 -2.19 -9.34
N CYS B 134 -22.23 -2.93 -9.58
CA CYS B 134 -21.52 -3.60 -8.50
C CYS B 134 -20.81 -2.59 -7.60
N GLY B 135 -20.25 -1.55 -8.21
CA GLY B 135 -19.55 -0.53 -7.45
C GLY B 135 -20.48 0.27 -6.56
N VAL B 136 -21.56 0.77 -7.14
CA VAL B 136 -22.54 1.55 -6.39
C VAL B 136 -23.15 0.71 -5.27
N CYS B 137 -23.22 -0.60 -5.48
CA CYS B 137 -23.77 -1.51 -4.49
C CYS B 137 -22.98 -1.45 -3.20
N ALA B 138 -21.66 -1.50 -3.31
CA ALA B 138 -20.79 -1.44 -2.14
C ALA B 138 -20.94 -0.09 -1.44
N PHE B 139 -21.26 0.93 -2.21
CA PHE B 139 -21.45 2.27 -1.66
C PHE B 139 -22.78 2.37 -0.92
N LEU B 140 -23.72 1.53 -1.30
CA LEU B 140 -25.05 1.52 -0.68
C LEU B 140 -24.98 1.02 0.76
N ILE B 141 -24.47 -0.19 0.93
CA ILE B 141 -24.36 -0.78 2.27
C ILE B 141 -23.57 0.12 3.21
N ILE B 142 -22.46 0.65 2.70
CA ILE B 142 -21.61 1.54 3.49
C ILE B 142 -22.31 2.86 3.79
N LEU B 143 -23.20 3.27 2.89
CA LEU B 143 -23.95 4.51 3.05
C LEU B 143 -24.69 4.51 4.38
N TRP B 144 -25.44 3.44 4.64
CA TRP B 144 -26.19 3.31 5.89
C TRP B 144 -25.25 3.29 7.08
N GLY B 145 -24.10 2.65 6.92
CA GLY B 145 -23.13 2.57 7.99
C GLY B 145 -22.56 3.93 8.35
N ILE B 146 -22.38 4.78 7.35
CA ILE B 146 -21.83 6.13 7.57
C ILE B 146 -22.83 6.99 8.33
N TRP B 147 -24.12 6.67 8.17
CA TRP B 147 -25.18 7.43 8.84
C TRP B 147 -25.46 6.86 10.21
N ASN B 148 -24.68 5.87 10.61
CA ASN B 148 -24.88 5.23 11.90
C ASN B 148 -24.24 6.03 13.03
N PRO B 149 -22.96 6.46 12.89
CA PRO B 149 -22.27 7.25 13.92
C PRO B 149 -23.17 8.30 14.57
N LEU B 150 -24.07 8.85 13.77
CA LEU B 150 -25.01 9.85 14.28
C LEU B 150 -26.23 9.19 14.88
N ARG B 151 -25.99 8.28 15.83
CA ARG B 151 -27.07 7.56 16.49
C ARG B 151 -28.03 8.52 17.17
N ALA B 152 -29.16 8.00 17.61
CA ALA B 152 -30.18 8.82 18.27
C ALA B 152 -29.83 9.03 19.75
N LYS B 153 -29.03 8.13 20.30
CA LYS B 153 -28.62 8.22 21.69
C LYS B 153 -27.40 9.11 21.86
N THR B 154 -26.98 9.73 20.77
CA THR B 154 -25.81 10.62 20.79
C THR B 154 -26.07 11.85 21.66
N ARG B 155 -27.36 12.12 21.91
CA ARG B 155 -27.75 13.27 22.72
C ARG B 155 -27.22 13.14 24.14
N THR B 156 -26.88 11.90 24.53
CA THR B 156 -26.36 11.64 25.86
C THR B 156 -24.85 11.46 25.85
N GLN B 157 -24.30 11.18 24.67
CA GLN B 157 -22.87 10.98 24.51
C GLN B 157 -22.15 12.32 24.36
N SER B 158 -22.36 12.99 23.23
CA SER B 158 -21.74 14.28 22.97
C SER B 158 -22.45 15.00 21.84
N SER B 159 -23.11 16.12 22.17
CA SER B 159 -23.83 16.91 21.18
C SER B 159 -22.88 17.76 20.34
N GLU B 160 -21.77 18.16 20.94
CA GLU B 160 -20.78 18.99 20.26
C GLU B 160 -20.11 18.20 19.13
N LEU B 161 -19.56 17.05 19.46
CA LEU B 161 -18.89 16.20 18.48
C LEU B 161 -19.87 15.76 17.38
N ALA B 162 -21.12 15.55 17.77
CA ALA B 162 -22.15 15.12 16.83
C ALA B 162 -22.50 16.26 15.87
N ASN B 163 -22.34 17.49 16.33
CA ASN B 163 -22.63 18.66 15.52
C ASN B 163 -21.64 18.80 14.37
N LEU B 164 -20.36 18.70 14.69
CA LEU B 164 -19.31 18.81 13.69
C LEU B 164 -19.44 17.71 12.64
N TYR B 165 -19.74 16.50 13.12
CA TYR B 165 -19.89 15.35 12.23
C TYR B 165 -21.17 15.45 11.42
N ASP B 166 -22.13 16.21 11.93
CA ASP B 166 -23.41 16.38 11.24
C ASP B 166 -23.23 17.06 9.90
N LYS B 167 -22.60 18.23 9.91
CA LYS B 167 -22.36 19.00 8.69
C LYS B 167 -21.19 18.43 7.90
N LEU B 168 -20.30 17.74 8.58
CA LEU B 168 -19.13 17.15 7.93
C LEU B 168 -19.51 16.00 7.02
N VAL B 169 -20.42 15.15 7.49
CA VAL B 169 -20.88 14.01 6.70
C VAL B 169 -21.84 14.44 5.59
N THR B 170 -22.46 15.60 5.77
CA THR B 170 -23.41 16.11 4.78
C THR B 170 -22.72 16.38 3.44
N TYR B 171 -21.71 17.24 3.45
CA TYR B 171 -20.99 17.59 2.24
C TYR B 171 -20.23 16.39 1.70
N PHE B 172 -19.73 15.55 2.60
CA PHE B 172 -18.98 14.36 2.21
C PHE B 172 -19.83 13.43 1.35
N THR B 173 -21.12 13.36 1.65
CA THR B 173 -22.04 12.52 0.90
C THR B 173 -22.28 13.06 -0.50
N VAL B 174 -22.42 14.38 -0.60
CA VAL B 174 -22.66 15.04 -1.89
C VAL B 174 -21.51 14.77 -2.87
N LEU B 175 -20.29 14.74 -2.36
CA LEU B 175 -19.12 14.50 -3.20
C LEU B 175 -19.04 13.04 -3.65
N TRP B 176 -19.05 12.13 -2.69
CA TRP B 176 -18.98 10.70 -2.99
C TRP B 176 -20.09 10.27 -3.93
N ILE B 177 -21.24 10.93 -3.83
CA ILE B 177 -22.38 10.62 -4.70
C ILE B 177 -22.29 11.41 -6.00
N GLY B 178 -21.53 12.50 -5.97
CA GLY B 178 -21.38 13.33 -7.15
C GLY B 178 -20.81 12.58 -8.33
N TYR B 179 -19.70 11.86 -8.13
CA TYR B 179 -19.08 11.11 -9.20
C TYR B 179 -20.04 10.08 -9.81
N PRO B 180 -20.60 9.16 -9.00
CA PRO B 180 -21.54 8.14 -9.51
C PRO B 180 -22.59 8.72 -10.45
N ILE B 181 -22.98 9.97 -10.20
CA ILE B 181 -23.99 10.64 -11.02
C ILE B 181 -23.48 10.87 -12.44
N VAL B 182 -22.36 11.56 -12.56
CA VAL B 182 -21.78 11.87 -13.87
C VAL B 182 -21.40 10.60 -14.61
N TRP B 183 -21.15 9.52 -13.88
CA TRP B 183 -20.78 8.25 -14.47
C TRP B 183 -21.95 7.63 -15.23
N ILE B 184 -23.15 8.09 -14.93
CA ILE B 184 -24.35 7.57 -15.58
C ILE B 184 -24.32 7.83 -17.09
N ILE B 185 -23.76 8.98 -17.47
CA ILE B 185 -23.67 9.34 -18.88
C ILE B 185 -22.22 9.55 -19.31
N GLY B 186 -21.99 9.53 -20.61
CA GLY B 186 -20.65 9.72 -21.14
C GLY B 186 -19.91 8.42 -21.35
N PRO B 187 -18.61 8.48 -21.68
CA PRO B 187 -17.79 7.28 -21.90
C PRO B 187 -17.57 6.49 -20.63
N SER B 188 -17.33 5.18 -20.78
CA SER B 188 -17.11 4.30 -19.65
C SER B 188 -18.31 4.33 -18.69
N GLY B 189 -19.43 4.81 -19.19
CA GLY B 189 -20.62 4.89 -18.37
C GLY B 189 -21.87 5.24 -19.17
N PHE B 190 -22.24 4.33 -20.08
CA PHE B 190 -23.42 4.53 -20.91
C PHE B 190 -23.30 5.82 -21.73
N GLY B 191 -22.84 5.69 -22.97
CA GLY B 191 -22.69 6.85 -23.83
C GLY B 191 -21.35 6.89 -24.52
N TRP B 192 -21.36 7.24 -25.80
CA TRP B 192 -20.12 7.32 -26.57
C TRP B 192 -19.94 8.71 -27.16
N ILE B 193 -19.29 9.59 -26.40
CA ILE B 193 -19.04 10.96 -26.83
C ILE B 193 -17.56 11.29 -26.77
N ASN B 194 -17.22 12.52 -27.15
CA ASN B 194 -15.85 12.98 -27.14
C ASN B 194 -15.20 12.73 -25.78
N GLN B 195 -13.98 12.23 -25.78
CA GLN B 195 -13.26 11.94 -24.54
C GLN B 195 -12.70 13.22 -23.93
N THR B 196 -12.74 14.30 -24.69
CA THR B 196 -12.24 15.59 -24.22
C THR B 196 -13.10 16.14 -23.10
N ILE B 197 -14.42 16.12 -23.30
CA ILE B 197 -15.35 16.63 -22.29
C ILE B 197 -15.37 15.72 -21.06
N ASP B 198 -15.10 14.44 -21.28
CA ASP B 198 -15.09 13.47 -20.18
C ASP B 198 -14.11 13.88 -19.09
N THR B 199 -12.85 14.07 -19.48
CA THR B 199 -11.82 14.48 -18.53
C THR B 199 -12.09 15.87 -17.97
N PHE B 200 -12.65 16.74 -18.81
CA PHE B 200 -12.97 18.10 -18.41
C PHE B 200 -13.91 18.12 -17.20
N LEU B 201 -14.82 17.17 -17.15
CA LEU B 201 -15.78 17.08 -16.05
C LEU B 201 -15.18 16.39 -14.83
N PHE B 202 -14.42 15.33 -15.06
CA PHE B 202 -13.80 14.60 -13.97
C PHE B 202 -12.60 15.35 -13.40
N CYS B 203 -12.33 16.54 -13.97
CA CYS B 203 -11.23 17.37 -13.50
C CYS B 203 -11.74 18.42 -12.52
N LEU B 204 -12.84 19.05 -12.89
CA LEU B 204 -13.45 20.10 -12.08
C LEU B 204 -14.11 19.54 -10.82
N LEU B 205 -14.78 18.39 -10.94
CA LEU B 205 -15.45 17.79 -9.80
C LEU B 205 -14.49 17.57 -8.63
N PRO B 206 -13.34 16.87 -8.84
CA PRO B 206 -12.37 16.65 -7.77
C PRO B 206 -11.90 17.96 -7.17
N PHE B 207 -11.66 18.95 -8.04
CA PHE B 207 -11.24 20.27 -7.58
C PHE B 207 -12.23 20.81 -6.56
N PHE B 208 -13.51 20.53 -6.79
CA PHE B 208 -14.58 20.97 -5.90
C PHE B 208 -14.67 20.05 -4.69
N SER B 209 -14.19 18.82 -4.86
CA SER B 209 -14.21 17.83 -3.79
C SER B 209 -12.99 17.97 -2.88
N VAL B 211 -11.05 21.36 -2.53
CA VAL B 211 -11.12 22.69 -1.92
C VAL B 211 -12.35 22.80 -1.02
N GLY B 212 -13.40 22.07 -1.37
CA GLY B 212 -14.62 22.10 -0.58
C GLY B 212 -14.39 21.68 0.85
N PHE B 213 -13.39 20.84 1.06
CA PHE B 213 -13.06 20.36 2.40
C PHE B 213 -12.32 21.44 3.19
N SER B 214 -11.58 22.28 2.48
CA SER B 214 -10.83 23.36 3.11
C SER B 214 -11.77 24.35 3.77
N PHE B 215 -12.63 24.97 2.96
CA PHE B 215 -13.59 25.94 3.47
C PHE B 215 -14.52 25.30 4.50
N LEU B 216 -14.72 23.99 4.38
CA LEU B 216 -15.59 23.27 5.30
C LEU B 216 -15.03 23.29 6.71
N ASP B 217 -13.75 22.93 6.83
CA ASP B 217 -13.09 22.90 8.13
C ASP B 217 -13.03 24.29 8.74
N LEU B 218 -13.08 25.31 7.89
CA LEU B 218 -13.02 26.69 8.35
C LEU B 218 -14.33 27.09 9.04
N HIS B 219 -15.44 26.53 8.58
CA HIS B 219 -16.75 26.83 9.16
C HIS B 219 -17.06 25.90 10.33
N GLY B 220 -16.52 24.70 10.27
CA GLY B 220 -16.75 23.72 11.32
C GLY B 220 -16.22 24.18 12.66
N LEU B 221 -15.28 25.13 12.63
CA LEU B 221 -14.68 25.66 13.85
C LEU B 221 -15.70 26.50 14.62
N ARG B 222 -16.30 27.46 13.92
CA ARG B 222 -17.29 28.35 14.51
C ARG B 222 -16.69 29.16 15.67
N ASN B 223 -16.63 28.54 16.85
CA ASN B 223 -16.08 29.20 18.03
C ASN B 223 -14.57 28.99 18.11
N LEU B 224 -13.87 29.99 18.63
CA LEU B 224 -12.42 29.91 18.77
C LEU B 224 -12.02 29.29 20.11
N ASN B 225 -11.32 28.17 20.04
CA ASN B 225 -10.88 27.48 21.26
C ASN B 225 -9.61 26.69 20.99
N ASP B 226 -8.49 27.19 21.52
CA ASP B 226 -7.20 26.53 21.33
C ASP B 226 -6.86 25.66 22.53
N SER B 227 -6.32 24.48 22.26
CA SER B 227 -5.92 23.55 23.32
C SER B 227 -4.45 23.70 23.66
N ARG B 228 -4.14 23.73 24.95
CA ARG B 228 -2.77 23.88 25.41
C ARG B 228 -2.12 22.52 25.63
N GLN B 229 -2.93 21.46 25.59
CA GLN B 229 -2.43 20.11 25.78
C GLN B 229 -1.77 19.58 24.50
N MET C 1 17.86 -14.01 -26.21
CA MET C 1 18.43 -15.07 -25.34
C MET C 1 19.95 -14.95 -25.27
N ASN C 2 20.48 -13.81 -25.71
CA ASN C 2 21.92 -13.57 -25.68
C ASN C 2 22.33 -12.85 -24.41
N LEU C 3 21.37 -12.17 -23.78
CA LEU C 3 21.63 -11.44 -22.55
C LEU C 3 21.77 -12.41 -21.37
N GLU C 4 22.90 -12.32 -20.67
CA GLU C 4 23.15 -13.19 -19.52
C GLU C 4 22.81 -12.47 -18.22
N SER C 5 23.58 -11.43 -17.91
CA SER C 5 23.36 -10.65 -16.69
C SER C 5 23.50 -11.52 -15.44
N LEU C 6 24.67 -11.46 -14.83
CA LEU C 6 24.94 -12.25 -13.61
C LEU C 6 25.12 -11.34 -12.41
N LEU C 7 25.15 -10.03 -12.65
CA LEU C 7 25.33 -9.06 -11.57
C LEU C 7 24.13 -9.09 -10.61
N HIS C 8 22.93 -9.07 -11.18
CA HIS C 8 21.71 -9.09 -10.38
C HIS C 8 21.64 -10.37 -9.54
N TRP C 9 22.32 -11.41 -10.00
CA TRP C 9 22.33 -12.69 -9.30
C TRP C 9 23.24 -12.60 -8.07
N ILE C 10 24.38 -11.94 -8.22
CA ILE C 10 25.31 -11.77 -7.12
C ILE C 10 24.77 -10.76 -6.12
N TYR C 11 23.85 -9.92 -6.60
CA TYR C 11 23.23 -8.90 -5.76
C TYR C 11 22.37 -9.53 -4.67
N VAL C 12 21.48 -10.44 -5.07
CA VAL C 12 20.62 -11.12 -4.13
C VAL C 12 21.41 -11.97 -3.15
N ALA C 13 22.50 -12.55 -3.63
CA ALA C 13 23.36 -13.40 -2.80
C ALA C 13 23.88 -12.63 -1.59
N GLY C 14 24.39 -11.42 -1.83
CA GLY C 14 24.91 -10.60 -0.75
C GLY C 14 23.84 -10.12 0.21
N MET C 15 22.63 -9.93 -0.31
CA MET C 15 21.52 -9.47 0.51
C MET C 15 21.03 -10.59 1.43
N THR C 16 21.19 -11.83 0.97
CA THR C 16 20.76 -12.98 1.75
C THR C 16 21.60 -13.13 3.02
N ILE C 17 22.92 -13.14 2.86
CA ILE C 17 23.82 -13.27 3.99
C ILE C 17 23.68 -12.09 4.94
N GLY C 18 23.21 -10.95 4.40
CA GLY C 18 23.03 -9.77 5.21
C GLY C 18 22.01 -9.97 6.31
N ALA C 19 20.87 -10.54 5.95
CA ALA C 19 19.80 -10.80 6.91
C ALA C 19 20.21 -11.88 7.91
N LEU C 20 21.10 -12.77 7.48
CA LEU C 20 21.58 -13.85 8.34
C LEU C 20 22.42 -13.29 9.48
N HIS C 21 23.10 -12.18 9.21
CA HIS C 21 23.96 -11.55 10.22
C HIS C 21 23.11 -11.02 11.37
N PHE C 22 21.83 -10.81 11.12
CA PHE C 22 20.91 -10.32 12.14
C PHE C 22 20.77 -11.31 13.28
N TRP C 23 20.60 -12.59 12.93
CA TRP C 23 20.45 -13.65 13.92
C TRP C 23 21.76 -13.93 14.64
N SER C 24 22.87 -13.77 13.93
CA SER C 24 24.18 -14.01 14.50
C SER C 24 24.63 -12.84 15.38
N LEU C 25 24.07 -11.66 15.14
CA LEU C 25 24.41 -10.48 15.91
C LEU C 25 23.54 -10.37 17.16
N SER C 26 22.61 -11.30 17.31
CA SER C 26 21.72 -11.32 18.46
C SER C 26 22.47 -11.71 19.74
N ARG C 27 23.58 -12.43 19.58
CA ARG C 27 24.39 -12.85 20.72
C ARG C 27 24.65 -11.66 21.63
N ASN C 28 24.76 -10.48 21.02
CA ASN C 28 24.99 -9.24 21.75
C ASN C 28 24.91 -8.05 20.79
N PRO C 29 24.16 -7.00 21.15
CA PRO C 29 24.01 -5.82 20.31
C PRO C 29 25.00 -4.71 20.71
N ARG C 30 25.16 -3.74 19.81
CA ARG C 30 26.07 -2.63 20.05
C ARG C 30 25.34 -1.41 20.62
N GLY C 31 24.83 -1.56 21.84
CA GLY C 31 24.10 -0.46 22.48
C GLY C 31 22.67 -0.38 22.03
N VAL C 32 22.46 -0.44 20.72
CA VAL C 32 21.11 -0.37 20.15
C VAL C 32 20.50 -1.76 19.98
N PRO C 33 19.26 -1.96 20.46
CA PRO C 33 18.56 -3.25 20.35
C PRO C 33 18.46 -3.73 18.90
N GLN C 34 18.18 -5.02 18.74
CA GLN C 34 18.08 -5.62 17.41
C GLN C 34 16.97 -4.99 16.57
N TYR C 35 16.04 -4.29 17.21
CA TYR C 35 14.93 -3.67 16.49
C TYR C 35 15.44 -2.84 15.31
N GLU C 36 16.59 -2.19 15.50
CA GLU C 36 17.18 -1.37 14.46
C GLU C 36 17.58 -2.23 13.26
N TYR C 37 18.37 -3.27 13.53
CA TYR C 37 18.83 -4.18 12.49
C TYR C 37 17.65 -4.95 11.89
N LEU C 38 16.55 -5.01 12.63
CA LEU C 38 15.35 -5.71 12.18
C LEU C 38 14.85 -5.08 10.88
N VAL C 39 14.67 -3.76 10.89
CA VAL C 39 14.21 -3.04 9.71
C VAL C 39 15.23 -3.19 8.58
N ALA C 40 16.50 -3.13 8.95
CA ALA C 40 17.59 -3.26 7.98
C ALA C 40 17.68 -4.69 7.44
N MET C 41 16.90 -5.59 8.02
CA MET C 41 16.89 -6.98 7.60
C MET C 41 15.86 -7.20 6.48
N PHE C 42 14.72 -6.54 6.59
CA PHE C 42 13.66 -6.67 5.60
C PHE C 42 14.05 -6.00 4.29
N ILE C 43 14.85 -4.94 4.36
CA ILE C 43 15.28 -4.22 3.17
C ILE C 43 15.96 -5.15 2.15
N PRO C 44 17.02 -5.89 2.56
CA PRO C 44 17.72 -6.81 1.66
C PRO C 44 16.89 -8.02 1.26
N ILE C 45 15.97 -8.43 2.13
CA ILE C 45 15.12 -9.59 1.84
C ILE C 45 14.31 -9.38 0.57
N TRP C 46 13.44 -8.37 0.58
CA TRP C 46 12.60 -8.08 -0.58
C TRP C 46 13.45 -7.64 -1.77
N SER C 47 14.34 -6.68 -1.53
CA SER C 47 15.21 -6.16 -2.58
C SER C 47 16.11 -7.26 -3.14
N GLY C 48 16.19 -8.38 -2.41
CA GLY C 48 17.01 -9.48 -2.85
C GLY C 48 16.37 -10.27 -3.97
N LEU C 49 15.19 -10.83 -3.71
CA LEU C 49 14.48 -11.61 -4.70
C LEU C 49 14.18 -10.78 -5.94
N ALA C 50 14.08 -9.47 -5.76
CA ALA C 50 13.81 -8.55 -6.85
C ALA C 50 14.90 -8.61 -7.91
N TYR C 51 16.14 -8.42 -7.50
CA TYR C 51 17.28 -8.44 -8.42
C TYR C 51 17.50 -9.85 -8.97
N MET C 52 17.28 -10.86 -8.12
CA MET C 52 17.46 -12.24 -8.55
C MET C 52 16.67 -12.50 -9.83
N ALA C 53 15.54 -11.82 -9.96
CA ALA C 53 14.71 -11.94 -11.15
C ALA C 53 15.31 -11.19 -12.32
N MET C 54 15.76 -9.97 -12.05
CA MET C 54 16.38 -9.14 -13.07
C MET C 54 17.56 -9.86 -13.70
N ALA C 55 18.08 -10.87 -13.00
CA ALA C 55 19.20 -11.66 -13.49
C ALA C 55 18.71 -12.72 -14.47
N ILE C 56 17.62 -13.39 -14.09
CA ILE C 56 17.04 -14.43 -14.93
C ILE C 56 16.12 -13.84 -15.99
N ASP C 57 16.15 -12.50 -16.12
CA ASP C 57 15.33 -11.79 -17.09
C ASP C 57 13.84 -11.96 -16.78
N GLN C 58 13.46 -11.63 -15.55
CA GLN C 58 12.07 -11.73 -15.12
C GLN C 58 11.65 -10.48 -14.36
N GLY C 59 10.36 -10.16 -14.42
CA GLY C 59 9.85 -8.99 -13.74
C GLY C 59 9.71 -7.80 -14.65
N LYS C 60 9.77 -8.04 -15.95
CA LYS C 60 9.63 -6.98 -16.95
C LYS C 60 8.51 -7.29 -17.93
N VAL C 61 8.03 -6.26 -18.61
CA VAL C 61 6.94 -6.42 -19.58
C VAL C 61 7.16 -5.54 -20.80
N GLU C 62 6.82 -6.05 -21.97
CA GLU C 62 6.97 -5.30 -23.22
C GLU C 62 5.72 -4.50 -23.52
N ALA C 63 5.80 -3.19 -23.29
CA ALA C 63 4.66 -2.31 -23.53
C ALA C 63 4.89 -1.41 -24.75
N ALA C 64 3.97 -1.47 -25.71
CA ALA C 64 4.07 -0.67 -26.93
C ALA C 64 5.34 -1.01 -27.70
N GLY C 65 5.81 -2.24 -27.54
CA GLY C 65 7.01 -2.67 -28.24
C GLY C 65 8.28 -2.27 -27.50
N GLN C 66 8.15 -1.40 -26.51
CA GLN C 66 9.29 -0.94 -25.74
C GLN C 66 9.41 -1.71 -24.43
N ILE C 67 10.65 -1.90 -23.98
CA ILE C 67 10.90 -2.63 -22.74
C ILE C 67 10.93 -1.68 -21.54
N ALA C 68 10.00 -1.86 -20.62
CA ALA C 68 9.94 -1.03 -19.43
C ALA C 68 10.49 -1.78 -18.21
N HIS C 69 11.34 -1.09 -17.45
CA HIS C 69 11.93 -1.69 -16.26
C HIS C 69 10.95 -1.70 -15.09
N TYR C 70 9.96 -2.59 -15.18
CA TYR C 70 8.95 -2.72 -14.14
C TYR C 70 9.57 -3.15 -12.82
N ALA C 71 10.63 -3.96 -12.90
CA ALA C 71 11.31 -4.45 -11.71
C ALA C 71 12.18 -3.37 -11.06
N ARG C 72 12.61 -2.42 -11.86
CA ARG C 72 13.47 -1.35 -11.38
C ARG C 72 12.75 -0.41 -10.41
N TYR C 73 11.57 0.09 -10.82
CA TYR C 73 10.83 1.01 -9.97
C TYR C 73 10.01 0.29 -8.90
N ILE C 74 9.54 -0.92 -9.21
CA ILE C 74 8.73 -1.68 -8.26
C ILE C 74 9.48 -1.86 -6.95
N ASP C 75 10.76 -2.20 -7.03
CA ASP C 75 11.58 -2.38 -5.85
C ASP C 75 11.81 -1.04 -5.19
N TRP C 76 11.64 0.02 -5.97
CA TRP C 76 11.81 1.38 -5.46
C TRP C 76 10.54 1.91 -4.85
N MET C 77 9.52 1.05 -4.80
CA MET C 77 8.23 1.43 -4.23
C MET C 77 8.05 0.81 -2.84
N VAL C 78 8.80 -0.26 -2.57
CA VAL C 78 8.71 -0.94 -1.29
C VAL C 78 10.00 -0.83 -0.49
N THR C 79 11.14 -0.85 -1.19
CA THR C 79 12.44 -0.78 -0.52
C THR C 79 12.77 0.63 -0.07
N THR C 80 12.66 1.61 -0.98
CA THR C 80 12.97 3.00 -0.67
C THR C 80 12.20 3.49 0.57
N PRO C 81 10.86 3.29 0.63
CA PRO C 81 10.07 3.72 1.79
C PRO C 81 10.63 3.20 3.10
N LEU C 82 11.02 1.93 3.10
CA LEU C 82 11.58 1.30 4.28
C LEU C 82 12.98 1.83 4.56
N LEU C 83 13.67 2.26 3.51
CA LEU C 83 15.02 2.79 3.64
C LEU C 83 14.96 4.14 4.35
N LEU C 84 13.85 4.84 4.16
CA LEU C 84 13.64 6.14 4.79
C LEU C 84 13.10 5.95 6.21
N LEU C 85 12.20 4.99 6.38
CA LEU C 85 11.62 4.70 7.69
C LEU C 85 12.70 4.25 8.66
N SER C 86 13.72 3.57 8.13
CA SER C 86 14.83 3.09 8.94
C SER C 86 15.54 4.26 9.61
N LEU C 87 15.45 5.44 8.98
CA LEU C 87 16.08 6.64 9.51
C LEU C 87 15.33 7.15 10.73
N SER C 88 14.04 6.84 10.80
CA SER C 88 13.20 7.26 11.91
C SER C 88 13.43 6.37 13.14
N TRP C 89 13.84 5.13 12.89
CA TRP C 89 14.10 4.19 13.97
C TRP C 89 15.48 4.42 14.58
N THR C 90 16.42 4.86 13.77
CA THR C 90 17.78 5.12 14.24
C THR C 90 17.88 6.49 14.90
N ALA C 91 16.96 7.38 14.55
CA ALA C 91 16.95 8.73 15.12
C ALA C 91 16.12 8.78 16.40
N MET C 92 15.03 8.01 16.43
CA MET C 92 14.15 7.97 17.58
C MET C 92 14.00 6.55 18.12
N GLN C 93 14.37 6.35 19.38
CA GLN C 93 14.28 5.04 20.01
C GLN C 93 12.84 4.71 20.37
N PHE C 94 12.08 5.73 20.76
CA PHE C 94 10.69 5.56 21.14
C PHE C 94 9.82 6.65 20.51
N ILE C 95 8.62 6.27 20.07
CA ILE C 95 7.70 7.21 19.45
C ILE C 95 6.34 7.17 20.15
N LYS C 96 5.71 8.33 20.29
CA LYS C 96 4.41 8.44 20.93
C LYS C 96 3.28 8.32 19.92
N LYS C 97 2.06 8.18 20.41
CA LYS C 97 0.89 8.05 19.55
C LYS C 97 0.44 9.41 19.03
N ASP C 98 1.10 9.89 17.98
CA ASP C 98 0.77 11.17 17.38
C ASP C 98 0.87 11.11 15.86
N TRP C 99 1.92 10.47 15.36
CA TRP C 99 2.14 10.33 13.93
C TRP C 99 2.05 11.69 13.23
N THR C 100 3.11 12.48 13.36
CA THR C 100 3.15 13.81 12.74
C THR C 100 4.32 13.91 11.76
N LEU C 101 5.54 13.68 12.27
CA LEU C 101 6.73 13.75 11.44
C LEU C 101 6.87 12.50 10.59
N ILE C 102 6.66 11.33 11.19
CA ILE C 102 6.76 10.07 10.48
C ILE C 102 5.77 10.01 9.32
N GLY C 103 4.62 10.64 9.51
CA GLY C 103 3.60 10.66 8.47
C GLY C 103 3.97 11.54 7.30
N PHE C 104 4.53 12.71 7.60
CA PHE C 104 4.93 13.65 6.56
C PHE C 104 6.03 13.06 5.69
N LEU C 105 6.93 12.30 6.32
CA LEU C 105 8.03 11.67 5.61
C LEU C 105 7.52 10.58 4.67
N MET C 106 6.73 9.67 5.22
CA MET C 106 6.18 8.57 4.45
C MET C 106 5.45 9.09 3.21
N SER C 107 4.68 10.16 3.40
CA SER C 107 3.92 10.76 2.31
C SER C 107 4.87 11.33 1.24
N THR C 108 5.92 11.98 1.69
CA THR C 108 6.91 12.57 0.79
C THR C 108 7.57 11.50 -0.08
N GLN C 109 7.62 10.28 0.44
CA GLN C 109 8.22 9.17 -0.30
C GLN C 109 7.31 8.69 -1.41
N ILE C 110 6.00 8.76 -1.18
CA ILE C 110 5.02 8.33 -2.16
C ILE C 110 5.08 9.15 -3.44
N VAL C 111 5.21 10.47 -3.28
CA VAL C 111 5.27 11.37 -4.44
C VAL C 111 6.55 11.17 -5.25
N VAL C 112 7.68 10.98 -4.55
CA VAL C 112 8.97 10.79 -5.22
C VAL C 112 8.98 9.52 -6.08
N ILE C 113 8.54 8.40 -5.50
CA ILE C 113 8.51 7.14 -6.22
C ILE C 113 7.69 7.25 -7.50
N THR C 114 6.62 8.03 -7.44
CA THR C 114 5.75 8.22 -8.60
C THR C 114 6.53 8.77 -9.79
N SER C 115 7.29 9.83 -9.54
CA SER C 115 8.09 10.45 -10.60
C SER C 115 9.15 9.49 -11.10
N GLY C 116 9.47 8.48 -10.29
CA GLY C 116 10.49 7.51 -10.66
C GLY C 116 9.95 6.40 -11.55
N LEU C 117 8.69 6.03 -11.33
CA LEU C 117 8.07 4.97 -12.12
C LEU C 117 7.54 5.50 -13.45
N ILE C 118 7.24 6.78 -13.49
CA ILE C 118 6.71 7.40 -14.71
C ILE C 118 7.85 7.80 -15.65
N ALA C 119 9.00 8.16 -15.08
CA ALA C 119 10.16 8.56 -15.86
C ALA C 119 10.57 7.46 -16.83
N ASP C 120 10.49 6.21 -16.38
CA ASP C 120 10.85 5.07 -17.22
C ASP C 120 9.74 4.74 -18.20
N LEU C 121 8.49 5.06 -17.82
CA LEU C 121 7.34 4.79 -18.67
C LEU C 121 7.18 5.89 -19.73
N SER C 122 8.21 6.70 -19.89
CA SER C 122 8.20 7.79 -20.87
C SER C 122 8.27 7.24 -22.29
N GLU C 123 7.33 7.66 -23.13
CA GLU C 123 7.27 7.21 -24.51
C GLU C 123 8.02 8.19 -25.42
N ARG C 124 7.51 9.40 -25.52
CA ARG C 124 8.14 10.43 -26.35
C ARG C 124 9.47 10.87 -25.74
N ASP C 125 10.45 11.11 -26.61
CA ASP C 125 11.77 11.52 -26.15
C ASP C 125 11.82 13.01 -25.81
N TRP C 126 10.78 13.73 -26.20
CA TRP C 126 10.72 15.17 -25.93
C TRP C 126 10.03 15.45 -24.61
N VAL C 127 9.09 14.59 -24.23
CA VAL C 127 8.36 14.75 -22.98
C VAL C 127 9.18 14.26 -21.80
N ARG C 128 10.10 13.35 -22.07
CA ARG C 128 10.96 12.79 -21.03
C ARG C 128 11.74 13.89 -20.31
N TYR C 129 12.01 14.98 -21.02
CA TYR C 129 12.75 16.10 -20.44
C TYR C 129 11.87 16.91 -19.50
N LEU C 130 10.56 16.87 -19.74
CA LEU C 130 9.61 17.60 -18.91
C LEU C 130 9.37 16.90 -17.58
N TRP C 131 9.01 15.63 -17.65
CA TRP C 131 8.76 14.84 -16.45
C TRP C 131 10.00 14.75 -15.57
N TYR C 132 11.17 14.75 -16.20
CA TYR C 132 12.43 14.67 -15.45
C TYR C 132 12.55 15.83 -14.47
N ILE C 133 12.38 17.05 -14.96
CA ILE C 133 12.47 18.24 -14.13
C ILE C 133 11.40 18.25 -13.04
N CYS C 134 10.25 17.68 -13.34
CA CYS C 134 9.14 17.62 -12.39
C CYS C 134 9.52 16.78 -11.17
N GLY C 135 10.23 15.69 -11.41
CA GLY C 135 10.65 14.82 -10.32
C GLY C 135 11.58 15.52 -9.35
N VAL C 136 12.70 16.03 -9.87
CA VAL C 136 13.68 16.73 -9.04
C VAL C 136 13.04 17.91 -8.32
N CYS C 137 12.07 18.55 -8.97
CA CYS C 137 11.38 19.70 -8.40
C CYS C 137 10.78 19.34 -7.04
N ALA C 138 10.16 18.17 -6.96
CA ALA C 138 9.55 17.71 -5.72
C ALA C 138 10.61 17.48 -4.66
N PHE C 139 11.78 17.02 -5.10
CA PHE C 139 12.89 16.75 -4.19
C PHE C 139 13.54 18.05 -3.72
N LEU C 140 13.39 19.11 -4.50
CA LEU C 140 13.97 20.41 -4.15
C LEU C 140 13.32 21.01 -2.91
N ILE C 141 11.99 21.16 -2.96
CA ILE C 141 11.25 21.73 -1.84
C ILE C 141 11.44 20.89 -0.58
N ILE C 142 11.40 19.57 -0.73
CA ILE C 142 11.56 18.67 0.39
C ILE C 142 12.97 18.77 0.97
N LEU C 143 13.95 18.98 0.09
CA LEU C 143 15.34 19.09 0.51
C LEU C 143 15.49 20.13 1.61
N TRP C 144 14.93 21.32 1.37
CA TRP C 144 15.00 22.39 2.36
C TRP C 144 14.31 21.98 3.66
N GLY C 145 13.26 21.17 3.52
CA GLY C 145 12.52 20.70 4.69
C GLY C 145 13.30 19.66 5.47
N ILE C 146 14.16 18.92 4.79
CA ILE C 146 14.97 17.90 5.44
C ILE C 146 16.09 18.53 6.27
N TRP C 147 16.52 19.71 5.85
CA TRP C 147 17.59 20.43 6.54
C TRP C 147 17.03 21.32 7.63
N ASN C 148 15.73 21.23 7.84
CA ASN C 148 15.08 22.04 8.86
C ASN C 148 15.20 21.44 10.26
N PRO C 149 14.91 20.13 10.44
CA PRO C 149 15.00 19.47 11.74
C PRO C 149 16.23 19.90 12.55
N LEU C 150 17.30 20.25 11.85
CA LEU C 150 18.53 20.69 12.51
C LEU C 150 18.51 22.20 12.70
N ARG C 151 17.43 22.71 13.30
CA ARG C 151 17.28 24.15 13.54
C ARG C 151 18.42 24.67 14.41
N ALA C 152 18.59 25.98 14.42
CA ALA C 152 19.65 26.62 15.21
C ALA C 152 19.27 26.66 16.68
N LYS C 153 17.97 26.62 16.96
CA LYS C 153 17.48 26.65 18.33
C LYS C 153 17.53 25.27 18.96
N THR C 154 18.06 24.30 18.21
CA THR C 154 18.17 22.92 18.69
C THR C 154 19.23 22.80 19.77
N ARG C 155 20.11 23.80 19.86
CA ARG C 155 21.18 23.78 20.84
C ARG C 155 20.63 23.70 22.26
N THR C 156 19.40 24.19 22.44
CA THR C 156 18.75 24.17 23.75
C THR C 156 17.88 22.93 23.92
N GLN C 157 17.45 22.36 22.80
CA GLN C 157 16.60 21.16 22.82
C GLN C 157 17.42 19.93 23.16
N SER C 158 18.27 19.50 22.24
CA SER C 158 19.11 18.33 22.44
C SER C 158 20.28 18.31 21.47
N SER C 159 21.49 18.42 22.01
CA SER C 159 22.70 18.42 21.19
C SER C 159 23.05 17.00 20.74
N GLU C 160 22.79 16.03 21.60
CA GLU C 160 23.09 14.63 21.29
C GLU C 160 22.26 14.13 20.12
N LEU C 161 20.95 14.35 20.19
CA LEU C 161 20.05 13.93 19.12
C LEU C 161 20.40 14.59 17.80
N ALA C 162 20.87 15.83 17.87
CA ALA C 162 21.24 16.58 16.68
C ALA C 162 22.56 16.07 16.10
N ASN C 163 23.36 15.41 16.94
CA ASN C 163 24.65 14.88 16.52
C ASN C 163 24.46 13.72 15.54
N LEU C 164 23.73 12.70 15.98
CA LEU C 164 23.50 11.52 15.14
C LEU C 164 22.65 11.87 13.93
N TYR C 165 21.86 12.93 14.04
CA TYR C 165 21.00 13.37 12.95
C TYR C 165 21.79 14.19 11.92
N ASP C 166 22.87 14.82 12.38
CA ASP C 166 23.71 15.63 11.51
C ASP C 166 24.48 14.77 10.53
N LYS C 167 25.09 13.70 11.04
CA LYS C 167 25.86 12.78 10.20
C LYS C 167 24.94 11.89 9.36
N LEU C 168 23.76 11.62 9.90
CA LEU C 168 22.78 10.78 9.20
C LEU C 168 22.27 11.46 7.94
N VAL C 169 21.63 12.61 8.11
CA VAL C 169 21.09 13.36 6.96
C VAL C 169 22.15 13.61 5.91
N THR C 170 23.38 13.84 6.34
CA THR C 170 24.48 14.10 5.43
C THR C 170 24.59 13.00 4.38
N TYR C 171 24.69 11.75 4.85
CA TYR C 171 24.80 10.61 3.96
C TYR C 171 23.49 10.35 3.23
N PHE C 172 22.38 10.70 3.88
CA PHE C 172 21.06 10.51 3.30
C PHE C 172 20.83 11.40 2.09
N THR C 173 21.45 12.59 2.10
CA THR C 173 21.30 13.53 1.01
C THR C 173 22.14 13.14 -0.20
N VAL C 174 23.36 12.67 0.03
CA VAL C 174 24.24 12.27 -1.06
C VAL C 174 23.68 11.08 -1.83
N LEU C 175 22.85 10.28 -1.17
CA LEU C 175 22.25 9.11 -1.81
C LEU C 175 21.08 9.51 -2.72
N TRP C 176 20.09 10.19 -2.13
CA TRP C 176 18.92 10.63 -2.87
C TRP C 176 19.30 11.53 -4.04
N ILE C 177 20.43 12.22 -3.93
CA ILE C 177 20.90 13.08 -4.99
C ILE C 177 21.75 12.30 -5.98
N GLY C 178 22.30 11.18 -5.50
CA GLY C 178 23.15 10.34 -6.33
C GLY C 178 22.44 9.85 -7.58
N TYR C 179 21.24 9.28 -7.41
CA TYR C 179 20.49 8.77 -8.56
C TYR C 179 20.23 9.88 -9.58
N PRO C 180 19.59 11.01 -9.17
CA PRO C 180 19.31 12.11 -10.09
C PRO C 180 20.51 12.47 -10.98
N ILE C 181 21.72 12.26 -10.45
CA ILE C 181 22.94 12.55 -11.20
C ILE C 181 23.09 11.64 -12.40
N VAL C 182 23.09 10.34 -12.16
CA VAL C 182 23.23 9.37 -13.24
C VAL C 182 22.07 9.45 -14.23
N TRP C 183 20.93 9.94 -13.76
CA TRP C 183 19.75 10.07 -14.62
C TRP C 183 19.94 11.17 -15.65
N ILE C 184 20.93 12.03 -15.41
CA ILE C 184 21.22 13.13 -16.32
C ILE C 184 21.66 12.61 -17.70
N ILE C 185 22.43 11.54 -17.70
CA ILE C 185 22.90 10.94 -18.94
C ILE C 185 22.45 9.48 -19.07
N GLY C 186 22.66 8.91 -20.26
CA GLY C 186 22.26 7.53 -20.48
C GLY C 186 20.82 7.39 -20.93
N PRO C 187 20.29 6.16 -20.97
CA PRO C 187 18.91 5.91 -21.39
C PRO C 187 17.90 6.48 -20.41
N SER C 188 16.68 6.71 -20.87
CA SER C 188 15.62 7.27 -20.03
C SER C 188 16.12 8.50 -19.27
N GLY C 189 17.12 9.17 -19.85
CA GLY C 189 17.68 10.36 -19.22
C GLY C 189 18.69 11.05 -20.11
N PHE C 190 18.23 11.55 -21.25
CA PHE C 190 19.10 12.25 -22.20
C PHE C 190 20.28 11.38 -22.61
N GLY C 191 20.10 10.63 -23.70
CA GLY C 191 21.15 9.76 -24.19
C GLY C 191 20.63 8.41 -24.61
N TRP C 192 21.31 7.78 -25.57
CA TRP C 192 20.91 6.47 -26.07
C TRP C 192 22.10 5.52 -26.16
N ILE C 193 22.54 5.02 -25.02
CA ILE C 193 23.66 4.10 -24.96
C ILE C 193 23.20 2.67 -24.68
N ASN C 194 24.15 1.75 -24.59
CA ASN C 194 23.84 0.36 -24.32
C ASN C 194 22.98 0.22 -23.07
N GLN C 195 21.96 -0.63 -23.15
CA GLN C 195 21.05 -0.85 -22.04
C GLN C 195 21.73 -1.66 -20.94
N THR C 196 22.78 -2.39 -21.31
CA THR C 196 23.53 -3.20 -20.36
C THR C 196 24.25 -2.33 -19.33
N ILE C 197 24.76 -1.19 -19.80
CA ILE C 197 25.48 -0.26 -18.93
C ILE C 197 24.52 0.41 -17.94
N ASP C 198 23.37 0.85 -18.44
CA ASP C 198 22.38 1.51 -17.61
C ASP C 198 22.01 0.66 -16.40
N THR C 199 21.55 -0.55 -16.66
CA THR C 199 21.16 -1.47 -15.58
C THR C 199 22.34 -1.87 -14.72
N PHE C 200 23.55 -1.71 -15.25
CA PHE C 200 24.76 -2.06 -14.52
C PHE C 200 25.09 -1.00 -13.48
N LEU C 201 24.85 0.27 -13.81
CA LEU C 201 25.12 1.37 -12.91
C LEU C 201 24.04 1.50 -11.84
N PHE C 202 22.79 1.31 -12.25
CA PHE C 202 21.67 1.42 -11.32
C PHE C 202 21.61 0.23 -10.37
N CYS C 203 22.56 -0.69 -10.51
CA CYS C 203 22.63 -1.86 -9.65
C CYS C 203 23.60 -1.63 -8.50
N LEU C 204 24.76 -1.06 -8.84
CA LEU C 204 25.80 -0.79 -7.85
C LEU C 204 25.44 0.40 -6.96
N LEU C 205 24.70 1.36 -7.51
CA LEU C 205 24.33 2.54 -6.74
C LEU C 205 23.48 2.16 -5.53
N PRO C 206 22.36 1.42 -5.71
CA PRO C 206 21.52 1.00 -4.58
C PRO C 206 22.34 0.18 -3.59
N PHE C 207 23.24 -0.64 -4.12
CA PHE C 207 24.11 -1.46 -3.28
C PHE C 207 24.95 -0.56 -2.38
N PHE C 208 25.18 0.66 -2.84
CA PHE C 208 25.96 1.64 -2.09
C PHE C 208 25.07 2.37 -1.09
N SER C 209 23.79 2.49 -1.43
CA SER C 209 22.83 3.18 -0.56
C SER C 209 22.38 2.25 0.57
N VAL C 211 23.97 -0.81 1.69
CA VAL C 211 25.13 -1.16 2.51
C VAL C 211 25.67 0.07 3.23
N GLY C 212 25.61 1.22 2.56
CA GLY C 212 26.10 2.46 3.14
C GLY C 212 25.46 2.78 4.48
N PHE C 213 24.20 2.40 4.63
CA PHE C 213 23.46 2.65 5.87
C PHE C 213 23.94 1.73 6.98
N SER C 214 24.34 0.52 6.61
CA SER C 214 24.84 -0.46 7.58
C SER C 214 26.03 0.09 8.36
N PHE C 215 27.11 0.36 7.63
CA PHE C 215 28.32 0.89 8.25
C PHE C 215 28.07 2.23 8.92
N LEU C 216 27.05 2.93 8.45
CA LEU C 216 26.70 4.24 9.01
C LEU C 216 26.19 4.10 10.43
N ASP C 217 25.21 3.22 10.62
CA ASP C 217 24.62 3.00 11.95
C ASP C 217 25.69 2.65 12.97
N LEU C 218 26.66 1.83 12.56
CA LEU C 218 27.75 1.43 13.46
C LEU C 218 28.62 2.62 13.83
N HIS C 219 28.84 3.53 12.89
CA HIS C 219 29.67 4.70 13.13
C HIS C 219 28.93 5.74 13.97
N GLY C 220 27.60 5.73 13.87
CA GLY C 220 26.80 6.68 14.62
C GLY C 220 26.72 6.33 16.10
N LEU C 221 27.00 5.07 16.41
CA LEU C 221 26.97 4.59 17.79
C LEU C 221 27.92 5.39 18.68
N ARG C 222 29.17 5.49 18.25
CA ARG C 222 30.19 6.22 19.01
C ARG C 222 30.37 5.64 20.41
N ASN C 223 29.55 6.10 21.35
CA ASN C 223 29.62 5.62 22.72
C ASN C 223 28.80 4.35 22.89
N LEU C 224 29.29 3.43 23.70
CA LEU C 224 28.60 2.16 23.93
C LEU C 224 27.65 2.27 25.13
N ASN C 225 26.41 2.66 24.85
CA ASN C 225 25.39 2.79 25.91
C ASN C 225 24.18 1.91 25.61
N ASP C 226 23.73 1.18 26.62
CA ASP C 226 22.58 0.30 26.47
C ASP C 226 21.43 0.71 27.40
N SER C 227 20.21 0.60 26.89
CA SER C 227 19.03 0.95 27.67
C SER C 227 18.38 -0.30 28.26
N ARG C 228 18.03 -0.23 29.54
CA ARG C 228 17.40 -1.35 30.23
C ARG C 228 15.89 -1.15 30.34
N GLN C 229 15.39 -0.15 29.62
CA GLN C 229 13.95 0.15 29.63
C GLN C 229 13.27 -0.39 28.39
N MET A 1 -18.14 -18.98 -23.94
CA MET A 1 -19.28 -19.91 -23.72
C MET A 1 -20.07 -19.54 -22.48
N ASN A 2 -21.28 -19.01 -22.67
CA ASN A 2 -22.12 -18.60 -21.57
C ASN A 2 -22.80 -19.81 -20.92
N LEU A 3 -22.08 -20.46 -20.01
CA LEU A 3 -22.59 -21.64 -19.32
C LEU A 3 -23.59 -21.24 -18.24
N GLU A 4 -24.30 -22.23 -17.71
CA GLU A 4 -25.29 -21.98 -16.66
C GLU A 4 -24.80 -22.50 -15.31
N SER A 5 -23.49 -22.44 -15.11
CA SER A 5 -22.88 -22.90 -13.87
C SER A 5 -21.71 -22.00 -13.48
N LEU A 6 -22.01 -20.87 -12.84
CA LEU A 6 -20.98 -19.93 -12.42
C LEU A 6 -20.61 -20.14 -10.95
N LEU A 7 -19.50 -20.82 -10.71
CA LEU A 7 -19.04 -21.09 -9.35
C LEU A 7 -18.44 -19.83 -8.73
N HIS A 8 -17.93 -18.94 -9.58
CA HIS A 8 -17.35 -17.69 -9.11
C HIS A 8 -18.44 -16.71 -8.71
N TRP A 9 -19.56 -16.76 -9.42
CA TRP A 9 -20.68 -15.88 -9.12
C TRP A 9 -21.30 -16.24 -7.77
N ILE A 10 -21.55 -17.53 -7.56
CA ILE A 10 -22.13 -17.99 -6.31
C ILE A 10 -21.14 -17.78 -5.17
N TYR A 11 -19.87 -17.64 -5.52
CA TYR A 11 -18.82 -17.41 -4.54
C TYR A 11 -19.08 -16.12 -3.77
N VAL A 12 -19.12 -15.00 -4.50
CA VAL A 12 -19.37 -13.71 -3.89
C VAL A 12 -20.71 -13.73 -3.14
N ALA A 13 -21.64 -14.52 -3.64
CA ALA A 13 -22.96 -14.63 -3.03
C ALA A 13 -22.86 -15.14 -1.59
N GLY A 14 -21.95 -16.09 -1.37
CA GLY A 14 -21.76 -16.64 -0.05
C GLY A 14 -20.98 -15.72 0.86
N MET A 15 -20.07 -14.95 0.28
CA MET A 15 -19.26 -14.01 1.05
C MET A 15 -20.10 -12.85 1.57
N THR A 16 -20.96 -12.32 0.71
CA THR A 16 -21.83 -11.21 1.08
C THR A 16 -22.75 -11.60 2.23
N ILE A 17 -23.55 -12.64 2.03
CA ILE A 17 -24.49 -13.10 3.04
C ILE A 17 -23.76 -13.44 4.35
N GLY A 18 -22.46 -13.72 4.24
CA GLY A 18 -21.68 -14.04 5.42
C GLY A 18 -21.62 -12.89 6.41
N ALA A 19 -21.05 -11.77 6.00
CA ALA A 19 -20.94 -10.59 6.85
C ALA A 19 -22.31 -10.13 7.33
N LEU A 20 -23.34 -10.46 6.56
CA LEU A 20 -24.71 -10.07 6.90
C LEU A 20 -25.24 -10.93 8.06
N HIS A 21 -24.85 -12.20 8.07
CA HIS A 21 -25.29 -13.13 9.11
C HIS A 21 -24.86 -12.64 10.48
N PHE A 22 -23.64 -12.14 10.57
CA PHE A 22 -23.11 -11.63 11.83
C PHE A 22 -23.69 -10.25 12.14
N TRP A 23 -24.19 -9.59 11.10
CA TRP A 23 -24.78 -8.26 11.26
C TRP A 23 -25.99 -8.33 12.19
N SER A 24 -26.78 -9.38 12.03
CA SER A 24 -27.97 -9.58 12.85
C SER A 24 -27.60 -10.15 14.21
N LEU A 25 -26.59 -11.00 14.24
CA LEU A 25 -26.13 -11.62 15.49
C LEU A 25 -25.23 -10.68 16.26
N SER A 26 -24.97 -9.51 15.69
CA SER A 26 -24.11 -8.52 16.32
C SER A 26 -24.65 -8.16 17.71
N ARG A 27 -25.96 -8.31 17.89
CA ARG A 27 -26.59 -8.01 19.18
C ARG A 27 -25.80 -8.66 20.30
N ASN A 28 -25.26 -9.83 20.02
CA ASN A 28 -24.46 -10.57 20.98
C ASN A 28 -23.66 -11.67 20.27
N PRO A 29 -22.35 -11.78 20.54
CA PRO A 29 -21.49 -12.78 19.94
C PRO A 29 -21.36 -14.04 20.79
N ARG A 30 -20.57 -14.99 20.31
CA ARG A 30 -20.36 -16.25 21.03
C ARG A 30 -19.18 -16.14 22.00
N GLY A 31 -19.02 -14.97 22.61
CA GLY A 31 -17.93 -14.78 23.55
C GLY A 31 -16.85 -13.88 22.99
N VAL A 32 -16.51 -14.06 21.72
CA VAL A 32 -15.49 -13.26 21.08
C VAL A 32 -16.00 -11.87 20.74
N PRO A 33 -15.19 -10.82 20.99
CA PRO A 33 -15.58 -9.44 20.69
C PRO A 33 -15.75 -9.19 19.20
N GLN A 34 -16.37 -8.07 18.86
CA GLN A 34 -16.62 -7.71 17.47
C GLN A 34 -15.32 -7.58 16.67
N TYR A 35 -14.20 -7.42 17.39
CA TYR A 35 -12.90 -7.27 16.74
C TYR A 35 -12.69 -8.34 15.66
N GLU A 36 -13.12 -9.56 15.96
CA GLU A 36 -12.99 -10.67 15.01
C GLU A 36 -13.89 -10.45 13.80
N TYR A 37 -15.14 -10.12 14.06
CA TYR A 37 -16.11 -9.88 12.99
C TYR A 37 -15.65 -8.74 12.10
N LEU A 38 -14.91 -7.81 12.69
CA LEU A 38 -14.41 -6.65 11.96
C LEU A 38 -13.53 -7.08 10.80
N VAL A 39 -12.39 -7.70 11.12
CA VAL A 39 -11.46 -8.18 10.11
C VAL A 39 -12.07 -9.29 9.27
N ALA A 40 -12.99 -10.04 9.87
CA ALA A 40 -13.66 -11.14 9.19
C ALA A 40 -14.74 -10.62 8.25
N MET A 41 -15.04 -9.33 8.35
CA MET A 41 -16.06 -8.71 7.51
C MET A 41 -15.45 -8.16 6.23
N PHE A 42 -14.26 -7.59 6.33
CA PHE A 42 -13.57 -7.02 5.18
C PHE A 42 -13.10 -8.10 4.21
N ILE A 43 -12.55 -9.19 4.75
CA ILE A 43 -12.04 -10.29 3.93
C ILE A 43 -13.06 -10.76 2.88
N PRO A 44 -14.31 -11.07 3.28
CA PRO A 44 -15.35 -11.53 2.34
C PRO A 44 -15.83 -10.43 1.40
N ILE A 45 -15.85 -9.19 1.89
CA ILE A 45 -16.30 -8.05 1.07
C ILE A 45 -15.41 -7.85 -0.14
N TRP A 46 -14.13 -7.56 0.09
CA TRP A 46 -13.19 -7.32 -0.99
C TRP A 46 -13.06 -8.55 -1.88
N SER A 47 -12.65 -9.66 -1.28
CA SER A 47 -12.49 -10.92 -2.01
C SER A 47 -13.77 -11.29 -2.74
N GLY A 48 -14.91 -10.83 -2.21
CA GLY A 48 -16.19 -11.14 -2.83
C GLY A 48 -16.27 -10.60 -4.25
N LEU A 49 -16.13 -9.29 -4.39
CA LEU A 49 -16.20 -8.65 -5.70
C LEU A 49 -15.15 -9.23 -6.65
N ALA A 50 -14.05 -9.71 -6.08
CA ALA A 50 -12.96 -10.29 -6.86
C ALA A 50 -13.43 -11.55 -7.59
N TYR A 51 -13.94 -12.51 -6.82
CA TYR A 51 -14.42 -13.76 -7.40
C TYR A 51 -15.58 -13.51 -8.36
N MET A 52 -16.46 -12.57 -8.00
CA MET A 52 -17.61 -12.24 -8.85
C MET A 52 -17.13 -11.86 -10.24
N ALA A 53 -15.94 -11.27 -10.31
CA ALA A 53 -15.37 -10.86 -11.58
C ALA A 53 -14.94 -12.07 -12.40
N MET A 54 -14.37 -13.05 -11.71
CA MET A 54 -13.93 -14.28 -12.35
C MET A 54 -15.09 -14.93 -13.11
N ALA A 55 -16.29 -14.79 -12.57
CA ALA A 55 -17.48 -15.35 -13.20
C ALA A 55 -17.77 -14.65 -14.51
N ILE A 56 -17.76 -13.33 -14.48
CA ILE A 56 -18.01 -12.53 -15.68
C ILE A 56 -16.80 -12.55 -16.61
N ASP A 57 -15.73 -13.19 -16.15
CA ASP A 57 -14.49 -13.30 -16.91
C ASP A 57 -13.90 -11.91 -17.20
N GLN A 58 -13.76 -11.11 -16.16
CA GLN A 58 -13.21 -9.77 -16.30
C GLN A 58 -12.14 -9.50 -15.23
N GLY A 59 -10.93 -9.16 -15.68
CA GLY A 59 -9.85 -8.89 -14.75
C GLY A 59 -8.55 -9.56 -15.17
N LYS A 60 -8.60 -10.30 -16.27
CA LYS A 60 -7.42 -11.00 -16.77
C LYS A 60 -6.95 -10.39 -18.08
N VAL A 61 -5.65 -10.54 -18.36
CA VAL A 61 -5.07 -9.99 -19.59
C VAL A 61 -4.50 -11.10 -20.47
N GLU A 62 -4.70 -10.96 -21.78
CA GLU A 62 -4.21 -11.95 -22.74
C GLU A 62 -2.78 -11.63 -23.15
N ALA A 63 -1.82 -12.22 -22.44
CA ALA A 63 -0.41 -12.00 -22.73
C ALA A 63 0.17 -13.14 -23.57
N ALA A 64 0.63 -12.81 -24.77
CA ALA A 64 1.21 -13.80 -25.67
C ALA A 64 0.21 -14.90 -26.02
N GLY A 65 -1.07 -14.55 -25.99
CA GLY A 65 -2.11 -15.52 -26.31
C GLY A 65 -2.52 -16.35 -25.12
N GLN A 66 -1.77 -16.26 -24.03
CA GLN A 66 -2.08 -17.02 -22.83
C GLN A 66 -2.83 -16.15 -21.82
N ILE A 67 -3.72 -16.77 -21.06
CA ILE A 67 -4.53 -16.07 -20.07
C ILE A 67 -3.81 -16.03 -18.72
N ALA A 68 -3.58 -14.82 -18.22
CA ALA A 68 -2.90 -14.64 -16.93
C ALA A 68 -3.92 -14.41 -15.81
N HIS A 69 -3.61 -14.94 -14.63
CA HIS A 69 -4.49 -14.80 -13.47
C HIS A 69 -4.16 -13.52 -12.70
N TYR A 70 -4.37 -12.39 -13.36
CA TYR A 70 -4.10 -11.09 -12.76
C TYR A 70 -5.00 -10.83 -11.54
N ALA A 71 -6.30 -10.91 -11.76
CA ALA A 71 -7.27 -10.68 -10.68
C ALA A 71 -7.10 -11.65 -9.52
N ARG A 72 -6.49 -12.80 -9.80
CA ARG A 72 -6.28 -13.81 -8.77
C ARG A 72 -5.28 -13.35 -7.71
N TYR A 73 -4.10 -12.92 -8.14
CA TYR A 73 -3.07 -12.47 -7.21
C TYR A 73 -3.49 -11.17 -6.53
N ILE A 74 -4.21 -10.33 -7.26
CA ILE A 74 -4.68 -9.05 -6.73
C ILE A 74 -5.38 -9.26 -5.40
N ASP A 75 -6.37 -10.15 -5.39
CA ASP A 75 -7.11 -10.44 -4.17
C ASP A 75 -6.18 -11.04 -3.14
N TRP A 76 -5.14 -11.73 -3.60
CA TRP A 76 -4.17 -12.34 -2.71
C TRP A 76 -3.16 -11.33 -2.21
N MET A 77 -3.39 -10.07 -2.54
CA MET A 77 -2.51 -8.99 -2.13
C MET A 77 -3.14 -8.18 -1.00
N VAL A 78 -4.46 -8.29 -0.88
CA VAL A 78 -5.19 -7.55 0.15
C VAL A 78 -5.83 -8.46 1.19
N THR A 79 -6.31 -9.62 0.76
CA THR A 79 -6.98 -10.56 1.67
C THR A 79 -5.97 -11.38 2.48
N THR A 80 -4.85 -11.73 1.86
CA THR A 80 -3.83 -12.53 2.54
C THR A 80 -3.19 -11.77 3.71
N PRO A 81 -2.72 -10.52 3.48
CA PRO A 81 -2.12 -9.72 4.55
C PRO A 81 -3.05 -9.56 5.74
N LEU A 82 -4.34 -9.40 5.44
CA LEU A 82 -5.35 -9.25 6.48
C LEU A 82 -5.62 -10.59 7.16
N LEU A 83 -5.50 -11.68 6.40
CA LEU A 83 -5.74 -13.01 6.94
C LEU A 83 -4.67 -13.36 7.97
N LEU A 84 -3.48 -12.78 7.79
CA LEU A 84 -2.37 -13.02 8.70
C LEU A 84 -2.47 -12.09 9.91
N LEU A 85 -2.93 -10.87 9.67
CA LEU A 85 -3.08 -9.89 10.73
C LEU A 85 -4.08 -10.38 11.78
N SER A 86 -5.12 -11.05 11.31
CA SER A 86 -6.16 -11.57 12.20
C SER A 86 -5.55 -12.51 13.24
N LEU A 87 -4.46 -13.17 12.87
CA LEU A 87 -3.79 -14.10 13.76
C LEU A 87 -3.16 -13.37 14.94
N SER A 88 -2.69 -12.15 14.70
CA SER A 88 -2.05 -11.35 15.74
C SER A 88 -3.08 -10.84 16.76
N TRP A 89 -4.25 -10.44 16.26
CA TRP A 89 -5.30 -9.94 17.13
C TRP A 89 -5.89 -11.05 18.00
N THR A 90 -5.80 -12.29 17.52
CA THR A 90 -6.31 -13.43 18.26
C THR A 90 -5.32 -13.91 19.32
N ALA A 91 -4.04 -13.61 19.10
CA ALA A 91 -2.99 -14.01 20.03
C ALA A 91 -2.78 -12.96 21.12
N MET A 92 -2.96 -11.70 20.74
CA MET A 92 -2.79 -10.58 21.67
C MET A 92 -3.99 -9.64 21.61
N GLN A 93 -4.90 -9.79 22.56
CA GLN A 93 -6.10 -8.95 22.62
C GLN A 93 -5.71 -7.48 22.82
N PHE A 94 -4.79 -7.24 23.74
CA PHE A 94 -4.34 -5.88 24.03
C PHE A 94 -2.93 -5.65 23.54
N ILE A 95 -2.65 -4.42 23.12
CA ILE A 95 -1.32 -4.06 22.63
C ILE A 95 -0.82 -2.78 23.30
N LYS A 96 0.48 -2.74 23.59
CA LYS A 96 1.07 -1.58 24.23
C LYS A 96 2.25 -1.05 23.42
N LYS A 97 3.32 -1.82 23.36
CA LYS A 97 4.51 -1.44 22.62
C LYS A 97 5.20 -2.66 22.01
N ASP A 98 4.84 -2.97 20.76
CA ASP A 98 5.42 -4.12 20.08
C ASP A 98 5.11 -4.07 18.58
N TRP A 99 5.62 -3.05 17.91
CA TRP A 99 5.41 -2.88 16.47
C TRP A 99 6.49 -3.58 15.67
N THR A 100 7.23 -4.48 16.33
CA THR A 100 8.29 -5.22 15.67
C THR A 100 7.82 -6.61 15.23
N LEU A 101 6.82 -7.12 15.92
CA LEU A 101 6.27 -8.44 15.61
C LEU A 101 5.30 -8.37 14.44
N ILE A 102 4.31 -7.49 14.54
CA ILE A 102 3.31 -7.33 13.49
C ILE A 102 3.95 -6.75 12.21
N GLY A 103 5.09 -6.08 12.38
CA GLY A 103 5.77 -5.49 11.25
C GLY A 103 6.51 -6.52 10.40
N PHE A 104 7.30 -7.36 11.07
CA PHE A 104 8.06 -8.39 10.37
C PHE A 104 7.13 -9.35 9.62
N LEU A 105 6.00 -9.68 10.24
CA LEU A 105 5.03 -10.59 9.64
C LEU A 105 4.48 -10.00 8.33
N MET A 106 3.88 -8.82 8.45
CA MET A 106 3.31 -8.15 7.29
C MET A 106 4.33 -8.01 6.16
N SER A 107 5.60 -7.86 6.54
CA SER A 107 6.68 -7.70 5.57
C SER A 107 6.86 -8.98 4.76
N THR A 108 7.09 -10.09 5.45
CA THR A 108 7.28 -11.38 4.80
C THR A 108 6.14 -11.70 3.84
N GLN A 109 4.95 -11.19 4.16
CA GLN A 109 3.77 -11.41 3.32
C GLN A 109 3.97 -10.80 1.94
N ILE A 110 4.34 -9.52 1.90
CA ILE A 110 4.55 -8.83 0.64
C ILE A 110 5.56 -9.59 -0.24
N VAL A 111 6.48 -10.29 0.42
CA VAL A 111 7.48 -11.07 -0.30
C VAL A 111 6.87 -12.30 -0.97
N VAL A 112 6.07 -13.04 -0.20
CA VAL A 112 5.42 -14.24 -0.73
C VAL A 112 4.50 -13.90 -1.89
N ILE A 113 3.68 -12.86 -1.72
CA ILE A 113 2.76 -12.44 -2.76
C ILE A 113 3.49 -12.09 -4.04
N THR A 114 4.68 -11.54 -3.90
CA THR A 114 5.50 -11.17 -5.06
C THR A 114 5.72 -12.38 -5.96
N SER A 115 6.19 -13.46 -5.37
CA SER A 115 6.45 -14.68 -6.11
C SER A 115 5.16 -15.27 -6.68
N GLY A 116 4.03 -14.88 -6.08
CA GLY A 116 2.75 -15.40 -6.52
C GLY A 116 2.22 -14.69 -7.76
N LEU A 117 2.38 -13.36 -7.80
CA LEU A 117 1.90 -12.57 -8.92
C LEU A 117 2.78 -12.77 -10.16
N ILE A 118 4.05 -13.05 -9.94
CA ILE A 118 5.00 -13.24 -11.04
C ILE A 118 4.93 -14.68 -11.57
N ALA A 119 4.59 -15.61 -10.70
CA ALA A 119 4.51 -17.02 -11.08
C ALA A 119 3.55 -17.21 -12.26
N ASP A 120 2.47 -16.44 -12.26
CA ASP A 120 1.48 -16.52 -13.32
C ASP A 120 1.93 -15.74 -14.54
N LEU A 121 2.83 -14.78 -14.33
CA LEU A 121 3.34 -13.95 -15.40
C LEU A 121 4.50 -14.64 -16.13
N SER A 122 4.69 -15.93 -15.83
CA SER A 122 5.77 -16.70 -16.44
C SER A 122 5.48 -16.96 -17.92
N GLU A 123 6.38 -16.50 -18.79
CA GLU A 123 6.22 -16.69 -20.22
C GLU A 123 7.02 -17.90 -20.70
N ARG A 124 8.35 -17.81 -20.60
CA ARG A 124 9.21 -18.91 -21.02
C ARG A 124 9.07 -20.10 -20.07
N ASP A 125 8.95 -21.29 -20.66
CA ASP A 125 8.79 -22.51 -19.86
C ASP A 125 10.11 -22.87 -19.17
N TRP A 126 11.19 -22.21 -19.57
CA TRP A 126 12.50 -22.45 -18.98
C TRP A 126 12.65 -21.73 -17.65
N VAL A 127 12.43 -20.42 -17.68
CA VAL A 127 12.53 -19.59 -16.48
C VAL A 127 11.44 -19.95 -15.47
N ARG A 128 10.35 -20.53 -15.98
CA ARG A 128 9.23 -20.94 -15.14
C ARG A 128 9.69 -21.81 -13.97
N TYR A 129 10.68 -22.67 -14.23
CA TYR A 129 11.21 -23.56 -13.20
C TYR A 129 12.07 -22.80 -12.20
N LEU A 130 12.65 -21.69 -12.65
CA LEU A 130 13.52 -20.87 -11.79
C LEU A 130 12.71 -19.98 -10.85
N TRP A 131 11.61 -19.42 -11.37
CA TRP A 131 10.76 -18.56 -10.57
C TRP A 131 9.91 -19.35 -9.59
N TYR A 132 9.64 -20.60 -9.93
CA TYR A 132 8.84 -21.47 -9.08
C TYR A 132 9.59 -21.82 -7.80
N ILE A 133 10.85 -22.23 -7.94
CA ILE A 133 11.67 -22.58 -6.79
C ILE A 133 11.95 -21.36 -5.92
N CYS A 134 12.00 -20.19 -6.55
CA CYS A 134 12.24 -18.95 -5.83
C CYS A 134 11.11 -18.66 -4.84
N GLY A 135 9.89 -18.94 -5.27
CA GLY A 135 8.74 -18.71 -4.41
C GLY A 135 8.72 -19.61 -3.19
N VAL A 136 8.81 -20.91 -3.42
CA VAL A 136 8.81 -21.88 -2.32
C VAL A 136 9.99 -21.67 -1.38
N CYS A 137 11.10 -21.18 -1.92
CA CYS A 137 12.29 -20.93 -1.12
C CYS A 137 12.02 -19.87 -0.06
N ALA A 138 11.34 -18.80 -0.45
CA ALA A 138 11.01 -17.71 0.46
C ALA A 138 10.14 -18.22 1.60
N PHE A 139 9.22 -19.13 1.27
CA PHE A 139 8.32 -19.70 2.27
C PHE A 139 9.10 -20.49 3.32
N LEU A 140 10.25 -21.02 2.93
CA LEU A 140 11.09 -21.79 3.84
C LEU A 140 11.65 -20.93 4.96
N ILE A 141 12.42 -19.91 4.59
CA ILE A 141 13.02 -19.01 5.57
C ILE A 141 11.97 -18.31 6.43
N ILE A 142 10.89 -17.88 5.81
CA ILE A 142 9.81 -17.20 6.51
C ILE A 142 9.12 -18.12 7.52
N LEU A 143 9.05 -19.40 7.18
CA LEU A 143 8.41 -20.38 8.06
C LEU A 143 9.23 -20.59 9.32
N TRP A 144 10.55 -20.63 9.18
CA TRP A 144 11.44 -20.82 10.31
C TRP A 144 11.44 -19.60 11.23
N GLY A 145 11.11 -18.45 10.65
CA GLY A 145 11.07 -17.22 11.42
C GLY A 145 9.79 -17.07 12.22
N ILE A 146 8.67 -17.41 11.61
CA ILE A 146 7.37 -17.30 12.28
C ILE A 146 7.22 -18.35 13.37
N TRP A 147 8.05 -19.38 13.30
CA TRP A 147 8.02 -20.46 14.29
C TRP A 147 8.89 -20.14 15.49
N ASN A 148 9.45 -18.94 15.51
CA ASN A 148 10.33 -18.53 16.59
C ASN A 148 9.58 -17.82 17.73
N PRO A 149 8.66 -16.88 17.41
CA PRO A 149 7.89 -16.14 18.42
C PRO A 149 7.64 -16.93 19.71
N LEU A 150 6.94 -18.06 19.58
CA LEU A 150 6.65 -18.88 20.76
C LEU A 150 6.60 -20.36 20.38
N ARG A 151 7.46 -21.16 21.03
CA ARG A 151 7.50 -22.60 20.77
C ARG A 151 8.45 -23.33 21.72
N ALA A 152 9.63 -22.77 21.92
CA ALA A 152 10.63 -23.38 22.78
C ALA A 152 10.41 -23.06 24.26
N LYS A 153 10.43 -21.77 24.60
CA LYS A 153 10.26 -21.33 25.98
C LYS A 153 8.81 -21.41 26.45
N THR A 154 7.88 -21.06 25.57
CA THR A 154 6.46 -21.08 25.92
C THR A 154 5.98 -22.48 26.31
N ARG A 155 6.78 -23.49 25.99
CA ARG A 155 6.43 -24.87 26.29
C ARG A 155 6.39 -25.13 27.80
N THR A 156 7.27 -24.46 28.54
CA THR A 156 7.34 -24.63 29.98
C THR A 156 6.69 -23.46 30.71
N GLN A 157 6.72 -22.28 30.10
CA GLN A 157 6.13 -21.08 30.69
C GLN A 157 4.64 -21.28 30.95
N SER A 158 3.86 -21.28 29.89
CA SER A 158 2.42 -21.47 30.00
C SER A 158 1.91 -22.50 29.01
N SER A 159 1.31 -23.57 29.52
CA SER A 159 0.78 -24.63 28.67
C SER A 159 -0.53 -24.21 28.02
N GLU A 160 -1.20 -23.25 28.63
CA GLU A 160 -2.47 -22.75 28.11
C GLU A 160 -2.26 -21.94 26.84
N LEU A 161 -1.44 -20.89 26.94
CA LEU A 161 -1.17 -20.03 25.79
C LEU A 161 -0.42 -20.79 24.70
N ALA A 162 0.19 -21.91 25.07
CA ALA A 162 0.94 -22.73 24.13
C ALA A 162 0.00 -23.57 23.28
N ASN A 163 -1.02 -24.14 23.91
CA ASN A 163 -1.99 -24.99 23.22
C ASN A 163 -2.76 -24.18 22.18
N LEU A 164 -3.09 -22.94 22.51
CA LEU A 164 -3.83 -22.07 21.61
C LEU A 164 -3.01 -21.74 20.37
N TYR A 165 -1.75 -21.38 20.60
CA TYR A 165 -0.85 -21.03 19.52
C TYR A 165 -0.42 -22.26 18.73
N ASP A 166 -0.51 -23.42 19.36
CA ASP A 166 -0.13 -24.68 18.72
C ASP A 166 -1.15 -25.09 17.67
N LYS A 167 -2.42 -25.11 18.06
CA LYS A 167 -3.49 -25.50 17.15
C LYS A 167 -3.79 -24.40 16.15
N LEU A 168 -3.40 -23.18 16.47
CA LEU A 168 -3.62 -22.03 15.61
C LEU A 168 -2.65 -22.00 14.44
N VAL A 169 -1.36 -22.12 14.76
CA VAL A 169 -0.31 -22.08 13.73
C VAL A 169 -0.28 -23.37 12.90
N THR A 170 -0.57 -24.51 13.53
CA THR A 170 -0.56 -25.78 12.82
C THR A 170 -1.51 -25.75 11.64
N TYR A 171 -2.64 -25.06 11.80
CA TYR A 171 -3.63 -24.95 10.74
C TYR A 171 -3.19 -23.94 9.70
N PHE A 172 -2.52 -22.88 10.15
CA PHE A 172 -2.03 -21.84 9.25
C PHE A 172 -0.88 -22.38 8.40
N THR A 173 -0.24 -23.43 8.90
CA THR A 173 0.88 -24.05 8.19
C THR A 173 0.40 -24.97 7.06
N VAL A 174 -0.56 -25.83 7.36
CA VAL A 174 -1.09 -26.76 6.38
C VAL A 174 -1.75 -26.05 5.20
N LEU A 175 -2.37 -24.90 5.45
CA LEU A 175 -3.04 -24.14 4.40
C LEU A 175 -2.03 -23.40 3.54
N TRP A 176 -1.15 -22.63 4.19
CA TRP A 176 -0.13 -21.86 3.48
C TRP A 176 0.74 -22.78 2.63
N ILE A 177 0.92 -24.01 3.09
CA ILE A 177 1.72 -24.99 2.35
C ILE A 177 0.85 -25.73 1.35
N GLY A 178 -0.46 -25.68 1.58
CA GLY A 178 -1.41 -26.35 0.70
C GLY A 178 -1.30 -25.89 -0.73
N TYR A 179 -1.33 -24.57 -0.94
CA TYR A 179 -1.24 -24.01 -2.29
C TYR A 179 0.06 -24.45 -2.98
N PRO A 180 1.25 -24.20 -2.37
CA PRO A 180 2.52 -24.60 -2.96
C PRO A 180 2.51 -26.02 -3.52
N ILE A 181 1.71 -26.89 -2.90
CA ILE A 181 1.61 -28.28 -3.32
C ILE A 181 0.90 -28.38 -4.68
N VAL A 182 -0.34 -27.92 -4.73
CA VAL A 182 -1.13 -27.98 -5.96
C VAL A 182 -0.47 -27.20 -7.10
N TRP A 183 0.35 -26.22 -6.75
CA TRP A 183 1.04 -25.41 -7.74
C TRP A 183 1.99 -26.27 -8.57
N ILE A 184 2.48 -27.35 -7.98
CA ILE A 184 3.40 -28.25 -8.68
C ILE A 184 2.78 -28.78 -9.96
N ILE A 185 1.51 -29.18 -9.87
CA ILE A 185 0.78 -29.70 -11.02
C ILE A 185 -0.07 -28.61 -11.68
N GLY A 186 -0.19 -28.68 -13.00
CA GLY A 186 -0.98 -27.70 -13.72
C GLY A 186 -0.12 -26.65 -14.41
N PRO A 187 -0.71 -25.52 -14.82
CA PRO A 187 0.04 -24.45 -15.48
C PRO A 187 0.98 -23.72 -14.54
N SER A 188 1.96 -23.03 -15.10
CA SER A 188 2.95 -22.29 -14.31
C SER A 188 3.54 -23.18 -13.22
N GLY A 189 3.51 -24.50 -13.47
CA GLY A 189 4.04 -25.44 -12.51
C GLY A 189 4.78 -26.58 -13.18
N PHE A 190 4.04 -27.43 -13.88
CA PHE A 190 4.63 -28.58 -14.57
C PHE A 190 3.62 -29.20 -15.53
N GLY A 191 2.34 -29.08 -15.19
CA GLY A 191 1.29 -29.62 -16.03
C GLY A 191 1.06 -28.79 -17.28
N TRP A 192 -0.14 -28.90 -17.85
CA TRP A 192 -0.48 -28.16 -19.05
C TRP A 192 -2.00 -28.02 -19.20
N ILE A 193 -2.70 -28.02 -18.06
CA ILE A 193 -4.14 -27.89 -18.05
C ILE A 193 -4.57 -26.44 -17.86
N ASN A 194 -5.76 -26.11 -18.36
CA ASN A 194 -6.30 -24.76 -18.25
C ASN A 194 -7.83 -24.79 -18.35
N GLN A 195 -8.43 -25.85 -17.82
CA GLN A 195 -9.88 -26.00 -17.85
C GLN A 195 -10.52 -25.43 -16.59
N THR A 196 -11.83 -25.66 -16.45
CA THR A 196 -12.56 -25.17 -15.28
C THR A 196 -12.07 -25.82 -13.99
N ILE A 197 -11.67 -27.09 -14.08
CA ILE A 197 -11.19 -27.82 -12.92
C ILE A 197 -9.99 -27.14 -12.28
N ASP A 198 -9.16 -26.49 -13.10
CA ASP A 198 -7.97 -25.81 -12.60
C ASP A 198 -8.35 -24.67 -11.65
N THR A 199 -9.10 -23.69 -12.17
CA THR A 199 -9.51 -22.54 -11.38
C THR A 199 -10.39 -22.98 -10.21
N PHE A 200 -11.22 -24.01 -10.44
CA PHE A 200 -12.11 -24.52 -9.42
C PHE A 200 -11.34 -24.98 -8.19
N LEU A 201 -10.09 -25.39 -8.40
CA LEU A 201 -9.25 -25.86 -7.31
C LEU A 201 -8.69 -24.68 -6.50
N PHE A 202 -8.18 -23.68 -7.19
CA PHE A 202 -7.62 -22.51 -6.52
C PHE A 202 -8.72 -21.62 -5.95
N CYS A 203 -9.97 -21.93 -6.28
CA CYS A 203 -11.12 -21.17 -5.77
C CYS A 203 -11.71 -21.84 -4.53
N LEU A 204 -11.77 -23.16 -4.56
CA LEU A 204 -12.32 -23.93 -3.45
C LEU A 204 -11.40 -23.94 -2.24
N LEU A 205 -10.09 -23.94 -2.49
CA LEU A 205 -9.12 -23.96 -1.40
C LEU A 205 -9.28 -22.74 -0.48
N PRO A 206 -9.25 -21.49 -1.03
CA PRO A 206 -9.42 -20.28 -0.23
C PRO A 206 -10.73 -20.30 0.54
N PHE A 207 -11.79 -20.75 -0.14
CA PHE A 207 -13.11 -20.83 0.48
C PHE A 207 -13.07 -21.82 1.64
N PHE A 208 -12.18 -22.80 1.54
CA PHE A 208 -12.03 -23.82 2.57
C PHE A 208 -11.13 -23.31 3.69
N SER A 209 -10.32 -22.31 3.37
CA SER A 209 -9.40 -21.72 4.35
C SER A 209 -10.03 -20.49 4.98
N VAL A 211 -13.53 -20.33 5.59
CA VAL A 211 -14.59 -20.81 6.47
C VAL A 211 -14.03 -21.52 7.70
N GLY A 212 -12.93 -22.26 7.50
CA GLY A 212 -12.32 -22.98 8.60
C GLY A 212 -11.72 -22.05 9.64
N PHE A 213 -11.14 -20.94 9.18
CA PHE A 213 -10.53 -19.97 10.07
C PHE A 213 -11.57 -19.34 10.99
N SER A 214 -12.76 -19.13 10.45
CA SER A 214 -13.85 -18.54 11.21
C SER A 214 -14.20 -19.38 12.44
N PHE A 215 -14.60 -20.63 12.20
CA PHE A 215 -14.95 -21.53 13.29
C PHE A 215 -13.75 -21.84 14.18
N LEU A 216 -12.56 -21.65 13.63
CA LEU A 216 -11.34 -21.90 14.39
C LEU A 216 -11.16 -20.89 15.51
N ASP A 217 -11.39 -19.62 15.19
CA ASP A 217 -11.26 -18.56 16.18
C ASP A 217 -12.33 -18.68 17.26
N LEU A 218 -13.50 -19.17 16.87
CA LEU A 218 -14.60 -19.34 17.81
C LEU A 218 -14.25 -20.36 18.89
N HIS A 219 -13.60 -21.45 18.48
CA HIS A 219 -13.22 -22.50 19.42
C HIS A 219 -11.87 -22.19 20.06
N GLY A 220 -11.09 -21.33 19.41
CA GLY A 220 -9.79 -20.97 19.93
C GLY A 220 -9.87 -20.25 21.27
N LEU A 221 -10.84 -19.35 21.39
CA LEU A 221 -11.04 -18.59 22.62
C LEU A 221 -11.44 -19.51 23.78
N ARG A 222 -12.52 -20.27 23.57
CA ARG A 222 -13.01 -21.19 24.59
C ARG A 222 -13.26 -20.46 25.91
N ASN A 223 -14.45 -19.86 26.02
CA ASN A 223 -14.82 -19.13 27.23
C ASN A 223 -14.97 -20.07 28.41
N LEU A 224 -14.06 -19.93 29.38
CA LEU A 224 -14.10 -20.75 30.58
C LEU A 224 -13.93 -19.89 31.82
N ASN A 225 -15.05 -19.53 32.45
CA ASN A 225 -15.03 -18.70 33.64
C ASN A 225 -14.34 -17.38 33.37
N ASP A 226 -15.06 -16.45 32.76
CA ASP A 226 -14.51 -15.14 32.43
C ASP A 226 -14.75 -14.15 33.58
N SER A 227 -14.12 -14.41 34.72
CA SER A 227 -14.26 -13.57 35.88
C SER A 227 -13.87 -12.13 35.56
N ARG A 228 -14.86 -11.25 35.49
CA ARG A 228 -14.61 -9.84 35.18
C ARG A 228 -14.92 -8.97 36.40
N GLN A 229 -13.92 -8.19 36.81
CA GLN A 229 -14.08 -7.30 37.96
C GLN A 229 -14.22 -5.85 37.51
N MET B 1 -4.37 19.76 -31.77
CA MET B 1 -3.67 18.93 -30.75
C MET B 1 -3.16 19.80 -29.61
N ASN B 2 -2.12 20.58 -29.89
CA ASN B 2 -1.52 21.46 -28.89
C ASN B 2 -2.40 22.70 -28.68
N LEU B 3 -3.35 22.59 -27.76
CA LEU B 3 -4.26 23.69 -27.46
C LEU B 3 -3.63 24.66 -26.46
N GLU B 4 -4.01 25.93 -26.55
CA GLU B 4 -3.49 26.95 -25.66
C GLU B 4 -4.32 27.05 -24.39
N SER B 5 -5.02 25.97 -24.06
CA SER B 5 -5.86 25.92 -22.87
C SER B 5 -5.08 25.36 -21.68
N LEU B 6 -4.81 24.06 -21.72
CA LEU B 6 -4.08 23.39 -20.65
C LEU B 6 -4.77 23.57 -19.31
N LEU B 7 -5.90 22.89 -19.13
CA LEU B 7 -6.65 22.97 -17.88
C LEU B 7 -5.99 22.12 -16.80
N HIS B 8 -5.36 21.02 -17.22
CA HIS B 8 -4.68 20.12 -16.30
C HIS B 8 -3.39 20.75 -15.81
N TRP B 9 -2.80 21.60 -16.64
CA TRP B 9 -1.55 22.29 -16.29
C TRP B 9 -1.82 23.33 -15.21
N ILE B 10 -2.93 24.04 -15.35
CA ILE B 10 -3.30 25.07 -14.39
C ILE B 10 -3.74 24.43 -13.07
N TYR B 11 -4.22 23.19 -13.17
CA TYR B 11 -4.67 22.44 -12.00
C TYR B 11 -3.54 22.27 -11.00
N VAL B 12 -2.42 21.72 -11.47
CA VAL B 12 -1.26 21.50 -10.61
C VAL B 12 -0.69 22.83 -10.12
N ALA B 13 -0.84 23.87 -10.93
CA ALA B 13 -0.36 25.20 -10.59
C ALA B 13 -1.08 25.76 -9.37
N GLY B 14 -2.38 25.49 -9.29
CA GLY B 14 -3.17 25.98 -8.18
C GLY B 14 -2.91 25.21 -6.91
N MET B 15 -2.65 23.91 -7.04
CA MET B 15 -2.39 23.07 -5.89
C MET B 15 -1.04 23.42 -5.25
N THR B 16 -0.04 23.69 -6.09
CA THR B 16 1.29 24.03 -5.63
C THR B 16 1.26 25.29 -4.76
N ILE B 17 0.76 26.38 -5.33
CA ILE B 17 0.68 27.65 -4.61
C ILE B 17 -0.18 27.51 -3.35
N GLY B 18 -1.06 26.51 -3.35
CA GLY B 18 -1.92 26.29 -2.21
C GLY B 18 -1.14 26.01 -0.93
N ALA B 19 -0.41 24.90 -0.92
CA ALA B 19 0.40 24.52 0.24
C ALA B 19 1.37 25.63 0.63
N LEU B 20 1.83 26.38 -0.37
CA LEU B 20 2.77 27.47 -0.13
C LEU B 20 2.10 28.59 0.67
N HIS B 21 0.84 28.87 0.35
CA HIS B 21 0.09 29.92 1.04
C HIS B 21 0.00 29.62 2.53
N PHE B 22 -0.12 28.34 2.86
CA PHE B 22 -0.23 27.92 4.25
C PHE B 22 1.15 27.91 4.91
N TRP B 23 2.19 27.86 4.09
CA TRP B 23 3.56 27.85 4.59
C TRP B 23 3.90 29.18 5.24
N SER B 24 3.38 30.27 4.67
CA SER B 24 3.62 31.61 5.20
C SER B 24 2.68 31.89 6.38
N LEU B 25 1.46 31.37 6.28
CA LEU B 25 0.46 31.56 7.33
C LEU B 25 0.70 30.58 8.48
N SER B 26 1.72 29.73 8.31
CA SER B 26 2.06 28.75 9.33
C SER B 26 2.47 29.43 10.63
N ARG B 27 2.91 30.69 10.52
CA ARG B 27 3.32 31.46 11.70
C ARG B 27 2.24 31.38 12.77
N ASN B 28 1.00 31.28 12.31
CA ASN B 28 -0.15 31.18 13.20
C ASN B 28 -1.41 30.83 12.39
N PRO B 29 -2.19 29.84 12.83
CA PRO B 29 -3.41 29.43 12.16
C PRO B 29 -4.66 30.09 12.74
N ARG B 30 -5.79 29.88 12.08
CA ARG B 30 -7.06 30.47 12.53
C ARG B 30 -7.76 29.54 13.53
N GLY B 31 -7.00 29.03 14.49
CA GLY B 31 -7.56 28.14 15.50
C GLY B 31 -7.28 26.68 15.22
N VAL B 32 -7.43 26.28 13.96
CA VAL B 32 -7.19 24.90 13.56
C VAL B 32 -5.70 24.56 13.58
N PRO B 33 -5.28 23.54 14.35
CA PRO B 33 -3.87 23.14 14.44
C PRO B 33 -3.29 22.76 13.08
N GLN B 34 -1.96 22.74 13.00
CA GLN B 34 -1.25 22.40 11.77
C GLN B 34 -1.61 21.00 11.28
N TYR B 35 -2.17 20.17 12.15
CA TYR B 35 -2.54 18.80 11.80
C TYR B 35 -3.37 18.77 10.50
N GLU B 36 -4.25 19.76 10.35
CA GLU B 36 -5.10 19.84 9.17
C GLU B 36 -4.29 20.26 7.95
N TYR B 37 -3.39 21.22 8.15
CA TYR B 37 -2.54 21.72 7.07
C TYR B 37 -1.62 20.63 6.56
N LEU B 38 -1.23 19.72 7.45
CA LEU B 38 -0.35 18.62 7.09
C LEU B 38 -1.00 17.71 6.06
N VAL B 39 -2.18 17.19 6.40
CA VAL B 39 -2.92 16.32 5.50
C VAL B 39 -3.36 17.07 4.25
N ALA B 40 -3.71 18.34 4.43
CA ALA B 40 -4.16 19.17 3.32
C ALA B 40 -2.99 19.60 2.45
N MET B 41 -1.78 19.28 2.89
CA MET B 41 -0.57 19.63 2.13
C MET B 41 -0.21 18.54 1.14
N PHE B 42 -0.33 17.28 1.57
CA PHE B 42 0.00 16.14 0.73
C PHE B 42 -1.02 15.92 -0.38
N ILE B 43 -2.29 16.22 -0.08
CA ILE B 43 -3.35 16.04 -1.07
C ILE B 43 -3.07 16.80 -2.37
N PRO B 44 -2.78 18.11 -2.31
CA PRO B 44 -2.50 18.91 -3.52
C PRO B 44 -1.16 18.56 -4.16
N ILE B 45 -0.18 18.17 -3.35
CA ILE B 45 1.13 17.82 -3.88
C ILE B 45 1.06 16.62 -4.83
N TRP B 46 0.65 15.47 -4.32
CA TRP B 46 0.53 14.26 -5.12
C TRP B 46 -0.44 14.46 -6.28
N SER B 47 -1.67 14.83 -5.95
CA SER B 47 -2.69 15.05 -6.96
C SER B 47 -2.26 16.09 -7.97
N GLY B 48 -1.31 16.94 -7.56
CA GLY B 48 -0.81 17.98 -8.44
C GLY B 48 -0.09 17.43 -9.65
N LEU B 49 1.00 16.71 -9.40
CA LEU B 49 1.80 16.13 -10.48
C LEU B 49 0.95 15.19 -11.36
N ALA B 50 -0.14 14.68 -10.79
CA ALA B 50 -1.02 13.78 -11.52
C ALA B 50 -1.68 14.50 -12.70
N TYR B 51 -2.40 15.58 -12.40
CA TYR B 51 -3.06 16.35 -13.44
C TYR B 51 -2.05 16.97 -14.39
N MET B 52 -0.91 17.39 -13.86
CA MET B 52 0.14 17.98 -14.66
C MET B 52 0.45 17.09 -15.87
N ALA B 53 0.42 15.78 -15.63
CA ALA B 53 0.69 14.81 -16.68
C ALA B 53 -0.44 14.81 -17.70
N MET B 54 -1.68 14.86 -17.22
CA MET B 54 -2.85 14.87 -18.09
C MET B 54 -2.73 15.99 -19.12
N ALA B 55 -1.97 17.02 -18.77
CA ALA B 55 -1.75 18.16 -19.67
C ALA B 55 -0.77 17.80 -20.77
N ILE B 56 0.36 17.22 -20.37
CA ILE B 56 1.40 16.83 -21.32
C ILE B 56 1.08 15.49 -21.99
N ASP B 57 -0.16 15.03 -21.79
CA ASP B 57 -0.61 13.76 -22.36
C ASP B 57 0.22 12.59 -21.84
N GLN B 58 0.08 12.30 -20.56
CA GLN B 58 0.81 11.20 -19.93
C GLN B 58 -0.03 10.53 -18.86
N GLY B 59 0.23 9.24 -18.61
CA GLY B 59 -0.52 8.51 -17.61
C GLY B 59 -1.72 7.79 -18.19
N LYS B 60 -1.72 7.63 -19.51
CA LYS B 60 -2.83 6.96 -20.19
C LYS B 60 -2.31 5.86 -21.12
N VAL B 61 -3.10 4.80 -21.29
CA VAL B 61 -2.72 3.69 -22.15
C VAL B 61 -3.79 3.44 -23.21
N GLU B 62 -3.37 2.92 -24.36
CA GLU B 62 -4.30 2.63 -25.44
C GLU B 62 -4.71 1.17 -25.43
N ALA B 63 -5.85 0.88 -24.79
CA ALA B 63 -6.36 -0.48 -24.69
C ALA B 63 -7.47 -0.73 -25.71
N ALA B 64 -7.23 -1.66 -26.63
CA ALA B 64 -8.21 -1.99 -27.66
C ALA B 64 -8.55 -0.78 -28.51
N GLY B 65 -7.59 0.13 -28.67
CA GLY B 65 -7.80 1.32 -29.46
C GLY B 65 -8.42 2.45 -28.66
N GLN B 66 -8.98 2.13 -27.50
CA GLN B 66 -9.61 3.14 -26.67
C GLN B 66 -8.66 3.59 -25.57
N ILE B 67 -8.77 4.86 -25.19
CA ILE B 67 -7.91 5.42 -24.15
C ILE B 67 -8.49 5.18 -22.76
N ALA B 68 -7.65 4.68 -21.85
CA ALA B 68 -8.08 4.40 -20.49
C ALA B 68 -7.59 5.48 -19.53
N HIS B 69 -8.42 5.81 -18.54
CA HIS B 69 -8.09 6.82 -17.55
C HIS B 69 -7.26 6.20 -16.43
N TYR B 70 -6.06 5.75 -16.77
CA TYR B 70 -5.16 5.14 -15.81
C TYR B 70 -4.73 6.13 -14.72
N ALA B 71 -4.23 7.29 -15.15
CA ALA B 71 -3.77 8.30 -14.22
C ALA B 71 -4.90 8.86 -13.36
N ARG B 72 -6.12 8.72 -13.86
CA ARG B 72 -7.29 9.22 -13.15
C ARG B 72 -7.56 8.45 -11.86
N TYR B 73 -7.63 7.12 -11.95
CA TYR B 73 -7.91 6.30 -10.77
C TYR B 73 -6.70 6.17 -9.85
N ILE B 74 -5.49 6.12 -10.42
CA ILE B 74 -4.29 5.98 -9.61
C ILE B 74 -4.22 7.08 -8.57
N ASP B 75 -4.52 8.31 -8.98
CA ASP B 75 -4.52 9.44 -8.07
C ASP B 75 -5.66 9.29 -7.07
N TRP B 76 -6.64 8.47 -7.46
CA TRP B 76 -7.80 8.23 -6.61
C TRP B 76 -7.55 7.07 -5.66
N MET B 77 -6.33 6.54 -5.68
CA MET B 77 -5.96 5.44 -4.80
C MET B 77 -5.15 5.95 -3.61
N VAL B 78 -4.57 7.13 -3.78
CA VAL B 78 -3.75 7.73 -2.73
C VAL B 78 -4.38 8.99 -2.17
N THR B 79 -5.14 9.70 -3.01
CA THR B 79 -5.78 10.95 -2.60
C THR B 79 -7.08 10.70 -1.83
N THR B 80 -7.96 9.87 -2.40
CA THR B 80 -9.24 9.58 -1.77
C THR B 80 -9.07 9.09 -0.33
N PRO B 81 -8.19 8.09 -0.08
CA PRO B 81 -7.97 7.58 1.28
C PRO B 81 -7.62 8.70 2.25
N LEU B 82 -6.66 9.54 1.86
CA LEU B 82 -6.24 10.66 2.69
C LEU B 82 -7.39 11.66 2.86
N LEU B 83 -8.23 11.77 1.85
CA LEU B 83 -9.37 12.68 1.90
C LEU B 83 -10.32 12.27 3.01
N LEU B 84 -10.44 10.96 3.22
CA LEU B 84 -11.32 10.42 4.23
C LEU B 84 -10.62 10.39 5.60
N LEU B 85 -9.32 10.13 5.59
CA LEU B 85 -8.54 10.07 6.83
C LEU B 85 -8.62 11.39 7.59
N SER B 86 -8.54 12.50 6.85
CA SER B 86 -8.61 13.82 7.46
C SER B 86 -9.92 14.00 8.21
N LEU B 87 -10.96 13.32 7.77
CA LEU B 87 -12.27 13.40 8.40
C LEU B 87 -12.25 12.79 9.79
N SER B 88 -11.40 11.77 9.98
CA SER B 88 -11.29 11.10 11.27
C SER B 88 -10.54 11.98 12.28
N TRP B 89 -9.51 12.67 11.81
CA TRP B 89 -8.71 13.53 12.67
C TRP B 89 -9.51 14.76 13.09
N THR B 90 -10.49 15.14 12.28
CA THR B 90 -11.32 16.30 12.57
C THR B 90 -12.37 15.98 13.62
N ALA B 91 -12.83 14.74 13.64
CA ALA B 91 -13.84 14.30 14.60
C ALA B 91 -13.20 13.88 15.91
N MET B 92 -11.94 13.45 15.86
CA MET B 92 -11.23 13.01 17.04
C MET B 92 -9.84 13.65 17.10
N GLN B 93 -9.72 14.71 17.90
CA GLN B 93 -8.44 15.40 18.04
C GLN B 93 -7.39 14.51 18.70
N PHE B 94 -7.76 13.91 19.83
CA PHE B 94 -6.86 13.03 20.56
C PHE B 94 -7.25 11.57 20.36
N ILE B 95 -6.25 10.70 20.27
CA ILE B 95 -6.50 9.28 20.08
C ILE B 95 -5.82 8.45 21.18
N LYS B 96 -6.48 7.38 21.62
CA LYS B 96 -5.94 6.52 22.66
C LYS B 96 -5.96 5.06 22.22
N LYS B 97 -7.16 4.49 22.16
CA LYS B 97 -7.32 3.09 21.76
C LYS B 97 -8.56 2.91 20.89
N ASP B 98 -8.37 2.93 19.58
CA ASP B 98 -9.46 2.75 18.63
C ASP B 98 -8.95 2.57 17.21
N TRP B 99 -8.58 1.33 16.88
CA TRP B 99 -8.07 1.03 15.54
C TRP B 99 -9.10 0.26 14.72
N THR B 100 -10.34 0.27 15.20
CA THR B 100 -11.43 -0.41 14.51
C THR B 100 -12.14 0.52 13.53
N LEU B 101 -12.37 1.76 13.96
CA LEU B 101 -13.04 2.75 13.13
C LEU B 101 -12.14 3.20 11.98
N ILE B 102 -10.90 3.52 12.31
CA ILE B 102 -9.94 3.97 11.30
C ILE B 102 -9.67 2.89 10.26
N GLY B 103 -9.72 1.63 10.70
CA GLY B 103 -9.47 0.53 9.79
C GLY B 103 -10.69 0.16 8.95
N PHE B 104 -11.88 0.36 9.53
CA PHE B 104 -13.12 0.05 8.83
C PHE B 104 -13.39 1.05 7.71
N LEU B 105 -13.03 2.31 7.95
CA LEU B 105 -13.23 3.35 6.96
C LEU B 105 -12.21 3.25 5.83
N MET B 106 -10.96 3.03 6.19
CA MET B 106 -9.89 2.92 5.22
C MET B 106 -10.07 1.69 4.34
N SER B 107 -10.55 0.60 4.92
CA SER B 107 -10.76 -0.63 4.18
C SER B 107 -11.85 -0.48 3.13
N THR B 108 -13.00 0.05 3.54
CA THR B 108 -14.12 0.26 2.62
C THR B 108 -13.71 1.12 1.43
N GLN B 109 -12.83 2.08 1.67
CA GLN B 109 -12.37 2.97 0.62
C GLN B 109 -11.67 2.19 -0.49
N ILE B 110 -10.76 1.29 -0.11
CA ILE B 110 -10.03 0.49 -1.08
C ILE B 110 -11.00 -0.26 -1.99
N VAL B 111 -12.13 -0.67 -1.43
CA VAL B 111 -13.14 -1.39 -2.18
C VAL B 111 -13.75 -0.50 -3.27
N VAL B 112 -14.12 0.72 -2.88
CA VAL B 112 -14.72 1.67 -3.81
C VAL B 112 -13.77 1.99 -4.96
N ILE B 113 -12.53 2.29 -4.62
CA ILE B 113 -11.52 2.61 -5.62
C ILE B 113 -11.35 1.47 -6.62
N THR B 114 -11.52 0.24 -6.14
CA THR B 114 -11.40 -0.94 -7.00
C THR B 114 -12.38 -0.88 -8.16
N SER B 115 -13.65 -0.59 -7.83
CA SER B 115 -14.69 -0.50 -8.85
C SER B 115 -14.44 0.69 -9.77
N GLY B 116 -13.71 1.68 -9.26
CA GLY B 116 -13.43 2.87 -10.06
C GLY B 116 -12.30 2.69 -11.06
N LEU B 117 -11.33 1.85 -10.71
CA LEU B 117 -10.19 1.61 -11.59
C LEU B 117 -10.55 0.59 -12.67
N ILE B 118 -11.48 -0.31 -12.35
CA ILE B 118 -11.90 -1.33 -13.29
C ILE B 118 -12.97 -0.82 -14.25
N ALA B 119 -13.78 0.12 -13.77
CA ALA B 119 -14.84 0.71 -14.58
C ALA B 119 -14.27 1.29 -15.88
N ASP B 120 -13.18 2.04 -15.75
CA ASP B 120 -12.54 2.64 -16.92
C ASP B 120 -11.90 1.58 -17.79
N LEU B 121 -11.62 0.42 -17.19
CA LEU B 121 -11.01 -0.70 -17.91
C LEU B 121 -12.05 -1.48 -18.70
N SER B 122 -13.22 -0.88 -18.87
CA SER B 122 -14.31 -1.53 -19.61
C SER B 122 -13.90 -1.80 -21.05
N GLU B 123 -14.20 -3.00 -21.53
CA GLU B 123 -13.87 -3.39 -22.90
C GLU B 123 -15.13 -3.70 -23.69
N ARG B 124 -16.04 -4.45 -23.07
CA ARG B 124 -17.29 -4.82 -23.72
C ARG B 124 -18.46 -4.07 -23.10
N ASP B 125 -19.31 -3.50 -23.95
CA ASP B 125 -20.47 -2.75 -23.48
C ASP B 125 -21.43 -3.63 -22.70
N TRP B 126 -21.31 -4.94 -22.89
CA TRP B 126 -22.17 -5.90 -22.20
C TRP B 126 -21.83 -5.98 -20.72
N VAL B 127 -20.55 -6.23 -20.43
CA VAL B 127 -20.09 -6.32 -19.05
C VAL B 127 -19.99 -4.94 -18.40
N ARG B 128 -19.85 -3.92 -19.23
CA ARG B 128 -19.75 -2.55 -18.74
C ARG B 128 -20.90 -2.21 -17.81
N TYR B 129 -22.10 -2.67 -18.15
CA TYR B 129 -23.28 -2.42 -17.35
C TYR B 129 -23.25 -3.20 -16.04
N LEU B 130 -22.65 -4.39 -16.07
CA LEU B 130 -22.56 -5.23 -14.88
C LEU B 130 -21.61 -4.63 -13.85
N TRP B 131 -20.36 -4.39 -14.26
CA TRP B 131 -19.35 -3.82 -13.38
C TRP B 131 -19.80 -2.47 -12.82
N TYR B 132 -20.60 -1.75 -13.58
CA TYR B 132 -21.09 -0.45 -13.16
C TYR B 132 -21.94 -0.58 -11.90
N ILE B 133 -22.95 -1.45 -11.95
CA ILE B 133 -23.83 -1.68 -10.81
C ILE B 133 -23.04 -2.20 -9.62
N CYS B 134 -21.98 -2.93 -9.89
CA CYS B 134 -21.13 -3.49 -8.84
C CYS B 134 -20.51 -2.37 -8.00
N GLY B 135 -20.20 -1.25 -8.66
CA GLY B 135 -19.60 -0.13 -7.96
C GLY B 135 -20.58 0.57 -7.03
N VAL B 136 -21.71 0.99 -7.59
CA VAL B 136 -22.74 1.67 -6.81
C VAL B 136 -23.24 0.78 -5.67
N CYS B 137 -23.27 -0.52 -5.93
CA CYS B 137 -23.73 -1.48 -4.92
C CYS B 137 -22.79 -1.49 -3.72
N ALA B 138 -21.49 -1.35 -4.00
CA ALA B 138 -20.48 -1.33 -2.95
C ALA B 138 -20.66 -0.12 -2.05
N PHE B 139 -20.92 1.02 -2.67
CA PHE B 139 -21.13 2.27 -1.93
C PHE B 139 -22.41 2.22 -1.13
N LEU B 140 -23.33 1.35 -1.55
CA LEU B 140 -24.61 1.21 -0.87
C LEU B 140 -24.41 0.66 0.54
N ILE B 141 -23.81 -0.51 0.65
CA ILE B 141 -23.57 -1.14 1.94
C ILE B 141 -22.64 -0.30 2.81
N ILE B 142 -21.62 0.29 2.19
CA ILE B 142 -20.66 1.13 2.91
C ILE B 142 -21.34 2.37 3.47
N LEU B 143 -22.32 2.88 2.74
CA LEU B 143 -23.05 4.08 3.15
C LEU B 143 -23.79 3.84 4.48
N TRP B 144 -24.44 2.69 4.59
CA TRP B 144 -25.17 2.34 5.79
C TRP B 144 -24.23 2.10 6.97
N GLY B 145 -23.00 1.73 6.66
CA GLY B 145 -22.01 1.46 7.71
C GLY B 145 -21.36 2.73 8.22
N ILE B 146 -21.13 3.69 7.32
CA ILE B 146 -20.51 4.96 7.70
C ILE B 146 -21.52 5.84 8.44
N TRP B 147 -22.80 5.58 8.21
CA TRP B 147 -23.86 6.35 8.84
C TRP B 147 -24.21 5.76 10.20
N ASN B 148 -23.46 4.75 10.62
CA ASN B 148 -23.71 4.10 11.89
C ASN B 148 -22.92 4.76 13.04
N PRO B 149 -21.60 5.03 12.86
CA PRO B 149 -20.77 5.64 13.90
C PRO B 149 -21.48 6.80 14.60
N LEU B 150 -22.33 7.51 13.88
CA LEU B 150 -23.06 8.63 14.44
C LEU B 150 -23.86 8.17 15.66
N ARG B 151 -24.73 7.18 15.45
CA ARG B 151 -25.57 6.65 16.53
C ARG B 151 -26.52 7.70 17.07
N ALA B 152 -27.80 7.34 17.13
CA ALA B 152 -28.83 8.25 17.63
C ALA B 152 -28.56 8.62 19.09
N LYS B 153 -27.73 7.83 19.76
CA LYS B 153 -27.41 8.06 21.16
C LYS B 153 -26.68 9.40 21.33
N THR B 154 -26.05 9.88 20.27
CA THR B 154 -25.32 11.14 20.32
C THR B 154 -26.26 12.33 20.18
N ARG B 155 -27.48 12.08 19.73
CA ARG B 155 -28.47 13.13 19.54
C ARG B 155 -28.94 13.68 20.89
N THR B 156 -28.89 12.82 21.91
CA THR B 156 -29.33 13.22 23.25
C THR B 156 -28.14 13.40 24.19
N GLN B 157 -26.98 12.87 23.80
CA GLN B 157 -25.77 12.98 24.61
C GLN B 157 -25.13 14.35 24.45
N SER B 158 -24.94 14.78 23.20
CA SER B 158 -24.33 16.07 22.92
C SER B 158 -24.85 16.62 21.59
N SER B 159 -25.53 17.76 21.67
CA SER B 159 -26.08 18.41 20.48
C SER B 159 -24.99 19.15 19.72
N GLU B 160 -23.91 19.50 20.43
CA GLU B 160 -22.80 20.22 19.81
C GLU B 160 -21.97 19.29 18.93
N LEU B 161 -21.39 18.26 19.54
CA LEU B 161 -20.57 17.31 18.80
C LEU B 161 -21.37 16.65 17.69
N ALA B 162 -22.69 16.62 17.85
CA ALA B 162 -23.57 16.02 16.85
C ALA B 162 -23.68 16.91 15.62
N ASN B 163 -24.12 18.16 15.83
CA ASN B 163 -24.26 19.11 14.73
C ASN B 163 -22.96 19.23 13.95
N LEU B 164 -21.86 18.88 14.62
CA LEU B 164 -20.54 18.93 14.00
C LEU B 164 -20.36 17.80 13.01
N TYR B 165 -20.86 16.62 13.38
CA TYR B 165 -20.75 15.45 12.53
C TYR B 165 -21.83 15.46 11.43
N ASP B 166 -22.93 16.16 11.70
CA ASP B 166 -24.03 16.24 10.75
C ASP B 166 -23.68 17.19 9.61
N LYS B 167 -23.00 18.29 9.94
CA LYS B 167 -22.62 19.28 8.95
C LYS B 167 -21.37 18.82 8.19
N LEU B 168 -20.61 17.92 8.81
CA LEU B 168 -19.39 17.40 8.22
C LEU B 168 -19.69 16.29 7.21
N VAL B 169 -20.57 15.36 7.60
CA VAL B 169 -20.92 14.23 6.74
C VAL B 169 -21.87 14.65 5.62
N THR B 170 -22.75 15.60 5.88
CA THR B 170 -23.70 16.06 4.87
C THR B 170 -22.99 16.42 3.57
N TYR B 171 -21.85 17.08 3.67
CA TYR B 171 -21.08 17.48 2.49
C TYR B 171 -20.33 16.29 1.93
N PHE B 172 -19.77 15.47 2.81
CA PHE B 172 -19.02 14.29 2.40
C PHE B 172 -19.92 13.31 1.63
N THR B 173 -21.22 13.41 1.87
CA THR B 173 -22.18 12.53 1.22
C THR B 173 -22.48 12.99 -0.22
N VAL B 174 -22.81 14.27 -0.37
CA VAL B 174 -23.13 14.82 -1.69
C VAL B 174 -21.96 14.67 -2.67
N LEU B 175 -20.74 14.66 -2.14
CA LEU B 175 -19.55 14.54 -2.99
C LEU B 175 -19.36 13.09 -3.46
N TRP B 176 -19.27 12.18 -2.50
CA TRP B 176 -19.09 10.77 -2.80
C TRP B 176 -20.17 10.26 -3.75
N ILE B 177 -21.36 10.82 -3.64
CA ILE B 177 -22.47 10.44 -4.51
C ILE B 177 -22.45 11.26 -5.80
N GLY B 178 -21.74 12.39 -5.75
CA GLY B 178 -21.65 13.26 -6.91
C GLY B 178 -21.07 12.56 -8.12
N TYR B 179 -19.91 11.91 -7.95
CA TYR B 179 -19.27 11.20 -9.06
C TYR B 179 -20.19 10.14 -9.66
N PRO B 180 -20.72 9.20 -8.84
CA PRO B 180 -21.62 8.15 -9.33
C PRO B 180 -22.70 8.69 -10.26
N ILE B 181 -23.13 9.93 -10.01
CA ILE B 181 -24.16 10.57 -10.83
C ILE B 181 -23.67 10.80 -12.26
N VAL B 182 -22.62 11.60 -12.40
CA VAL B 182 -22.06 11.91 -13.71
C VAL B 182 -21.59 10.65 -14.42
N TRP B 183 -21.22 9.63 -13.66
CA TRP B 183 -20.76 8.37 -14.22
C TRP B 183 -21.86 7.70 -15.04
N ILE B 184 -23.11 7.99 -14.71
CA ILE B 184 -24.24 7.41 -15.43
C ILE B 184 -24.17 7.75 -16.92
N ILE B 185 -23.80 8.99 -17.20
CA ILE B 185 -23.68 9.46 -18.59
C ILE B 185 -22.24 9.36 -19.07
N GLY B 186 -22.00 9.75 -20.32
CA GLY B 186 -20.66 9.71 -20.87
C GLY B 186 -20.17 8.28 -21.07
N PRO B 187 -18.83 8.09 -21.16
CA PRO B 187 -18.24 6.76 -21.36
C PRO B 187 -18.24 5.93 -20.08
N SER B 188 -18.11 4.62 -20.23
CA SER B 188 -18.09 3.71 -19.10
C SER B 188 -19.36 3.87 -18.26
N GLY B 189 -20.38 4.48 -18.86
CA GLY B 189 -21.63 4.69 -18.16
C GLY B 189 -22.84 4.30 -19.00
N PHE B 190 -22.98 4.96 -20.14
CA PHE B 190 -24.09 4.68 -21.05
C PHE B 190 -23.92 5.43 -22.36
N GLY B 191 -23.29 6.60 -22.29
CA GLY B 191 -23.06 7.40 -23.48
C GLY B 191 -21.81 7.01 -24.22
N TRP B 192 -21.48 7.77 -25.26
CA TRP B 192 -20.29 7.50 -26.07
C TRP B 192 -19.61 8.82 -26.46
N ILE B 193 -18.95 9.45 -25.50
CA ILE B 193 -18.26 10.71 -25.74
C ILE B 193 -16.87 10.71 -25.14
N ASN B 194 -15.94 11.40 -25.80
CA ASN B 194 -14.56 11.49 -25.32
C ASN B 194 -13.97 12.86 -25.61
N GLN B 195 -14.79 13.90 -25.43
CA GLN B 195 -14.35 15.27 -25.68
C GLN B 195 -13.67 15.85 -24.45
N THR B 196 -13.20 17.09 -24.57
CA THR B 196 -12.54 17.76 -23.46
C THR B 196 -13.53 18.06 -22.34
N ILE B 197 -14.80 18.23 -22.70
CA ILE B 197 -15.84 18.51 -21.72
C ILE B 197 -15.99 17.36 -20.74
N ASP B 198 -15.68 16.15 -21.20
CA ASP B 198 -15.78 14.96 -20.37
C ASP B 198 -14.78 15.01 -19.23
N THR B 199 -13.50 15.08 -19.58
CA THR B 199 -12.44 15.13 -18.59
C THR B 199 -12.55 16.39 -17.73
N PHE B 200 -12.95 17.50 -18.35
CA PHE B 200 -13.10 18.77 -17.65
C PHE B 200 -14.09 18.63 -16.50
N LEU B 201 -15.03 17.70 -16.65
CA LEU B 201 -16.04 17.47 -15.63
C LEU B 201 -15.45 16.70 -14.44
N PHE B 202 -14.77 15.59 -14.73
CA PHE B 202 -14.17 14.77 -13.67
C PHE B 202 -12.95 15.47 -13.09
N CYS B 203 -12.57 16.60 -13.69
CA CYS B 203 -11.43 17.38 -13.22
C CYS B 203 -11.89 18.51 -12.32
N LEU B 204 -12.99 19.16 -12.73
CA LEU B 204 -13.55 20.28 -11.99
C LEU B 204 -14.20 19.83 -10.68
N LEU B 205 -14.86 18.68 -10.70
CA LEU B 205 -15.52 18.17 -9.49
C LEU B 205 -14.53 17.99 -8.35
N PRO B 206 -13.42 17.23 -8.55
CA PRO B 206 -12.41 17.03 -7.51
C PRO B 206 -11.92 18.36 -6.95
N PHE B 207 -11.69 19.33 -7.84
CA PHE B 207 -11.24 20.65 -7.44
C PHE B 207 -12.23 21.28 -6.47
N PHE B 208 -13.52 21.13 -6.76
CA PHE B 208 -14.57 21.69 -5.91
C PHE B 208 -14.64 20.92 -4.59
N SER B 209 -14.30 19.64 -4.64
CA SER B 209 -14.32 18.80 -3.46
C SER B 209 -13.04 18.98 -2.66
N VAL B 211 -11.42 22.12 -2.54
CA VAL B 211 -11.51 23.45 -1.96
C VAL B 211 -12.66 23.54 -0.97
N GLY B 212 -13.73 22.80 -1.24
CA GLY B 212 -14.89 22.80 -0.36
C GLY B 212 -14.56 22.27 1.01
N PHE B 213 -13.73 21.22 1.06
CA PHE B 213 -13.33 20.61 2.33
C PHE B 213 -12.43 21.55 3.13
N SER B 214 -11.64 22.35 2.42
CA SER B 214 -10.73 23.29 3.06
C SER B 214 -11.50 24.29 3.92
N PHE B 215 -12.34 25.08 3.28
CA PHE B 215 -13.15 26.08 3.98
C PHE B 215 -14.11 25.42 4.96
N LEU B 216 -14.39 24.14 4.74
CA LEU B 216 -15.32 23.40 5.59
C LEU B 216 -14.71 23.15 6.97
N ASP B 217 -13.51 22.56 7.00
CA ASP B 217 -12.84 22.25 8.26
C ASP B 217 -12.61 23.51 9.09
N LEU B 218 -12.28 24.62 8.42
CA LEU B 218 -12.02 25.87 9.11
C LEU B 218 -13.24 26.32 9.93
N HIS B 219 -14.41 26.30 9.28
CA HIS B 219 -15.65 26.70 9.94
C HIS B 219 -16.16 25.61 10.87
N GLY B 220 -15.70 24.38 10.63
CA GLY B 220 -16.13 23.26 11.45
C GLY B 220 -15.73 23.40 12.90
N LEU B 221 -14.46 23.74 13.13
CA LEU B 221 -13.96 23.90 14.50
C LEU B 221 -14.76 24.96 15.26
N ARG B 222 -14.82 26.17 14.70
CA ARG B 222 -15.56 27.27 15.32
C ARG B 222 -15.05 27.52 16.74
N ASN B 223 -13.97 28.30 16.85
CA ASN B 223 -13.39 28.61 18.15
C ASN B 223 -14.24 29.65 18.89
N LEU B 224 -14.98 29.18 19.90
CA LEU B 224 -15.83 30.07 20.68
C LEU B 224 -15.07 30.66 21.86
N ASN B 225 -14.81 29.83 22.87
CA ASN B 225 -14.08 30.26 24.06
C ASN B 225 -13.14 29.16 24.54
N ASP B 226 -11.98 29.07 23.91
CA ASP B 226 -11.00 28.05 24.27
C ASP B 226 -10.34 28.38 25.59
N SER B 227 -10.91 27.86 26.68
CA SER B 227 -10.37 28.09 28.02
C SER B 227 -9.44 26.97 28.43
N ARG B 228 -8.18 27.06 27.99
CA ARG B 228 -7.18 26.05 28.31
C ARG B 228 -6.51 26.35 29.64
N GLN B 229 -6.22 25.30 30.41
CA GLN B 229 -5.57 25.45 31.70
C GLN B 229 -4.39 24.49 31.83
N MET C 1 21.89 -13.37 -24.11
CA MET C 1 23.28 -12.97 -24.43
C MET C 1 24.23 -13.32 -23.30
N ASN C 2 23.70 -13.37 -22.09
CA ASN C 2 24.50 -13.69 -20.91
C ASN C 2 25.14 -15.07 -21.05
N LEU C 3 26.27 -15.25 -20.38
CA LEU C 3 27.00 -16.52 -20.42
C LEU C 3 27.56 -16.88 -19.05
N GLU C 4 28.51 -16.09 -18.59
CA GLU C 4 29.13 -16.32 -17.28
C GLU C 4 29.33 -15.00 -16.54
N SER C 5 28.41 -14.08 -16.71
CA SER C 5 28.48 -12.78 -16.05
C SER C 5 27.15 -12.40 -15.42
N LEU C 6 26.84 -13.02 -14.28
CA LEU C 6 25.60 -12.74 -13.58
C LEU C 6 25.83 -11.78 -12.41
N LEU C 7 25.63 -10.50 -12.67
CA LEU C 7 25.84 -9.47 -11.65
C LEU C 7 24.66 -9.41 -10.67
N HIS C 8 23.44 -9.35 -11.23
CA HIS C 8 22.23 -9.29 -10.41
C HIS C 8 22.06 -10.56 -9.59
N TRP C 9 22.65 -11.65 -10.07
CA TRP C 9 22.57 -12.93 -9.38
C TRP C 9 23.40 -12.90 -8.11
N ILE C 10 24.65 -12.46 -8.22
CA ILE C 10 25.53 -12.36 -7.06
C ILE C 10 24.99 -11.33 -6.08
N TYR C 11 24.14 -10.43 -6.60
CA TYR C 11 23.53 -9.40 -5.78
C TYR C 11 22.67 -10.02 -4.69
N VAL C 12 21.68 -10.80 -5.09
CA VAL C 12 20.79 -11.47 -4.14
C VAL C 12 21.56 -12.42 -3.23
N ALA C 13 22.68 -12.93 -3.73
CA ALA C 13 23.50 -13.86 -2.95
C ALA C 13 24.10 -13.16 -1.73
N GLY C 14 24.63 -11.97 -1.94
CA GLY C 14 25.23 -11.22 -0.86
C GLY C 14 24.20 -10.69 0.12
N MET C 15 22.97 -10.53 -0.34
CA MET C 15 21.90 -10.02 0.51
C MET C 15 21.37 -11.12 1.44
N THR C 16 21.19 -12.31 0.90
CA THR C 16 20.70 -13.44 1.70
C THR C 16 21.63 -13.73 2.87
N ILE C 17 22.92 -13.86 2.58
CA ILE C 17 23.91 -14.14 3.61
C ILE C 17 23.98 -12.99 4.62
N GLY C 18 23.67 -11.78 4.15
CA GLY C 18 23.69 -10.62 5.02
C GLY C 18 22.81 -10.80 6.24
N ALA C 19 21.51 -10.98 6.03
CA ALA C 19 20.57 -11.16 7.12
C ALA C 19 20.98 -12.34 8.01
N LEU C 20 21.59 -13.35 7.39
CA LEU C 20 22.03 -14.54 8.12
C LEU C 20 23.19 -14.21 9.06
N HIS C 21 23.98 -13.22 8.69
CA HIS C 21 25.12 -12.81 9.52
C HIS C 21 24.66 -12.41 10.91
N PHE C 22 23.54 -11.70 10.97
CA PHE C 22 22.99 -11.26 12.25
C PHE C 22 22.27 -12.41 12.94
N TRP C 23 21.82 -13.38 12.16
CA TRP C 23 21.13 -14.54 12.71
C TRP C 23 21.98 -15.23 13.78
N SER C 24 23.27 -15.37 13.50
CA SER C 24 24.19 -16.00 14.43
C SER C 24 24.67 -15.00 15.49
N LEU C 25 24.88 -13.75 15.06
CA LEU C 25 25.35 -12.70 15.96
C LEU C 25 24.19 -12.18 16.81
N SER C 26 23.00 -12.70 16.57
CA SER C 26 21.81 -12.29 17.33
C SER C 26 21.98 -12.59 18.81
N ARG C 27 22.84 -13.56 19.12
CA ARG C 27 23.10 -13.93 20.51
C ARG C 27 23.46 -12.68 21.31
N ASN C 28 24.01 -11.70 20.62
CA ASN C 28 24.40 -10.43 21.24
C ASN C 28 24.83 -9.44 20.16
N PRO C 29 24.31 -8.18 20.21
CA PRO C 29 24.65 -7.14 19.25
C PRO C 29 25.76 -6.23 19.74
N ARG C 30 26.25 -5.38 18.85
CA ARG C 30 27.34 -4.45 19.20
C ARG C 30 26.78 -3.16 19.78
N GLY C 31 25.82 -3.30 20.70
CA GLY C 31 25.23 -2.14 21.33
C GLY C 31 23.87 -1.76 20.74
N VAL C 32 23.80 -1.75 19.41
CA VAL C 32 22.56 -1.41 18.73
C VAL C 32 21.54 -2.56 18.80
N PRO C 33 20.35 -2.30 19.38
CA PRO C 33 19.30 -3.32 19.52
C PRO C 33 18.89 -3.93 18.17
N GLN C 34 18.16 -5.04 18.25
CA GLN C 34 17.70 -5.77 17.08
C GLN C 34 16.77 -4.96 16.17
N TYR C 35 16.17 -3.89 16.69
CA TYR C 35 15.25 -3.08 15.86
C TYR C 35 15.92 -2.63 14.57
N GLU C 36 17.22 -2.41 14.63
CA GLU C 36 17.99 -1.97 13.46
C GLU C 36 18.10 -3.09 12.44
N TYR C 37 18.61 -4.24 12.89
CA TYR C 37 18.78 -5.39 12.00
C TYR C 37 17.44 -5.92 11.51
N LEU C 38 16.37 -5.59 12.24
CA LEU C 38 15.03 -6.03 11.86
C LEU C 38 14.64 -5.41 10.52
N VAL C 39 14.59 -4.09 10.47
CA VAL C 39 14.24 -3.39 9.24
C VAL C 39 15.32 -3.60 8.20
N ALA C 40 16.55 -3.77 8.67
CA ALA C 40 17.70 -3.98 7.79
C ALA C 40 17.68 -5.40 7.21
N MET C 41 16.78 -6.23 7.73
CA MET C 41 16.64 -7.61 7.26
C MET C 41 15.66 -7.68 6.10
N PHE C 42 14.61 -6.86 6.19
CA PHE C 42 13.58 -6.84 5.15
C PHE C 42 14.07 -6.16 3.87
N ILE C 43 15.01 -5.22 4.01
CA ILE C 43 15.55 -4.49 2.87
C ILE C 43 16.23 -5.44 1.86
N PRO C 44 17.17 -6.29 2.31
CA PRO C 44 17.89 -7.21 1.41
C PRO C 44 17.06 -8.39 0.90
N ILE C 45 16.15 -8.89 1.72
CA ILE C 45 15.32 -10.03 1.32
C ILE C 45 14.42 -9.70 0.13
N TRP C 46 13.69 -8.59 0.21
CA TRP C 46 12.78 -8.21 -0.88
C TRP C 46 13.56 -7.82 -2.13
N SER C 47 14.42 -6.81 -2.01
CA SER C 47 15.22 -6.35 -3.13
C SER C 47 16.03 -7.49 -3.71
N GLY C 48 16.42 -8.43 -2.86
CA GLY C 48 17.21 -9.56 -3.29
C GLY C 48 16.56 -10.33 -4.43
N LEU C 49 15.34 -10.79 -4.20
CA LEU C 49 14.62 -11.54 -5.22
C LEU C 49 14.42 -10.70 -6.47
N ALA C 50 14.33 -9.39 -6.29
CA ALA C 50 14.14 -8.47 -7.41
C ALA C 50 15.34 -8.50 -8.35
N TYR C 51 16.53 -8.50 -7.76
CA TYR C 51 17.77 -8.52 -8.55
C TYR C 51 17.94 -9.86 -9.25
N MET C 52 17.75 -10.94 -8.50
CA MET C 52 17.89 -12.29 -9.06
C MET C 52 17.07 -12.42 -10.34
N ALA C 53 15.99 -11.65 -10.42
CA ALA C 53 15.12 -11.67 -11.58
C ALA C 53 15.78 -10.96 -12.77
N MET C 54 16.39 -9.81 -12.48
CA MET C 54 17.07 -9.03 -13.52
C MET C 54 18.10 -9.88 -14.24
N ALA C 55 18.61 -10.90 -13.55
CA ALA C 55 19.61 -11.79 -14.12
C ALA C 55 18.97 -12.80 -15.06
N ILE C 56 17.86 -13.40 -14.63
CA ILE C 56 17.16 -14.38 -15.45
C ILE C 56 16.31 -13.71 -16.52
N ASP C 57 16.42 -12.38 -16.61
CA ASP C 57 15.68 -11.60 -17.58
C ASP C 57 14.17 -11.77 -17.40
N GLN C 58 13.65 -11.25 -16.30
CA GLN C 58 12.23 -11.33 -16.00
C GLN C 58 11.76 -10.12 -15.19
N GLY C 59 10.61 -9.58 -15.56
CA GLY C 59 10.08 -8.41 -14.86
C GLY C 59 10.07 -7.17 -15.71
N LYS C 60 10.43 -7.33 -16.98
CA LYS C 60 10.47 -6.20 -17.91
C LYS C 60 9.43 -6.38 -19.02
N VAL C 61 8.96 -5.26 -19.56
CA VAL C 61 7.95 -5.29 -20.62
C VAL C 61 8.46 -4.59 -21.88
N GLU C 62 8.06 -5.10 -23.04
CA GLU C 62 8.46 -4.53 -24.32
C GLU C 62 7.48 -3.46 -24.77
N ALA C 63 7.73 -2.21 -24.38
CA ALA C 63 6.87 -1.10 -24.75
C ALA C 63 7.34 -0.44 -26.05
N ALA C 64 6.59 -0.70 -27.13
CA ALA C 64 6.91 -0.13 -28.43
C ALA C 64 8.31 -0.56 -28.90
N GLY C 65 8.68 -1.79 -28.57
CA GLY C 65 9.99 -2.30 -28.96
C GLY C 65 11.08 -1.91 -27.98
N GLN C 66 10.78 -0.96 -27.10
CA GLN C 66 11.75 -0.49 -26.12
C GLN C 66 11.50 -1.15 -24.76
N ILE C 67 12.59 -1.62 -24.14
CA ILE C 67 12.50 -2.27 -22.84
C ILE C 67 12.30 -1.25 -21.73
N ALA C 68 11.41 -1.56 -20.79
CA ALA C 68 11.14 -0.66 -19.67
C ALA C 68 11.64 -1.26 -18.36
N HIS C 69 12.14 -0.40 -17.48
CA HIS C 69 12.66 -0.84 -16.18
C HIS C 69 11.52 -0.96 -15.16
N TYR C 70 10.58 -1.85 -15.46
CA TYR C 70 9.43 -2.08 -14.59
C TYR C 70 9.85 -2.57 -13.22
N ALA C 71 10.57 -3.68 -13.18
CA ALA C 71 11.02 -4.26 -11.92
C ALA C 71 11.97 -3.34 -11.16
N ARG C 72 12.60 -2.42 -11.87
CA ARG C 72 13.54 -1.50 -11.25
C ARG C 72 12.86 -0.56 -10.26
N TYR C 73 11.79 0.11 -10.69
CA TYR C 73 11.09 1.05 -9.81
C TYR C 73 10.26 0.30 -8.76
N ILE C 74 9.80 -0.90 -9.12
CA ILE C 74 9.00 -1.70 -8.20
C ILE C 74 9.72 -1.86 -6.86
N ASP C 75 10.98 -2.27 -6.92
CA ASP C 75 11.78 -2.44 -5.72
C ASP C 75 12.02 -1.08 -5.07
N TRP C 76 11.89 -0.02 -5.86
CA TRP C 76 12.08 1.33 -5.36
C TRP C 76 10.78 1.88 -4.81
N MET C 77 9.76 1.03 -4.77
CA MET C 77 8.46 1.42 -4.25
C MET C 77 8.26 0.87 -2.84
N VAL C 78 9.01 -0.17 -2.51
CA VAL C 78 8.92 -0.79 -1.19
C VAL C 78 10.19 -0.60 -0.38
N THR C 79 11.34 -0.87 -1.00
CA THR C 79 12.64 -0.74 -0.33
C THR C 79 12.90 0.68 0.14
N THR C 80 12.81 1.63 -0.77
CA THR C 80 13.07 3.04 -0.44
C THR C 80 12.28 3.51 0.78
N PRO C 81 10.92 3.36 0.80
CA PRO C 81 10.11 3.78 1.93
C PRO C 81 10.66 3.28 3.25
N LEU C 82 11.17 2.04 3.25
CA LEU C 82 11.74 1.44 4.45
C LEU C 82 13.09 2.05 4.77
N LEU C 83 13.87 2.33 3.72
CA LEU C 83 15.20 2.92 3.90
C LEU C 83 15.09 4.25 4.64
N LEU C 84 13.98 4.95 4.40
CA LEU C 84 13.72 6.23 5.04
C LEU C 84 13.17 6.03 6.45
N LEU C 85 12.23 5.11 6.58
CA LEU C 85 11.61 4.81 7.87
C LEU C 85 12.65 4.41 8.90
N SER C 86 13.71 3.74 8.45
CA SER C 86 14.78 3.31 9.34
C SER C 86 15.45 4.51 10.00
N LEU C 87 15.54 5.60 9.25
CA LEU C 87 16.17 6.82 9.76
C LEU C 87 15.38 7.39 10.94
N SER C 88 14.06 7.41 10.82
CA SER C 88 13.20 7.93 11.87
C SER C 88 13.27 7.05 13.11
N TRP C 89 13.66 5.79 12.92
CA TRP C 89 13.78 4.84 14.03
C TRP C 89 15.12 4.99 14.72
N THR C 90 16.11 5.46 13.98
CA THR C 90 17.45 5.65 14.51
C THR C 90 17.54 6.91 15.36
N ALA C 91 16.87 7.97 14.92
CA ALA C 91 16.86 9.23 15.64
C ALA C 91 15.99 9.16 16.89
N MET C 92 14.80 8.56 16.73
CA MET C 92 13.86 8.42 17.84
C MET C 92 13.72 6.96 18.23
N GLN C 93 14.38 6.57 19.32
CA GLN C 93 14.31 5.20 19.80
C GLN C 93 12.95 4.90 20.41
N PHE C 94 12.39 5.86 21.13
CA PHE C 94 11.09 5.70 21.76
C PHE C 94 10.08 6.68 21.19
N ILE C 95 8.88 6.19 20.92
CA ILE C 95 7.81 7.02 20.37
C ILE C 95 6.64 7.12 21.33
N LYS C 96 6.00 8.28 21.38
CA LYS C 96 4.86 8.49 22.26
C LYS C 96 3.64 9.01 21.49
N LYS C 97 3.77 10.22 20.94
CA LYS C 97 2.69 10.82 20.19
C LYS C 97 3.24 11.74 19.09
N ASP C 98 3.09 11.32 17.84
CA ASP C 98 3.58 12.11 16.71
C ASP C 98 2.64 11.98 15.51
N TRP C 99 2.82 10.93 14.72
CA TRP C 99 2.00 10.68 13.55
C TRP C 99 1.98 11.90 12.62
N THR C 100 3.03 12.72 12.72
CA THR C 100 3.14 13.91 11.89
C THR C 100 4.39 13.86 11.03
N LEU C 101 5.54 13.62 11.66
CA LEU C 101 6.81 13.54 10.95
C LEU C 101 6.89 12.26 10.13
N ILE C 102 6.65 11.13 10.79
CA ILE C 102 6.71 9.83 10.12
C ILE C 102 5.75 9.78 8.93
N GLY C 103 4.63 10.49 9.04
CA GLY C 103 3.65 10.50 7.97
C GLY C 103 4.01 11.49 6.87
N PHE C 104 4.61 12.61 7.25
CA PHE C 104 4.99 13.64 6.29
C PHE C 104 6.17 13.17 5.44
N LEU C 105 7.01 12.32 6.00
CA LEU C 105 8.17 11.80 5.28
C LEU C 105 7.77 10.67 4.32
N MET C 106 7.03 9.71 4.85
CA MET C 106 6.60 8.57 4.05
C MET C 106 5.71 9.02 2.89
N SER C 107 4.97 10.11 3.10
CA SER C 107 4.10 10.65 2.07
C SER C 107 4.90 11.23 0.92
N THR C 108 5.84 12.12 1.26
CA THR C 108 6.68 12.75 0.25
C THR C 108 7.50 11.71 -0.49
N GLN C 109 7.71 10.56 0.15
CA GLN C 109 8.47 9.47 -0.45
C GLN C 109 7.73 8.93 -1.67
N ILE C 110 6.45 8.62 -1.49
CA ILE C 110 5.63 8.10 -2.57
C ILE C 110 5.66 9.06 -3.77
N VAL C 111 5.76 10.36 -3.47
CA VAL C 111 5.82 11.37 -4.51
C VAL C 111 7.05 11.20 -5.39
N VAL C 112 8.20 10.99 -4.73
CA VAL C 112 9.46 10.80 -5.43
C VAL C 112 9.44 9.55 -6.30
N ILE C 113 8.98 8.44 -5.72
CA ILE C 113 8.90 7.17 -6.42
C ILE C 113 7.99 7.28 -7.64
N THR C 114 6.98 8.13 -7.54
CA THR C 114 6.03 8.33 -8.64
C THR C 114 6.74 8.82 -9.88
N SER C 115 7.58 9.84 -9.72
CA SER C 115 8.32 10.40 -10.84
C SER C 115 9.38 9.43 -11.33
N GLY C 116 9.76 8.48 -10.47
CA GLY C 116 10.78 7.51 -10.84
C GLY C 116 10.25 6.37 -11.69
N LEU C 117 9.00 5.98 -11.44
CA LEU C 117 8.39 4.89 -12.20
C LEU C 117 7.91 5.34 -13.56
N ILE C 118 7.52 6.61 -13.66
CA ILE C 118 7.03 7.15 -14.93
C ILE C 118 8.19 7.60 -15.82
N ALA C 119 9.32 7.95 -15.19
CA ALA C 119 10.50 8.39 -15.93
C ALA C 119 10.90 7.36 -16.98
N ASP C 120 10.83 6.09 -16.61
CA ASP C 120 11.19 5.01 -17.52
C ASP C 120 10.04 4.69 -18.47
N LEU C 121 8.84 5.14 -18.11
CA LEU C 121 7.65 4.91 -18.94
C LEU C 121 7.46 6.04 -19.94
N SER C 122 8.56 6.59 -20.43
CA SER C 122 8.50 7.68 -21.40
C SER C 122 8.52 7.15 -22.83
N GLU C 123 7.59 7.64 -23.65
CA GLU C 123 7.49 7.21 -25.04
C GLU C 123 8.11 8.25 -25.98
N ARG C 124 7.66 9.50 -25.85
CA ARG C 124 8.17 10.58 -26.68
C ARG C 124 9.37 11.25 -26.03
N ASP C 125 10.38 11.54 -26.84
CA ASP C 125 11.61 12.17 -26.36
C ASP C 125 11.34 13.61 -25.92
N TRP C 126 10.30 14.21 -26.48
CA TRP C 126 9.94 15.59 -26.14
C TRP C 126 9.38 15.67 -24.72
N VAL C 127 8.31 14.91 -24.47
CA VAL C 127 7.68 14.89 -23.16
C VAL C 127 8.63 14.34 -22.11
N ARG C 128 9.61 13.56 -22.56
CA ARG C 128 10.59 12.96 -21.66
C ARG C 128 11.34 14.04 -20.89
N TYR C 129 11.60 15.16 -21.53
CA TYR C 129 12.32 16.27 -20.90
C TYR C 129 11.40 17.01 -19.93
N LEU C 130 10.09 16.81 -20.09
CA LEU C 130 9.11 17.47 -19.23
C LEU C 130 8.93 16.71 -17.92
N TRP C 131 8.89 15.38 -18.00
CA TRP C 131 8.71 14.56 -16.80
C TRP C 131 9.99 14.53 -15.96
N TYR C 132 11.14 14.63 -16.62
CA TYR C 132 12.42 14.61 -15.93
C TYR C 132 12.52 15.76 -14.93
N ILE C 133 12.33 16.98 -15.43
CA ILE C 133 12.39 18.17 -14.59
C ILE C 133 11.34 18.12 -13.49
N CYS C 134 10.22 17.50 -13.77
CA CYS C 134 9.13 17.38 -12.80
C CYS C 134 9.58 16.55 -11.61
N GLY C 135 10.46 15.59 -11.85
CA GLY C 135 10.95 14.74 -10.79
C GLY C 135 11.86 15.47 -9.82
N VAL C 136 12.88 16.12 -10.35
CA VAL C 136 13.84 16.86 -9.51
C VAL C 136 13.14 17.97 -8.73
N CYS C 137 12.17 18.63 -9.37
CA CYS C 137 11.43 19.71 -8.72
C CYS C 137 10.78 19.21 -7.44
N ALA C 138 10.20 18.01 -7.49
CA ALA C 138 9.55 17.42 -6.33
C ALA C 138 10.54 17.21 -5.19
N PHE C 139 11.77 16.85 -5.55
CA PHE C 139 12.82 16.62 -4.56
C PHE C 139 13.29 17.94 -3.94
N LEU C 140 13.10 19.03 -4.67
CA LEU C 140 13.51 20.34 -4.19
C LEU C 140 12.68 20.78 -2.99
N ILE C 141 11.35 20.74 -3.13
CA ILE C 141 10.45 21.12 -2.05
C ILE C 141 10.54 20.16 -0.88
N ILE C 142 10.82 18.89 -1.18
CA ILE C 142 10.93 17.87 -0.14
C ILE C 142 12.26 17.99 0.60
N LEU C 143 13.28 18.48 -0.11
CA LEU C 143 14.61 18.66 0.48
C LEU C 143 14.60 19.77 1.52
N TRP C 144 13.82 20.81 1.26
CA TRP C 144 13.72 21.95 2.17
C TRP C 144 12.83 21.60 3.36
N GLY C 145 11.87 20.70 3.14
CA GLY C 145 10.97 20.30 4.19
C GLY C 145 11.59 19.25 5.11
N ILE C 146 12.51 18.45 4.57
CA ILE C 146 13.17 17.42 5.34
C ILE C 146 14.35 18.02 6.11
N TRP C 147 14.84 19.15 5.64
CA TRP C 147 15.95 19.85 6.29
C TRP C 147 15.44 20.78 7.37
N ASN C 148 14.13 20.77 7.59
CA ASN C 148 13.51 21.63 8.58
C ASN C 148 13.49 20.97 9.96
N PRO C 149 13.04 19.69 10.07
CA PRO C 149 12.98 18.98 11.36
C PRO C 149 14.21 19.21 12.23
N LEU C 150 15.36 19.41 11.59
CA LEU C 150 16.60 19.65 12.32
C LEU C 150 16.45 20.85 13.25
N ARG C 151 16.03 21.97 12.68
CA ARG C 151 15.82 23.21 13.44
C ARG C 151 17.13 23.73 14.04
N ALA C 152 17.34 25.03 13.87
CA ALA C 152 18.54 25.69 14.39
C ALA C 152 18.54 25.66 15.91
N LYS C 153 17.37 25.41 16.50
CA LYS C 153 17.24 25.36 17.95
C LYS C 153 18.11 24.25 18.53
N THR C 154 18.19 23.13 17.82
CA THR C 154 18.98 21.99 18.25
C THR C 154 20.47 22.35 18.31
N ARG C 155 20.88 23.30 17.46
CA ARG C 155 22.27 23.73 17.43
C ARG C 155 22.68 24.40 18.74
N THR C 156 21.68 24.88 19.49
CA THR C 156 21.93 25.54 20.77
C THR C 156 21.30 24.76 21.92
N GLN C 157 20.45 23.79 21.59
CA GLN C 157 19.78 22.98 22.60
C GLN C 157 20.68 21.83 23.03
N SER C 158 21.03 20.96 22.08
CA SER C 158 21.88 19.81 22.35
C SER C 158 22.88 19.60 21.22
N SER C 159 24.17 19.75 21.53
CA SER C 159 25.22 19.57 20.54
C SER C 159 25.43 18.10 20.23
N GLU C 160 24.99 17.23 21.12
CA GLU C 160 25.13 15.79 20.94
C GLU C 160 24.15 15.27 19.91
N LEU C 161 22.86 15.54 20.13
CA LEU C 161 21.81 15.10 19.23
C LEU C 161 21.91 15.80 17.88
N ALA C 162 22.61 16.93 17.86
CA ALA C 162 22.78 17.71 16.63
C ALA C 162 23.86 17.08 15.74
N ASN C 163 24.94 16.63 16.36
CA ASN C 163 26.04 16.01 15.61
C ASN C 163 25.60 14.71 14.96
N LEU C 164 24.74 13.97 15.65
CA LEU C 164 24.24 12.70 15.13
C LEU C 164 23.35 12.92 13.91
N TYR C 165 22.42 13.87 14.04
CA TYR C 165 21.51 14.19 12.95
C TYR C 165 22.24 14.88 11.81
N ASP C 166 23.33 15.56 12.14
CA ASP C 166 24.12 16.26 11.14
C ASP C 166 24.72 15.30 10.12
N LYS C 167 25.53 14.37 10.60
CA LYS C 167 26.17 13.39 9.73
C LYS C 167 25.16 12.39 9.19
N LEU C 168 24.07 12.19 9.92
CA LEU C 168 23.03 11.26 9.51
C LEU C 168 22.41 11.70 8.19
N VAL C 169 21.93 12.93 8.16
CA VAL C 169 21.30 13.48 6.96
C VAL C 169 22.34 13.74 5.86
N THR C 170 23.58 14.02 6.27
CA THR C 170 24.65 14.30 5.33
C THR C 170 24.77 13.18 4.29
N TYR C 171 24.99 11.95 4.75
CA TYR C 171 25.11 10.81 3.85
C TYR C 171 23.81 10.58 3.10
N PHE C 172 22.69 10.75 3.80
CA PHE C 172 21.37 10.56 3.21
C PHE C 172 21.16 11.51 2.04
N THR C 173 21.88 12.64 2.05
CA THR C 173 21.76 13.63 0.99
C THR C 173 22.56 13.23 -0.25
N VAL C 174 23.82 12.86 -0.06
CA VAL C 174 24.69 12.46 -1.17
C VAL C 174 24.07 11.34 -2.00
N LEU C 175 23.46 10.37 -1.32
CA LEU C 175 22.84 9.24 -2.02
C LEU C 175 21.58 9.65 -2.75
N TRP C 176 20.62 10.24 -2.03
CA TRP C 176 19.36 10.67 -2.63
C TRP C 176 19.59 11.58 -3.84
N ILE C 177 20.64 12.39 -3.78
CA ILE C 177 20.97 13.28 -4.88
C ILE C 177 21.85 12.57 -5.90
N GLY C 178 22.49 11.49 -5.46
CA GLY C 178 23.36 10.73 -6.32
C GLY C 178 22.65 10.20 -7.55
N TYR C 179 21.45 9.64 -7.37
CA TYR C 179 20.68 9.10 -8.48
C TYR C 179 20.33 10.20 -9.49
N PRO C 180 19.66 11.29 -9.06
CA PRO C 180 19.30 12.39 -9.96
C PRO C 180 20.47 12.85 -10.82
N ILE C 181 21.69 12.67 -10.31
CA ILE C 181 22.89 13.07 -11.02
C ILE C 181 23.13 12.17 -12.25
N VAL C 182 23.28 10.88 -11.99
CA VAL C 182 23.52 9.92 -13.06
C VAL C 182 22.35 9.89 -14.04
N TRP C 183 21.16 10.27 -13.56
CA TRP C 183 19.98 10.30 -14.40
C TRP C 183 20.11 11.34 -15.50
N ILE C 184 20.97 12.34 -15.27
CA ILE C 184 21.19 13.40 -16.24
C ILE C 184 21.74 12.83 -17.55
N ILE C 185 22.44 11.71 -17.46
CA ILE C 185 23.00 11.07 -18.64
C ILE C 185 22.45 9.67 -18.83
N GLY C 186 22.61 9.13 -20.04
CA GLY C 186 22.10 7.80 -20.34
C GLY C 186 20.68 7.82 -20.86
N PRO C 187 19.95 6.70 -20.72
CA PRO C 187 18.55 6.61 -21.19
C PRO C 187 17.60 7.36 -20.28
N SER C 188 16.46 7.76 -20.84
CA SER C 188 15.44 8.49 -20.08
C SER C 188 16.02 9.77 -19.49
N GLY C 189 17.19 10.17 -19.97
CA GLY C 189 17.82 11.38 -19.48
C GLY C 189 19.01 11.79 -20.32
N PHE C 190 18.73 12.35 -21.49
CA PHE C 190 19.78 12.80 -22.40
C PHE C 190 20.80 11.70 -22.66
N GLY C 191 20.55 10.90 -23.71
CA GLY C 191 21.46 9.82 -24.05
C GLY C 191 20.76 8.67 -24.74
N TRP C 192 21.54 7.75 -25.29
CA TRP C 192 20.97 6.60 -25.98
C TRP C 192 21.72 5.32 -25.61
N ILE C 193 22.22 5.27 -24.38
CA ILE C 193 22.96 4.10 -23.89
C ILE C 193 22.00 3.09 -23.26
N ASN C 194 22.25 1.80 -23.51
CA ASN C 194 21.42 0.75 -22.96
C ASN C 194 22.19 -0.56 -22.83
N GLN C 195 23.48 -0.46 -22.52
CA GLN C 195 24.32 -1.64 -22.37
C GLN C 195 24.36 -2.12 -20.92
N THR C 196 25.20 -3.10 -20.64
CA THR C 196 25.33 -3.65 -19.29
C THR C 196 25.83 -2.59 -18.31
N ILE C 197 26.73 -1.74 -18.77
CA ILE C 197 27.29 -0.69 -17.93
C ILE C 197 26.19 0.20 -17.35
N ASP C 198 25.15 0.43 -18.13
CA ASP C 198 24.03 1.26 -17.69
C ASP C 198 23.32 0.62 -16.49
N THR C 199 22.83 -0.60 -16.68
CA THR C 199 22.13 -1.31 -15.62
C THR C 199 23.06 -1.60 -14.45
N PHE C 200 24.36 -1.58 -14.72
CA PHE C 200 25.35 -1.84 -13.68
C PHE C 200 25.52 -0.64 -12.77
N LEU C 201 25.31 0.55 -13.31
CA LEU C 201 25.43 1.78 -12.54
C LEU C 201 24.31 1.88 -11.52
N PHE C 202 23.07 1.74 -11.97
CA PHE C 202 21.91 1.81 -11.09
C PHE C 202 21.83 0.57 -10.20
N CYS C 203 22.75 -0.35 -10.41
CA CYS C 203 22.82 -1.58 -9.62
C CYS C 203 23.82 -1.44 -8.48
N LEU C 204 24.99 -0.92 -8.81
CA LEU C 204 26.07 -0.75 -7.85
C LEU C 204 25.78 0.36 -6.84
N LEU C 205 25.18 1.45 -7.31
CA LEU C 205 24.86 2.57 -6.44
C LEU C 205 23.97 2.13 -5.26
N PRO C 206 22.82 1.48 -5.51
CA PRO C 206 21.94 1.01 -4.43
C PRO C 206 22.69 0.13 -3.45
N PHE C 207 23.55 -0.75 -3.98
CA PHE C 207 24.34 -1.64 -3.14
C PHE C 207 25.23 -0.84 -2.20
N PHE C 208 25.84 0.23 -2.73
CA PHE C 208 26.71 1.09 -1.95
C PHE C 208 25.88 1.90 -0.96
N SER C 209 24.61 2.08 -1.26
CA SER C 209 23.70 2.83 -0.41
C SER C 209 23.10 1.92 0.65
N VAL C 211 25.01 -0.88 1.99
CA VAL C 211 26.10 -1.21 2.90
C VAL C 211 26.57 0.00 3.69
N GLY C 212 26.45 1.17 3.07
CA GLY C 212 26.87 2.40 3.74
C GLY C 212 26.07 2.69 4.99
N PHE C 213 24.75 2.65 4.87
CA PHE C 213 23.86 2.92 6.00
C PHE C 213 24.02 1.86 7.08
N SER C 214 24.51 0.68 6.70
CA SER C 214 24.71 -0.41 7.64
C SER C 214 25.74 -0.02 8.69
N PHE C 215 26.96 0.26 8.24
CA PHE C 215 28.03 0.65 9.15
C PHE C 215 27.77 2.03 9.74
N LEU C 216 26.99 2.83 9.02
CA LEU C 216 26.66 4.18 9.46
C LEU C 216 25.90 4.15 10.78
N ASP C 217 24.79 3.40 10.80
CA ASP C 217 23.97 3.29 12.01
C ASP C 217 24.76 2.67 13.15
N LEU C 218 25.68 1.78 12.81
CA LEU C 218 26.52 1.11 13.81
C LEU C 218 27.35 2.11 14.60
N HIS C 219 28.09 2.96 13.88
CA HIS C 219 28.92 3.96 14.52
C HIS C 219 28.11 5.17 14.96
N GLY C 220 26.92 5.32 14.38
CA GLY C 220 26.06 6.44 14.72
C GLY C 220 25.47 6.34 16.12
N LEU C 221 25.46 5.14 16.69
CA LEU C 221 24.91 4.93 18.02
C LEU C 221 25.83 5.52 19.09
N ARG C 222 27.07 5.04 19.13
CA ARG C 222 28.06 5.50 20.10
C ARG C 222 27.53 5.36 21.52
N ASN C 223 27.80 4.20 22.13
CA ASN C 223 27.35 3.93 23.49
C ASN C 223 27.93 4.94 24.46
N LEU C 224 29.23 4.81 24.75
CA LEU C 224 29.91 5.72 25.67
C LEU C 224 29.21 5.76 27.02
N ASN C 225 29.50 4.79 27.87
CA ASN C 225 28.91 4.72 29.21
C ASN C 225 27.39 4.71 29.13
N ASP C 226 26.82 3.51 29.04
CA ASP C 226 25.37 3.35 28.96
C ASP C 226 24.69 3.81 30.24
N SER C 227 25.19 3.31 31.37
CA SER C 227 24.63 3.66 32.68
C SER C 227 23.13 3.41 32.72
N ARG C 228 22.75 2.15 32.92
CA ARG C 228 21.34 1.77 32.99
C ARG C 228 20.93 1.51 34.44
N GLN C 229 19.76 2.03 34.82
CA GLN C 229 19.24 1.85 36.17
C GLN C 229 18.74 0.42 36.37
N MET A 1 -14.19 -13.25 -22.43
CA MET A 1 -15.19 -12.94 -23.49
C MET A 1 -16.37 -13.89 -23.43
N ASN A 2 -16.11 -15.17 -23.69
CA ASN A 2 -17.16 -16.19 -23.66
C ASN A 2 -17.61 -16.45 -22.24
N LEU A 3 -18.90 -16.68 -22.05
CA LEU A 3 -19.46 -16.94 -20.73
C LEU A 3 -19.92 -18.39 -20.63
N GLU A 4 -19.57 -19.02 -19.51
CA GLU A 4 -19.94 -20.42 -19.27
C GLU A 4 -19.70 -20.80 -17.82
N SER A 5 -18.87 -20.02 -17.14
CA SER A 5 -18.55 -20.27 -15.74
C SER A 5 -19.27 -19.26 -14.83
N LEU A 6 -20.02 -19.77 -13.86
CA LEU A 6 -20.76 -18.93 -12.94
C LEU A 6 -20.39 -19.26 -11.49
N LEU A 7 -19.33 -20.04 -11.31
CA LEU A 7 -18.88 -20.42 -9.97
C LEU A 7 -18.37 -19.20 -9.19
N HIS A 8 -17.60 -18.36 -9.87
CA HIS A 8 -17.04 -17.16 -9.23
C HIS A 8 -18.16 -16.16 -8.92
N TRP A 9 -19.26 -16.26 -9.67
CA TRP A 9 -20.38 -15.36 -9.47
C TRP A 9 -21.11 -15.71 -8.17
N ILE A 10 -21.46 -17.00 -8.03
CA ILE A 10 -22.14 -17.47 -6.82
C ILE A 10 -21.24 -17.29 -5.62
N TYR A 11 -19.94 -17.19 -5.87
CA TYR A 11 -18.96 -17.01 -4.82
C TYR A 11 -19.16 -15.69 -4.09
N VAL A 12 -19.01 -14.59 -4.83
CA VAL A 12 -19.17 -13.25 -4.25
C VAL A 12 -20.50 -13.11 -3.53
N ALA A 13 -21.53 -13.79 -4.04
CA ALA A 13 -22.86 -13.73 -3.44
C ALA A 13 -22.83 -14.27 -2.01
N GLY A 14 -22.14 -15.40 -1.83
CA GLY A 14 -22.05 -16.01 -0.51
C GLY A 14 -21.14 -15.24 0.42
N MET A 15 -20.23 -14.46 -0.14
CA MET A 15 -19.30 -13.67 0.67
C MET A 15 -19.99 -12.45 1.27
N THR A 16 -20.78 -11.76 0.45
CA THR A 16 -21.50 -10.57 0.91
C THR A 16 -22.41 -10.90 2.08
N ILE A 17 -23.21 -11.95 1.93
CA ILE A 17 -24.13 -12.37 2.98
C ILE A 17 -23.36 -12.81 4.23
N GLY A 18 -22.15 -13.33 4.02
CA GLY A 18 -21.33 -13.78 5.12
C GLY A 18 -21.09 -12.70 6.15
N ALA A 19 -20.51 -11.57 5.73
CA ALA A 19 -20.23 -10.46 6.63
C ALA A 19 -21.52 -9.91 7.23
N LEU A 20 -22.61 -10.06 6.48
CA LEU A 20 -23.91 -9.58 6.93
C LEU A 20 -24.40 -10.38 8.14
N HIS A 21 -24.11 -11.67 8.12
CA HIS A 21 -24.52 -12.55 9.21
C HIS A 21 -23.88 -12.12 10.53
N PHE A 22 -22.57 -11.91 10.50
CA PHE A 22 -21.84 -11.48 11.70
C PHE A 22 -22.23 -10.07 12.10
N TRP A 23 -22.74 -9.30 11.15
CA TRP A 23 -23.15 -7.93 11.42
C TRP A 23 -24.37 -7.90 12.33
N SER A 24 -25.23 -8.91 12.20
CA SER A 24 -26.43 -9.01 13.03
C SER A 24 -26.09 -9.52 14.41
N LEU A 25 -25.13 -10.44 14.47
CA LEU A 25 -24.70 -11.03 15.74
C LEU A 25 -23.69 -10.12 16.44
N SER A 26 -23.35 -9.01 15.79
CA SER A 26 -22.38 -8.07 16.35
C SER A 26 -22.88 -7.50 17.68
N ARG A 27 -24.21 -7.47 17.84
CA ARG A 27 -24.82 -6.96 19.06
C ARG A 27 -24.13 -7.56 20.28
N ASN A 28 -23.74 -8.82 20.14
CA ASN A 28 -23.05 -9.54 21.20
C ASN A 28 -22.41 -10.80 20.65
N PRO A 29 -21.12 -11.03 20.97
CA PRO A 29 -20.39 -12.21 20.52
C PRO A 29 -20.38 -13.33 21.54
N ARG A 30 -19.68 -14.41 21.23
CA ARG A 30 -19.59 -15.56 22.12
C ARG A 30 -18.33 -15.49 22.98
N GLY A 31 -17.86 -14.28 23.24
CA GLY A 31 -16.67 -14.10 24.05
C GLY A 31 -15.57 -13.37 23.32
N VAL A 32 -15.54 -13.51 21.99
CA VAL A 32 -14.52 -12.85 21.18
C VAL A 32 -14.90 -11.40 20.86
N PRO A 33 -14.03 -10.44 21.23
CA PRO A 33 -14.28 -9.02 20.99
C PRO A 33 -14.47 -8.72 19.50
N GLN A 34 -15.07 -7.57 19.21
CA GLN A 34 -15.33 -7.15 17.83
C GLN A 34 -14.05 -7.04 17.02
N TYR A 35 -12.91 -6.96 17.68
CA TYR A 35 -11.61 -6.84 17.00
C TYR A 35 -11.48 -7.89 15.90
N GLU A 36 -12.00 -9.09 16.17
CA GLU A 36 -11.94 -10.19 15.21
C GLU A 36 -12.93 -9.96 14.08
N TYR A 37 -14.09 -9.41 14.42
CA TYR A 37 -15.12 -9.13 13.43
C TYR A 37 -14.62 -8.14 12.40
N LEU A 38 -13.83 -7.17 12.86
CA LEU A 38 -13.28 -6.13 11.99
C LEU A 38 -12.37 -6.75 10.91
N VAL A 39 -11.35 -7.48 11.35
CA VAL A 39 -10.42 -8.10 10.42
C VAL A 39 -11.10 -9.17 9.57
N ALA A 40 -11.93 -9.98 10.20
CA ALA A 40 -12.65 -11.06 9.52
C ALA A 40 -13.70 -10.50 8.57
N MET A 41 -13.97 -9.20 8.65
CA MET A 41 -14.96 -8.57 7.79
C MET A 41 -14.32 -8.06 6.49
N PHE A 42 -13.07 -7.64 6.60
CA PHE A 42 -12.33 -7.11 5.46
C PHE A 42 -11.87 -8.21 4.50
N ILE A 43 -11.63 -9.40 5.03
CA ILE A 43 -11.17 -10.52 4.22
C ILE A 43 -12.20 -10.96 3.17
N PRO A 44 -13.47 -11.18 3.58
CA PRO A 44 -14.54 -11.62 2.66
C PRO A 44 -15.05 -10.53 1.72
N ILE A 45 -15.18 -9.30 2.21
CA ILE A 45 -15.68 -8.21 1.39
C ILE A 45 -14.80 -7.92 0.17
N TRP A 46 -13.49 -7.84 0.39
CA TRP A 46 -12.56 -7.57 -0.71
C TRP A 46 -12.46 -8.77 -1.64
N SER A 47 -12.07 -9.91 -1.09
CA SER A 47 -11.93 -11.13 -1.87
C SER A 47 -13.18 -11.41 -2.68
N GLY A 48 -14.33 -11.26 -2.04
CA GLY A 48 -15.60 -11.51 -2.71
C GLY A 48 -15.71 -10.78 -4.03
N LEU A 49 -15.49 -9.47 -4.01
CA LEU A 49 -15.58 -8.66 -5.22
C LEU A 49 -14.63 -9.18 -6.29
N ALA A 50 -13.48 -9.67 -5.85
CA ALA A 50 -12.47 -10.19 -6.78
C ALA A 50 -12.98 -11.42 -7.53
N TYR A 51 -13.69 -12.30 -6.82
CA TYR A 51 -14.23 -13.50 -7.43
C TYR A 51 -15.22 -13.16 -8.53
N MET A 52 -16.16 -12.26 -8.23
CA MET A 52 -17.16 -11.84 -9.20
C MET A 52 -16.48 -11.43 -10.50
N ALA A 53 -15.30 -10.83 -10.39
CA ALA A 53 -14.55 -10.39 -11.56
C ALA A 53 -14.08 -11.58 -12.40
N MET A 54 -13.66 -12.64 -11.72
CA MET A 54 -13.19 -13.84 -12.40
C MET A 54 -14.26 -14.36 -13.35
N ALA A 55 -15.53 -14.20 -12.96
CA ALA A 55 -16.64 -14.64 -13.77
C ALA A 55 -16.84 -13.74 -14.99
N ILE A 56 -16.68 -12.44 -14.78
CA ILE A 56 -16.83 -11.47 -15.85
C ILE A 56 -15.68 -11.56 -16.84
N ASP A 57 -14.61 -12.23 -16.42
CA ASP A 57 -13.43 -12.41 -17.26
C ASP A 57 -12.77 -11.07 -17.57
N GLN A 58 -12.74 -10.18 -16.58
CA GLN A 58 -12.14 -8.86 -16.74
C GLN A 58 -10.91 -8.70 -15.87
N GLY A 59 -9.95 -7.89 -16.33
CA GLY A 59 -8.73 -7.68 -15.57
C GLY A 59 -7.55 -8.40 -16.18
N LYS A 60 -7.84 -9.36 -17.04
CA LYS A 60 -6.81 -10.15 -17.70
C LYS A 60 -6.54 -9.63 -19.11
N VAL A 61 -5.29 -9.67 -19.53
CA VAL A 61 -4.90 -9.21 -20.85
C VAL A 61 -4.32 -10.35 -21.69
N GLU A 62 -4.70 -10.38 -22.97
CA GLU A 62 -4.24 -11.41 -23.87
C GLU A 62 -2.98 -10.95 -24.62
N ALA A 63 -1.82 -11.28 -24.06
CA ALA A 63 -0.54 -10.91 -24.66
C ALA A 63 -0.03 -12.02 -25.58
N ALA A 64 0.16 -11.67 -26.85
CA ALA A 64 0.65 -12.63 -27.85
C ALA A 64 -0.27 -13.83 -27.95
N GLY A 65 -1.55 -13.62 -27.65
CA GLY A 65 -2.53 -14.69 -27.73
C GLY A 65 -2.49 -15.58 -26.49
N GLN A 66 -2.11 -15.00 -25.36
CA GLN A 66 -2.03 -15.74 -24.11
C GLN A 66 -2.70 -14.96 -22.98
N ILE A 67 -3.73 -15.56 -22.39
CA ILE A 67 -4.45 -14.92 -21.29
C ILE A 67 -3.69 -15.10 -19.98
N ALA A 68 -3.62 -14.02 -19.20
CA ALA A 68 -2.91 -14.06 -17.93
C ALA A 68 -3.88 -14.00 -16.76
N HIS A 69 -3.54 -14.71 -15.69
CA HIS A 69 -4.37 -14.75 -14.48
C HIS A 69 -4.02 -13.59 -13.55
N TYR A 70 -4.04 -12.38 -14.11
CA TYR A 70 -3.72 -11.17 -13.36
C TYR A 70 -4.59 -11.03 -12.11
N ALA A 71 -5.89 -10.96 -12.31
CA ALA A 71 -6.83 -10.80 -11.21
C ALA A 71 -6.83 -11.99 -10.27
N ARG A 72 -6.40 -13.14 -10.79
CA ARG A 72 -6.38 -14.37 -10.00
C ARG A 72 -5.51 -14.21 -8.75
N TYR A 73 -4.26 -13.77 -8.91
CA TYR A 73 -3.37 -13.61 -7.76
C TYR A 73 -3.70 -12.33 -7.00
N ILE A 74 -4.43 -11.41 -7.64
CA ILE A 74 -4.81 -10.18 -6.98
C ILE A 74 -5.56 -10.51 -5.69
N ASP A 75 -6.43 -11.52 -5.77
CA ASP A 75 -7.19 -11.97 -4.62
C ASP A 75 -6.26 -12.59 -3.59
N TRP A 76 -5.07 -12.99 -4.04
CA TRP A 76 -4.07 -13.58 -3.16
C TRP A 76 -3.34 -12.51 -2.35
N MET A 77 -3.36 -11.29 -2.86
CA MET A 77 -2.69 -10.17 -2.20
C MET A 77 -3.62 -9.46 -1.22
N VAL A 78 -4.88 -9.86 -1.20
CA VAL A 78 -5.86 -9.24 -0.32
C VAL A 78 -6.39 -10.19 0.75
N THR A 79 -6.47 -11.48 0.40
CA THR A 79 -6.99 -12.49 1.31
C THR A 79 -5.89 -13.10 2.18
N THR A 80 -4.88 -13.68 1.53
CA THR A 80 -3.78 -14.32 2.23
C THR A 80 -3.13 -13.42 3.29
N PRO A 81 -2.74 -12.18 2.94
CA PRO A 81 -2.10 -11.27 3.91
C PRO A 81 -2.94 -11.09 5.17
N LEU A 82 -4.18 -10.67 4.99
CA LEU A 82 -5.08 -10.46 6.12
C LEU A 82 -5.30 -11.77 6.87
N LEU A 83 -5.17 -12.89 6.16
CA LEU A 83 -5.35 -14.20 6.76
C LEU A 83 -4.22 -14.47 7.75
N LEU A 84 -3.04 -13.98 7.40
CA LEU A 84 -1.85 -14.15 8.23
C LEU A 84 -1.78 -13.08 9.31
N LEU A 85 -2.49 -11.97 9.09
CA LEU A 85 -2.51 -10.86 10.03
C LEU A 85 -3.46 -11.14 11.19
N SER A 86 -4.61 -11.74 10.87
CA SER A 86 -5.61 -12.06 11.89
C SER A 86 -5.03 -13.00 12.94
N LEU A 87 -3.96 -13.69 12.58
CA LEU A 87 -3.31 -14.62 13.49
C LEU A 87 -2.53 -13.88 14.57
N SER A 88 -1.99 -12.72 14.22
CA SER A 88 -1.22 -11.90 15.15
C SER A 88 -2.12 -11.26 16.20
N TRP A 89 -3.30 -10.81 15.76
CA TRP A 89 -4.25 -10.17 16.66
C TRP A 89 -4.71 -11.13 17.75
N THR A 90 -5.13 -12.33 17.36
CA THR A 90 -5.58 -13.33 18.31
C THR A 90 -4.45 -13.80 19.22
N ALA A 91 -3.21 -13.65 18.74
CA ALA A 91 -2.04 -14.05 19.52
C ALA A 91 -1.57 -12.93 20.44
N MET A 92 -2.22 -11.78 20.36
CA MET A 92 -1.87 -10.64 21.19
C MET A 92 -3.09 -10.10 21.92
N GLN A 93 -3.13 -10.29 23.23
CA GLN A 93 -4.25 -9.82 24.05
C GLN A 93 -4.01 -8.38 24.50
N PHE A 94 -2.74 -7.99 24.59
CA PHE A 94 -2.40 -6.63 25.01
C PHE A 94 -1.16 -6.14 24.28
N ILE A 95 -1.17 -4.88 23.88
CA ILE A 95 -0.05 -4.28 23.15
C ILE A 95 0.22 -2.85 23.60
N LYS A 96 1.49 -2.46 23.60
CA LYS A 96 1.88 -1.11 24.00
C LYS A 96 2.79 -0.47 22.95
N LYS A 97 4.01 -0.98 22.84
CA LYS A 97 4.97 -0.46 21.87
C LYS A 97 5.84 -1.59 21.32
N ASP A 98 5.38 -2.24 20.26
CA ASP A 98 6.11 -3.33 19.63
C ASP A 98 5.65 -3.54 18.19
N TRP A 99 6.60 -3.48 17.27
CA TRP A 99 6.31 -3.66 15.85
C TRP A 99 7.28 -4.67 15.22
N THR A 100 7.92 -5.48 16.05
CA THR A 100 8.87 -6.47 15.57
C THR A 100 8.16 -7.72 15.05
N LEU A 101 7.20 -8.22 15.82
CA LEU A 101 6.45 -9.41 15.44
C LEU A 101 5.49 -9.11 14.29
N ILE A 102 4.59 -8.15 14.51
CA ILE A 102 3.61 -7.77 13.51
C ILE A 102 4.29 -7.28 12.23
N GLY A 103 5.53 -6.81 12.37
CA GLY A 103 6.27 -6.31 11.23
C GLY A 103 6.95 -7.42 10.46
N PHE A 104 7.48 -8.41 11.17
CA PHE A 104 8.16 -9.54 10.54
C PHE A 104 7.18 -10.40 9.75
N LEU A 105 5.99 -10.59 10.33
CA LEU A 105 4.95 -11.39 9.69
C LEU A 105 4.46 -10.71 8.40
N MET A 106 4.00 -9.48 8.53
CA MET A 106 3.50 -8.73 7.39
C MET A 106 4.56 -8.59 6.31
N SER A 107 5.82 -8.47 6.74
CA SER A 107 6.93 -8.34 5.80
C SER A 107 7.09 -9.59 4.94
N THR A 108 7.26 -10.73 5.60
CA THR A 108 7.42 -12.00 4.91
C THR A 108 6.24 -12.30 3.99
N GLN A 109 5.12 -11.63 4.23
CA GLN A 109 3.92 -11.84 3.42
C GLN A 109 4.03 -11.10 2.09
N ILE A 110 4.34 -9.82 2.16
CA ILE A 110 4.47 -8.98 0.96
C ILE A 110 5.42 -9.60 -0.06
N VAL A 111 6.49 -10.24 0.42
CA VAL A 111 7.46 -10.86 -0.47
C VAL A 111 6.90 -12.13 -1.10
N VAL A 112 6.13 -12.89 -0.32
CA VAL A 112 5.53 -14.13 -0.81
C VAL A 112 4.45 -13.83 -1.86
N ILE A 113 3.83 -12.66 -1.74
CA ILE A 113 2.78 -12.24 -2.67
C ILE A 113 3.37 -11.89 -4.02
N THR A 114 4.42 -11.07 -4.01
CA THR A 114 5.09 -10.66 -5.24
C THR A 114 5.47 -11.88 -6.07
N SER A 115 5.89 -12.94 -5.38
CA SER A 115 6.27 -14.18 -6.06
C SER A 115 5.09 -14.74 -6.84
N GLY A 116 3.99 -14.98 -6.13
CA GLY A 116 2.79 -15.51 -6.77
C GLY A 116 2.18 -14.52 -7.74
N LEU A 117 2.65 -13.28 -7.69
CA LEU A 117 2.16 -12.23 -8.56
C LEU A 117 2.70 -12.41 -9.97
N ILE A 118 4.02 -12.51 -10.08
CA ILE A 118 4.67 -12.68 -11.38
C ILE A 118 4.69 -14.14 -11.81
N ALA A 119 4.62 -15.04 -10.84
CA ALA A 119 4.62 -16.47 -11.13
C ALA A 119 3.55 -16.83 -12.14
N ASP A 120 2.38 -16.22 -11.99
CA ASP A 120 1.26 -16.47 -12.90
C ASP A 120 1.41 -15.64 -14.17
N LEU A 121 2.22 -14.59 -14.10
CA LEU A 121 2.46 -13.72 -15.24
C LEU A 121 3.56 -14.29 -16.14
N SER A 122 3.79 -15.59 -16.02
CA SER A 122 4.81 -16.26 -16.80
C SER A 122 4.26 -16.69 -18.15
N GLU A 123 4.84 -16.16 -19.23
CA GLU A 123 4.40 -16.50 -20.57
C GLU A 123 4.94 -17.85 -21.00
N ARG A 124 6.03 -18.28 -20.37
CA ARG A 124 6.65 -19.55 -20.68
C ARG A 124 6.49 -20.53 -19.52
N ASP A 125 6.41 -21.81 -19.83
CA ASP A 125 6.25 -22.84 -18.80
C ASP A 125 7.59 -23.20 -18.18
N TRP A 126 8.67 -22.69 -18.77
CA TRP A 126 10.02 -22.96 -18.27
C TRP A 126 10.44 -21.91 -17.25
N VAL A 127 10.27 -20.63 -17.61
CA VAL A 127 10.63 -19.53 -16.73
C VAL A 127 9.90 -19.61 -15.40
N ARG A 128 8.71 -20.21 -15.42
CA ARG A 128 7.90 -20.35 -14.21
C ARG A 128 8.63 -21.17 -13.15
N TYR A 129 9.44 -22.12 -13.60
CA TYR A 129 10.21 -22.99 -12.70
C TYR A 129 11.20 -22.17 -11.88
N LEU A 130 11.73 -21.11 -12.48
CA LEU A 130 12.71 -20.26 -11.81
C LEU A 130 12.02 -19.40 -10.74
N TRP A 131 10.95 -18.73 -11.13
CA TRP A 131 10.21 -17.88 -10.20
C TRP A 131 9.53 -18.73 -9.12
N TYR A 132 9.28 -19.99 -9.43
CA TYR A 132 8.63 -20.90 -8.49
C TYR A 132 9.57 -21.25 -7.34
N ILE A 133 10.77 -21.71 -7.66
CA ILE A 133 11.74 -22.07 -6.63
C ILE A 133 12.04 -20.89 -5.71
N CYS A 134 11.91 -19.68 -6.24
CA CYS A 134 12.15 -18.48 -5.46
C CYS A 134 11.09 -18.31 -4.38
N GLY A 135 9.84 -18.61 -4.74
CA GLY A 135 8.75 -18.48 -3.80
C GLY A 135 8.83 -19.49 -2.67
N VAL A 136 9.08 -20.75 -3.01
CA VAL A 136 9.18 -21.80 -2.01
C VAL A 136 10.41 -21.59 -1.12
N CYS A 137 11.45 -20.98 -1.68
CA CYS A 137 12.67 -20.72 -0.94
C CYS A 137 12.39 -19.88 0.30
N ALA A 138 11.69 -18.76 0.11
CA ALA A 138 11.34 -17.88 1.21
C ALA A 138 10.38 -18.56 2.17
N PHE A 139 9.59 -19.49 1.66
CA PHE A 139 8.62 -20.23 2.46
C PHE A 139 9.33 -21.17 3.43
N LEU A 140 10.56 -21.55 3.10
CA LEU A 140 11.33 -22.46 3.95
C LEU A 140 11.94 -21.73 5.14
N ILE A 141 12.65 -20.64 4.88
CA ILE A 141 13.30 -19.87 5.93
C ILE A 141 12.29 -19.32 6.93
N ILE A 142 11.13 -18.90 6.44
CA ILE A 142 10.09 -18.36 7.30
C ILE A 142 9.50 -19.43 8.21
N LEU A 143 9.22 -20.60 7.64
CA LEU A 143 8.65 -21.71 8.40
C LEU A 143 9.53 -22.06 9.60
N TRP A 144 10.83 -22.21 9.35
CA TRP A 144 11.78 -22.53 10.39
C TRP A 144 11.93 -21.37 11.38
N GLY A 145 11.68 -20.17 10.89
CA GLY A 145 11.80 -18.98 11.73
C GLY A 145 10.57 -18.73 12.57
N ILE A 146 9.46 -19.35 12.22
CA ILE A 146 8.21 -19.17 12.96
C ILE A 146 7.90 -20.38 13.83
N TRP A 147 8.67 -21.45 13.66
CA TRP A 147 8.47 -22.66 14.44
C TRP A 147 9.19 -22.61 15.78
N ASN A 148 10.22 -21.78 15.86
CA ASN A 148 10.99 -21.66 17.09
C ASN A 148 10.31 -20.72 18.10
N PRO A 149 9.93 -19.49 17.68
CA PRO A 149 9.27 -18.54 18.59
C PRO A 149 7.92 -19.05 19.09
N LEU A 150 7.52 -20.21 18.59
CA LEU A 150 6.24 -20.83 18.97
C LEU A 150 6.21 -21.13 20.47
N ARG A 151 7.18 -21.90 20.93
CA ARG A 151 7.24 -22.27 22.35
C ARG A 151 8.68 -22.28 22.86
N ALA A 152 9.64 -22.30 21.95
CA ALA A 152 11.04 -22.30 22.31
C ALA A 152 11.47 -20.98 22.94
N LYS A 153 11.08 -19.87 22.30
CA LYS A 153 11.43 -18.55 22.80
C LYS A 153 10.44 -18.10 23.87
N THR A 154 9.16 -18.40 23.67
CA THR A 154 8.12 -18.02 24.63
C THR A 154 8.14 -18.94 25.84
N ARG A 155 9.13 -19.83 25.90
CA ARG A 155 9.25 -20.76 27.01
C ARG A 155 9.46 -20.01 28.32
N THR A 156 10.21 -18.92 28.26
CA THR A 156 10.48 -18.11 29.44
C THR A 156 9.51 -16.94 29.54
N GLN A 157 8.83 -16.64 28.43
CA GLN A 157 7.87 -15.55 28.40
C GLN A 157 6.51 -16.00 28.93
N SER A 158 5.79 -16.77 28.13
CA SER A 158 4.48 -17.27 28.53
C SER A 158 4.21 -18.64 27.93
N SER A 159 4.05 -19.64 28.81
CA SER A 159 3.79 -21.00 28.37
C SER A 159 2.33 -21.17 27.95
N GLU A 160 1.45 -20.42 28.59
CA GLU A 160 0.02 -20.50 28.27
C GLU A 160 -0.25 -20.03 26.85
N LEU A 161 0.19 -18.82 26.54
CA LEU A 161 -0.01 -18.25 25.20
C LEU A 161 0.68 -19.10 24.15
N ALA A 162 1.65 -19.91 24.59
CA ALA A 162 2.38 -20.77 23.68
C ALA A 162 1.51 -21.90 23.15
N ASN A 163 0.88 -22.64 24.07
CA ASN A 163 0.00 -23.73 23.68
C ASN A 163 -1.11 -23.23 22.76
N LEU A 164 -1.46 -21.96 22.93
CA LEU A 164 -2.50 -21.35 22.11
C LEU A 164 -2.06 -21.30 20.64
N TYR A 165 -0.89 -20.75 20.40
CA TYR A 165 -0.35 -20.65 19.04
C TYR A 165 0.10 -22.01 18.52
N ASP A 166 0.38 -22.93 19.45
CA ASP A 166 0.82 -24.27 19.08
C ASP A 166 -0.25 -25.03 18.30
N LYS A 167 -1.50 -24.89 18.74
CA LYS A 167 -2.61 -25.56 18.07
C LYS A 167 -3.07 -24.76 16.85
N LEU A 168 -2.81 -23.46 16.88
CA LEU A 168 -3.19 -22.57 15.79
C LEU A 168 -2.25 -22.71 14.59
N VAL A 169 -0.97 -22.94 14.87
CA VAL A 169 0.02 -23.10 13.81
C VAL A 169 -0.13 -24.44 13.10
N THR A 170 -0.77 -25.39 13.78
CA THR A 170 -0.98 -26.72 13.21
C THR A 170 -1.79 -26.63 11.92
N TYR A 171 -2.98 -26.07 12.01
CA TYR A 171 -3.85 -25.92 10.86
C TYR A 171 -3.28 -24.91 9.89
N PHE A 172 -2.48 -23.98 10.41
CA PHE A 172 -1.86 -22.94 9.59
C PHE A 172 -0.75 -23.52 8.72
N THR A 173 -0.09 -24.56 9.21
CA THR A 173 1.01 -25.19 8.49
C THR A 173 0.48 -26.04 7.33
N VAL A 174 -0.48 -26.92 7.62
CA VAL A 174 -1.05 -27.79 6.61
C VAL A 174 -1.64 -27.00 5.44
N LEU A 175 -2.20 -25.83 5.75
CA LEU A 175 -2.81 -24.98 4.72
C LEU A 175 -1.75 -24.27 3.88
N TRP A 176 -0.84 -23.57 4.56
CA TRP A 176 0.22 -22.84 3.87
C TRP A 176 1.02 -23.75 2.95
N ILE A 177 1.18 -25.01 3.35
CA ILE A 177 1.94 -25.97 2.55
C ILE A 177 1.02 -26.66 1.54
N GLY A 178 -0.28 -26.63 1.82
CA GLY A 178 -1.24 -27.26 0.94
C GLY A 178 -1.20 -26.73 -0.48
N TYR A 179 -1.38 -25.42 -0.64
CA TYR A 179 -1.36 -24.79 -1.96
C TYR A 179 -0.08 -25.15 -2.74
N PRO A 180 1.11 -24.91 -2.16
CA PRO A 180 2.38 -25.22 -2.83
C PRO A 180 2.37 -26.61 -3.44
N ILE A 181 1.74 -27.56 -2.76
CA ILE A 181 1.66 -28.94 -3.23
C ILE A 181 0.98 -29.01 -4.59
N VAL A 182 -0.28 -28.57 -4.65
CA VAL A 182 -1.05 -28.60 -5.88
C VAL A 182 -0.41 -27.71 -6.94
N TRP A 183 0.36 -26.72 -6.50
CA TRP A 183 1.02 -25.81 -7.42
C TRP A 183 2.10 -26.53 -8.23
N ILE A 184 2.80 -27.46 -7.59
CA ILE A 184 3.86 -28.21 -8.26
C ILE A 184 3.34 -28.85 -9.55
N ILE A 185 2.65 -29.98 -9.40
CA ILE A 185 2.10 -30.68 -10.55
C ILE A 185 0.58 -30.61 -10.56
N GLY A 186 -0.03 -31.11 -11.63
CA GLY A 186 -1.47 -31.09 -11.74
C GLY A 186 -1.98 -29.82 -12.37
N PRO A 187 -3.22 -29.39 -12.04
CA PRO A 187 -3.81 -28.17 -12.59
C PRO A 187 -3.02 -26.93 -12.23
N SER A 188 -3.15 -25.88 -13.03
CA SER A 188 -2.44 -24.64 -12.81
C SER A 188 -0.93 -24.89 -12.73
N GLY A 189 -0.52 -26.05 -13.23
CA GLY A 189 0.89 -26.41 -13.22
C GLY A 189 1.20 -27.57 -14.13
N PHE A 190 0.44 -27.69 -15.22
CA PHE A 190 0.63 -28.76 -16.19
C PHE A 190 0.46 -30.13 -15.55
N GLY A 191 -0.73 -30.70 -15.67
CA GLY A 191 -1.01 -32.00 -15.09
C GLY A 191 -1.93 -32.84 -15.96
N TRP A 192 -2.07 -34.11 -15.61
CA TRP A 192 -2.94 -35.01 -16.37
C TRP A 192 -4.37 -34.49 -16.40
N ILE A 193 -4.69 -33.61 -15.45
CA ILE A 193 -6.02 -33.03 -15.36
C ILE A 193 -5.97 -31.52 -15.55
N ASN A 194 -6.97 -30.98 -16.25
CA ASN A 194 -7.04 -29.55 -16.51
C ASN A 194 -8.47 -29.11 -16.76
N GLN A 195 -9.42 -29.88 -16.23
CA GLN A 195 -10.84 -29.58 -16.39
C GLN A 195 -11.27 -28.44 -15.46
N THR A 196 -12.57 -28.32 -15.23
CA THR A 196 -13.09 -27.27 -14.36
C THR A 196 -12.56 -27.42 -12.95
N ILE A 197 -12.12 -28.64 -12.60
CA ILE A 197 -11.58 -28.92 -11.28
C ILE A 197 -10.42 -27.98 -10.95
N ASP A 198 -9.75 -27.49 -11.98
CA ASP A 198 -8.62 -26.58 -11.80
C ASP A 198 -9.00 -25.42 -10.90
N THR A 199 -9.98 -24.63 -11.32
CA THR A 199 -10.44 -23.48 -10.56
C THR A 199 -11.30 -23.91 -9.37
N PHE A 200 -12.07 -24.98 -9.55
CA PHE A 200 -12.94 -25.49 -8.51
C PHE A 200 -12.13 -25.89 -7.27
N LEU A 201 -10.86 -26.25 -7.49
CA LEU A 201 -9.99 -26.66 -6.41
C LEU A 201 -9.41 -25.45 -5.68
N PHE A 202 -8.88 -24.50 -6.46
CA PHE A 202 -8.30 -23.29 -5.88
C PHE A 202 -9.37 -22.39 -5.28
N CYS A 203 -10.64 -22.71 -5.56
CA CYS A 203 -11.75 -21.93 -5.03
C CYS A 203 -12.33 -22.59 -3.77
N LEU A 204 -12.51 -23.90 -3.85
CA LEU A 204 -13.07 -24.67 -2.73
C LEU A 204 -12.10 -24.77 -1.55
N LEU A 205 -10.80 -24.85 -1.84
CA LEU A 205 -9.81 -24.96 -0.78
C LEU A 205 -9.82 -23.74 0.15
N PRO A 206 -9.71 -22.50 -0.39
CA PRO A 206 -9.73 -21.29 0.43
C PRO A 206 -10.98 -21.22 1.31
N PHE A 207 -12.14 -21.46 0.70
CA PHE A 207 -13.40 -21.42 1.43
C PHE A 207 -13.45 -22.50 2.50
N PHE A 208 -12.79 -23.63 2.23
CA PHE A 208 -12.75 -24.75 3.17
C PHE A 208 -11.97 -24.36 4.42
N SER A 209 -10.99 -23.48 4.26
CA SER A 209 -10.17 -23.02 5.37
C SER A 209 -10.70 -21.69 5.90
N VAL A 211 -13.89 -21.01 6.52
CA VAL A 211 -14.91 -21.28 7.54
C VAL A 211 -14.33 -22.08 8.70
N GLY A 212 -13.41 -22.99 8.39
CA GLY A 212 -12.79 -23.81 9.42
C GLY A 212 -12.02 -22.97 10.42
N PHE A 213 -11.31 -21.97 9.92
CA PHE A 213 -10.52 -21.09 10.78
C PHE A 213 -11.41 -20.16 11.57
N SER A 214 -12.58 -19.85 11.02
CA SER A 214 -13.54 -18.96 11.68
C SER A 214 -13.93 -19.51 13.05
N PHE A 215 -14.53 -20.69 13.05
CA PHE A 215 -14.97 -21.32 14.29
C PHE A 215 -13.77 -21.75 15.14
N LEU A 216 -12.62 -21.88 14.48
CA LEU A 216 -11.39 -22.29 15.16
C LEU A 216 -10.88 -21.18 16.08
N ASP A 217 -10.79 -19.96 15.55
CA ASP A 217 -10.30 -18.82 16.32
C ASP A 217 -11.23 -18.53 17.49
N LEU A 218 -12.53 -18.64 17.26
CA LEU A 218 -13.52 -18.39 18.31
C LEU A 218 -13.32 -19.32 19.49
N HIS A 219 -13.03 -20.58 19.21
CA HIS A 219 -12.80 -21.58 20.26
C HIS A 219 -11.40 -21.46 20.84
N GLY A 220 -10.50 -20.83 20.10
CA GLY A 220 -9.13 -20.66 20.55
C GLY A 220 -8.99 -19.60 21.63
N LEU A 221 -9.97 -18.71 21.72
CA LEU A 221 -9.93 -17.64 22.71
C LEU A 221 -10.01 -18.20 24.13
N ARG A 222 -11.09 -18.93 24.41
CA ARG A 222 -11.28 -19.52 25.73
C ARG A 222 -11.20 -18.47 26.83
N ASN A 223 -12.28 -17.72 27.01
CA ASN A 223 -12.34 -16.68 28.02
C ASN A 223 -12.19 -17.27 29.43
N LEU A 224 -11.21 -16.76 30.17
CA LEU A 224 -10.96 -17.24 31.52
C LEU A 224 -10.16 -16.21 32.33
N ASN A 225 -9.70 -15.16 31.64
CA ASN A 225 -8.93 -14.10 32.29
C ASN A 225 -9.84 -12.97 32.75
N ASP A 226 -10.29 -12.17 31.80
CA ASP A 226 -11.17 -11.04 32.10
C ASP A 226 -12.44 -11.10 31.26
N SER A 227 -13.33 -10.14 31.48
CA SER A 227 -14.60 -10.09 30.74
C SER A 227 -15.10 -8.65 30.61
N ARG A 228 -15.25 -8.19 29.37
CA ARG A 228 -15.71 -6.84 29.11
C ARG A 228 -17.19 -6.84 28.70
N GLN A 229 -17.91 -5.81 29.13
CA GLN A 229 -19.34 -5.70 28.82
C GLN A 229 -19.55 -5.02 27.46
N MET B 1 0.43 12.30 -26.51
CA MET B 1 -0.17 12.44 -27.86
C MET B 1 -1.24 13.52 -27.86
N ASN B 2 -1.29 14.28 -28.96
CA ASN B 2 -2.26 15.36 -29.11
C ASN B 2 -2.12 16.40 -28.00
N LEU B 3 -1.41 17.49 -28.31
CA LEU B 3 -1.18 18.56 -27.35
C LEU B 3 -2.17 19.70 -27.57
N GLU B 4 -3.25 19.70 -26.79
CA GLU B 4 -4.27 20.74 -26.90
C GLU B 4 -4.81 21.13 -25.53
N SER B 5 -5.03 20.13 -24.67
CA SER B 5 -5.55 20.37 -23.33
C SER B 5 -4.43 20.81 -22.39
N LEU B 6 -4.66 21.92 -21.68
CA LEU B 6 -3.67 22.45 -20.75
C LEU B 6 -4.30 22.70 -19.38
N LEU B 7 -5.58 22.39 -19.25
CA LEU B 7 -6.31 22.59 -18.00
C LEU B 7 -5.70 21.75 -16.89
N HIS B 8 -5.09 20.63 -17.27
CA HIS B 8 -4.45 19.74 -16.30
C HIS B 8 -3.12 20.32 -15.84
N TRP B 9 -2.51 21.14 -16.69
CA TRP B 9 -1.23 21.75 -16.37
C TRP B 9 -1.42 22.90 -15.38
N ILE B 10 -2.43 23.74 -15.65
CA ILE B 10 -2.73 24.87 -14.78
C ILE B 10 -3.25 24.38 -13.44
N TYR B 11 -3.78 23.15 -13.43
CA TYR B 11 -4.32 22.55 -12.22
C TYR B 11 -3.21 22.29 -11.20
N VAL B 12 -2.24 21.46 -11.58
CA VAL B 12 -1.12 21.13 -10.70
C VAL B 12 -0.45 22.39 -10.15
N ALA B 13 -0.38 23.43 -10.98
CA ALA B 13 0.23 24.69 -10.57
C ALA B 13 -0.47 25.28 -9.35
N GLY B 14 -1.80 25.23 -9.37
CA GLY B 14 -2.58 25.77 -8.26
C GLY B 14 -2.51 24.89 -7.02
N MET B 15 -2.19 23.62 -7.22
CA MET B 15 -2.10 22.68 -6.10
C MET B 15 -0.82 22.93 -5.30
N THR B 16 0.28 23.20 -6.00
CA THR B 16 1.56 23.44 -5.35
C THR B 16 1.49 24.67 -4.45
N ILE B 17 1.02 25.79 -5.02
CA ILE B 17 0.90 27.02 -4.26
C ILE B 17 -0.07 26.87 -3.10
N GLY B 18 -1.00 25.93 -3.22
CA GLY B 18 -1.97 25.70 -2.17
C GLY B 18 -1.31 25.30 -0.86
N ALA B 19 -0.57 24.20 -0.88
CA ALA B 19 0.11 23.71 0.32
C ALA B 19 1.11 24.73 0.84
N LEU B 20 1.62 25.56 -0.05
CA LEU B 20 2.60 26.59 0.32
C LEU B 20 1.95 27.67 1.19
N HIS B 21 0.70 28.00 0.89
CA HIS B 21 -0.03 29.01 1.65
C HIS B 21 -0.16 28.59 3.11
N PHE B 22 -0.63 27.37 3.32
CA PHE B 22 -0.81 26.84 4.67
C PHE B 22 0.54 26.66 5.36
N TRP B 23 1.60 26.54 4.56
CA TRP B 23 2.95 26.36 5.10
C TRP B 23 3.43 27.63 5.78
N SER B 24 2.94 28.78 5.30
CA SER B 24 3.31 30.07 5.89
C SER B 24 2.42 30.40 7.08
N LEU B 25 1.19 29.90 7.05
CA LEU B 25 0.23 30.15 8.12
C LEU B 25 0.38 29.08 9.21
N SER B 26 1.30 28.14 8.98
CA SER B 26 1.53 27.07 9.94
C SER B 26 2.05 27.62 11.26
N ARG B 27 2.71 28.78 11.20
CA ARG B 27 3.26 29.42 12.40
C ARG B 27 2.18 29.48 13.48
N ASN B 28 0.93 29.63 13.04
CA ASN B 28 -0.20 29.68 13.95
C ASN B 28 -1.50 29.47 13.17
N PRO B 29 -2.39 28.59 13.66
CA PRO B 29 -3.66 28.29 13.02
C PRO B 29 -4.82 29.06 13.65
N ARG B 30 -6.01 28.90 13.06
CA ARG B 30 -7.21 29.56 13.56
C ARG B 30 -7.97 28.66 14.51
N GLY B 31 -7.23 27.86 15.29
CA GLY B 31 -7.86 26.96 16.24
C GLY B 31 -7.55 25.50 15.95
N VAL B 32 -7.58 25.13 14.68
CA VAL B 32 -7.29 23.75 14.28
C VAL B 32 -5.81 23.42 14.45
N PRO B 33 -5.50 22.23 15.00
CA PRO B 33 -4.12 21.80 15.22
C PRO B 33 -3.41 21.41 13.92
N GLN B 34 -2.09 21.28 14.01
CA GLN B 34 -1.25 20.93 12.87
C GLN B 34 -1.64 19.59 12.24
N TYR B 35 -2.35 18.74 12.98
CA TYR B 35 -2.73 17.43 12.45
C TYR B 35 -3.60 17.59 11.20
N GLU B 36 -4.40 18.65 11.17
CA GLU B 36 -5.28 18.91 10.04
C GLU B 36 -4.48 19.32 8.81
N TYR B 37 -3.52 20.22 9.00
CA TYR B 37 -2.69 20.69 7.90
C TYR B 37 -1.84 19.56 7.33
N LEU B 38 -1.56 18.55 8.16
CA LEU B 38 -0.76 17.42 7.73
C LEU B 38 -1.47 16.64 6.63
N VAL B 39 -2.65 16.10 6.95
CA VAL B 39 -3.42 15.34 5.99
C VAL B 39 -3.88 16.21 4.82
N ALA B 40 -4.21 17.45 5.12
CA ALA B 40 -4.67 18.40 4.11
C ALA B 40 -3.53 18.80 3.17
N MET B 41 -2.29 18.48 3.55
CA MET B 41 -1.13 18.82 2.74
C MET B 41 -0.82 17.72 1.73
N PHE B 42 -1.03 16.47 2.13
CA PHE B 42 -0.75 15.33 1.25
C PHE B 42 -1.76 15.20 0.11
N ILE B 43 -3.01 15.57 0.37
CA ILE B 43 -4.06 15.49 -0.64
C ILE B 43 -3.72 16.26 -1.92
N PRO B 44 -3.36 17.56 -1.81
CA PRO B 44 -3.05 18.39 -2.99
C PRO B 44 -1.71 18.04 -3.63
N ILE B 45 -0.72 17.70 -2.82
CA ILE B 45 0.62 17.36 -3.33
C ILE B 45 0.55 16.22 -4.36
N TRP B 46 0.10 15.05 -3.91
CA TRP B 46 0.02 13.89 -4.79
C TRP B 46 -0.91 14.14 -5.97
N SER B 47 -2.16 14.49 -5.67
CA SER B 47 -3.16 14.74 -6.70
C SER B 47 -2.64 15.72 -7.74
N GLY B 48 -1.88 16.72 -7.30
CA GLY B 48 -1.34 17.70 -8.22
C GLY B 48 -0.49 17.08 -9.30
N LEU B 49 0.45 16.22 -8.89
CA LEU B 49 1.33 15.54 -9.84
C LEU B 49 0.54 14.65 -10.79
N ALA B 50 -0.57 14.11 -10.29
CA ALA B 50 -1.42 13.25 -11.09
C ALA B 50 -2.04 14.01 -12.27
N TYR B 51 -2.63 15.16 -11.96
CA TYR B 51 -3.26 15.98 -12.99
C TYR B 51 -2.23 16.45 -14.01
N MET B 52 -1.07 16.89 -13.52
CA MET B 52 0.01 17.35 -14.39
C MET B 52 0.30 16.31 -15.47
N ALA B 53 0.15 15.04 -15.10
CA ALA B 53 0.38 13.94 -16.01
C ALA B 53 -0.68 13.91 -17.11
N MET B 54 -1.93 14.19 -16.72
CA MET B 54 -3.04 14.20 -17.66
C MET B 54 -2.74 15.14 -18.82
N ALA B 55 -2.07 16.25 -18.51
CA ALA B 55 -1.69 17.23 -19.53
C ALA B 55 -0.73 16.60 -20.53
N ILE B 56 0.31 15.94 -20.02
CA ILE B 56 1.29 15.28 -20.88
C ILE B 56 0.70 14.04 -21.52
N ASP B 57 -0.52 13.68 -21.10
CA ASP B 57 -1.22 12.52 -21.63
C ASP B 57 -0.45 11.22 -21.34
N GLN B 58 0.12 11.15 -20.14
CA GLN B 58 0.87 9.97 -19.73
C GLN B 58 0.03 9.06 -18.83
N GLY B 59 0.57 7.89 -18.51
CA GLY B 59 -0.15 6.95 -17.67
C GLY B 59 -1.33 6.32 -18.39
N LYS B 60 -1.24 6.24 -19.70
CA LYS B 60 -2.30 5.66 -20.50
C LYS B 60 -1.81 4.40 -21.23
N VAL B 61 -2.74 3.72 -21.91
CA VAL B 61 -2.41 2.51 -22.64
C VAL B 61 -3.22 2.39 -23.91
N GLU B 62 -2.58 1.91 -24.98
CA GLU B 62 -3.25 1.75 -26.27
C GLU B 62 -3.64 0.28 -26.49
N ALA B 63 -4.78 -0.11 -25.95
CA ALA B 63 -5.25 -1.48 -26.09
C ALA B 63 -6.24 -1.62 -27.25
N ALA B 64 -5.79 -2.30 -28.31
CA ALA B 64 -6.63 -2.51 -29.48
C ALA B 64 -7.10 -1.20 -30.09
N GLY B 65 -6.25 -0.17 -30.01
CA GLY B 65 -6.61 1.13 -30.55
C GLY B 65 -7.47 1.93 -29.61
N GLN B 66 -7.58 1.48 -28.37
CA GLN B 66 -8.38 2.18 -27.37
C GLN B 66 -7.50 2.71 -26.24
N ILE B 67 -7.66 3.99 -25.93
CA ILE B 67 -6.87 4.61 -24.87
C ILE B 67 -7.63 4.63 -23.55
N ALA B 68 -7.10 3.91 -22.56
CA ALA B 68 -7.72 3.84 -21.24
C ALA B 68 -7.18 4.92 -20.31
N HIS B 69 -8.06 5.48 -19.48
CA HIS B 69 -7.67 6.52 -18.54
C HIS B 69 -7.30 5.93 -17.18
N TYR B 70 -6.30 5.06 -17.19
CA TYR B 70 -5.84 4.42 -15.97
C TYR B 70 -5.31 5.44 -14.98
N ALA B 71 -4.43 6.32 -15.46
CA ALA B 71 -3.85 7.36 -14.62
C ALA B 71 -4.92 8.23 -14.00
N ARG B 72 -6.05 8.33 -14.70
CA ARG B 72 -7.17 9.14 -14.23
C ARG B 72 -7.71 8.59 -12.92
N TYR B 73 -7.96 7.28 -12.86
CA TYR B 73 -8.49 6.66 -11.66
C TYR B 73 -7.44 6.60 -10.55
N ILE B 74 -6.17 6.74 -10.93
CA ILE B 74 -5.09 6.72 -9.95
C ILE B 74 -5.22 7.93 -9.03
N ASP B 75 -5.55 9.08 -9.62
CA ASP B 75 -5.72 10.30 -8.86
C ASP B 75 -6.92 10.18 -7.93
N TRP B 76 -7.75 9.17 -8.17
CA TRP B 76 -8.94 8.93 -7.37
C TRP B 76 -8.61 8.11 -6.13
N MET B 77 -7.56 7.32 -6.21
CA MET B 77 -7.15 6.46 -5.11
C MET B 77 -6.13 7.16 -4.21
N VAL B 78 -5.85 8.43 -4.52
CA VAL B 78 -4.88 9.19 -3.74
C VAL B 78 -5.53 10.36 -3.00
N THR B 79 -6.60 10.91 -3.55
CA THR B 79 -7.27 12.05 -2.93
C THR B 79 -8.56 11.64 -2.22
N THR B 80 -9.35 10.79 -2.86
CA THR B 80 -10.62 10.33 -2.28
C THR B 80 -10.42 9.63 -0.93
N PRO B 81 -9.51 8.64 -0.84
CA PRO B 81 -9.26 7.92 0.43
C PRO B 81 -8.78 8.86 1.52
N LEU B 82 -7.86 9.75 1.18
CA LEU B 82 -7.33 10.71 2.13
C LEU B 82 -8.35 11.79 2.44
N LEU B 83 -9.40 11.85 1.63
CA LEU B 83 -10.46 12.84 1.81
C LEU B 83 -11.36 12.45 2.99
N LEU B 84 -11.72 11.18 3.06
CA LEU B 84 -12.58 10.69 4.14
C LEU B 84 -11.77 10.46 5.40
N LEU B 85 -10.47 10.24 5.24
CA LEU B 85 -9.59 10.01 6.37
C LEU B 85 -9.45 11.28 7.20
N SER B 86 -9.38 12.42 6.52
CA SER B 86 -9.25 13.71 7.20
C SER B 86 -10.47 13.98 8.08
N LEU B 87 -11.61 13.44 7.68
CA LEU B 87 -12.84 13.61 8.44
C LEU B 87 -12.84 12.73 9.68
N SER B 88 -12.10 11.63 9.62
CA SER B 88 -12.00 10.70 10.73
C SER B 88 -11.21 11.31 11.89
N TRP B 89 -10.13 12.00 11.55
CA TRP B 89 -9.29 12.64 12.56
C TRP B 89 -10.01 13.84 13.18
N THR B 90 -10.79 14.54 12.36
CA THR B 90 -11.54 15.69 12.83
C THR B 90 -12.60 15.29 13.85
N ALA B 91 -13.15 14.10 13.67
CA ALA B 91 -14.18 13.59 14.58
C ALA B 91 -13.56 13.03 15.85
N MET B 92 -12.38 12.44 15.72
CA MET B 92 -11.69 11.87 16.87
C MET B 92 -10.69 12.85 17.46
N GLN B 93 -11.07 13.49 18.55
CA GLN B 93 -10.21 14.45 19.22
C GLN B 93 -9.14 13.75 20.05
N PHE B 94 -9.51 12.59 20.61
CA PHE B 94 -8.57 11.82 21.43
C PHE B 94 -8.68 10.33 21.13
N ILE B 95 -7.52 9.68 20.99
CA ILE B 95 -7.47 8.26 20.70
C ILE B 95 -6.38 7.58 21.53
N LYS B 96 -6.65 6.35 21.97
CA LYS B 96 -5.70 5.60 22.77
C LYS B 96 -5.50 4.19 22.22
N LYS B 97 -6.60 3.45 22.10
CA LYS B 97 -6.55 2.08 21.59
C LYS B 97 -7.82 1.74 20.82
N ASP B 98 -7.95 2.30 19.63
CA ASP B 98 -9.12 2.06 18.79
C ASP B 98 -8.74 2.10 17.31
N TRP B 99 -9.22 1.12 16.55
CA TRP B 99 -8.94 1.04 15.13
C TRP B 99 -10.09 0.36 14.39
N THR B 100 -11.27 0.39 15.00
CA THR B 100 -12.45 -0.22 14.39
C THR B 100 -13.07 0.70 13.34
N LEU B 101 -13.28 1.95 13.72
CA LEU B 101 -13.88 2.93 12.81
C LEU B 101 -12.87 3.35 11.74
N ILE B 102 -11.60 3.42 12.12
CA ILE B 102 -10.54 3.81 11.19
C ILE B 102 -10.29 2.71 10.16
N GLY B 103 -10.45 1.47 10.60
CA GLY B 103 -10.24 0.34 9.72
C GLY B 103 -11.47 0.01 8.89
N PHE B 104 -12.61 0.55 9.29
CA PHE B 104 -13.87 0.32 8.59
C PHE B 104 -14.02 1.26 7.40
N LEU B 105 -13.67 2.53 7.61
CA LEU B 105 -13.75 3.53 6.55
C LEU B 105 -12.67 3.31 5.50
N MET B 106 -11.46 3.07 5.97
CA MET B 106 -10.33 2.86 5.08
C MET B 106 -10.52 1.60 4.22
N SER B 107 -11.08 0.56 4.83
CA SER B 107 -11.31 -0.70 4.12
C SER B 107 -12.33 -0.53 3.00
N THR B 108 -13.49 0.00 3.33
CA THR B 108 -14.55 0.21 2.35
C THR B 108 -14.09 1.12 1.21
N GLN B 109 -13.06 1.91 1.47
CA GLN B 109 -12.53 2.82 0.45
C GLN B 109 -11.64 2.09 -0.55
N ILE B 110 -10.89 1.10 -0.06
CA ILE B 110 -9.99 0.34 -0.92
C ILE B 110 -10.77 -0.51 -1.93
N VAL B 111 -11.93 -1.01 -1.52
CA VAL B 111 -12.75 -1.85 -2.40
C VAL B 111 -13.45 -1.01 -3.46
N VAL B 112 -13.85 0.21 -3.10
CA VAL B 112 -14.52 1.09 -4.04
C VAL B 112 -13.57 1.60 -5.12
N ILE B 113 -12.35 1.95 -4.72
CA ILE B 113 -11.36 2.45 -5.67
C ILE B 113 -10.87 1.35 -6.60
N THR B 114 -10.84 0.12 -6.12
CA THR B 114 -10.40 -1.01 -6.92
C THR B 114 -11.31 -1.19 -8.13
N SER B 115 -12.60 -1.34 -7.88
CA SER B 115 -13.57 -1.51 -8.94
C SER B 115 -13.50 -0.34 -9.91
N GLY B 116 -13.10 0.81 -9.38
CA GLY B 116 -12.97 2.01 -10.21
C GLY B 116 -11.89 1.85 -11.26
N LEU B 117 -10.72 1.37 -10.83
CA LEU B 117 -9.60 1.16 -11.74
C LEU B 117 -10.05 0.40 -12.98
N ILE B 118 -10.59 -0.80 -12.75
CA ILE B 118 -11.05 -1.65 -13.85
C ILE B 118 -12.27 -1.04 -14.55
N ALA B 119 -13.09 -0.32 -13.81
CA ALA B 119 -14.29 0.30 -14.38
C ALA B 119 -13.94 1.13 -15.61
N ASP B 120 -12.83 1.85 -15.54
CA ASP B 120 -12.39 2.68 -16.66
C ASP B 120 -11.52 1.89 -17.62
N LEU B 121 -11.02 0.75 -17.15
CA LEU B 121 -10.16 -0.10 -17.97
C LEU B 121 -11.01 -1.05 -18.84
N SER B 122 -12.30 -0.77 -18.94
CA SER B 122 -13.20 -1.59 -19.72
C SER B 122 -13.03 -1.29 -21.21
N GLU B 123 -12.80 -2.35 -22.00
CA GLU B 123 -12.62 -2.20 -23.43
C GLU B 123 -13.96 -2.22 -24.15
N ARG B 124 -14.97 -2.80 -23.50
CA ARG B 124 -16.31 -2.89 -24.07
C ARG B 124 -17.31 -2.11 -23.23
N ASP B 125 -18.19 -1.37 -23.90
CA ASP B 125 -19.20 -0.56 -23.23
C ASP B 125 -20.25 -1.43 -22.54
N TRP B 126 -20.23 -2.72 -22.85
CA TRP B 126 -21.18 -3.66 -22.25
C TRP B 126 -20.65 -4.21 -20.93
N VAL B 127 -19.43 -4.72 -20.95
CA VAL B 127 -18.81 -5.28 -19.75
C VAL B 127 -18.68 -4.21 -18.67
N ARG B 128 -18.60 -2.95 -19.09
CA ARG B 128 -18.46 -1.84 -18.17
C ARG B 128 -19.74 -1.67 -17.34
N TYR B 129 -20.85 -2.13 -17.87
CA TYR B 129 -22.14 -2.04 -17.19
C TYR B 129 -22.16 -2.94 -15.96
N LEU B 130 -21.51 -4.09 -16.06
CA LEU B 130 -21.46 -5.04 -14.95
C LEU B 130 -20.62 -4.48 -13.80
N TRP B 131 -19.41 -4.02 -14.11
CA TRP B 131 -18.51 -3.47 -13.12
C TRP B 131 -19.13 -2.27 -12.41
N TYR B 132 -19.89 -1.48 -13.15
CA TYR B 132 -20.53 -0.29 -12.59
C TYR B 132 -21.47 -0.67 -11.45
N ILE B 133 -22.37 -1.62 -11.70
CA ILE B 133 -23.33 -2.07 -10.71
C ILE B 133 -22.63 -2.49 -9.42
N CYS B 134 -21.44 -3.05 -9.56
CA CYS B 134 -20.66 -3.50 -8.41
C CYS B 134 -20.20 -2.32 -7.56
N GLY B 135 -19.79 -1.24 -8.22
CA GLY B 135 -19.33 -0.06 -7.50
C GLY B 135 -20.42 0.57 -6.67
N VAL B 136 -21.60 0.75 -7.27
CA VAL B 136 -22.73 1.35 -6.58
C VAL B 136 -23.29 0.42 -5.52
N CYS B 137 -23.14 -0.88 -5.75
CA CYS B 137 -23.64 -1.89 -4.81
C CYS B 137 -23.00 -1.70 -3.43
N ALA B 138 -21.67 -1.57 -3.42
CA ALA B 138 -20.94 -1.38 -2.17
C ALA B 138 -21.34 -0.06 -1.52
N PHE B 139 -21.36 1.01 -2.31
CA PHE B 139 -21.73 2.33 -1.81
C PHE B 139 -23.10 2.30 -1.14
N LEU B 140 -23.92 1.34 -1.52
CA LEU B 140 -25.26 1.20 -0.96
C LEU B 140 -25.20 0.73 0.49
N ILE B 141 -24.60 -0.44 0.72
CA ILE B 141 -24.49 -1.00 2.06
C ILE B 141 -23.60 -0.15 2.95
N ILE B 142 -22.58 0.47 2.37
CA ILE B 142 -21.66 1.31 3.12
C ILE B 142 -22.34 2.59 3.59
N LEU B 143 -23.21 3.14 2.76
CA LEU B 143 -23.92 4.37 3.09
C LEU B 143 -24.91 4.13 4.24
N TRP B 144 -25.71 3.08 4.12
CA TRP B 144 -26.69 2.75 5.14
C TRP B 144 -26.01 2.28 6.42
N GLY B 145 -24.77 1.82 6.29
CA GLY B 145 -24.02 1.35 7.44
C GLY B 145 -23.34 2.48 8.19
N ILE B 146 -23.17 3.62 7.53
CA ILE B 146 -22.52 4.78 8.13
C ILE B 146 -23.55 5.86 8.46
N TRP B 147 -24.77 5.68 7.97
CA TRP B 147 -25.84 6.65 8.21
C TRP B 147 -26.44 6.48 9.60
N ASN B 148 -26.26 5.30 10.18
CA ASN B 148 -26.80 5.03 11.52
C ASN B 148 -25.87 5.52 12.63
N PRO B 149 -24.56 5.17 12.58
CA PRO B 149 -23.59 5.59 13.61
C PRO B 149 -23.51 7.11 13.72
N LEU B 150 -24.18 7.81 12.82
CA LEU B 150 -24.17 9.26 12.79
C LEU B 150 -24.68 9.84 14.11
N ARG B 151 -25.80 9.31 14.62
CA ARG B 151 -26.37 9.79 15.87
C ARG B 151 -27.23 8.73 16.55
N ALA B 152 -27.36 7.57 15.91
CA ALA B 152 -28.17 6.49 16.44
C ALA B 152 -27.38 5.66 17.46
N LYS B 153 -26.12 5.38 17.16
CA LYS B 153 -25.28 4.60 18.05
C LYS B 153 -24.60 5.49 19.10
N THR B 154 -24.14 6.66 18.67
CA THR B 154 -23.46 7.59 19.57
C THR B 154 -24.46 8.36 20.43
N ARG B 155 -25.74 7.99 20.34
CA ARG B 155 -26.77 8.65 21.12
C ARG B 155 -26.58 8.40 22.61
N THR B 156 -25.82 7.36 22.93
CA THR B 156 -25.55 7.00 24.32
C THR B 156 -24.12 7.34 24.71
N GLN B 157 -23.29 7.63 23.71
CA GLN B 157 -21.90 7.97 23.95
C GLN B 157 -21.70 9.48 24.03
N SER B 158 -21.80 10.15 22.89
CA SER B 158 -21.63 11.60 22.84
C SER B 158 -22.62 12.25 21.86
N SER B 159 -23.49 13.09 22.40
CA SER B 159 -24.49 13.79 21.58
C SER B 159 -23.86 14.94 20.83
N GLU B 160 -22.92 15.62 21.47
CA GLU B 160 -22.24 16.76 20.85
C GLU B 160 -21.50 16.35 19.59
N LEU B 161 -20.68 15.30 19.70
CA LEU B 161 -19.92 14.81 18.55
C LEU B 161 -20.85 14.41 17.41
N ALA B 162 -22.04 13.93 17.77
CA ALA B 162 -23.03 13.52 16.78
C ALA B 162 -23.50 14.68 15.92
N ASN B 163 -23.60 15.86 16.53
CA ASN B 163 -24.04 17.05 15.81
C ASN B 163 -22.99 17.50 14.80
N LEU B 164 -21.73 17.51 15.23
CA LEU B 164 -20.63 17.92 14.37
C LEU B 164 -20.54 17.03 13.14
N TYR B 165 -20.69 15.72 13.37
CA TYR B 165 -20.62 14.74 12.29
C TYR B 165 -21.87 14.80 11.41
N ASP B 166 -22.96 15.33 11.97
CA ASP B 166 -24.22 15.44 11.24
C ASP B 166 -24.18 16.63 10.27
N LYS B 167 -23.35 17.62 10.59
CA LYS B 167 -23.22 18.81 9.76
C LYS B 167 -22.24 18.58 8.61
N LEU B 168 -21.16 17.85 8.88
CA LEU B 168 -20.14 17.59 7.86
C LEU B 168 -20.56 16.45 6.94
N VAL B 169 -21.41 15.56 7.44
CA VAL B 169 -21.86 14.42 6.64
C VAL B 169 -22.82 14.87 5.53
N THR B 170 -23.50 15.99 5.76
CA THR B 170 -24.44 16.53 4.79
C THR B 170 -23.77 16.72 3.43
N TYR B 171 -22.72 17.53 3.40
CA TYR B 171 -22.00 17.79 2.17
C TYR B 171 -21.28 16.53 1.68
N PHE B 172 -20.89 15.69 2.63
CA PHE B 172 -20.20 14.44 2.32
C PHE B 172 -21.11 13.48 1.55
N THR B 173 -22.43 13.64 1.74
CA THR B 173 -23.40 12.78 1.09
C THR B 173 -23.65 13.23 -0.36
N VAL B 174 -23.97 14.51 -0.53
CA VAL B 174 -24.24 15.06 -1.85
C VAL B 174 -23.03 14.95 -2.77
N LEU B 175 -21.84 14.91 -2.18
CA LEU B 175 -20.60 14.81 -2.95
C LEU B 175 -20.37 13.38 -3.44
N TRP B 176 -20.35 12.44 -2.49
CA TRP B 176 -20.13 11.04 -2.81
C TRP B 176 -21.15 10.55 -3.84
N ILE B 177 -22.35 11.12 -3.82
CA ILE B 177 -23.40 10.73 -4.75
C ILE B 177 -23.30 11.54 -6.04
N GLY B 178 -22.71 12.72 -5.95
CA GLY B 178 -22.57 13.58 -7.11
C GLY B 178 -21.83 12.92 -8.26
N TYR B 179 -20.72 12.26 -7.97
CA TYR B 179 -19.93 11.60 -9.00
C TYR B 179 -20.72 10.48 -9.69
N PRO B 180 -21.25 9.49 -8.94
CA PRO B 180 -22.01 8.39 -9.54
C PRO B 180 -23.19 8.87 -10.37
N ILE B 181 -23.73 10.04 -10.01
CA ILE B 181 -24.85 10.62 -10.75
C ILE B 181 -24.45 10.88 -12.19
N VAL B 182 -23.32 11.54 -12.37
CA VAL B 182 -22.82 11.84 -13.69
C VAL B 182 -22.17 10.61 -14.31
N TRP B 183 -21.76 9.70 -13.44
CA TRP B 183 -21.10 8.47 -13.86
C TRP B 183 -22.04 7.51 -14.58
N ILE B 184 -23.35 7.75 -14.48
CA ILE B 184 -24.33 6.87 -15.12
C ILE B 184 -24.90 7.51 -16.39
N ILE B 185 -24.89 8.84 -16.46
CA ILE B 185 -25.43 9.53 -17.63
C ILE B 185 -24.36 9.79 -18.69
N GLY B 186 -24.55 9.19 -19.85
CA GLY B 186 -23.62 9.36 -20.96
C GLY B 186 -22.19 8.98 -20.62
N PRO B 187 -21.25 9.29 -21.53
CA PRO B 187 -19.83 8.98 -21.33
C PRO B 187 -19.14 9.94 -20.37
N SER B 188 -18.86 9.45 -19.17
CA SER B 188 -18.19 10.26 -18.14
C SER B 188 -18.92 11.57 -17.89
N GLY B 189 -20.13 11.48 -17.35
CA GLY B 189 -20.91 12.67 -17.06
C GLY B 189 -21.64 13.21 -18.26
N PHE B 190 -22.96 13.35 -18.12
CA PHE B 190 -23.82 13.86 -19.18
C PHE B 190 -23.77 12.99 -20.43
N GLY B 191 -24.90 12.95 -21.15
CA GLY B 191 -24.98 12.14 -22.35
C GLY B 191 -25.14 12.98 -23.60
N TRP B 192 -25.11 12.35 -24.76
CA TRP B 192 -25.24 13.05 -26.04
C TRP B 192 -24.20 14.15 -26.15
N ILE B 193 -23.16 14.06 -25.33
CA ILE B 193 -22.09 15.05 -25.32
C ILE B 193 -20.73 14.37 -25.24
N ASN B 194 -19.69 15.10 -25.63
CA ASN B 194 -18.33 14.57 -25.61
C ASN B 194 -17.31 15.69 -25.76
N GLN B 195 -17.74 16.92 -25.47
CA GLN B 195 -16.87 18.08 -25.59
C GLN B 195 -15.87 18.13 -24.44
N THR B 196 -15.16 19.25 -24.32
CA THR B 196 -14.16 19.42 -23.26
C THR B 196 -14.83 19.50 -21.90
N ILE B 197 -16.14 19.72 -21.89
CA ILE B 197 -16.90 19.82 -20.65
C ILE B 197 -16.77 18.56 -19.81
N ASP B 198 -16.53 17.43 -20.47
CA ASP B 198 -16.37 16.15 -19.78
C ASP B 198 -15.26 16.23 -18.74
N THR B 199 -14.06 16.57 -19.18
CA THR B 199 -12.91 16.68 -18.28
C THR B 199 -13.07 17.86 -17.33
N PHE B 200 -13.61 18.96 -17.84
CA PHE B 200 -13.81 20.17 -17.04
C PHE B 200 -14.78 19.92 -15.89
N LEU B 201 -15.67 18.93 -16.06
CA LEU B 201 -16.65 18.61 -15.03
C LEU B 201 -16.00 17.81 -13.89
N PHE B 202 -15.17 16.84 -14.26
CA PHE B 202 -14.50 16.00 -13.27
C PHE B 202 -13.33 16.74 -12.63
N CYS B 203 -12.97 17.89 -13.19
CA CYS B 203 -11.88 18.70 -12.65
C CYS B 203 -12.40 19.79 -11.72
N LEU B 204 -13.49 20.42 -12.14
CA LEU B 204 -14.11 21.49 -11.38
C LEU B 204 -14.75 20.99 -10.09
N LEU B 205 -15.54 19.92 -10.18
CA LEU B 205 -16.22 19.36 -9.02
C LEU B 205 -15.26 19.14 -7.85
N PRO B 206 -14.13 18.43 -8.05
CA PRO B 206 -13.16 18.19 -6.99
C PRO B 206 -12.69 19.50 -6.34
N PHE B 207 -12.27 20.44 -7.17
CA PHE B 207 -11.81 21.73 -6.67
C PHE B 207 -12.89 22.43 -5.86
N PHE B 208 -14.15 22.25 -6.28
CA PHE B 208 -15.28 22.85 -5.60
C PHE B 208 -15.51 22.19 -4.25
N SER B 209 -15.14 20.92 -4.15
CA SER B 209 -15.30 20.16 -2.92
C SER B 209 -14.03 20.20 -2.10
N VAL B 211 -12.08 23.08 -1.73
CA VAL B 211 -12.07 24.35 -1.01
C VAL B 211 -13.26 24.46 -0.07
N GLY B 212 -14.37 23.82 -0.44
CA GLY B 212 -15.56 23.86 0.39
C GLY B 212 -15.34 23.17 1.73
N PHE B 213 -14.83 21.95 1.69
CA PHE B 213 -14.58 21.19 2.91
C PHE B 213 -13.42 21.79 3.70
N SER B 214 -12.55 22.54 3.03
CA SER B 214 -11.41 23.17 3.68
C SER B 214 -11.88 24.11 4.79
N PHE B 215 -12.70 25.08 4.42
CA PHE B 215 -13.22 26.05 5.37
C PHE B 215 -14.28 25.40 6.27
N LEU B 216 -14.84 24.29 5.81
CA LEU B 216 -15.86 23.58 6.57
C LEU B 216 -15.27 23.00 7.85
N ASP B 217 -14.26 22.14 7.69
CA ASP B 217 -13.61 21.52 8.84
C ASP B 217 -13.01 22.58 9.75
N LEU B 218 -12.58 23.68 9.17
CA LEU B 218 -11.98 24.77 9.94
C LEU B 218 -12.99 25.36 10.93
N HIS B 219 -14.22 25.53 10.49
CA HIS B 219 -15.28 26.08 11.33
C HIS B 219 -15.97 24.99 12.13
N GLY B 220 -15.85 23.75 11.67
CA GLY B 220 -16.48 22.63 12.35
C GLY B 220 -15.83 22.28 13.67
N LEU B 221 -14.59 22.75 13.85
CA LEU B 221 -13.86 22.47 15.09
C LEU B 221 -14.55 23.10 16.28
N ARG B 222 -14.72 24.42 16.24
CA ARG B 222 -15.37 25.15 17.32
C ARG B 222 -14.64 24.93 18.64
N ASN B 223 -13.55 25.67 18.85
CA ASN B 223 -12.77 25.55 20.08
C ASN B 223 -13.55 26.06 21.28
N LEU B 224 -13.74 25.19 22.27
CA LEU B 224 -14.46 25.54 23.47
C LEU B 224 -14.16 24.57 24.60
N ASN B 225 -13.41 23.52 24.28
CA ASN B 225 -13.04 22.51 25.28
C ASN B 225 -11.72 22.87 25.94
N ASP B 226 -10.65 22.87 25.15
CA ASP B 226 -9.32 23.20 25.65
C ASP B 226 -8.50 23.94 24.60
N SER B 227 -7.38 24.51 25.03
CA SER B 227 -6.50 25.24 24.12
C SER B 227 -5.04 24.85 24.33
N ARG B 228 -4.28 24.81 23.24
CA ARG B 228 -2.87 24.44 23.31
C ARG B 228 -2.01 25.43 22.54
N GLN B 229 -0.93 25.89 23.16
CA GLN B 229 -0.02 26.85 22.52
C GLN B 229 1.06 26.11 21.74
N MET C 1 15.23 -13.08 -21.46
CA MET C 1 15.53 -12.55 -22.82
C MET C 1 17.02 -12.34 -23.01
N ASN C 2 17.69 -13.33 -23.61
CA ASN C 2 19.12 -13.26 -23.85
C ASN C 2 19.90 -13.08 -22.55
N LEU C 3 20.32 -14.19 -21.96
CA LEU C 3 21.07 -14.15 -20.70
C LEU C 3 22.54 -13.83 -20.97
N GLU C 4 23.08 -12.89 -20.19
CA GLU C 4 24.48 -12.51 -20.34
C GLU C 4 24.98 -11.80 -19.08
N SER C 5 24.04 -11.28 -18.29
CA SER C 5 24.39 -10.57 -17.06
C SER C 5 23.90 -11.34 -15.83
N LEU C 6 24.84 -11.87 -15.06
CA LEU C 6 24.50 -12.62 -13.85
C LEU C 6 24.77 -11.78 -12.61
N LEU C 7 25.05 -10.49 -12.81
CA LEU C 7 25.33 -9.58 -11.70
C LEU C 7 24.12 -9.48 -10.77
N HIS C 8 22.92 -9.50 -11.35
CA HIS C 8 21.70 -9.41 -10.57
C HIS C 8 21.45 -10.70 -9.80
N TRP C 9 22.02 -11.80 -10.30
CA TRP C 9 21.86 -13.10 -9.65
C TRP C 9 22.70 -13.17 -8.39
N ILE C 10 23.97 -12.83 -8.50
CA ILE C 10 24.89 -12.85 -7.36
C ILE C 10 24.48 -11.77 -6.35
N TYR C 11 23.71 -10.79 -6.83
CA TYR C 11 23.24 -9.70 -6.00
C TYR C 11 22.29 -10.21 -4.91
N VAL C 12 21.20 -10.85 -5.33
CA VAL C 12 20.22 -11.38 -4.40
C VAL C 12 20.86 -12.39 -3.44
N ALA C 13 21.81 -13.17 -3.95
CA ALA C 13 22.50 -14.16 -3.14
C ALA C 13 23.20 -13.51 -1.95
N GLY C 14 23.77 -12.33 -2.20
CA GLY C 14 24.47 -11.62 -1.15
C GLY C 14 23.53 -10.97 -0.15
N MET C 15 22.34 -10.61 -0.61
CA MET C 15 21.35 -9.97 0.25
C MET C 15 20.71 -10.97 1.20
N THR C 16 20.51 -12.19 0.72
CA THR C 16 19.91 -13.25 1.54
C THR C 16 20.81 -13.59 2.72
N ILE C 17 22.09 -13.84 2.42
CA ILE C 17 23.05 -14.17 3.47
C ILE C 17 23.28 -12.98 4.39
N GLY C 18 22.98 -11.79 3.89
CA GLY C 18 23.15 -10.58 4.68
C GLY C 18 22.29 -10.58 5.93
N ALA C 19 20.97 -10.67 5.75
CA ALA C 19 20.05 -10.67 6.86
C ALA C 19 20.34 -11.84 7.79
N LEU C 20 20.84 -12.93 7.21
CA LEU C 20 21.17 -14.12 7.98
C LEU C 20 22.29 -13.82 8.98
N HIS C 21 23.18 -12.91 8.59
CA HIS C 21 24.30 -12.53 9.45
C HIS C 21 23.79 -11.83 10.71
N PHE C 22 22.97 -10.80 10.52
CA PHE C 22 22.41 -10.05 11.63
C PHE C 22 21.47 -10.93 12.46
N TRP C 23 20.93 -11.96 11.81
CA TRP C 23 20.02 -12.88 12.48
C TRP C 23 20.76 -13.73 13.51
N SER C 24 22.06 -13.94 13.26
CA SER C 24 22.88 -14.72 14.17
C SER C 24 23.40 -13.85 15.32
N LEU C 25 23.68 -12.59 15.01
CA LEU C 25 24.18 -11.65 16.00
C LEU C 25 23.02 -10.99 16.74
N SER C 26 21.79 -11.34 16.35
CA SER C 26 20.60 -10.79 16.96
C SER C 26 20.56 -11.13 18.45
N ARG C 27 21.25 -12.20 18.83
CA ARG C 27 21.30 -12.63 20.22
C ARG C 27 21.64 -11.43 21.11
N ASN C 28 22.50 -10.57 20.60
CA ASN C 28 22.91 -9.36 21.30
C ASN C 28 23.57 -8.38 20.34
N PRO C 29 23.15 -7.11 20.36
CA PRO C 29 23.70 -6.08 19.50
C PRO C 29 24.81 -5.28 20.17
N ARG C 30 25.33 -4.28 19.47
CA ARG C 30 26.39 -3.44 20.00
C ARG C 30 25.84 -2.14 20.56
N GLY C 31 24.67 -2.23 21.20
CA GLY C 31 24.05 -1.05 21.79
C GLY C 31 22.82 -0.59 21.04
N VAL C 32 22.64 -1.09 19.82
CA VAL C 32 21.49 -0.71 19.00
C VAL C 32 20.35 -1.73 19.16
N PRO C 33 19.17 -1.27 19.62
CA PRO C 33 18.01 -2.15 19.81
C PRO C 33 17.62 -2.89 18.54
N GLN C 34 16.78 -3.92 18.70
CA GLN C 34 16.33 -4.75 17.59
C GLN C 34 15.54 -3.95 16.55
N TYR C 35 15.05 -2.77 16.93
CA TYR C 35 14.27 -1.94 16.03
C TYR C 35 15.00 -1.72 14.71
N GLU C 36 16.32 -1.62 14.77
CA GLU C 36 17.14 -1.41 13.58
C GLU C 36 17.27 -2.68 12.76
N TYR C 37 17.37 -3.81 13.44
CA TYR C 37 17.51 -5.10 12.77
C TYR C 37 16.25 -5.44 11.99
N LEU C 38 15.09 -5.05 12.53
CA LEU C 38 13.82 -5.33 11.89
C LEU C 38 13.72 -4.60 10.54
N VAL C 39 13.89 -3.29 10.57
CA VAL C 39 13.81 -2.47 9.37
C VAL C 39 14.93 -2.82 8.39
N ALA C 40 16.15 -2.95 8.90
CA ALA C 40 17.30 -3.29 8.07
C ALA C 40 17.19 -4.68 7.46
N MET C 41 16.24 -5.47 7.96
CA MET C 41 16.03 -6.83 7.45
C MET C 41 15.05 -6.86 6.29
N PHE C 42 14.06 -5.96 6.32
CA PHE C 42 13.04 -5.89 5.28
C PHE C 42 13.57 -5.23 4.01
N ILE C 43 14.55 -4.36 4.16
CA ILE C 43 15.13 -3.65 3.02
C ILE C 43 15.84 -4.59 2.02
N PRO C 44 16.75 -5.47 2.50
CA PRO C 44 17.48 -6.38 1.62
C PRO C 44 16.68 -7.60 1.16
N ILE C 45 15.78 -8.08 2.00
CA ILE C 45 14.97 -9.26 1.65
C ILE C 45 14.09 -8.99 0.43
N TRP C 46 13.37 -7.87 0.43
CA TRP C 46 12.49 -7.53 -0.69
C TRP C 46 13.30 -7.14 -1.92
N SER C 47 14.15 -6.13 -1.77
CA SER C 47 14.98 -5.65 -2.86
C SER C 47 15.74 -6.80 -3.51
N GLY C 48 16.27 -7.69 -2.68
CA GLY C 48 17.01 -8.84 -3.18
C GLY C 48 16.24 -9.63 -4.20
N LEU C 49 14.99 -9.98 -3.87
CA LEU C 49 14.15 -10.75 -4.78
C LEU C 49 14.03 -10.06 -6.14
N ALA C 50 13.91 -8.73 -6.12
CA ALA C 50 13.79 -7.95 -7.34
C ALA C 50 15.01 -8.14 -8.23
N TYR C 51 16.20 -8.05 -7.64
CA TYR C 51 17.45 -8.21 -8.38
C TYR C 51 17.48 -9.54 -9.11
N MET C 52 17.19 -10.62 -8.38
CA MET C 52 17.17 -11.95 -8.98
C MET C 52 16.34 -11.95 -10.25
N ALA C 53 15.24 -11.21 -10.23
CA ALA C 53 14.36 -11.12 -11.39
C ALA C 53 15.04 -10.40 -12.55
N MET C 54 15.82 -9.37 -12.23
CA MET C 54 16.53 -8.60 -13.25
C MET C 54 17.39 -9.53 -14.10
N ALA C 55 17.85 -10.61 -13.49
CA ALA C 55 18.69 -11.59 -14.19
C ALA C 55 17.83 -12.47 -15.09
N ILE C 56 16.63 -12.81 -14.62
CA ILE C 56 15.72 -13.65 -15.37
C ILE C 56 15.01 -12.84 -16.46
N ASP C 57 15.25 -11.52 -16.45
CA ASP C 57 14.65 -10.62 -17.43
C ASP C 57 13.13 -10.61 -17.33
N GLN C 58 12.62 -10.51 -16.11
CA GLN C 58 11.17 -10.50 -15.88
C GLN C 58 10.71 -9.12 -15.40
N GLY C 59 9.40 -8.94 -15.33
CA GLY C 59 8.85 -7.67 -14.88
C GLY C 59 9.01 -6.57 -15.91
N LYS C 60 9.12 -6.96 -17.18
CA LYS C 60 9.28 -6.00 -18.26
C LYS C 60 8.41 -6.38 -19.45
N VAL C 61 7.92 -5.37 -20.16
CA VAL C 61 7.07 -5.60 -21.33
C VAL C 61 7.63 -4.90 -22.56
N GLU C 62 7.53 -5.57 -23.71
CA GLU C 62 8.03 -5.03 -24.97
C GLU C 62 6.91 -4.35 -25.74
N ALA C 63 6.70 -3.06 -25.47
CA ALA C 63 5.65 -2.30 -26.14
C ALA C 63 6.19 -1.62 -27.40
N ALA C 64 5.56 -1.93 -28.54
CA ALA C 64 5.98 -1.36 -29.81
C ALA C 64 7.47 -1.62 -30.08
N GLY C 65 7.95 -2.74 -29.58
CA GLY C 65 9.35 -3.10 -29.77
C GLY C 65 10.28 -2.34 -28.85
N GLN C 66 9.77 -1.99 -27.66
CA GLN C 66 10.56 -1.25 -26.68
C GLN C 66 10.46 -1.89 -25.31
N ILE C 67 11.61 -2.33 -24.77
CA ILE C 67 11.66 -2.96 -23.46
C ILE C 67 11.67 -1.92 -22.36
N ALA C 68 10.77 -2.06 -21.39
CA ALA C 68 10.67 -1.13 -20.27
C ALA C 68 11.23 -1.74 -18.99
N HIS C 69 11.94 -0.94 -18.21
CA HIS C 69 12.52 -1.39 -16.95
C HIS C 69 11.60 -1.07 -15.78
N TYR C 70 10.35 -1.52 -15.87
CA TYR C 70 9.38 -1.28 -14.81
C TYR C 70 9.79 -1.93 -13.50
N ALA C 71 10.13 -3.21 -13.56
CA ALA C 71 10.55 -3.95 -12.38
C ALA C 71 11.77 -3.29 -11.74
N ARG C 72 12.53 -2.56 -12.55
CA ARG C 72 13.71 -1.87 -12.07
C ARG C 72 13.34 -0.79 -11.06
N TYR C 73 12.35 0.04 -11.42
CA TYR C 73 11.92 1.11 -10.53
C TYR C 73 11.14 0.57 -9.33
N ILE C 74 10.63 -0.66 -9.46
CA ILE C 74 9.89 -1.28 -8.37
C ILE C 74 10.81 -1.48 -7.18
N ASP C 75 12.04 -1.92 -7.46
CA ASP C 75 13.04 -2.13 -6.42
C ASP C 75 13.43 -0.80 -5.79
N TRP C 76 13.07 0.28 -6.47
CA TRP C 76 13.38 1.63 -5.99
C TRP C 76 12.34 2.12 -5.00
N MET C 77 11.16 1.51 -5.03
CA MET C 77 10.07 1.90 -4.13
C MET C 77 9.96 0.96 -2.94
N VAL C 78 10.91 0.04 -2.83
CA VAL C 78 10.91 -0.92 -1.74
C VAL C 78 12.11 -0.73 -0.82
N THR C 79 13.21 -0.21 -1.37
CA THR C 79 14.43 -0.01 -0.60
C THR C 79 14.64 1.45 -0.22
N THR C 80 14.24 2.37 -1.10
CA THR C 80 14.42 3.80 -0.85
C THR C 80 13.49 4.29 0.27
N PRO C 81 12.17 4.00 0.19
CA PRO C 81 11.23 4.43 1.22
C PRO C 81 11.58 3.90 2.61
N LEU C 82 12.07 2.66 2.65
CA LEU C 82 12.45 2.03 3.90
C LEU C 82 13.81 2.54 4.36
N LEU C 83 14.55 3.15 3.44
CA LEU C 83 15.87 3.68 3.75
C LEU C 83 15.75 4.93 4.62
N LEU C 84 14.79 5.79 4.30
CA LEU C 84 14.58 7.02 5.05
C LEU C 84 13.82 6.74 6.34
N LEU C 85 12.94 5.74 6.30
CA LEU C 85 12.16 5.36 7.46
C LEU C 85 13.06 4.91 8.60
N SER C 86 14.08 4.15 8.26
CA SER C 86 15.03 3.65 9.26
C SER C 86 15.73 4.81 9.96
N LEU C 87 15.89 5.92 9.25
CA LEU C 87 16.54 7.09 9.80
C LEU C 87 15.62 7.82 10.78
N SER C 88 14.32 7.67 10.57
CA SER C 88 13.33 8.30 11.43
C SER C 88 13.32 7.65 12.82
N TRP C 89 13.28 6.32 12.84
CA TRP C 89 13.28 5.58 14.11
C TRP C 89 14.56 5.80 14.87
N THR C 90 15.67 5.98 14.15
CA THR C 90 16.96 6.20 14.78
C THR C 90 16.99 7.54 15.52
N ALA C 91 16.26 8.51 15.00
CA ALA C 91 16.20 9.84 15.61
C ALA C 91 15.10 9.91 16.66
N MET C 92 14.32 8.84 16.79
CA MET C 92 13.24 8.80 17.76
C MET C 92 13.47 7.68 18.79
N GLN C 93 13.99 8.06 19.95
CA GLN C 93 14.25 7.10 21.01
C GLN C 93 13.01 6.91 21.88
N PHE C 94 12.06 7.84 21.76
CA PHE C 94 10.83 7.78 22.53
C PHE C 94 9.67 8.36 21.72
N ILE C 95 8.53 7.65 21.72
CA ILE C 95 7.36 8.10 20.97
C ILE C 95 6.07 7.71 21.69
N LYS C 96 5.08 8.60 21.63
CA LYS C 96 3.79 8.37 22.25
C LYS C 96 2.65 8.66 21.27
N LYS C 97 2.49 9.94 20.95
CA LYS C 97 1.45 10.37 20.03
C LYS C 97 1.98 11.44 19.07
N ASP C 98 2.55 10.99 17.96
CA ASP C 98 3.10 11.91 16.96
C ASP C 98 3.32 11.21 15.63
N TRP C 99 2.68 11.72 14.58
CA TRP C 99 2.81 11.13 13.25
C TRP C 99 3.01 12.23 12.21
N THR C 100 3.43 13.40 12.66
CA THR C 100 3.66 14.54 11.77
C THR C 100 4.96 14.38 11.01
N LEU C 101 6.04 14.10 11.74
CA LEU C 101 7.35 13.92 11.13
C LEU C 101 7.41 12.63 10.33
N ILE C 102 6.81 11.58 10.86
CA ILE C 102 6.78 10.29 10.20
C ILE C 102 5.96 10.34 8.92
N GLY C 103 4.82 11.02 8.99
CA GLY C 103 3.95 11.14 7.83
C GLY C 103 4.46 12.16 6.82
N PHE C 104 5.45 12.93 7.23
CA PHE C 104 6.02 13.96 6.36
C PHE C 104 7.03 13.34 5.39
N LEU C 105 7.84 12.41 5.88
CA LEU C 105 8.84 11.75 5.06
C LEU C 105 8.21 10.73 4.12
N MET C 106 7.28 9.94 4.65
CA MET C 106 6.60 8.92 3.86
C MET C 106 5.87 9.53 2.66
N SER C 107 5.02 10.51 2.93
CA SER C 107 4.25 11.18 1.87
C SER C 107 5.16 11.67 0.74
N THR C 108 6.21 12.40 1.10
CA THR C 108 7.14 12.94 0.11
C THR C 108 7.86 11.83 -0.67
N GLN C 109 7.96 10.66 -0.05
CA GLN C 109 8.63 9.53 -0.68
C GLN C 109 7.73 8.83 -1.69
N ILE C 110 6.43 8.76 -1.36
CA ILE C 110 5.47 8.11 -2.22
C ILE C 110 5.30 8.86 -3.54
N VAL C 111 5.49 10.17 -3.52
CA VAL C 111 5.35 10.99 -4.72
C VAL C 111 6.59 10.89 -5.60
N VAL C 112 7.77 10.82 -4.98
CA VAL C 112 9.02 10.72 -5.72
C VAL C 112 9.15 9.38 -6.46
N ILE C 113 8.75 8.30 -5.80
CA ILE C 113 8.83 6.97 -6.40
C ILE C 113 7.84 6.81 -7.55
N THR C 114 6.66 7.44 -7.41
CA THR C 114 5.64 7.36 -8.45
C THR C 114 6.16 7.94 -9.76
N SER C 115 6.64 9.18 -9.71
CA SER C 115 7.17 9.83 -10.90
C SER C 115 8.28 8.98 -11.51
N GLY C 116 8.97 8.23 -10.66
CA GLY C 116 10.05 7.37 -11.12
C GLY C 116 9.54 6.27 -12.03
N LEU C 117 8.49 5.58 -11.58
CA LEU C 117 7.90 4.49 -12.35
C LEU C 117 7.66 4.92 -13.78
N ILE C 118 6.83 5.94 -13.95
CA ILE C 118 6.49 6.46 -15.27
C ILE C 118 7.70 7.03 -16.00
N ALA C 119 8.64 7.58 -15.25
CA ALA C 119 9.84 8.18 -15.82
C ALA C 119 10.57 7.18 -16.72
N ASP C 120 10.55 5.90 -16.32
CA ASP C 120 11.19 4.86 -17.10
C ASP C 120 10.22 4.23 -18.09
N LEU C 121 8.92 4.41 -17.84
CA LEU C 121 7.89 3.85 -18.70
C LEU C 121 7.64 4.77 -19.91
N SER C 122 8.59 5.66 -20.18
CA SER C 122 8.47 6.58 -21.30
C SER C 122 9.07 5.99 -22.57
N GLU C 123 8.22 5.80 -23.58
CA GLU C 123 8.66 5.23 -24.85
C GLU C 123 9.45 6.27 -25.66
N ARG C 124 9.09 7.54 -25.48
CA ARG C 124 9.76 8.63 -26.18
C ARG C 124 10.88 9.21 -25.32
N ASP C 125 11.97 9.61 -25.98
CA ASP C 125 13.12 10.18 -25.28
C ASP C 125 12.90 11.65 -24.95
N TRP C 126 11.89 12.26 -25.56
CA TRP C 126 11.58 13.66 -25.34
C TRP C 126 10.68 13.84 -24.11
N VAL C 127 9.59 13.09 -24.07
CA VAL C 127 8.65 13.17 -22.96
C VAL C 127 9.33 12.87 -21.63
N ARG C 128 10.44 12.13 -21.68
CA ARG C 128 11.18 11.77 -20.48
C ARG C 128 11.72 13.01 -19.77
N TYR C 129 12.14 14.00 -20.56
CA TYR C 129 12.68 15.24 -20.00
C TYR C 129 11.63 15.96 -19.15
N LEU C 130 10.39 15.88 -19.59
CA LEU C 130 9.29 16.54 -18.87
C LEU C 130 9.06 15.90 -17.50
N TRP C 131 8.91 14.58 -17.48
CA TRP C 131 8.68 13.86 -16.24
C TRP C 131 9.89 13.95 -15.31
N TYR C 132 11.07 14.09 -15.89
CA TYR C 132 12.29 14.19 -15.10
C TYR C 132 12.29 15.47 -14.27
N ILE C 133 11.95 16.58 -14.90
CA ILE C 133 11.91 17.87 -14.21
C ILE C 133 10.95 17.83 -13.03
N CYS C 134 9.84 17.11 -13.21
CA CYS C 134 8.84 16.99 -12.15
C CYS C 134 9.42 16.27 -10.93
N GLY C 135 10.29 15.31 -11.19
CA GLY C 135 10.91 14.56 -10.11
C GLY C 135 11.89 15.39 -9.31
N VAL C 136 12.79 16.09 -10.00
CA VAL C 136 13.78 16.92 -9.34
C VAL C 136 13.12 18.14 -8.67
N CYS C 137 11.98 18.55 -9.21
CA CYS C 137 11.25 19.70 -8.66
C CYS C 137 10.77 19.39 -7.24
N ALA C 138 10.24 18.19 -7.06
CA ALA C 138 9.73 17.77 -5.76
C ALA C 138 10.87 17.58 -4.77
N PHE C 139 12.05 17.23 -5.28
CA PHE C 139 13.21 17.01 -4.43
C PHE C 139 13.73 18.33 -3.87
N LEU C 140 13.53 19.42 -4.62
CA LEU C 140 14.00 20.73 -4.18
C LEU C 140 13.17 21.25 -3.01
N ILE C 141 11.86 21.32 -3.19
CA ILE C 141 10.96 21.82 -2.14
C ILE C 141 11.13 21.04 -0.84
N ILE C 142 11.34 19.73 -0.95
CA ILE C 142 11.50 18.89 0.23
C ILE C 142 12.91 19.02 0.81
N LEU C 143 13.90 19.23 -0.06
CA LEU C 143 15.28 19.37 0.39
C LEU C 143 15.42 20.58 1.31
N TRP C 144 14.92 21.73 0.87
CA TRP C 144 14.99 22.94 1.67
C TRP C 144 14.04 22.86 2.85
N GLY C 145 13.04 21.97 2.73
CA GLY C 145 12.08 21.80 3.81
C GLY C 145 12.57 20.87 4.89
N ILE C 146 13.60 20.08 4.58
CA ILE C 146 14.16 19.14 5.53
C ILE C 146 15.46 19.67 6.14
N TRP C 147 16.02 20.69 5.50
CA TRP C 147 17.28 21.29 5.96
C TRP C 147 17.06 22.20 7.17
N ASN C 148 15.91 22.86 7.21
CA ASN C 148 15.59 23.76 8.32
C ASN C 148 15.33 23.01 9.63
N PRO C 149 14.44 22.00 9.62
CA PRO C 149 14.13 21.23 10.84
C PRO C 149 15.33 20.48 11.40
N LEU C 150 16.47 20.60 10.71
CA LEU C 150 17.69 19.92 11.14
C LEU C 150 18.14 20.39 12.52
N ARG C 151 18.48 21.67 12.63
CA ARG C 151 18.93 22.22 13.90
C ARG C 151 18.29 23.59 14.15
N ALA C 152 17.67 24.16 13.12
CA ALA C 152 17.03 25.46 13.23
C ALA C 152 15.79 25.39 14.14
N LYS C 153 14.95 24.38 13.91
CA LYS C 153 13.73 24.23 14.70
C LYS C 153 14.01 23.44 15.98
N THR C 154 14.95 22.50 15.92
CA THR C 154 15.29 21.70 17.08
C THR C 154 16.19 22.47 18.04
N ARG C 155 16.40 23.74 17.75
CA ARG C 155 17.25 24.59 18.59
C ARG C 155 16.69 24.68 20.01
N THR C 156 15.41 25.00 20.12
CA THR C 156 14.76 25.12 21.43
C THR C 156 14.21 23.77 21.87
N GLN C 157 14.22 22.80 20.97
CA GLN C 157 13.72 21.46 21.27
C GLN C 157 14.82 20.60 21.90
N SER C 158 15.78 20.19 21.06
CA SER C 158 16.89 19.37 21.53
C SER C 158 18.11 19.56 20.65
N SER C 159 19.17 20.14 21.22
CA SER C 159 20.41 20.38 20.48
C SER C 159 21.18 19.08 20.28
N GLU C 160 21.09 18.19 21.25
CA GLU C 160 21.77 16.91 21.19
C GLU C 160 21.28 16.08 20.00
N LEU C 161 19.97 15.97 19.89
CA LEU C 161 19.35 15.20 18.80
C LEU C 161 19.63 15.86 17.46
N ALA C 162 19.89 17.16 17.47
CA ALA C 162 20.18 17.90 16.25
C ALA C 162 21.56 17.56 15.71
N ASN C 163 22.52 17.37 16.61
CA ASN C 163 23.88 17.02 16.22
C ASN C 163 23.93 15.65 15.55
N LEU C 164 23.13 14.73 16.05
CA LEU C 164 23.07 13.37 15.51
C LEU C 164 22.60 13.39 14.06
N TYR C 165 21.45 14.00 13.83
CA TYR C 165 20.87 14.09 12.50
C TYR C 165 21.74 14.95 11.58
N ASP C 166 22.56 15.82 12.18
CA ASP C 166 23.43 16.70 11.41
C ASP C 166 24.48 15.91 10.65
N LYS C 167 25.06 14.91 11.32
CA LYS C 167 26.09 14.08 10.71
C LYS C 167 25.48 12.98 9.85
N LEU C 168 24.23 12.62 10.17
CA LEU C 168 23.52 11.58 9.43
C LEU C 168 22.99 12.10 8.09
N VAL C 169 22.52 13.34 8.09
CA VAL C 169 21.99 13.95 6.87
C VAL C 169 23.10 14.27 5.88
N THR C 170 24.33 14.30 6.36
CA THR C 170 25.48 14.60 5.52
C THR C 170 25.57 13.62 4.35
N TYR C 171 25.69 12.34 4.65
CA TYR C 171 25.78 11.32 3.62
C TYR C 171 24.44 11.15 2.92
N PHE C 172 23.37 11.36 3.68
CA PHE C 172 22.02 11.23 3.14
C PHE C 172 21.82 12.14 1.94
N THR C 173 22.48 13.30 1.96
CA THR C 173 22.37 14.27 0.87
C THR C 173 23.24 13.88 -0.31
N VAL C 174 24.47 13.45 -0.02
CA VAL C 174 25.43 13.07 -1.06
C VAL C 174 24.88 11.94 -1.94
N LEU C 175 24.15 11.01 -1.34
CA LEU C 175 23.60 9.88 -2.09
C LEU C 175 22.31 10.27 -2.82
N TRP C 176 21.41 10.93 -2.10
CA TRP C 176 20.14 11.35 -2.69
C TRP C 176 20.37 12.21 -3.93
N ILE C 177 21.48 12.94 -3.92
CA ILE C 177 21.83 13.80 -5.06
C ILE C 177 22.63 13.00 -6.09
N GLY C 178 23.27 11.94 -5.63
CA GLY C 178 24.08 11.10 -6.51
C GLY C 178 23.31 10.57 -7.71
N TYR C 179 22.22 9.84 -7.45
CA TYR C 179 21.42 9.27 -8.53
C TYR C 179 21.00 10.34 -9.54
N PRO C 180 20.34 11.44 -9.10
CA PRO C 180 19.90 12.51 -9.99
C PRO C 180 20.97 12.92 -11.00
N ILE C 181 22.23 12.88 -10.58
CA ILE C 181 23.34 13.25 -11.46
C ILE C 181 23.47 12.28 -12.63
N VAL C 182 23.71 11.01 -12.31
CA VAL C 182 23.87 9.99 -13.35
C VAL C 182 22.62 9.87 -14.21
N TRP C 183 21.48 10.27 -13.67
CA TRP C 183 20.21 10.21 -14.39
C TRP C 183 20.19 11.18 -15.56
N ILE C 184 20.50 12.45 -15.28
CA ILE C 184 20.49 13.49 -16.31
C ILE C 184 21.63 13.30 -17.32
N ILE C 185 22.82 12.95 -16.84
CA ILE C 185 23.97 12.77 -17.72
C ILE C 185 24.54 11.37 -17.60
N GLY C 186 24.98 10.82 -18.73
CA GLY C 186 25.58 9.50 -18.74
C GLY C 186 24.58 8.42 -19.14
N PRO C 187 24.67 7.23 -18.52
CA PRO C 187 23.77 6.11 -18.83
C PRO C 187 22.37 6.33 -18.28
N SER C 188 21.42 5.55 -18.78
CA SER C 188 20.02 5.67 -18.34
C SER C 188 19.53 7.10 -18.56
N GLY C 189 20.28 7.85 -19.36
CA GLY C 189 19.91 9.23 -19.64
C GLY C 189 20.59 9.75 -20.89
N PHE C 190 20.95 8.85 -21.80
CA PHE C 190 21.60 9.22 -23.05
C PHE C 190 22.94 9.91 -22.78
N GLY C 191 24.02 9.13 -22.77
CA GLY C 191 25.33 9.69 -22.52
C GLY C 191 26.41 9.01 -23.33
N TRP C 192 27.59 9.62 -23.39
CA TRP C 192 28.71 9.05 -24.14
C TRP C 192 29.06 7.66 -23.62
N ILE C 193 28.80 7.44 -22.35
CA ILE C 193 29.09 6.15 -21.72
C ILE C 193 27.82 5.34 -21.51
N ASN C 194 27.91 4.03 -21.73
CA ASN C 194 26.76 3.15 -21.57
C ASN C 194 27.21 1.71 -21.32
N GLN C 195 27.12 0.86 -22.35
CA GLN C 195 27.51 -0.53 -22.24
C GLN C 195 26.88 -1.18 -21.00
N THR C 196 27.45 -2.31 -20.57
CA THR C 196 26.94 -3.01 -19.40
C THR C 196 27.18 -2.21 -18.13
N ILE C 197 28.08 -1.22 -18.22
CA ILE C 197 28.40 -0.38 -17.08
C ILE C 197 27.16 0.34 -16.55
N ASP C 198 26.19 0.56 -17.44
CA ASP C 198 24.96 1.24 -17.06
C ASP C 198 24.35 0.59 -15.82
N THR C 199 24.02 -0.69 -15.92
CA THR C 199 23.42 -1.42 -14.81
C THR C 199 24.43 -1.70 -13.71
N PHE C 200 25.71 -1.61 -14.04
CA PHE C 200 26.77 -1.86 -13.08
C PHE C 200 26.92 -0.71 -12.10
N LEU C 201 26.54 0.49 -12.54
CA LEU C 201 26.64 1.68 -11.70
C LEU C 201 25.44 1.82 -10.77
N PHE C 202 24.24 1.69 -11.33
CA PHE C 202 23.01 1.82 -10.55
C PHE C 202 22.88 0.70 -9.52
N CYS C 203 23.69 -0.34 -9.66
CA CYS C 203 23.65 -1.46 -8.72
C CYS C 203 24.74 -1.32 -7.65
N LEU C 204 25.92 -0.87 -8.05
CA LEU C 204 27.05 -0.71 -7.14
C LEU C 204 26.83 0.46 -6.17
N LEU C 205 26.18 1.51 -6.64
CA LEU C 205 25.94 2.69 -5.80
C LEU C 205 25.07 2.36 -4.59
N PRO C 206 23.89 1.73 -4.78
CA PRO C 206 23.01 1.39 -3.66
C PRO C 206 23.71 0.48 -2.66
N PHE C 207 24.47 -0.49 -3.15
CA PHE C 207 25.19 -1.42 -2.29
C PHE C 207 26.25 -0.66 -1.49
N PHE C 208 26.84 0.36 -2.11
CA PHE C 208 27.87 1.17 -1.46
C PHE C 208 27.25 2.02 -0.35
N SER C 209 25.97 2.35 -0.52
CA SER C 209 25.26 3.15 0.47
C SER C 209 24.52 2.26 1.46
N VAL C 211 25.88 -0.55 2.77
CA VAL C 211 26.85 -0.98 3.77
C VAL C 211 27.36 0.19 4.60
N GLY C 212 27.54 1.33 3.94
CA GLY C 212 28.02 2.52 4.63
C GLY C 212 27.07 3.01 5.70
N PHE C 213 25.79 3.16 5.34
CA PHE C 213 24.78 3.61 6.28
C PHE C 213 24.56 2.60 7.40
N SER C 214 24.87 1.34 7.12
CA SER C 214 24.70 0.28 8.11
C SER C 214 25.55 0.56 9.35
N PHE C 215 26.86 0.59 9.16
CA PHE C 215 27.78 0.85 10.27
C PHE C 215 27.66 2.29 10.76
N LEU C 216 27.12 3.16 9.91
CA LEU C 216 26.95 4.57 10.26
C LEU C 216 25.94 4.72 11.39
N ASP C 217 24.71 4.25 11.14
CA ASP C 217 23.66 4.34 12.15
C ASP C 217 24.05 3.60 13.43
N LEU C 218 24.89 2.57 13.27
CA LEU C 218 25.34 1.78 14.40
C LEU C 218 26.05 2.66 15.43
N HIS C 219 27.03 3.43 14.96
CA HIS C 219 27.79 4.32 15.84
C HIS C 219 27.04 5.63 16.06
N GLY C 220 26.12 5.94 15.16
CA GLY C 220 25.34 7.16 15.28
C GLY C 220 24.55 7.22 16.56
N LEU C 221 24.16 6.06 17.07
CA LEU C 221 23.40 5.98 18.31
C LEU C 221 24.26 6.39 19.51
N ARG C 222 25.40 5.73 19.66
CA ARG C 222 26.32 6.03 20.75
C ARG C 222 25.61 6.00 22.10
N ASN C 223 25.58 4.82 22.72
CA ASN C 223 24.94 4.64 24.01
C ASN C 223 25.55 5.58 25.06
N LEU C 224 24.69 6.17 25.88
CA LEU C 224 25.14 7.10 26.92
C LEU C 224 24.05 7.28 27.97
N ASN C 225 22.81 7.11 27.57
CA ASN C 225 21.67 7.26 28.47
C ASN C 225 20.75 6.05 28.40
N ASP C 226 20.50 5.43 29.56
CA ASP C 226 19.63 4.26 29.65
C ASP C 226 20.23 3.06 28.92
N SER C 227 19.97 1.87 29.44
CA SER C 227 20.47 0.64 28.84
C SER C 227 19.63 -0.55 29.27
N ARG C 228 19.11 -1.28 28.29
CA ARG C 228 18.29 -2.46 28.56
C ARG C 228 19.09 -3.74 28.42
N GLN C 229 18.58 -4.83 29.00
CA GLN C 229 19.25 -6.13 28.92
C GLN C 229 18.89 -6.85 27.64
N MET A 1 -21.05 -16.02 -24.32
CA MET A 1 -19.97 -15.02 -24.08
C MET A 1 -19.48 -15.07 -22.64
N ASN A 2 -20.33 -14.66 -21.71
CA ASN A 2 -19.99 -14.68 -20.30
C ASN A 2 -21.08 -15.35 -19.48
N LEU A 3 -21.59 -16.46 -20.01
CA LEU A 3 -22.65 -17.21 -19.34
C LEU A 3 -22.08 -18.40 -18.58
N GLU A 4 -21.11 -19.09 -19.20
CA GLU A 4 -20.50 -20.25 -18.58
C GLU A 4 -19.82 -19.88 -17.27
N SER A 5 -19.43 -20.90 -16.50
CA SER A 5 -18.77 -20.70 -15.21
C SER A 5 -19.68 -19.96 -14.24
N LEU A 6 -20.26 -20.71 -13.30
CA LEU A 6 -21.16 -20.12 -12.31
C LEU A 6 -20.60 -20.30 -10.89
N LEU A 7 -19.38 -20.83 -10.82
CA LEU A 7 -18.73 -21.05 -9.54
C LEU A 7 -18.39 -19.73 -8.86
N HIS A 8 -17.74 -18.84 -9.60
CA HIS A 8 -17.35 -17.53 -9.08
C HIS A 8 -18.57 -16.71 -8.70
N TRP A 9 -19.70 -17.01 -9.34
CA TRP A 9 -20.94 -16.29 -9.08
C TRP A 9 -21.48 -16.63 -7.70
N ILE A 10 -21.77 -17.91 -7.46
CA ILE A 10 -22.29 -18.35 -6.18
C ILE A 10 -21.30 -18.03 -5.06
N TYR A 11 -20.04 -17.81 -5.45
CA TYR A 11 -18.98 -17.49 -4.51
C TYR A 11 -19.28 -16.18 -3.80
N VAL A 12 -19.44 -15.11 -4.57
CA VAL A 12 -19.72 -13.80 -3.99
C VAL A 12 -21.05 -13.83 -3.22
N ALA A 13 -21.96 -14.70 -3.64
CA ALA A 13 -23.26 -14.83 -2.99
C ALA A 13 -23.10 -15.23 -1.52
N GLY A 14 -22.26 -16.23 -1.28
CA GLY A 14 -22.04 -16.70 0.07
C GLY A 14 -21.25 -15.70 0.90
N MET A 15 -20.48 -14.85 0.23
CA MET A 15 -19.67 -13.84 0.90
C MET A 15 -20.52 -12.68 1.37
N THR A 16 -21.51 -12.29 0.56
CA THR A 16 -22.39 -11.20 0.91
C THR A 16 -23.19 -11.50 2.18
N ILE A 17 -23.79 -12.69 2.22
CA ILE A 17 -24.58 -13.10 3.38
C ILE A 17 -23.69 -13.18 4.63
N GLY A 18 -22.43 -13.54 4.43
CA GLY A 18 -21.50 -13.65 5.53
C GLY A 18 -21.43 -12.39 6.37
N ALA A 19 -21.15 -11.26 5.72
CA ALA A 19 -21.06 -9.98 6.40
C ALA A 19 -22.37 -9.60 7.08
N LEU A 20 -23.48 -9.97 6.43
CA LEU A 20 -24.81 -9.67 6.96
C LEU A 20 -25.03 -10.37 8.29
N HIS A 21 -24.40 -11.53 8.46
CA HIS A 21 -24.53 -12.29 9.69
C HIS A 21 -24.04 -11.48 10.88
N PHE A 22 -23.05 -10.62 10.65
CA PHE A 22 -22.49 -9.78 11.70
C PHE A 22 -23.45 -8.64 12.03
N TRP A 23 -24.23 -8.23 11.05
CA TRP A 23 -25.20 -7.16 11.26
C TRP A 23 -26.21 -7.56 12.32
N SER A 24 -26.62 -8.83 12.27
CA SER A 24 -27.57 -9.36 13.23
C SER A 24 -26.87 -9.83 14.49
N LEU A 25 -25.60 -10.25 14.33
CA LEU A 25 -24.80 -10.73 15.46
C LEU A 25 -24.38 -9.56 16.35
N SER A 26 -24.46 -8.36 15.81
CA SER A 26 -24.08 -7.16 16.55
C SER A 26 -24.98 -6.98 17.77
N ARG A 27 -26.19 -7.52 17.71
CA ARG A 27 -27.14 -7.42 18.84
C ARG A 27 -26.45 -7.86 20.12
N ASN A 28 -25.54 -8.82 19.99
CA ASN A 28 -24.79 -9.32 21.13
C ASN A 28 -23.58 -10.13 20.65
N PRO A 29 -22.39 -9.87 21.21
CA PRO A 29 -21.17 -10.56 20.85
C PRO A 29 -20.87 -11.73 21.79
N ARG A 30 -19.77 -12.43 21.53
CA ARG A 30 -19.37 -13.57 22.36
C ARG A 30 -18.23 -13.20 23.30
N GLY A 31 -18.51 -12.30 24.24
CA GLY A 31 -17.50 -11.88 25.19
C GLY A 31 -16.60 -10.78 24.66
N VAL A 32 -16.12 -10.94 23.44
CA VAL A 32 -15.26 -9.94 22.82
C VAL A 32 -16.03 -9.02 21.88
N PRO A 33 -15.63 -7.74 21.77
CA PRO A 33 -16.30 -6.78 20.91
C PRO A 33 -16.28 -7.22 19.45
N GLN A 34 -17.15 -6.59 18.65
CA GLN A 34 -17.28 -6.93 17.23
C GLN A 34 -16.00 -6.61 16.45
N TYR A 35 -15.13 -5.79 17.03
CA TYR A 35 -13.88 -5.40 16.37
C TYR A 35 -13.22 -6.59 15.65
N GLU A 36 -13.24 -7.75 16.30
CA GLU A 36 -12.65 -8.95 15.72
C GLU A 36 -13.43 -9.39 14.48
N TYR A 37 -14.76 -9.40 14.60
CA TYR A 37 -15.62 -9.79 13.50
C TYR A 37 -15.59 -8.73 12.40
N LEU A 38 -15.15 -7.53 12.75
CA LEU A 38 -15.06 -6.43 11.80
C LEU A 38 -14.07 -6.75 10.71
N VAL A 39 -12.84 -7.09 11.10
CA VAL A 39 -11.81 -7.43 10.12
C VAL A 39 -12.21 -8.67 9.33
N ALA A 40 -12.87 -9.60 10.01
CA ALA A 40 -13.32 -10.83 9.37
C ALA A 40 -14.48 -10.54 8.43
N MET A 41 -15.01 -9.32 8.52
CA MET A 41 -16.12 -8.90 7.66
C MET A 41 -15.59 -8.32 6.35
N PHE A 42 -14.40 -7.75 6.41
CA PHE A 42 -13.78 -7.14 5.22
C PHE A 42 -13.30 -8.21 4.24
N ILE A 43 -12.72 -9.29 4.77
CA ILE A 43 -12.22 -10.39 3.94
C ILE A 43 -13.25 -10.85 2.92
N PRO A 44 -14.48 -11.21 3.35
CA PRO A 44 -15.54 -11.67 2.43
C PRO A 44 -16.04 -10.56 1.50
N ILE A 45 -16.07 -9.33 2.01
CA ILE A 45 -16.54 -8.19 1.22
C ILE A 45 -15.71 -8.03 -0.06
N TRP A 46 -14.42 -7.78 0.09
CA TRP A 46 -13.53 -7.60 -1.05
C TRP A 46 -13.48 -8.85 -1.91
N SER A 47 -13.08 -9.96 -1.29
CA SER A 47 -12.96 -11.23 -1.99
C SER A 47 -14.28 -11.60 -2.69
N GLY A 48 -15.38 -11.04 -2.21
CA GLY A 48 -16.67 -11.32 -2.80
C GLY A 48 -16.80 -10.76 -4.20
N LEU A 49 -16.79 -9.43 -4.31
CA LEU A 49 -16.92 -8.76 -5.60
C LEU A 49 -15.83 -9.23 -6.57
N ALA A 50 -14.69 -9.61 -6.03
CA ALA A 50 -13.57 -10.08 -6.83
C ALA A 50 -13.97 -11.28 -7.70
N TYR A 51 -14.44 -12.34 -7.04
CA TYR A 51 -14.85 -13.55 -7.74
C TYR A 51 -16.01 -13.27 -8.70
N MET A 52 -16.98 -12.48 -8.25
CA MET A 52 -18.14 -12.14 -9.07
C MET A 52 -17.68 -11.73 -10.47
N ALA A 53 -16.55 -11.04 -10.52
CA ALA A 53 -15.99 -10.58 -11.78
C ALA A 53 -15.41 -11.74 -12.58
N MET A 54 -14.74 -12.65 -11.87
CA MET A 54 -14.14 -13.82 -12.51
C MET A 54 -15.19 -14.56 -13.34
N ALA A 55 -16.42 -14.57 -12.83
CA ALA A 55 -17.52 -15.23 -13.52
C ALA A 55 -17.84 -14.48 -14.81
N ILE A 56 -17.83 -13.15 -14.72
CA ILE A 56 -18.11 -12.30 -15.86
C ILE A 56 -16.88 -12.20 -16.77
N ASP A 57 -15.83 -12.94 -16.40
CA ASP A 57 -14.58 -12.95 -17.16
C ASP A 57 -13.94 -11.57 -17.20
N GLN A 58 -13.91 -10.91 -16.05
CA GLN A 58 -13.32 -9.58 -15.95
C GLN A 58 -11.94 -9.64 -15.30
N GLY A 59 -11.23 -8.52 -15.35
CA GLY A 59 -9.90 -8.48 -14.76
C GLY A 59 -8.92 -9.38 -15.48
N LYS A 60 -9.07 -9.47 -16.81
CA LYS A 60 -8.19 -10.31 -17.62
C LYS A 60 -7.51 -9.48 -18.70
N VAL A 61 -6.27 -9.84 -19.03
CA VAL A 61 -5.52 -9.14 -20.06
C VAL A 61 -4.85 -10.13 -21.01
N GLU A 62 -4.84 -9.78 -22.29
CA GLU A 62 -4.22 -10.63 -23.31
C GLU A 62 -2.78 -10.23 -23.57
N ALA A 63 -1.86 -10.86 -22.84
CA ALA A 63 -0.44 -10.56 -22.99
C ALA A 63 0.23 -11.53 -23.96
N ALA A 64 0.62 -11.00 -25.12
CA ALA A 64 1.27 -11.80 -26.15
C ALA A 64 0.41 -12.99 -26.55
N GLY A 65 -0.90 -12.79 -26.56
CA GLY A 65 -1.82 -13.85 -26.94
C GLY A 65 -2.04 -14.86 -25.83
N GLN A 66 -1.73 -14.47 -24.60
CA GLN A 66 -1.90 -15.34 -23.44
C GLN A 66 -2.66 -14.62 -22.33
N ILE A 67 -3.83 -15.16 -22.00
CA ILE A 67 -4.66 -14.58 -20.94
C ILE A 67 -4.02 -14.75 -19.57
N ALA A 68 -3.88 -13.64 -18.85
CA ALA A 68 -3.29 -13.67 -17.52
C ALA A 68 -4.34 -13.43 -16.44
N HIS A 69 -4.16 -14.10 -15.30
CA HIS A 69 -5.10 -13.98 -14.19
C HIS A 69 -4.70 -12.83 -13.26
N TYR A 70 -4.70 -11.62 -13.82
CA TYR A 70 -4.35 -10.43 -13.08
C TYR A 70 -5.22 -10.25 -11.84
N ALA A 71 -6.50 -10.60 -11.98
CA ALA A 71 -7.44 -10.47 -10.87
C ALA A 71 -7.24 -11.57 -9.82
N ARG A 72 -6.62 -12.67 -10.24
CA ARG A 72 -6.39 -13.79 -9.34
C ARG A 72 -5.40 -13.42 -8.22
N TYR A 73 -4.24 -12.89 -8.59
CA TYR A 73 -3.25 -12.52 -7.58
C TYR A 73 -3.69 -11.29 -6.80
N ILE A 74 -4.38 -10.38 -7.49
CA ILE A 74 -4.85 -9.14 -6.87
C ILE A 74 -5.69 -9.44 -5.64
N ASP A 75 -6.62 -10.39 -5.79
CA ASP A 75 -7.48 -10.78 -4.67
C ASP A 75 -6.65 -11.42 -3.57
N TRP A 76 -5.41 -11.75 -3.88
CA TRP A 76 -4.53 -12.37 -2.92
C TRP A 76 -3.56 -11.36 -2.32
N MET A 77 -3.67 -10.11 -2.75
CA MET A 77 -2.82 -9.06 -2.25
C MET A 77 -3.58 -8.16 -1.28
N VAL A 78 -4.89 -8.39 -1.17
CA VAL A 78 -5.74 -7.60 -0.28
C VAL A 78 -6.30 -8.43 0.86
N THR A 79 -6.63 -9.69 0.58
CA THR A 79 -7.21 -10.57 1.59
C THR A 79 -6.14 -11.31 2.40
N THR A 80 -5.13 -11.84 1.72
CA THR A 80 -4.07 -12.58 2.38
C THR A 80 -3.37 -11.74 3.46
N PRO A 81 -2.91 -10.51 3.14
CA PRO A 81 -2.24 -9.66 4.13
C PRO A 81 -3.13 -9.43 5.34
N LEU A 82 -4.42 -9.30 5.10
CA LEU A 82 -5.38 -9.10 6.18
C LEU A 82 -5.52 -10.38 6.99
N LEU A 83 -5.42 -11.52 6.30
CA LEU A 83 -5.51 -12.81 6.96
C LEU A 83 -4.29 -13.01 7.85
N LEU A 84 -3.24 -12.26 7.54
CA LEU A 84 -2.00 -12.31 8.30
C LEU A 84 -2.12 -11.41 9.52
N LEU A 85 -3.01 -10.42 9.42
CA LEU A 85 -3.24 -9.47 10.50
C LEU A 85 -4.22 -10.04 11.52
N SER A 86 -5.26 -10.71 11.03
CA SER A 86 -6.27 -11.29 11.88
C SER A 86 -5.67 -12.37 12.78
N LEU A 87 -4.86 -13.24 12.18
CA LEU A 87 -4.22 -14.32 12.92
C LEU A 87 -3.26 -13.78 13.96
N SER A 88 -2.73 -12.58 13.72
CA SER A 88 -1.80 -11.94 14.64
C SER A 88 -2.50 -11.56 15.94
N TRP A 89 -3.62 -10.85 15.82
CA TRP A 89 -4.38 -10.42 16.99
C TRP A 89 -4.96 -11.60 17.73
N THR A 90 -5.10 -12.73 17.04
CA THR A 90 -5.64 -13.94 17.64
C THR A 90 -4.63 -14.58 18.59
N ALA A 91 -3.36 -14.53 18.21
CA ALA A 91 -2.28 -15.09 19.01
C ALA A 91 -1.80 -14.10 20.06
N MET A 92 -2.02 -12.82 19.79
CA MET A 92 -1.60 -11.75 20.70
C MET A 92 -2.76 -11.36 21.62
N GLN A 93 -2.90 -12.11 22.71
CA GLN A 93 -3.96 -11.84 23.68
C GLN A 93 -3.66 -10.59 24.51
N PHE A 94 -2.39 -10.20 24.54
CA PHE A 94 -1.96 -9.02 25.29
C PHE A 94 -1.06 -8.13 24.45
N ILE A 95 -1.34 -6.83 24.47
CA ILE A 95 -0.55 -5.86 23.71
C ILE A 95 -0.35 -4.58 24.51
N LYS A 96 0.66 -3.80 24.12
CA LYS A 96 0.96 -2.55 24.81
C LYS A 96 1.35 -1.46 23.81
N LYS A 97 2.52 -1.61 23.21
CA LYS A 97 3.00 -0.63 22.24
C LYS A 97 3.73 -1.31 21.08
N ASP A 98 3.56 -2.62 20.98
CA ASP A 98 4.21 -3.40 19.93
C ASP A 98 3.74 -2.94 18.55
N TRP A 99 4.69 -2.66 17.67
CA TRP A 99 4.37 -2.21 16.31
C TRP A 99 5.45 -2.62 15.33
N THR A 100 6.60 -3.03 15.86
CA THR A 100 7.73 -3.45 15.02
C THR A 100 7.57 -4.89 14.57
N LEU A 101 6.99 -5.71 15.44
CA LEU A 101 6.79 -7.13 15.14
C LEU A 101 5.73 -7.30 14.04
N ILE A 102 4.60 -6.62 14.21
CA ILE A 102 3.51 -6.69 13.24
C ILE A 102 3.97 -6.24 11.85
N GLY A 103 5.01 -5.40 11.82
CA GLY A 103 5.52 -4.91 10.56
C GLY A 103 6.28 -5.98 9.78
N PHE A 104 7.17 -6.70 10.47
CA PHE A 104 7.96 -7.74 9.83
C PHE A 104 7.06 -8.78 9.16
N LEU A 105 5.94 -9.09 9.80
CA LEU A 105 5.00 -10.06 9.26
C LEU A 105 4.43 -9.59 7.92
N MET A 106 3.91 -8.36 7.92
CA MET A 106 3.33 -7.78 6.71
C MET A 106 4.37 -7.67 5.60
N SER A 107 5.64 -7.59 5.99
CA SER A 107 6.73 -7.48 5.02
C SER A 107 6.90 -8.78 4.23
N THR A 108 7.15 -9.87 4.95
CA THR A 108 7.33 -11.17 4.32
C THR A 108 6.14 -11.51 3.40
N GLN A 109 4.95 -11.11 3.82
CA GLN A 109 3.75 -11.37 3.05
C GLN A 109 3.89 -10.82 1.63
N ILE A 110 4.27 -9.55 1.53
CA ILE A 110 4.45 -8.90 0.23
C ILE A 110 5.40 -9.69 -0.66
N VAL A 111 6.42 -10.30 -0.04
CA VAL A 111 7.38 -11.10 -0.78
C VAL A 111 6.73 -12.32 -1.41
N VAL A 112 5.89 -13.00 -0.63
CA VAL A 112 5.20 -14.19 -1.11
C VAL A 112 4.25 -13.86 -2.26
N ILE A 113 3.38 -12.87 -2.06
CA ILE A 113 2.44 -12.47 -3.09
C ILE A 113 3.15 -12.15 -4.40
N THR A 114 4.38 -11.68 -4.31
CA THR A 114 5.17 -11.35 -5.49
C THR A 114 5.43 -12.59 -6.33
N SER A 115 5.90 -13.65 -5.66
CA SER A 115 6.19 -14.90 -6.34
C SER A 115 4.92 -15.48 -6.95
N GLY A 116 3.77 -15.07 -6.44
CA GLY A 116 2.50 -15.57 -6.94
C GLY A 116 2.01 -14.80 -8.15
N LEU A 117 2.22 -13.49 -8.15
CA LEU A 117 1.77 -12.66 -9.26
C LEU A 117 2.70 -12.79 -10.46
N ILE A 118 3.96 -13.13 -10.21
CA ILE A 118 4.94 -13.29 -11.29
C ILE A 118 4.84 -14.69 -11.90
N ALA A 119 4.62 -15.69 -11.04
CA ALA A 119 4.51 -17.07 -11.50
C ALA A 119 3.45 -17.23 -12.58
N ASP A 120 2.38 -16.45 -12.45
CA ASP A 120 1.28 -16.50 -13.41
C ASP A 120 1.64 -15.72 -14.68
N LEU A 121 2.59 -14.80 -14.55
CA LEU A 121 3.01 -13.98 -15.69
C LEU A 121 4.17 -14.63 -16.43
N SER A 122 4.53 -15.85 -16.01
CA SER A 122 5.63 -16.58 -16.64
C SER A 122 5.31 -16.91 -18.09
N GLU A 123 6.25 -16.60 -18.99
CA GLU A 123 6.07 -16.86 -20.42
C GLU A 123 7.02 -17.96 -20.91
N ARG A 124 7.88 -18.43 -20.01
CA ARG A 124 8.85 -19.47 -20.36
C ARG A 124 8.80 -20.61 -19.34
N ASP A 125 8.92 -21.84 -19.83
CA ASP A 125 8.91 -23.02 -18.97
C ASP A 125 10.23 -23.22 -18.26
N TRP A 126 11.25 -22.46 -18.70
CA TRP A 126 12.57 -22.55 -18.10
C TRP A 126 12.62 -21.76 -16.79
N VAL A 127 12.00 -20.59 -16.80
CA VAL A 127 11.96 -19.74 -15.61
C VAL A 127 10.83 -20.16 -14.67
N ARG A 128 9.82 -20.82 -15.23
CA ARG A 128 8.67 -21.27 -14.45
C ARG A 128 9.13 -22.07 -13.23
N TYR A 129 10.15 -22.90 -13.42
CA TYR A 129 10.68 -23.73 -12.33
C TYR A 129 11.51 -22.89 -11.36
N LEU A 130 12.14 -21.84 -11.89
CA LEU A 130 12.98 -20.97 -11.08
C LEU A 130 12.15 -20.18 -10.06
N TRP A 131 11.19 -19.41 -10.56
CA TRP A 131 10.33 -18.60 -9.71
C TRP A 131 9.49 -19.45 -8.77
N TYR A 132 9.03 -20.60 -9.26
CA TYR A 132 8.22 -21.49 -8.45
C TYR A 132 8.94 -21.85 -7.16
N ILE A 133 10.16 -22.34 -7.28
CA ILE A 133 10.96 -22.72 -6.12
C ILE A 133 11.33 -21.48 -5.31
N CYS A 134 11.47 -20.35 -5.99
CA CYS A 134 11.83 -19.10 -5.33
C CYS A 134 10.74 -18.69 -4.34
N GLY A 135 9.49 -18.98 -4.69
CA GLY A 135 8.36 -18.63 -3.83
C GLY A 135 8.31 -19.48 -2.59
N VAL A 136 8.34 -20.80 -2.76
CA VAL A 136 8.29 -21.72 -1.63
C VAL A 136 9.52 -21.56 -0.74
N CYS A 137 10.63 -21.16 -1.33
CA CYS A 137 11.88 -20.96 -0.58
C CYS A 137 11.76 -19.76 0.33
N ALA A 138 11.06 -18.72 -0.13
CA ALA A 138 10.88 -17.51 0.65
C ALA A 138 10.14 -17.81 1.95
N PHE A 139 9.01 -18.49 1.85
CA PHE A 139 8.21 -18.84 3.01
C PHE A 139 8.93 -19.89 3.87
N LEU A 140 9.84 -20.63 3.26
CA LEU A 140 10.59 -21.66 3.96
C LEU A 140 11.48 -21.07 5.05
N ILE A 141 12.44 -20.24 4.65
CA ILE A 141 13.36 -19.62 5.60
C ILE A 141 12.64 -18.78 6.64
N ILE A 142 11.70 -17.95 6.20
CA ILE A 142 10.96 -17.09 7.11
C ILE A 142 10.11 -17.89 8.09
N LEU A 143 9.63 -19.05 7.65
CA LEU A 143 8.81 -19.90 8.52
C LEU A 143 9.55 -20.28 9.78
N TRP A 144 10.77 -20.80 9.61
CA TRP A 144 11.58 -21.19 10.76
C TRP A 144 11.98 -19.98 11.59
N GLY A 145 11.93 -18.80 10.96
CA GLY A 145 12.28 -17.57 11.65
C GLY A 145 11.13 -17.03 12.49
N ILE A 146 9.92 -17.49 12.22
CA ILE A 146 8.74 -17.04 12.96
C ILE A 146 8.22 -18.16 13.87
N TRP A 147 8.68 -19.38 13.64
CA TRP A 147 8.22 -20.52 14.42
C TRP A 147 8.65 -20.44 15.88
N ASN A 148 9.95 -20.31 16.12
CA ASN A 148 10.47 -20.24 17.48
C ASN A 148 10.81 -18.80 17.92
N PRO A 149 11.63 -18.07 17.13
CA PRO A 149 12.03 -16.70 17.47
C PRO A 149 10.88 -15.85 18.01
N LEU A 150 9.67 -16.14 17.55
CA LEU A 150 8.50 -15.39 18.02
C LEU A 150 8.31 -15.59 19.52
N ARG A 151 8.28 -16.85 19.95
CA ARG A 151 8.11 -17.18 21.36
C ARG A 151 8.93 -18.42 21.72
N ALA A 152 10.24 -18.33 21.56
CA ALA A 152 11.14 -19.43 21.87
C ALA A 152 11.39 -19.52 23.37
N LYS A 153 11.58 -18.37 24.01
CA LYS A 153 11.85 -18.32 25.44
C LYS A 153 10.59 -18.68 26.23
N THR A 154 9.43 -18.50 25.61
CA THR A 154 8.15 -18.80 26.26
C THR A 154 8.03 -20.30 26.53
N ARG A 155 8.83 -21.10 25.84
CA ARG A 155 8.81 -22.55 26.01
C ARG A 155 9.03 -22.94 27.48
N THR A 156 9.81 -22.13 28.18
CA THR A 156 10.11 -22.40 29.58
C THR A 156 9.23 -21.56 30.51
N GLN A 157 8.79 -20.41 30.02
CA GLN A 157 7.95 -19.51 30.80
C GLN A 157 6.57 -20.14 31.06
N SER A 158 5.72 -20.11 30.04
CA SER A 158 4.38 -20.68 30.16
C SER A 158 4.10 -21.66 29.02
N SER A 159 3.96 -22.93 29.37
CA SER A 159 3.69 -23.97 28.38
C SER A 159 2.22 -23.98 27.96
N GLU A 160 1.37 -23.37 28.78
CA GLU A 160 -0.06 -23.30 28.49
C GLU A 160 -0.33 -22.39 27.30
N LEU A 161 0.15 -21.15 27.37
CA LEU A 161 -0.03 -20.19 26.29
C LEU A 161 0.69 -20.64 25.03
N ALA A 162 1.80 -21.35 25.21
CA ALA A 162 2.59 -21.84 24.08
C ALA A 162 1.82 -22.91 23.31
N ASN A 163 0.97 -23.66 24.01
CA ASN A 163 0.19 -24.72 23.40
C ASN A 163 -0.98 -24.14 22.61
N LEU A 164 -1.48 -23.00 23.06
CA LEU A 164 -2.60 -22.34 22.39
C LEU A 164 -2.20 -21.83 21.01
N TYR A 165 -1.21 -20.95 20.97
CA TYR A 165 -0.75 -20.39 19.71
C TYR A 165 -0.16 -21.48 18.81
N ASP A 166 0.27 -22.59 19.42
CA ASP A 166 0.84 -23.69 18.66
C ASP A 166 -0.24 -24.39 17.84
N LYS A 167 -1.47 -24.39 18.39
CA LYS A 167 -2.60 -25.02 17.71
C LYS A 167 -3.13 -24.09 16.61
N LEU A 168 -2.84 -22.80 16.75
CA LEU A 168 -3.26 -21.80 15.77
C LEU A 168 -2.31 -21.77 14.58
N VAL A 169 -1.03 -21.56 14.85
CA VAL A 169 -0.01 -21.47 13.82
C VAL A 169 0.10 -22.77 13.02
N THR A 170 -0.10 -23.91 13.69
CA THR A 170 -0.02 -25.21 13.01
C THR A 170 -0.96 -25.24 11.81
N TYR A 171 -2.10 -24.57 11.94
CA TYR A 171 -3.08 -24.51 10.87
C TYR A 171 -2.64 -23.50 9.82
N PHE A 172 -1.88 -22.50 10.27
CA PHE A 172 -1.37 -21.46 9.38
C PHE A 172 -0.24 -22.00 8.50
N THR A 173 0.48 -23.01 9.00
CA THR A 173 1.57 -23.61 8.26
C THR A 173 1.05 -24.53 7.16
N VAL A 174 0.12 -25.40 7.52
CA VAL A 174 -0.47 -26.35 6.58
C VAL A 174 -1.24 -25.63 5.47
N LEU A 175 -1.77 -24.45 5.80
CA LEU A 175 -2.54 -23.65 4.85
C LEU A 175 -1.62 -22.97 3.84
N TRP A 176 -0.68 -22.18 4.35
CA TRP A 176 0.26 -21.46 3.51
C TRP A 176 1.07 -22.41 2.63
N ILE A 177 1.28 -23.63 3.12
CA ILE A 177 2.01 -24.63 2.35
C ILE A 177 1.06 -25.40 1.45
N GLY A 178 -0.21 -25.37 1.79
CA GLY A 178 -1.22 -26.07 1.01
C GLY A 178 -1.28 -25.60 -0.43
N TYR A 179 -1.37 -24.29 -0.63
CA TYR A 179 -1.43 -23.73 -1.98
C TYR A 179 -0.22 -24.19 -2.82
N PRO A 180 1.01 -23.96 -2.34
CA PRO A 180 2.22 -24.37 -3.07
C PRO A 180 2.13 -25.81 -3.57
N ILE A 181 1.42 -26.66 -2.83
CA ILE A 181 1.27 -28.06 -3.19
C ILE A 181 0.48 -28.22 -4.50
N VAL A 182 -0.73 -27.69 -4.52
CA VAL A 182 -1.58 -27.79 -5.71
C VAL A 182 -0.93 -27.13 -6.91
N TRP A 183 -0.07 -26.15 -6.66
CA TRP A 183 0.62 -25.44 -7.74
C TRP A 183 1.51 -26.40 -8.54
N ILE A 184 1.90 -27.50 -7.90
CA ILE A 184 2.74 -28.49 -8.55
C ILE A 184 2.11 -29.00 -9.85
N ILE A 185 0.80 -29.20 -9.82
CA ILE A 185 0.08 -29.69 -10.99
C ILE A 185 -0.78 -28.58 -11.60
N GLY A 186 -0.81 -28.53 -12.93
CA GLY A 186 -1.60 -27.51 -13.61
C GLY A 186 -0.73 -26.49 -14.32
N PRO A 187 -1.31 -25.34 -14.74
CA PRO A 187 -0.56 -24.29 -15.43
C PRO A 187 0.38 -23.55 -14.50
N SER A 188 1.38 -22.88 -15.07
CA SER A 188 2.36 -22.15 -14.29
C SER A 188 3.05 -23.07 -13.28
N GLY A 189 2.93 -24.38 -13.53
CA GLY A 189 3.53 -25.36 -12.65
C GLY A 189 3.79 -26.68 -13.35
N PHE A 190 3.96 -26.62 -14.67
CA PHE A 190 4.20 -27.81 -15.47
C PHE A 190 3.08 -28.82 -15.30
N GLY A 191 1.93 -28.52 -15.89
CA GLY A 191 0.78 -29.40 -15.78
C GLY A 191 0.24 -29.82 -17.14
N TRP A 192 -0.84 -30.60 -17.12
CA TRP A 192 -1.46 -31.08 -18.34
C TRP A 192 -2.98 -31.04 -18.24
N ILE A 193 -3.49 -30.16 -17.37
CA ILE A 193 -4.92 -30.03 -17.19
C ILE A 193 -5.48 -28.86 -18.01
N ASN A 194 -6.80 -28.70 -17.98
CA ASN A 194 -7.46 -27.63 -18.72
C ASN A 194 -7.25 -26.29 -18.02
N GLN A 195 -7.92 -25.26 -18.52
CA GLN A 195 -7.81 -23.92 -17.94
C GLN A 195 -8.91 -23.69 -16.90
N THR A 196 -10.07 -24.29 -17.14
CA THR A 196 -11.20 -24.17 -16.23
C THR A 196 -10.95 -24.92 -14.94
N ILE A 197 -10.20 -26.02 -15.05
CA ILE A 197 -9.88 -26.85 -13.89
C ILE A 197 -9.03 -26.10 -12.88
N ASP A 198 -7.98 -25.44 -13.37
CA ASP A 198 -7.09 -24.67 -12.51
C ASP A 198 -7.87 -23.65 -11.70
N THR A 199 -8.66 -22.83 -12.40
CA THR A 199 -9.47 -21.80 -11.75
C THR A 199 -10.50 -22.42 -10.83
N PHE A 200 -10.88 -23.66 -11.12
CA PHE A 200 -11.87 -24.37 -10.30
C PHE A 200 -11.25 -24.87 -9.00
N LEU A 201 -9.95 -25.12 -9.02
CA LEU A 201 -9.24 -25.61 -7.85
C LEU A 201 -8.84 -24.47 -6.93
N PHE A 202 -8.18 -23.45 -7.49
CA PHE A 202 -7.73 -22.31 -6.70
C PHE A 202 -8.91 -21.46 -6.23
N CYS A 203 -10.11 -21.89 -6.57
CA CYS A 203 -11.32 -21.19 -6.16
C CYS A 203 -11.91 -21.83 -4.90
N LEU A 204 -11.95 -23.16 -4.91
CA LEU A 204 -12.49 -23.93 -3.79
C LEU A 204 -11.55 -23.90 -2.58
N LEU A 205 -10.25 -23.86 -2.83
CA LEU A 205 -9.27 -23.84 -1.73
C LEU A 205 -9.48 -22.61 -0.83
N PRO A 206 -9.47 -21.38 -1.40
CA PRO A 206 -9.68 -20.17 -0.60
C PRO A 206 -10.98 -20.24 0.18
N PHE A 207 -12.04 -20.73 -0.49
CA PHE A 207 -13.34 -20.86 0.15
C PHE A 207 -13.24 -21.82 1.34
N PHE A 208 -12.38 -22.81 1.21
CA PHE A 208 -12.17 -23.79 2.27
C PHE A 208 -11.33 -23.19 3.39
N SER A 209 -10.59 -22.13 3.06
CA SER A 209 -9.74 -21.45 4.02
C SER A 209 -10.46 -20.26 4.63
N VAL A 211 -13.97 -20.15 5.17
CA VAL A 211 -14.97 -20.66 6.11
C VAL A 211 -14.31 -21.26 7.35
N GLY A 212 -13.17 -21.93 7.14
CA GLY A 212 -12.46 -22.54 8.24
C GLY A 212 -12.01 -21.51 9.27
N PHE A 213 -11.57 -20.36 8.79
CA PHE A 213 -11.11 -19.29 9.67
C PHE A 213 -12.27 -18.73 10.49
N SER A 214 -13.47 -18.79 9.93
CA SER A 214 -14.66 -18.29 10.62
C SER A 214 -14.88 -19.04 11.93
N PHE A 215 -15.02 -20.35 11.83
CA PHE A 215 -15.25 -21.19 13.01
C PHE A 215 -14.00 -21.24 13.88
N LEU A 216 -12.84 -20.99 13.25
CA LEU A 216 -11.57 -21.00 13.97
C LEU A 216 -11.49 -19.85 14.97
N ASP A 217 -11.81 -18.65 14.51
CA ASP A 217 -11.77 -17.46 15.37
C ASP A 217 -12.74 -17.62 16.54
N LEU A 218 -13.90 -18.22 16.28
CA LEU A 218 -14.91 -18.43 17.30
C LEU A 218 -14.35 -19.28 18.44
N HIS A 219 -13.75 -20.41 18.10
CA HIS A 219 -13.18 -21.31 19.10
C HIS A 219 -11.90 -20.72 19.70
N GLY A 220 -11.28 -19.79 18.97
CA GLY A 220 -10.07 -19.17 19.45
C GLY A 220 -10.26 -18.43 20.76
N LEU A 221 -11.50 -17.99 21.01
CA LEU A 221 -11.80 -17.26 22.24
C LEU A 221 -11.73 -18.18 23.45
N ARG A 222 -12.08 -19.45 23.25
CA ARG A 222 -12.05 -20.44 24.32
C ARG A 222 -12.98 -20.04 25.46
N ASN A 223 -12.47 -19.24 26.40
CA ASN A 223 -13.24 -18.78 27.53
C ASN A 223 -13.26 -17.26 27.61
N LEU A 224 -14.01 -16.72 28.57
CA LEU A 224 -14.10 -15.28 28.75
C LEU A 224 -13.70 -14.88 30.17
N ASN A 225 -12.62 -14.13 30.28
CA ASN A 225 -12.13 -13.67 31.59
C ASN A 225 -11.44 -12.32 31.46
N ASP A 226 -10.58 -12.18 30.45
CA ASP A 226 -9.86 -10.92 30.23
C ASP A 226 -10.59 -10.05 29.21
N SER A 227 -11.00 -8.87 29.65
CA SER A 227 -11.70 -7.94 28.76
C SER A 227 -11.27 -6.50 29.02
N ARG A 228 -10.04 -6.34 29.51
CA ARG A 228 -9.50 -5.01 29.81
C ARG A 228 -7.98 -5.04 29.83
N GLN A 229 -7.36 -4.05 29.18
CA GLN A 229 -5.91 -3.95 29.12
C GLN A 229 -5.29 -5.22 28.56
N MET B 1 0.07 17.75 -30.64
CA MET B 1 0.94 16.63 -30.18
C MET B 1 1.07 16.63 -28.67
N ASN B 2 1.11 17.83 -28.08
CA ASN B 2 1.24 17.97 -26.63
C ASN B 2 0.44 19.16 -26.13
N LEU B 3 0.17 20.12 -27.01
CA LEU B 3 -0.60 21.31 -26.66
C LEU B 3 -2.03 21.20 -27.16
N GLU B 4 -2.93 20.75 -26.29
CA GLU B 4 -4.33 20.60 -26.64
C GLU B 4 -5.25 20.98 -25.48
N SER B 5 -4.73 20.85 -24.26
CA SER B 5 -5.49 21.17 -23.06
C SER B 5 -4.66 22.05 -22.13
N LEU B 6 -5.35 22.84 -21.30
CA LEU B 6 -4.69 23.72 -20.35
C LEU B 6 -5.32 23.63 -18.97
N LEU B 7 -6.40 22.87 -18.87
CA LEU B 7 -7.10 22.71 -17.60
C LEU B 7 -6.25 21.93 -16.59
N HIS B 8 -5.58 20.89 -17.06
CA HIS B 8 -4.74 20.08 -16.20
C HIS B 8 -3.52 20.88 -15.75
N TRP B 9 -3.15 21.86 -16.56
CA TRP B 9 -2.00 22.72 -16.27
C TRP B 9 -2.31 23.68 -15.11
N ILE B 10 -3.44 24.37 -15.21
CA ILE B 10 -3.85 25.31 -14.18
C ILE B 10 -4.23 24.58 -12.90
N TYR B 11 -4.52 23.29 -13.02
CA TYR B 11 -4.88 22.47 -11.88
C TYR B 11 -3.71 22.32 -10.93
N VAL B 12 -2.57 21.87 -11.44
CA VAL B 12 -1.37 21.70 -10.63
C VAL B 12 -0.88 23.03 -10.09
N ALA B 13 -1.09 24.09 -10.87
CA ALA B 13 -0.66 25.43 -10.48
C ALA B 13 -1.33 25.87 -9.18
N GLY B 14 -2.64 25.67 -9.10
CA GLY B 14 -3.38 26.06 -7.91
C GLY B 14 -3.01 25.20 -6.71
N MET B 15 -2.63 23.95 -6.96
CA MET B 15 -2.25 23.04 -5.90
C MET B 15 -0.89 23.40 -5.32
N THR B 16 -0.03 23.95 -6.17
CA THR B 16 1.32 24.35 -5.76
C THR B 16 1.26 25.47 -4.72
N ILE B 17 0.63 26.58 -5.09
CA ILE B 17 0.50 27.71 -4.19
C ILE B 17 -0.28 27.35 -2.93
N GLY B 18 -1.10 26.31 -3.03
CA GLY B 18 -1.88 25.87 -1.88
C GLY B 18 -0.99 25.44 -0.72
N ALA B 19 -0.03 24.56 -1.00
CA ALA B 19 0.88 24.08 0.01
C ALA B 19 1.82 25.20 0.46
N LEU B 20 2.01 26.19 -0.39
CA LEU B 20 2.88 27.32 -0.08
C LEU B 20 2.31 28.13 1.08
N HIS B 21 1.00 28.36 1.05
CA HIS B 21 0.33 29.13 2.09
C HIS B 21 0.55 28.46 3.45
N PHE B 22 0.80 27.15 3.42
CA PHE B 22 1.03 26.39 4.64
C PHE B 22 2.34 26.83 5.30
N TRP B 23 3.33 27.14 4.48
CA TRP B 23 4.63 27.58 4.98
C TRP B 23 4.51 28.94 5.66
N SER B 24 3.64 29.79 5.11
CA SER B 24 3.43 31.12 5.67
C SER B 24 2.50 31.07 6.87
N LEU B 25 1.73 29.99 6.99
CA LEU B 25 0.80 29.83 8.10
C LEU B 25 1.51 29.35 9.36
N SER B 26 2.66 28.71 9.18
CA SER B 26 3.43 28.20 10.32
C SER B 26 3.81 29.32 11.27
N ARG B 27 3.87 30.55 10.75
CA ARG B 27 4.20 31.70 11.58
C ARG B 27 3.39 31.68 12.87
N ASN B 28 2.18 31.15 12.77
CA ASN B 28 1.28 31.03 13.90
C ASN B 28 0.02 30.24 13.51
N PRO B 29 -0.36 29.24 14.34
CA PRO B 29 -1.53 28.42 14.08
C PRO B 29 -2.77 28.94 14.80
N ARG B 30 -3.91 28.31 14.54
CA ARG B 30 -5.17 28.72 15.17
C ARG B 30 -5.56 27.79 16.30
N GLY B 31 -4.77 27.81 17.38
CA GLY B 31 -5.04 26.96 18.53
C GLY B 31 -4.53 25.55 18.34
N VAL B 32 -4.80 24.95 17.18
CA VAL B 32 -4.35 23.60 16.90
C VAL B 32 -3.09 23.61 16.03
N PRO B 33 -2.18 22.65 16.24
CA PRO B 33 -0.93 22.56 15.47
C PRO B 33 -1.18 22.41 13.98
N GLN B 34 -0.14 22.62 13.19
CA GLN B 34 -0.22 22.53 11.74
C GLN B 34 -0.43 21.11 11.25
N TYR B 35 -0.17 20.13 12.11
CA TYR B 35 -0.32 18.72 11.76
C TYR B 35 -1.58 18.47 10.93
N GLU B 36 -2.66 19.16 11.28
CA GLU B 36 -3.91 19.02 10.56
C GLU B 36 -3.75 19.44 9.10
N TYR B 37 -3.31 20.68 8.89
CA TYR B 37 -3.12 21.20 7.55
C TYR B 37 -2.00 20.45 6.84
N LEU B 38 -1.17 19.75 7.60
CA LEU B 38 -0.07 18.97 7.03
C LEU B 38 -0.62 17.92 6.08
N VAL B 39 -1.56 17.12 6.56
CA VAL B 39 -2.17 16.09 5.74
C VAL B 39 -2.91 16.72 4.57
N ALA B 40 -3.55 17.85 4.83
CA ALA B 40 -4.28 18.58 3.80
C ALA B 40 -3.32 19.21 2.80
N MET B 41 -2.03 19.16 3.12
CA MET B 41 -0.99 19.71 2.25
C MET B 41 -0.54 18.66 1.24
N PHE B 42 -0.57 17.40 1.66
CA PHE B 42 -0.15 16.30 0.78
C PHE B 42 -1.18 16.04 -0.30
N ILE B 43 -2.46 16.24 0.01
CA ILE B 43 -3.54 16.02 -0.95
C ILE B 43 -3.30 16.78 -2.26
N PRO B 44 -3.05 18.11 -2.21
CA PRO B 44 -2.81 18.91 -3.42
C PRO B 44 -1.47 18.62 -4.09
N ILE B 45 -0.45 18.33 -3.29
CA ILE B 45 0.89 18.06 -3.84
C ILE B 45 0.86 16.91 -4.85
N TRP B 46 0.48 15.72 -4.39
CA TRP B 46 0.44 14.54 -5.25
C TRP B 46 -0.50 14.77 -6.43
N SER B 47 -1.75 15.09 -6.14
CA SER B 47 -2.75 15.32 -7.18
C SER B 47 -2.30 16.40 -8.16
N GLY B 48 -1.40 17.27 -7.71
CA GLY B 48 -0.92 18.34 -8.56
C GLY B 48 -0.12 17.82 -9.74
N LEU B 49 1.03 17.21 -9.44
CA LEU B 49 1.90 16.66 -10.49
C LEU B 49 1.16 15.65 -11.35
N ALA B 50 0.14 15.01 -10.78
CA ALA B 50 -0.65 14.02 -11.50
C ALA B 50 -1.36 14.65 -12.70
N TYR B 51 -2.14 15.70 -12.44
CA TYR B 51 -2.88 16.38 -13.49
C TYR B 51 -1.94 17.05 -14.49
N MET B 52 -0.87 17.66 -13.97
CA MET B 52 0.11 18.32 -14.83
C MET B 52 0.52 17.39 -15.96
N ALA B 53 0.58 16.10 -15.65
CA ALA B 53 0.94 15.09 -16.64
C ALA B 53 -0.16 14.91 -17.66
N MET B 54 -1.40 14.94 -17.18
CA MET B 54 -2.56 14.79 -18.06
C MET B 54 -2.50 15.81 -19.20
N ALA B 55 -1.89 16.96 -18.91
CA ALA B 55 -1.76 18.02 -19.89
C ALA B 55 -0.72 17.64 -20.94
N ILE B 56 0.42 17.13 -20.48
CA ILE B 56 1.49 16.72 -21.39
C ILE B 56 1.13 15.41 -22.09
N ASP B 57 -0.05 14.88 -21.78
CA ASP B 57 -0.53 13.63 -22.36
C ASP B 57 0.36 12.46 -21.98
N GLN B 58 0.60 12.30 -20.68
CA GLN B 58 1.44 11.21 -20.18
C GLN B 58 0.71 10.44 -19.09
N GLY B 59 0.94 9.12 -19.07
CA GLY B 59 0.30 8.29 -18.07
C GLY B 59 -0.85 7.48 -18.64
N LYS B 60 -0.83 7.26 -19.95
CA LYS B 60 -1.88 6.51 -20.63
C LYS B 60 -1.30 5.54 -21.64
N VAL B 61 -1.83 4.32 -21.68
CA VAL B 61 -1.36 3.30 -22.61
C VAL B 61 -2.46 2.91 -23.59
N GLU B 62 -2.07 2.56 -24.80
CA GLU B 62 -3.03 2.17 -25.85
C GLU B 62 -3.31 0.68 -25.77
N ALA B 63 -4.35 0.30 -25.06
CA ALA B 63 -4.73 -1.10 -24.92
C ALA B 63 -5.81 -1.49 -25.93
N ALA B 64 -5.45 -2.36 -26.87
CA ALA B 64 -6.39 -2.81 -27.89
C ALA B 64 -6.88 -1.65 -28.75
N GLY B 65 -6.03 -0.64 -28.91
CA GLY B 65 -6.39 0.51 -29.71
C GLY B 65 -7.16 1.55 -28.92
N GLN B 66 -7.60 1.18 -27.72
CA GLN B 66 -8.36 2.08 -26.86
C GLN B 66 -7.46 2.68 -25.79
N ILE B 67 -7.58 3.99 -25.58
CA ILE B 67 -6.78 4.69 -24.59
C ILE B 67 -7.40 4.54 -23.20
N ALA B 68 -6.58 4.19 -22.22
CA ALA B 68 -7.04 4.00 -20.85
C ALA B 68 -6.64 5.17 -19.96
N HIS B 69 -7.50 5.52 -19.02
CA HIS B 69 -7.24 6.61 -18.09
C HIS B 69 -6.67 6.08 -16.78
N TYR B 70 -5.46 5.53 -16.86
CA TYR B 70 -4.79 4.97 -15.69
C TYR B 70 -4.40 6.07 -14.71
N ALA B 71 -4.01 7.23 -15.25
CA ALA B 71 -3.59 8.36 -14.42
C ALA B 71 -4.75 8.89 -13.58
N ARG B 72 -5.97 8.70 -14.08
CA ARG B 72 -7.15 9.18 -13.37
C ARG B 72 -7.45 8.31 -12.16
N TYR B 73 -7.53 7.00 -12.36
CA TYR B 73 -7.81 6.08 -11.28
C TYR B 73 -6.75 6.15 -10.18
N ILE B 74 -5.49 6.08 -10.58
CA ILE B 74 -4.37 6.12 -9.63
C ILE B 74 -4.42 7.35 -8.73
N ASP B 75 -4.81 8.49 -9.30
CA ASP B 75 -4.88 9.72 -8.52
C ASP B 75 -5.92 9.59 -7.42
N TRP B 76 -6.88 8.69 -7.63
CA TRP B 76 -7.92 8.46 -6.64
C TRP B 76 -7.57 7.28 -5.75
N MET B 77 -6.36 6.77 -5.92
CA MET B 77 -5.87 5.65 -5.14
C MET B 77 -4.89 6.16 -4.09
N VAL B 78 -4.45 7.41 -4.27
CA VAL B 78 -3.52 8.05 -3.35
C VAL B 78 -4.16 9.23 -2.64
N THR B 79 -5.02 9.95 -3.36
CA THR B 79 -5.69 11.12 -2.81
C THR B 79 -6.91 10.75 -1.96
N THR B 80 -7.88 10.09 -2.58
CA THR B 80 -9.11 9.69 -1.89
C THR B 80 -8.84 9.03 -0.55
N PRO B 81 -7.96 8.00 -0.48
CA PRO B 81 -7.65 7.32 0.77
C PRO B 81 -7.21 8.29 1.86
N LEU B 82 -6.50 9.34 1.45
CA LEU B 82 -6.02 10.35 2.38
C LEU B 82 -7.15 11.31 2.75
N LEU B 83 -8.09 11.51 1.84
CA LEU B 83 -9.22 12.40 2.10
C LEU B 83 -10.12 11.80 3.15
N LEU B 84 -10.17 10.47 3.19
CA LEU B 84 -10.98 9.75 4.16
C LEU B 84 -10.30 9.74 5.52
N LEU B 85 -8.96 9.75 5.50
CA LEU B 85 -8.18 9.75 6.73
C LEU B 85 -8.34 11.07 7.48
N SER B 86 -8.32 12.18 6.73
CA SER B 86 -8.48 13.50 7.32
C SER B 86 -9.88 13.67 7.89
N LEU B 87 -10.87 13.17 7.15
CA LEU B 87 -12.27 13.25 7.59
C LEU B 87 -12.45 12.54 8.92
N SER B 88 -11.64 11.51 9.16
CA SER B 88 -11.72 10.74 10.39
C SER B 88 -11.21 11.54 11.58
N TRP B 89 -10.05 12.17 11.40
CA TRP B 89 -9.45 12.97 12.46
C TRP B 89 -10.29 14.21 12.75
N THR B 90 -11.14 14.58 11.80
CA THR B 90 -11.99 15.75 11.96
C THR B 90 -13.21 15.44 12.82
N ALA B 91 -13.69 14.19 12.73
CA ALA B 91 -14.86 13.77 13.51
C ALA B 91 -14.45 13.25 14.88
N MET B 92 -13.20 12.79 14.99
CA MET B 92 -12.70 12.26 16.26
C MET B 92 -11.84 13.29 16.99
N GLN B 93 -12.41 13.89 18.03
CA GLN B 93 -11.71 14.90 18.81
C GLN B 93 -10.84 14.24 19.88
N PHE B 94 -11.35 13.16 20.48
CA PHE B 94 -10.63 12.45 21.52
C PHE B 94 -10.20 11.07 21.03
N ILE B 95 -8.94 10.72 21.27
CA ILE B 95 -8.42 9.43 20.86
C ILE B 95 -7.47 8.86 21.91
N LYS B 96 -7.43 7.54 22.02
CA LYS B 96 -6.57 6.87 22.99
C LYS B 96 -5.81 5.72 22.34
N LYS B 97 -6.54 4.67 21.95
CA LYS B 97 -5.94 3.50 21.31
C LYS B 97 -6.82 2.98 20.18
N ASP B 98 -7.61 3.87 19.59
CA ASP B 98 -8.49 3.50 18.49
C ASP B 98 -7.71 3.32 17.19
N TRP B 99 -7.55 2.07 16.78
CA TRP B 99 -6.82 1.76 15.56
C TRP B 99 -7.57 0.72 14.73
N THR B 100 -8.59 0.13 15.33
CA THR B 100 -9.41 -0.88 14.65
C THR B 100 -10.45 -0.24 13.76
N LEU B 101 -11.01 0.88 14.22
CA LEU B 101 -12.03 1.60 13.46
C LEU B 101 -11.43 2.18 12.18
N ILE B 102 -10.36 2.97 12.35
CA ILE B 102 -9.69 3.60 11.23
C ILE B 102 -9.25 2.56 10.20
N GLY B 103 -8.99 1.34 10.68
CA GLY B 103 -8.57 0.28 9.80
C GLY B 103 -9.65 -0.14 8.82
N PHE B 104 -10.85 -0.36 9.34
CA PHE B 104 -11.98 -0.78 8.50
C PHE B 104 -12.32 0.32 7.50
N LEU B 105 -12.18 1.57 7.91
CA LEU B 105 -12.47 2.71 7.05
C LEU B 105 -11.60 2.68 5.81
N MET B 106 -10.31 2.43 6.01
CA MET B 106 -9.35 2.38 4.92
C MET B 106 -9.61 1.16 4.03
N SER B 107 -10.27 0.16 4.59
CA SER B 107 -10.57 -1.07 3.85
C SER B 107 -11.73 -0.84 2.89
N THR B 108 -12.73 -0.10 3.34
CA THR B 108 -13.91 0.19 2.52
C THR B 108 -13.55 1.02 1.30
N GLN B 109 -12.71 2.04 1.50
CA GLN B 109 -12.30 2.91 0.40
C GLN B 109 -11.60 2.11 -0.70
N ILE B 110 -10.72 1.19 -0.30
CA ILE B 110 -10.00 0.36 -1.27
C ILE B 110 -10.98 -0.33 -2.21
N VAL B 111 -12.09 -0.82 -1.66
CA VAL B 111 -13.11 -1.49 -2.44
C VAL B 111 -13.71 -0.55 -3.49
N VAL B 112 -14.03 0.66 -3.07
CA VAL B 112 -14.63 1.66 -3.97
C VAL B 112 -13.72 1.95 -5.16
N ILE B 113 -12.46 2.26 -4.88
CA ILE B 113 -11.50 2.57 -5.94
C ILE B 113 -11.38 1.42 -6.92
N THR B 114 -11.51 0.19 -6.40
CA THR B 114 -11.43 -1.00 -7.25
C THR B 114 -12.46 -0.92 -8.36
N SER B 115 -13.65 -0.43 -8.02
CA SER B 115 -14.72 -0.30 -8.99
C SER B 115 -14.29 0.64 -10.10
N GLY B 116 -13.92 1.86 -9.73
CA GLY B 116 -13.48 2.85 -10.72
C GLY B 116 -12.23 2.42 -11.45
N LEU B 117 -11.53 1.45 -10.88
CA LEU B 117 -10.31 0.94 -11.45
C LEU B 117 -10.58 0.30 -12.81
N ILE B 118 -11.41 -0.74 -12.82
CA ILE B 118 -11.76 -1.46 -14.04
C ILE B 118 -12.89 -0.77 -14.79
N ALA B 119 -13.68 0.04 -14.08
CA ALA B 119 -14.80 0.75 -14.69
C ALA B 119 -14.35 1.49 -15.94
N ASP B 120 -13.14 2.05 -15.89
CA ASP B 120 -12.59 2.79 -17.02
C ASP B 120 -11.92 1.84 -18.00
N LEU B 121 -11.49 0.69 -17.49
CA LEU B 121 -10.83 -0.31 -18.32
C LEU B 121 -11.83 -1.30 -18.92
N SER B 122 -13.10 -0.88 -18.95
CA SER B 122 -14.17 -1.71 -19.48
C SER B 122 -14.12 -1.73 -21.01
N GLU B 123 -14.15 -2.93 -21.58
CA GLU B 123 -14.12 -3.09 -23.03
C GLU B 123 -15.50 -3.47 -23.55
N ARG B 124 -16.17 -4.38 -22.84
CA ARG B 124 -17.50 -4.82 -23.23
C ARG B 124 -18.55 -3.80 -22.81
N ASP B 125 -19.62 -3.69 -23.59
CA ASP B 125 -20.69 -2.74 -23.30
C ASP B 125 -21.73 -3.30 -22.34
N TRP B 126 -21.80 -4.63 -22.26
CA TRP B 126 -22.77 -5.28 -21.37
C TRP B 126 -22.23 -5.38 -19.95
N VAL B 127 -20.90 -5.41 -19.83
CA VAL B 127 -20.26 -5.50 -18.51
C VAL B 127 -20.17 -4.12 -17.88
N ARG B 128 -20.17 -3.09 -18.72
CA ARG B 128 -20.09 -1.72 -18.25
C ARG B 128 -21.17 -1.42 -17.22
N TYR B 129 -22.36 -1.97 -17.44
CA TYR B 129 -23.49 -1.76 -16.53
C TYR B 129 -23.36 -2.66 -15.31
N LEU B 130 -22.57 -3.73 -15.44
CA LEU B 130 -22.38 -4.68 -14.34
C LEU B 130 -21.44 -4.11 -13.28
N TRP B 131 -20.22 -3.79 -13.69
CA TRP B 131 -19.22 -3.25 -12.77
C TRP B 131 -19.67 -1.89 -12.22
N TYR B 132 -20.46 -1.17 -13.00
CA TYR B 132 -20.95 0.14 -12.60
C TYR B 132 -21.82 0.03 -11.36
N ILE B 133 -22.90 -0.75 -11.46
CA ILE B 133 -23.81 -0.93 -10.33
C ILE B 133 -23.12 -1.57 -9.14
N CYS B 134 -22.06 -2.33 -9.42
CA CYS B 134 -21.30 -3.00 -8.36
C CYS B 134 -20.61 -1.98 -7.45
N GLY B 135 -20.08 -0.92 -8.06
CA GLY B 135 -19.39 0.11 -7.29
C GLY B 135 -20.32 0.87 -6.38
N VAL B 136 -21.40 1.40 -6.94
CA VAL B 136 -22.38 2.17 -6.17
C VAL B 136 -23.01 1.31 -5.08
N CYS B 137 -23.16 0.02 -5.35
CA CYS B 137 -23.77 -0.90 -4.40
C CYS B 137 -22.84 -1.15 -3.22
N ALA B 138 -21.54 -1.09 -3.47
CA ALA B 138 -20.55 -1.31 -2.42
C ALA B 138 -20.57 -0.16 -1.41
N PHE B 139 -20.70 1.06 -1.92
CA PHE B 139 -20.73 2.24 -1.06
C PHE B 139 -22.05 2.32 -0.30
N LEU B 140 -23.11 1.77 -0.88
CA LEU B 140 -24.43 1.81 -0.26
C LEU B 140 -24.46 0.99 1.03
N ILE B 141 -24.12 -0.28 0.94
CA ILE B 141 -24.13 -1.16 2.12
C ILE B 141 -23.25 -0.61 3.24
N ILE B 142 -22.07 -0.12 2.89
CA ILE B 142 -21.15 0.41 3.88
C ILE B 142 -21.63 1.76 4.41
N LEU B 143 -22.37 2.49 3.58
CA LEU B 143 -22.89 3.80 3.97
C LEU B 143 -23.75 3.68 5.22
N TRP B 144 -24.79 2.86 5.15
CA TRP B 144 -25.69 2.67 6.28
C TRP B 144 -24.94 2.03 7.45
N GLY B 145 -23.89 1.28 7.14
CA GLY B 145 -23.10 0.65 8.17
C GLY B 145 -22.15 1.61 8.86
N ILE B 146 -21.90 2.75 8.22
CA ILE B 146 -21.00 3.75 8.77
C ILE B 146 -21.77 4.99 9.24
N TRP B 147 -23.09 4.97 9.09
CA TRP B 147 -23.92 6.11 9.49
C TRP B 147 -24.30 6.03 10.97
N ASN B 148 -24.91 4.92 11.38
CA ASN B 148 -25.32 4.75 12.76
C ASN B 148 -24.36 3.87 13.55
N PRO B 149 -24.02 2.65 13.04
CA PRO B 149 -23.11 1.74 13.75
C PRO B 149 -21.85 2.44 14.26
N LEU B 150 -21.50 3.56 13.64
CA LEU B 150 -20.34 4.33 14.05
C LEU B 150 -20.56 4.92 15.44
N ARG B 151 -21.74 5.49 15.64
CA ARG B 151 -22.10 6.09 16.92
C ARG B 151 -23.62 6.31 17.00
N ALA B 152 -24.35 5.21 17.03
CA ALA B 152 -25.82 5.26 17.11
C ALA B 152 -26.28 5.44 18.55
N LYS B 153 -25.40 5.13 19.51
CA LYS B 153 -25.74 5.25 20.91
C LYS B 153 -25.49 6.66 21.45
N THR B 154 -24.59 7.39 20.80
CA THR B 154 -24.27 8.75 21.22
C THR B 154 -25.49 9.67 21.13
N ARG B 155 -26.48 9.24 20.34
CA ARG B 155 -27.70 10.02 20.17
C ARG B 155 -28.39 10.26 21.51
N THR B 156 -28.30 9.28 22.39
CA THR B 156 -28.92 9.39 23.71
C THR B 156 -27.95 9.99 24.72
N GLN B 157 -26.65 9.87 24.42
CA GLN B 157 -25.61 10.41 25.29
C GLN B 157 -25.47 11.91 25.13
N SER B 158 -24.85 12.32 24.03
CA SER B 158 -24.65 13.74 23.75
C SER B 158 -25.18 14.11 22.37
N SER B 159 -26.23 14.92 22.33
CA SER B 159 -26.83 15.35 21.07
C SER B 159 -26.00 16.45 20.43
N GLU B 160 -25.19 17.13 21.23
CA GLU B 160 -24.35 18.21 20.74
C GLU B 160 -23.22 17.68 19.87
N LEU B 161 -22.51 16.68 20.37
CA LEU B 161 -21.39 16.08 19.63
C LEU B 161 -21.90 15.35 18.40
N ALA B 162 -23.12 14.84 18.48
CA ALA B 162 -23.73 14.10 17.37
C ALA B 162 -24.15 15.05 16.25
N ASN B 163 -24.45 16.30 16.61
CA ASN B 163 -24.88 17.29 15.64
C ASN B 163 -23.69 17.82 14.83
N LEU B 164 -22.53 17.86 15.47
CA LEU B 164 -21.32 18.34 14.81
C LEU B 164 -20.88 17.39 13.70
N TYR B 165 -20.65 16.12 14.07
CA TYR B 165 -20.22 15.12 13.10
C TYR B 165 -21.30 14.89 12.04
N ASP B 166 -22.55 15.21 12.39
CA ASP B 166 -23.66 15.04 11.48
C ASP B 166 -23.48 15.89 10.21
N LYS B 167 -23.27 17.18 10.42
CA LYS B 167 -23.08 18.11 9.30
C LYS B 167 -21.82 17.76 8.51
N LEU B 168 -20.83 17.20 9.20
CA LEU B 168 -19.57 16.81 8.57
C LEU B 168 -19.77 15.66 7.59
N VAL B 169 -20.33 14.55 8.08
CA VAL B 169 -20.58 13.39 7.25
C VAL B 169 -21.55 13.71 6.12
N THR B 170 -22.36 14.74 6.30
CA THR B 170 -23.33 15.14 5.29
C THR B 170 -22.62 15.42 3.96
N TYR B 171 -21.69 16.36 3.99
CA TYR B 171 -20.94 16.73 2.80
C TYR B 171 -20.19 15.52 2.25
N PHE B 172 -19.74 14.65 3.15
CA PHE B 172 -19.00 13.45 2.77
C PHE B 172 -19.88 12.50 1.95
N THR B 173 -21.16 12.44 2.29
CA THR B 173 -22.10 11.57 1.60
C THR B 173 -22.43 12.08 0.20
N VAL B 174 -22.87 13.33 0.13
CA VAL B 174 -23.23 13.96 -1.15
C VAL B 174 -22.06 13.96 -2.12
N LEU B 175 -20.84 13.96 -1.60
CA LEU B 175 -19.64 13.98 -2.44
C LEU B 175 -19.36 12.61 -3.03
N TRP B 176 -19.21 11.61 -2.16
CA TRP B 176 -18.94 10.24 -2.60
C TRP B 176 -20.03 9.76 -3.56
N ILE B 177 -21.22 10.32 -3.41
CA ILE B 177 -22.34 9.96 -4.28
C ILE B 177 -22.33 10.83 -5.52
N GLY B 178 -21.72 12.01 -5.41
CA GLY B 178 -21.66 12.93 -6.53
C GLY B 178 -21.04 12.32 -7.77
N TYR B 179 -19.81 11.79 -7.62
CA TYR B 179 -19.11 11.20 -8.77
C TYR B 179 -19.98 10.11 -9.43
N PRO B 180 -20.45 9.10 -8.67
CA PRO B 180 -21.29 8.02 -9.23
C PRO B 180 -22.39 8.54 -10.13
N ILE B 181 -22.90 9.74 -9.83
CA ILE B 181 -23.97 10.35 -10.62
C ILE B 181 -23.50 10.71 -12.02
N VAL B 182 -22.51 11.60 -12.10
CA VAL B 182 -21.99 12.04 -13.38
C VAL B 182 -21.48 10.88 -14.23
N TRP B 183 -21.11 9.78 -13.58
CA TRP B 183 -20.60 8.61 -14.27
C TRP B 183 -21.64 8.00 -15.20
N ILE B 184 -22.92 8.25 -14.93
CA ILE B 184 -23.99 7.70 -15.74
C ILE B 184 -23.86 8.12 -17.21
N ILE B 185 -23.45 9.35 -17.44
CA ILE B 185 -23.28 9.87 -18.79
C ILE B 185 -21.81 9.88 -19.21
N GLY B 186 -21.57 9.86 -20.52
CA GLY B 186 -20.21 9.86 -21.02
C GLY B 186 -19.65 8.46 -21.18
N PRO B 187 -18.32 8.32 -21.36
CA PRO B 187 -17.67 7.02 -21.53
C PRO B 187 -17.72 6.19 -20.25
N SER B 188 -17.66 4.87 -20.40
CA SER B 188 -17.70 3.96 -19.26
C SER B 188 -18.97 4.17 -18.44
N GLY B 189 -19.95 4.83 -19.06
CA GLY B 189 -21.21 5.08 -18.38
C GLY B 189 -22.41 4.79 -19.26
N PHE B 190 -22.53 5.53 -20.36
CA PHE B 190 -23.63 5.34 -21.30
C PHE B 190 -23.24 5.85 -22.69
N GLY B 191 -22.59 7.01 -22.73
CA GLY B 191 -22.16 7.59 -23.99
C GLY B 191 -23.09 8.66 -24.51
N TRP B 192 -22.58 9.88 -24.62
CA TRP B 192 -23.37 11.00 -25.11
C TRP B 192 -22.48 12.20 -25.42
N ILE B 193 -21.36 12.29 -24.72
CA ILE B 193 -20.41 13.39 -24.92
C ILE B 193 -19.09 12.88 -25.49
N ASN B 194 -18.19 13.80 -25.81
CA ASN B 194 -16.89 13.45 -26.36
C ASN B 194 -15.94 12.98 -25.26
N GLN B 195 -14.65 12.90 -25.59
CA GLN B 195 -13.65 12.47 -24.62
C GLN B 195 -13.11 13.65 -23.82
N THR B 196 -12.78 14.74 -24.53
CA THR B 196 -12.25 15.94 -23.89
C THR B 196 -13.24 16.49 -22.85
N ILE B 197 -14.53 16.27 -23.07
CA ILE B 197 -15.55 16.73 -22.16
C ILE B 197 -15.56 15.91 -20.87
N ASP B 198 -15.43 14.60 -21.01
CA ASP B 198 -15.42 13.70 -19.86
C ASP B 198 -14.36 14.15 -18.85
N THR B 199 -13.14 14.34 -19.33
CA THR B 199 -12.04 14.76 -18.48
C THR B 199 -12.30 16.14 -17.90
N PHE B 200 -12.77 17.05 -18.74
CA PHE B 200 -13.08 18.42 -18.32
C PHE B 200 -14.04 18.42 -17.13
N LEU B 201 -14.86 17.38 -17.04
CA LEU B 201 -15.84 17.27 -15.96
C LEU B 201 -15.22 16.64 -14.70
N PHE B 202 -14.57 15.50 -14.87
CA PHE B 202 -13.95 14.80 -13.75
C PHE B 202 -12.75 15.56 -13.20
N CYS B 203 -12.40 16.68 -13.82
CA CYS B 203 -11.29 17.50 -13.37
C CYS B 203 -11.80 18.64 -12.49
N LEU B 204 -12.89 19.25 -12.91
CA LEU B 204 -13.48 20.37 -12.18
C LEU B 204 -14.15 19.91 -10.89
N LEU B 205 -14.72 18.71 -10.88
CA LEU B 205 -15.39 18.20 -9.69
C LEU B 205 -14.41 18.04 -8.51
N PRO B 206 -13.29 17.30 -8.69
CA PRO B 206 -12.31 17.12 -7.61
C PRO B 206 -11.81 18.47 -7.09
N PHE B 207 -11.57 19.41 -8.00
CA PHE B 207 -11.11 20.74 -7.62
C PHE B 207 -12.13 21.40 -6.68
N PHE B 208 -13.40 21.14 -6.93
CA PHE B 208 -14.47 21.70 -6.11
C PHE B 208 -14.51 21.01 -4.75
N SER B 209 -14.14 19.73 -4.73
CA SER B 209 -14.13 18.95 -3.50
C SER B 209 -12.88 19.26 -2.67
N VAL B 211 -10.94 22.33 -2.71
CA VAL B 211 -11.07 23.66 -2.13
C VAL B 211 -12.14 23.68 -1.05
N GLY B 212 -13.22 22.95 -1.28
CA GLY B 212 -14.30 22.89 -0.32
C GLY B 212 -13.88 22.30 1.02
N PHE B 213 -13.01 21.29 0.96
CA PHE B 213 -12.52 20.63 2.16
C PHE B 213 -11.61 21.57 2.96
N SER B 214 -10.93 22.47 2.27
CA SER B 214 -10.04 23.42 2.91
C SER B 214 -10.79 24.33 3.86
N PHE B 215 -11.74 25.09 3.32
CA PHE B 215 -12.55 26.00 4.11
C PHE B 215 -13.40 25.24 5.12
N LEU B 216 -13.64 23.97 4.83
CA LEU B 216 -14.44 23.12 5.71
C LEU B 216 -13.66 22.80 6.99
N ASP B 217 -12.42 22.35 6.83
CA ASP B 217 -11.58 22.01 7.97
C ASP B 217 -11.33 23.23 8.85
N LEU B 218 -11.27 24.40 8.22
CA LEU B 218 -11.04 25.65 8.94
C LEU B 218 -12.20 25.95 9.89
N HIS B 219 -13.41 25.65 9.44
CA HIS B 219 -14.60 25.89 10.24
C HIS B 219 -14.87 24.73 11.20
N GLY B 220 -14.30 23.56 10.88
CA GLY B 220 -14.49 22.39 11.70
C GLY B 220 -14.06 22.60 13.15
N LEU B 221 -12.99 23.37 13.32
CA LEU B 221 -12.47 23.65 14.66
C LEU B 221 -13.51 24.34 15.53
N ARG B 222 -14.29 25.22 14.91
CA ARG B 222 -15.35 25.95 15.62
C ARG B 222 -14.76 26.82 16.74
N ASN B 223 -14.54 26.22 17.91
CA ASN B 223 -13.99 26.94 19.04
C ASN B 223 -12.63 26.36 19.42
N LEU B 224 -11.92 27.06 20.31
CA LEU B 224 -10.61 26.62 20.75
C LEU B 224 -10.58 26.44 22.27
N ASN B 225 -10.90 25.24 22.73
CA ASN B 225 -10.90 24.95 24.15
C ASN B 225 -9.88 23.86 24.49
N ASP B 226 -10.07 22.68 23.93
CA ASP B 226 -9.16 21.55 24.17
C ASP B 226 -7.81 21.81 23.52
N SER B 227 -6.76 21.21 24.08
CA SER B 227 -5.41 21.37 23.57
C SER B 227 -4.46 20.33 24.16
N ARG B 228 -5.01 19.43 24.95
CA ARG B 228 -4.22 18.38 25.59
C ARG B 228 -5.05 17.11 25.79
N GLN B 229 -4.53 15.99 25.31
CA GLN B 229 -5.23 14.71 25.44
C GLN B 229 -4.24 13.56 25.56
N MET C 1 20.16 -15.43 -23.94
CA MET C 1 18.79 -15.98 -23.77
C MET C 1 18.44 -16.11 -22.29
N ASN C 2 19.31 -16.77 -21.54
CA ASN C 2 19.09 -16.97 -20.11
C ASN C 2 20.39 -16.84 -19.33
N LEU C 3 21.51 -17.11 -19.98
CA LEU C 3 22.82 -17.02 -19.34
C LEU C 3 23.67 -15.94 -20.01
N GLU C 4 23.63 -14.74 -19.46
CA GLU C 4 24.39 -13.62 -20.00
C GLU C 4 24.99 -12.78 -18.87
N SER C 5 24.13 -12.09 -18.14
CA SER C 5 24.58 -11.24 -17.04
C SER C 5 24.85 -12.08 -15.79
N LEU C 6 25.50 -11.48 -14.80
CA LEU C 6 25.82 -12.17 -13.56
C LEU C 6 25.85 -11.21 -12.38
N LEU C 7 25.73 -9.92 -12.67
CA LEU C 7 25.75 -8.89 -11.63
C LEU C 7 24.53 -9.02 -10.71
N HIS C 8 23.36 -9.20 -11.31
CA HIS C 8 22.12 -9.33 -10.56
C HIS C 8 22.10 -10.64 -9.77
N TRP C 9 22.86 -11.62 -10.24
CA TRP C 9 22.93 -12.92 -9.57
C TRP C 9 23.75 -12.82 -8.28
N ILE C 10 24.92 -12.20 -8.38
CA ILE C 10 25.78 -12.05 -7.21
C ILE C 10 25.15 -11.08 -6.21
N TYR C 11 24.23 -10.26 -6.71
CA TYR C 11 23.53 -9.29 -5.88
C TYR C 11 22.69 -9.99 -4.81
N VAL C 12 21.78 -10.84 -5.26
CA VAL C 12 20.92 -11.58 -4.34
C VAL C 12 21.74 -12.45 -3.39
N ALA C 13 22.88 -12.94 -3.87
CA ALA C 13 23.75 -13.78 -3.06
C ALA C 13 24.22 -13.06 -1.81
N GLY C 14 24.69 -11.83 -1.98
CA GLY C 14 25.17 -11.05 -0.84
C GLY C 14 24.04 -10.62 0.07
N MET C 15 22.83 -10.55 -0.46
CA MET C 15 21.67 -10.16 0.33
C MET C 15 21.18 -11.29 1.22
N THR C 16 21.31 -12.52 0.71
CA THR C 16 20.88 -13.69 1.47
C THR C 16 21.74 -13.89 2.72
N ILE C 17 23.06 -13.82 2.53
CA ILE C 17 23.99 -13.98 3.66
C ILE C 17 23.82 -12.86 4.67
N GLY C 18 23.40 -11.69 4.20
CA GLY C 18 23.20 -10.56 5.09
C GLY C 18 22.19 -10.86 6.18
N ALA C 19 21.01 -11.35 5.78
CA ALA C 19 19.97 -11.67 6.73
C ALA C 19 20.37 -12.85 7.63
N LEU C 20 21.28 -13.67 7.12
CA LEU C 20 21.76 -14.83 7.87
C LEU C 20 22.57 -14.39 9.09
N HIS C 21 23.37 -13.34 8.92
CA HIS C 21 24.18 -12.81 10.00
C HIS C 21 23.31 -12.36 11.16
N PHE C 22 22.09 -11.97 10.85
CA PHE C 22 21.14 -11.52 11.86
C PHE C 22 20.80 -12.64 12.84
N TRP C 23 20.66 -13.85 12.30
CA TRP C 23 20.34 -15.02 13.12
C TRP C 23 21.46 -15.30 14.11
N SER C 24 22.69 -15.31 13.62
CA SER C 24 23.86 -15.57 14.45
C SER C 24 24.11 -14.44 15.44
N LEU C 25 23.54 -13.27 15.15
CA LEU C 25 23.71 -12.10 16.01
C LEU C 25 22.71 -12.12 17.17
N SER C 26 21.63 -12.87 17.01
CA SER C 26 20.60 -12.97 18.05
C SER C 26 21.18 -13.52 19.34
N ARG C 27 22.30 -14.23 19.23
CA ARG C 27 22.96 -14.80 20.41
C ARG C 27 23.16 -13.72 21.45
N ASN C 28 23.36 -12.49 20.98
CA ASN C 28 23.56 -11.34 21.85
C ASN C 28 23.57 -10.06 21.03
N PRO C 29 22.80 -9.03 21.46
CA PRO C 29 22.72 -7.75 20.79
C PRO C 29 23.66 -6.72 21.40
N ARG C 30 23.69 -5.53 20.82
CA ARG C 30 24.55 -4.46 21.31
C ARG C 30 23.74 -3.42 22.09
N GLY C 31 23.23 -3.84 23.25
CA GLY C 31 22.44 -2.94 24.07
C GLY C 31 21.01 -2.78 23.59
N VAL C 32 20.84 -2.60 22.29
CA VAL C 32 19.51 -2.43 21.70
C VAL C 32 19.01 -3.74 21.07
N PRO C 33 17.74 -4.11 21.35
CA PRO C 33 17.14 -5.33 20.79
C PRO C 33 17.35 -5.46 19.28
N GLN C 34 17.18 -6.68 18.78
CA GLN C 34 17.36 -6.98 17.36
C GLN C 34 16.32 -6.30 16.48
N TYR C 35 15.21 -5.85 17.09
CA TYR C 35 14.13 -5.20 16.33
C TYR C 35 14.68 -4.24 15.27
N GLU C 36 15.75 -3.53 15.60
CA GLU C 36 16.36 -2.59 14.68
C GLU C 36 16.90 -3.31 13.44
N TYR C 37 17.71 -4.33 13.67
CA TYR C 37 18.29 -5.11 12.58
C TYR C 37 17.21 -5.89 11.85
N LEU C 38 16.06 -6.06 12.49
CA LEU C 38 14.94 -6.79 11.89
C LEU C 38 14.48 -6.07 10.63
N VAL C 39 14.25 -4.77 10.74
CA VAL C 39 13.83 -3.97 9.60
C VAL C 39 14.91 -3.98 8.52
N ALA C 40 16.16 -3.85 8.96
CA ALA C 40 17.29 -3.84 8.03
C ALA C 40 17.52 -5.24 7.44
N MET C 41 16.76 -6.21 7.94
CA MET C 41 16.86 -7.58 7.46
C MET C 41 15.93 -7.79 6.28
N PHE C 42 14.79 -7.11 6.30
CA PHE C 42 13.82 -7.21 5.22
C PHE C 42 14.31 -6.54 3.95
N ILE C 43 15.02 -5.41 4.10
CA ILE C 43 15.54 -4.68 2.96
C ILE C 43 16.28 -5.59 1.97
N PRO C 44 17.28 -6.38 2.44
CA PRO C 44 18.04 -7.28 1.56
C PRO C 44 17.22 -8.48 1.09
N ILE C 45 16.31 -8.97 1.93
CA ILE C 45 15.47 -10.11 1.58
C ILE C 45 14.76 -9.90 0.25
N TRP C 46 13.90 -8.88 0.20
CA TRP C 46 13.16 -8.58 -1.02
C TRP C 46 14.10 -8.18 -2.16
N SER C 47 14.92 -7.18 -1.92
CA SER C 47 15.86 -6.69 -2.93
C SER C 47 16.69 -7.84 -3.51
N GLY C 48 16.81 -8.91 -2.75
CA GLY C 48 17.57 -10.06 -3.21
C GLY C 48 16.87 -10.79 -4.33
N LEU C 49 15.72 -11.37 -4.01
CA LEU C 49 14.93 -12.12 -4.99
C LEU C 49 14.59 -11.24 -6.20
N ALA C 50 14.49 -9.93 -5.96
CA ALA C 50 14.17 -8.98 -7.03
C ALA C 50 15.27 -8.95 -8.08
N TYR C 51 16.48 -8.62 -7.66
CA TYR C 51 17.62 -8.56 -8.57
C TYR C 51 17.89 -9.91 -9.21
N MET C 52 17.77 -10.97 -8.42
CA MET C 52 17.99 -12.32 -8.93
C MET C 52 17.19 -12.54 -10.21
N ALA C 53 15.98 -11.99 -10.23
CA ALA C 53 15.12 -12.09 -11.40
C ALA C 53 15.69 -11.32 -12.57
N MET C 54 16.27 -10.15 -12.27
CA MET C 54 16.86 -9.31 -13.30
C MET C 54 17.89 -10.11 -14.10
N ALA C 55 18.56 -11.04 -13.42
CA ALA C 55 19.56 -11.88 -14.05
C ALA C 55 18.89 -12.88 -15.00
N ILE C 56 17.74 -13.39 -14.57
CA ILE C 56 16.99 -14.35 -15.37
C ILE C 56 16.19 -13.62 -16.44
N ASP C 57 16.29 -12.30 -16.46
CA ASP C 57 15.57 -11.47 -17.42
C ASP C 57 14.07 -11.62 -17.27
N GLN C 58 13.60 -11.67 -16.02
CA GLN C 58 12.17 -11.81 -15.74
C GLN C 58 11.64 -10.58 -15.01
N GLY C 59 10.49 -10.10 -15.45
CA GLY C 59 9.89 -8.92 -14.83
C GLY C 59 9.91 -7.72 -15.75
N LYS C 60 9.70 -7.96 -17.04
CA LYS C 60 9.70 -6.88 -18.03
C LYS C 60 8.84 -7.25 -19.23
N VAL C 61 7.98 -6.32 -19.64
CA VAL C 61 7.11 -6.54 -20.79
C VAL C 61 7.46 -5.59 -21.93
N GLU C 62 7.40 -6.10 -23.16
CA GLU C 62 7.72 -5.30 -24.34
C GLU C 62 6.52 -4.46 -24.78
N ALA C 63 6.49 -3.21 -24.34
CA ALA C 63 5.40 -2.31 -24.69
C ALA C 63 5.80 -1.40 -25.85
N ALA C 64 5.00 -1.42 -26.92
CA ALA C 64 5.26 -0.60 -28.10
C ALA C 64 6.60 -0.96 -28.73
N GLY C 65 7.02 -2.21 -28.52
CA GLY C 65 8.29 -2.66 -29.08
C GLY C 65 9.47 -2.35 -28.16
N GLN C 66 9.23 -1.49 -27.17
CA GLN C 66 10.28 -1.12 -26.23
C GLN C 66 10.13 -1.88 -24.91
N ILE C 67 11.27 -2.19 -24.31
CA ILE C 67 11.29 -2.92 -23.05
C ILE C 67 11.27 -1.95 -21.87
N ALA C 68 10.44 -2.27 -20.87
CA ALA C 68 10.32 -1.42 -19.69
C ALA C 68 10.88 -2.11 -18.45
N HIS C 69 11.60 -1.35 -17.63
CA HIS C 69 12.19 -1.90 -16.42
C HIS C 69 11.22 -1.78 -15.24
N TYR C 70 10.10 -2.49 -15.34
CA TYR C 70 9.09 -2.48 -14.31
C TYR C 70 9.64 -3.00 -12.98
N ALA C 71 10.53 -3.98 -13.08
CA ALA C 71 11.14 -4.57 -11.89
C ALA C 71 12.03 -3.58 -11.16
N ARG C 72 12.56 -2.62 -11.91
CA ARG C 72 13.46 -1.62 -11.32
C ARG C 72 12.69 -0.65 -10.42
N TYR C 73 11.61 -0.08 -10.93
CA TYR C 73 10.81 0.88 -10.18
C TYR C 73 10.14 0.21 -8.97
N ILE C 74 9.50 -0.93 -9.20
CA ILE C 74 8.79 -1.64 -8.15
C ILE C 74 9.66 -1.90 -6.92
N ASP C 75 10.92 -2.27 -7.13
CA ASP C 75 11.80 -2.54 -6.02
C ASP C 75 11.99 -1.28 -5.18
N TRP C 76 11.88 -0.13 -5.82
CA TRP C 76 12.03 1.13 -5.12
C TRP C 76 10.70 1.61 -4.55
N MET C 77 9.68 0.78 -4.70
CA MET C 77 8.35 1.09 -4.18
C MET C 77 8.16 0.45 -2.81
N VAL C 78 8.98 -0.57 -2.54
CA VAL C 78 8.91 -1.29 -1.28
C VAL C 78 10.18 -1.09 -0.45
N THR C 79 11.32 -1.06 -1.12
CA THR C 79 12.60 -0.90 -0.46
C THR C 79 12.82 0.53 0.04
N THR C 80 12.72 1.49 -0.87
CA THR C 80 12.92 2.90 -0.54
C THR C 80 12.10 3.33 0.68
N PRO C 81 10.78 3.09 0.70
CA PRO C 81 9.93 3.47 1.83
C PRO C 81 10.48 2.94 3.15
N LEU C 82 10.94 1.69 3.14
CA LEU C 82 11.50 1.07 4.32
C LEU C 82 12.83 1.74 4.68
N LEU C 83 13.54 2.19 3.64
CA LEU C 83 14.82 2.86 3.83
C LEU C 83 14.55 4.22 4.47
N LEU C 84 13.34 4.73 4.24
CA LEU C 84 12.92 6.02 4.77
C LEU C 84 12.47 5.85 6.23
N LEU C 85 11.81 4.74 6.49
CA LEU C 85 11.30 4.44 7.82
C LEU C 85 12.45 4.24 8.81
N SER C 86 13.38 3.35 8.46
CA SER C 86 14.52 3.05 9.31
C SER C 86 15.25 4.33 9.74
N LEU C 87 15.44 5.24 8.80
CA LEU C 87 16.12 6.50 9.09
C LEU C 87 15.34 7.32 10.10
N SER C 88 14.01 7.22 10.06
CA SER C 88 13.15 7.95 10.98
C SER C 88 13.25 7.40 12.40
N TRP C 89 13.67 6.14 12.51
CA TRP C 89 13.81 5.49 13.82
C TRP C 89 15.12 5.90 14.49
N THR C 90 16.23 5.74 13.77
CA THR C 90 17.53 6.07 14.29
C THR C 90 17.64 7.57 14.61
N ALA C 91 16.87 8.37 13.90
CA ALA C 91 16.88 9.82 14.10
C ALA C 91 16.03 10.21 15.30
N MET C 92 15.08 9.35 15.66
CA MET C 92 14.20 9.61 16.79
C MET C 92 14.50 8.65 17.94
N GLN C 93 15.21 9.15 18.95
CA GLN C 93 15.56 8.35 20.11
C GLN C 93 14.38 8.19 21.05
N PHE C 94 13.62 9.28 21.23
CA PHE C 94 12.47 9.26 22.11
C PHE C 94 11.17 9.32 21.31
N ILE C 95 10.18 8.53 21.73
CA ILE C 95 8.89 8.47 21.06
C ILE C 95 7.76 8.26 22.05
N LYS C 96 6.60 8.84 21.77
CA LYS C 96 5.44 8.70 22.65
C LYS C 96 4.19 8.30 21.87
N LYS C 97 3.64 9.24 21.13
CA LYS C 97 2.44 8.99 20.33
C LYS C 97 2.54 9.67 18.97
N ASP C 98 3.77 9.88 18.51
CA ASP C 98 4.01 10.53 17.23
C ASP C 98 3.66 9.58 16.08
N TRP C 99 2.86 10.07 15.13
CA TRP C 99 2.46 9.26 13.99
C TRP C 99 2.19 10.15 12.77
N THR C 100 1.79 11.39 13.03
CA THR C 100 1.49 12.34 11.96
C THR C 100 2.74 12.65 11.13
N LEU C 101 3.84 12.93 11.82
CA LEU C 101 5.10 13.25 11.15
C LEU C 101 5.61 12.06 10.34
N ILE C 102 5.42 10.86 10.89
CA ILE C 102 5.85 9.64 10.22
C ILE C 102 5.07 9.42 8.94
N GLY C 103 3.83 9.91 8.92
CA GLY C 103 2.97 9.76 7.75
C GLY C 103 3.30 10.76 6.67
N PHE C 104 3.78 11.94 7.06
CA PHE C 104 4.14 12.98 6.11
C PHE C 104 5.42 12.61 5.36
N LEU C 105 6.24 11.77 5.99
CA LEU C 105 7.49 11.32 5.39
C LEU C 105 7.23 10.25 4.35
N MET C 106 6.45 9.24 4.72
CA MET C 106 6.13 8.14 3.82
C MET C 106 5.31 8.63 2.63
N SER C 107 4.61 9.75 2.82
CA SER C 107 3.79 10.31 1.75
C SER C 107 4.67 10.93 0.67
N THR C 108 5.61 11.77 1.09
CA THR C 108 6.52 12.43 0.17
C THR C 108 7.33 11.40 -0.62
N GLN C 109 7.50 10.22 -0.03
CA GLN C 109 8.26 9.15 -0.67
C GLN C 109 7.53 8.66 -1.92
N ILE C 110 6.25 8.32 -1.76
CA ILE C 110 5.45 7.83 -2.87
C ILE C 110 5.52 8.78 -4.06
N VAL C 111 5.60 10.08 -3.76
CA VAL C 111 5.69 11.10 -4.80
C VAL C 111 6.94 10.91 -5.64
N VAL C 112 8.07 10.66 -4.97
CA VAL C 112 9.34 10.47 -5.66
C VAL C 112 9.32 9.22 -6.54
N ILE C 113 8.84 8.12 -5.98
CA ILE C 113 8.76 6.86 -6.71
C ILE C 113 7.88 7.01 -7.94
N THR C 114 6.86 7.86 -7.85
CA THR C 114 5.95 8.09 -8.97
C THR C 114 6.72 8.64 -10.17
N SER C 115 7.61 9.58 -9.91
CA SER C 115 8.42 10.17 -10.97
C SER C 115 9.24 9.11 -11.68
N GLY C 116 10.01 8.33 -10.91
CA GLY C 116 10.82 7.27 -11.49
C GLY C 116 9.96 6.20 -12.15
N LEU C 117 8.73 6.08 -11.67
CA LEU C 117 7.78 5.11 -12.19
C LEU C 117 7.53 5.38 -13.68
N ILE C 118 7.10 6.60 -13.97
CA ILE C 118 6.79 7.02 -15.33
C ILE C 118 8.03 7.40 -16.12
N ALA C 119 9.06 7.88 -15.42
CA ALA C 119 10.30 8.29 -16.06
C ALA C 119 10.84 7.20 -17.00
N ASP C 120 10.69 5.96 -16.58
CA ASP C 120 11.14 4.82 -17.38
C ASP C 120 10.14 4.50 -18.49
N LEU C 121 8.87 4.75 -18.22
CA LEU C 121 7.81 4.49 -19.19
C LEU C 121 7.72 5.62 -20.22
N SER C 122 8.69 6.54 -20.16
CA SER C 122 8.71 7.67 -21.07
C SER C 122 8.89 7.22 -22.52
N GLU C 123 7.96 7.60 -23.38
CA GLU C 123 8.02 7.23 -24.79
C GLU C 123 8.55 8.39 -25.63
N ARG C 124 7.96 9.56 -25.44
CA ARG C 124 8.36 10.75 -26.18
C ARG C 124 9.66 11.31 -25.61
N ASP C 125 10.52 11.84 -26.49
CA ASP C 125 11.80 12.40 -26.09
C ASP C 125 11.64 13.79 -25.48
N TRP C 126 10.51 14.43 -25.77
CA TRP C 126 10.25 15.78 -25.25
C TRP C 126 9.79 15.73 -23.80
N VAL C 127 8.73 14.96 -23.55
CA VAL C 127 8.18 14.83 -22.21
C VAL C 127 9.22 14.29 -21.23
N ARG C 128 10.21 13.58 -21.75
CA ARG C 128 11.27 13.00 -20.93
C ARG C 128 11.89 14.05 -20.01
N TYR C 129 12.23 15.20 -20.58
CA TYR C 129 12.84 16.29 -19.81
C TYR C 129 11.84 16.93 -18.86
N LEU C 130 10.55 16.82 -19.19
CA LEU C 130 9.51 17.41 -18.36
C LEU C 130 9.31 16.61 -17.07
N TRP C 131 9.12 15.29 -17.22
CA TRP C 131 8.93 14.42 -16.06
C TRP C 131 10.23 14.30 -15.27
N TYR C 132 11.35 14.45 -15.96
CA TYR C 132 12.66 14.35 -15.32
C TYR C 132 12.80 15.43 -14.25
N ILE C 133 12.68 16.69 -14.66
CA ILE C 133 12.79 17.82 -13.74
C ILE C 133 11.66 17.81 -12.72
N CYS C 134 10.54 17.20 -13.11
CA CYS C 134 9.38 17.12 -12.22
C CYS C 134 9.71 16.30 -10.97
N GLY C 135 10.53 15.28 -11.15
CA GLY C 135 10.91 14.42 -10.04
C GLY C 135 11.88 15.10 -9.10
N VAL C 136 12.99 15.60 -9.64
CA VAL C 136 14.01 16.26 -8.84
C VAL C 136 13.44 17.49 -8.12
N CYS C 137 12.44 18.11 -8.73
CA CYS C 137 11.81 19.29 -8.14
C CYS C 137 10.97 18.90 -6.93
N ALA C 138 10.35 17.72 -7.00
CA ALA C 138 9.52 17.22 -5.90
C ALA C 138 10.35 17.04 -4.63
N PHE C 139 11.52 16.44 -4.78
CA PHE C 139 12.42 16.20 -3.66
C PHE C 139 13.07 17.50 -3.19
N LEU C 140 13.16 18.46 -4.10
CA LEU C 140 13.78 19.75 -3.79
C LEU C 140 12.98 20.52 -2.74
N ILE C 141 11.72 20.83 -3.06
CA ILE C 141 10.85 21.57 -2.16
C ILE C 141 10.68 20.88 -0.81
N ILE C 142 10.42 19.58 -0.84
CA ILE C 142 10.21 18.82 0.40
C ILE C 142 11.49 18.75 1.23
N LEU C 143 12.65 18.74 0.57
CA LEU C 143 13.92 18.67 1.26
C LEU C 143 14.06 19.82 2.27
N TRP C 144 13.93 21.04 1.77
CA TRP C 144 14.04 22.22 2.63
C TRP C 144 12.90 22.25 3.65
N GLY C 145 11.79 21.59 3.30
CA GLY C 145 10.65 21.55 4.20
C GLY C 145 10.83 20.53 5.31
N ILE C 146 11.76 19.61 5.13
CA ILE C 146 12.04 18.58 6.13
C ILE C 146 13.38 18.84 6.80
N TRP C 147 14.17 19.74 6.25
CA TRP C 147 15.49 20.05 6.79
C TRP C 147 15.40 20.84 8.09
N ASN C 148 14.71 21.98 8.05
CA ASN C 148 14.57 22.82 9.23
C ASN C 148 13.21 22.66 9.91
N PRO C 149 12.09 22.81 9.16
CA PRO C 149 10.74 22.69 9.72
C PRO C 149 10.59 21.49 10.65
N LEU C 150 11.42 20.47 10.42
CA LEU C 150 11.39 19.27 11.24
C LEU C 150 11.83 19.59 12.67
N ARG C 151 13.01 20.21 12.78
CA ARG C 151 13.57 20.58 14.07
C ARG C 151 14.41 21.85 13.96
N ALA C 152 13.77 22.95 13.57
CA ALA C 152 14.47 24.22 13.42
C ALA C 152 14.61 24.93 14.77
N LYS C 153 13.78 24.53 15.73
CA LYS C 153 13.80 25.12 17.06
C LYS C 153 14.87 24.46 17.94
N THR C 154 15.24 23.24 17.60
CA THR C 154 16.25 22.51 18.35
C THR C 154 17.63 23.15 18.17
N ARG C 155 17.72 24.08 17.23
CA ARG C 155 18.97 24.77 16.96
C ARG C 155 19.39 25.63 18.14
N THR C 156 18.41 26.04 18.93
CA THR C 156 18.67 26.88 20.10
C THR C 156 18.41 26.11 21.40
N GLN C 157 17.95 24.87 21.26
CA GLN C 157 17.67 24.03 22.42
C GLN C 157 18.87 23.16 22.79
N SER C 158 19.20 22.20 21.93
CA SER C 158 20.33 21.32 22.16
C SER C 158 21.16 21.15 20.89
N SER C 159 22.40 21.61 20.94
CA SER C 159 23.29 21.52 19.79
C SER C 159 23.78 20.10 19.58
N GLU C 160 23.98 19.37 20.67
CA GLU C 160 24.45 17.99 20.59
C GLU C 160 23.49 17.13 19.79
N LEU C 161 22.22 17.13 20.18
CA LEU C 161 21.20 16.36 19.49
C LEU C 161 21.12 16.75 18.02
N ALA C 162 21.34 18.03 17.74
CA ALA C 162 21.29 18.54 16.38
C ALA C 162 22.48 18.05 15.56
N ASN C 163 23.62 17.85 16.22
CA ASN C 163 24.82 17.38 15.55
C ASN C 163 24.64 15.95 15.06
N LEU C 164 23.93 15.14 15.85
CA LEU C 164 23.67 13.76 15.49
C LEU C 164 22.78 13.68 14.26
N TYR C 165 21.72 14.48 14.27
CA TYR C 165 20.77 14.53 13.17
C TYR C 165 21.44 14.99 11.88
N ASP C 166 22.40 15.91 12.02
CA ASP C 166 23.11 16.44 10.86
C ASP C 166 23.92 15.36 10.15
N LYS C 167 24.80 14.70 10.90
CA LYS C 167 25.64 13.65 10.32
C LYS C 167 24.79 12.52 9.74
N LEU C 168 23.56 12.41 10.20
CA LEU C 168 22.66 11.37 9.72
C LEU C 168 21.99 11.78 8.41
N VAL C 169 21.27 12.90 8.44
CA VAL C 169 20.56 13.40 7.27
C VAL C 169 21.52 13.78 6.14
N THR C 170 22.74 14.19 6.49
CA THR C 170 23.72 14.59 5.48
C THR C 170 23.96 13.46 4.49
N TYR C 171 23.95 12.22 4.98
CA TYR C 171 24.15 11.06 4.13
C TYR C 171 22.88 10.76 3.34
N PHE C 172 21.74 11.01 3.97
CA PHE C 172 20.44 10.78 3.34
C PHE C 172 20.21 11.79 2.22
N THR C 173 20.91 12.92 2.29
CA THR C 173 20.79 13.97 1.30
C THR C 173 21.59 13.64 0.04
N VAL C 174 22.90 13.45 0.21
CA VAL C 174 23.79 13.13 -0.90
C VAL C 174 23.35 11.87 -1.63
N LEU C 175 22.70 10.96 -0.91
CA LEU C 175 22.24 9.71 -1.49
C LEU C 175 21.04 9.92 -2.40
N TRP C 176 19.98 10.50 -1.83
CA TRP C 176 18.76 10.77 -2.59
C TRP C 176 19.05 11.65 -3.80
N ILE C 177 20.13 12.44 -3.71
CA ILE C 177 20.53 13.31 -4.79
C ILE C 177 21.46 12.57 -5.77
N GLY C 178 22.07 11.50 -5.27
CA GLY C 178 22.98 10.71 -6.09
C GLY C 178 22.29 10.06 -7.27
N TYR C 179 21.09 9.53 -7.04
CA TYR C 179 20.34 8.86 -8.11
C TYR C 179 19.94 9.84 -9.22
N PRO C 180 19.31 10.98 -8.89
CA PRO C 180 18.89 11.96 -9.91
C PRO C 180 20.07 12.59 -10.65
N ILE C 181 21.27 12.47 -10.10
CA ILE C 181 22.45 13.04 -10.73
C ILE C 181 23.11 12.08 -11.73
N VAL C 182 22.95 10.78 -11.51
CA VAL C 182 23.57 9.77 -12.37
C VAL C 182 22.80 9.53 -13.67
N TRP C 183 21.52 9.21 -13.55
CA TRP C 183 20.69 8.93 -14.73
C TRP C 183 20.67 10.10 -15.71
N ILE C 184 21.14 11.26 -15.28
CA ILE C 184 21.17 12.44 -16.13
C ILE C 184 21.89 12.14 -17.45
N ILE C 185 22.67 11.06 -17.45
CA ILE C 185 23.41 10.64 -18.63
C ILE C 185 23.13 9.18 -18.97
N GLY C 186 22.13 8.96 -19.82
CA GLY C 186 21.77 7.61 -20.22
C GLY C 186 20.30 7.50 -20.58
N PRO C 187 19.74 6.27 -20.59
CA PRO C 187 18.34 6.05 -20.92
C PRO C 187 17.40 6.88 -20.04
N SER C 188 16.26 7.27 -20.59
CA SER C 188 15.28 8.06 -19.86
C SER C 188 15.93 9.29 -19.24
N GLY C 189 17.05 9.72 -19.84
CA GLY C 189 17.76 10.89 -19.33
C GLY C 189 18.26 11.76 -20.46
N PHE C 190 19.50 11.52 -20.90
CA PHE C 190 20.10 12.30 -21.98
C PHE C 190 20.56 11.38 -23.12
N GLY C 191 20.99 10.17 -22.74
CA GLY C 191 21.45 9.22 -23.73
C GLY C 191 22.92 9.38 -24.07
N TRP C 192 23.69 8.32 -23.90
CA TRP C 192 25.11 8.34 -24.20
C TRP C 192 25.72 6.94 -24.04
N ILE C 193 25.15 6.16 -23.13
CA ILE C 193 25.62 4.80 -22.89
C ILE C 193 24.66 3.76 -23.45
N ASN C 194 25.00 2.49 -23.28
CA ASN C 194 24.17 1.39 -23.78
C ASN C 194 23.11 1.01 -22.75
N GLN C 195 22.46 -0.13 -22.97
CA GLN C 195 21.42 -0.61 -22.07
C GLN C 195 22.02 -1.37 -20.89
N THR C 196 22.95 -2.27 -21.18
CA THR C 196 23.61 -3.06 -20.14
C THR C 196 24.38 -2.17 -19.16
N ILE C 197 24.81 -1.02 -19.64
CA ILE C 197 25.56 -0.07 -18.81
C ILE C 197 24.64 0.61 -17.79
N ASP C 198 23.49 1.07 -18.26
CA ASP C 198 22.53 1.75 -17.40
C ASP C 198 22.16 0.87 -16.20
N THR C 199 21.86 -0.39 -16.47
CA THR C 199 21.49 -1.34 -15.42
C THR C 199 22.69 -1.66 -14.54
N PHE C 200 23.89 -1.56 -15.10
CA PHE C 200 25.12 -1.84 -14.36
C PHE C 200 25.38 -0.77 -13.30
N LEU C 201 24.99 0.46 -13.60
CA LEU C 201 25.19 1.57 -12.67
C LEU C 201 24.06 1.64 -11.65
N PHE C 202 22.82 1.52 -12.13
CA PHE C 202 21.66 1.58 -11.24
C PHE C 202 21.61 0.38 -10.30
N CYS C 203 22.50 -0.59 -10.53
CA CYS C 203 22.57 -1.78 -9.69
C CYS C 203 23.65 -1.61 -8.61
N LEU C 204 24.78 -1.08 -9.02
CA LEU C 204 25.92 -0.87 -8.13
C LEU C 204 25.62 0.19 -7.08
N LEU C 205 24.91 1.25 -7.47
CA LEU C 205 24.60 2.33 -6.54
C LEU C 205 23.78 1.83 -5.34
N PRO C 206 22.62 1.17 -5.57
CA PRO C 206 21.81 0.66 -4.47
C PRO C 206 22.63 -0.24 -3.55
N PHE C 207 23.55 -1.01 -4.13
CA PHE C 207 24.41 -1.89 -3.35
C PHE C 207 25.28 -1.06 -2.42
N PHE C 208 25.86 0.01 -2.96
CA PHE C 208 26.72 0.89 -2.18
C PHE C 208 25.90 1.67 -1.15
N SER C 209 24.58 1.68 -1.36
CA SER C 209 23.68 2.37 -0.46
C SER C 209 23.13 1.41 0.61
N VAL C 211 24.85 -1.41 1.79
CA VAL C 211 25.94 -1.75 2.70
C VAL C 211 26.32 -0.55 3.57
N GLY C 212 26.23 0.64 3.00
CA GLY C 212 26.56 1.85 3.74
C GLY C 212 25.65 2.05 4.93
N PHE C 213 24.36 1.78 4.75
CA PHE C 213 23.39 1.94 5.83
C PHE C 213 23.63 0.93 6.94
N SER C 214 24.20 -0.22 6.58
CA SER C 214 24.47 -1.27 7.55
C SER C 214 25.45 -0.79 8.61
N PHE C 215 26.62 -0.34 8.17
CA PHE C 215 27.64 0.16 9.10
C PHE C 215 27.20 1.47 9.75
N LEU C 216 26.39 2.24 9.02
CA LEU C 216 25.89 3.51 9.53
C LEU C 216 24.97 3.28 10.72
N ASP C 217 24.13 2.25 10.64
CA ASP C 217 23.20 1.93 11.71
C ASP C 217 23.94 1.32 12.89
N LEU C 218 25.12 0.78 12.61
CA LEU C 218 25.94 0.17 13.66
C LEU C 218 26.59 1.24 14.54
N HIS C 219 27.07 2.29 13.89
CA HIS C 219 27.72 3.39 14.61
C HIS C 219 26.69 4.40 15.11
N GLY C 220 25.50 4.39 14.50
CA GLY C 220 24.46 5.30 14.90
C GLY C 220 24.11 5.21 16.37
N LEU C 221 24.35 4.04 16.97
CA LEU C 221 24.05 3.82 18.37
C LEU C 221 24.97 4.68 19.27
N ARG C 222 26.17 4.95 18.77
CA ARG C 222 27.15 5.75 19.50
C ARG C 222 27.52 5.09 20.83
N ASN C 223 26.72 5.35 21.87
CA ASN C 223 26.98 4.79 23.19
C ASN C 223 25.70 4.22 23.79
N LEU C 224 25.84 3.17 24.60
CA LEU C 224 24.70 2.53 25.23
C LEU C 224 24.44 3.12 26.61
N ASN C 225 23.29 3.79 26.75
CA ASN C 225 22.92 4.41 28.03
C ASN C 225 21.41 4.36 28.23
N ASP C 226 20.66 4.69 27.18
CA ASP C 226 19.21 4.69 27.24
C ASP C 226 18.65 3.37 26.73
N SER C 227 17.72 2.79 27.47
CA SER C 227 17.10 1.52 27.10
C SER C 227 15.59 1.60 27.19
N ARG C 228 15.09 2.09 28.33
CA ARG C 228 13.65 2.22 28.54
C ARG C 228 13.10 3.42 27.78
N GLN C 229 11.79 3.62 27.88
CA GLN C 229 11.13 4.73 27.20
C GLN C 229 10.19 5.46 28.15
N MET A 1 -17.98 -14.57 -25.79
CA MET A 1 -18.99 -14.57 -24.71
C MET A 1 -19.44 -15.99 -24.39
N ASN A 2 -18.57 -16.95 -24.65
CA ASN A 2 -18.88 -18.36 -24.39
C ASN A 2 -18.25 -18.83 -23.09
N LEU A 3 -17.32 -18.03 -22.57
CA LEU A 3 -16.64 -18.37 -21.32
C LEU A 3 -17.44 -17.90 -20.11
N GLU A 4 -18.35 -18.74 -19.65
CA GLU A 4 -19.19 -18.42 -18.50
C GLU A 4 -18.98 -19.43 -17.37
N SER A 5 -19.05 -18.96 -16.14
CA SER A 5 -18.85 -19.83 -14.98
C SER A 5 -19.58 -19.27 -13.76
N LEU A 6 -20.40 -20.11 -13.13
CA LEU A 6 -21.16 -19.70 -11.95
C LEU A 6 -20.38 -20.02 -10.68
N LEU A 7 -19.15 -20.52 -10.85
CA LEU A 7 -18.31 -20.87 -9.71
C LEU A 7 -17.92 -19.62 -8.93
N HIS A 8 -17.37 -18.64 -9.64
CA HIS A 8 -16.96 -17.39 -9.03
C HIS A 8 -18.18 -16.60 -8.56
N TRP A 9 -19.32 -16.90 -9.18
CA TRP A 9 -20.58 -16.23 -8.83
C TRP A 9 -21.03 -16.60 -7.42
N ILE A 10 -21.09 -17.89 -7.14
CA ILE A 10 -21.51 -18.37 -5.82
C ILE A 10 -20.46 -18.03 -4.77
N TYR A 11 -19.24 -17.79 -5.22
CA TYR A 11 -18.14 -17.45 -4.33
C TYR A 11 -18.44 -16.15 -3.57
N VAL A 12 -18.74 -15.10 -4.34
CA VAL A 12 -19.05 -13.81 -3.74
C VAL A 12 -20.35 -13.87 -2.94
N ALA A 13 -21.31 -14.64 -3.44
CA ALA A 13 -22.60 -14.79 -2.76
C ALA A 13 -22.41 -15.29 -1.33
N GLY A 14 -21.45 -16.19 -1.16
CA GLY A 14 -21.18 -16.73 0.16
C GLY A 14 -20.43 -15.75 1.05
N MET A 15 -19.63 -14.90 0.41
CA MET A 15 -18.85 -13.91 1.14
C MET A 15 -19.74 -12.77 1.63
N THR A 16 -20.78 -12.46 0.88
CA THR A 16 -21.69 -11.38 1.24
C THR A 16 -22.49 -11.74 2.49
N ILE A 17 -23.10 -12.93 2.47
CA ILE A 17 -23.89 -13.39 3.61
C ILE A 17 -23.02 -13.52 4.85
N GLY A 18 -21.73 -13.76 4.65
CA GLY A 18 -20.81 -13.89 5.76
C GLY A 18 -20.75 -12.63 6.60
N ALA A 19 -20.49 -11.50 5.94
CA ALA A 19 -20.43 -10.21 6.62
C ALA A 19 -21.79 -9.83 7.19
N LEU A 20 -22.84 -10.40 6.61
CA LEU A 20 -24.20 -10.13 7.07
C LEU A 20 -24.44 -10.72 8.45
N HIS A 21 -23.95 -11.93 8.67
CA HIS A 21 -24.12 -12.61 9.94
C HIS A 21 -23.45 -11.80 11.07
N PHE A 22 -22.49 -10.97 10.68
CA PHE A 22 -21.78 -10.12 11.62
C PHE A 22 -22.75 -9.17 12.32
N TRP A 23 -23.79 -8.77 11.61
CA TRP A 23 -24.80 -7.86 12.14
C TRP A 23 -25.76 -8.61 13.05
N SER A 24 -26.21 -9.78 12.59
CA SER A 24 -27.14 -10.59 13.37
C SER A 24 -26.46 -11.12 14.63
N LEU A 25 -25.14 -11.12 14.63
CA LEU A 25 -24.36 -11.59 15.77
C LEU A 25 -24.12 -10.46 16.78
N SER A 26 -24.40 -9.24 16.34
CA SER A 26 -24.21 -8.08 17.20
C SER A 26 -25.22 -8.06 18.33
N ARG A 27 -26.31 -8.81 18.16
CA ARG A 27 -27.35 -8.89 19.19
C ARG A 27 -26.71 -9.17 20.54
N ASN A 28 -25.62 -9.93 20.50
CA ASN A 28 -24.87 -10.29 21.69
C ASN A 28 -23.63 -11.10 21.31
N PRO A 29 -22.45 -10.75 21.85
CA PRO A 29 -21.21 -11.44 21.58
C PRO A 29 -20.88 -12.48 22.64
N ARG A 30 -19.79 -13.21 22.44
CA ARG A 30 -19.36 -14.24 23.37
C ARG A 30 -18.26 -13.73 24.30
N GLY A 31 -18.61 -12.74 25.12
CA GLY A 31 -17.64 -12.18 26.06
C GLY A 31 -16.72 -11.17 25.41
N VAL A 32 -16.19 -11.52 24.23
CA VAL A 32 -15.29 -10.63 23.51
C VAL A 32 -16.06 -9.83 22.47
N PRO A 33 -15.65 -8.57 22.20
CA PRO A 33 -16.31 -7.71 21.23
C PRO A 33 -16.21 -8.26 19.81
N GLN A 34 -17.03 -7.70 18.93
CA GLN A 34 -17.10 -8.13 17.53
C GLN A 34 -15.86 -7.68 16.74
N TYR A 35 -15.11 -6.73 17.31
CA TYR A 35 -13.91 -6.19 16.67
C TYR A 35 -13.09 -7.28 15.95
N GLU A 36 -12.98 -8.44 16.57
CA GLU A 36 -12.21 -9.55 15.98
C GLU A 36 -12.86 -10.00 14.68
N TYR A 37 -14.17 -10.20 14.71
CA TYR A 37 -14.91 -10.64 13.54
C TYR A 37 -14.97 -9.51 12.50
N LEU A 38 -14.72 -8.28 12.96
CA LEU A 38 -14.74 -7.12 12.07
C LEU A 38 -13.66 -7.25 11.01
N VAL A 39 -12.44 -7.55 11.45
CA VAL A 39 -11.32 -7.72 10.52
C VAL A 39 -11.60 -8.91 9.61
N ALA A 40 -12.18 -9.95 10.19
CA ALA A 40 -12.51 -11.15 9.44
C ALA A 40 -13.74 -10.91 8.56
N MET A 41 -14.34 -9.73 8.70
CA MET A 41 -15.51 -9.36 7.92
C MET A 41 -15.09 -8.71 6.60
N PHE A 42 -13.98 -7.97 6.65
CA PHE A 42 -13.46 -7.30 5.46
C PHE A 42 -12.79 -8.29 4.52
N ILE A 43 -12.20 -9.34 5.10
CA ILE A 43 -11.52 -10.37 4.31
C ILE A 43 -12.43 -10.91 3.19
N PRO A 44 -13.66 -11.36 3.52
CA PRO A 44 -14.60 -11.89 2.53
C PRO A 44 -15.21 -10.81 1.64
N ILE A 45 -15.41 -9.62 2.21
CA ILE A 45 -15.99 -8.51 1.46
C ILE A 45 -15.23 -8.24 0.17
N TRP A 46 -13.95 -7.90 0.29
CA TRP A 46 -13.12 -7.60 -0.88
C TRP A 46 -12.95 -8.85 -1.75
N SER A 47 -12.53 -9.94 -1.12
CA SER A 47 -12.31 -11.20 -1.84
C SER A 47 -13.59 -11.65 -2.55
N GLY A 48 -14.71 -11.05 -2.18
CA GLY A 48 -15.98 -11.41 -2.79
C GLY A 48 -16.17 -10.77 -4.15
N LEU A 49 -16.12 -9.43 -4.17
CA LEU A 49 -16.30 -8.68 -5.42
C LEU A 49 -15.25 -9.09 -6.45
N ALA A 50 -14.10 -9.51 -5.97
CA ALA A 50 -13.01 -9.93 -6.85
C ALA A 50 -13.42 -11.13 -7.71
N TYR A 51 -13.77 -12.23 -7.05
CA TYR A 51 -14.18 -13.44 -7.74
C TYR A 51 -15.40 -13.19 -8.63
N MET A 52 -16.37 -12.45 -8.10
CA MET A 52 -17.57 -12.13 -8.87
C MET A 52 -17.20 -11.64 -10.26
N ALA A 53 -16.09 -10.90 -10.33
CA ALA A 53 -15.62 -10.37 -11.60
C ALA A 53 -15.14 -11.50 -12.50
N MET A 54 -14.39 -12.44 -11.92
CA MET A 54 -13.88 -13.58 -12.68
C MET A 54 -15.02 -14.28 -13.42
N ALA A 55 -16.22 -14.16 -12.87
CA ALA A 55 -17.40 -14.76 -13.49
C ALA A 55 -17.82 -13.99 -14.73
N ILE A 56 -17.83 -12.65 -14.62
CA ILE A 56 -18.20 -11.79 -15.73
C ILE A 56 -17.01 -11.53 -16.65
N ASP A 57 -15.93 -12.29 -16.43
CA ASP A 57 -14.72 -12.17 -17.21
C ASP A 57 -14.12 -10.76 -17.13
N GLN A 58 -13.95 -10.27 -15.90
CA GLN A 58 -13.40 -8.94 -15.68
C GLN A 58 -12.16 -9.02 -14.79
N GLY A 59 -11.31 -7.99 -14.88
CA GLY A 59 -10.10 -7.96 -14.08
C GLY A 59 -8.99 -8.82 -14.67
N LYS A 60 -8.95 -8.87 -16.00
CA LYS A 60 -7.93 -9.67 -16.69
C LYS A 60 -7.23 -8.84 -17.77
N VAL A 61 -5.92 -8.97 -17.83
CA VAL A 61 -5.12 -8.23 -18.82
C VAL A 61 -4.38 -9.18 -19.75
N GLU A 62 -4.34 -8.81 -21.03
CA GLU A 62 -3.66 -9.63 -22.03
C GLU A 62 -2.36 -8.98 -22.48
N ALA A 63 -1.27 -9.29 -21.80
CA ALA A 63 0.04 -8.72 -22.14
C ALA A 63 0.86 -9.69 -22.99
N ALA A 64 1.33 -9.20 -24.14
CA ALA A 64 2.12 -10.00 -25.05
C ALA A 64 1.37 -11.26 -25.50
N GLY A 65 0.06 -11.13 -25.66
CA GLY A 65 -0.76 -12.24 -26.09
C GLY A 65 -0.98 -13.27 -24.99
N GLN A 66 -0.41 -13.00 -23.81
CA GLN A 66 -0.55 -13.90 -22.68
C GLN A 66 -1.65 -13.41 -21.74
N ILE A 67 -2.51 -14.33 -21.30
CA ILE A 67 -3.60 -13.99 -20.39
C ILE A 67 -3.16 -14.11 -18.94
N ALA A 68 -2.92 -12.97 -18.31
CA ALA A 68 -2.50 -12.94 -16.91
C ALA A 68 -3.69 -12.71 -15.99
N HIS A 69 -3.74 -13.48 -14.91
CA HIS A 69 -4.83 -13.36 -13.94
C HIS A 69 -4.56 -12.22 -12.95
N TYR A 70 -4.71 -10.99 -13.45
CA TYR A 70 -4.48 -9.81 -12.65
C TYR A 70 -5.39 -9.77 -11.42
N ALA A 71 -6.56 -10.39 -11.54
CA ALA A 71 -7.52 -10.42 -10.44
C ALA A 71 -7.20 -11.52 -9.43
N ARG A 72 -6.48 -12.53 -9.90
CA ARG A 72 -6.12 -13.66 -9.04
C ARG A 72 -5.15 -13.27 -7.93
N TYR A 73 -4.05 -12.61 -8.29
CA TYR A 73 -3.06 -12.21 -7.30
C TYR A 73 -3.43 -10.92 -6.58
N ILE A 74 -4.11 -10.01 -7.27
CA ILE A 74 -4.49 -8.74 -6.65
C ILE A 74 -5.29 -8.98 -5.38
N ASP A 75 -6.20 -9.95 -5.43
CA ASP A 75 -6.99 -10.30 -4.27
C ASP A 75 -6.10 -10.93 -3.21
N TRP A 76 -4.97 -11.47 -3.66
CA TRP A 76 -4.01 -12.10 -2.78
C TRP A 76 -3.03 -11.09 -2.23
N MET A 77 -3.25 -9.82 -2.56
CA MET A 77 -2.38 -8.75 -2.10
C MET A 77 -3.06 -7.96 -0.98
N VAL A 78 -4.37 -8.10 -0.86
CA VAL A 78 -5.14 -7.41 0.17
C VAL A 78 -5.75 -8.40 1.17
N THR A 79 -6.15 -9.56 0.67
CA THR A 79 -6.76 -10.59 1.51
C THR A 79 -5.70 -11.41 2.25
N THR A 80 -4.71 -11.89 1.50
CA THR A 80 -3.63 -12.70 2.07
C THR A 80 -2.97 -12.02 3.27
N PRO A 81 -2.55 -10.74 3.14
CA PRO A 81 -1.90 -10.02 4.25
C PRO A 81 -2.79 -9.94 5.48
N LEU A 82 -4.08 -9.69 5.27
CA LEU A 82 -5.03 -9.59 6.37
C LEU A 82 -5.43 -10.98 6.86
N LEU A 83 -5.01 -12.01 6.13
CA LEU A 83 -5.33 -13.38 6.51
C LEU A 83 -4.37 -13.86 7.60
N LEU A 84 -3.10 -13.51 7.45
CA LEU A 84 -2.08 -13.90 8.42
C LEU A 84 -2.11 -12.94 9.61
N LEU A 85 -2.46 -11.69 9.36
CA LEU A 85 -2.55 -10.69 10.41
C LEU A 85 -3.74 -10.96 11.31
N SER A 86 -4.77 -11.58 10.72
CA SER A 86 -5.98 -11.92 11.46
C SER A 86 -5.66 -12.91 12.58
N LEU A 87 -4.59 -13.67 12.40
CA LEU A 87 -4.17 -14.65 13.39
C LEU A 87 -3.62 -13.97 14.63
N SER A 88 -2.66 -13.07 14.44
CA SER A 88 -2.05 -12.34 15.55
C SER A 88 -3.10 -11.54 16.31
N TRP A 89 -4.21 -11.25 15.63
CA TRP A 89 -5.29 -10.49 16.24
C TRP A 89 -6.10 -11.34 17.21
N THR A 90 -6.27 -12.62 16.88
CA THR A 90 -7.04 -13.53 17.72
C THR A 90 -6.19 -14.06 18.87
N ALA A 91 -4.86 -14.04 18.69
CA ALA A 91 -3.94 -14.52 19.71
C ALA A 91 -3.60 -13.41 20.70
N MET A 92 -3.46 -12.19 20.19
CA MET A 92 -3.13 -11.04 21.02
C MET A 92 -4.40 -10.26 21.38
N GLN A 93 -4.90 -10.50 22.59
CA GLN A 93 -6.11 -9.83 23.06
C GLN A 93 -5.79 -8.47 23.68
N PHE A 94 -4.80 -8.46 24.58
CA PHE A 94 -4.40 -7.22 25.25
C PHE A 94 -3.09 -6.69 24.68
N ILE A 95 -3.04 -5.37 24.48
CA ILE A 95 -1.85 -4.73 23.95
C ILE A 95 -1.36 -3.63 24.89
N LYS A 96 -0.06 -3.38 24.87
CA LYS A 96 0.54 -2.35 25.72
C LYS A 96 1.63 -1.59 24.96
N LYS A 97 2.58 -2.34 24.43
CA LYS A 97 3.69 -1.76 23.68
C LYS A 97 4.18 -2.73 22.62
N ASP A 98 5.42 -2.52 22.16
CA ASP A 98 6.02 -3.39 21.14
C ASP A 98 5.27 -3.29 19.81
N TRP A 99 5.88 -2.59 18.86
CA TRP A 99 5.28 -2.42 17.55
C TRP A 99 6.17 -3.00 16.47
N THR A 100 7.13 -3.82 16.88
CA THR A 100 8.06 -4.46 15.96
C THR A 100 7.48 -5.76 15.42
N LEU A 101 6.53 -6.32 16.16
CA LEU A 101 5.88 -7.57 15.76
C LEU A 101 5.02 -7.38 14.53
N ILE A 102 4.13 -6.38 14.58
CA ILE A 102 3.24 -6.08 13.46
C ILE A 102 4.03 -5.76 12.19
N GLY A 103 5.22 -5.19 12.38
CA GLY A 103 6.05 -4.84 11.24
C GLY A 103 6.72 -6.05 10.63
N PHE A 104 6.94 -7.08 11.43
CA PHE A 104 7.58 -8.30 10.95
C PHE A 104 6.63 -9.11 10.08
N LEU A 105 5.36 -9.13 10.46
CA LEU A 105 4.35 -9.88 9.72
C LEU A 105 4.03 -9.18 8.39
N MET A 106 4.11 -7.86 8.38
CA MET A 106 3.82 -7.09 7.17
C MET A 106 4.96 -7.21 6.16
N SER A 107 6.16 -7.49 6.66
CA SER A 107 7.33 -7.63 5.80
C SER A 107 7.33 -8.97 5.07
N THR A 108 7.13 -10.05 5.83
CA THR A 108 7.11 -11.39 5.26
C THR A 108 5.99 -11.57 4.24
N GLN A 109 4.85 -10.94 4.49
CA GLN A 109 3.71 -11.05 3.58
C GLN A 109 3.99 -10.40 2.24
N ILE A 110 4.62 -9.22 2.27
CA ILE A 110 4.95 -8.50 1.04
C ILE A 110 5.86 -9.34 0.14
N VAL A 111 6.72 -10.12 0.75
CA VAL A 111 7.65 -10.98 0.01
C VAL A 111 6.92 -12.13 -0.66
N VAL A 112 6.03 -12.77 0.07
CA VAL A 112 5.27 -13.92 -0.44
C VAL A 112 4.35 -13.51 -1.59
N ILE A 113 3.56 -12.45 -1.37
CA ILE A 113 2.63 -11.98 -2.40
C ILE A 113 3.35 -11.64 -3.70
N THR A 114 4.58 -11.14 -3.58
CA THR A 114 5.37 -10.78 -4.74
C THR A 114 5.67 -11.99 -5.61
N SER A 115 6.13 -13.06 -4.96
CA SER A 115 6.45 -14.29 -5.67
C SER A 115 5.21 -14.89 -6.32
N GLY A 116 4.03 -14.51 -5.79
CA GLY A 116 2.79 -15.03 -6.32
C GLY A 116 2.34 -14.31 -7.57
N LEU A 117 2.38 -12.98 -7.55
CA LEU A 117 1.97 -12.18 -8.68
C LEU A 117 2.89 -12.37 -9.88
N ILE A 118 4.16 -12.68 -9.61
CA ILE A 118 5.14 -12.88 -10.68
C ILE A 118 5.06 -14.31 -11.23
N ALA A 119 4.64 -15.24 -10.38
CA ALA A 119 4.52 -16.64 -10.79
C ALA A 119 3.61 -16.78 -12.01
N ASP A 120 2.55 -15.98 -12.03
CA ASP A 120 1.60 -16.00 -13.13
C ASP A 120 2.12 -15.20 -14.32
N LEU A 121 3.03 -14.25 -14.03
CA LEU A 121 3.62 -13.41 -15.07
C LEU A 121 4.79 -14.12 -15.74
N SER A 122 4.79 -15.45 -15.67
CA SER A 122 5.86 -16.25 -16.26
C SER A 122 5.70 -16.33 -17.78
N GLU A 123 6.81 -16.19 -18.50
CA GLU A 123 6.80 -16.24 -19.95
C GLU A 123 7.32 -17.59 -20.45
N ARG A 124 8.29 -18.15 -19.73
CA ARG A 124 8.87 -19.43 -20.09
C ARG A 124 8.60 -20.49 -19.03
N ASP A 125 8.37 -21.72 -19.46
CA ASP A 125 8.09 -22.82 -18.53
C ASP A 125 9.37 -23.28 -17.83
N TRP A 126 10.51 -22.82 -18.33
CA TRP A 126 11.79 -23.19 -17.73
C TRP A 126 12.16 -22.26 -16.58
N VAL A 127 11.88 -20.97 -16.76
CA VAL A 127 12.19 -19.98 -15.74
C VAL A 127 11.16 -20.02 -14.61
N ARG A 128 9.96 -20.52 -14.92
CA ARG A 128 8.90 -20.63 -13.93
C ARG A 128 9.34 -21.47 -12.74
N TYR A 129 10.25 -22.41 -13.00
CA TYR A 129 10.76 -23.29 -11.95
C TYR A 129 11.64 -22.52 -10.98
N LEU A 130 12.33 -21.50 -11.49
CA LEU A 130 13.22 -20.69 -10.67
C LEU A 130 12.43 -19.77 -9.74
N TRP A 131 11.36 -19.17 -10.27
CA TRP A 131 10.54 -18.26 -9.48
C TRP A 131 9.66 -19.05 -8.50
N TYR A 132 9.28 -20.25 -8.90
CA TYR A 132 8.44 -21.10 -8.05
C TYR A 132 9.15 -21.38 -6.73
N ILE A 133 10.35 -21.95 -6.80
CA ILE A 133 11.12 -22.27 -5.60
C ILE A 133 11.46 -21.01 -4.82
N CYS A 134 11.58 -19.90 -5.53
CA CYS A 134 11.89 -18.61 -4.90
C CYS A 134 10.82 -18.21 -3.89
N GLY A 135 9.57 -18.54 -4.21
CA GLY A 135 8.47 -18.20 -3.32
C GLY A 135 8.45 -19.05 -2.07
N VAL A 136 8.49 -20.37 -2.26
CA VAL A 136 8.47 -21.29 -1.12
C VAL A 136 9.71 -21.12 -0.25
N CYS A 137 10.81 -20.70 -0.86
CA CYS A 137 12.06 -20.49 -0.14
C CYS A 137 11.92 -19.37 0.87
N ALA A 138 11.26 -18.29 0.47
CA ALA A 138 11.04 -17.15 1.35
C ALA A 138 10.20 -17.54 2.56
N PHE A 139 9.20 -18.37 2.32
CA PHE A 139 8.32 -18.82 3.39
C PHE A 139 8.99 -19.89 4.25
N LEU A 140 10.08 -20.46 3.74
CA LEU A 140 10.81 -21.49 4.46
C LEU A 140 11.63 -20.87 5.60
N ILE A 141 12.46 -19.89 5.25
CA ILE A 141 13.29 -19.21 6.24
C ILE A 141 12.45 -18.51 7.28
N ILE A 142 11.30 -17.97 6.85
CA ILE A 142 10.40 -17.27 7.75
C ILE A 142 9.71 -18.25 8.70
N LEU A 143 9.24 -19.36 8.15
CA LEU A 143 8.56 -20.38 8.96
C LEU A 143 9.43 -20.83 10.13
N TRP A 144 10.64 -21.29 9.82
CA TRP A 144 11.57 -21.75 10.84
C TRP A 144 11.96 -20.62 11.78
N GLY A 145 11.80 -19.38 11.31
CA GLY A 145 12.15 -18.22 12.12
C GLY A 145 11.05 -17.83 13.09
N ILE A 146 9.82 -18.26 12.80
CA ILE A 146 8.69 -17.95 13.65
C ILE A 146 8.36 -19.12 14.58
N TRP A 147 8.95 -20.28 14.28
CA TRP A 147 8.73 -21.49 15.08
C TRP A 147 9.34 -21.36 16.47
N ASN A 148 10.61 -20.98 16.51
CA ASN A 148 11.33 -20.83 17.76
C ASN A 148 10.60 -19.93 18.75
N PRO A 149 10.23 -18.69 18.35
CA PRO A 149 9.53 -17.75 19.24
C PRO A 149 8.15 -18.26 19.67
N LEU A 150 7.68 -19.33 19.02
CA LEU A 150 6.38 -19.89 19.35
C LEU A 150 6.51 -21.35 19.79
N ARG A 151 7.46 -21.62 20.67
CA ARG A 151 7.67 -22.98 21.16
C ARG A 151 8.70 -22.99 22.29
N ALA A 152 9.94 -22.63 21.97
CA ALA A 152 11.01 -22.61 22.95
C ALA A 152 10.96 -21.35 23.80
N LYS A 153 10.58 -20.23 23.17
CA LYS A 153 10.49 -18.95 23.86
C LYS A 153 9.19 -18.86 24.65
N THR A 154 8.19 -19.65 24.25
CA THR A 154 6.90 -19.64 24.92
C THR A 154 6.88 -20.60 26.11
N ARG A 155 7.97 -21.34 26.29
CA ARG A 155 8.06 -22.30 27.39
C ARG A 155 7.99 -21.59 28.74
N THR A 156 8.62 -20.41 28.82
CA THR A 156 8.62 -19.64 30.05
C THR A 156 7.59 -18.52 29.99
N GLN A 157 7.21 -18.15 28.76
CA GLN A 157 6.23 -17.09 28.55
C GLN A 157 4.85 -17.51 29.03
N SER A 158 4.20 -18.37 28.25
CA SER A 158 2.88 -18.86 28.59
C SER A 158 2.60 -20.21 27.91
N SER A 159 2.30 -21.22 28.71
CA SER A 159 2.01 -22.55 28.19
C SER A 159 0.61 -22.62 27.60
N GLU A 160 -0.28 -21.76 28.08
CA GLU A 160 -1.65 -21.73 27.61
C GLU A 160 -1.72 -21.21 26.18
N LEU A 161 -1.19 -20.01 25.96
CA LEU A 161 -1.19 -19.40 24.63
C LEU A 161 -0.29 -20.17 23.67
N ALA A 162 0.67 -20.90 24.23
CA ALA A 162 1.60 -21.68 23.42
C ALA A 162 0.87 -22.78 22.66
N ASN A 163 0.00 -23.52 23.36
CA ASN A 163 -0.76 -24.59 22.74
C ASN A 163 -1.75 -24.04 21.72
N LEU A 164 -2.27 -22.85 22.00
CA LEU A 164 -3.22 -22.21 21.11
C LEU A 164 -2.62 -22.02 19.72
N TYR A 165 -1.53 -21.27 19.66
CA TYR A 165 -0.86 -21.01 18.40
C TYR A 165 -0.39 -22.30 17.74
N ASP A 166 -0.06 -23.29 18.56
CA ASP A 166 0.41 -24.57 18.06
C ASP A 166 -0.59 -25.17 17.06
N LYS A 167 -1.88 -25.02 17.37
CA LYS A 167 -2.93 -25.54 16.50
C LYS A 167 -3.25 -24.57 15.37
N LEU A 168 -2.92 -23.29 15.56
CA LEU A 168 -3.18 -22.27 14.55
C LEU A 168 -2.20 -22.38 13.39
N VAL A 169 -0.91 -22.24 13.70
CA VAL A 169 0.13 -22.33 12.69
C VAL A 169 0.06 -23.64 11.91
N THR A 170 -0.54 -24.66 12.52
CA THR A 170 -0.67 -25.96 11.88
C THR A 170 -1.39 -25.84 10.54
N TYR A 171 -2.62 -25.33 10.57
CA TYR A 171 -3.41 -25.16 9.36
C TYR A 171 -2.80 -24.09 8.45
N PHE A 172 -2.16 -23.11 9.07
CA PHE A 172 -1.53 -22.02 8.34
C PHE A 172 -0.37 -22.53 7.48
N THR A 173 0.27 -23.61 7.94
CA THR A 173 1.40 -24.18 7.22
C THR A 173 0.93 -25.01 6.02
N VAL A 174 0.08 -26.00 6.28
CA VAL A 174 -0.44 -26.86 5.22
C VAL A 174 -1.13 -26.05 4.12
N LEU A 175 -1.68 -24.90 4.50
CA LEU A 175 -2.38 -24.05 3.54
C LEU A 175 -1.40 -23.33 2.62
N TRP A 176 -0.49 -22.56 3.22
CA TRP A 176 0.51 -21.82 2.44
C TRP A 176 1.32 -22.75 1.56
N ILE A 177 1.45 -24.00 1.99
CA ILE A 177 2.18 -25.00 1.22
C ILE A 177 1.25 -25.69 0.22
N GLY A 178 -0.04 -25.67 0.52
CA GLY A 178 -1.03 -26.29 -0.36
C GLY A 178 -0.99 -25.76 -1.77
N TYR A 179 -1.13 -24.44 -1.93
CA TYR A 179 -1.12 -23.84 -3.26
C TYR A 179 0.14 -24.26 -4.03
N PRO A 180 1.35 -24.02 -3.48
CA PRO A 180 2.60 -24.40 -4.15
C PRO A 180 2.54 -25.82 -4.72
N ILE A 181 1.82 -26.71 -4.04
CA ILE A 181 1.68 -28.09 -4.49
C ILE A 181 1.07 -28.14 -5.89
N VAL A 182 -0.09 -27.50 -6.02
CA VAL A 182 -0.79 -27.48 -7.30
C VAL A 182 0.09 -26.87 -8.40
N TRP A 183 1.06 -26.04 -7.99
CA TRP A 183 1.96 -25.39 -8.93
C TRP A 183 3.14 -26.29 -9.32
N ILE A 184 3.37 -27.34 -8.52
CA ILE A 184 4.46 -28.27 -8.79
C ILE A 184 4.43 -28.75 -10.24
N ILE A 185 3.23 -28.96 -10.76
CA ILE A 185 3.06 -29.42 -12.14
C ILE A 185 1.86 -28.75 -12.80
N GLY A 186 1.88 -28.71 -14.14
CA GLY A 186 0.79 -28.11 -14.88
C GLY A 186 0.95 -26.61 -15.08
N PRO A 187 0.28 -26.05 -16.11
CA PRO A 187 0.35 -24.62 -16.40
C PRO A 187 -0.59 -23.80 -15.53
N SER A 188 -0.10 -23.36 -14.38
CA SER A 188 -0.91 -22.55 -13.46
C SER A 188 -2.21 -23.27 -13.10
N GLY A 189 -2.10 -24.53 -12.69
CA GLY A 189 -3.27 -25.30 -12.32
C GLY A 189 -2.92 -26.59 -11.62
N PHE A 190 -3.08 -27.72 -12.32
CA PHE A 190 -2.78 -29.03 -11.74
C PHE A 190 -2.34 -29.99 -12.85
N GLY A 191 -2.09 -29.45 -14.02
CA GLY A 191 -1.66 -30.26 -15.15
C GLY A 191 -2.82 -30.90 -15.87
N TRP A 192 -2.69 -31.04 -17.19
CA TRP A 192 -3.73 -31.65 -18.01
C TRP A 192 -5.05 -30.87 -17.90
N ILE A 193 -5.00 -29.70 -17.29
CA ILE A 193 -6.19 -28.87 -17.12
C ILE A 193 -5.92 -27.41 -17.47
N ASN A 194 -6.91 -26.78 -18.11
CA ASN A 194 -6.78 -25.38 -18.50
C ASN A 194 -8.17 -24.76 -18.66
N GLN A 195 -9.19 -25.63 -18.67
CA GLN A 195 -10.57 -25.20 -18.82
C GLN A 195 -11.08 -24.55 -17.53
N THR A 196 -12.40 -24.54 -17.37
CA THR A 196 -13.02 -23.95 -16.18
C THR A 196 -12.52 -24.62 -14.91
N ILE A 197 -12.13 -25.89 -15.02
CA ILE A 197 -11.62 -26.64 -13.86
C ILE A 197 -10.43 -25.95 -13.23
N ASP A 198 -9.55 -25.41 -14.07
CA ASP A 198 -8.36 -24.72 -13.59
C ASP A 198 -8.72 -23.67 -12.55
N THR A 199 -9.61 -22.75 -12.93
CA THR A 199 -10.04 -21.70 -12.03
C THR A 199 -10.80 -22.27 -10.84
N PHE A 200 -11.49 -23.38 -11.07
CA PHE A 200 -12.27 -24.04 -10.02
C PHE A 200 -11.35 -24.51 -8.88
N LEU A 201 -10.12 -24.84 -9.22
CA LEU A 201 -9.14 -25.30 -8.23
C LEU A 201 -8.67 -24.15 -7.34
N PHE A 202 -8.20 -23.08 -7.98
CA PHE A 202 -7.71 -21.91 -7.23
C PHE A 202 -8.86 -21.15 -6.59
N CYS A 203 -10.09 -21.55 -6.89
CA CYS A 203 -11.27 -20.91 -6.31
C CYS A 203 -11.76 -21.69 -5.10
N LEU A 204 -11.71 -23.01 -5.21
CA LEU A 204 -12.16 -23.90 -4.14
C LEU A 204 -11.21 -23.91 -2.95
N LEU A 205 -9.90 -23.92 -3.23
CA LEU A 205 -8.91 -23.94 -2.16
C LEU A 205 -9.09 -22.78 -1.18
N PRO A 206 -9.11 -21.52 -1.68
CA PRO A 206 -9.29 -20.35 -0.82
C PRO A 206 -10.57 -20.46 0.00
N PHE A 207 -11.65 -20.85 -0.65
CA PHE A 207 -12.94 -21.00 0.02
C PHE A 207 -12.84 -22.06 1.12
N PHE A 208 -11.88 -22.97 0.98
CA PHE A 208 -11.68 -24.03 1.95
C PHE A 208 -10.85 -23.52 3.13
N SER A 209 -10.10 -22.45 2.90
CA SER A 209 -9.26 -21.87 3.93
C SER A 209 -9.98 -20.71 4.64
N VAL A 211 -13.24 -20.23 5.09
CA VAL A 211 -14.26 -20.74 5.99
C VAL A 211 -13.65 -21.59 7.12
N GLY A 212 -12.54 -22.25 6.81
CA GLY A 212 -11.87 -23.09 7.80
C GLY A 212 -11.50 -22.32 9.05
N PHE A 213 -10.93 -21.13 8.87
CA PHE A 213 -10.52 -20.30 9.99
C PHE A 213 -11.72 -19.75 10.74
N SER A 214 -12.83 -19.57 10.03
CA SER A 214 -14.05 -19.04 10.64
C SER A 214 -14.47 -19.89 11.83
N PHE A 215 -14.77 -21.15 11.58
CA PHE A 215 -15.19 -22.07 12.65
C PHE A 215 -14.05 -22.27 13.64
N LEU A 216 -12.82 -22.17 13.15
CA LEU A 216 -11.64 -22.34 13.99
C LEU A 216 -11.60 -21.29 15.08
N ASP A 217 -11.85 -20.04 14.71
CA ASP A 217 -11.84 -18.93 15.66
C ASP A 217 -12.93 -19.12 16.71
N LEU A 218 -14.06 -19.68 16.28
CA LEU A 218 -15.18 -19.93 17.18
C LEU A 218 -14.82 -20.99 18.20
N HIS A 219 -13.96 -21.92 17.79
CA HIS A 219 -13.52 -23.00 18.66
C HIS A 219 -12.37 -22.55 19.56
N GLY A 220 -11.62 -21.55 19.10
CA GLY A 220 -10.51 -21.04 19.87
C GLY A 220 -10.94 -20.09 20.96
N LEU A 221 -12.11 -19.48 20.78
CA LEU A 221 -12.66 -18.55 21.76
C LEU A 221 -13.27 -19.29 22.95
N ARG A 222 -13.33 -20.62 22.83
CA ARG A 222 -13.89 -21.45 23.87
C ARG A 222 -13.16 -21.25 25.20
N ASN A 223 -11.96 -21.83 25.30
CA ASN A 223 -11.16 -21.73 26.51
C ASN A 223 -10.75 -20.28 26.77
N LEU A 224 -10.73 -19.91 28.05
CA LEU A 224 -10.37 -18.55 28.45
C LEU A 224 -11.32 -17.51 27.86
N ASN A 225 -12.13 -16.90 28.72
CA ASN A 225 -13.08 -15.90 28.30
C ASN A 225 -13.07 -14.71 29.26
N ASP A 226 -12.15 -13.78 29.01
CA ASP A 226 -12.02 -12.59 29.86
C ASP A 226 -11.96 -11.32 29.01
N SER A 227 -12.77 -10.33 29.37
CA SER A 227 -12.80 -9.06 28.65
C SER A 227 -13.52 -7.98 29.45
N ARG A 228 -12.74 -7.08 30.05
CA ARG A 228 -13.30 -6.01 30.86
C ARG A 228 -12.69 -4.66 30.48
N GLN A 229 -13.24 -4.05 29.42
CA GLN A 229 -12.75 -2.76 28.96
C GLN A 229 -13.87 -1.72 28.96
N MET B 1 0.65 15.68 -29.19
CA MET B 1 1.03 16.70 -30.20
C MET B 1 -0.12 17.67 -30.46
N ASN B 2 -1.30 17.12 -30.73
CA ASN B 2 -2.48 17.93 -31.00
C ASN B 2 -3.48 17.81 -29.85
N LEU B 3 -3.07 17.18 -28.76
CA LEU B 3 -3.94 17.00 -27.61
C LEU B 3 -3.42 17.79 -26.42
N GLU B 4 -3.41 19.10 -26.54
CA GLU B 4 -2.95 19.98 -25.48
C GLU B 4 -4.13 20.49 -24.65
N SER B 5 -3.86 20.78 -23.38
CA SER B 5 -4.90 21.28 -22.48
C SER B 5 -4.29 22.00 -21.29
N LEU B 6 -4.80 23.20 -21.01
CA LEU B 6 -4.30 24.00 -19.88
C LEU B 6 -5.13 23.73 -18.63
N LEU B 7 -6.17 22.90 -18.78
CA LEU B 7 -7.05 22.57 -17.66
C LEU B 7 -6.31 21.77 -16.59
N HIS B 8 -5.48 20.84 -17.03
CA HIS B 8 -4.70 20.01 -16.11
C HIS B 8 -3.47 20.77 -15.62
N TRP B 9 -3.04 21.74 -16.42
CA TRP B 9 -1.87 22.56 -16.08
C TRP B 9 -2.21 23.54 -14.96
N ILE B 10 -3.43 24.04 -14.98
CA ILE B 10 -3.88 25.00 -13.96
C ILE B 10 -4.29 24.27 -12.68
N TYR B 11 -4.70 23.02 -12.83
CA TYR B 11 -5.11 22.21 -11.69
C TYR B 11 -3.94 22.03 -10.73
N VAL B 12 -2.79 21.66 -11.27
CA VAL B 12 -1.59 21.46 -10.46
C VAL B 12 -1.08 22.77 -9.89
N ALA B 13 -1.18 23.83 -10.70
CA ALA B 13 -0.73 25.16 -10.28
C ALA B 13 -1.49 25.63 -9.06
N GLY B 14 -2.78 25.30 -9.00
CA GLY B 14 -3.60 25.70 -7.89
C GLY B 14 -3.29 24.91 -6.63
N MET B 15 -2.93 23.63 -6.81
CA MET B 15 -2.60 22.78 -5.67
C MET B 15 -1.24 23.16 -5.09
N THR B 16 -0.37 23.71 -5.93
CA THR B 16 0.95 24.13 -5.51
C THR B 16 0.86 25.25 -4.49
N ILE B 17 0.21 26.35 -4.88
CA ILE B 17 0.05 27.50 -4.00
C ILE B 17 -0.72 27.13 -2.73
N GLY B 18 -1.53 26.08 -2.83
CA GLY B 18 -2.29 25.63 -1.68
C GLY B 18 -1.40 25.26 -0.51
N ALA B 19 -0.49 24.32 -0.74
CA ALA B 19 0.44 23.88 0.29
C ALA B 19 1.35 25.02 0.73
N LEU B 20 1.51 26.01 -0.16
CA LEU B 20 2.34 27.17 0.14
C LEU B 20 1.72 28.02 1.25
N HIS B 21 0.40 28.15 1.20
CA HIS B 21 -0.34 28.92 2.18
C HIS B 21 -0.15 28.32 3.57
N PHE B 22 0.19 27.04 3.61
CA PHE B 22 0.42 26.33 4.86
C PHE B 22 1.57 26.97 5.64
N TRP B 23 2.61 27.37 4.91
CA TRP B 23 3.78 27.99 5.51
C TRP B 23 3.44 29.40 6.00
N SER B 24 2.68 30.13 5.18
CA SER B 24 2.27 31.49 5.52
C SER B 24 1.28 31.49 6.67
N LEU B 25 0.63 30.35 6.89
CA LEU B 25 -0.36 30.22 7.97
C LEU B 25 0.32 29.79 9.26
N SER B 26 1.56 29.30 9.16
CA SER B 26 2.30 28.87 10.33
C SER B 26 2.65 30.05 11.22
N ARG B 27 2.55 31.26 10.68
CA ARG B 27 2.82 32.46 11.46
C ARG B 27 2.06 32.41 12.77
N ASN B 28 0.88 31.80 12.70
CA ASN B 28 0.02 31.64 13.87
C ASN B 28 -1.24 30.86 13.50
N PRO B 29 -1.59 29.82 14.29
CA PRO B 29 -2.77 29.01 14.03
C PRO B 29 -3.99 29.51 14.80
N ARG B 30 -5.16 28.96 14.48
CA ARG B 30 -6.40 29.35 15.14
C ARG B 30 -6.76 28.38 16.25
N GLY B 31 -5.86 28.27 17.24
CA GLY B 31 -6.10 27.38 18.36
C GLY B 31 -5.69 25.95 18.04
N VAL B 32 -6.09 25.45 16.87
CA VAL B 32 -5.76 24.10 16.46
C VAL B 32 -4.41 24.08 15.72
N PRO B 33 -3.51 23.15 16.09
CA PRO B 33 -2.19 23.05 15.45
C PRO B 33 -2.30 22.78 13.96
N GLN B 34 -1.25 23.15 13.23
CA GLN B 34 -1.20 22.97 11.78
C GLN B 34 -1.33 21.50 11.36
N TYR B 35 -1.09 20.58 12.30
CA TYR B 35 -1.15 19.15 12.00
C TYR B 35 -2.38 18.81 11.15
N GLU B 36 -3.49 19.49 11.41
CA GLU B 36 -4.72 19.26 10.68
C GLU B 36 -4.54 19.59 9.19
N TYR B 37 -4.13 20.83 8.92
CA TYR B 37 -3.91 21.27 7.55
C TYR B 37 -2.74 20.52 6.93
N LEU B 38 -1.89 19.94 7.78
CA LEU B 38 -0.73 19.19 7.31
C LEU B 38 -1.16 18.08 6.37
N VAL B 39 -2.06 17.22 6.85
CA VAL B 39 -2.56 16.13 6.04
C VAL B 39 -3.32 16.65 4.82
N ALA B 40 -4.13 17.69 5.04
CA ALA B 40 -4.90 18.29 3.96
C ALA B 40 -3.99 18.95 2.93
N MET B 41 -2.71 19.11 3.28
CA MET B 41 -1.74 19.73 2.39
C MET B 41 -1.09 18.68 1.48
N PHE B 42 -0.96 17.46 1.98
CA PHE B 42 -0.37 16.38 1.18
C PHE B 42 -1.32 15.94 0.08
N ILE B 43 -2.62 16.13 0.33
CA ILE B 43 -3.64 15.75 -0.65
C ILE B 43 -3.46 16.47 -1.99
N PRO B 44 -3.38 17.83 -1.99
CA PRO B 44 -3.19 18.59 -3.24
C PRO B 44 -1.84 18.37 -3.89
N ILE B 45 -0.80 18.20 -3.07
CA ILE B 45 0.55 17.98 -3.60
C ILE B 45 0.59 16.83 -4.60
N TRP B 46 0.28 15.62 -4.13
CA TRP B 46 0.29 14.44 -4.98
C TRP B 46 -0.70 14.58 -6.14
N SER B 47 -1.93 14.95 -5.80
CA SER B 47 -2.97 15.12 -6.80
C SER B 47 -2.61 16.20 -7.82
N GLY B 48 -1.59 16.99 -7.50
CA GLY B 48 -1.17 18.03 -8.41
C GLY B 48 -0.31 17.53 -9.54
N LEU B 49 0.78 16.85 -9.19
CA LEU B 49 1.70 16.31 -10.19
C LEU B 49 0.99 15.35 -11.13
N ALA B 50 -0.01 14.65 -10.60
CA ALA B 50 -0.78 13.69 -11.39
C ALA B 50 -1.48 14.36 -12.57
N TYR B 51 -2.32 15.34 -12.27
CA TYR B 51 -3.05 16.06 -13.30
C TYR B 51 -2.09 16.77 -14.26
N MET B 52 -1.03 17.36 -13.70
CA MET B 52 -0.04 18.07 -14.50
C MET B 52 0.43 17.17 -15.64
N ALA B 53 0.47 15.87 -15.38
CA ALA B 53 0.89 14.90 -16.37
C ALA B 53 -0.16 14.75 -17.45
N MET B 54 -1.43 14.76 -17.04
CA MET B 54 -2.53 14.65 -17.97
C MET B 54 -2.44 15.72 -19.04
N ALA B 55 -1.83 16.84 -18.69
CA ALA B 55 -1.64 17.96 -19.62
C ALA B 55 -0.58 17.64 -20.65
N ILE B 56 0.58 17.16 -20.18
CA ILE B 56 1.68 16.82 -21.07
C ILE B 56 1.47 15.45 -21.71
N ASP B 57 0.27 14.89 -21.51
CA ASP B 57 -0.07 13.59 -22.08
C ASP B 57 0.89 12.50 -21.62
N GLN B 58 0.97 12.29 -20.31
CA GLN B 58 1.86 11.27 -19.75
C GLN B 58 1.22 10.59 -18.55
N GLY B 59 1.41 9.28 -18.46
CA GLY B 59 0.84 8.51 -17.35
C GLY B 59 -0.26 7.59 -17.81
N LYS B 60 -0.46 7.51 -19.13
CA LYS B 60 -1.48 6.66 -19.71
C LYS B 60 -0.85 5.51 -20.50
N VAL B 61 -1.54 4.38 -20.56
CA VAL B 61 -1.05 3.21 -21.28
C VAL B 61 -2.09 2.71 -22.28
N GLU B 62 -1.61 2.16 -23.39
CA GLU B 62 -2.50 1.63 -24.42
C GLU B 62 -2.63 0.12 -24.30
N ALA B 63 -3.64 -0.34 -23.59
CA ALA B 63 -3.87 -1.78 -23.41
C ALA B 63 -5.05 -2.26 -24.23
N ALA B 64 -4.82 -3.28 -25.06
CA ALA B 64 -5.85 -3.84 -25.92
C ALA B 64 -6.39 -2.80 -26.89
N GLY B 65 -5.54 -1.87 -27.29
CA GLY B 65 -5.96 -0.84 -28.22
C GLY B 65 -6.87 0.19 -27.57
N GLN B 66 -7.12 0.02 -26.28
CA GLN B 66 -7.98 0.94 -25.54
C GLN B 66 -7.17 1.82 -24.61
N ILE B 67 -7.36 3.13 -24.71
CA ILE B 67 -6.64 4.08 -23.87
C ILE B 67 -7.22 4.12 -22.46
N ALA B 68 -6.50 3.52 -21.52
CA ALA B 68 -6.94 3.49 -20.13
C ALA B 68 -6.31 4.63 -19.34
N HIS B 69 -7.13 5.31 -18.54
CA HIS B 69 -6.65 6.43 -17.73
C HIS B 69 -5.96 5.94 -16.47
N TYR B 70 -4.73 5.46 -16.64
CA TYR B 70 -3.93 4.95 -15.53
C TYR B 70 -3.66 6.04 -14.50
N ALA B 71 -3.62 7.29 -14.96
CA ALA B 71 -3.36 8.43 -14.08
C ALA B 71 -4.60 8.89 -13.34
N ARG B 72 -5.77 8.67 -13.93
CA ARG B 72 -7.02 9.10 -13.32
C ARG B 72 -7.34 8.33 -12.04
N TYR B 73 -7.30 7.00 -12.09
CA TYR B 73 -7.62 6.21 -10.89
C TYR B 73 -6.44 6.07 -9.95
N ILE B 74 -5.21 6.08 -10.48
CA ILE B 74 -4.04 5.95 -9.62
C ILE B 74 -4.05 7.04 -8.56
N ASP B 75 -4.40 8.26 -8.97
CA ASP B 75 -4.47 9.37 -8.04
C ASP B 75 -5.64 9.16 -7.10
N TRP B 76 -6.59 8.35 -7.55
CA TRP B 76 -7.77 8.03 -6.75
C TRP B 76 -7.51 6.86 -5.83
N MET B 77 -6.24 6.44 -5.78
CA MET B 77 -5.86 5.33 -4.91
C MET B 77 -5.11 5.83 -3.67
N VAL B 78 -4.56 7.04 -3.79
CA VAL B 78 -3.80 7.64 -2.69
C VAL B 78 -4.50 8.89 -2.14
N THR B 79 -5.25 9.56 -3.00
CA THR B 79 -5.95 10.79 -2.60
C THR B 79 -7.27 10.49 -1.89
N THR B 80 -8.10 9.68 -2.53
CA THR B 80 -9.41 9.33 -1.96
C THR B 80 -9.31 8.79 -0.53
N PRO B 81 -8.41 7.82 -0.25
CA PRO B 81 -8.27 7.26 1.10
C PRO B 81 -7.97 8.34 2.14
N LEU B 82 -7.05 9.23 1.82
CA LEU B 82 -6.68 10.31 2.72
C LEU B 82 -7.79 11.36 2.79
N LEU B 83 -8.66 11.36 1.79
CA LEU B 83 -9.76 12.31 1.76
C LEU B 83 -10.85 11.89 2.72
N LEU B 84 -10.98 10.58 2.91
CA LEU B 84 -11.96 10.02 3.82
C LEU B 84 -11.41 10.00 5.25
N LEU B 85 -10.09 9.91 5.35
CA LEU B 85 -9.41 9.88 6.64
C LEU B 85 -9.29 11.28 7.22
N SER B 86 -9.11 12.27 6.34
CA SER B 86 -8.97 13.66 6.76
C SER B 86 -10.19 14.12 7.55
N LEU B 87 -11.35 13.52 7.26
CA LEU B 87 -12.59 13.88 7.93
C LEU B 87 -12.61 13.36 9.36
N SER B 88 -11.99 12.19 9.57
CA SER B 88 -11.95 11.58 10.89
C SER B 88 -10.98 12.30 11.81
N TRP B 89 -9.97 12.94 11.23
CA TRP B 89 -8.98 13.68 12.00
C TRP B 89 -9.54 15.01 12.48
N THR B 90 -10.32 15.67 11.63
CA THR B 90 -10.91 16.95 11.98
C THR B 90 -11.86 16.82 13.16
N ALA B 91 -12.65 15.76 13.17
CA ALA B 91 -13.59 15.52 14.25
C ALA B 91 -12.89 14.99 15.50
N MET B 92 -12.03 14.00 15.32
CA MET B 92 -11.28 13.41 16.42
C MET B 92 -10.08 14.28 16.79
N GLN B 93 -10.25 15.11 17.83
CA GLN B 93 -9.19 15.99 18.29
C GLN B 93 -8.29 15.29 19.30
N PHE B 94 -8.89 14.46 20.14
CA PHE B 94 -8.15 13.72 21.16
C PHE B 94 -8.28 12.21 20.95
N ILE B 95 -7.20 11.49 21.22
CA ILE B 95 -7.19 10.03 21.06
C ILE B 95 -6.57 9.38 22.28
N LYS B 96 -7.13 8.24 22.68
CA LYS B 96 -6.62 7.51 23.84
C LYS B 96 -6.25 6.08 23.47
N LYS B 97 -7.27 5.24 23.27
CA LYS B 97 -7.05 3.84 22.93
C LYS B 97 -8.26 3.26 22.19
N ASP B 98 -8.10 3.02 20.89
CA ASP B 98 -9.18 2.47 20.08
C ASP B 98 -8.60 1.54 19.01
N TRP B 99 -7.98 2.13 17.99
CA TRP B 99 -7.39 1.36 16.91
C TRP B 99 -8.41 0.40 16.29
N THR B 100 -9.66 0.83 16.20
CA THR B 100 -10.72 0.02 15.63
C THR B 100 -11.36 0.71 14.44
N LEU B 101 -11.57 2.02 14.55
CA LEU B 101 -12.18 2.79 13.49
C LEU B 101 -11.19 3.03 12.35
N ILE B 102 -9.93 3.26 12.72
CA ILE B 102 -8.89 3.49 11.73
C ILE B 102 -8.79 2.35 10.73
N GLY B 103 -9.08 1.14 11.21
CA GLY B 103 -9.01 -0.03 10.34
C GLY B 103 -10.28 -0.19 9.53
N PHE B 104 -11.40 0.26 10.08
CA PHE B 104 -12.69 0.16 9.40
C PHE B 104 -12.80 1.21 8.30
N LEU B 105 -12.05 2.29 8.44
CA LEU B 105 -12.06 3.37 7.46
C LEU B 105 -11.22 3.01 6.24
N MET B 106 -9.99 2.56 6.48
CA MET B 106 -9.09 2.18 5.41
C MET B 106 -9.67 1.05 4.57
N SER B 107 -10.44 0.18 5.21
CA SER B 107 -11.05 -0.96 4.54
C SER B 107 -12.12 -0.51 3.53
N THR B 108 -13.05 0.32 3.98
CA THR B 108 -14.11 0.81 3.12
C THR B 108 -13.57 1.54 1.90
N GLN B 109 -12.37 2.10 2.03
CA GLN B 109 -11.75 2.83 0.94
C GLN B 109 -11.14 1.89 -0.11
N ILE B 110 -10.50 0.83 0.36
CA ILE B 110 -9.87 -0.15 -0.54
C ILE B 110 -10.89 -0.73 -1.53
N VAL B 111 -12.11 -0.97 -1.06
CA VAL B 111 -13.15 -1.54 -1.93
C VAL B 111 -13.66 -0.53 -2.95
N VAL B 112 -13.92 0.70 -2.51
CA VAL B 112 -14.43 1.74 -3.40
C VAL B 112 -13.45 2.04 -4.52
N ILE B 113 -12.16 2.16 -4.18
CA ILE B 113 -11.13 2.45 -5.16
C ILE B 113 -10.99 1.33 -6.17
N THR B 114 -11.18 0.09 -5.72
CA THR B 114 -11.07 -1.08 -6.59
C THR B 114 -11.99 -0.95 -7.80
N SER B 115 -13.29 -0.85 -7.55
CA SER B 115 -14.27 -0.73 -8.62
C SER B 115 -13.97 0.48 -9.50
N GLY B 116 -13.33 1.50 -8.92
CA GLY B 116 -13.01 2.70 -9.65
C GLY B 116 -12.00 2.46 -10.75
N LEU B 117 -10.90 1.78 -10.42
CA LEU B 117 -9.85 1.50 -11.38
C LEU B 117 -10.27 0.40 -12.37
N ILE B 118 -11.23 -0.42 -11.97
CA ILE B 118 -11.73 -1.50 -12.82
C ILE B 118 -12.76 -1.00 -13.81
N ALA B 119 -13.55 -0.01 -13.39
CA ALA B 119 -14.59 0.56 -14.25
C ALA B 119 -13.99 1.10 -15.54
N ASP B 120 -12.77 1.65 -15.45
CA ASP B 120 -12.09 2.21 -16.60
C ASP B 120 -11.48 1.11 -17.47
N LEU B 121 -11.18 -0.03 -16.84
CA LEU B 121 -10.59 -1.16 -17.56
C LEU B 121 -11.67 -2.03 -18.19
N SER B 122 -12.78 -1.41 -18.57
CA SER B 122 -13.88 -2.13 -19.19
C SER B 122 -13.65 -2.34 -20.68
N GLU B 123 -13.83 -3.57 -21.13
CA GLU B 123 -13.63 -3.91 -22.53
C GLU B 123 -14.98 -3.94 -23.26
N ARG B 124 -15.98 -4.54 -22.63
CA ARG B 124 -17.31 -4.64 -23.21
C ARG B 124 -18.21 -3.54 -22.66
N ASP B 125 -19.12 -3.05 -23.50
CA ASP B 125 -20.03 -1.97 -23.10
C ASP B 125 -21.21 -2.47 -22.28
N TRP B 126 -21.46 -3.79 -22.31
CA TRP B 126 -22.56 -4.37 -21.57
C TRP B 126 -22.13 -4.85 -20.19
N VAL B 127 -20.84 -5.11 -20.03
CA VAL B 127 -20.31 -5.59 -18.75
C VAL B 127 -20.03 -4.42 -17.81
N ARG B 128 -19.83 -3.24 -18.39
CA ARG B 128 -19.56 -2.03 -17.61
C ARG B 128 -20.69 -1.77 -16.61
N TYR B 129 -21.92 -2.07 -17.02
CA TYR B 129 -23.08 -1.86 -16.15
C TYR B 129 -23.07 -2.83 -14.97
N LEU B 130 -22.36 -3.93 -15.12
CA LEU B 130 -22.28 -4.94 -14.06
C LEU B 130 -21.33 -4.49 -12.95
N TRP B 131 -20.10 -4.15 -13.32
CA TRP B 131 -19.11 -3.70 -12.34
C TRP B 131 -19.51 -2.35 -11.73
N TYR B 132 -20.23 -1.55 -12.51
CA TYR B 132 -20.68 -0.25 -12.05
C TYR B 132 -21.57 -0.39 -10.82
N ILE B 133 -22.56 -1.27 -10.91
CA ILE B 133 -23.49 -1.50 -9.81
C ILE B 133 -22.75 -2.07 -8.61
N CYS B 134 -21.68 -2.81 -8.86
CA CYS B 134 -20.90 -3.41 -7.78
C CYS B 134 -20.20 -2.33 -6.95
N GLY B 135 -19.69 -1.31 -7.63
CA GLY B 135 -19.01 -0.23 -6.95
C GLY B 135 -19.92 0.51 -5.98
N VAL B 136 -21.06 0.97 -6.48
CA VAL B 136 -22.02 1.70 -5.66
C VAL B 136 -22.58 0.80 -4.57
N CYS B 137 -22.83 -0.46 -4.89
CA CYS B 137 -23.36 -1.41 -3.93
C CYS B 137 -22.52 -1.43 -2.67
N ALA B 138 -21.20 -1.42 -2.84
CA ALA B 138 -20.29 -1.44 -1.71
C ALA B 138 -20.42 -0.16 -0.90
N PHE B 139 -20.65 0.95 -1.58
CA PHE B 139 -20.80 2.25 -0.93
C PHE B 139 -22.13 2.32 -0.18
N LEU B 140 -23.10 1.51 -0.59
CA LEU B 140 -24.41 1.49 0.04
C LEU B 140 -24.36 0.82 1.40
N ILE B 141 -23.98 -0.46 1.41
CA ILE B 141 -23.89 -1.22 2.65
C ILE B 141 -23.06 -0.50 3.70
N ILE B 142 -21.99 0.17 3.25
CA ILE B 142 -21.12 0.91 4.15
C ILE B 142 -21.80 2.18 4.64
N LEU B 143 -22.46 2.88 3.73
CA LEU B 143 -23.16 4.12 4.05
C LEU B 143 -24.16 3.90 5.17
N TRP B 144 -25.11 3.00 4.95
CA TRP B 144 -26.13 2.70 5.95
C TRP B 144 -25.49 2.13 7.21
N GLY B 145 -24.28 1.60 7.07
CA GLY B 145 -23.58 1.02 8.20
C GLY B 145 -22.83 2.06 9.02
N ILE B 146 -22.55 3.21 8.42
CA ILE B 146 -21.83 4.27 9.11
C ILE B 146 -22.79 5.35 9.59
N TRP B 147 -24.06 5.23 9.23
CA TRP B 147 -25.07 6.19 9.63
C TRP B 147 -25.59 5.89 11.03
N ASN B 148 -25.82 4.61 11.30
CA ASN B 148 -26.31 4.18 12.59
C ASN B 148 -25.37 4.59 13.73
N PRO B 149 -24.05 4.31 13.62
CA PRO B 149 -23.08 4.66 14.67
C PRO B 149 -23.05 6.16 14.93
N LEU B 150 -23.63 6.92 14.00
CA LEU B 150 -23.68 8.37 14.13
C LEU B 150 -25.09 8.84 14.47
N ARG B 151 -25.19 9.92 15.23
CA ARG B 151 -26.49 10.47 15.64
C ARG B 151 -27.23 9.52 16.59
N ALA B 152 -27.82 8.47 16.02
CA ALA B 152 -28.57 7.50 16.81
C ALA B 152 -27.74 6.93 17.97
N LYS B 153 -26.50 6.54 17.66
CA LYS B 153 -25.61 5.97 18.68
C LYS B 153 -24.95 7.06 19.52
N THR B 154 -24.75 8.23 18.93
CA THR B 154 -24.13 9.35 19.64
C THR B 154 -25.16 10.16 20.40
N ARG B 155 -26.40 9.70 20.40
CA ARG B 155 -27.48 10.40 21.10
C ARG B 155 -27.15 10.57 22.57
N THR B 156 -26.35 9.64 23.10
CA THR B 156 -25.93 9.68 24.49
C THR B 156 -24.47 10.07 24.61
N GLN B 157 -23.71 9.78 23.55
CA GLN B 157 -22.28 10.10 23.52
C GLN B 157 -22.05 11.61 23.58
N SER B 158 -22.45 12.30 22.51
CA SER B 158 -22.29 13.75 22.43
C SER B 158 -23.11 14.32 21.28
N SER B 159 -24.07 15.18 21.60
CA SER B 159 -24.92 15.78 20.59
C SER B 159 -24.19 16.89 19.85
N GLU B 160 -23.19 17.48 20.50
CA GLU B 160 -22.41 18.55 19.89
C GLU B 160 -21.67 18.05 18.66
N LEU B 161 -20.84 17.02 18.85
CA LEU B 161 -20.06 16.45 17.75
C LEU B 161 -20.99 15.80 16.72
N ALA B 162 -22.20 15.47 17.16
CA ALA B 162 -23.18 14.84 16.27
C ALA B 162 -23.66 15.82 15.21
N ASN B 163 -23.73 17.10 15.58
CA ASN B 163 -24.18 18.13 14.66
C ASN B 163 -23.08 18.45 13.64
N LEU B 164 -21.85 18.52 14.12
CA LEU B 164 -20.71 18.82 13.26
C LEU B 164 -20.51 17.73 12.21
N TYR B 165 -20.59 16.48 12.66
CA TYR B 165 -20.42 15.33 11.78
C TYR B 165 -21.62 15.16 10.86
N ASP B 166 -22.77 15.66 11.30
CA ASP B 166 -24.00 15.56 10.51
C ASP B 166 -23.85 16.30 9.19
N LYS B 167 -23.29 17.51 9.25
CA LYS B 167 -23.10 18.32 8.06
C LYS B 167 -21.86 17.86 7.29
N LEU B 168 -20.95 17.18 7.99
CA LEU B 168 -19.73 16.69 7.37
C LEU B 168 -20.04 15.56 6.37
N VAL B 169 -20.77 14.56 6.82
CA VAL B 169 -21.13 13.43 5.98
C VAL B 169 -22.05 13.87 4.84
N THR B 170 -22.82 14.93 5.09
CA THR B 170 -23.75 15.45 4.10
C THR B 170 -23.06 15.64 2.74
N TYR B 171 -22.00 16.44 2.73
CA TYR B 171 -21.27 16.69 1.50
C TYR B 171 -20.53 15.43 1.04
N PHE B 172 -20.17 14.59 2.00
CA PHE B 172 -19.46 13.35 1.70
C PHE B 172 -20.31 12.41 0.86
N THR B 173 -21.63 12.48 1.04
CA THR B 173 -22.54 11.62 0.28
C THR B 173 -22.76 12.13 -1.14
N VAL B 174 -23.27 13.36 -1.25
CA VAL B 174 -23.52 13.96 -2.56
C VAL B 174 -22.30 13.91 -3.46
N LEU B 175 -21.11 13.94 -2.86
CA LEU B 175 -19.86 13.91 -3.61
C LEU B 175 -19.57 12.50 -4.14
N TRP B 176 -19.49 11.54 -3.22
CA TRP B 176 -19.23 10.15 -3.58
C TRP B 176 -20.29 9.64 -4.55
N ILE B 177 -21.47 10.23 -4.48
CA ILE B 177 -22.57 9.84 -5.36
C ILE B 177 -22.50 10.64 -6.66
N GLY B 178 -21.93 11.84 -6.59
CA GLY B 178 -21.81 12.69 -7.76
C GLY B 178 -21.13 12.00 -8.93
N TYR B 179 -19.95 11.44 -8.69
CA TYR B 179 -19.21 10.76 -9.75
C TYR B 179 -20.06 9.65 -10.39
N PRO B 180 -20.53 8.66 -9.61
CA PRO B 180 -21.35 7.55 -10.14
C PRO B 180 -22.41 8.03 -11.14
N ILE B 181 -23.01 9.18 -10.85
CA ILE B 181 -24.04 9.74 -11.72
C ILE B 181 -23.52 9.98 -13.13
N VAL B 182 -22.43 10.73 -13.22
CA VAL B 182 -21.83 11.05 -14.51
C VAL B 182 -21.50 9.79 -15.30
N TRP B 183 -21.32 8.67 -14.60
CA TRP B 183 -21.00 7.39 -15.25
C TRP B 183 -22.24 6.71 -15.81
N ILE B 184 -23.37 6.89 -15.15
CA ILE B 184 -24.62 6.26 -15.60
C ILE B 184 -25.36 7.15 -16.59
N ILE B 185 -24.63 8.01 -17.30
CA ILE B 185 -25.23 8.90 -18.28
C ILE B 185 -24.43 8.93 -19.57
N GLY B 186 -23.16 8.56 -19.50
CA GLY B 186 -22.31 8.56 -20.68
C GLY B 186 -21.05 7.73 -20.51
N PRO B 187 -20.33 7.45 -21.61
CA PRO B 187 -19.09 6.65 -21.56
C PRO B 187 -17.95 7.39 -20.88
N SER B 188 -17.83 7.18 -19.58
CA SER B 188 -16.77 7.81 -18.79
C SER B 188 -16.79 9.33 -18.96
N GLY B 189 -17.96 9.92 -18.73
CA GLY B 189 -18.08 11.36 -18.87
C GLY B 189 -19.46 11.88 -18.52
N PHE B 190 -20.13 12.47 -19.49
CA PHE B 190 -21.47 13.02 -19.28
C PHE B 190 -22.44 12.50 -20.34
N GLY B 191 -21.90 12.01 -21.44
CA GLY B 191 -22.74 11.49 -22.51
C GLY B 191 -22.51 12.20 -23.83
N TRP B 192 -22.38 11.44 -24.91
CA TRP B 192 -22.16 11.99 -26.22
C TRP B 192 -20.90 12.85 -26.25
N ILE B 193 -20.04 12.69 -25.26
CA ILE B 193 -18.81 13.44 -25.18
C ILE B 193 -17.59 12.53 -25.04
N ASN B 194 -16.51 12.92 -25.70
CA ASN B 194 -15.26 12.15 -25.67
C ASN B 194 -14.07 13.07 -25.92
N GLN B 195 -14.34 14.36 -26.05
CA GLN B 195 -13.29 15.35 -26.30
C GLN B 195 -12.68 15.82 -24.99
N THR B 196 -12.00 16.96 -25.03
CA THR B 196 -11.37 17.51 -23.84
C THR B 196 -12.40 17.78 -22.74
N ILE B 197 -13.64 18.04 -23.15
CA ILE B 197 -14.72 18.31 -22.21
C ILE B 197 -14.90 17.14 -21.24
N ASP B 198 -14.62 15.94 -21.71
CA ASP B 198 -14.75 14.74 -20.89
C ASP B 198 -13.87 14.83 -19.65
N THR B 199 -12.57 15.01 -19.86
CA THR B 199 -11.62 15.11 -18.77
C THR B 199 -11.89 16.36 -17.94
N PHE B 200 -12.39 17.41 -18.59
CA PHE B 200 -12.70 18.66 -17.92
C PHE B 200 -13.75 18.44 -16.83
N LEU B 201 -14.58 17.43 -17.02
CA LEU B 201 -15.64 17.10 -16.06
C LEU B 201 -15.05 16.39 -14.84
N PHE B 202 -14.26 15.35 -15.08
CA PHE B 202 -13.65 14.60 -14.00
C PHE B 202 -12.53 15.38 -13.34
N CYS B 203 -12.17 16.52 -13.93
CA CYS B 203 -11.12 17.37 -13.37
C CYS B 203 -11.72 18.49 -12.51
N LEU B 204 -12.85 19.03 -12.97
CA LEU B 204 -13.52 20.12 -12.27
C LEU B 204 -14.23 19.63 -11.01
N LEU B 205 -14.86 18.47 -11.08
CA LEU B 205 -15.59 17.94 -9.93
C LEU B 205 -14.67 17.80 -8.72
N PRO B 206 -13.51 17.09 -8.83
CA PRO B 206 -12.59 16.94 -7.72
C PRO B 206 -12.13 18.28 -7.17
N PHE B 207 -11.81 19.21 -8.07
CA PHE B 207 -11.40 20.54 -7.67
C PHE B 207 -12.49 21.23 -6.87
N PHE B 208 -13.74 20.91 -7.20
CA PHE B 208 -14.88 21.50 -6.52
C PHE B 208 -15.06 20.88 -5.14
N SER B 209 -14.45 19.71 -4.94
CA SER B 209 -14.53 19.01 -3.67
C SER B 209 -13.31 19.32 -2.80
N VAL B 211 -11.38 21.84 -2.69
CA VAL B 211 -11.48 23.19 -2.13
C VAL B 211 -12.72 23.33 -1.25
N GLY B 212 -13.75 22.53 -1.56
CA GLY B 212 -14.97 22.58 -0.80
C GLY B 212 -14.76 22.25 0.67
N PHE B 213 -14.02 21.18 0.93
CA PHE B 213 -13.73 20.76 2.30
C PHE B 213 -12.73 21.71 2.96
N SER B 214 -11.95 22.40 2.14
CA SER B 214 -10.96 23.35 2.65
C SER B 214 -11.64 24.45 3.47
N PHE B 215 -12.56 25.17 2.83
CA PHE B 215 -13.29 26.23 3.50
C PHE B 215 -14.20 25.66 4.58
N LEU B 216 -14.67 24.44 4.35
CA LEU B 216 -15.54 23.76 5.30
C LEU B 216 -14.83 23.57 6.63
N ASP B 217 -13.58 23.14 6.57
CA ASP B 217 -12.78 22.92 7.77
C ASP B 217 -12.60 24.21 8.55
N LEU B 218 -12.41 25.31 7.82
CA LEU B 218 -12.23 26.63 8.44
C LEU B 218 -13.46 27.02 9.26
N HIS B 219 -14.63 26.53 8.84
CA HIS B 219 -15.88 26.84 9.53
C HIS B 219 -16.11 25.90 10.71
N GLY B 220 -15.83 24.62 10.50
CA GLY B 220 -16.01 23.63 11.54
C GLY B 220 -15.25 23.98 12.81
N LEU B 221 -14.04 24.48 12.64
CA LEU B 221 -13.20 24.86 13.78
C LEU B 221 -13.83 26.00 14.57
N ARG B 222 -14.54 26.88 13.87
CA ARG B 222 -15.18 28.02 14.51
C ARG B 222 -16.46 27.60 15.23
N ASN B 223 -16.31 27.08 16.45
CA ASN B 223 -17.45 26.64 17.24
C ASN B 223 -17.04 26.31 18.67
N LEU B 224 -15.84 25.76 18.81
CA LEU B 224 -15.32 25.39 20.13
C LEU B 224 -13.84 25.06 20.05
N ASN B 225 -12.99 26.00 20.46
CA ASN B 225 -11.55 25.81 20.44
C ASN B 225 -11.03 25.44 21.83
N ASP B 226 -10.25 24.35 21.90
CA ASP B 226 -9.69 23.90 23.16
C ASP B 226 -8.59 22.86 22.92
N SER B 227 -7.35 23.29 23.11
CA SER B 227 -6.21 22.40 22.92
C SER B 227 -4.98 22.92 23.67
N ARG B 228 -4.71 22.32 24.82
CA ARG B 228 -3.57 22.72 25.65
C ARG B 228 -2.27 22.17 25.07
N GLN B 229 -2.14 20.84 25.09
CA GLN B 229 -0.94 20.19 24.59
C GLN B 229 -1.06 19.90 23.10
N MET C 1 17.45 -15.94 -24.25
CA MET C 1 18.69 -16.70 -23.97
C MET C 1 19.92 -15.98 -24.49
N ASN C 2 19.79 -14.67 -24.69
CA ASN C 2 20.88 -13.85 -25.20
C ASN C 2 21.44 -12.96 -24.10
N LEU C 3 20.55 -12.44 -23.26
CA LEU C 3 20.95 -11.57 -22.15
C LEU C 3 21.23 -12.37 -20.89
N GLU C 4 22.38 -12.14 -20.29
CA GLU C 4 22.77 -12.84 -19.06
C GLU C 4 23.75 -12.00 -18.24
N SER C 5 23.26 -11.47 -17.12
CA SER C 5 24.10 -10.65 -16.24
C SER C 5 24.22 -11.28 -14.85
N LEU C 6 25.41 -11.76 -14.53
CA LEU C 6 25.65 -12.39 -13.24
C LEU C 6 25.64 -11.36 -12.12
N LEU C 7 25.60 -10.08 -12.50
CA LEU C 7 25.58 -9.00 -11.52
C LEU C 7 24.34 -9.10 -10.62
N HIS C 8 23.17 -9.20 -11.24
CA HIS C 8 21.92 -9.31 -10.50
C HIS C 8 21.91 -10.58 -9.64
N TRP C 9 22.70 -11.56 -10.05
CA TRP C 9 22.78 -12.83 -9.34
C TRP C 9 23.59 -12.69 -8.06
N ILE C 10 24.70 -11.96 -8.14
CA ILE C 10 25.56 -11.76 -6.96
C ILE C 10 24.96 -10.71 -6.04
N TYR C 11 24.10 -9.86 -6.59
CA TYR C 11 23.45 -8.82 -5.81
C TYR C 11 22.50 -9.44 -4.78
N VAL C 12 21.68 -10.37 -5.24
CA VAL C 12 20.74 -11.06 -4.37
C VAL C 12 21.48 -11.93 -3.36
N ALA C 13 22.62 -12.47 -3.79
CA ALA C 13 23.42 -13.32 -2.94
C ALA C 13 23.98 -12.55 -1.74
N GLY C 14 24.40 -11.31 -2.00
CA GLY C 14 24.94 -10.48 -0.94
C GLY C 14 23.87 -10.02 0.04
N MET C 15 22.63 -9.93 -0.44
CA MET C 15 21.52 -9.52 0.41
C MET C 15 21.06 -10.66 1.30
N THR C 16 21.15 -11.89 0.78
CA THR C 16 20.75 -13.06 1.53
C THR C 16 21.60 -13.23 2.79
N ILE C 17 22.91 -13.19 2.62
CA ILE C 17 23.84 -13.32 3.74
C ILE C 17 23.61 -12.21 4.76
N GLY C 18 23.36 -11.00 4.28
CA GLY C 18 23.14 -9.88 5.17
C GLY C 18 22.17 -10.22 6.28
N ALA C 19 20.97 -10.64 5.90
CA ALA C 19 19.95 -11.01 6.87
C ALA C 19 20.45 -12.11 7.82
N LEU C 20 21.24 -13.02 7.27
CA LEU C 20 21.79 -14.13 8.05
C LEU C 20 22.79 -13.63 9.09
N HIS C 21 23.43 -12.50 8.78
CA HIS C 21 24.42 -11.92 9.69
C HIS C 21 23.79 -11.58 11.03
N PHE C 22 22.47 -11.35 11.02
CA PHE C 22 21.75 -11.01 12.24
C PHE C 22 21.46 -12.27 13.06
N TRP C 23 21.45 -13.41 12.39
CA TRP C 23 21.20 -14.68 13.06
C TRP C 23 22.40 -15.03 13.94
N SER C 24 23.59 -14.68 13.46
CA SER C 24 24.82 -14.93 14.20
C SER C 24 25.08 -13.79 15.19
N LEU C 25 24.69 -12.58 14.81
CA LEU C 25 24.88 -11.40 15.65
C LEU C 25 23.93 -11.45 16.84
N SER C 26 22.86 -12.23 16.70
CA SER C 26 21.87 -12.37 17.76
C SER C 26 22.53 -12.87 19.03
N ARG C 27 23.66 -13.57 18.88
CA ARG C 27 24.40 -14.09 20.03
C ARG C 27 24.51 -13.03 21.11
N ASN C 28 24.69 -11.79 20.68
CA ASN C 28 24.79 -10.67 21.59
C ASN C 28 24.81 -9.35 20.81
N PRO C 29 23.99 -8.36 21.22
CA PRO C 29 23.92 -7.07 20.57
C PRO C 29 24.79 -6.02 21.28
N ARG C 30 24.95 -4.86 20.64
CA ARG C 30 25.77 -3.80 21.22
C ARG C 30 24.91 -2.77 21.96
N GLY C 31 24.27 -3.21 23.04
CA GLY C 31 23.44 -2.32 23.82
C GLY C 31 22.05 -2.14 23.22
N VAL C 32 22.01 -1.89 21.92
CA VAL C 32 20.74 -1.69 21.23
C VAL C 32 20.18 -3.01 20.72
N PRO C 33 18.88 -3.29 20.98
CA PRO C 33 18.24 -4.54 20.54
C PRO C 33 18.26 -4.69 19.02
N GLN C 34 18.14 -5.94 18.56
CA GLN C 34 18.16 -6.25 17.14
C GLN C 34 17.00 -5.60 16.38
N TYR C 35 15.97 -5.15 17.10
CA TYR C 35 14.81 -4.52 16.48
C TYR C 35 15.22 -3.56 15.36
N GLU C 36 16.29 -2.80 15.60
CA GLU C 36 16.78 -1.84 14.61
C GLU C 36 17.32 -2.58 13.39
N TYR C 37 18.07 -3.64 13.62
CA TYR C 37 18.65 -4.43 12.55
C TYR C 37 17.55 -5.25 11.86
N LEU C 38 16.42 -5.42 12.53
CA LEU C 38 15.31 -6.17 11.98
C LEU C 38 14.75 -5.47 10.75
N VAL C 39 14.50 -4.16 10.88
CA VAL C 39 13.99 -3.39 9.76
C VAL C 39 15.02 -3.35 8.63
N ALA C 40 16.29 -3.21 9.01
CA ALA C 40 17.39 -3.17 8.04
C ALA C 40 17.61 -4.54 7.43
N MET C 41 16.91 -5.54 7.97
CA MET C 41 17.02 -6.92 7.48
C MET C 41 16.04 -7.16 6.33
N PHE C 42 14.87 -6.54 6.43
CA PHE C 42 13.84 -6.69 5.41
C PHE C 42 14.24 -5.97 4.12
N ILE C 43 14.91 -4.82 4.28
CA ILE C 43 15.34 -4.04 3.12
C ILE C 43 16.07 -4.89 2.07
N PRO C 44 17.14 -5.64 2.45
CA PRO C 44 17.89 -6.47 1.51
C PRO C 44 17.11 -7.71 1.06
N ILE C 45 16.29 -8.25 1.95
CA ILE C 45 15.52 -9.45 1.65
C ILE C 45 14.70 -9.28 0.37
N TRP C 46 13.76 -8.34 0.38
CA TRP C 46 12.92 -8.09 -0.78
C TRP C 46 13.73 -7.56 -1.96
N SER C 47 14.59 -6.59 -1.67
CA SER C 47 15.42 -5.98 -2.70
C SER C 47 16.36 -7.02 -3.32
N GLY C 48 16.44 -8.19 -2.71
CA GLY C 48 17.29 -9.24 -3.22
C GLY C 48 16.62 -10.07 -4.29
N LEU C 49 15.44 -10.60 -3.98
CA LEU C 49 14.70 -11.43 -4.92
C LEU C 49 14.38 -10.65 -6.19
N ALA C 50 14.17 -9.35 -6.05
CA ALA C 50 13.86 -8.49 -7.19
C ALA C 50 14.96 -8.54 -8.24
N TYR C 51 16.17 -8.18 -7.84
CA TYR C 51 17.32 -8.18 -8.74
C TYR C 51 17.55 -9.57 -9.32
N MET C 52 17.49 -10.59 -8.47
CA MET C 52 17.70 -11.97 -8.91
C MET C 52 16.85 -12.27 -10.14
N ALA C 53 15.70 -11.59 -10.23
CA ALA C 53 14.80 -11.77 -11.35
C ALA C 53 15.37 -11.14 -12.61
N MET C 54 15.87 -9.92 -12.49
CA MET C 54 16.46 -9.22 -13.63
C MET C 54 17.57 -10.06 -14.27
N ALA C 55 18.09 -11.01 -13.51
CA ALA C 55 19.14 -11.89 -13.99
C ALA C 55 18.55 -12.98 -14.88
N ILE C 56 17.47 -13.59 -14.39
CA ILE C 56 16.81 -14.65 -15.14
C ILE C 56 15.82 -14.07 -16.15
N ASP C 57 15.91 -12.74 -16.35
CA ASP C 57 15.05 -12.05 -17.30
C ASP C 57 13.58 -12.15 -16.88
N GLN C 58 13.28 -11.64 -15.70
CA GLN C 58 11.90 -11.66 -15.18
C GLN C 58 11.57 -10.39 -14.42
N GLY C 59 10.31 -10.02 -14.41
CA GLY C 59 9.88 -8.82 -13.72
C GLY C 59 9.87 -7.60 -14.62
N LYS C 60 9.80 -7.83 -15.93
CA LYS C 60 9.79 -6.74 -16.89
C LYS C 60 8.71 -6.96 -17.94
N VAL C 61 7.97 -5.90 -18.25
CA VAL C 61 6.90 -5.97 -19.25
C VAL C 61 7.14 -5.00 -20.39
N GLU C 62 6.92 -5.45 -21.61
CA GLU C 62 7.12 -4.63 -22.80
C GLU C 62 5.78 -4.07 -23.30
N ALA C 63 5.46 -2.86 -22.86
CA ALA C 63 4.21 -2.22 -23.27
C ALA C 63 4.45 -1.24 -24.42
N ALA C 64 3.59 -1.30 -25.43
CA ALA C 64 3.72 -0.43 -26.59
C ALA C 64 5.04 -0.65 -27.31
N GLY C 65 5.54 -1.88 -27.24
CA GLY C 65 6.79 -2.21 -27.89
C GLY C 65 8.00 -1.67 -27.15
N GLN C 66 7.73 -0.96 -26.04
CA GLN C 66 8.80 -0.38 -25.23
C GLN C 66 9.03 -1.20 -23.96
N ILE C 67 10.26 -1.68 -23.79
CA ILE C 67 10.61 -2.47 -22.62
C ILE C 67 10.64 -1.59 -21.36
N ALA C 68 9.78 -1.93 -20.40
CA ALA C 68 9.71 -1.18 -19.15
C ALA C 68 10.31 -1.98 -18.00
N HIS C 69 11.14 -1.32 -17.19
CA HIS C 69 11.76 -1.97 -16.05
C HIS C 69 10.84 -1.96 -14.84
N TYR C 70 9.84 -2.84 -14.87
CA TYR C 70 8.88 -2.94 -13.78
C TYR C 70 9.56 -3.31 -12.46
N ALA C 71 10.47 -4.28 -12.52
CA ALA C 71 11.17 -4.75 -11.33
C ALA C 71 12.10 -3.67 -10.78
N ARG C 72 12.50 -2.73 -11.62
CA ARG C 72 13.39 -1.66 -11.22
C ARG C 72 12.73 -0.68 -10.25
N TYR C 73 11.56 -0.17 -10.61
CA TYR C 73 10.86 0.80 -9.76
C TYR C 73 10.04 0.12 -8.67
N ILE C 74 9.49 -1.07 -8.97
CA ILE C 74 8.69 -1.78 -7.99
C ILE C 74 9.49 -2.01 -6.70
N ASP C 75 10.76 -2.34 -6.85
CA ASP C 75 11.61 -2.54 -5.70
C ASP C 75 11.83 -1.21 -5.00
N TRP C 76 11.71 -0.14 -5.77
CA TRP C 76 11.88 1.21 -5.25
C TRP C 76 10.58 1.73 -4.68
N MET C 77 9.60 0.84 -4.57
CA MET C 77 8.30 1.18 -4.01
C MET C 77 8.16 0.63 -2.60
N VAL C 78 8.94 -0.40 -2.30
CA VAL C 78 8.92 -1.02 -0.99
C VAL C 78 10.24 -0.83 -0.25
N THR C 79 11.33 -0.72 -1.00
CA THR C 79 12.66 -0.54 -0.41
C THR C 79 12.93 0.92 -0.09
N THR C 80 12.60 1.80 -1.04
CA THR C 80 12.83 3.24 -0.87
C THR C 80 12.14 3.77 0.40
N PRO C 81 10.84 3.47 0.61
CA PRO C 81 10.11 3.94 1.79
C PRO C 81 10.78 3.51 3.10
N LEU C 82 11.14 2.24 3.18
CA LEU C 82 11.79 1.69 4.37
C LEU C 82 13.24 2.14 4.45
N LEU C 83 13.75 2.72 3.37
CA LEU C 83 15.13 3.21 3.33
C LEU C 83 15.24 4.51 4.10
N LEU C 84 14.32 5.43 3.83
CA LEU C 84 14.30 6.73 4.49
C LEU C 84 13.70 6.62 5.88
N LEU C 85 12.76 5.70 6.02
CA LEU C 85 12.08 5.48 7.29
C LEU C 85 13.03 4.86 8.32
N SER C 86 13.90 3.96 7.84
CA SER C 86 14.86 3.30 8.72
C SER C 86 15.78 4.32 9.38
N LEU C 87 15.86 5.50 8.79
CA LEU C 87 16.71 6.56 9.31
C LEU C 87 16.08 7.21 10.53
N SER C 88 14.75 7.31 10.54
CA SER C 88 14.03 7.91 11.65
C SER C 88 14.01 6.98 12.86
N TRP C 89 14.11 5.68 12.60
CA TRP C 89 14.11 4.70 13.68
C TRP C 89 15.44 4.70 14.43
N THR C 90 16.53 4.88 13.68
CA THR C 90 17.86 4.90 14.26
C THR C 90 18.07 6.13 15.15
N ALA C 91 17.45 7.23 14.77
CA ALA C 91 17.57 8.47 15.54
C ALA C 91 16.62 8.47 16.74
N MET C 92 15.36 8.10 16.49
CA MET C 92 14.36 8.06 17.56
C MET C 92 14.39 6.72 18.29
N GLN C 93 15.03 6.71 19.46
CA GLN C 93 15.13 5.50 20.26
C GLN C 93 13.87 5.31 21.12
N PHE C 94 13.39 6.40 21.70
CA PHE C 94 12.20 6.36 22.55
C PHE C 94 11.07 7.16 21.93
N ILE C 95 9.86 6.63 22.04
CA ILE C 95 8.67 7.30 21.51
C ILE C 95 7.53 7.29 22.53
N LYS C 96 6.78 8.39 22.59
CA LYS C 96 5.66 8.50 23.52
C LYS C 96 4.35 8.73 22.78
N LYS C 97 4.09 9.97 22.39
CA LYS C 97 2.87 10.33 21.68
C LYS C 97 3.13 11.40 20.64
N ASP C 98 3.31 10.99 19.39
CA ASP C 98 3.58 11.92 18.29
C ASP C 98 3.56 11.20 16.95
N TRP C 99 2.36 10.94 16.43
CA TRP C 99 2.22 10.25 15.15
C TRP C 99 2.08 11.26 14.02
N THR C 100 2.88 12.31 14.05
CA THR C 100 2.83 13.35 13.03
C THR C 100 3.97 13.20 12.03
N LEU C 101 5.16 12.87 12.52
CA LEU C 101 6.32 12.70 11.66
C LEU C 101 6.19 11.46 10.79
N ILE C 102 5.60 10.41 11.34
CA ILE C 102 5.41 9.15 10.61
C ILE C 102 4.62 9.38 9.33
N GLY C 103 3.58 10.22 9.41
CA GLY C 103 2.76 10.49 8.25
C GLY C 103 3.46 11.38 7.24
N PHE C 104 4.30 12.30 7.72
CA PHE C 104 5.04 13.20 6.86
C PHE C 104 5.94 12.43 5.91
N LEU C 105 6.76 11.55 6.46
CA LEU C 105 7.69 10.75 5.67
C LEU C 105 6.95 9.86 4.69
N MET C 106 5.87 9.24 5.16
CA MET C 106 5.09 8.34 4.33
C MET C 106 4.50 9.06 3.11
N SER C 107 4.19 10.34 3.27
CA SER C 107 3.63 11.13 2.18
C SER C 107 4.69 11.58 1.20
N THR C 108 5.82 12.05 1.73
CA THR C 108 6.92 12.54 0.91
C THR C 108 7.54 11.42 0.07
N GLN C 109 7.55 10.21 0.62
CA GLN C 109 8.13 9.07 -0.07
C GLN C 109 7.28 8.63 -1.26
N ILE C 110 5.97 8.54 -1.04
CA ILE C 110 5.05 8.13 -2.10
C ILE C 110 5.17 9.04 -3.33
N VAL C 111 5.43 10.32 -3.08
CA VAL C 111 5.58 11.30 -4.16
C VAL C 111 6.83 11.02 -4.99
N VAL C 112 7.96 10.82 -4.30
CA VAL C 112 9.23 10.56 -4.97
C VAL C 112 9.18 9.29 -5.82
N ILE C 113 8.68 8.21 -5.23
CA ILE C 113 8.59 6.94 -5.93
C ILE C 113 7.70 7.05 -7.17
N THR C 114 6.67 7.89 -7.07
CA THR C 114 5.75 8.10 -8.19
C THR C 114 6.49 8.60 -9.42
N SER C 115 7.32 9.63 -9.23
CA SER C 115 8.08 10.20 -10.32
C SER C 115 9.13 9.22 -10.82
N GLY C 116 9.51 8.27 -9.98
CA GLY C 116 10.51 7.29 -10.35
C GLY C 116 9.97 6.19 -11.25
N LEU C 117 8.72 5.81 -11.04
CA LEU C 117 8.09 4.76 -11.84
C LEU C 117 7.60 5.29 -13.17
N ILE C 118 7.20 6.56 -13.20
CA ILE C 118 6.70 7.19 -14.42
C ILE C 118 7.85 7.63 -15.32
N ALA C 119 8.99 7.96 -14.71
CA ALA C 119 10.16 8.40 -15.47
C ALA C 119 10.59 7.34 -16.47
N ASP C 120 10.50 6.08 -16.07
CA ASP C 120 10.89 4.97 -16.94
C ASP C 120 9.76 4.62 -17.90
N LEU C 121 8.56 5.09 -17.59
CA LEU C 121 7.39 4.83 -18.43
C LEU C 121 7.19 5.94 -19.46
N SER C 122 8.30 6.59 -19.82
CA SER C 122 8.25 7.68 -20.80
C SER C 122 8.28 7.13 -22.22
N GLU C 123 7.53 7.77 -23.12
CA GLU C 123 7.47 7.35 -24.52
C GLU C 123 8.22 8.32 -25.41
N ARG C 124 8.06 9.62 -25.14
CA ARG C 124 8.74 10.65 -25.92
C ARG C 124 9.99 11.13 -25.20
N ASP C 125 11.03 11.41 -25.96
CA ASP C 125 12.30 11.88 -25.40
C ASP C 125 12.22 13.34 -24.95
N TRP C 126 11.14 14.02 -25.35
CA TRP C 126 10.96 15.42 -24.99
C TRP C 126 10.18 15.56 -23.68
N VAL C 127 9.10 14.79 -23.56
CA VAL C 127 8.27 14.83 -22.36
C VAL C 127 9.01 14.27 -21.16
N ARG C 128 10.00 13.42 -21.42
CA ARG C 128 10.79 12.81 -20.34
C ARG C 128 11.53 13.87 -19.53
N TYR C 129 11.90 14.96 -20.19
CA TYR C 129 12.62 16.05 -19.53
C TYR C 129 11.69 16.82 -18.60
N LEU C 130 10.39 16.69 -18.82
CA LEU C 130 9.41 17.39 -18.01
C LEU C 130 9.20 16.66 -16.67
N TRP C 131 8.85 15.37 -16.74
CA TRP C 131 8.62 14.58 -15.54
C TRP C 131 9.89 14.52 -14.68
N TYR C 132 11.05 14.54 -15.34
CA TYR C 132 12.32 14.50 -14.64
C TYR C 132 12.42 15.64 -13.64
N ILE C 133 12.08 16.84 -14.08
CA ILE C 133 12.14 18.03 -13.24
C ILE C 133 11.08 17.95 -12.14
N CYS C 134 9.97 17.28 -12.44
CA CYS C 134 8.88 17.13 -11.47
C CYS C 134 9.33 16.32 -10.28
N GLY C 135 10.10 15.26 -10.53
CA GLY C 135 10.57 14.41 -9.46
C GLY C 135 11.53 15.13 -8.53
N VAL C 136 12.59 15.71 -9.09
CA VAL C 136 13.58 16.43 -8.30
C VAL C 136 12.96 17.60 -7.56
N CYS C 137 11.98 18.25 -8.20
CA CYS C 137 11.31 19.39 -7.60
C CYS C 137 10.61 19.00 -6.30
N ALA C 138 10.01 17.82 -6.29
CA ALA C 138 9.31 17.33 -5.11
C ALA C 138 10.29 17.07 -3.97
N PHE C 139 11.50 16.62 -4.32
CA PHE C 139 12.52 16.33 -3.32
C PHE C 139 13.14 17.62 -2.80
N LEU C 140 13.17 18.65 -3.65
CA LEU C 140 13.75 19.93 -3.27
C LEU C 140 12.89 20.65 -2.22
N ILE C 141 11.58 20.69 -2.46
CA ILE C 141 10.66 21.35 -1.54
C ILE C 141 10.68 20.69 -0.16
N ILE C 142 10.71 19.36 -0.15
CA ILE C 142 10.72 18.62 1.11
C ILE C 142 12.11 18.66 1.76
N LEU C 143 13.14 18.81 0.94
CA LEU C 143 14.52 18.86 1.44
C LEU C 143 14.73 20.12 2.28
N TRP C 144 14.34 21.26 1.72
CA TRP C 144 14.51 22.54 2.42
C TRP C 144 13.57 22.62 3.62
N GLY C 145 12.47 21.88 3.56
CA GLY C 145 11.51 21.88 4.64
C GLY C 145 11.89 20.93 5.77
N ILE C 146 12.78 20.00 5.48
CA ILE C 146 13.22 19.03 6.48
C ILE C 146 14.57 19.43 7.09
N TRP C 147 15.25 20.36 6.43
CA TRP C 147 16.55 20.83 6.90
C TRP C 147 16.41 21.77 8.09
N ASN C 148 15.48 22.71 7.99
CA ASN C 148 15.24 23.69 9.05
C ASN C 148 14.88 23.02 10.38
N PRO C 149 13.89 22.09 10.40
CA PRO C 149 13.49 21.40 11.64
C PRO C 149 14.57 20.49 12.18
N LEU C 150 15.70 20.41 11.49
CA LEU C 150 16.81 19.56 11.92
C LEU C 150 18.11 20.34 12.01
N ARG C 151 18.03 21.55 12.56
CA ARG C 151 19.21 22.41 12.71
C ARG C 151 18.89 23.61 13.59
N ALA C 152 17.97 24.45 13.12
CA ALA C 152 17.58 25.64 13.87
C ALA C 152 16.55 25.32 14.93
N LYS C 153 15.57 24.49 14.59
CA LYS C 153 14.51 24.10 15.51
C LYS C 153 15.04 23.11 16.55
N THR C 154 16.24 22.60 16.33
CA THR C 154 16.85 21.63 17.24
C THR C 154 17.91 22.28 18.13
N ARG C 155 18.06 23.60 18.02
CA ARG C 155 19.02 24.33 18.82
C ARG C 155 18.64 24.31 20.30
N THR C 156 17.35 24.38 20.56
CA THR C 156 16.85 24.37 21.93
C THR C 156 16.48 22.95 22.38
N GLN C 157 16.09 22.13 21.41
CA GLN C 157 15.72 20.75 21.70
C GLN C 157 16.91 19.95 22.19
N SER C 158 17.81 19.62 21.27
CA SER C 158 19.00 18.85 21.60
C SER C 158 20.09 19.06 20.56
N SER C 159 21.25 19.52 21.02
CA SER C 159 22.37 19.78 20.12
C SER C 159 23.07 18.47 19.73
N GLU C 160 23.03 17.49 20.64
CA GLU C 160 23.66 16.20 20.39
C GLU C 160 22.99 15.47 19.23
N LEU C 161 21.69 15.27 19.34
CA LEU C 161 20.93 14.58 18.29
C LEU C 161 20.98 15.37 16.98
N ALA C 162 21.30 16.65 17.08
CA ALA C 162 21.38 17.51 15.89
C ALA C 162 22.61 17.18 15.06
N ASN C 163 23.72 16.85 15.73
CA ASN C 163 24.96 16.52 15.04
C ASN C 163 24.87 15.16 14.37
N LEU C 164 24.22 14.21 15.05
CA LEU C 164 24.06 12.86 14.53
C LEU C 164 23.29 12.87 13.21
N TYR C 165 22.13 13.53 13.22
CA TYR C 165 21.29 13.61 12.04
C TYR C 165 21.95 14.45 10.95
N ASP C 166 22.79 15.39 11.35
CA ASP C 166 23.48 16.26 10.41
C ASP C 166 24.35 15.44 9.45
N LYS C 167 24.98 14.41 9.99
CA LYS C 167 25.84 13.54 9.19
C LYS C 167 25.02 12.48 8.47
N LEU C 168 23.81 12.23 8.98
CA LEU C 168 22.92 11.23 8.41
C LEU C 168 22.36 11.72 7.07
N VAL C 169 21.71 12.87 7.09
CA VAL C 169 21.12 13.44 5.88
C VAL C 169 22.19 13.74 4.83
N THR C 170 23.44 13.88 5.29
CA THR C 170 24.55 14.17 4.39
C THR C 170 24.58 13.22 3.20
N TYR C 171 24.65 11.93 3.50
CA TYR C 171 24.68 10.92 2.45
C TYR C 171 23.29 10.73 1.83
N PHE C 172 22.26 11.03 2.62
CA PHE C 172 20.88 10.91 2.15
C PHE C 172 20.63 11.78 0.93
N THR C 173 21.18 12.99 0.93
CA THR C 173 20.98 13.90 -0.20
C THR C 173 21.87 13.53 -1.38
N VAL C 174 23.13 13.20 -1.11
CA VAL C 174 24.06 12.83 -2.17
C VAL C 174 23.55 11.65 -2.99
N LEU C 175 22.96 10.67 -2.31
CA LEU C 175 22.44 9.48 -2.97
C LEU C 175 21.16 9.80 -3.74
N TRP C 176 20.19 10.41 -3.06
CA TRP C 176 18.92 10.76 -3.70
C TRP C 176 19.15 11.63 -4.93
N ILE C 177 20.23 12.41 -4.91
CA ILE C 177 20.57 13.27 -6.02
C ILE C 177 21.42 12.51 -7.03
N GLY C 178 22.10 11.47 -6.57
CA GLY C 178 22.94 10.66 -7.43
C GLY C 178 22.20 10.09 -8.62
N TYR C 179 21.06 9.45 -8.37
CA TYR C 179 20.28 8.86 -9.46
C TYR C 179 19.88 9.92 -10.50
N PRO C 180 19.22 11.03 -10.09
CA PRO C 180 18.82 12.09 -11.03
C PRO C 180 19.96 12.49 -11.97
N ILE C 181 21.19 12.34 -11.51
CA ILE C 181 22.36 12.68 -12.32
C ILE C 181 22.49 11.76 -13.52
N VAL C 182 22.58 10.45 -13.24
CA VAL C 182 22.73 9.47 -14.30
C VAL C 182 21.61 9.57 -15.34
N TRP C 183 20.48 10.13 -14.91
CA TRP C 183 19.31 10.27 -15.79
C TRP C 183 19.51 11.37 -16.83
N ILE C 184 19.84 12.58 -16.38
CA ILE C 184 20.02 13.72 -17.29
C ILE C 184 21.04 13.41 -18.40
N ILE C 185 21.99 12.52 -18.12
CA ILE C 185 23.00 12.16 -19.10
C ILE C 185 22.36 11.57 -20.35
N GLY C 186 21.81 10.39 -20.21
CA GLY C 186 21.18 9.70 -21.32
C GLY C 186 20.67 8.32 -20.94
N PRO C 187 21.52 7.47 -20.32
CA PRO C 187 21.13 6.12 -19.90
C PRO C 187 19.71 6.07 -19.35
N SER C 188 19.07 4.92 -19.50
CA SER C 188 17.70 4.73 -19.03
C SER C 188 16.79 5.75 -19.71
N GLY C 189 17.29 6.31 -20.80
CA GLY C 189 16.54 7.30 -21.56
C GLY C 189 17.29 7.74 -22.80
N PHE C 190 17.90 6.78 -23.49
CA PHE C 190 18.64 7.05 -24.72
C PHE C 190 19.91 7.85 -24.41
N GLY C 191 21.03 7.15 -24.25
CA GLY C 191 22.29 7.81 -23.97
C GLY C 191 23.48 7.03 -24.50
N TRP C 192 24.68 7.40 -24.06
CA TRP C 192 25.90 6.73 -24.50
C TRP C 192 25.90 5.27 -24.05
N ILE C 193 25.16 4.99 -22.98
CA ILE C 193 25.07 3.63 -22.44
C ILE C 193 23.70 3.02 -22.71
N ASN C 194 23.66 1.70 -22.86
CA ASN C 194 22.41 0.99 -23.12
C ASN C 194 22.57 -0.51 -22.88
N GLN C 195 23.79 -1.00 -23.03
CA GLN C 195 24.08 -2.41 -22.84
C GLN C 195 23.92 -2.82 -21.38
N THR C 196 24.47 -3.99 -21.02
CA THR C 196 24.38 -4.48 -19.65
C THR C 196 24.95 -3.46 -18.66
N ILE C 197 25.82 -2.57 -19.16
CA ILE C 197 26.41 -1.55 -18.32
C ILE C 197 25.35 -0.64 -17.73
N ASP C 198 24.32 -0.35 -18.52
CA ASP C 198 23.23 0.51 -18.07
C ASP C 198 22.65 -0.02 -16.76
N THR C 199 22.30 -1.30 -16.75
CA THR C 199 21.73 -1.93 -15.56
C THR C 199 22.80 -2.11 -14.49
N PHE C 200 24.06 -2.11 -14.91
CA PHE C 200 25.18 -2.26 -14.00
C PHE C 200 25.34 -1.02 -13.12
N LEU C 201 24.89 0.12 -13.64
CA LEU C 201 25.00 1.38 -12.92
C LEU C 201 23.87 1.50 -11.89
N PHE C 202 22.63 1.28 -12.34
CA PHE C 202 21.47 1.36 -11.45
C PHE C 202 21.47 0.23 -10.43
N CYS C 203 22.36 -0.74 -10.62
CA CYS C 203 22.48 -1.86 -9.70
C CYS C 203 23.59 -1.63 -8.69
N LEU C 204 24.70 -1.06 -9.17
CA LEU C 204 25.86 -0.79 -8.33
C LEU C 204 25.61 0.37 -7.36
N LEU C 205 24.88 1.39 -7.82
CA LEU C 205 24.60 2.55 -6.97
C LEU C 205 23.83 2.15 -5.71
N PRO C 206 22.67 1.45 -5.82
CA PRO C 206 21.90 1.03 -4.65
C PRO C 206 22.74 0.18 -3.70
N PHE C 207 23.56 -0.69 -4.28
CA PHE C 207 24.43 -1.54 -3.48
C PHE C 207 25.38 -0.71 -2.64
N PHE C 208 25.75 0.47 -3.15
CA PHE C 208 26.64 1.37 -2.44
C PHE C 208 25.88 2.16 -1.38
N SER C 209 24.56 2.27 -1.58
CA SER C 209 23.70 3.00 -0.64
C SER C 209 23.24 2.08 0.49
N VAL C 211 24.54 -0.66 1.56
CA VAL C 211 25.68 -1.04 2.39
C VAL C 211 26.28 0.18 3.08
N GLY C 212 26.14 1.33 2.45
CA GLY C 212 26.68 2.56 3.03
C GLY C 212 26.09 2.87 4.39
N PHE C 213 24.76 2.88 4.47
CA PHE C 213 24.08 3.17 5.73
C PHE C 213 24.26 2.05 6.73
N SER C 214 24.57 0.85 6.24
CA SER C 214 24.79 -0.31 7.10
C SER C 214 25.89 -0.02 8.12
N PHE C 215 27.09 0.22 7.62
CA PHE C 215 28.23 0.52 8.48
C PHE C 215 28.06 1.86 9.19
N LEU C 216 27.31 2.76 8.55
CA LEU C 216 27.06 4.07 9.12
C LEU C 216 26.32 3.93 10.44
N ASP C 217 25.32 3.06 10.47
CA ASP C 217 24.54 2.82 11.67
C ASP C 217 25.41 2.18 12.75
N LEU C 218 26.36 1.36 12.32
CA LEU C 218 27.26 0.69 13.26
C LEU C 218 28.15 1.70 13.98
N HIS C 219 28.51 2.78 13.29
CA HIS C 219 29.35 3.82 13.86
C HIS C 219 28.51 4.86 14.60
N GLY C 220 27.23 4.93 14.26
CA GLY C 220 26.34 5.89 14.88
C GLY C 220 25.91 5.46 16.28
N LEU C 221 25.92 4.15 16.52
CA LEU C 221 25.51 3.62 17.82
C LEU C 221 26.60 3.85 18.86
N ARG C 222 27.83 4.09 18.40
CA ARG C 222 28.96 4.31 19.29
C ARG C 222 29.10 5.79 19.63
N ASN C 223 28.30 6.24 20.59
CA ASN C 223 28.33 7.64 21.01
C ASN C 223 27.61 7.81 22.36
N LEU C 224 26.59 7.00 22.56
CA LEU C 224 25.82 7.05 23.81
C LEU C 224 24.81 5.90 23.86
N ASN C 225 25.08 4.91 24.71
CA ASN C 225 24.20 3.77 24.85
C ASN C 225 23.36 3.88 26.12
N ASP C 226 22.04 3.72 25.97
CA ASP C 226 21.12 3.81 27.10
C ASP C 226 19.83 3.06 26.81
N SER C 227 19.75 1.81 27.24
CA SER C 227 18.56 1.00 27.03
C SER C 227 18.20 0.23 28.29
N ARG C 228 17.02 0.50 28.83
CA ARG C 228 16.56 -0.16 30.04
C ARG C 228 15.44 -1.15 29.73
N GLN C 229 14.42 -0.67 29.04
CA GLN C 229 13.28 -1.51 28.67
C GLN C 229 12.85 -1.27 27.23
N MET A 1 -13.39 -14.04 -24.12
CA MET A 1 -14.34 -13.22 -24.91
C MET A 1 -15.70 -13.91 -24.99
N ASN A 2 -15.69 -15.24 -24.87
CA ASN A 2 -16.92 -16.03 -24.93
C ASN A 2 -17.02 -16.99 -23.74
N LEU A 3 -16.12 -16.82 -22.77
CA LEU A 3 -16.12 -17.68 -21.59
C LEU A 3 -17.09 -17.16 -20.54
N GLU A 4 -17.83 -18.06 -19.92
CA GLU A 4 -18.79 -17.69 -18.90
C GLU A 4 -18.90 -18.76 -17.82
N SER A 5 -18.80 -18.34 -16.56
CA SER A 5 -18.87 -19.26 -15.43
C SER A 5 -19.69 -18.66 -14.29
N LEU A 6 -20.64 -19.42 -13.78
CA LEU A 6 -21.48 -18.96 -12.68
C LEU A 6 -20.92 -19.44 -11.34
N LEU A 7 -19.77 -20.10 -11.39
CA LEU A 7 -19.12 -20.60 -10.17
C LEU A 7 -18.52 -19.45 -9.38
N HIS A 8 -17.92 -18.50 -10.08
CA HIS A 8 -17.32 -17.34 -9.43
C HIS A 8 -18.40 -16.36 -9.00
N TRP A 9 -19.53 -16.39 -9.70
CA TRP A 9 -20.65 -15.51 -9.39
C TRP A 9 -21.31 -15.92 -8.07
N ILE A 10 -21.63 -17.21 -7.95
CA ILE A 10 -22.25 -17.72 -6.73
C ILE A 10 -21.34 -17.47 -5.53
N TYR A 11 -20.03 -17.49 -5.80
CA TYR A 11 -19.03 -17.25 -4.77
C TYR A 11 -19.30 -15.90 -4.12
N VAL A 12 -19.58 -14.92 -4.97
CA VAL A 12 -19.87 -13.56 -4.53
C VAL A 12 -21.05 -13.54 -3.55
N ALA A 13 -22.13 -14.20 -3.93
CA ALA A 13 -23.32 -14.27 -3.09
C ALA A 13 -23.01 -14.90 -1.74
N GLY A 14 -22.14 -15.91 -1.76
CA GLY A 14 -21.77 -16.59 -0.53
C GLY A 14 -21.08 -15.66 0.46
N MET A 15 -20.24 -14.76 -0.05
CA MET A 15 -19.53 -13.83 0.81
C MET A 15 -20.48 -12.80 1.40
N THR A 16 -21.43 -12.33 0.58
CA THR A 16 -22.40 -11.34 1.02
C THR A 16 -23.17 -11.82 2.25
N ILE A 17 -23.85 -12.96 2.10
CA ILE A 17 -24.62 -13.54 3.20
C ILE A 17 -23.73 -13.82 4.40
N GLY A 18 -22.43 -13.99 4.14
CA GLY A 18 -21.50 -14.26 5.21
C GLY A 18 -21.53 -13.19 6.29
N ALA A 19 -21.10 -11.98 5.93
CA ALA A 19 -21.09 -10.86 6.86
C ALA A 19 -22.46 -10.65 7.49
N LEU A 20 -23.51 -10.92 6.70
CA LEU A 20 -24.88 -10.76 7.18
C LEU A 20 -25.12 -11.61 8.43
N HIS A 21 -24.70 -12.87 8.37
CA HIS A 21 -24.87 -13.78 9.50
C HIS A 21 -24.09 -13.29 10.72
N PHE A 22 -22.92 -12.68 10.45
CA PHE A 22 -22.08 -12.17 11.52
C PHE A 22 -22.72 -10.94 12.17
N TRP A 23 -23.62 -10.29 11.44
CA TRP A 23 -24.31 -9.10 11.95
C TRP A 23 -25.38 -9.48 12.96
N SER A 24 -26.04 -10.61 12.73
CA SER A 24 -27.09 -11.09 13.62
C SER A 24 -26.51 -11.53 14.96
N LEU A 25 -25.38 -12.22 14.91
CA LEU A 25 -24.72 -12.70 16.12
C LEU A 25 -23.80 -11.61 16.68
N SER A 26 -23.74 -10.48 15.99
CA SER A 26 -22.90 -9.37 16.41
C SER A 26 -23.34 -8.83 17.76
N ARG A 27 -24.57 -9.18 18.17
CA ARG A 27 -25.11 -8.73 19.45
C ARG A 27 -24.04 -8.92 20.53
N ASN A 28 -23.35 -10.04 20.43
CA ASN A 28 -22.28 -10.39 21.34
C ASN A 28 -21.64 -11.71 20.91
N PRO A 29 -20.30 -11.76 20.82
CA PRO A 29 -19.60 -12.97 20.42
C PRO A 29 -19.20 -13.83 21.62
N ARG A 30 -18.13 -14.58 21.49
CA ARG A 30 -17.66 -15.44 22.57
C ARG A 30 -17.37 -14.62 23.82
N GLY A 31 -17.31 -13.30 23.66
CA GLY A 31 -17.04 -12.40 24.76
C GLY A 31 -15.85 -11.52 24.51
N VAL A 32 -15.66 -11.15 23.25
CA VAL A 32 -14.56 -10.29 22.85
C VAL A 32 -15.04 -9.10 22.03
N PRO A 33 -14.26 -8.00 22.01
CA PRO A 33 -14.63 -6.80 21.26
C PRO A 33 -14.96 -7.07 19.81
N GLN A 34 -15.57 -6.08 19.16
CA GLN A 34 -15.95 -6.19 17.75
C GLN A 34 -14.79 -6.55 16.85
N TYR A 35 -13.56 -6.36 17.35
CA TYR A 35 -12.36 -6.65 16.57
C TYR A 35 -12.49 -7.98 15.83
N GLU A 36 -13.20 -8.93 16.43
CA GLU A 36 -13.40 -10.24 15.82
C GLU A 36 -14.14 -10.10 14.49
N TYR A 37 -15.24 -9.36 14.51
CA TYR A 37 -16.05 -9.14 13.31
C TYR A 37 -15.37 -8.14 12.38
N LEU A 38 -14.45 -7.35 12.92
CA LEU A 38 -13.74 -6.36 12.13
C LEU A 38 -13.02 -7.01 10.95
N VAL A 39 -12.07 -7.89 11.26
CA VAL A 39 -11.31 -8.59 10.22
C VAL A 39 -12.21 -9.53 9.42
N ALA A 40 -13.15 -10.17 10.11
CA ALA A 40 -14.07 -11.10 9.47
C ALA A 40 -15.03 -10.37 8.55
N MET A 41 -15.01 -9.04 8.61
CA MET A 41 -15.89 -8.22 7.78
C MET A 41 -15.23 -7.89 6.44
N PHE A 42 -13.96 -7.49 6.49
CA PHE A 42 -13.23 -7.11 5.28
C PHE A 42 -12.89 -8.31 4.40
N ILE A 43 -12.45 -9.40 5.01
CA ILE A 43 -12.08 -10.61 4.27
C ILE A 43 -13.13 -11.03 3.24
N PRO A 44 -14.41 -11.18 3.64
CA PRO A 44 -15.48 -11.59 2.73
C PRO A 44 -15.89 -10.49 1.74
N ILE A 45 -15.90 -9.25 2.20
CA ILE A 45 -16.29 -8.13 1.36
C ILE A 45 -15.38 -8.00 0.14
N TRP A 46 -14.09 -7.78 0.37
CA TRP A 46 -13.13 -7.64 -0.72
C TRP A 46 -13.15 -8.85 -1.62
N SER A 47 -12.87 -10.01 -1.04
CA SER A 47 -12.84 -11.26 -1.78
C SER A 47 -14.13 -11.46 -2.58
N GLY A 48 -15.24 -10.95 -2.04
CA GLY A 48 -16.51 -11.08 -2.73
C GLY A 48 -16.50 -10.49 -4.12
N LEU A 49 -16.21 -9.19 -4.20
CA LEU A 49 -16.15 -8.50 -5.49
C LEU A 49 -15.08 -9.11 -6.38
N ALA A 50 -14.03 -9.65 -5.77
CA ALA A 50 -12.93 -10.25 -6.51
C ALA A 50 -13.42 -11.43 -7.34
N TYR A 51 -14.12 -12.36 -6.71
CA TYR A 51 -14.65 -13.54 -7.40
C TYR A 51 -15.75 -13.15 -8.39
N MET A 52 -16.39 -12.01 -8.15
CA MET A 52 -17.46 -11.55 -9.04
C MET A 52 -16.89 -11.29 -10.43
N ALA A 53 -15.68 -10.73 -10.46
CA ALA A 53 -15.01 -10.43 -11.70
C ALA A 53 -14.56 -11.70 -12.40
N MET A 54 -14.11 -12.67 -11.61
CA MET A 54 -13.66 -13.94 -12.16
C MET A 54 -14.77 -14.60 -12.97
N ALA A 55 -16.01 -14.27 -12.61
CA ALA A 55 -17.18 -14.80 -13.31
C ALA A 55 -17.32 -14.15 -14.68
N ILE A 56 -17.28 -12.82 -14.71
CA ILE A 56 -17.41 -12.08 -15.96
C ILE A 56 -16.12 -12.18 -16.77
N ASP A 57 -15.10 -12.80 -16.17
CA ASP A 57 -13.80 -12.97 -16.82
C ASP A 57 -13.13 -11.63 -17.10
N GLN A 58 -12.79 -10.92 -16.03
CA GLN A 58 -12.15 -9.61 -16.16
C GLN A 58 -10.90 -9.53 -15.29
N GLY A 59 -9.90 -8.76 -15.74
CA GLY A 59 -8.68 -8.62 -14.99
C GLY A 59 -7.57 -9.54 -15.49
N LYS A 60 -7.75 -10.04 -16.71
CA LYS A 60 -6.77 -10.93 -17.32
C LYS A 60 -6.19 -10.30 -18.58
N VAL A 61 -4.93 -10.64 -18.87
CA VAL A 61 -4.25 -10.11 -20.05
C VAL A 61 -3.84 -11.24 -20.99
N GLU A 62 -3.95 -10.99 -22.29
CA GLU A 62 -3.59 -11.99 -23.30
C GLU A 62 -2.12 -11.88 -23.67
N ALA A 63 -1.25 -12.54 -22.90
CA ALA A 63 0.18 -12.51 -23.15
C ALA A 63 0.60 -13.69 -24.02
N ALA A 64 1.11 -13.39 -25.22
CA ALA A 64 1.55 -14.43 -26.15
C ALA A 64 0.41 -15.37 -26.52
N GLY A 65 -0.81 -14.84 -26.56
CA GLY A 65 -1.96 -15.65 -26.90
C GLY A 65 -2.54 -16.38 -25.70
N GLN A 66 -1.77 -16.43 -24.62
CA GLN A 66 -2.22 -17.11 -23.41
C GLN A 66 -2.77 -16.11 -22.40
N ILE A 67 -3.76 -16.54 -21.63
CA ILE A 67 -4.39 -15.70 -20.63
C ILE A 67 -3.65 -15.76 -19.29
N ALA A 68 -3.50 -14.62 -18.64
CA ALA A 68 -2.82 -14.54 -17.36
C ALA A 68 -3.81 -14.26 -16.24
N HIS A 69 -3.63 -14.94 -15.11
CA HIS A 69 -4.52 -14.77 -13.96
C HIS A 69 -3.99 -13.67 -13.02
N TYR A 70 -3.82 -12.47 -13.56
CA TYR A 70 -3.32 -11.34 -12.79
C TYR A 70 -4.31 -10.97 -11.69
N ALA A 71 -5.54 -10.64 -12.09
CA ALA A 71 -6.58 -10.26 -11.14
C ALA A 71 -6.75 -11.33 -10.07
N ARG A 72 -6.53 -12.58 -10.47
CA ARG A 72 -6.65 -13.69 -9.56
C ARG A 72 -5.73 -13.52 -8.37
N TYR A 73 -4.50 -13.05 -8.63
CA TYR A 73 -3.53 -12.85 -7.58
C TYR A 73 -3.72 -11.51 -6.87
N ILE A 74 -4.51 -10.62 -7.46
CA ILE A 74 -4.78 -9.33 -6.85
C ILE A 74 -5.51 -9.51 -5.53
N ASP A 75 -6.52 -10.38 -5.54
CA ASP A 75 -7.29 -10.66 -4.34
C ASP A 75 -6.43 -11.37 -3.29
N TRP A 76 -5.24 -11.81 -3.71
CA TRP A 76 -4.31 -12.50 -2.82
C TRP A 76 -3.43 -11.51 -2.07
N MET A 77 -3.31 -10.31 -2.64
CA MET A 77 -2.48 -9.28 -2.04
C MET A 77 -3.29 -8.41 -1.08
N VAL A 78 -4.60 -8.62 -1.06
CA VAL A 78 -5.49 -7.85 -0.19
C VAL A 78 -6.14 -8.73 0.88
N THR A 79 -6.42 -9.98 0.53
CA THR A 79 -7.06 -10.90 1.46
C THR A 79 -6.06 -11.61 2.37
N THR A 80 -5.05 -12.23 1.75
CA THR A 80 -4.03 -12.96 2.50
C THR A 80 -3.43 -12.13 3.64
N PRO A 81 -2.96 -10.89 3.35
CA PRO A 81 -2.37 -10.03 4.38
C PRO A 81 -3.33 -9.79 5.54
N LEU A 82 -4.62 -9.75 5.22
CA LEU A 82 -5.64 -9.54 6.25
C LEU A 82 -5.93 -10.84 6.98
N LEU A 83 -5.69 -11.96 6.31
CA LEU A 83 -5.91 -13.27 6.89
C LEU A 83 -4.89 -13.52 7.99
N LEU A 84 -3.65 -13.07 7.74
CA LEU A 84 -2.57 -13.22 8.70
C LEU A 84 -2.70 -12.19 9.82
N LEU A 85 -3.08 -10.98 9.45
CA LEU A 85 -3.26 -9.90 10.42
C LEU A 85 -4.28 -10.28 11.48
N SER A 86 -5.34 -10.95 11.05
CA SER A 86 -6.40 -11.39 11.95
C SER A 86 -5.82 -12.22 13.08
N LEU A 87 -4.81 -13.02 12.77
CA LEU A 87 -4.16 -13.87 13.75
C LEU A 87 -3.45 -13.05 14.83
N SER A 88 -2.96 -11.88 14.42
CA SER A 88 -2.26 -10.99 15.34
C SER A 88 -3.17 -10.53 16.47
N TRP A 89 -4.32 -9.94 16.11
CA TRP A 89 -5.27 -9.45 17.09
C TRP A 89 -5.87 -10.60 17.89
N THR A 90 -5.82 -11.81 17.34
CA THR A 90 -6.35 -12.98 18.02
C THR A 90 -5.53 -13.32 19.26
N ALA A 91 -4.21 -13.13 19.16
CA ALA A 91 -3.30 -13.42 20.27
C ALA A 91 -3.30 -12.27 21.28
N MET A 92 -3.35 -11.05 20.77
CA MET A 92 -3.34 -9.87 21.63
C MET A 92 -4.61 -9.04 21.41
N GLN A 93 -5.47 -9.00 22.43
CA GLN A 93 -6.72 -8.26 22.36
C GLN A 93 -6.46 -6.75 22.31
N PHE A 94 -5.43 -6.30 23.01
CA PHE A 94 -5.09 -4.88 23.04
C PHE A 94 -3.60 -4.67 22.78
N ILE A 95 -3.29 -3.59 22.07
CA ILE A 95 -1.90 -3.26 21.74
C ILE A 95 -1.40 -2.09 22.58
N LYS A 96 -0.11 -2.09 22.87
CA LYS A 96 0.50 -1.03 23.66
C LYS A 96 1.79 -0.52 23.01
N LYS A 97 2.76 -1.42 22.89
CA LYS A 97 4.04 -1.07 22.28
C LYS A 97 4.46 -2.11 21.25
N ASP A 98 3.53 -2.98 20.89
CA ASP A 98 3.79 -4.03 19.92
C ASP A 98 3.41 -3.58 18.51
N TRP A 99 4.39 -3.00 17.80
CA TRP A 99 4.15 -2.53 16.44
C TRP A 99 5.20 -3.09 15.49
N THR A 100 6.17 -3.80 16.04
CA THR A 100 7.25 -4.40 15.24
C THR A 100 6.92 -5.83 14.86
N LEU A 101 6.22 -6.52 15.76
CA LEU A 101 5.84 -7.91 15.53
C LEU A 101 4.89 -8.02 14.33
N ILE A 102 3.94 -7.11 14.24
CA ILE A 102 2.98 -7.11 13.15
C ILE A 102 3.65 -6.81 11.82
N GLY A 103 4.57 -5.85 11.83
CA GLY A 103 5.27 -5.48 10.60
C GLY A 103 6.14 -6.60 10.07
N PHE A 104 6.59 -7.46 10.97
CA PHE A 104 7.44 -8.59 10.59
C PHE A 104 6.66 -9.58 9.72
N LEU A 105 5.52 -10.03 10.23
CA LEU A 105 4.69 -10.99 9.50
C LEU A 105 4.16 -10.38 8.21
N MET A 106 3.78 -9.10 8.27
CA MET A 106 3.24 -8.40 7.11
C MET A 106 4.29 -8.32 5.99
N SER A 107 5.51 -7.94 6.35
CA SER A 107 6.59 -7.83 5.37
C SER A 107 6.78 -9.14 4.62
N THR A 108 6.75 -10.25 5.35
CA THR A 108 6.91 -11.56 4.76
C THR A 108 5.85 -11.84 3.71
N GLN A 109 4.65 -11.33 3.93
CA GLN A 109 3.55 -11.54 3.00
C GLN A 109 3.74 -10.73 1.71
N ILE A 110 4.41 -9.58 1.83
CA ILE A 110 4.64 -8.72 0.68
C ILE A 110 5.56 -9.37 -0.35
N VAL A 111 6.59 -10.07 0.12
CA VAL A 111 7.53 -10.72 -0.78
C VAL A 111 6.90 -11.95 -1.43
N VAL A 112 6.00 -12.61 -0.70
CA VAL A 112 5.34 -13.81 -1.21
C VAL A 112 4.31 -13.45 -2.28
N ILE A 113 3.54 -12.40 -2.05
CA ILE A 113 2.51 -11.98 -3.00
C ILE A 113 3.13 -11.47 -4.30
N THR A 114 4.28 -10.82 -4.18
CA THR A 114 4.98 -10.29 -5.35
C THR A 114 5.30 -11.41 -6.33
N SER A 115 6.00 -12.42 -5.84
CA SER A 115 6.37 -13.57 -6.67
C SER A 115 5.12 -14.27 -7.17
N GLY A 116 4.01 -14.07 -6.47
CA GLY A 116 2.75 -14.71 -6.86
C GLY A 116 2.18 -14.15 -8.15
N LEU A 117 1.95 -12.84 -8.17
CA LEU A 117 1.39 -12.18 -9.34
C LEU A 117 2.31 -12.34 -10.55
N ILE A 118 3.59 -12.60 -10.29
CA ILE A 118 4.56 -12.79 -11.37
C ILE A 118 4.52 -14.22 -11.89
N ALA A 119 4.21 -15.17 -11.00
CA ALA A 119 4.14 -16.57 -11.36
C ALA A 119 3.23 -16.78 -12.58
N ASP A 120 2.13 -16.07 -12.62
CA ASP A 120 1.17 -16.18 -13.73
C ASP A 120 1.63 -15.32 -14.90
N LEU A 121 2.45 -14.31 -14.62
CA LEU A 121 2.94 -13.42 -15.66
C LEU A 121 4.15 -14.03 -16.38
N SER A 122 4.33 -15.33 -16.19
CA SER A 122 5.44 -16.04 -16.81
C SER A 122 5.10 -16.42 -18.25
N GLU A 123 5.94 -15.98 -19.19
CA GLU A 123 5.72 -16.27 -20.61
C GLU A 123 6.50 -17.51 -21.02
N ARG A 124 7.73 -17.63 -20.53
CA ARG A 124 8.58 -18.77 -20.85
C ARG A 124 8.42 -19.86 -19.81
N ASP A 125 8.28 -21.10 -20.29
CA ASP A 125 8.11 -22.24 -19.40
C ASP A 125 9.41 -22.58 -18.67
N TRP A 126 10.49 -21.92 -19.09
CA TRP A 126 11.80 -22.14 -18.47
C TRP A 126 11.99 -21.23 -17.27
N VAL A 127 11.60 -19.96 -17.42
CA VAL A 127 11.73 -18.99 -16.35
C VAL A 127 10.70 -19.22 -15.25
N ARG A 128 9.57 -19.83 -15.62
CA ARG A 128 8.50 -20.11 -14.68
C ARG A 128 8.94 -21.16 -13.66
N TYR A 129 9.81 -22.07 -14.09
CA TYR A 129 10.31 -23.12 -13.22
C TYR A 129 11.10 -22.56 -12.05
N LEU A 130 11.81 -21.47 -12.31
CA LEU A 130 12.63 -20.82 -11.27
C LEU A 130 11.77 -19.92 -10.39
N TRP A 131 10.89 -19.14 -11.00
CA TRP A 131 10.02 -18.24 -10.24
C TRP A 131 9.20 -19.00 -9.20
N TYR A 132 8.83 -20.23 -9.54
CA TYR A 132 8.04 -21.06 -8.63
C TYR A 132 8.82 -21.38 -7.36
N ILE A 133 10.01 -21.96 -7.51
CA ILE A 133 10.83 -22.33 -6.36
C ILE A 133 11.26 -21.09 -5.57
N CYS A 134 11.30 -19.94 -6.25
CA CYS A 134 11.68 -18.69 -5.61
C CYS A 134 10.68 -18.30 -4.53
N GLY A 135 9.40 -18.47 -4.82
CA GLY A 135 8.37 -18.14 -3.86
C GLY A 135 8.40 -19.02 -2.63
N VAL A 136 8.35 -20.33 -2.85
CA VAL A 136 8.37 -21.30 -1.76
C VAL A 136 9.65 -21.15 -0.93
N CYS A 137 10.75 -20.81 -1.58
CA CYS A 137 12.03 -20.65 -0.91
C CYS A 137 11.95 -19.57 0.16
N ALA A 138 11.32 -18.45 -0.19
CA ALA A 138 11.17 -17.33 0.73
C ALA A 138 10.37 -17.73 1.97
N PHE A 139 9.38 -18.58 1.78
CA PHE A 139 8.54 -19.04 2.87
C PHE A 139 9.28 -20.03 3.77
N LEU A 140 10.25 -20.73 3.18
CA LEU A 140 11.03 -21.71 3.93
C LEU A 140 11.90 -21.06 4.99
N ILE A 141 12.64 -20.02 4.59
CA ILE A 141 13.52 -19.31 5.51
C ILE A 141 12.74 -18.66 6.65
N ILE A 142 11.62 -18.02 6.33
CA ILE A 142 10.79 -17.36 7.33
C ILE A 142 10.07 -18.36 8.21
N LEU A 143 9.69 -19.50 7.63
CA LEU A 143 8.98 -20.54 8.36
C LEU A 143 9.79 -21.00 9.57
N TRP A 144 11.10 -21.16 9.37
CA TRP A 144 11.98 -21.59 10.44
C TRP A 144 12.23 -20.46 11.43
N GLY A 145 12.19 -19.23 10.92
CA GLY A 145 12.41 -18.08 11.78
C GLY A 145 11.19 -17.70 12.59
N ILE A 146 10.03 -18.20 12.19
CA ILE A 146 8.78 -17.91 12.88
C ILE A 146 8.39 -19.05 13.82
N TRP A 147 8.94 -20.23 13.57
CA TRP A 147 8.63 -21.40 14.38
C TRP A 147 9.43 -21.41 15.68
N ASN A 148 10.23 -20.36 15.89
CA ASN A 148 11.05 -20.28 17.09
C ASN A 148 10.41 -19.34 18.13
N PRO A 149 10.03 -18.10 17.74
CA PRO A 149 9.43 -17.14 18.67
C PRO A 149 8.04 -17.58 19.15
N LEU A 150 7.52 -18.65 18.53
CA LEU A 150 6.21 -19.17 18.89
C LEU A 150 6.32 -20.33 19.88
N ARG A 151 7.39 -20.31 20.68
CA ARG A 151 7.61 -21.36 21.67
C ARG A 151 8.71 -20.97 22.65
N ALA A 152 9.89 -20.66 22.13
CA ALA A 152 11.02 -20.27 22.97
C ALA A 152 10.76 -18.94 23.66
N LYS A 153 10.26 -17.98 22.90
CA LYS A 153 9.97 -16.65 23.44
C LYS A 153 8.69 -16.67 24.28
N THR A 154 7.75 -17.52 23.90
CA THR A 154 6.49 -17.62 24.63
C THR A 154 6.66 -18.44 25.90
N ARG A 155 7.83 -19.05 26.07
CA ARG A 155 8.12 -19.85 27.25
C ARG A 155 8.26 -18.97 28.49
N THR A 156 8.79 -17.77 28.30
CA THR A 156 8.99 -16.83 29.40
C THR A 156 7.90 -15.77 29.41
N GLN A 157 7.27 -15.56 28.26
CA GLN A 157 6.20 -14.57 28.15
C GLN A 157 4.90 -15.10 28.76
N SER A 158 4.29 -16.06 28.08
CA SER A 158 3.03 -16.64 28.56
C SER A 158 2.88 -18.08 28.08
N SER A 159 2.74 -19.00 29.04
CA SER A 159 2.59 -20.41 28.73
C SER A 159 1.19 -20.72 28.18
N GLU A 160 0.18 -20.05 28.76
CA GLU A 160 -1.20 -20.24 28.33
C GLU A 160 -1.41 -19.69 26.91
N LEU A 161 -0.77 -18.57 26.62
CA LEU A 161 -0.89 -17.95 25.31
C LEU A 161 -0.15 -18.77 24.26
N ALA A 162 0.85 -19.52 24.70
CA ALA A 162 1.64 -20.36 23.82
C ALA A 162 0.83 -21.57 23.34
N ASN A 163 -0.01 -22.08 24.22
CA ASN A 163 -0.85 -23.24 23.90
C ASN A 163 -1.88 -22.87 22.83
N LEU A 164 -2.50 -21.71 22.98
CA LEU A 164 -3.50 -21.24 22.02
C LEU A 164 -2.90 -21.09 20.63
N TYR A 165 -1.73 -20.46 20.57
CA TYR A 165 -1.05 -20.24 19.30
C TYR A 165 -0.42 -21.52 18.76
N ASP A 166 -0.17 -22.47 19.67
CA ASP A 166 0.43 -23.75 19.28
C ASP A 166 -0.45 -24.48 18.28
N LYS A 167 -1.73 -24.62 18.62
CA LYS A 167 -2.68 -25.30 17.76
C LYS A 167 -3.14 -24.38 16.62
N LEU A 168 -2.97 -23.08 16.84
CA LEU A 168 -3.36 -22.09 15.84
C LEU A 168 -2.49 -22.20 14.60
N VAL A 169 -1.18 -22.10 14.79
CA VAL A 169 -0.22 -22.18 13.70
C VAL A 169 -0.33 -23.51 12.96
N THR A 170 -0.84 -24.53 13.65
CA THR A 170 -1.01 -25.85 13.07
C THR A 170 -1.81 -25.78 11.77
N TYR A 171 -3.03 -25.27 11.86
CA TYR A 171 -3.89 -25.13 10.69
C TYR A 171 -3.31 -24.11 9.72
N PHE A 172 -2.50 -23.21 10.24
CA PHE A 172 -1.88 -22.17 9.42
C PHE A 172 -0.82 -22.76 8.50
N THR A 173 -0.15 -23.82 8.96
CA THR A 173 0.90 -24.46 8.17
C THR A 173 0.30 -25.33 7.06
N VAL A 174 -0.62 -26.21 7.43
CA VAL A 174 -1.26 -27.10 6.46
C VAL A 174 -1.96 -26.31 5.35
N LEU A 175 -2.42 -25.11 5.68
CA LEU A 175 -3.12 -24.27 4.71
C LEU A 175 -2.12 -23.57 3.79
N TRP A 176 -1.22 -22.81 4.40
CA TRP A 176 -0.20 -22.07 3.64
C TRP A 176 0.59 -23.02 2.75
N ILE A 177 0.72 -24.27 3.17
CA ILE A 177 1.44 -25.28 2.42
C ILE A 177 0.51 -25.97 1.42
N GLY A 178 -0.80 -25.94 1.73
CA GLY A 178 -1.78 -26.56 0.86
C GLY A 178 -1.74 -26.06 -0.57
N TYR A 179 -1.76 -24.74 -0.73
CA TYR A 179 -1.74 -24.14 -2.07
C TYR A 179 -0.46 -24.55 -2.83
N PRO A 180 0.74 -24.28 -2.27
CA PRO A 180 2.00 -24.64 -2.93
C PRO A 180 2.00 -26.06 -3.52
N ILE A 181 1.24 -26.95 -2.89
CA ILE A 181 1.14 -28.33 -3.35
C ILE A 181 0.41 -28.42 -4.69
N VAL A 182 -0.84 -27.97 -4.69
CA VAL A 182 -1.66 -28.02 -5.91
C VAL A 182 -1.04 -27.19 -7.03
N TRP A 183 -0.23 -26.20 -6.67
CA TRP A 183 0.41 -25.35 -7.66
C TRP A 183 1.37 -26.15 -8.53
N ILE A 184 1.82 -27.29 -8.01
CA ILE A 184 2.74 -28.15 -8.74
C ILE A 184 2.13 -28.57 -10.08
N ILE A 185 1.05 -29.34 -10.03
CA ILE A 185 0.38 -29.80 -11.22
C ILE A 185 -0.52 -28.72 -11.82
N GLY A 186 -0.95 -28.93 -13.06
CA GLY A 186 -1.81 -27.97 -13.72
C GLY A 186 -1.02 -26.88 -14.43
N PRO A 187 -1.69 -25.78 -14.82
CA PRO A 187 -1.03 -24.67 -15.52
C PRO A 187 -0.27 -23.76 -14.57
N SER A 188 0.65 -22.98 -15.10
CA SER A 188 1.45 -22.06 -14.30
C SER A 188 2.21 -22.83 -13.21
N GLY A 189 2.32 -24.15 -13.40
CA GLY A 189 3.00 -24.98 -12.44
C GLY A 189 3.98 -25.93 -13.10
N PHE A 190 3.45 -27.00 -13.69
CA PHE A 190 4.28 -28.00 -14.36
C PHE A 190 3.49 -28.71 -15.46
N GLY A 191 2.18 -28.75 -15.30
CA GLY A 191 1.33 -29.40 -16.28
C GLY A 191 0.87 -28.45 -17.38
N TRP A 192 0.15 -28.98 -18.35
CA TRP A 192 -0.34 -28.18 -19.47
C TRP A 192 -1.87 -28.23 -19.55
N ILE A 193 -2.51 -28.23 -18.39
CA ILE A 193 -3.97 -28.28 -18.33
C ILE A 193 -4.56 -26.88 -18.36
N ASN A 194 -5.68 -26.73 -19.06
CA ASN A 194 -6.34 -25.43 -19.16
C ASN A 194 -7.86 -25.59 -19.08
N GLN A 195 -8.31 -26.57 -18.31
CA GLN A 195 -9.73 -26.83 -18.14
C GLN A 195 -10.31 -25.98 -17.01
N THR A 196 -11.64 -25.97 -16.91
CA THR A 196 -12.32 -25.18 -15.89
C THR A 196 -12.18 -25.83 -14.51
N ILE A 197 -11.82 -27.11 -14.50
CA ILE A 197 -11.66 -27.85 -13.24
C ILE A 197 -10.51 -27.29 -12.41
N ASP A 198 -9.48 -26.78 -13.10
CA ASP A 198 -8.32 -26.22 -12.41
C ASP A 198 -8.70 -24.99 -11.59
N THR A 199 -9.52 -24.12 -12.17
CA THR A 199 -9.95 -22.91 -11.48
C THR A 199 -11.00 -23.23 -10.42
N PHE A 200 -11.68 -24.36 -10.59
CA PHE A 200 -12.71 -24.79 -9.65
C PHE A 200 -12.10 -25.27 -8.34
N LEU A 201 -10.91 -25.84 -8.42
CA LEU A 201 -10.22 -26.34 -7.24
C LEU A 201 -9.47 -25.23 -6.51
N PHE A 202 -8.98 -24.26 -7.27
CA PHE A 202 -8.24 -23.13 -6.69
C PHE A 202 -9.18 -22.16 -6.00
N CYS A 203 -10.46 -22.22 -6.35
CA CYS A 203 -11.46 -21.34 -5.76
C CYS A 203 -12.18 -22.04 -4.61
N LEU A 204 -12.32 -23.35 -4.71
CA LEU A 204 -12.99 -24.15 -3.69
C LEU A 204 -12.13 -24.27 -2.43
N LEU A 205 -10.81 -24.29 -2.62
CA LEU A 205 -9.90 -24.42 -1.48
C LEU A 205 -10.00 -23.22 -0.54
N PRO A 206 -9.85 -21.97 -1.06
CA PRO A 206 -9.93 -20.77 -0.22
C PRO A 206 -11.26 -20.70 0.53
N PHE A 207 -12.34 -20.99 -0.17
CA PHE A 207 -13.67 -20.96 0.43
C PHE A 207 -13.79 -22.06 1.48
N PHE A 208 -13.05 -23.14 1.28
CA PHE A 208 -13.06 -24.27 2.21
C PHE A 208 -12.25 -23.92 3.47
N SER A 209 -11.29 -23.03 3.30
CA SER A 209 -10.45 -22.61 4.42
C SER A 209 -10.99 -21.35 5.06
N VAL A 211 -14.35 -20.51 5.49
CA VAL A 211 -15.42 -20.85 6.41
C VAL A 211 -14.87 -21.58 7.63
N GLY A 212 -13.93 -22.49 7.41
CA GLY A 212 -13.35 -23.23 8.52
C GLY A 212 -12.53 -22.35 9.44
N PHE A 213 -11.87 -21.34 8.86
CA PHE A 213 -11.04 -20.42 9.64
C PHE A 213 -11.90 -19.60 10.60
N SER A 214 -13.11 -19.25 10.16
CA SER A 214 -14.02 -18.47 10.97
C SER A 214 -14.36 -19.21 12.26
N PHE A 215 -14.91 -20.41 12.13
CA PHE A 215 -15.27 -21.23 13.29
C PHE A 215 -14.04 -21.61 14.10
N LEU A 216 -12.88 -21.55 13.45
CA LEU A 216 -11.62 -21.90 14.11
C LEU A 216 -11.15 -20.79 15.05
N ASP A 217 -11.25 -19.55 14.59
CA ASP A 217 -10.83 -18.41 15.40
C ASP A 217 -11.68 -18.25 16.64
N LEU A 218 -12.95 -18.65 16.54
CA LEU A 218 -13.88 -18.54 17.66
C LEU A 218 -13.51 -19.53 18.77
N HIS A 219 -13.49 -20.81 18.45
CA HIS A 219 -13.17 -21.84 19.42
C HIS A 219 -11.70 -21.78 19.81
N GLY A 220 -10.88 -21.17 18.95
CA GLY A 220 -9.46 -21.06 19.22
C GLY A 220 -9.16 -20.20 20.44
N LEU A 221 -10.15 -19.39 20.83
CA LEU A 221 -10.00 -18.51 21.98
C LEU A 221 -10.20 -19.28 23.29
N ARG A 222 -11.03 -20.32 23.22
CA ARG A 222 -11.33 -21.15 24.39
C ARG A 222 -12.01 -20.32 25.48
N ASN A 223 -11.20 -19.62 26.27
CA ASN A 223 -11.72 -18.78 27.34
C ASN A 223 -10.78 -17.63 27.64
N LEU A 224 -11.29 -16.40 27.48
CA LEU A 224 -10.49 -15.22 27.73
C LEU A 224 -11.38 -13.99 27.88
N ASN A 225 -11.02 -13.13 28.83
CA ASN A 225 -11.79 -11.91 29.09
C ASN A 225 -11.02 -10.95 29.99
N ASP A 226 -10.50 -9.88 29.40
CA ASP A 226 -9.75 -8.88 30.15
C ASP A 226 -10.31 -7.48 29.93
N SER A 227 -10.58 -6.79 31.03
CA SER A 227 -11.13 -5.44 30.97
C SER A 227 -10.82 -4.66 32.25
N ARG A 228 -9.84 -3.78 32.16
CA ARG A 228 -9.44 -2.96 33.31
C ARG A 228 -9.13 -1.53 32.87
N GLN A 229 -9.54 -1.19 31.66
CA GLN A 229 -9.32 0.15 31.13
C GLN A 229 -10.32 0.46 30.02
N MET B 1 -1.03 11.30 -28.81
CA MET B 1 0.28 11.73 -29.36
C MET B 1 0.21 13.18 -29.83
N ASN B 2 -0.99 13.68 -30.08
CA ASN B 2 -1.19 15.04 -30.54
C ASN B 2 -2.11 15.80 -29.59
N LEU B 3 -2.60 15.12 -28.57
CA LEU B 3 -3.49 15.72 -27.60
C LEU B 3 -2.72 16.57 -26.59
N GLU B 4 -2.99 17.88 -26.60
CA GLU B 4 -2.32 18.79 -25.68
C GLU B 4 -3.33 19.72 -25.01
N SER B 5 -3.31 19.74 -23.68
CA SER B 5 -4.22 20.58 -22.92
C SER B 5 -3.48 21.29 -21.80
N LEU B 6 -3.67 22.61 -21.71
CA LEU B 6 -3.02 23.41 -20.67
C LEU B 6 -3.87 23.46 -19.42
N LEU B 7 -5.09 22.92 -19.51
CA LEU B 7 -6.01 22.90 -18.38
C LEU B 7 -5.42 22.14 -17.19
N HIS B 8 -5.07 20.88 -17.42
CA HIS B 8 -4.48 20.05 -16.37
C HIS B 8 -3.17 20.64 -15.85
N TRP B 9 -2.51 21.43 -16.71
CA TRP B 9 -1.25 22.06 -16.35
C TRP B 9 -1.48 23.15 -15.30
N ILE B 10 -2.57 23.90 -15.48
CA ILE B 10 -2.89 24.97 -14.55
C ILE B 10 -3.35 24.37 -13.21
N TYR B 11 -3.86 23.15 -13.27
CA TYR B 11 -4.34 22.45 -12.09
C TYR B 11 -3.21 22.27 -11.08
N VAL B 12 -2.13 21.65 -11.52
CA VAL B 12 -0.98 21.42 -10.65
C VAL B 12 -0.43 22.75 -10.12
N ALA B 13 -0.47 23.78 -10.96
CA ALA B 13 0.01 25.10 -10.56
C ALA B 13 -0.84 25.66 -9.43
N GLY B 14 -2.12 25.34 -9.45
CA GLY B 14 -3.02 25.81 -8.41
C GLY B 14 -2.80 25.10 -7.09
N MET B 15 -2.34 23.85 -7.17
CA MET B 15 -2.08 23.06 -5.97
C MET B 15 -0.77 23.50 -5.31
N THR B 16 0.18 23.92 -6.12
CA THR B 16 1.47 24.38 -5.62
C THR B 16 1.30 25.61 -4.74
N ILE B 17 0.64 26.63 -5.29
CA ILE B 17 0.40 27.87 -4.56
C ILE B 17 -0.49 27.62 -3.35
N GLY B 18 -1.27 26.54 -3.42
CA GLY B 18 -2.15 26.19 -2.32
C GLY B 18 -1.39 26.01 -1.01
N ALA B 19 -0.49 25.02 -1.00
CA ALA B 19 0.31 24.74 0.18
C ALA B 19 1.07 25.99 0.63
N LEU B 20 1.49 26.79 -0.34
CA LEU B 20 2.22 28.02 -0.06
C LEU B 20 1.40 28.93 0.85
N HIS B 21 0.11 29.05 0.55
CA HIS B 21 -0.79 29.88 1.33
C HIS B 21 -0.96 29.32 2.74
N PHE B 22 -1.04 28.00 2.84
CA PHE B 22 -1.19 27.35 4.13
C PHE B 22 0.11 27.39 4.92
N TRP B 23 1.17 27.89 4.29
CA TRP B 23 2.46 28.00 4.94
C TRP B 23 2.60 29.34 5.65
N SER B 24 2.02 30.38 5.05
CA SER B 24 2.07 31.71 5.63
C SER B 24 1.20 31.80 6.88
N LEU B 25 -0.01 31.25 6.78
CA LEU B 25 -0.94 31.26 7.91
C LEU B 25 -0.63 30.12 8.87
N SER B 26 0.36 29.31 8.53
CA SER B 26 0.76 28.19 9.36
C SER B 26 1.16 28.66 10.76
N ARG B 27 1.39 29.97 10.91
CA ARG B 27 1.76 30.53 12.19
C ARG B 27 0.81 30.03 13.27
N ASN B 28 -0.47 29.96 12.91
CA ASN B 28 -1.51 29.46 13.81
C ASN B 28 -2.88 29.52 13.13
N PRO B 29 -3.65 28.41 13.18
CA PRO B 29 -4.97 28.33 12.60
C PRO B 29 -6.08 28.43 13.67
N ARG B 30 -6.34 27.32 14.36
CA ARG B 30 -7.35 27.29 15.43
C ARG B 30 -6.66 27.23 16.79
N GLY B 31 -5.36 27.47 16.76
CA GLY B 31 -4.54 27.46 17.97
C GLY B 31 -3.37 26.50 17.86
N VAL B 32 -3.64 25.23 17.54
CA VAL B 32 -2.57 24.26 17.36
C VAL B 32 -2.87 23.29 16.23
N PRO B 33 -2.22 23.44 15.07
CA PRO B 33 -2.44 22.53 13.97
C PRO B 33 -1.51 21.32 13.98
N GLN B 34 -2.05 20.16 14.30
CA GLN B 34 -1.30 18.92 14.24
C GLN B 34 -1.54 18.31 12.88
N TYR B 35 -2.83 18.04 12.72
CA TYR B 35 -3.45 17.43 11.55
C TYR B 35 -3.77 18.43 10.43
N GLU B 36 -4.24 19.62 10.84
CA GLU B 36 -4.67 20.67 9.91
C GLU B 36 -3.79 20.79 8.68
N TYR B 37 -2.53 21.15 8.87
CA TYR B 37 -1.60 21.33 7.75
C TYR B 37 -1.00 20.01 7.29
N LEU B 38 -1.07 18.99 8.15
CA LEU B 38 -0.53 17.69 7.80
C LEU B 38 -1.21 17.12 6.55
N VAL B 39 -2.51 16.85 6.66
CA VAL B 39 -3.28 16.31 5.55
C VAL B 39 -3.45 17.35 4.44
N ALA B 40 -3.65 18.60 4.83
CA ALA B 40 -3.83 19.68 3.86
C ALA B 40 -2.57 19.87 3.00
N MET B 41 -1.49 19.25 3.42
CA MET B 41 -0.22 19.35 2.70
C MET B 41 -0.10 18.26 1.63
N PHE B 42 -0.38 17.01 2.02
CA PHE B 42 -0.26 15.88 1.10
C PHE B 42 -1.27 15.94 -0.03
N ILE B 43 -2.54 16.17 0.30
CA ILE B 43 -3.62 16.21 -0.69
C ILE B 43 -3.26 17.03 -1.94
N PRO B 44 -2.81 18.30 -1.80
CA PRO B 44 -2.47 19.15 -2.94
C PRO B 44 -1.19 18.73 -3.65
N ILE B 45 -0.19 18.32 -2.87
CA ILE B 45 1.10 17.92 -3.44
C ILE B 45 0.95 16.75 -4.41
N TRP B 46 0.47 15.61 -3.91
CA TRP B 46 0.29 14.43 -4.74
C TRP B 46 -0.63 14.71 -5.92
N SER B 47 -1.85 15.12 -5.61
CA SER B 47 -2.83 15.42 -6.65
C SER B 47 -2.30 16.44 -7.64
N GLY B 48 -1.37 17.27 -7.18
CA GLY B 48 -0.79 18.28 -8.05
C GLY B 48 -0.09 17.69 -9.25
N LEU B 49 1.02 16.99 -9.01
CA LEU B 49 1.80 16.38 -10.08
C LEU B 49 0.95 15.40 -10.89
N ALA B 50 -0.11 14.88 -10.27
CA ALA B 50 -0.99 13.94 -10.95
C ALA B 50 -1.63 14.57 -12.18
N TYR B 51 -2.37 15.66 -11.97
CA TYR B 51 -3.03 16.34 -13.07
C TYR B 51 -2.01 16.87 -14.08
N MET B 52 -0.86 17.31 -13.59
CA MET B 52 0.20 17.82 -14.47
C MET B 52 0.48 16.81 -15.58
N ALA B 53 0.39 15.53 -15.24
CA ALA B 53 0.62 14.46 -16.19
C ALA B 53 -0.52 14.39 -17.20
N MET B 54 -1.74 14.58 -16.69
CA MET B 54 -2.93 14.53 -17.54
C MET B 54 -2.81 15.56 -18.66
N ALA B 55 -1.95 16.57 -18.47
CA ALA B 55 -1.75 17.61 -19.46
C ALA B 55 -0.76 17.17 -20.53
N ILE B 56 0.35 16.58 -20.10
CA ILE B 56 1.37 16.11 -21.03
C ILE B 56 0.94 14.82 -21.72
N ASP B 57 -0.27 14.35 -21.38
CA ASP B 57 -0.81 13.13 -21.97
C ASP B 57 0.12 11.94 -21.73
N GLN B 58 0.27 11.56 -20.46
CA GLN B 58 1.12 10.44 -20.08
C GLN B 58 0.56 9.71 -18.88
N GLY B 59 0.16 8.46 -19.08
CA GLY B 59 -0.39 7.67 -17.99
C GLY B 59 -1.63 6.90 -18.41
N LYS B 60 -2.05 7.07 -19.65
CA LYS B 60 -3.23 6.38 -20.17
C LYS B 60 -2.84 5.30 -21.17
N VAL B 61 -3.66 4.26 -21.26
CA VAL B 61 -3.40 3.16 -22.19
C VAL B 61 -4.44 3.11 -23.30
N GLU B 62 -4.01 2.70 -24.49
CA GLU B 62 -4.90 2.62 -25.64
C GLU B 62 -5.35 1.18 -25.88
N ALA B 63 -6.43 0.78 -25.22
CA ALA B 63 -6.97 -0.57 -25.37
C ALA B 63 -8.05 -0.61 -26.44
N ALA B 64 -7.82 -1.38 -27.49
CA ALA B 64 -8.78 -1.51 -28.58
C ALA B 64 -9.05 -0.16 -29.25
N GLY B 65 -8.02 0.69 -29.26
CA GLY B 65 -8.16 2.01 -29.87
C GLY B 65 -8.87 3.00 -28.96
N GLN B 66 -9.23 2.54 -27.76
CA GLN B 66 -9.92 3.39 -26.81
C GLN B 66 -8.95 3.90 -25.74
N ILE B 67 -9.20 5.11 -25.25
CA ILE B 67 -8.35 5.71 -24.23
C ILE B 67 -8.89 5.42 -22.83
N ALA B 68 -8.06 4.78 -22.00
CA ALA B 68 -8.46 4.45 -20.64
C ALA B 68 -7.92 5.46 -19.64
N HIS B 69 -8.74 5.80 -18.65
CA HIS B 69 -8.35 6.76 -17.62
C HIS B 69 -7.54 6.06 -16.52
N TYR B 70 -6.44 5.46 -16.92
CA TYR B 70 -5.57 4.74 -15.99
C TYR B 70 -4.97 5.69 -14.95
N ALA B 71 -4.30 6.73 -15.42
CA ALA B 71 -3.68 7.71 -14.53
C ALA B 71 -4.70 8.44 -13.67
N ARG B 72 -5.93 8.50 -14.13
CA ARG B 72 -7.00 9.19 -13.41
C ARG B 72 -7.31 8.53 -12.07
N TYR B 73 -7.57 7.22 -12.09
CA TYR B 73 -7.89 6.52 -10.86
C TYR B 73 -6.70 6.53 -9.91
N ILE B 74 -5.50 6.52 -10.48
CA ILE B 74 -4.27 6.52 -9.69
C ILE B 74 -4.30 7.63 -8.65
N ASP B 75 -4.55 8.85 -9.10
CA ASP B 75 -4.61 9.98 -8.18
C ASP B 75 -5.80 9.84 -7.24
N TRP B 76 -6.80 9.06 -7.67
CA TRP B 76 -7.99 8.83 -6.86
C TRP B 76 -7.81 7.64 -5.95
N MET B 77 -6.61 7.07 -5.96
CA MET B 77 -6.30 5.92 -5.13
C MET B 77 -5.44 6.33 -3.94
N VAL B 78 -4.82 7.50 -4.04
CA VAL B 78 -3.97 8.02 -2.98
C VAL B 78 -4.54 9.28 -2.34
N THR B 79 -5.21 10.10 -3.14
CA THR B 79 -5.77 11.36 -2.65
C THR B 79 -7.08 11.14 -1.90
N THR B 80 -7.99 10.38 -2.51
CA THR B 80 -9.30 10.11 -1.91
C THR B 80 -9.15 9.51 -0.51
N PRO B 81 -8.35 8.44 -0.33
CA PRO B 81 -8.16 7.82 0.97
C PRO B 81 -7.69 8.81 2.03
N LEU B 82 -6.89 9.79 1.59
CA LEU B 82 -6.38 10.82 2.49
C LEU B 82 -7.44 11.87 2.78
N LEU B 83 -8.37 12.04 1.85
CA LEU B 83 -9.44 13.02 2.03
C LEU B 83 -10.38 12.59 3.15
N LEU B 84 -10.64 11.28 3.22
CA LEU B 84 -11.51 10.74 4.26
C LEU B 84 -10.71 10.54 5.55
N LEU B 85 -9.40 10.35 5.41
CA LEU B 85 -8.54 10.17 6.56
C LEU B 85 -8.45 11.46 7.35
N SER B 86 -8.50 12.57 6.63
CA SER B 86 -8.43 13.89 7.24
C SER B 86 -9.57 14.07 8.23
N LEU B 87 -10.72 13.50 7.91
CA LEU B 87 -11.89 13.59 8.77
C LEU B 87 -11.71 12.78 10.04
N SER B 88 -10.93 11.70 9.94
CA SER B 88 -10.67 10.83 11.08
C SER B 88 -9.93 11.58 12.18
N TRP B 89 -8.98 12.43 11.78
CA TRP B 89 -8.20 13.20 12.75
C TRP B 89 -8.95 14.46 13.18
N THR B 90 -9.97 14.82 12.40
CA THR B 90 -10.77 16.00 12.70
C THR B 90 -11.60 15.80 13.97
N ALA B 91 -12.20 14.63 14.11
CA ALA B 91 -13.02 14.32 15.28
C ALA B 91 -12.14 13.98 16.49
N MET B 92 -11.01 13.34 16.23
CA MET B 92 -10.09 12.95 17.29
C MET B 92 -8.74 13.65 17.14
N GLN B 93 -8.45 14.57 18.04
CA GLN B 93 -7.20 15.32 18.01
C GLN B 93 -6.03 14.47 18.50
N PHE B 94 -6.33 13.55 19.42
CA PHE B 94 -5.31 12.67 20.00
C PHE B 94 -5.79 11.23 20.01
N ILE B 95 -4.89 10.31 19.71
CA ILE B 95 -5.23 8.89 19.69
C ILE B 95 -4.61 8.16 20.89
N LYS B 96 -5.35 7.20 21.45
CA LYS B 96 -4.88 6.44 22.59
C LYS B 96 -4.99 4.95 22.32
N LYS B 97 -6.16 4.52 21.88
CA LYS B 97 -6.39 3.10 21.58
C LYS B 97 -7.18 2.94 20.28
N ASP B 98 -7.82 4.03 19.84
CA ASP B 98 -8.60 4.01 18.62
C ASP B 98 -7.72 3.77 17.39
N TRP B 99 -7.91 2.61 16.76
CA TRP B 99 -7.13 2.27 15.57
C TRP B 99 -7.96 1.38 14.64
N THR B 100 -8.96 0.70 15.20
CA THR B 100 -9.82 -0.17 14.44
C THR B 100 -10.84 0.65 13.64
N LEU B 101 -11.28 1.76 14.22
CA LEU B 101 -12.25 2.63 13.56
C LEU B 101 -11.65 3.23 12.29
N ILE B 102 -10.43 3.73 12.40
CA ILE B 102 -9.74 4.34 11.26
C ILE B 102 -9.55 3.31 10.15
N GLY B 103 -9.26 2.07 10.53
CA GLY B 103 -9.06 1.03 9.55
C GLY B 103 -10.36 0.58 8.90
N PHE B 104 -11.48 0.91 9.54
CA PHE B 104 -12.79 0.54 9.02
C PHE B 104 -13.15 1.39 7.80
N LEU B 105 -12.91 2.69 7.91
CA LEU B 105 -13.20 3.61 6.82
C LEU B 105 -12.20 3.45 5.69
N MET B 106 -10.97 3.08 6.05
CA MET B 106 -9.90 2.90 5.06
C MET B 106 -10.17 1.68 4.18
N SER B 107 -10.49 0.55 4.81
CA SER B 107 -10.75 -0.68 4.08
C SER B 107 -11.89 -0.49 3.08
N THR B 108 -12.97 0.15 3.53
CA THR B 108 -14.11 0.39 2.66
C THR B 108 -13.72 1.20 1.43
N GLN B 109 -12.75 2.10 1.60
CA GLN B 109 -12.28 2.92 0.51
C GLN B 109 -11.50 2.10 -0.52
N ILE B 110 -10.73 1.13 -0.02
CA ILE B 110 -9.92 0.28 -0.88
C ILE B 110 -10.78 -0.43 -1.92
N VAL B 111 -11.93 -0.96 -1.50
CA VAL B 111 -12.82 -1.66 -2.42
C VAL B 111 -13.48 -0.70 -3.40
N VAL B 112 -13.71 0.53 -2.95
CA VAL B 112 -14.33 1.54 -3.81
C VAL B 112 -13.38 2.02 -4.89
N ILE B 113 -12.07 1.96 -4.62
CA ILE B 113 -11.06 2.38 -5.57
C ILE B 113 -10.80 1.31 -6.61
N THR B 114 -10.70 0.06 -6.17
CA THR B 114 -10.47 -1.04 -7.10
C THR B 114 -11.58 -1.11 -8.13
N SER B 115 -12.77 -0.68 -7.73
CA SER B 115 -13.92 -0.67 -8.64
C SER B 115 -13.71 0.39 -9.71
N GLY B 116 -13.38 1.61 -9.28
CA GLY B 116 -13.14 2.69 -10.22
C GLY B 116 -11.86 2.48 -10.99
N LEU B 117 -11.08 1.50 -10.54
CA LEU B 117 -9.82 1.16 -11.17
C LEU B 117 -10.06 0.52 -12.53
N ILE B 118 -10.83 -0.56 -12.53
CA ILE B 118 -11.13 -1.29 -13.76
C ILE B 118 -12.31 -0.66 -14.50
N ALA B 119 -13.11 0.13 -13.79
CA ALA B 119 -14.27 0.79 -14.38
C ALA B 119 -13.90 1.46 -15.70
N ASP B 120 -12.71 2.06 -15.75
CA ASP B 120 -12.25 2.73 -16.94
C ASP B 120 -11.54 1.76 -17.89
N LEU B 121 -11.02 0.67 -17.32
CA LEU B 121 -10.32 -0.35 -18.10
C LEU B 121 -11.29 -1.39 -18.66
N SER B 122 -12.53 -0.96 -18.89
CA SER B 122 -13.55 -1.87 -19.43
C SER B 122 -13.62 -1.78 -20.95
N GLU B 123 -13.43 -2.92 -21.61
CA GLU B 123 -13.46 -2.97 -23.06
C GLU B 123 -14.88 -3.23 -23.58
N ARG B 124 -15.52 -4.28 -23.06
CA ARG B 124 -16.87 -4.64 -23.47
C ARG B 124 -17.89 -3.72 -22.80
N ASP B 125 -18.70 -3.05 -23.63
CA ASP B 125 -19.73 -2.14 -23.12
C ASP B 125 -20.76 -2.88 -22.29
N TRP B 126 -20.76 -4.21 -22.39
CA TRP B 126 -21.70 -5.04 -21.63
C TRP B 126 -21.29 -5.11 -20.17
N VAL B 127 -20.06 -5.54 -19.92
CA VAL B 127 -19.54 -5.65 -18.57
C VAL B 127 -19.43 -4.28 -17.90
N ARG B 128 -19.24 -3.25 -18.73
CA ARG B 128 -19.12 -1.89 -18.22
C ARG B 128 -20.33 -1.51 -17.37
N TYR B 129 -21.46 -2.16 -17.66
CA TYR B 129 -22.70 -1.90 -16.93
C TYR B 129 -22.71 -2.63 -15.60
N LEU B 130 -22.10 -3.82 -15.58
CA LEU B 130 -22.05 -4.62 -14.36
C LEU B 130 -21.06 -4.03 -13.35
N TRP B 131 -19.86 -3.71 -13.83
CA TRP B 131 -18.83 -3.13 -12.97
C TRP B 131 -19.26 -1.78 -12.43
N TYR B 132 -20.06 -1.06 -13.21
CA TYR B 132 -20.55 0.25 -12.80
C TYR B 132 -21.44 0.15 -11.57
N ILE B 133 -22.48 -0.68 -11.66
CA ILE B 133 -23.41 -0.87 -10.55
C ILE B 133 -22.72 -1.60 -9.40
N CYS B 134 -21.66 -2.34 -9.72
CA CYS B 134 -20.91 -3.08 -8.71
C CYS B 134 -20.22 -2.14 -7.73
N GLY B 135 -19.64 -1.07 -8.26
CA GLY B 135 -18.95 -0.11 -7.40
C GLY B 135 -19.89 0.66 -6.50
N VAL B 136 -20.94 1.23 -7.09
CA VAL B 136 -21.92 2.00 -6.33
C VAL B 136 -22.60 1.15 -5.26
N CYS B 137 -22.89 -0.10 -5.61
CA CYS B 137 -23.55 -1.02 -4.69
C CYS B 137 -22.75 -1.18 -3.40
N ALA B 138 -21.44 -1.38 -3.54
CA ALA B 138 -20.57 -1.55 -2.40
C ALA B 138 -20.66 -0.36 -1.45
N PHE B 139 -20.73 0.84 -2.01
CA PHE B 139 -20.83 2.05 -1.19
C PHE B 139 -22.19 2.15 -0.51
N LEU B 140 -23.19 1.46 -1.05
CA LEU B 140 -24.53 1.49 -0.48
C LEU B 140 -24.56 0.82 0.90
N ILE B 141 -24.22 -0.46 0.95
CA ILE B 141 -24.21 -1.22 2.20
C ILE B 141 -23.32 -0.54 3.24
N ILE B 142 -22.22 0.04 2.79
CA ILE B 142 -21.28 0.71 3.69
C ILE B 142 -21.89 2.00 4.25
N LEU B 143 -22.55 2.76 3.38
CA LEU B 143 -23.17 4.01 3.77
C LEU B 143 -24.18 3.80 4.90
N TRP B 144 -25.03 2.78 4.73
CA TRP B 144 -26.04 2.47 5.74
C TRP B 144 -25.39 1.97 7.02
N GLY B 145 -24.20 1.41 6.90
CA GLY B 145 -23.50 0.89 8.06
C GLY B 145 -22.72 1.95 8.82
N ILE B 146 -22.41 3.06 8.15
CA ILE B 146 -21.66 4.13 8.78
C ILE B 146 -22.58 5.26 9.24
N TRP B 147 -23.86 5.15 8.90
CA TRP B 147 -24.83 6.17 9.29
C TRP B 147 -25.43 5.87 10.66
N ASN B 148 -25.02 4.75 11.25
CA ASN B 148 -25.52 4.37 12.55
C ASN B 148 -24.54 4.71 13.68
N PRO B 149 -23.25 4.33 13.55
CA PRO B 149 -22.24 4.61 14.57
C PRO B 149 -21.97 6.09 14.77
N LEU B 150 -22.51 6.92 13.87
CA LEU B 150 -22.31 8.36 13.96
C LEU B 150 -23.50 9.05 14.62
N ARG B 151 -24.37 8.26 15.25
CA ARG B 151 -25.55 8.80 15.93
C ARG B 151 -25.88 8.00 17.18
N ALA B 152 -26.17 6.71 16.99
CA ALA B 152 -26.52 5.84 18.11
C ALA B 152 -25.37 5.72 19.10
N LYS B 153 -24.18 5.41 18.60
CA LYS B 153 -23.00 5.26 19.44
C LYS B 153 -22.54 6.62 19.98
N THR B 154 -22.66 7.65 19.16
CA THR B 154 -22.25 9.00 19.57
C THR B 154 -23.23 9.57 20.59
N ARG B 155 -24.41 8.96 20.68
CA ARG B 155 -25.44 9.40 21.62
C ARG B 155 -24.98 9.20 23.06
N THR B 156 -24.19 8.15 23.28
CA THR B 156 -23.68 7.83 24.61
C THR B 156 -22.26 8.36 24.80
N GLN B 157 -21.46 8.28 23.74
CA GLN B 157 -20.08 8.74 23.78
C GLN B 157 -20.01 10.24 24.02
N SER B 158 -20.34 11.02 22.99
CA SER B 158 -20.31 12.47 23.09
C SER B 158 -21.37 13.10 22.19
N SER B 159 -22.27 13.85 22.80
CA SER B 159 -23.35 14.51 22.05
C SER B 159 -22.82 15.69 21.24
N GLU B 160 -21.86 16.40 21.81
CA GLU B 160 -21.27 17.55 21.13
C GLU B 160 -20.58 17.13 19.84
N LEU B 161 -19.73 16.10 19.93
CA LEU B 161 -19.00 15.60 18.78
C LEU B 161 -19.96 14.98 17.76
N ALA B 162 -21.14 14.58 18.22
CA ALA B 162 -22.14 13.98 17.34
C ALA B 162 -22.64 14.99 16.30
N ASN B 163 -23.02 16.16 16.77
CA ASN B 163 -23.53 17.21 15.88
C ASN B 163 -22.46 17.64 14.89
N LEU B 164 -21.22 17.75 15.36
CA LEU B 164 -20.10 18.15 14.52
C LEU B 164 -19.95 17.22 13.32
N TYR B 165 -20.05 15.92 13.57
CA TYR B 165 -19.92 14.93 12.52
C TYR B 165 -21.20 14.83 11.71
N ASP B 166 -22.31 15.26 12.30
CA ASP B 166 -23.61 15.21 11.63
C ASP B 166 -23.62 16.11 10.39
N LYS B 167 -23.11 17.33 10.54
CA LYS B 167 -23.07 18.27 9.43
C LYS B 167 -21.84 18.02 8.56
N LEU B 168 -20.85 17.35 9.13
CA LEU B 168 -19.62 17.03 8.40
C LEU B 168 -19.89 15.99 7.31
N VAL B 169 -20.57 14.91 7.69
CA VAL B 169 -20.89 13.85 6.75
C VAL B 169 -21.85 14.35 5.66
N THR B 170 -22.60 15.40 5.98
CA THR B 170 -23.55 15.98 5.04
C THR B 170 -22.87 16.34 3.72
N TYR B 171 -21.87 17.20 3.80
CA TYR B 171 -21.13 17.62 2.62
C TYR B 171 -20.39 16.42 2.02
N PHE B 172 -20.04 15.48 2.87
CA PHE B 172 -19.33 14.27 2.45
C PHE B 172 -20.25 13.37 1.61
N THR B 173 -21.55 13.56 1.77
CA THR B 173 -22.54 12.77 1.04
C THR B 173 -22.71 13.27 -0.39
N VAL B 174 -23.09 14.53 -0.53
CA VAL B 174 -23.30 15.13 -1.85
C VAL B 174 -22.06 14.99 -2.73
N LEU B 175 -20.89 14.95 -2.12
CA LEU B 175 -19.64 14.83 -2.86
C LEU B 175 -19.41 13.41 -3.36
N TRP B 176 -19.37 12.46 -2.42
CA TRP B 176 -19.16 11.06 -2.77
C TRP B 176 -20.23 10.57 -3.72
N ILE B 177 -21.41 11.16 -3.62
CA ILE B 177 -22.53 10.79 -4.49
C ILE B 177 -22.50 11.61 -5.78
N GLY B 178 -21.85 12.77 -5.72
CA GLY B 178 -21.77 13.63 -6.88
C GLY B 178 -21.14 12.97 -8.08
N TYR B 179 -19.95 12.39 -7.89
CA TYR B 179 -19.26 11.72 -9.00
C TYR B 179 -20.12 10.63 -9.62
N PRO B 180 -20.60 9.64 -8.83
CA PRO B 180 -21.44 8.55 -9.34
C PRO B 180 -22.52 9.04 -10.29
N ILE B 181 -23.05 10.23 -10.04
CA ILE B 181 -24.10 10.81 -10.87
C ILE B 181 -23.60 11.12 -12.28
N VAL B 182 -22.58 11.97 -12.37
CA VAL B 182 -22.03 12.36 -13.66
C VAL B 182 -21.44 11.16 -14.41
N TRP B 183 -20.98 10.16 -13.66
CA TRP B 183 -20.40 8.97 -14.27
C TRP B 183 -21.40 8.26 -15.17
N ILE B 184 -22.69 8.48 -14.90
CA ILE B 184 -23.75 7.85 -15.69
C ILE B 184 -23.59 8.17 -17.17
N ILE B 185 -23.67 9.45 -17.51
CA ILE B 185 -23.54 9.88 -18.90
C ILE B 185 -22.08 10.01 -19.31
N GLY B 186 -21.84 10.09 -20.62
CA GLY B 186 -20.49 10.21 -21.12
C GLY B 186 -19.82 8.86 -21.33
N PRO B 187 -18.50 8.84 -21.59
CA PRO B 187 -17.75 7.59 -21.80
C PRO B 187 -17.55 6.83 -20.50
N SER B 188 -17.26 5.54 -20.62
CA SER B 188 -17.04 4.69 -19.45
C SER B 188 -18.26 4.72 -18.53
N GLY B 189 -19.39 5.17 -19.08
CA GLY B 189 -20.61 5.25 -18.32
C GLY B 189 -21.80 4.68 -19.07
N PHE B 190 -22.16 5.31 -20.18
CA PHE B 190 -23.28 4.86 -21.00
C PHE B 190 -23.28 5.56 -22.35
N GLY B 191 -22.82 6.82 -22.37
CA GLY B 191 -22.78 7.57 -23.60
C GLY B 191 -21.50 7.35 -24.38
N TRP B 192 -21.49 7.79 -25.64
CA TRP B 192 -20.32 7.63 -26.50
C TRP B 192 -19.68 8.97 -26.80
N ILE B 193 -19.40 9.74 -25.75
CA ILE B 193 -18.79 11.06 -25.91
C ILE B 193 -17.28 10.98 -25.68
N ASN B 194 -16.53 11.75 -26.47
CA ASN B 194 -15.07 11.77 -26.36
C ASN B 194 -14.53 13.19 -26.49
N GLN B 195 -15.35 14.17 -26.10
CA GLN B 195 -14.95 15.57 -26.16
C GLN B 195 -14.16 15.96 -24.92
N THR B 196 -13.33 17.00 -25.06
CA THR B 196 -12.51 17.48 -23.96
C THR B 196 -13.36 18.03 -22.82
N ILE B 197 -14.64 18.30 -23.10
CA ILE B 197 -15.55 18.82 -22.09
C ILE B 197 -15.79 17.79 -20.99
N ASP B 198 -15.70 16.52 -21.35
CA ASP B 198 -15.91 15.43 -20.40
C ASP B 198 -14.84 15.48 -19.30
N THR B 199 -13.58 15.45 -19.71
CA THR B 199 -12.47 15.50 -18.77
C THR B 199 -12.47 16.80 -18.00
N PHE B 200 -13.00 17.85 -18.62
CA PHE B 200 -13.06 19.17 -18.00
C PHE B 200 -14.00 19.16 -16.80
N LEU B 201 -15.08 18.39 -16.90
CA LEU B 201 -16.06 18.30 -15.83
C LEU B 201 -15.49 17.51 -14.64
N PHE B 202 -14.90 16.35 -14.93
CA PHE B 202 -14.31 15.52 -13.90
C PHE B 202 -13.05 16.13 -13.33
N CYS B 203 -12.61 17.24 -13.93
CA CYS B 203 -11.42 17.95 -13.48
C CYS B 203 -11.80 19.10 -12.56
N LEU B 204 -12.80 19.87 -12.99
CA LEU B 204 -13.27 21.03 -12.23
C LEU B 204 -14.04 20.61 -10.99
N LEU B 205 -14.63 19.42 -11.01
CA LEU B 205 -15.40 18.94 -9.87
C LEU B 205 -14.49 18.69 -8.66
N PRO B 206 -13.40 17.88 -8.80
CA PRO B 206 -12.48 17.63 -7.68
C PRO B 206 -11.93 18.92 -7.13
N PHE B 207 -11.56 19.84 -8.03
CA PHE B 207 -11.02 21.14 -7.61
C PHE B 207 -12.06 21.93 -6.84
N PHE B 208 -13.31 21.85 -7.30
CA PHE B 208 -14.41 22.56 -6.66
C PHE B 208 -14.66 22.03 -5.25
N SER B 209 -14.46 20.73 -5.05
CA SER B 209 -14.66 20.10 -3.75
C SER B 209 -13.41 20.22 -2.88
N VAL B 211 -11.12 22.74 -2.74
CA VAL B 211 -11.06 24.05 -2.11
C VAL B 211 -12.11 24.20 -1.01
N GLY B 212 -13.36 23.94 -1.36
CA GLY B 212 -14.43 24.04 -0.39
C GLY B 212 -14.23 23.14 0.82
N PHE B 213 -13.54 22.03 0.60
CA PHE B 213 -13.28 21.08 1.69
C PHE B 213 -12.35 21.70 2.74
N SER B 214 -11.39 22.48 2.28
CA SER B 214 -10.44 23.13 3.18
C SER B 214 -11.16 24.07 4.13
N PHE B 215 -11.91 25.01 3.57
CA PHE B 215 -12.66 25.98 4.37
C PHE B 215 -13.73 25.26 5.21
N LEU B 216 -14.09 24.06 4.80
CA LEU B 216 -15.10 23.27 5.49
C LEU B 216 -14.57 22.76 6.82
N ASP B 217 -13.48 22.00 6.78
CA ASP B 217 -12.87 21.44 7.98
C ASP B 217 -12.47 22.54 8.97
N LEU B 218 -12.26 23.73 8.44
CA LEU B 218 -11.87 24.88 9.27
C LEU B 218 -13.01 25.32 10.18
N HIS B 219 -14.16 25.59 9.59
CA HIS B 219 -15.34 26.04 10.35
C HIS B 219 -16.01 24.86 11.06
N GLY B 220 -15.76 23.65 10.57
CA GLY B 220 -16.36 22.47 11.15
C GLY B 220 -15.92 22.22 12.58
N LEU B 221 -14.77 22.76 12.95
CA LEU B 221 -14.24 22.58 14.30
C LEU B 221 -15.02 23.43 15.31
N ARG B 222 -15.65 24.50 14.81
CA ARG B 222 -16.43 25.40 15.66
C ARG B 222 -15.55 26.03 16.74
N ASN B 223 -15.35 25.31 17.84
CA ASN B 223 -14.52 25.82 18.95
C ASN B 223 -14.06 24.67 19.83
N LEU B 224 -12.79 24.29 19.69
CA LEU B 224 -12.22 23.21 20.48
C LEU B 224 -10.72 23.41 20.70
N ASN B 225 -10.28 23.18 21.92
CA ASN B 225 -8.86 23.34 22.27
C ASN B 225 -8.25 22.01 22.68
N ASP B 226 -8.54 21.58 23.91
CA ASP B 226 -8.01 20.32 24.43
C ASP B 226 -6.48 20.33 24.48
N SER B 227 -5.93 20.52 25.67
CA SER B 227 -4.48 20.54 25.86
C SER B 227 -4.10 20.23 27.30
N ARG B 228 -4.07 18.94 27.64
CA ARG B 228 -3.72 18.52 28.98
C ARG B 228 -2.31 17.95 29.03
N GLN B 229 -1.95 17.15 28.04
CA GLN B 229 -0.63 16.55 27.96
C GLN B 229 0.45 17.61 27.84
N MET C 1 13.55 -14.08 -25.34
CA MET C 1 14.61 -13.36 -24.60
C MET C 1 15.92 -14.14 -24.63
N ASN C 2 17.00 -13.44 -24.92
CA ASN C 2 18.33 -14.06 -24.99
C ASN C 2 19.29 -13.42 -23.99
N LEU C 3 18.87 -12.29 -23.43
CA LEU C 3 19.70 -11.58 -22.46
C LEU C 3 19.90 -12.42 -21.21
N GLU C 4 21.12 -12.37 -20.67
CA GLU C 4 21.45 -13.14 -19.47
C GLU C 4 22.58 -12.47 -18.70
N SER C 5 22.32 -12.10 -17.45
CA SER C 5 23.33 -11.47 -16.61
C SER C 5 23.40 -12.14 -15.24
N LEU C 6 24.61 -12.57 -14.87
CA LEU C 6 24.83 -13.23 -13.59
C LEU C 6 25.13 -12.20 -12.50
N LEU C 7 25.28 -10.94 -12.91
CA LEU C 7 25.56 -9.86 -11.97
C LEU C 7 24.39 -9.69 -10.99
N HIS C 8 23.18 -9.76 -11.52
CA HIS C 8 21.98 -9.62 -10.71
C HIS C 8 21.75 -10.88 -9.87
N TRP C 9 22.30 -12.00 -10.34
CA TRP C 9 22.18 -13.28 -9.65
C TRP C 9 23.04 -13.29 -8.38
N ILE C 10 24.27 -12.80 -8.50
CA ILE C 10 25.17 -12.76 -7.36
C ILE C 10 24.67 -11.73 -6.35
N TYR C 11 23.89 -10.78 -6.84
CA TYR C 11 23.31 -9.74 -6.00
C TYR C 11 22.42 -10.34 -4.92
N VAL C 12 21.42 -11.11 -5.35
CA VAL C 12 20.50 -11.74 -4.41
C VAL C 12 21.25 -12.67 -3.47
N ALA C 13 22.33 -13.25 -3.96
CA ALA C 13 23.14 -14.16 -3.16
C ALA C 13 23.86 -13.38 -2.04
N GLY C 14 24.20 -12.14 -2.34
CA GLY C 14 24.88 -11.30 -1.37
C GLY C 14 23.95 -10.83 -0.28
N MET C 15 22.67 -10.69 -0.63
CA MET C 15 21.66 -10.23 0.32
C MET C 15 21.29 -11.34 1.30
N THR C 16 21.28 -12.58 0.83
CA THR C 16 20.95 -13.73 1.68
C THR C 16 21.96 -13.88 2.81
N ILE C 17 23.24 -13.94 2.44
CA ILE C 17 24.30 -14.07 3.44
C ILE C 17 24.32 -12.88 4.38
N GLY C 18 23.84 -11.74 3.89
CA GLY C 18 23.80 -10.54 4.71
C GLY C 18 23.02 -10.75 6.00
N ALA C 19 21.74 -11.09 5.86
CA ALA C 19 20.88 -11.31 7.00
C ALA C 19 21.45 -12.38 7.92
N LEU C 20 22.14 -13.37 7.34
CA LEU C 20 22.74 -14.44 8.11
C LEU C 20 23.80 -13.91 9.06
N HIS C 21 24.63 -12.97 8.57
CA HIS C 21 25.68 -12.38 9.38
C HIS C 21 25.09 -11.69 10.61
N PHE C 22 23.96 -11.00 10.41
CA PHE C 22 23.29 -10.30 11.50
C PHE C 22 22.66 -11.29 12.48
N TRP C 23 22.45 -12.52 12.01
CA TRP C 23 21.85 -13.55 12.84
C TRP C 23 22.84 -14.02 13.91
N SER C 24 24.12 -14.03 13.56
CA SER C 24 25.16 -14.45 14.48
C SER C 24 25.38 -13.40 15.57
N LEU C 25 25.48 -12.14 15.16
CA LEU C 25 25.69 -11.04 16.11
C LEU C 25 24.37 -10.66 16.79
N SER C 26 23.30 -11.36 16.41
CA SER C 26 21.98 -11.10 16.98
C SER C 26 22.00 -11.21 18.49
N ARG C 27 23.02 -11.86 19.04
CA ARG C 27 23.15 -12.02 20.48
C ARG C 27 22.89 -10.68 21.18
N ASN C 28 23.46 -9.63 20.60
CA ASN C 28 23.29 -8.27 21.11
C ASN C 28 23.94 -7.26 20.17
N PRO C 29 23.20 -6.20 19.80
CA PRO C 29 23.69 -5.16 18.91
C PRO C 29 24.10 -3.89 19.66
N ARG C 30 25.27 -3.93 20.29
CA ARG C 30 25.78 -2.80 21.04
C ARG C 30 24.85 -2.43 22.19
N GLY C 31 23.84 -3.26 22.41
CA GLY C 31 22.89 -3.02 23.49
C GLY C 31 21.69 -2.20 23.05
N VAL C 32 21.18 -2.49 21.85
CA VAL C 32 20.03 -1.77 21.33
C VAL C 32 18.90 -2.74 20.97
N PRO C 33 17.64 -2.28 21.03
CA PRO C 33 16.46 -3.11 20.71
C PRO C 33 16.56 -3.77 19.34
N GLN C 34 15.70 -4.75 19.12
CA GLN C 34 15.66 -5.49 17.86
C GLN C 34 15.37 -4.59 16.67
N TYR C 35 14.85 -3.39 16.94
CA TYR C 35 14.51 -2.44 15.88
C TYR C 35 15.64 -2.32 14.85
N GLU C 36 16.87 -2.51 15.31
CA GLU C 36 18.03 -2.42 14.42
C GLU C 36 18.00 -3.52 13.37
N TYR C 37 17.98 -4.78 13.82
CA TYR C 37 17.95 -5.92 12.91
C TYR C 37 16.62 -6.02 12.18
N LEU C 38 15.59 -5.38 12.74
CA LEU C 38 14.25 -5.41 12.16
C LEU C 38 14.28 -4.86 10.73
N VAL C 39 14.62 -3.58 10.61
CA VAL C 39 14.67 -2.93 9.30
C VAL C 39 15.82 -3.47 8.46
N ALA C 40 16.89 -3.90 9.13
CA ALA C 40 18.05 -4.45 8.43
C ALA C 40 17.76 -5.83 7.86
N MET C 41 16.65 -6.43 8.29
CA MET C 41 16.28 -7.76 7.80
C MET C 41 15.40 -7.68 6.55
N PHE C 42 14.44 -6.75 6.55
CA PHE C 42 13.52 -6.61 5.42
C PHE C 42 14.19 -6.01 4.18
N ILE C 43 15.03 -5.00 4.38
CA ILE C 43 15.71 -4.33 3.26
C ILE C 43 16.42 -5.32 2.32
N PRO C 44 17.29 -6.21 2.85
CA PRO C 44 18.02 -7.19 2.03
C PRO C 44 17.13 -8.27 1.44
N ILE C 45 16.17 -8.74 2.23
CA ILE C 45 15.26 -9.80 1.79
C ILE C 45 14.52 -9.42 0.51
N TRP C 46 13.71 -8.35 0.59
CA TRP C 46 12.93 -7.89 -0.55
C TRP C 46 13.84 -7.61 -1.75
N SER C 47 14.78 -6.70 -1.56
CA SER C 47 15.70 -6.32 -2.63
C SER C 47 16.40 -7.55 -3.22
N GLY C 48 16.56 -8.58 -2.41
CA GLY C 48 17.20 -9.79 -2.87
C GLY C 48 16.48 -10.41 -4.05
N LEU C 49 15.23 -10.83 -3.83
CA LEU C 49 14.43 -11.45 -4.88
C LEU C 49 14.22 -10.48 -6.03
N ALA C 50 14.32 -9.19 -5.75
CA ALA C 50 14.13 -8.15 -6.77
C ALA C 50 15.22 -8.25 -7.83
N TYR C 51 16.47 -8.13 -7.40
CA TYR C 51 17.60 -8.20 -8.32
C TYR C 51 17.68 -9.57 -8.99
N MET C 52 17.33 -10.62 -8.24
CA MET C 52 17.36 -11.97 -8.78
C MET C 52 16.54 -12.05 -10.06
N ALA C 53 15.45 -11.27 -10.10
CA ALA C 53 14.59 -11.22 -11.27
C ALA C 53 15.25 -10.46 -12.40
N MET C 54 16.02 -9.43 -12.04
CA MET C 54 16.72 -8.62 -13.02
C MET C 54 17.70 -9.48 -13.80
N ALA C 55 18.06 -10.63 -13.22
CA ALA C 55 19.00 -11.56 -13.85
C ALA C 55 18.27 -12.42 -14.88
N ILE C 56 17.14 -12.99 -14.48
CA ILE C 56 16.36 -13.84 -15.36
C ILE C 56 15.64 -13.02 -16.43
N ASP C 57 15.75 -11.69 -16.32
CA ASP C 57 15.12 -10.78 -17.27
C ASP C 57 13.60 -10.95 -17.27
N GLN C 58 12.96 -10.60 -16.17
CA GLN C 58 11.51 -10.70 -16.05
C GLN C 58 10.94 -9.49 -15.34
N GLY C 59 9.80 -9.01 -15.83
CA GLY C 59 9.16 -7.85 -15.24
C GLY C 59 9.21 -6.63 -16.14
N LYS C 60 9.61 -6.85 -17.39
CA LYS C 60 9.71 -5.77 -18.35
C LYS C 60 8.70 -5.95 -19.49
N VAL C 61 8.22 -4.84 -20.03
CA VAL C 61 7.25 -4.89 -21.12
C VAL C 61 7.85 -4.31 -22.41
N GLU C 62 7.53 -4.93 -23.54
CA GLU C 62 8.03 -4.46 -24.83
C GLU C 62 7.05 -3.51 -25.49
N ALA C 63 7.17 -2.23 -25.15
CA ALA C 63 6.29 -1.20 -25.73
C ALA C 63 6.96 -0.52 -26.91
N ALA C 64 6.32 -0.63 -28.08
CA ALA C 64 6.84 -0.02 -29.30
C ALA C 64 8.22 -0.57 -29.65
N GLY C 65 8.47 -1.82 -29.26
CA GLY C 65 9.75 -2.43 -29.54
C GLY C 65 10.81 -2.08 -28.52
N GLN C 66 10.47 -1.18 -27.60
CA GLN C 66 11.41 -0.76 -26.56
C GLN C 66 11.12 -1.49 -25.26
N ILE C 67 12.16 -1.66 -24.44
CA ILE C 67 12.01 -2.34 -23.15
C ILE C 67 12.03 -1.34 -22.00
N ALA C 68 11.07 -1.48 -21.10
CA ALA C 68 10.96 -0.58 -19.95
C ALA C 68 11.40 -1.29 -18.67
N HIS C 69 12.03 -0.54 -17.78
CA HIS C 69 12.50 -1.07 -16.51
C HIS C 69 11.45 -0.91 -15.42
N TYR C 70 10.28 -1.49 -15.66
CA TYR C 70 9.17 -1.40 -14.71
C TYR C 70 9.50 -2.12 -13.40
N ALA C 71 9.79 -3.41 -13.51
CA ALA C 71 10.14 -4.22 -12.34
C ALA C 71 11.30 -3.59 -11.59
N ARG C 72 12.22 -3.01 -12.35
CA ARG C 72 13.39 -2.37 -11.78
C ARG C 72 12.99 -1.30 -10.77
N TYR C 73 11.94 -0.56 -11.08
CA TYR C 73 11.47 0.50 -10.19
C TYR C 73 10.60 -0.03 -9.06
N ILE C 74 10.03 -1.22 -9.26
CA ILE C 74 9.19 -1.83 -8.23
C ILE C 74 9.98 -2.00 -6.94
N ASP C 75 11.21 -2.46 -7.08
CA ASP C 75 12.08 -2.67 -5.92
C ASP C 75 12.32 -1.36 -5.19
N TRP C 76 12.14 -0.25 -5.90
CA TRP C 76 12.33 1.08 -5.32
C TRP C 76 11.11 1.52 -4.54
N MET C 77 9.95 1.01 -4.93
CA MET C 77 8.70 1.36 -4.29
C MET C 77 8.54 0.67 -2.93
N VAL C 78 9.37 -0.33 -2.68
CA VAL C 78 9.31 -1.06 -1.41
C VAL C 78 10.56 -0.87 -0.55
N THR C 79 11.72 -0.91 -1.19
CA THR C 79 12.99 -0.77 -0.48
C THR C 79 13.24 0.66 0.00
N THR C 80 13.13 1.62 -0.91
CA THR C 80 13.37 3.03 -0.57
C THR C 80 12.53 3.49 0.61
N PRO C 81 11.19 3.27 0.59
CA PRO C 81 10.31 3.68 1.69
C PRO C 81 10.77 3.13 3.04
N LEU C 82 11.29 1.90 3.02
CA LEU C 82 11.77 1.26 4.23
C LEU C 82 13.14 1.82 4.63
N LEU C 83 13.86 2.36 3.66
CA LEU C 83 15.17 2.93 3.92
C LEU C 83 15.05 4.17 4.80
N LEU C 84 14.11 5.05 4.45
CA LEU C 84 13.89 6.27 5.21
C LEU C 84 13.19 5.97 6.53
N LEU C 85 12.39 4.91 6.53
CA LEU C 85 11.66 4.51 7.72
C LEU C 85 12.62 4.08 8.82
N SER C 86 13.70 3.43 8.43
CA SER C 86 14.71 2.99 9.38
C SER C 86 15.33 4.18 10.10
N LEU C 87 15.41 5.30 9.41
CA LEU C 87 15.96 6.53 9.97
C LEU C 87 15.07 7.05 11.10
N SER C 88 13.77 6.83 10.96
CA SER C 88 12.81 7.28 11.96
C SER C 88 13.07 6.57 13.29
N TRP C 89 13.12 5.25 13.26
CA TRP C 89 13.36 4.46 14.47
C TRP C 89 14.73 4.79 15.06
N THR C 90 15.65 5.23 14.21
CA THR C 90 16.99 5.58 14.65
C THR C 90 16.97 6.80 15.56
N ALA C 91 16.04 7.71 15.30
CA ALA C 91 15.90 8.92 16.09
C ALA C 91 15.33 8.61 17.48
N MET C 92 14.21 7.88 17.50
CA MET C 92 13.57 7.50 18.75
C MET C 92 13.41 5.99 18.85
N GLN C 93 13.89 5.43 19.96
CA GLN C 93 13.80 4.00 20.20
C GLN C 93 12.40 3.59 20.63
N PHE C 94 11.59 4.58 21.00
CA PHE C 94 10.23 4.33 21.44
C PHE C 94 9.25 5.29 20.78
N ILE C 95 7.97 4.94 20.84
CA ILE C 95 6.91 5.76 20.23
C ILE C 95 5.83 6.08 21.25
N LYS C 96 5.27 7.29 21.15
CA LYS C 96 4.22 7.71 22.07
C LYS C 96 3.07 8.36 21.30
N LYS C 97 3.31 9.58 20.80
CA LYS C 97 2.30 10.31 20.05
C LYS C 97 2.83 10.71 18.68
N ASP C 98 4.07 10.32 18.39
CA ASP C 98 4.69 10.66 17.12
C ASP C 98 4.25 9.68 16.02
N TRP C 99 3.24 10.09 15.25
CA TRP C 99 2.72 9.26 14.18
C TRP C 99 2.47 10.11 12.92
N THR C 100 2.59 11.43 13.07
CA THR C 100 2.38 12.34 11.97
C THR C 100 3.68 12.57 11.21
N LEU C 101 4.78 12.66 11.94
CA LEU C 101 6.10 12.89 11.35
C LEU C 101 6.45 11.75 10.41
N ILE C 102 6.17 10.52 10.83
CA ILE C 102 6.46 9.35 10.01
C ILE C 102 5.69 9.38 8.70
N GLY C 103 4.43 9.81 8.76
CA GLY C 103 3.61 9.89 7.58
C GLY C 103 4.02 11.04 6.66
N PHE C 104 4.82 11.95 7.20
CA PHE C 104 5.29 13.10 6.42
C PHE C 104 6.40 12.68 5.47
N LEU C 105 7.36 11.93 5.98
CA LEU C 105 8.48 11.46 5.18
C LEU C 105 8.02 10.38 4.21
N MET C 106 7.13 9.52 4.68
CA MET C 106 6.61 8.43 3.87
C MET C 106 5.79 8.94 2.71
N SER C 107 4.95 9.95 2.96
CA SER C 107 4.09 10.51 1.92
C SER C 107 4.93 11.07 0.77
N THR C 108 5.91 11.89 1.10
CA THR C 108 6.77 12.51 0.11
C THR C 108 7.42 11.44 -0.78
N GLN C 109 7.77 10.31 -0.18
CA GLN C 109 8.40 9.23 -0.91
C GLN C 109 7.48 8.66 -1.98
N ILE C 110 6.22 8.41 -1.60
CA ILE C 110 5.23 7.87 -2.53
C ILE C 110 5.16 8.71 -3.80
N VAL C 111 5.35 10.01 -3.65
CA VAL C 111 5.32 10.93 -4.78
C VAL C 111 6.46 10.66 -5.76
N VAL C 112 7.69 10.63 -5.23
CA VAL C 112 8.86 10.38 -6.06
C VAL C 112 8.81 8.99 -6.68
N ILE C 113 8.15 8.06 -6.02
CA ILE C 113 8.04 6.70 -6.50
C ILE C 113 7.25 6.62 -7.79
N THR C 114 6.06 7.25 -7.81
CA THR C 114 5.22 7.25 -9.00
C THR C 114 5.98 7.77 -10.21
N SER C 115 6.53 8.97 -10.07
CA SER C 115 7.30 9.59 -11.16
C SER C 115 8.46 8.70 -11.59
N GLY C 116 8.86 7.79 -10.70
CA GLY C 116 9.96 6.90 -11.00
C GLY C 116 9.58 5.82 -11.99
N LEU C 117 8.62 4.99 -11.62
CA LEU C 117 8.17 3.90 -12.48
C LEU C 117 7.63 4.45 -13.81
N ILE C 118 7.23 5.72 -13.80
CA ILE C 118 6.70 6.37 -15.00
C ILE C 118 7.83 6.84 -15.91
N ALA C 119 8.93 7.26 -15.30
CA ALA C 119 10.09 7.74 -16.05
C ALA C 119 10.51 6.74 -17.13
N ASP C 120 10.41 5.46 -16.80
CA ASP C 120 10.77 4.40 -17.73
C ASP C 120 9.60 4.06 -18.64
N LEU C 121 8.39 4.39 -18.21
CA LEU C 121 7.19 4.12 -18.99
C LEU C 121 6.92 5.24 -19.99
N SER C 122 7.98 5.90 -20.44
CA SER C 122 7.86 6.99 -21.40
C SER C 122 8.06 6.48 -22.82
N GLU C 123 7.09 6.76 -23.68
CA GLU C 123 7.15 6.32 -25.07
C GLU C 123 7.72 7.43 -25.97
N ARG C 124 7.64 8.67 -25.50
CA ARG C 124 8.15 9.81 -26.26
C ARG C 124 9.34 10.45 -25.54
N ASP C 125 10.39 10.77 -26.30
CA ASP C 125 11.58 11.38 -25.73
C ASP C 125 11.33 12.83 -25.32
N TRP C 126 10.21 13.38 -25.74
CA TRP C 126 9.86 14.77 -25.42
C TRP C 126 9.26 14.85 -24.02
N VAL C 127 8.27 14.02 -23.76
CA VAL C 127 7.60 13.99 -22.46
C VAL C 127 8.55 13.54 -21.36
N ARG C 128 9.55 12.75 -21.75
CA ARG C 128 10.53 12.23 -20.79
C ARG C 128 11.32 13.37 -20.14
N TYR C 129 11.35 14.52 -20.81
CA TYR C 129 12.06 15.69 -20.29
C TYR C 129 11.27 16.37 -19.19
N LEU C 130 9.96 16.39 -19.34
CA LEU C 130 9.07 17.02 -18.36
C LEU C 130 8.90 16.14 -17.12
N TRP C 131 8.97 14.83 -17.31
CA TRP C 131 8.81 13.90 -16.20
C TRP C 131 10.07 13.85 -15.34
N TYR C 132 11.23 13.82 -15.98
CA TYR C 132 12.50 13.78 -15.27
C TYR C 132 12.64 14.96 -14.32
N ILE C 133 12.41 16.16 -14.84
CA ILE C 133 12.51 17.37 -14.05
C ILE C 133 11.44 17.42 -12.97
N CYS C 134 10.32 16.76 -13.22
CA CYS C 134 9.21 16.72 -12.26
C CYS C 134 9.63 16.01 -10.98
N GLY C 135 10.30 14.87 -11.13
CA GLY C 135 10.73 14.10 -9.98
C GLY C 135 11.69 14.86 -9.10
N VAL C 136 12.76 15.39 -9.69
CA VAL C 136 13.76 16.14 -8.93
C VAL C 136 13.16 17.40 -8.30
N CYS C 137 12.19 17.99 -8.97
CA CYS C 137 11.54 19.20 -8.47
C CYS C 137 10.84 18.95 -7.14
N ALA C 138 10.05 17.89 -7.08
CA ALA C 138 9.31 17.55 -5.87
C ALA C 138 10.26 17.33 -4.69
N PHE C 139 11.41 16.75 -4.98
CA PHE C 139 12.41 16.47 -3.95
C PHE C 139 13.06 17.76 -3.44
N LEU C 140 13.02 18.81 -4.26
CA LEU C 140 13.63 20.09 -3.89
C LEU C 140 12.80 20.81 -2.83
N ILE C 141 11.52 21.02 -3.10
CA ILE C 141 10.63 21.71 -2.17
C ILE C 141 10.60 21.03 -0.81
N ILE C 142 10.56 19.71 -0.79
CA ILE C 142 10.52 18.96 0.46
C ILE C 142 11.87 19.00 1.17
N LEU C 143 12.94 19.07 0.39
CA LEU C 143 14.29 19.11 0.95
C LEU C 143 14.47 20.33 1.85
N TRP C 144 14.01 21.48 1.39
CA TRP C 144 14.12 22.72 2.14
C TRP C 144 13.19 22.72 3.35
N GLY C 145 12.07 22.01 3.21
CA GLY C 145 11.10 21.95 4.30
C GLY C 145 11.51 20.99 5.40
N ILE C 146 12.45 20.09 5.11
CA ILE C 146 12.91 19.12 6.10
C ILE C 146 14.19 19.60 6.77
N TRP C 147 14.95 20.44 6.07
CA TRP C 147 16.20 20.96 6.60
C TRP C 147 15.97 22.01 7.69
N ASN C 148 14.70 22.29 7.98
CA ASN C 148 14.37 23.27 9.01
C ASN C 148 13.99 22.62 10.34
N PRO C 149 13.03 21.66 10.35
CA PRO C 149 12.61 20.98 11.58
C PRO C 149 13.73 20.20 12.25
N LEU C 150 14.75 19.85 11.47
CA LEU C 150 15.88 19.10 11.99
C LEU C 150 17.06 20.01 12.32
N ARG C 151 16.76 21.13 12.97
CA ARG C 151 17.80 22.09 13.36
C ARG C 151 17.23 23.15 14.29
N ALA C 152 16.07 23.70 13.93
CA ALA C 152 15.42 24.73 14.74
C ALA C 152 14.60 24.10 15.87
N LYS C 153 13.77 23.14 15.52
CA LYS C 153 12.93 22.45 16.50
C LYS C 153 13.77 21.55 17.41
N THR C 154 14.88 21.05 16.87
CA THR C 154 15.77 20.18 17.62
C THR C 154 16.54 20.95 18.70
N ARG C 155 16.60 22.27 18.53
CA ARG C 155 17.31 23.13 19.47
C ARG C 155 16.61 23.14 20.83
N THR C 156 15.28 23.21 20.80
CA THR C 156 14.49 23.24 22.03
C THR C 156 14.15 21.84 22.51
N GLN C 157 14.09 20.89 21.57
CA GLN C 157 13.77 19.51 21.90
C GLN C 157 14.98 18.81 22.53
N SER C 158 15.98 18.53 21.72
CA SER C 158 17.20 17.86 22.20
C SER C 158 18.41 18.25 21.36
N SER C 159 19.41 18.81 22.01
CA SER C 159 20.63 19.24 21.33
C SER C 159 21.51 18.04 20.97
N GLU C 160 21.50 17.03 21.84
CA GLU C 160 22.30 15.82 21.62
C GLU C 160 21.83 15.10 20.37
N LEU C 161 20.54 14.83 20.29
CA LEU C 161 19.96 14.13 19.15
C LEU C 161 20.08 14.97 17.88
N ALA C 162 20.17 16.27 18.05
CA ALA C 162 20.29 17.19 16.93
C ALA C 162 21.59 16.97 16.17
N ASN C 163 22.66 16.67 16.91
CA ASN C 163 23.96 16.43 16.29
C ASN C 163 23.99 15.08 15.58
N LEU C 164 23.42 14.07 16.21
CA LEU C 164 23.38 12.73 15.63
C LEU C 164 22.67 12.76 14.28
N TYR C 165 21.52 13.41 14.22
CA TYR C 165 20.75 13.51 12.99
C TYR C 165 21.43 14.44 11.99
N ASP C 166 22.21 15.39 12.50
CA ASP C 166 22.92 16.34 11.66
C ASP C 166 23.92 15.62 10.75
N LYS C 167 24.62 14.64 11.31
CA LYS C 167 25.61 13.88 10.55
C LYS C 167 24.92 12.77 9.75
N LEU C 168 23.72 12.40 10.18
CA LEU C 168 22.96 11.36 9.51
C LEU C 168 22.44 11.82 8.15
N VAL C 169 21.74 12.94 8.13
CA VAL C 169 21.19 13.49 6.90
C VAL C 169 22.30 13.78 5.88
N THR C 170 23.52 13.97 6.38
CA THR C 170 24.66 14.25 5.52
C THR C 170 24.83 13.17 4.45
N TYR C 171 25.01 11.94 4.90
CA TYR C 171 25.19 10.81 3.99
C TYR C 171 23.89 10.54 3.24
N PHE C 172 22.77 10.89 3.86
CA PHE C 172 21.46 10.69 3.26
C PHE C 172 21.25 11.63 2.07
N THR C 173 21.96 12.75 2.09
CA THR C 173 21.85 13.74 1.02
C THR C 173 22.67 13.35 -0.21
N VAL C 174 23.95 13.03 0.00
CA VAL C 174 24.84 12.65 -1.09
C VAL C 174 24.34 11.41 -1.83
N LEU C 175 23.58 10.57 -1.15
CA LEU C 175 23.05 9.35 -1.74
C LEU C 175 21.77 9.63 -2.53
N TRP C 176 20.79 10.24 -1.87
CA TRP C 176 19.52 10.56 -2.51
C TRP C 176 19.75 11.43 -3.75
N ILE C 177 20.77 12.26 -3.70
CA ILE C 177 21.11 13.13 -4.82
C ILE C 177 22.04 12.41 -5.80
N GLY C 178 22.68 11.35 -5.31
CA GLY C 178 23.59 10.59 -6.15
C GLY C 178 22.93 10.01 -7.38
N TYR C 179 21.83 9.26 -7.18
CA TYR C 179 21.12 8.66 -8.30
C TYR C 179 20.72 9.71 -9.34
N PRO C 180 20.01 10.79 -8.92
CA PRO C 180 19.59 11.85 -9.84
C PRO C 180 20.72 12.31 -10.76
N ILE C 181 21.95 12.25 -10.26
CA ILE C 181 23.12 12.65 -11.04
C ILE C 181 23.33 11.72 -12.24
N VAL C 182 23.57 10.45 -11.95
CA VAL C 182 23.80 9.46 -12.99
C VAL C 182 22.62 9.35 -13.95
N TRP C 183 21.41 9.57 -13.43
CA TRP C 183 20.21 9.47 -14.24
C TRP C 183 20.30 10.38 -15.46
N ILE C 184 21.04 11.47 -15.35
CA ILE C 184 21.20 12.41 -16.46
C ILE C 184 21.64 11.70 -17.73
N ILE C 185 22.83 11.10 -17.67
CA ILE C 185 23.37 10.39 -18.83
C ILE C 185 22.73 9.02 -18.98
N GLY C 186 23.05 8.35 -20.08
CA GLY C 186 22.49 7.02 -20.34
C GLY C 186 21.06 7.08 -20.84
N PRO C 187 20.34 5.94 -20.83
CA PRO C 187 18.95 5.88 -21.28
C PRO C 187 17.97 6.38 -20.24
N SER C 188 16.74 6.67 -20.67
CA SER C 188 15.71 7.17 -19.77
C SER C 188 16.15 8.48 -19.12
N GLY C 189 17.25 9.03 -19.59
CA GLY C 189 17.77 10.27 -19.05
C GLY C 189 17.92 11.34 -20.12
N PHE C 190 18.86 11.12 -21.03
CA PHE C 190 19.12 12.05 -22.12
C PHE C 190 19.99 11.41 -23.19
N GLY C 191 20.83 10.47 -22.77
CA GLY C 191 21.71 9.80 -23.70
C GLY C 191 21.02 8.65 -24.42
N TRP C 192 21.75 7.96 -25.28
CA TRP C 192 21.21 6.85 -26.03
C TRP C 192 22.05 5.59 -25.85
N ILE C 193 22.42 5.31 -24.60
CA ILE C 193 23.22 4.14 -24.27
C ILE C 193 22.33 2.97 -23.89
N ASN C 194 22.69 1.77 -24.34
CA ASN C 194 21.91 0.58 -24.03
C ASN C 194 22.80 -0.58 -23.60
N GLN C 195 24.06 -0.28 -23.29
CA GLN C 195 25.01 -1.30 -22.88
C GLN C 195 24.68 -1.82 -21.48
N THR C 196 25.10 -3.05 -21.20
CA THR C 196 24.85 -3.68 -19.90
C THR C 196 25.63 -2.98 -18.80
N ILE C 197 26.64 -2.21 -19.19
CA ILE C 197 27.47 -1.48 -18.23
C ILE C 197 26.65 -0.46 -17.47
N ASP C 198 25.58 0.03 -18.10
CA ASP C 198 24.69 1.01 -17.48
C ASP C 198 23.97 0.42 -16.28
N THR C 199 23.40 -0.76 -16.47
CA THR C 199 22.67 -1.44 -15.41
C THR C 199 23.61 -1.85 -14.28
N PHE C 200 24.88 -2.02 -14.60
CA PHE C 200 25.88 -2.40 -13.62
C PHE C 200 26.16 -1.26 -12.65
N LEU C 201 26.14 -0.03 -13.15
CA LEU C 201 26.39 1.14 -12.33
C LEU C 201 25.17 1.48 -11.48
N PHE C 202 23.98 1.21 -12.03
CA PHE C 202 22.74 1.48 -11.32
C PHE C 202 22.47 0.43 -10.25
N CYS C 203 23.13 -0.72 -10.38
CA CYS C 203 22.98 -1.81 -9.43
C CYS C 203 24.09 -1.78 -8.38
N LEU C 204 25.28 -1.37 -8.81
CA LEU C 204 26.43 -1.31 -7.90
C LEU C 204 26.29 -0.19 -6.88
N LEU C 205 25.69 0.92 -7.28
CA LEU C 205 25.50 2.06 -6.38
C LEU C 205 24.67 1.65 -5.16
N PRO C 206 23.47 1.07 -5.36
CA PRO C 206 22.61 0.63 -4.26
C PRO C 206 23.35 -0.26 -3.27
N PHE C 207 24.01 -1.29 -3.80
CA PHE C 207 24.76 -2.22 -2.95
C PHE C 207 25.90 -1.50 -2.24
N PHE C 208 26.46 -0.50 -2.91
CA PHE C 208 27.55 0.28 -2.34
C PHE C 208 27.07 1.13 -1.18
N SER C 209 25.81 1.56 -1.26
CA SER C 209 25.21 2.39 -0.21
C SER C 209 24.49 1.52 0.81
N VAL C 211 25.54 -1.48 2.06
CA VAL C 211 26.50 -1.94 3.04
C VAL C 211 26.99 -0.79 3.92
N GLY C 212 27.30 0.34 3.29
CA GLY C 212 27.76 1.50 4.04
C GLY C 212 26.70 2.04 4.97
N PHE C 213 25.44 1.85 4.62
CA PHE C 213 24.33 2.32 5.44
C PHE C 213 24.22 1.50 6.71
N SER C 214 24.53 0.22 6.61
CA SER C 214 24.47 -0.68 7.76
C SER C 214 25.44 -0.23 8.85
N PHE C 215 26.72 -0.19 8.52
CA PHE C 215 27.75 0.22 9.46
C PHE C 215 27.54 1.67 9.90
N LEU C 216 26.80 2.43 9.09
CA LEU C 216 26.53 3.84 9.39
C LEU C 216 25.64 3.96 10.61
N ASP C 217 24.47 3.32 10.56
CA ASP C 217 23.52 3.35 11.67
C ASP C 217 24.13 2.74 12.92
N LEU C 218 25.15 1.90 12.74
CA LEU C 218 25.81 1.24 13.85
C LEU C 218 26.56 2.26 14.73
N HIS C 219 27.39 3.07 14.10
CA HIS C 219 28.17 4.08 14.81
C HIS C 219 27.34 5.34 15.06
N GLY C 220 26.30 5.52 14.25
CA GLY C 220 25.44 6.68 14.40
C GLY C 220 24.82 6.78 15.78
N LEU C 221 24.73 5.64 16.47
CA LEU C 221 24.16 5.60 17.81
C LEU C 221 24.93 6.53 18.76
N ARG C 222 26.24 6.31 18.86
CA ARG C 222 27.09 7.12 19.71
C ARG C 222 26.60 7.12 21.16
N ASN C 223 26.54 5.93 21.75
CA ASN C 223 26.09 5.78 23.14
C ASN C 223 24.69 6.35 23.34
N LEU C 224 23.72 5.47 23.53
CA LEU C 224 22.33 5.88 23.75
C LEU C 224 21.48 4.70 24.20
N ASN C 225 21.35 4.55 25.52
CA ASN C 225 20.56 3.46 26.09
C ASN C 225 19.55 3.99 27.10
N ASP C 226 18.28 3.66 26.87
CA ASP C 226 17.20 4.12 27.76
C ASP C 226 16.25 2.98 28.09
N SER C 227 16.33 2.48 29.32
CA SER C 227 15.48 1.38 29.76
C SER C 227 14.79 1.73 31.07
N ARG C 228 13.54 2.17 30.98
CA ARG C 228 12.76 2.54 32.16
C ARG C 228 11.57 1.61 32.35
N GLN C 229 10.84 1.38 31.26
CA GLN C 229 9.67 0.50 31.29
C GLN C 229 9.63 -0.41 30.06
N MET A 1 -18.38 -15.12 -26.42
CA MET A 1 -18.64 -15.07 -24.96
C MET A 1 -18.11 -16.32 -24.27
N ASN A 2 -18.01 -16.25 -22.94
CA ASN A 2 -17.53 -17.37 -22.15
C ASN A 2 -18.26 -17.45 -20.81
N LEU A 3 -19.53 -17.10 -20.82
CA LEU A 3 -20.34 -17.11 -19.62
C LEU A 3 -20.83 -18.53 -19.31
N GLU A 4 -20.13 -19.22 -18.42
CA GLU A 4 -20.49 -20.58 -18.04
C GLU A 4 -20.24 -20.83 -16.56
N SER A 5 -19.13 -20.31 -16.06
CA SER A 5 -18.77 -20.49 -14.66
C SER A 5 -19.79 -19.83 -13.74
N LEU A 6 -20.33 -20.60 -12.80
CA LEU A 6 -21.32 -20.09 -11.86
C LEU A 6 -20.76 -20.10 -10.44
N LEU A 7 -19.71 -20.89 -10.22
CA LEU A 7 -19.09 -21.00 -8.91
C LEU A 7 -18.60 -19.65 -8.42
N HIS A 8 -18.02 -18.86 -9.33
CA HIS A 8 -17.51 -17.54 -8.99
C HIS A 8 -18.64 -16.63 -8.51
N TRP A 9 -19.82 -16.77 -9.10
CA TRP A 9 -20.97 -15.97 -8.74
C TRP A 9 -21.48 -16.32 -7.34
N ILE A 10 -21.59 -17.62 -7.06
CA ILE A 10 -22.05 -18.07 -5.76
C ILE A 10 -21.02 -17.74 -4.68
N TYR A 11 -19.78 -17.55 -5.10
CA TYR A 11 -18.69 -17.23 -4.19
C TYR A 11 -18.93 -15.89 -3.51
N VAL A 12 -19.13 -14.85 -4.32
CA VAL A 12 -19.38 -13.52 -3.79
C VAL A 12 -20.65 -13.48 -2.95
N ALA A 13 -21.62 -14.32 -3.31
CA ALA A 13 -22.88 -14.39 -2.59
C ALA A 13 -22.67 -14.80 -1.14
N GLY A 14 -21.99 -15.93 -0.95
CA GLY A 14 -21.73 -16.43 0.39
C GLY A 14 -20.94 -15.45 1.23
N MET A 15 -20.05 -14.70 0.60
CA MET A 15 -19.23 -13.73 1.33
C MET A 15 -20.06 -12.55 1.81
N THR A 16 -21.10 -12.21 1.05
CA THR A 16 -21.97 -11.09 1.42
C THR A 16 -22.68 -11.36 2.73
N ILE A 17 -23.50 -12.41 2.76
CA ILE A 17 -24.26 -12.78 3.95
C ILE A 17 -23.32 -12.94 5.15
N GLY A 18 -22.08 -13.32 4.87
CA GLY A 18 -21.11 -13.50 5.94
C GLY A 18 -20.86 -12.23 6.72
N ALA A 19 -20.75 -11.11 6.00
CA ALA A 19 -20.52 -9.81 6.62
C ALA A 19 -21.72 -9.40 7.47
N LEU A 20 -22.92 -9.75 7.00
CA LEU A 20 -24.15 -9.42 7.72
C LEU A 20 -24.16 -10.03 9.11
N HIS A 21 -23.53 -11.19 9.24
CA HIS A 21 -23.46 -11.89 10.53
C HIS A 21 -22.87 -11.00 11.62
N PHE A 22 -22.07 -10.01 11.21
CA PHE A 22 -21.46 -9.08 12.16
C PHE A 22 -22.50 -8.40 13.02
N TRP A 23 -23.46 -7.73 12.38
CA TRP A 23 -24.52 -7.03 13.09
C TRP A 23 -25.40 -8.01 13.86
N SER A 24 -25.59 -9.20 13.31
CA SER A 24 -26.41 -10.22 13.96
C SER A 24 -25.73 -10.78 15.20
N LEU A 25 -24.41 -10.67 15.25
CA LEU A 25 -23.65 -11.16 16.40
C LEU A 25 -23.54 -10.10 17.48
N SER A 26 -24.06 -8.91 17.20
CA SER A 26 -24.01 -7.82 18.16
C SER A 26 -24.95 -8.10 19.34
N ARG A 27 -25.91 -8.99 19.14
CA ARG A 27 -26.85 -9.34 20.21
C ARG A 27 -26.08 -9.68 21.47
N ASN A 28 -24.89 -10.25 21.28
CA ASN A 28 -24.02 -10.63 22.38
C ASN A 28 -22.68 -11.15 21.86
N PRO A 29 -21.56 -10.67 22.41
CA PRO A 29 -20.23 -11.08 22.01
C PRO A 29 -19.67 -12.18 22.92
N ARG A 30 -18.70 -12.93 22.42
CA ARG A 30 -18.10 -14.02 23.19
C ARG A 30 -16.99 -13.49 24.10
N GLY A 31 -17.35 -12.61 25.02
CA GLY A 31 -16.39 -12.04 25.95
C GLY A 31 -15.66 -10.85 25.35
N VAL A 32 -15.18 -11.01 24.11
CA VAL A 32 -14.46 -9.95 23.43
C VAL A 32 -15.39 -9.22 22.45
N PRO A 33 -15.19 -7.90 22.28
CA PRO A 33 -16.02 -7.10 21.37
C PRO A 33 -15.99 -7.63 19.94
N GLN A 34 -16.99 -7.23 19.15
CA GLN A 34 -17.11 -7.66 17.76
C GLN A 34 -15.94 -7.20 16.91
N TYR A 35 -15.16 -6.23 17.42
CA TYR A 35 -14.01 -5.70 16.70
C TYR A 35 -13.20 -6.80 16.01
N GLU A 36 -13.08 -7.96 16.65
CA GLU A 36 -12.34 -9.07 16.08
C GLU A 36 -13.02 -9.57 14.81
N TYR A 37 -14.33 -9.76 14.89
CA TYR A 37 -15.11 -10.21 13.74
C TYR A 37 -15.16 -9.13 12.68
N LEU A 38 -14.90 -7.88 13.08
CA LEU A 38 -14.91 -6.75 12.16
C LEU A 38 -13.86 -6.96 11.08
N VAL A 39 -12.65 -7.32 11.51
CA VAL A 39 -11.56 -7.57 10.58
C VAL A 39 -11.91 -8.74 9.67
N ALA A 40 -12.50 -9.78 10.28
CA ALA A 40 -12.90 -10.97 9.54
C ALA A 40 -14.09 -10.69 8.65
N MET A 41 -14.64 -9.47 8.77
CA MET A 41 -15.78 -9.06 7.96
C MET A 41 -15.31 -8.46 6.64
N PHE A 42 -14.20 -7.73 6.69
CA PHE A 42 -13.65 -7.11 5.49
C PHE A 42 -13.05 -8.15 4.54
N ILE A 43 -12.49 -9.21 5.12
CA ILE A 43 -11.88 -10.27 4.32
C ILE A 43 -12.81 -10.78 3.22
N PRO A 44 -14.05 -11.21 3.56
CA PRO A 44 -15.02 -11.71 2.56
C PRO A 44 -15.56 -10.61 1.65
N ILE A 45 -15.70 -9.40 2.19
CA ILE A 45 -16.22 -8.28 1.40
C ILE A 45 -15.41 -8.06 0.13
N TRP A 46 -14.13 -7.74 0.27
CA TRP A 46 -13.25 -7.50 -0.87
C TRP A 46 -13.11 -8.74 -1.74
N SER A 47 -12.73 -9.84 -1.12
CA SER A 47 -12.55 -11.10 -1.82
C SER A 47 -13.83 -11.54 -2.51
N GLY A 48 -14.95 -10.93 -2.13
CA GLY A 48 -16.23 -11.28 -2.73
C GLY A 48 -16.41 -10.70 -4.12
N LEU A 49 -16.37 -9.38 -4.21
CA LEU A 49 -16.53 -8.69 -5.49
C LEU A 49 -15.51 -9.16 -6.51
N ALA A 50 -14.35 -9.62 -6.02
CA ALA A 50 -13.28 -10.09 -6.89
C ALA A 50 -13.71 -11.33 -7.68
N TYR A 51 -14.15 -12.36 -6.95
CA TYR A 51 -14.59 -13.60 -7.58
C TYR A 51 -15.78 -13.37 -8.50
N MET A 52 -16.69 -12.49 -8.10
CA MET A 52 -17.86 -12.19 -8.92
C MET A 52 -17.43 -11.84 -10.34
N ALA A 53 -16.35 -11.07 -10.44
CA ALA A 53 -15.82 -10.68 -11.74
C ALA A 53 -15.32 -11.88 -12.52
N MET A 54 -14.69 -12.81 -11.81
CA MET A 54 -14.17 -14.02 -12.44
C MET A 54 -15.28 -14.71 -13.24
N ALA A 55 -16.50 -14.65 -12.72
CA ALA A 55 -17.64 -15.25 -13.40
C ALA A 55 -17.91 -14.52 -14.71
N ILE A 56 -17.86 -13.20 -14.65
CA ILE A 56 -18.08 -12.37 -15.83
C ILE A 56 -16.92 -12.49 -16.81
N ASP A 57 -15.90 -13.24 -16.41
CA ASP A 57 -14.72 -13.45 -17.24
C ASP A 57 -13.96 -12.15 -17.46
N GLN A 58 -14.00 -11.28 -16.45
CA GLN A 58 -13.31 -10.00 -16.52
C GLN A 58 -12.19 -9.93 -15.49
N GLY A 59 -10.99 -9.59 -15.95
CA GLY A 59 -9.85 -9.50 -15.05
C GLY A 59 -8.65 -10.27 -15.56
N LYS A 60 -8.69 -10.63 -16.84
CA LYS A 60 -7.61 -11.38 -17.46
C LYS A 60 -6.88 -10.53 -18.50
N VAL A 61 -5.57 -10.68 -18.58
CA VAL A 61 -4.76 -9.93 -19.52
C VAL A 61 -4.10 -10.85 -20.54
N GLU A 62 -4.09 -10.44 -21.80
CA GLU A 62 -3.49 -11.23 -22.87
C GLU A 62 -2.12 -10.70 -23.24
N ALA A 63 -1.17 -11.60 -23.46
CA ALA A 63 0.18 -11.22 -23.82
C ALA A 63 0.87 -12.31 -24.64
N ALA A 64 0.98 -12.09 -25.94
CA ALA A 64 1.61 -13.05 -26.84
C ALA A 64 0.94 -14.41 -26.77
N GLY A 65 -0.34 -14.42 -26.40
CA GLY A 65 -1.08 -15.66 -26.30
C GLY A 65 -1.00 -16.28 -24.92
N GLN A 66 -0.72 -15.45 -23.92
CA GLN A 66 -0.61 -15.93 -22.55
C GLN A 66 -1.61 -15.20 -21.65
N ILE A 67 -2.41 -15.96 -20.92
CA ILE A 67 -3.40 -15.38 -20.02
C ILE A 67 -2.92 -15.43 -18.57
N ALA A 68 -2.83 -14.26 -17.96
CA ALA A 68 -2.40 -14.16 -16.56
C ALA A 68 -3.55 -13.73 -15.67
N HIS A 69 -3.82 -14.53 -14.64
CA HIS A 69 -4.91 -14.24 -13.72
C HIS A 69 -4.57 -13.02 -12.85
N TYR A 70 -4.80 -11.85 -13.40
CA TYR A 70 -4.55 -10.59 -12.71
C TYR A 70 -5.39 -10.46 -11.46
N ALA A 71 -6.70 -10.66 -11.61
CA ALA A 71 -7.64 -10.56 -10.50
C ALA A 71 -7.38 -11.61 -9.43
N ARG A 72 -6.73 -12.70 -9.80
CA ARG A 72 -6.44 -13.78 -8.87
C ARG A 72 -5.43 -13.37 -7.80
N TYR A 73 -4.28 -12.84 -8.22
CA TYR A 73 -3.25 -12.43 -7.27
C TYR A 73 -3.61 -11.11 -6.59
N ILE A 74 -4.26 -10.22 -7.34
CA ILE A 74 -4.66 -8.93 -6.80
C ILE A 74 -5.43 -9.10 -5.50
N ASP A 75 -6.43 -9.98 -5.54
CA ASP A 75 -7.23 -10.25 -4.35
C ASP A 75 -6.36 -10.91 -3.28
N TRP A 76 -5.26 -11.51 -3.71
CA TRP A 76 -4.34 -12.17 -2.80
C TRP A 76 -3.31 -11.19 -2.25
N MET A 77 -3.48 -9.93 -2.59
CA MET A 77 -2.56 -8.89 -2.12
C MET A 77 -3.21 -8.07 -1.01
N VAL A 78 -4.53 -8.13 -0.93
CA VAL A 78 -5.27 -7.39 0.09
C VAL A 78 -5.96 -8.33 1.08
N THR A 79 -6.38 -9.49 0.60
CA THR A 79 -7.08 -10.47 1.43
C THR A 79 -6.11 -11.27 2.30
N THR A 80 -5.11 -11.87 1.66
CA THR A 80 -4.12 -12.68 2.37
C THR A 80 -3.52 -11.94 3.56
N PRO A 81 -3.04 -10.68 3.39
CA PRO A 81 -2.46 -9.92 4.49
C PRO A 81 -3.43 -9.79 5.65
N LEU A 82 -4.71 -9.54 5.34
CA LEU A 82 -5.73 -9.43 6.36
C LEU A 82 -5.91 -10.77 7.06
N LEU A 83 -5.70 -11.85 6.30
CA LEU A 83 -5.82 -13.19 6.84
C LEU A 83 -4.71 -13.42 7.86
N LEU A 84 -3.62 -12.69 7.66
CA LEU A 84 -2.47 -12.77 8.55
C LEU A 84 -2.67 -11.92 9.79
N LEU A 85 -3.27 -10.74 9.60
CA LEU A 85 -3.53 -9.81 10.69
C LEU A 85 -4.52 -10.41 11.69
N SER A 86 -5.51 -11.12 11.18
CA SER A 86 -6.53 -11.74 12.03
C SER A 86 -5.90 -12.69 13.05
N LEU A 87 -4.69 -13.17 12.73
CA LEU A 87 -3.98 -14.08 13.60
C LEU A 87 -3.41 -13.34 14.81
N SER A 88 -3.10 -12.07 14.61
CA SER A 88 -2.54 -11.24 15.69
C SER A 88 -3.64 -10.73 16.62
N TRP A 89 -4.85 -10.61 16.10
CA TRP A 89 -5.98 -10.13 16.89
C TRP A 89 -6.54 -11.24 17.78
N THR A 90 -6.45 -12.48 17.29
CA THR A 90 -6.97 -13.63 18.04
C THR A 90 -5.96 -14.11 19.08
N ALA A 91 -4.68 -13.85 18.83
CA ALA A 91 -3.62 -14.26 19.75
C ALA A 91 -3.43 -13.24 20.87
N MET A 92 -3.32 -11.97 20.49
CA MET A 92 -3.14 -10.90 21.47
C MET A 92 -4.40 -10.06 21.60
N GLN A 93 -5.06 -10.17 22.76
CA GLN A 93 -6.28 -9.40 23.01
C GLN A 93 -5.99 -7.91 22.96
N PHE A 94 -4.84 -7.52 23.49
CA PHE A 94 -4.42 -6.12 23.51
C PHE A 94 -3.18 -5.93 22.65
N ILE A 95 -2.75 -4.67 22.51
CA ILE A 95 -1.58 -4.36 21.70
C ILE A 95 -0.60 -3.47 22.47
N LYS A 96 0.69 -3.70 22.29
CA LYS A 96 1.72 -2.92 22.97
C LYS A 96 2.03 -1.64 22.21
N LYS A 97 2.88 -0.81 22.81
CA LYS A 97 3.27 0.46 22.19
C LYS A 97 4.16 0.22 20.98
N ASP A 98 5.30 -0.43 21.22
CA ASP A 98 6.25 -0.72 20.15
C ASP A 98 5.75 -1.84 19.25
N TRP A 99 5.77 -1.59 17.94
CA TRP A 99 5.31 -2.58 16.96
C TRP A 99 6.49 -3.21 16.23
N THR A 100 6.99 -4.33 16.76
CA THR A 100 8.12 -5.02 16.15
C THR A 100 7.71 -6.38 15.60
N LEU A 101 6.87 -7.10 16.35
CA LEU A 101 6.40 -8.41 15.92
C LEU A 101 5.33 -8.30 14.85
N ILE A 102 4.42 -7.35 15.03
CA ILE A 102 3.34 -7.13 14.09
C ILE A 102 3.87 -6.64 12.74
N GLY A 103 4.99 -5.92 12.79
CA GLY A 103 5.59 -5.40 11.57
C GLY A 103 6.28 -6.48 10.77
N PHE A 104 6.97 -7.37 11.46
CA PHE A 104 7.69 -8.47 10.81
C PHE A 104 6.72 -9.39 10.07
N LEU A 105 5.54 -9.58 10.66
CA LEU A 105 4.52 -10.45 10.06
C LEU A 105 4.05 -9.90 8.73
N MET A 106 3.56 -8.66 8.74
CA MET A 106 3.07 -8.02 7.53
C MET A 106 4.14 -7.98 6.44
N SER A 107 5.38 -7.69 6.84
CA SER A 107 6.48 -7.61 5.89
C SER A 107 6.66 -8.93 5.14
N THR A 108 6.75 -10.03 5.88
CA THR A 108 6.93 -11.35 5.29
C THR A 108 5.77 -11.71 4.37
N GLN A 109 4.63 -11.04 4.57
CA GLN A 109 3.45 -11.29 3.75
C GLN A 109 3.58 -10.63 2.38
N ILE A 110 4.31 -9.52 2.35
CA ILE A 110 4.51 -8.78 1.10
C ILE A 110 5.43 -9.55 0.16
N VAL A 111 6.47 -10.18 0.71
CA VAL A 111 7.41 -10.95 -0.11
C VAL A 111 6.73 -12.18 -0.71
N VAL A 112 5.82 -12.78 0.05
CA VAL A 112 5.10 -13.97 -0.42
C VAL A 112 4.19 -13.64 -1.59
N ILE A 113 3.33 -12.63 -1.41
CA ILE A 113 2.41 -12.23 -2.47
C ILE A 113 3.15 -11.79 -3.72
N THR A 114 4.36 -11.31 -3.55
CA THR A 114 5.18 -10.86 -4.67
C THR A 114 5.50 -12.00 -5.62
N SER A 115 5.92 -13.13 -5.05
CA SER A 115 6.27 -14.30 -5.85
C SER A 115 5.02 -14.90 -6.47
N GLY A 116 3.87 -14.68 -5.84
CA GLY A 116 2.61 -15.22 -6.34
C GLY A 116 2.07 -14.46 -7.53
N LEU A 117 2.31 -13.15 -7.56
CA LEU A 117 1.83 -12.32 -8.66
C LEU A 117 2.73 -12.43 -9.89
N ILE A 118 4.00 -12.72 -9.65
CA ILE A 118 4.96 -12.84 -10.74
C ILE A 118 4.92 -14.24 -11.35
N ALA A 119 4.52 -15.22 -10.54
CA ALA A 119 4.41 -16.60 -10.99
C ALA A 119 3.47 -16.73 -12.18
N ASP A 120 2.34 -16.05 -12.09
CA ASP A 120 1.34 -16.08 -13.16
C ASP A 120 1.80 -15.26 -14.36
N LEU A 121 2.73 -14.34 -14.13
CA LEU A 121 3.26 -13.49 -15.20
C LEU A 121 4.36 -14.22 -15.96
N SER A 122 4.42 -15.53 -15.80
CA SER A 122 5.44 -16.33 -16.47
C SER A 122 5.09 -16.52 -17.94
N GLU A 123 5.98 -16.05 -18.82
CA GLU A 123 5.77 -16.16 -20.26
C GLU A 123 6.57 -17.32 -20.84
N ARG A 124 7.88 -17.33 -20.57
CA ARG A 124 8.75 -18.38 -21.07
C ARG A 124 8.60 -19.64 -20.22
N ASP A 125 8.46 -20.78 -20.89
CA ASP A 125 8.30 -22.06 -20.19
C ASP A 125 9.57 -22.45 -19.45
N TRP A 126 10.65 -21.72 -19.68
CA TRP A 126 11.93 -22.00 -19.03
C TRP A 126 12.04 -21.25 -17.71
N VAL A 127 11.81 -19.94 -17.76
CA VAL A 127 11.90 -19.10 -16.57
C VAL A 127 10.84 -19.50 -15.54
N ARG A 128 9.77 -20.13 -16.01
CA ARG A 128 8.69 -20.57 -15.13
C ARG A 128 9.22 -21.47 -14.01
N TYR A 129 10.25 -22.24 -14.31
CA TYR A 129 10.85 -23.14 -13.34
C TYR A 129 11.77 -22.39 -12.37
N LEU A 130 12.33 -21.28 -12.85
CA LEU A 130 13.22 -20.48 -12.03
C LEU A 130 12.46 -19.68 -10.98
N TRP A 131 11.46 -18.90 -11.43
CA TRP A 131 10.66 -18.09 -10.53
C TRP A 131 9.91 -18.94 -9.52
N TYR A 132 9.51 -20.14 -9.93
CA TYR A 132 8.77 -21.04 -9.04
C TYR A 132 9.60 -21.34 -7.78
N ILE A 133 10.87 -21.64 -7.98
CA ILE A 133 11.77 -21.94 -6.88
C ILE A 133 11.99 -20.71 -6.00
N CYS A 134 11.84 -19.53 -6.61
CA CYS A 134 12.01 -18.27 -5.89
C CYS A 134 10.88 -18.06 -4.88
N GLY A 135 9.69 -18.53 -5.23
CA GLY A 135 8.55 -18.39 -4.35
C GLY A 135 8.67 -19.23 -3.10
N VAL A 136 8.95 -20.51 -3.28
CA VAL A 136 9.09 -21.43 -2.16
C VAL A 136 10.26 -21.03 -1.27
N CYS A 137 11.28 -20.42 -1.87
CA CYS A 137 12.46 -19.98 -1.13
C CYS A 137 12.08 -18.96 -0.06
N ALA A 138 11.27 -17.98 -0.44
CA ALA A 138 10.84 -16.95 0.49
C ALA A 138 10.01 -17.56 1.62
N PHE A 139 9.26 -18.61 1.30
CA PHE A 139 8.43 -19.27 2.30
C PHE A 139 9.29 -20.06 3.28
N LEU A 140 10.46 -20.49 2.83
CA LEU A 140 11.36 -21.27 3.67
C LEU A 140 11.88 -20.45 4.84
N ILE A 141 12.45 -19.28 4.54
CA ILE A 141 13.00 -18.41 5.59
C ILE A 141 11.92 -18.00 6.59
N ILE A 142 10.73 -17.66 6.11
CA ILE A 142 9.65 -17.25 6.98
C ILE A 142 9.07 -18.44 7.75
N LEU A 143 9.28 -19.64 7.22
CA LEU A 143 8.79 -20.85 7.86
C LEU A 143 9.49 -21.08 9.20
N TRP A 144 10.79 -20.82 9.23
CA TRP A 144 11.57 -20.99 10.45
C TRP A 144 11.24 -19.90 11.46
N GLY A 145 11.00 -18.69 10.94
CA GLY A 145 10.67 -17.57 11.81
C GLY A 145 9.35 -17.76 12.54
N ILE A 146 8.37 -18.33 11.84
CA ILE A 146 7.05 -18.56 12.43
C ILE A 146 7.07 -19.79 13.32
N TRP A 147 8.05 -20.67 13.11
CA TRP A 147 8.17 -21.88 13.90
C TRP A 147 9.04 -21.66 15.12
N ASN A 148 9.45 -20.41 15.32
CA ASN A 148 10.30 -20.06 16.44
C ASN A 148 9.63 -20.35 17.79
N PRO A 149 8.33 -19.99 17.96
CA PRO A 149 7.61 -20.23 19.21
C PRO A 149 7.61 -21.70 19.65
N LEU A 150 8.18 -22.57 18.81
CA LEU A 150 8.25 -24.00 19.12
C LEU A 150 8.84 -24.22 20.51
N ARG A 151 10.15 -24.00 20.64
CA ARG A 151 10.84 -24.19 21.92
C ARG A 151 10.98 -22.86 22.65
N ALA A 152 10.67 -21.78 21.94
CA ALA A 152 10.76 -20.43 22.50
C ALA A 152 9.73 -20.23 23.62
N LYS A 153 8.72 -21.10 23.65
CA LYS A 153 7.67 -21.04 24.66
C LYS A 153 8.23 -20.83 26.07
N THR A 154 9.47 -21.29 26.28
CA THR A 154 10.11 -21.15 27.58
C THR A 154 10.65 -19.73 27.79
N ARG A 155 11.21 -19.15 26.74
CA ARG A 155 11.77 -17.81 26.80
C ARG A 155 10.68 -16.75 26.68
N THR A 156 9.50 -17.17 26.23
CA THR A 156 8.38 -16.24 26.06
C THR A 156 7.61 -16.05 27.37
N GLN A 157 8.15 -16.62 28.44
CA GLN A 157 7.52 -16.51 29.76
C GLN A 157 6.16 -17.17 29.79
N SER A 158 5.14 -16.46 29.29
CA SER A 158 3.78 -17.00 29.27
C SER A 158 3.71 -18.29 28.49
N SER A 159 3.43 -19.38 29.19
CA SER A 159 3.33 -20.70 28.56
C SER A 159 1.98 -20.88 27.87
N GLU A 160 0.93 -20.36 28.49
CA GLU A 160 -0.42 -20.47 27.93
C GLU A 160 -0.52 -19.80 26.57
N LEU A 161 -0.05 -18.57 26.48
CA LEU A 161 -0.07 -17.82 25.23
C LEU A 161 0.72 -18.54 24.14
N ALA A 162 1.84 -19.12 24.52
CA ALA A 162 2.69 -19.84 23.58
C ALA A 162 1.98 -21.08 23.03
N ASN A 163 1.13 -21.67 23.86
CA ASN A 163 0.38 -22.86 23.46
C ASN A 163 -0.69 -22.52 22.42
N LEU A 164 -1.34 -21.38 22.61
CA LEU A 164 -2.39 -20.93 21.70
C LEU A 164 -1.82 -20.72 20.29
N TYR A 165 -0.60 -20.21 20.22
CA TYR A 165 0.05 -19.96 18.95
C TYR A 165 0.59 -21.25 18.35
N ASP A 166 0.84 -22.24 19.21
CA ASP A 166 1.36 -23.53 18.76
C ASP A 166 0.35 -24.25 17.87
N LYS A 167 -0.92 -24.19 18.26
CA LYS A 167 -1.99 -24.84 17.50
C LYS A 167 -2.46 -23.92 16.37
N LEU A 168 -2.26 -22.62 16.54
CA LEU A 168 -2.66 -21.64 15.55
C LEU A 168 -1.89 -21.82 14.25
N VAL A 169 -0.56 -21.86 14.36
CA VAL A 169 0.30 -22.03 13.19
C VAL A 169 0.05 -23.36 12.49
N THR A 170 -0.44 -24.34 13.25
CA THR A 170 -0.72 -25.66 12.70
C THR A 170 -1.62 -25.58 11.47
N TYR A 171 -2.80 -25.01 11.64
CA TYR A 171 -3.75 -24.87 10.54
C TYR A 171 -3.23 -23.87 9.51
N PHE A 172 -2.48 -22.89 9.99
CA PHE A 172 -1.91 -21.87 9.11
C PHE A 172 -0.85 -22.45 8.18
N THR A 173 -0.28 -23.58 8.59
CA THR A 173 0.76 -24.24 7.80
C THR A 173 0.16 -25.02 6.64
N VAL A 174 -0.85 -25.85 6.94
CA VAL A 174 -1.48 -26.68 5.90
C VAL A 174 -2.07 -25.81 4.79
N LEU A 175 -2.48 -24.60 5.13
CA LEU A 175 -3.06 -23.69 4.14
C LEU A 175 -1.98 -23.06 3.27
N TRP A 176 -1.03 -22.37 3.91
CA TRP A 176 0.04 -21.72 3.19
C TRP A 176 0.85 -22.74 2.39
N ILE A 177 0.78 -24.00 2.81
CA ILE A 177 1.46 -25.09 2.13
C ILE A 177 0.59 -25.66 1.01
N GLY A 178 -0.73 -25.57 1.22
CA GLY A 178 -1.68 -26.10 0.25
C GLY A 178 -1.49 -25.54 -1.15
N TYR A 179 -1.46 -24.22 -1.27
CA TYR A 179 -1.31 -23.58 -2.58
C TYR A 179 -0.02 -24.02 -3.29
N PRO A 180 1.16 -23.86 -2.65
CA PRO A 180 2.44 -24.25 -3.25
C PRO A 180 2.41 -25.67 -3.82
N ILE A 181 1.57 -26.52 -3.25
CA ILE A 181 1.44 -27.90 -3.69
C ILE A 181 0.74 -27.98 -5.04
N VAL A 182 -0.49 -27.49 -5.10
CA VAL A 182 -1.27 -27.52 -6.32
C VAL A 182 -0.57 -26.78 -7.46
N TRP A 183 0.31 -25.83 -7.11
CA TRP A 183 1.04 -25.05 -8.09
C TRP A 183 1.96 -25.92 -8.94
N ILE A 184 2.27 -27.13 -8.47
CA ILE A 184 3.17 -28.02 -9.20
C ILE A 184 2.52 -28.53 -10.49
N ILE A 185 1.22 -28.29 -10.64
CA ILE A 185 0.50 -28.73 -11.83
C ILE A 185 -0.38 -27.61 -12.38
N GLY A 186 -0.54 -27.58 -13.70
CA GLY A 186 -1.35 -26.55 -14.33
C GLY A 186 -0.52 -25.41 -14.88
N PRO A 187 -1.14 -24.24 -15.13
CA PRO A 187 -0.43 -23.07 -15.65
C PRO A 187 0.59 -22.52 -14.66
N SER A 188 1.65 -21.92 -15.18
CA SER A 188 2.70 -21.36 -14.32
C SER A 188 3.25 -22.41 -13.38
N GLY A 189 3.12 -23.68 -13.76
CA GLY A 189 3.61 -24.77 -12.94
C GLY A 189 3.59 -26.10 -13.67
N PHE A 190 4.03 -26.09 -14.92
CA PHE A 190 4.06 -27.31 -15.74
C PHE A 190 2.68 -27.93 -15.85
N GLY A 191 1.93 -27.52 -16.86
CA GLY A 191 0.59 -28.05 -17.07
C GLY A 191 0.12 -27.86 -18.51
N TRP A 192 -0.54 -28.89 -19.04
CA TRP A 192 -1.04 -28.84 -20.40
C TRP A 192 -2.55 -28.60 -20.42
N ILE A 193 -3.05 -27.98 -19.36
CA ILE A 193 -4.47 -27.68 -19.26
C ILE A 193 -4.70 -26.21 -18.91
N ASN A 194 -5.82 -25.66 -19.39
CA ASN A 194 -6.18 -24.27 -19.14
C ASN A 194 -7.68 -24.07 -19.26
N GLN A 195 -8.44 -24.91 -18.56
CA GLN A 195 -9.89 -24.83 -18.59
C GLN A 195 -10.43 -24.40 -17.23
N THR A 196 -11.76 -24.31 -17.12
CA THR A 196 -12.39 -23.90 -15.88
C THR A 196 -11.97 -24.79 -14.71
N ILE A 197 -11.61 -26.03 -15.02
CA ILE A 197 -11.20 -26.99 -13.99
C ILE A 197 -10.04 -26.44 -13.15
N ASP A 198 -9.12 -25.73 -13.81
CA ASP A 198 -7.97 -25.15 -13.11
C ASP A 198 -8.42 -24.15 -12.04
N THR A 199 -9.23 -23.18 -12.44
CA THR A 199 -9.73 -22.18 -11.52
C THR A 199 -10.60 -22.80 -10.44
N PHE A 200 -11.27 -23.89 -10.80
CA PHE A 200 -12.14 -24.60 -9.88
C PHE A 200 -11.40 -25.02 -8.62
N LEU A 201 -10.14 -25.44 -8.79
CA LEU A 201 -9.32 -25.88 -7.67
C LEU A 201 -8.82 -24.69 -6.85
N PHE A 202 -8.42 -23.62 -7.52
CA PHE A 202 -7.92 -22.43 -6.84
C PHE A 202 -9.05 -21.61 -6.24
N CYS A 203 -10.28 -21.99 -6.52
CA CYS A 203 -11.44 -21.29 -5.97
C CYS A 203 -11.96 -21.98 -4.71
N LEU A 204 -11.96 -23.31 -4.74
CA LEU A 204 -12.44 -24.10 -3.60
C LEU A 204 -11.46 -24.07 -2.43
N LEU A 205 -10.16 -24.07 -2.73
CA LEU A 205 -9.15 -24.06 -1.67
C LEU A 205 -9.30 -22.84 -0.76
N PRO A 206 -9.33 -21.60 -1.31
CA PRO A 206 -9.50 -20.40 -0.50
C PRO A 206 -10.80 -20.44 0.29
N PHE A 207 -11.85 -20.98 -0.34
CA PHE A 207 -13.15 -21.10 0.30
C PHE A 207 -13.04 -22.03 1.51
N PHE A 208 -12.19 -23.04 1.39
CA PHE A 208 -11.98 -23.99 2.48
C PHE A 208 -11.21 -23.34 3.63
N SER A 209 -10.45 -22.30 3.30
CA SER A 209 -9.66 -21.59 4.30
C SER A 209 -10.41 -20.36 4.81
N VAL A 211 -14.17 -19.93 5.21
CA VAL A 211 -15.19 -20.33 6.17
C VAL A 211 -14.60 -21.20 7.28
N GLY A 212 -13.60 -22.00 6.91
CA GLY A 212 -12.97 -22.88 7.89
C GLY A 212 -12.24 -22.10 8.97
N PHE A 213 -11.80 -20.90 8.63
CA PHE A 213 -11.07 -20.05 9.57
C PHE A 213 -12.02 -19.42 10.58
N SER A 214 -13.23 -19.11 10.14
CA SER A 214 -14.23 -18.49 11.03
C SER A 214 -14.58 -19.44 12.17
N PHE A 215 -14.96 -20.67 11.82
CA PHE A 215 -15.33 -21.66 12.83
C PHE A 215 -14.15 -21.96 13.74
N LEU A 216 -12.94 -21.83 13.19
CA LEU A 216 -11.72 -22.07 13.96
C LEU A 216 -11.57 -21.04 15.08
N ASP A 217 -11.75 -19.77 14.72
CA ASP A 217 -11.63 -18.68 15.69
C ASP A 217 -12.60 -18.87 16.85
N LEU A 218 -13.77 -19.42 16.57
CA LEU A 218 -14.78 -19.64 17.58
C LEU A 218 -14.28 -20.60 18.67
N HIS A 219 -13.71 -21.72 18.24
CA HIS A 219 -13.20 -22.73 19.17
C HIS A 219 -11.90 -22.25 19.83
N GLY A 220 -11.17 -21.40 19.13
CA GLY A 220 -9.91 -20.89 19.66
C GLY A 220 -10.10 -19.93 20.81
N LEU A 221 -11.10 -19.05 20.69
CA LEU A 221 -11.39 -18.06 21.72
C LEU A 221 -11.75 -18.74 23.05
N ARG A 222 -12.48 -19.85 22.95
CA ARG A 222 -12.89 -20.60 24.14
C ARG A 222 -13.82 -19.78 25.02
N ASN A 223 -13.24 -18.89 25.83
CA ASN A 223 -14.02 -18.05 26.72
C ASN A 223 -13.35 -16.69 26.92
N LEU A 224 -12.42 -16.63 27.86
CA LEU A 224 -11.68 -15.40 28.15
C LEU A 224 -12.60 -14.30 28.67
N ASN A 225 -12.22 -13.68 29.78
CA ASN A 225 -13.02 -12.61 30.39
C ASN A 225 -12.19 -11.34 30.54
N ASP A 226 -12.79 -10.20 30.23
CA ASP A 226 -12.10 -8.92 30.33
C ASP A 226 -13.03 -7.84 30.89
N SER A 227 -12.47 -6.91 31.65
CA SER A 227 -13.25 -5.83 32.25
C SER A 227 -12.40 -4.57 32.40
N ARG A 228 -12.73 -3.55 31.62
CA ARG A 228 -11.99 -2.29 31.66
C ARG A 228 -12.68 -1.28 32.57
N GLN A 229 -13.97 -1.05 32.32
CA GLN A 229 -14.74 -0.10 33.12
C GLN A 229 -15.29 -0.77 34.38
N MET B 1 0.65 14.43 -29.58
CA MET B 1 0.36 15.46 -30.61
C MET B 1 -0.65 16.47 -30.07
N ASN B 2 -1.38 16.08 -29.04
CA ASN B 2 -2.39 16.96 -28.44
C ASN B 2 -1.77 17.77 -27.29
N LEU B 3 -1.34 18.99 -27.61
CA LEU B 3 -0.73 19.86 -26.61
C LEU B 3 -1.77 20.80 -25.99
N GLU B 4 -3.01 20.65 -26.41
CA GLU B 4 -4.09 21.49 -25.88
C GLU B 4 -4.35 21.19 -24.41
N SER B 5 -5.45 21.73 -23.88
CA SER B 5 -5.81 21.53 -22.48
C SER B 5 -4.75 22.09 -21.55
N LEU B 6 -4.93 23.34 -21.13
CA LEU B 6 -3.99 24.00 -20.24
C LEU B 6 -4.57 24.09 -18.84
N LEU B 7 -5.78 23.55 -18.65
CA LEU B 7 -6.43 23.57 -17.36
C LEU B 7 -5.70 22.67 -16.38
N HIS B 8 -5.27 21.51 -16.85
CA HIS B 8 -4.55 20.56 -16.03
C HIS B 8 -3.24 21.17 -15.52
N TRP B 9 -2.66 22.04 -16.34
CA TRP B 9 -1.42 22.71 -15.98
C TRP B 9 -1.66 23.71 -14.84
N ILE B 10 -2.73 24.48 -14.96
CA ILE B 10 -3.07 25.46 -13.94
C ILE B 10 -3.55 24.75 -12.68
N TYR B 11 -3.96 23.50 -12.83
CA TYR B 11 -4.44 22.69 -11.71
C TYR B 11 -3.32 22.48 -10.70
N VAL B 12 -2.20 21.95 -11.17
CA VAL B 12 -1.06 21.69 -10.30
C VAL B 12 -0.51 23.00 -9.71
N ALA B 13 -0.61 24.08 -10.49
CA ALA B 13 -0.12 25.37 -10.05
C ALA B 13 -0.81 25.80 -8.75
N GLY B 14 -2.14 25.79 -8.75
CA GLY B 14 -2.90 26.17 -7.57
C GLY B 14 -2.63 25.25 -6.39
N MET B 15 -2.26 24.01 -6.68
CA MET B 15 -1.98 23.04 -5.63
C MET B 15 -0.64 23.34 -4.95
N THR B 16 0.26 23.98 -5.69
CA THR B 16 1.57 24.32 -5.15
C THR B 16 1.46 25.40 -4.09
N ILE B 17 0.83 26.51 -4.44
CA ILE B 17 0.65 27.63 -3.51
C ILE B 17 -0.14 27.20 -2.29
N GLY B 18 -1.00 26.19 -2.46
CA GLY B 18 -1.81 25.71 -1.35
C GLY B 18 -0.96 25.15 -0.23
N ALA B 19 -0.06 24.23 -0.57
CA ALA B 19 0.82 23.61 0.41
C ALA B 19 1.70 24.66 1.09
N LEU B 20 1.99 25.74 0.38
CA LEU B 20 2.81 26.81 0.91
C LEU B 20 2.11 27.54 2.05
N HIS B 21 0.78 27.59 1.96
CA HIS B 21 -0.03 28.25 2.99
C HIS B 21 0.16 27.58 4.35
N PHE B 22 0.60 26.33 4.33
CA PHE B 22 0.83 25.58 5.56
C PHE B 22 1.93 26.22 6.40
N TRP B 23 2.93 26.78 5.73
CA TRP B 23 4.04 27.41 6.43
C TRP B 23 3.67 28.83 6.87
N SER B 24 2.82 29.50 6.09
CA SER B 24 2.40 30.85 6.40
C SER B 24 1.33 30.85 7.50
N LEU B 25 0.68 29.71 7.70
CA LEU B 25 -0.37 29.59 8.71
C LEU B 25 0.23 29.22 10.06
N SER B 26 1.54 29.03 10.09
CA SER B 26 2.22 28.67 11.33
C SER B 26 2.31 29.87 12.28
N ARG B 27 2.15 31.07 11.72
CA ARG B 27 2.18 32.29 12.52
C ARG B 27 1.22 32.17 13.70
N ASN B 28 0.15 31.41 13.47
CA ASN B 28 -0.85 31.17 14.50
C ASN B 28 -1.89 30.16 14.02
N PRO B 29 -2.19 29.13 14.83
CA PRO B 29 -3.16 28.12 14.49
C PRO B 29 -4.54 28.41 15.10
N ARG B 30 -5.53 27.62 14.73
CA ARG B 30 -6.89 27.80 15.24
C ARG B 30 -7.12 26.90 16.45
N GLY B 31 -6.30 27.07 17.49
CA GLY B 31 -6.43 26.27 18.68
C GLY B 31 -5.66 24.97 18.60
N VAL B 32 -5.79 24.28 17.46
CA VAL B 32 -5.10 23.02 17.25
C VAL B 32 -3.87 23.22 16.36
N PRO B 33 -2.80 22.43 16.58
CA PRO B 33 -1.57 22.54 15.80
C PRO B 33 -1.82 22.43 14.29
N GLN B 34 -0.83 22.85 13.51
CA GLN B 34 -0.94 22.82 12.05
C GLN B 34 -1.01 21.40 11.51
N TYR B 35 -0.64 20.42 12.35
CA TYR B 35 -0.65 19.02 11.95
C TYR B 35 -1.89 18.65 11.14
N GLU B 36 -3.02 19.28 11.47
CA GLU B 36 -4.27 19.03 10.76
C GLU B 36 -4.13 19.41 9.29
N TYR B 37 -3.71 20.65 9.05
CA TYR B 37 -3.53 21.13 7.69
C TYR B 37 -2.39 20.39 7.01
N LEU B 38 -1.53 19.76 7.81
CA LEU B 38 -0.41 19.00 7.26
C LEU B 38 -0.93 17.89 6.37
N VAL B 39 -1.90 17.14 6.87
CA VAL B 39 -2.51 16.07 6.10
C VAL B 39 -3.17 16.64 4.85
N ALA B 40 -3.82 17.79 5.02
CA ALA B 40 -4.49 18.47 3.92
C ALA B 40 -3.46 19.08 2.97
N MET B 41 -2.19 19.01 3.35
CA MET B 41 -1.11 19.55 2.53
C MET B 41 -0.60 18.49 1.57
N PHE B 42 -0.67 17.23 1.98
CA PHE B 42 -0.23 16.11 1.15
C PHE B 42 -1.23 15.82 0.04
N ILE B 43 -2.52 16.02 0.33
CA ILE B 43 -3.57 15.76 -0.65
C ILE B 43 -3.32 16.53 -1.96
N PRO B 44 -3.09 17.86 -1.90
CA PRO B 44 -2.86 18.68 -3.10
C PRO B 44 -1.50 18.41 -3.76
N ILE B 45 -0.50 18.10 -2.95
CA ILE B 45 0.84 17.82 -3.47
C ILE B 45 0.83 16.68 -4.50
N TRP B 46 0.45 15.49 -4.06
CA TRP B 46 0.40 14.32 -4.94
C TRP B 46 -0.53 14.57 -6.12
N SER B 47 -1.77 14.94 -5.83
CA SER B 47 -2.77 15.20 -6.86
C SER B 47 -2.27 16.25 -7.85
N GLY B 48 -1.41 17.14 -7.39
CA GLY B 48 -0.88 18.19 -8.25
C GLY B 48 -0.09 17.64 -9.41
N LEU B 49 0.95 16.87 -9.11
CA LEU B 49 1.81 16.30 -10.14
C LEU B 49 1.00 15.40 -11.08
N ALA B 50 -0.06 14.80 -10.55
CA ALA B 50 -0.92 13.92 -11.35
C ALA B 50 -1.60 14.69 -12.47
N TYR B 51 -2.26 15.79 -12.11
CA TYR B 51 -2.96 16.61 -13.10
C TYR B 51 -1.99 17.24 -14.09
N MET B 52 -0.83 17.68 -13.59
CA MET B 52 0.18 18.28 -14.45
C MET B 52 0.44 17.40 -15.66
N ALA B 53 0.49 16.09 -15.42
CA ALA B 53 0.72 15.13 -16.49
C ALA B 53 -0.44 15.12 -17.47
N MET B 54 -1.66 15.21 -16.94
CA MET B 54 -2.85 15.22 -17.78
C MET B 54 -2.72 16.30 -18.85
N ALA B 55 -2.03 17.39 -18.50
CA ALA B 55 -1.83 18.49 -19.44
C ALA B 55 -0.88 18.05 -20.56
N ILE B 56 0.17 17.34 -20.18
CA ILE B 56 1.14 16.85 -21.15
C ILE B 56 0.58 15.65 -21.92
N ASP B 57 -0.66 15.30 -21.59
CA ASP B 57 -1.34 14.18 -22.24
C ASP B 57 -0.67 12.86 -21.88
N GLN B 58 -0.39 12.67 -20.59
CA GLN B 58 0.25 11.47 -20.10
C GLN B 58 -0.68 10.68 -19.18
N GLY B 59 -0.30 9.45 -18.86
CA GLY B 59 -1.11 8.63 -17.99
C GLY B 59 -2.22 7.91 -18.72
N LYS B 60 -2.03 7.73 -20.03
CA LYS B 60 -3.03 7.04 -20.85
C LYS B 60 -2.46 5.75 -21.42
N VAL B 61 -3.32 4.74 -21.50
CA VAL B 61 -2.92 3.44 -22.03
C VAL B 61 -3.83 2.98 -23.16
N GLU B 62 -3.27 2.25 -24.11
CA GLU B 62 -4.04 1.75 -25.24
C GLU B 62 -4.39 0.28 -25.04
N ALA B 63 -5.60 -0.09 -25.47
CA ALA B 63 -6.06 -1.47 -25.33
C ALA B 63 -7.20 -1.78 -26.30
N ALA B 64 -6.87 -2.40 -27.43
CA ALA B 64 -7.87 -2.75 -28.43
C ALA B 64 -8.62 -1.52 -28.91
N GLY B 65 -7.96 -0.36 -28.89
CA GLY B 65 -8.60 0.87 -29.32
C GLY B 65 -9.35 1.57 -28.21
N GLN B 66 -9.07 1.18 -26.97
CA GLN B 66 -9.73 1.77 -25.81
C GLN B 66 -8.73 2.50 -24.92
N ILE B 67 -8.96 3.79 -24.73
CA ILE B 67 -8.08 4.61 -23.89
C ILE B 67 -8.57 4.66 -22.45
N ALA B 68 -7.71 4.25 -21.53
CA ALA B 68 -8.05 4.24 -20.11
C ALA B 68 -7.23 5.26 -19.33
N HIS B 69 -7.92 6.09 -18.55
CA HIS B 69 -7.25 7.12 -17.75
C HIS B 69 -6.51 6.48 -16.57
N TYR B 70 -5.32 5.97 -16.84
CA TYR B 70 -4.49 5.32 -15.83
C TYR B 70 -4.11 6.29 -14.71
N ALA B 71 -3.89 7.54 -15.07
CA ALA B 71 -3.50 8.56 -14.09
C ALA B 71 -4.69 9.08 -13.29
N ARG B 72 -5.88 8.93 -13.84
CA ARG B 72 -7.09 9.41 -13.18
C ARG B 72 -7.43 8.58 -11.93
N TYR B 73 -7.49 7.26 -12.08
CA TYR B 73 -7.83 6.39 -10.95
C TYR B 73 -6.66 6.23 -9.98
N ILE B 74 -5.44 6.15 -10.50
CA ILE B 74 -4.27 5.98 -9.65
C ILE B 74 -4.20 7.07 -8.59
N ASP B 75 -4.45 8.31 -9.00
CA ASP B 75 -4.44 9.43 -8.07
C ASP B 75 -5.60 9.29 -7.09
N TRP B 76 -6.60 8.52 -7.50
CA TRP B 76 -7.78 8.29 -6.68
C TRP B 76 -7.56 7.14 -5.73
N MET B 77 -6.34 6.61 -5.72
CA MET B 77 -6.00 5.49 -4.84
C MET B 77 -5.15 5.96 -3.67
N VAL B 78 -4.54 7.14 -3.82
CA VAL B 78 -3.69 7.71 -2.77
C VAL B 78 -4.29 8.99 -2.20
N THR B 79 -5.00 9.74 -3.04
CA THR B 79 -5.60 11.00 -2.62
C THR B 79 -6.90 10.78 -1.84
N THR B 80 -7.85 10.09 -2.47
CA THR B 80 -9.15 9.84 -1.85
C THR B 80 -9.01 9.26 -0.44
N PRO B 81 -8.19 8.20 -0.25
CA PRO B 81 -8.01 7.61 1.09
C PRO B 81 -7.59 8.65 2.11
N LEU B 82 -6.68 9.53 1.71
CA LEU B 82 -6.21 10.58 2.61
C LEU B 82 -7.35 11.56 2.89
N LEU B 83 -8.26 11.70 1.93
CA LEU B 83 -9.40 12.59 2.09
C LEU B 83 -10.36 11.99 3.11
N LEU B 84 -10.22 10.69 3.31
CA LEU B 84 -11.04 9.96 4.27
C LEU B 84 -10.43 10.07 5.66
N LEU B 85 -9.10 10.01 5.72
CA LEU B 85 -8.37 10.10 6.97
C LEU B 85 -8.50 11.49 7.57
N SER B 86 -8.54 12.50 6.71
CA SER B 86 -8.66 13.89 7.16
C SER B 86 -9.95 14.09 7.95
N LEU B 87 -10.91 13.20 7.73
CA LEU B 87 -12.18 13.26 8.42
C LEU B 87 -12.06 12.75 9.85
N SER B 88 -11.09 11.86 10.06
CA SER B 88 -10.86 11.29 11.38
C SER B 88 -10.13 12.29 12.29
N TRP B 89 -9.28 13.10 11.68
CA TRP B 89 -8.53 14.09 12.44
C TRP B 89 -9.38 15.32 12.73
N THR B 90 -10.29 15.63 11.82
CA THR B 90 -11.18 16.78 11.98
C THR B 90 -12.24 16.51 13.04
N ALA B 91 -12.74 15.28 13.08
CA ALA B 91 -13.75 14.90 14.05
C ALA B 91 -13.12 14.53 15.38
N MET B 92 -12.07 13.72 15.32
CA MET B 92 -11.38 13.27 16.52
C MET B 92 -10.06 14.03 16.70
N GLN B 93 -9.94 14.72 17.83
CA GLN B 93 -8.73 15.48 18.13
C GLN B 93 -7.59 14.55 18.55
N PHE B 94 -7.96 13.44 19.17
CA PHE B 94 -6.99 12.46 19.63
C PHE B 94 -7.31 11.08 19.07
N ILE B 95 -6.48 10.09 19.39
CA ILE B 95 -6.68 8.73 18.91
C ILE B 95 -6.57 7.72 20.05
N LYS B 96 -7.31 6.62 19.94
CA LYS B 96 -7.29 5.57 20.95
C LYS B 96 -6.33 4.46 20.58
N LYS B 97 -5.93 3.67 21.57
CA LYS B 97 -4.99 2.57 21.35
C LYS B 97 -5.73 1.32 20.85
N ASP B 98 -6.64 1.51 19.90
CA ASP B 98 -7.41 0.40 19.35
C ASP B 98 -7.76 0.68 17.89
N TRP B 99 -7.20 -0.10 16.98
CA TRP B 99 -7.46 0.05 15.55
C TRP B 99 -8.75 -0.64 15.14
N THR B 100 -9.88 0.00 15.42
CA THR B 100 -11.18 -0.56 15.08
C THR B 100 -11.96 0.36 14.15
N LEU B 101 -12.22 1.57 14.61
CA LEU B 101 -12.97 2.55 13.82
C LEU B 101 -12.18 3.00 12.60
N ILE B 102 -11.02 3.60 12.83
CA ILE B 102 -10.17 4.09 11.75
C ILE B 102 -9.83 2.97 10.76
N GLY B 103 -9.61 1.77 11.28
CA GLY B 103 -9.28 0.64 10.42
C GLY B 103 -10.39 0.31 9.45
N PHE B 104 -11.62 0.28 9.94
CA PHE B 104 -12.78 -0.03 9.11
C PHE B 104 -12.96 1.00 7.99
N LEU B 105 -12.66 2.26 8.31
CA LEU B 105 -12.79 3.34 7.33
C LEU B 105 -11.80 3.15 6.18
N MET B 106 -10.53 3.01 6.52
CA MET B 106 -9.48 2.83 5.50
C MET B 106 -9.77 1.62 4.63
N SER B 107 -10.32 0.57 5.24
CA SER B 107 -10.64 -0.66 4.52
C SER B 107 -11.73 -0.41 3.48
N THR B 108 -12.86 0.14 3.93
CA THR B 108 -13.98 0.42 3.05
C THR B 108 -13.54 1.27 1.85
N GLN B 109 -12.48 2.04 2.05
CA GLN B 109 -11.96 2.89 0.99
C GLN B 109 -11.29 2.06 -0.11
N ILE B 110 -10.53 1.05 0.32
CA ILE B 110 -9.85 0.17 -0.61
C ILE B 110 -10.82 -0.51 -1.57
N VAL B 111 -12.03 -0.76 -1.08
CA VAL B 111 -13.06 -1.40 -1.89
C VAL B 111 -13.59 -0.46 -2.96
N VAL B 112 -13.82 0.80 -2.58
CA VAL B 112 -14.34 1.80 -3.52
C VAL B 112 -13.36 2.05 -4.66
N ILE B 113 -12.12 2.39 -4.32
CA ILE B 113 -11.10 2.67 -5.33
C ILE B 113 -10.95 1.49 -6.29
N THR B 114 -11.16 0.28 -5.78
CA THR B 114 -11.06 -0.91 -6.61
C THR B 114 -12.08 -0.87 -7.73
N SER B 115 -13.28 -0.42 -7.42
CA SER B 115 -14.34 -0.32 -8.41
C SER B 115 -13.94 0.63 -9.52
N GLY B 116 -13.68 1.89 -9.15
CA GLY B 116 -13.27 2.88 -10.14
C GLY B 116 -12.00 2.50 -10.86
N LEU B 117 -11.27 1.56 -10.29
CA LEU B 117 -10.01 1.10 -10.87
C LEU B 117 -10.26 0.42 -12.21
N ILE B 118 -11.02 -0.68 -12.18
CA ILE B 118 -11.33 -1.45 -13.38
C ILE B 118 -12.52 -0.85 -14.14
N ALA B 119 -13.33 -0.06 -13.44
CA ALA B 119 -14.50 0.56 -14.06
C ALA B 119 -14.13 1.28 -15.35
N ASP B 120 -12.97 1.95 -15.33
CA ASP B 120 -12.49 2.68 -16.48
C ASP B 120 -11.78 1.74 -17.45
N LEU B 121 -11.35 0.58 -16.95
CA LEU B 121 -10.65 -0.40 -17.76
C LEU B 121 -11.64 -1.33 -18.48
N SER B 122 -12.86 -0.86 -18.65
CA SER B 122 -13.90 -1.64 -19.32
C SER B 122 -13.61 -1.77 -20.81
N GLU B 123 -13.54 -3.01 -21.30
CA GLU B 123 -13.28 -3.26 -22.70
C GLU B 123 -14.57 -3.57 -23.46
N ARG B 124 -15.44 -4.36 -22.84
CA ARG B 124 -16.71 -4.73 -23.46
C ARG B 124 -17.83 -3.79 -23.01
N ASP B 125 -18.70 -3.43 -23.95
CA ASP B 125 -19.81 -2.54 -23.66
C ASP B 125 -20.87 -3.24 -22.80
N TRP B 126 -20.83 -4.57 -22.79
CA TRP B 126 -21.78 -5.35 -22.00
C TRP B 126 -21.38 -5.38 -20.53
N VAL B 127 -20.14 -5.79 -20.28
CA VAL B 127 -19.64 -5.86 -18.91
C VAL B 127 -19.62 -4.48 -18.25
N ARG B 128 -19.57 -3.44 -19.08
CA ARG B 128 -19.55 -2.07 -18.58
C ARG B 128 -20.70 -1.82 -17.60
N TYR B 129 -21.87 -2.36 -17.92
CA TYR B 129 -23.04 -2.18 -17.07
C TYR B 129 -22.97 -3.10 -15.86
N LEU B 130 -22.31 -4.24 -16.02
CA LEU B 130 -22.18 -5.21 -14.92
C LEU B 130 -21.26 -4.68 -13.83
N TRP B 131 -20.00 -4.42 -14.18
CA TRP B 131 -19.02 -3.91 -13.22
C TRP B 131 -19.51 -2.62 -12.56
N TYR B 132 -20.27 -1.84 -13.32
CA TYR B 132 -20.80 -0.58 -12.80
C TYR B 132 -21.69 -0.84 -11.59
N ILE B 133 -22.53 -1.87 -11.69
CA ILE B 133 -23.44 -2.23 -10.61
C ILE B 133 -22.65 -2.69 -9.38
N CYS B 134 -21.47 -3.24 -9.62
CA CYS B 134 -20.62 -3.72 -8.54
C CYS B 134 -20.05 -2.56 -7.74
N GLY B 135 -19.77 -1.45 -8.43
CA GLY B 135 -19.22 -0.28 -7.78
C GLY B 135 -20.21 0.34 -6.80
N VAL B 136 -21.40 0.66 -7.28
CA VAL B 136 -22.42 1.27 -6.44
C VAL B 136 -22.82 0.34 -5.31
N CYS B 137 -22.72 -0.97 -5.56
CA CYS B 137 -23.07 -1.97 -4.55
C CYS B 137 -22.18 -1.84 -3.33
N ALA B 138 -20.89 -1.60 -3.57
CA ALA B 138 -19.92 -1.44 -2.49
C ALA B 138 -20.19 -0.17 -1.70
N PHE B 139 -20.61 0.88 -2.40
CA PHE B 139 -20.90 2.16 -1.76
C PHE B 139 -22.21 2.08 -0.98
N LEU B 140 -23.07 1.14 -1.35
CA LEU B 140 -24.36 0.96 -0.69
C LEU B 140 -24.16 0.50 0.75
N ILE B 141 -23.46 -0.62 0.91
CA ILE B 141 -23.21 -1.18 2.24
C ILE B 141 -22.43 -0.19 3.12
N ILE B 142 -21.45 0.48 2.53
CA ILE B 142 -20.63 1.45 3.27
C ILE B 142 -21.47 2.67 3.64
N LEU B 143 -22.47 2.97 2.83
CA LEU B 143 -23.33 4.12 3.06
C LEU B 143 -24.10 3.97 4.37
N TRP B 144 -24.59 2.77 4.63
CA TRP B 144 -25.34 2.49 5.85
C TRP B 144 -24.41 2.45 7.06
N GLY B 145 -23.14 2.11 6.82
CA GLY B 145 -22.17 2.04 7.89
C GLY B 145 -21.69 3.42 8.33
N ILE B 146 -21.73 4.38 7.42
CA ILE B 146 -21.30 5.74 7.73
C ILE B 146 -22.46 6.61 8.20
N TRP B 147 -23.68 6.11 7.99
CA TRP B 147 -24.89 6.83 8.40
C TRP B 147 -25.43 6.30 9.71
N ASN B 148 -24.71 5.36 10.30
CA ASN B 148 -25.13 4.76 11.56
C ASN B 148 -25.19 5.80 12.70
N PRO B 149 -24.17 6.69 12.82
CA PRO B 149 -24.14 7.71 13.88
C PRO B 149 -25.43 8.51 13.99
N LEU B 150 -26.32 8.36 13.01
CA LEU B 150 -27.59 9.09 13.01
C LEU B 150 -28.33 8.92 14.35
N ARG B 151 -28.99 7.78 14.51
CA ARG B 151 -29.72 7.50 15.75
C ARG B 151 -28.82 6.80 16.76
N ALA B 152 -27.56 6.60 16.38
CA ALA B 152 -26.59 5.94 17.24
C ALA B 152 -25.99 6.93 18.24
N LYS B 153 -26.17 8.22 17.95
CA LYS B 153 -25.64 9.29 18.81
C LYS B 153 -26.01 9.07 20.27
N THR B 154 -27.15 8.44 20.52
CA THR B 154 -27.60 8.19 21.89
C THR B 154 -26.73 7.12 22.55
N ARG B 155 -26.30 6.14 21.77
CA ARG B 155 -25.47 5.07 22.28
C ARG B 155 -23.99 5.48 22.33
N THR B 156 -23.65 6.55 21.61
CA THR B 156 -22.28 7.06 21.58
C THR B 156 -21.99 7.99 22.75
N GLN B 157 -22.95 8.08 23.68
CA GLN B 157 -22.81 8.93 24.86
C GLN B 157 -22.68 10.41 24.47
N SER B 158 -21.47 10.82 24.11
CA SER B 158 -21.20 12.20 23.73
C SER B 158 -22.14 12.64 22.59
N SER B 159 -23.03 13.57 22.89
CA SER B 159 -23.97 14.08 21.91
C SER B 159 -23.30 15.09 20.97
N GLU B 160 -22.54 16.02 21.56
CA GLU B 160 -21.85 17.04 20.78
C GLU B 160 -21.00 16.42 19.67
N LEU B 161 -20.09 15.53 20.05
CA LEU B 161 -19.21 14.87 19.09
C LEU B 161 -20.03 14.18 18.00
N ALA B 162 -21.18 13.64 18.39
CA ALA B 162 -22.04 12.94 17.44
C ALA B 162 -22.67 13.92 16.45
N ASN B 163 -22.91 15.14 16.90
CA ASN B 163 -23.51 16.17 16.05
C ASN B 163 -22.51 16.65 15.01
N LEU B 164 -21.25 16.82 15.41
CA LEU B 164 -20.20 17.27 14.51
C LEU B 164 -20.05 16.32 13.34
N TYR B 165 -20.22 15.03 13.62
CA TYR B 165 -20.08 14.00 12.60
C TYR B 165 -21.32 13.96 11.70
N ASP B 166 -22.48 14.29 12.27
CA ASP B 166 -23.72 14.28 11.52
C ASP B 166 -23.66 15.25 10.34
N LYS B 167 -23.09 16.42 10.57
CA LYS B 167 -22.97 17.43 9.53
C LYS B 167 -21.74 17.17 8.66
N LEU B 168 -20.77 16.44 9.20
CA LEU B 168 -19.55 16.12 8.48
C LEU B 168 -19.85 15.17 7.31
N VAL B 169 -20.65 14.16 7.57
CA VAL B 169 -21.01 13.18 6.55
C VAL B 169 -21.90 13.80 5.47
N THR B 170 -22.62 14.86 5.84
CA THR B 170 -23.50 15.54 4.89
C THR B 170 -22.77 15.89 3.60
N TYR B 171 -21.72 16.68 3.71
CA TYR B 171 -20.93 17.08 2.55
C TYR B 171 -20.22 15.87 1.95
N PHE B 172 -19.80 14.96 2.81
CA PHE B 172 -19.10 13.75 2.37
C PHE B 172 -20.00 12.89 1.49
N THR B 173 -21.31 13.07 1.64
CA THR B 173 -22.28 12.30 0.86
C THR B 173 -22.43 12.84 -0.56
N VAL B 174 -22.78 14.12 -0.67
CA VAL B 174 -22.99 14.75 -1.96
C VAL B 174 -21.79 14.58 -2.89
N LEU B 175 -20.60 14.47 -2.32
CA LEU B 175 -19.38 14.30 -3.10
C LEU B 175 -19.21 12.86 -3.57
N TRP B 176 -19.17 11.94 -2.61
CA TRP B 176 -19.00 10.52 -2.90
C TRP B 176 -20.09 10.04 -3.85
N ILE B 177 -21.26 10.66 -3.77
CA ILE B 177 -22.38 10.29 -4.64
C ILE B 177 -22.31 11.07 -5.96
N GLY B 178 -21.61 12.20 -5.92
CA GLY B 178 -21.48 13.03 -7.10
C GLY B 178 -20.87 12.31 -8.29
N TYR B 179 -19.69 11.73 -8.08
CA TYR B 179 -19.01 11.00 -9.17
C TYR B 179 -19.89 9.89 -9.74
N PRO B 180 -20.42 8.96 -8.91
CA PRO B 180 -21.27 7.87 -9.39
C PRO B 180 -22.36 8.35 -10.36
N ILE B 181 -22.83 9.58 -10.14
CA ILE B 181 -23.88 10.16 -10.99
C ILE B 181 -23.36 10.43 -12.40
N VAL B 182 -22.34 11.28 -12.50
CA VAL B 182 -21.77 11.64 -13.79
C VAL B 182 -21.23 10.42 -14.53
N TRP B 183 -20.89 9.37 -13.78
CA TRP B 183 -20.37 8.15 -14.38
C TRP B 183 -21.39 7.49 -15.31
N ILE B 184 -22.67 7.84 -15.13
CA ILE B 184 -23.73 7.27 -15.96
C ILE B 184 -23.44 7.49 -17.44
N ILE B 185 -23.12 8.72 -17.79
CA ILE B 185 -22.80 9.08 -19.17
C ILE B 185 -21.31 9.05 -19.43
N GLY B 186 -20.92 9.33 -20.67
CA GLY B 186 -19.52 9.33 -21.02
C GLY B 186 -18.93 7.93 -21.13
N PRO B 187 -17.60 7.80 -21.09
CA PRO B 187 -16.93 6.50 -21.18
C PRO B 187 -17.13 5.65 -19.94
N SER B 188 -17.04 4.33 -20.09
CA SER B 188 -17.21 3.41 -18.98
C SER B 188 -18.59 3.58 -18.34
N GLY B 189 -19.48 4.27 -19.04
CA GLY B 189 -20.83 4.50 -18.53
C GLY B 189 -21.88 4.28 -19.59
N PHE B 190 -22.15 5.32 -20.38
CA PHE B 190 -23.14 5.22 -21.45
C PHE B 190 -22.47 5.34 -22.81
N GLY B 191 -21.69 6.41 -22.99
CA GLY B 191 -21.00 6.61 -24.24
C GLY B 191 -21.68 7.63 -25.13
N TRP B 192 -20.95 8.66 -25.52
CA TRP B 192 -21.49 9.70 -26.38
C TRP B 192 -20.38 10.65 -26.83
N ILE B 193 -19.38 10.84 -25.97
CA ILE B 193 -18.26 11.72 -26.27
C ILE B 193 -16.95 11.12 -25.79
N ASN B 194 -15.85 11.82 -26.05
CA ASN B 194 -14.53 11.35 -25.63
C ASN B 194 -13.50 12.45 -25.80
N GLN B 195 -13.96 13.68 -25.95
CA GLN B 195 -13.07 14.83 -26.13
C GLN B 195 -12.61 15.38 -24.78
N THR B 196 -12.08 16.59 -24.79
CA THR B 196 -11.58 17.22 -23.56
C THR B 196 -12.73 17.53 -22.61
N ILE B 197 -13.94 17.60 -23.13
CA ILE B 197 -15.12 17.90 -22.33
C ILE B 197 -15.31 16.86 -21.23
N ASP B 198 -15.08 15.59 -21.56
CA ASP B 198 -15.23 14.50 -20.60
C ASP B 198 -14.27 14.67 -19.43
N THR B 199 -13.00 14.92 -19.75
CA THR B 199 -11.99 15.11 -18.72
C THR B 199 -12.21 16.42 -17.98
N PHE B 200 -12.91 17.35 -18.62
CA PHE B 200 -13.18 18.65 -18.03
C PHE B 200 -14.13 18.53 -16.84
N LEU B 201 -15.09 17.60 -16.94
CA LEU B 201 -16.06 17.39 -15.87
C LEU B 201 -15.42 16.69 -14.68
N PHE B 202 -14.66 15.63 -14.95
CA PHE B 202 -14.00 14.87 -13.90
C PHE B 202 -12.79 15.63 -13.35
N CYS B 203 -12.48 16.78 -13.94
CA CYS B 203 -11.37 17.61 -13.49
C CYS B 203 -11.87 18.70 -12.54
N LEU B 204 -12.99 19.31 -12.92
CA LEU B 204 -13.58 20.39 -12.14
C LEU B 204 -14.22 19.88 -10.85
N LEU B 205 -14.87 18.73 -10.91
CA LEU B 205 -15.53 18.16 -9.74
C LEU B 205 -14.55 17.99 -8.58
N PRO B 206 -13.42 17.27 -8.78
CA PRO B 206 -12.43 17.08 -7.71
C PRO B 206 -11.94 18.41 -7.16
N PHE B 207 -11.70 19.37 -8.05
CA PHE B 207 -11.25 20.70 -7.64
C PHE B 207 -12.32 21.38 -6.79
N PHE B 208 -13.58 21.08 -7.10
CA PHE B 208 -14.70 21.67 -6.38
C PHE B 208 -14.73 21.18 -4.93
N SER B 209 -14.18 19.98 -4.71
CA SER B 209 -14.14 19.40 -3.37
C SER B 209 -12.79 19.65 -2.72
N VAL B 211 -10.62 22.44 -2.81
CA VAL B 211 -10.61 23.72 -2.11
C VAL B 211 -11.84 23.87 -1.21
N GLY B 212 -12.95 23.30 -1.65
CA GLY B 212 -14.18 23.37 -0.87
C GLY B 212 -14.05 22.72 0.48
N PHE B 213 -13.21 21.70 0.57
CA PHE B 213 -12.99 20.98 1.83
C PHE B 213 -12.13 21.81 2.77
N SER B 214 -11.26 22.64 2.21
CA SER B 214 -10.39 23.48 3.02
C SER B 214 -11.20 24.48 3.84
N PHE B 215 -11.96 25.31 3.15
CA PHE B 215 -12.79 26.32 3.81
C PHE B 215 -13.80 25.64 4.75
N LEU B 216 -14.19 24.42 4.41
CA LEU B 216 -15.14 23.67 5.23
C LEU B 216 -14.53 23.33 6.58
N ASP B 217 -13.28 22.91 6.57
CA ASP B 217 -12.57 22.57 7.81
C ASP B 217 -12.36 23.81 8.67
N LEU B 218 -12.38 24.97 8.04
CA LEU B 218 -12.18 26.24 8.75
C LEU B 218 -13.37 26.54 9.65
N HIS B 219 -14.57 26.49 9.08
CA HIS B 219 -15.80 26.78 9.84
C HIS B 219 -16.20 25.58 10.69
N GLY B 220 -15.88 24.37 10.23
CA GLY B 220 -16.23 23.18 10.97
C GLY B 220 -15.48 23.06 12.28
N LEU B 221 -14.27 23.59 12.33
CA LEU B 221 -13.47 23.54 13.55
C LEU B 221 -13.99 24.51 14.60
N ARG B 222 -14.49 25.66 14.13
CA ARG B 222 -15.03 26.69 15.01
C ARG B 222 -13.99 27.17 16.02
N ASN B 223 -13.88 26.46 17.15
CA ASN B 223 -12.93 26.81 18.19
C ASN B 223 -12.88 25.74 19.26
N LEU B 224 -11.72 25.59 19.91
CA LEU B 224 -11.55 24.60 20.96
C LEU B 224 -10.22 24.83 21.70
N ASN B 225 -10.24 24.60 23.01
CA ASN B 225 -9.04 24.78 23.82
C ASN B 225 -8.44 23.44 24.23
N ASP B 226 -7.11 23.37 24.21
CA ASP B 226 -6.40 22.14 24.57
C ASP B 226 -5.05 22.46 25.19
N SER B 227 -4.87 22.08 26.45
CA SER B 227 -3.62 22.32 27.16
C SER B 227 -3.04 21.02 27.72
N ARG B 228 -1.89 20.61 27.19
CA ARG B 228 -1.23 19.39 27.64
C ARG B 228 -0.01 19.73 28.49
N GLN B 229 0.57 20.90 28.23
CA GLN B 229 1.74 21.34 28.97
C GLN B 229 1.38 21.77 30.39
N MET C 1 16.97 -14.84 -24.99
CA MET C 1 18.11 -15.66 -24.48
C MET C 1 19.33 -14.79 -24.22
N ASN C 2 19.34 -14.11 -23.07
CA ASN C 2 20.45 -13.24 -22.71
C ASN C 2 20.84 -13.45 -21.25
N LEU C 3 21.43 -14.61 -20.97
CA LEU C 3 21.86 -14.94 -19.61
C LEU C 3 23.38 -14.87 -19.50
N GLU C 4 23.88 -13.72 -19.08
CA GLU C 4 25.32 -13.53 -18.92
C GLU C 4 25.63 -12.72 -17.67
N SER C 5 24.74 -11.77 -17.34
CA SER C 5 24.92 -10.94 -16.16
C SER C 5 24.81 -11.75 -14.89
N LEU C 6 25.96 -12.11 -14.32
CA LEU C 6 25.99 -12.90 -13.09
C LEU C 6 26.17 -12.00 -11.88
N LEU C 7 25.97 -10.70 -12.07
CA LEU C 7 26.11 -9.72 -10.98
C LEU C 7 24.86 -9.67 -10.12
N HIS C 8 23.69 -9.64 -10.78
CA HIS C 8 22.42 -9.58 -10.06
C HIS C 8 22.22 -10.86 -9.25
N TRP C 9 22.83 -11.96 -9.70
CA TRP C 9 22.73 -13.23 -9.02
C TRP C 9 23.53 -13.19 -7.72
N ILE C 10 24.78 -12.72 -7.82
CA ILE C 10 25.64 -12.61 -6.66
C ILE C 10 25.09 -11.56 -5.70
N TYR C 11 24.26 -10.68 -6.25
CA TYR C 11 23.62 -9.62 -5.48
C TYR C 11 22.75 -10.21 -4.37
N VAL C 12 21.75 -10.99 -4.77
CA VAL C 12 20.84 -11.61 -3.82
C VAL C 12 21.60 -12.48 -2.83
N ALA C 13 22.69 -13.10 -3.30
CA ALA C 13 23.50 -13.97 -2.45
C ALA C 13 23.96 -13.24 -1.20
N GLY C 14 24.61 -12.10 -1.39
CA GLY C 14 25.09 -11.32 -0.26
C GLY C 14 23.96 -10.79 0.59
N MET C 15 22.77 -10.70 0.00
CA MET C 15 21.60 -10.20 0.72
C MET C 15 21.09 -11.23 1.72
N THR C 16 21.18 -12.51 1.35
CA THR C 16 20.71 -13.58 2.22
C THR C 16 21.57 -13.68 3.48
N ILE C 17 22.88 -13.77 3.29
CA ILE C 17 23.79 -13.86 4.43
C ILE C 17 23.68 -12.63 5.33
N GLY C 18 23.25 -11.52 4.75
CA GLY C 18 23.10 -10.29 5.52
C GLY C 18 21.98 -10.38 6.53
N ALA C 19 20.88 -11.02 6.16
CA ALA C 19 19.74 -11.20 7.04
C ALA C 19 20.05 -12.22 8.14
N LEU C 20 20.93 -13.16 7.83
CA LEU C 20 21.31 -14.19 8.78
C LEU C 20 22.11 -13.59 9.93
N HIS C 21 22.84 -12.53 9.63
CA HIS C 21 23.65 -11.84 10.63
C HIS C 21 22.77 -11.36 11.78
N PHE C 22 21.48 -11.20 11.51
CA PHE C 22 20.53 -10.75 12.51
C PHE C 22 20.51 -11.69 13.72
N TRP C 23 20.31 -12.98 13.46
CA TRP C 23 20.29 -13.98 14.52
C TRP C 23 21.62 -14.01 15.25
N SER C 24 22.71 -13.86 14.49
CA SER C 24 24.04 -13.87 15.09
C SER C 24 24.28 -12.61 15.91
N LEU C 25 23.47 -11.59 15.65
CA LEU C 25 23.57 -10.31 16.35
C LEU C 25 22.90 -10.37 17.72
N SER C 26 22.33 -11.51 18.06
CA SER C 26 21.66 -11.67 19.36
C SER C 26 22.61 -11.37 20.50
N ARG C 27 23.79 -12.01 20.51
CA ARG C 27 24.78 -11.77 21.55
C ARG C 27 25.22 -10.32 21.46
N ASN C 28 25.12 -9.80 20.25
CA ASN C 28 25.43 -8.42 19.91
C ASN C 28 24.35 -7.49 20.53
N PRO C 29 23.96 -6.31 19.94
CA PRO C 29 23.05 -5.37 20.56
C PRO C 29 22.70 -5.59 22.03
N ARG C 30 23.43 -4.88 22.89
CA ARG C 30 23.22 -4.92 24.32
C ARG C 30 22.64 -3.58 24.76
N GLY C 31 21.57 -3.61 25.54
CA GLY C 31 20.93 -2.37 25.95
C GLY C 31 19.90 -1.96 24.91
N VAL C 32 20.30 -2.08 23.64
CA VAL C 32 19.44 -1.78 22.51
C VAL C 32 19.40 -3.00 21.59
N PRO C 33 18.23 -3.67 21.49
CA PRO C 33 18.08 -4.90 20.69
C PRO C 33 18.19 -4.72 19.18
N GLN C 34 18.32 -5.87 18.52
CA GLN C 34 18.44 -5.97 17.07
C GLN C 34 17.24 -5.40 16.32
N TYR C 35 16.13 -5.17 17.04
CA TYR C 35 14.90 -4.64 16.41
C TYR C 35 15.22 -3.58 15.35
N GLU C 36 16.24 -2.77 15.61
CA GLU C 36 16.64 -1.74 14.66
C GLU C 36 17.15 -2.41 13.37
N TYR C 37 18.04 -3.38 13.55
CA TYR C 37 18.59 -4.12 12.42
C TYR C 37 17.51 -4.99 11.78
N LEU C 38 16.45 -5.27 12.52
CA LEU C 38 15.34 -6.07 12.01
C LEU C 38 14.76 -5.40 10.78
N VAL C 39 14.50 -4.10 10.89
CA VAL C 39 13.97 -3.35 9.77
C VAL C 39 14.97 -3.34 8.63
N ALA C 40 16.25 -3.18 8.98
CA ALA C 40 17.32 -3.18 8.01
C ALA C 40 17.53 -4.58 7.43
N MET C 41 16.82 -5.56 7.98
CA MET C 41 16.92 -6.94 7.52
C MET C 41 15.92 -7.20 6.40
N PHE C 42 14.76 -6.54 6.49
CA PHE C 42 13.73 -6.69 5.47
C PHE C 42 14.13 -5.99 4.18
N ILE C 43 14.91 -4.92 4.32
CA ILE C 43 15.37 -4.16 3.16
C ILE C 43 16.09 -5.06 2.14
N PRO C 44 17.13 -5.82 2.55
CA PRO C 44 17.87 -6.70 1.65
C PRO C 44 17.07 -7.94 1.22
N ILE C 45 16.15 -8.39 2.08
CA ILE C 45 15.33 -9.56 1.77
C ILE C 45 14.53 -9.36 0.48
N TRP C 46 13.64 -8.38 0.46
CA TRP C 46 12.81 -8.10 -0.70
C TRP C 46 13.67 -7.75 -1.92
N SER C 47 14.52 -6.75 -1.75
CA SER C 47 15.40 -6.30 -2.83
C SER C 47 16.18 -7.47 -3.43
N GLY C 48 16.63 -8.37 -2.58
CA GLY C 48 17.40 -9.52 -3.04
C GLY C 48 16.69 -10.31 -4.12
N LEU C 49 15.46 -10.75 -3.83
CA LEU C 49 14.67 -11.51 -4.79
C LEU C 49 14.49 -10.73 -6.09
N ALA C 50 14.48 -9.41 -5.99
CA ALA C 50 14.33 -8.56 -7.16
C ALA C 50 15.57 -8.61 -8.04
N TYR C 51 16.74 -8.70 -7.40
CA TYR C 51 18.00 -8.74 -8.13
C TYR C 51 18.18 -10.06 -8.87
N MET C 52 18.04 -11.17 -8.15
CA MET C 52 18.20 -12.50 -8.75
C MET C 52 17.37 -12.59 -10.02
N ALA C 53 16.21 -11.94 -10.02
CA ALA C 53 15.34 -11.93 -11.19
C ALA C 53 16.01 -11.24 -12.36
N MET C 54 16.62 -10.09 -12.08
CA MET C 54 17.32 -9.32 -13.11
C MET C 54 18.31 -10.19 -13.87
N ALA C 55 18.90 -11.15 -13.16
CA ALA C 55 19.86 -12.06 -13.75
C ALA C 55 19.18 -12.99 -14.75
N ILE C 56 18.00 -13.47 -14.38
CA ILE C 56 17.23 -14.37 -15.24
C ILE C 56 16.65 -13.59 -16.42
N ASP C 57 16.83 -12.28 -16.41
CA ASP C 57 16.34 -11.40 -17.48
C ASP C 57 14.81 -11.38 -17.49
N GLN C 58 14.22 -11.44 -16.30
CA GLN C 58 12.77 -11.40 -16.17
C GLN C 58 12.32 -10.18 -15.37
N GLY C 59 11.26 -9.55 -15.83
CA GLY C 59 10.74 -8.37 -15.15
C GLY C 59 10.78 -7.14 -16.01
N LYS C 60 10.92 -7.34 -17.33
CA LYS C 60 10.96 -6.24 -18.27
C LYS C 60 9.75 -6.27 -19.20
N VAL C 61 9.17 -5.11 -19.45
CA VAL C 61 8.00 -5.00 -20.32
C VAL C 61 8.34 -4.27 -21.61
N GLU C 62 7.75 -4.73 -22.71
CA GLU C 62 7.99 -4.11 -24.01
C GLU C 62 6.76 -3.34 -24.48
N ALA C 63 7.00 -2.16 -25.07
CA ALA C 63 5.92 -1.32 -25.56
C ALA C 63 6.36 -0.53 -26.79
N ALA C 64 5.95 -0.98 -27.97
CA ALA C 64 6.30 -0.32 -29.22
C ALA C 64 7.81 -0.23 -29.40
N GLY C 65 8.52 -1.21 -28.85
CA GLY C 65 9.97 -1.23 -28.96
C GLY C 65 10.66 -0.49 -27.83
N GLN C 66 9.95 -0.34 -26.71
CA GLN C 66 10.49 0.34 -25.54
C GLN C 66 10.52 -0.58 -24.34
N ILE C 67 11.70 -0.84 -23.80
CA ILE C 67 11.85 -1.71 -22.65
C ILE C 67 11.94 -0.90 -21.36
N ALA C 68 11.01 -1.13 -20.45
CA ALA C 68 10.99 -0.42 -19.17
C ALA C 68 11.38 -1.35 -18.02
N HIS C 69 12.13 -0.80 -17.07
CA HIS C 69 12.57 -1.58 -15.91
C HIS C 69 11.46 -1.68 -14.87
N TYR C 70 10.55 -2.62 -15.09
CA TYR C 70 9.43 -2.82 -14.18
C TYR C 70 9.89 -3.36 -12.82
N ALA C 71 10.96 -4.15 -12.83
CA ALA C 71 11.49 -4.74 -11.61
C ALA C 71 12.34 -3.74 -10.81
N ARG C 72 12.91 -2.76 -11.49
CA ARG C 72 13.76 -1.78 -10.84
C ARG C 72 12.96 -0.82 -9.95
N TYR C 73 11.92 -0.20 -10.51
CA TYR C 73 11.11 0.75 -9.74
C TYR C 73 10.27 0.05 -8.68
N ILE C 74 9.69 -1.10 -9.03
CA ILE C 74 8.84 -1.84 -8.09
C ILE C 74 9.56 -2.10 -6.79
N ASP C 75 10.83 -2.50 -6.87
CA ASP C 75 11.62 -2.76 -5.68
C ASP C 75 11.93 -1.43 -4.99
N TRP C 76 11.84 -0.35 -5.77
CA TRP C 76 12.10 0.98 -5.23
C TRP C 76 10.85 1.59 -4.64
N MET C 77 9.79 0.78 -4.57
CA MET C 77 8.53 1.25 -4.00
C MET C 77 8.31 0.66 -2.61
N VAL C 78 9.02 -0.44 -2.33
CA VAL C 78 8.89 -1.10 -1.04
C VAL C 78 10.18 -1.03 -0.24
N THR C 79 11.31 -0.96 -0.94
CA THR C 79 12.62 -0.91 -0.30
C THR C 79 12.97 0.51 0.17
N THR C 80 12.93 1.45 -0.76
CA THR C 80 13.25 2.84 -0.46
C THR C 80 12.48 3.38 0.75
N PRO C 81 11.13 3.20 0.80
CA PRO C 81 10.34 3.68 1.92
C PRO C 81 10.83 3.10 3.24
N LEU C 82 11.23 1.84 3.20
CA LEU C 82 11.74 1.18 4.39
C LEU C 82 13.09 1.78 4.77
N LEU C 83 13.83 2.24 3.75
CA LEU C 83 15.12 2.86 3.97
C LEU C 83 14.91 4.23 4.62
N LEU C 84 13.70 4.75 4.45
CA LEU C 84 13.33 6.04 5.02
C LEU C 84 12.87 5.86 6.45
N LEU C 85 12.18 4.75 6.71
CA LEU C 85 11.67 4.45 8.04
C LEU C 85 12.82 4.14 9.00
N SER C 86 13.85 3.50 8.48
CA SER C 86 15.02 3.15 9.29
C SER C 86 15.64 4.39 9.93
N LEU C 87 15.52 5.53 9.24
CA LEU C 87 16.06 6.78 9.74
C LEU C 87 15.32 7.23 10.99
N SER C 88 14.02 6.93 11.04
CA SER C 88 13.20 7.30 12.19
C SER C 88 13.51 6.42 13.40
N TRP C 89 13.97 5.21 13.14
CA TRP C 89 14.31 4.27 14.21
C TRP C 89 15.72 4.54 14.74
N THR C 90 16.61 4.97 13.86
CA THR C 90 18.00 5.26 14.24
C THR C 90 18.09 6.60 14.96
N ALA C 91 17.28 7.56 14.53
CA ALA C 91 17.28 8.89 15.14
C ALA C 91 16.43 8.91 16.41
N MET C 92 15.23 8.36 16.32
CA MET C 92 14.31 8.32 17.46
C MET C 92 14.26 6.92 18.06
N GLN C 93 14.73 6.79 19.29
CA GLN C 93 14.74 5.51 19.98
C GLN C 93 13.32 5.07 20.36
N PHE C 94 12.44 6.06 20.52
CA PHE C 94 11.05 5.77 20.88
C PHE C 94 10.09 6.76 20.20
N ILE C 95 8.98 6.23 19.71
CA ILE C 95 7.98 7.07 19.03
C ILE C 95 6.79 7.35 19.94
N LYS C 96 6.26 8.56 19.86
CA LYS C 96 5.12 8.96 20.67
C LYS C 96 3.84 8.94 19.84
N LYS C 97 2.70 9.16 20.50
CA LYS C 97 1.41 9.17 19.83
C LYS C 97 1.34 10.34 18.83
N ASP C 98 0.20 10.47 18.16
CA ASP C 98 0.00 11.54 17.19
C ASP C 98 1.08 11.48 16.09
N TRP C 99 0.85 10.63 15.09
CA TRP C 99 1.80 10.48 13.99
C TRP C 99 1.72 11.68 13.05
N THR C 100 2.66 12.62 13.20
CA THR C 100 2.70 13.80 12.36
C THR C 100 4.00 13.89 11.58
N LEU C 101 5.11 13.63 12.26
CA LEU C 101 6.42 13.68 11.63
C LEU C 101 6.68 12.44 10.78
N ILE C 102 6.41 11.27 11.35
CA ILE C 102 6.60 10.01 10.64
C ILE C 102 5.65 9.87 9.46
N GLY C 103 4.47 10.49 9.59
CA GLY C 103 3.50 10.43 8.51
C GLY C 103 3.88 11.26 7.31
N PHE C 104 4.34 12.48 7.57
CA PHE C 104 4.74 13.39 6.49
C PHE C 104 5.88 12.81 5.66
N LEU C 105 6.79 12.10 6.34
CA LEU C 105 7.93 11.49 5.66
C LEU C 105 7.49 10.38 4.72
N MET C 106 6.69 9.46 5.23
CA MET C 106 6.21 8.34 4.44
C MET C 106 5.38 8.82 3.24
N SER C 107 4.63 9.90 3.45
CA SER C 107 3.79 10.47 2.38
C SER C 107 4.65 11.05 1.26
N THR C 108 5.54 11.96 1.61
CA THR C 108 6.41 12.60 0.63
C THR C 108 7.20 11.55 -0.15
N GLN C 109 7.41 10.39 0.47
CA GLN C 109 8.14 9.30 -0.18
C GLN C 109 7.33 8.74 -1.34
N ILE C 110 6.03 8.62 -1.13
CA ILE C 110 5.13 8.10 -2.16
C ILE C 110 5.19 8.97 -3.41
N VAL C 111 5.41 10.27 -3.20
CA VAL C 111 5.48 11.21 -4.31
C VAL C 111 6.72 10.96 -5.16
N VAL C 112 7.85 10.70 -4.49
CA VAL C 112 9.12 10.45 -5.18
C VAL C 112 9.07 9.18 -6.01
N ILE C 113 8.71 8.06 -5.36
CA ILE C 113 8.64 6.78 -6.04
C ILE C 113 7.72 6.84 -7.26
N THR C 114 6.75 7.76 -7.21
CA THR C 114 5.81 7.92 -8.32
C THR C 114 6.53 8.45 -9.56
N SER C 115 7.36 9.46 -9.37
CA SER C 115 8.10 10.05 -10.48
C SER C 115 9.16 9.09 -11.01
N GLY C 116 9.60 8.16 -10.17
CA GLY C 116 10.62 7.21 -10.57
C GLY C 116 10.08 6.09 -11.44
N LEU C 117 8.87 5.66 -11.16
CA LEU C 117 8.25 4.56 -11.91
C LEU C 117 7.74 5.05 -13.27
N ILE C 118 7.35 6.32 -13.33
CA ILE C 118 6.84 6.89 -14.57
C ILE C 118 7.97 7.35 -15.48
N ALA C 119 9.11 7.64 -14.88
CA ALA C 119 10.28 8.10 -15.63
C ALA C 119 10.73 7.04 -16.64
N ASP C 120 10.70 5.78 -16.23
CA ASP C 120 11.10 4.68 -17.09
C ASP C 120 9.97 4.33 -18.07
N LEU C 121 8.78 4.84 -17.81
CA LEU C 121 7.63 4.58 -18.67
C LEU C 121 7.57 5.58 -19.82
N SER C 122 8.69 6.25 -20.08
CA SER C 122 8.77 7.23 -21.15
C SER C 122 8.65 6.56 -22.52
N GLU C 123 7.65 6.96 -23.29
CA GLU C 123 7.42 6.40 -24.62
C GLU C 123 7.90 7.38 -25.70
N ARG C 124 7.66 8.66 -25.46
CA ARG C 124 8.06 9.71 -26.40
C ARG C 124 9.31 10.41 -25.91
N ASP C 125 10.23 10.68 -26.83
CA ASP C 125 11.49 11.35 -26.49
C ASP C 125 11.26 12.82 -26.17
N TRP C 126 10.05 13.30 -26.42
CA TRP C 126 9.71 14.70 -26.15
C TRP C 126 9.20 14.87 -24.73
N VAL C 127 8.33 13.96 -24.29
CA VAL C 127 7.76 14.02 -22.95
C VAL C 127 8.79 13.60 -21.91
N ARG C 128 9.76 12.81 -22.33
CA ARG C 128 10.81 12.33 -21.44
C ARG C 128 11.46 13.48 -20.68
N TYR C 129 11.83 14.53 -21.40
CA TYR C 129 12.46 15.70 -20.80
C TYR C 129 11.52 16.45 -19.88
N LEU C 130 10.21 16.27 -20.09
CA LEU C 130 9.20 16.94 -19.28
C LEU C 130 8.98 16.20 -17.96
N TRP C 131 8.83 14.88 -18.04
CA TRP C 131 8.62 14.06 -16.85
C TRP C 131 9.80 14.13 -15.91
N TYR C 132 10.99 14.24 -16.48
CA TYR C 132 12.22 14.32 -15.68
C TYR C 132 12.21 15.54 -14.78
N ILE C 133 11.61 16.63 -15.26
CA ILE C 133 11.54 17.87 -14.49
C ILE C 133 10.55 17.75 -13.34
N CYS C 134 9.44 17.05 -13.59
CA CYS C 134 8.42 16.86 -12.57
C CYS C 134 8.95 16.05 -11.39
N GLY C 135 9.90 15.15 -11.68
CA GLY C 135 10.47 14.33 -10.65
C GLY C 135 11.35 15.12 -9.70
N VAL C 136 12.32 15.83 -10.24
CA VAL C 136 13.23 16.64 -9.44
C VAL C 136 12.47 17.73 -8.69
N CYS C 137 11.36 18.18 -9.29
CA CYS C 137 10.53 19.22 -8.68
C CYS C 137 10.03 18.78 -7.31
N ALA C 138 9.49 17.57 -7.24
CA ALA C 138 8.98 17.02 -5.99
C ALA C 138 10.11 16.84 -4.99
N PHE C 139 11.31 16.60 -5.50
CA PHE C 139 12.48 16.40 -4.66
C PHE C 139 12.95 17.73 -4.08
N LEU C 140 12.55 18.82 -4.71
CA LEU C 140 12.93 20.15 -4.26
C LEU C 140 12.15 20.57 -3.01
N ILE C 141 10.82 20.44 -3.08
CA ILE C 141 9.97 20.80 -1.95
C ILE C 141 10.33 20.00 -0.70
N ILE C 142 10.58 18.70 -0.88
CA ILE C 142 10.92 17.84 0.24
C ILE C 142 12.34 18.13 0.74
N LEU C 143 13.20 18.62 -0.17
CA LEU C 143 14.58 18.95 0.19
C LEU C 143 14.62 19.97 1.32
N TRP C 144 13.87 21.05 1.16
CA TRP C 144 13.81 22.10 2.16
C TRP C 144 13.19 21.59 3.46
N GLY C 145 12.17 20.75 3.33
CA GLY C 145 11.50 20.20 4.49
C GLY C 145 12.43 19.35 5.34
N ILE C 146 13.28 18.57 4.67
CA ILE C 146 14.23 17.70 5.36
C ILE C 146 15.42 18.51 5.87
N TRP C 147 15.67 19.64 5.23
CA TRP C 147 16.77 20.52 5.62
C TRP C 147 16.32 21.53 6.67
N ASN C 148 15.08 21.40 7.10
CA ASN C 148 14.52 22.30 8.11
C ASN C 148 15.30 22.21 9.43
N PRO C 149 15.58 20.99 9.94
CA PRO C 149 16.31 20.81 11.20
C PRO C 149 17.44 21.81 11.37
N LEU C 150 18.09 22.17 10.26
CA LEU C 150 19.17 23.15 10.31
C LEU C 150 18.66 24.48 10.85
N ARG C 151 19.29 24.96 11.92
CA ARG C 151 18.91 26.22 12.56
C ARG C 151 17.58 26.08 13.29
N ALA C 152 16.86 24.98 13.04
CA ALA C 152 15.59 24.73 13.69
C ALA C 152 15.80 24.13 15.08
N LYS C 153 17.01 23.61 15.29
CA LYS C 153 17.37 23.00 16.58
C LYS C 153 16.98 23.89 17.74
N THR C 154 17.02 25.21 17.53
CA THR C 154 16.66 26.17 18.56
C THR C 154 15.27 25.90 19.10
N ARG C 155 14.31 25.72 18.20
CA ARG C 155 12.94 25.44 18.59
C ARG C 155 12.75 23.96 18.92
N THR C 156 13.71 23.14 18.48
CA THR C 156 13.66 21.70 18.72
C THR C 156 14.04 21.37 20.17
N GLN C 157 14.49 22.39 20.89
CA GLN C 157 14.89 22.24 22.29
C GLN C 157 16.13 21.36 22.43
N SER C 158 15.95 20.04 22.32
CA SER C 158 17.07 19.11 22.43
C SER C 158 18.13 19.39 21.38
N SER C 159 19.30 19.82 21.83
CA SER C 159 20.41 20.13 20.93
C SER C 159 21.11 18.87 20.46
N GLU C 160 21.26 17.90 21.36
CA GLU C 160 21.92 16.64 21.05
C GLU C 160 21.18 15.90 19.92
N LEU C 161 19.90 15.63 20.14
CA LEU C 161 19.08 14.94 19.16
C LEU C 161 19.12 15.65 17.82
N ALA C 162 19.20 16.98 17.87
CA ALA C 162 19.24 17.78 16.66
C ALA C 162 20.51 17.50 15.85
N ASN C 163 21.64 17.41 16.55
CA ASN C 163 22.92 17.14 15.89
C ASN C 163 22.92 15.75 15.25
N LEU C 164 22.30 14.78 15.92
CA LEU C 164 22.24 13.42 15.40
C LEU C 164 21.56 13.40 14.03
N TYR C 165 20.57 14.26 13.85
CA TYR C 165 19.85 14.34 12.59
C TYR C 165 20.65 15.10 11.54
N ASP C 166 21.33 16.15 11.96
CA ASP C 166 22.14 16.97 11.06
C ASP C 166 23.20 16.12 10.35
N LYS C 167 23.77 15.16 11.08
CA LYS C 167 24.81 14.29 10.54
C LYS C 167 24.20 13.16 9.71
N LEU C 168 22.97 12.79 10.05
CA LEU C 168 22.28 11.71 9.34
C LEU C 168 21.84 12.15 7.94
N VAL C 169 21.15 13.28 7.87
CA VAL C 169 20.68 13.82 6.60
C VAL C 169 21.82 14.01 5.61
N THR C 170 23.04 14.19 6.13
CA THR C 170 24.21 14.39 5.28
C THR C 170 24.36 13.27 4.26
N TYR C 171 24.48 12.04 4.76
CA TYR C 171 24.63 10.88 3.89
C TYR C 171 23.33 10.62 3.12
N PHE C 172 22.23 11.09 3.67
CA PHE C 172 20.92 10.91 3.05
C PHE C 172 20.77 11.77 1.79
N THR C 173 21.34 12.96 1.82
CA THR C 173 21.26 13.87 0.68
C THR C 173 22.09 13.36 -0.50
N VAL C 174 23.37 13.08 -0.25
CA VAL C 174 24.26 12.61 -1.31
C VAL C 174 23.70 11.39 -2.03
N LEU C 175 22.99 10.53 -1.30
CA LEU C 175 22.41 9.33 -1.89
C LEU C 175 21.16 9.66 -2.71
N TRP C 176 20.18 10.29 -2.06
CA TRP C 176 18.94 10.66 -2.74
C TRP C 176 19.21 11.52 -3.96
N ILE C 177 20.31 12.27 -3.91
CA ILE C 177 20.71 13.13 -5.01
C ILE C 177 21.56 12.36 -6.01
N GLY C 178 22.20 11.30 -5.53
CA GLY C 178 23.04 10.47 -6.38
C GLY C 178 22.33 9.96 -7.61
N TYR C 179 21.20 9.29 -7.41
CA TYR C 179 20.44 8.73 -8.54
C TYR C 179 20.04 9.83 -9.54
N PRO C 180 19.35 10.91 -9.11
CA PRO C 180 18.94 12.00 -9.99
C PRO C 180 20.06 12.46 -10.92
N ILE C 181 21.30 12.31 -10.47
CA ILE C 181 22.45 12.71 -11.25
C ILE C 181 22.67 11.78 -12.45
N VAL C 182 22.90 10.51 -12.17
CA VAL C 182 23.15 9.52 -13.22
C VAL C 182 21.99 9.44 -14.21
N TRP C 183 20.79 9.80 -13.77
CA TRP C 183 19.61 9.76 -14.63
C TRP C 183 19.77 10.68 -15.83
N ILE C 184 20.67 11.65 -15.74
CA ILE C 184 20.90 12.59 -16.83
C ILE C 184 21.35 11.86 -18.09
N ILE C 185 22.04 10.74 -17.90
CA ILE C 185 22.52 9.95 -19.04
C ILE C 185 21.81 8.60 -19.11
N GLY C 186 21.82 8.00 -20.29
CA GLY C 186 21.17 6.71 -20.47
C GLY C 186 19.71 6.84 -20.86
N PRO C 187 18.92 5.76 -20.70
CA PRO C 187 17.50 5.77 -21.06
C PRO C 187 16.67 6.61 -20.09
N SER C 188 15.51 7.06 -20.56
CA SER C 188 14.62 7.89 -19.75
C SER C 188 15.32 9.16 -19.30
N GLY C 189 16.44 9.46 -19.93
CA GLY C 189 17.20 10.64 -19.60
C GLY C 189 17.78 11.32 -20.82
N PHE C 190 18.96 10.86 -21.25
CA PHE C 190 19.63 11.41 -22.41
C PHE C 190 20.76 10.49 -22.85
N GLY C 191 20.40 9.29 -23.31
CA GLY C 191 21.39 8.33 -23.75
C GLY C 191 20.93 7.49 -24.92
N TRP C 192 21.87 7.13 -25.79
CA TRP C 192 21.56 6.33 -26.96
C TRP C 192 21.96 4.87 -26.73
N ILE C 193 22.44 4.58 -25.52
CA ILE C 193 22.85 3.22 -25.17
C ILE C 193 21.81 2.54 -24.29
N ASN C 194 21.80 1.21 -24.34
CA ASN C 194 20.86 0.42 -23.55
C ASN C 194 21.39 -1.00 -23.36
N GLN C 195 22.66 -1.10 -22.98
CA GLN C 195 23.30 -2.39 -22.75
C GLN C 195 23.32 -2.73 -21.27
N THR C 196 24.09 -3.76 -20.91
CA THR C 196 24.20 -4.18 -19.52
C THR C 196 24.88 -3.13 -18.67
N ILE C 197 25.73 -2.31 -19.30
CA ILE C 197 26.44 -1.25 -18.60
C ILE C 197 25.47 -0.29 -17.91
N ASP C 198 24.32 -0.06 -18.54
CA ASP C 198 23.31 0.83 -17.98
C ASP C 198 22.86 0.33 -16.60
N THR C 199 22.38 -0.92 -16.57
CA THR C 199 21.91 -1.52 -15.33
C THR C 199 23.08 -1.77 -14.38
N PHE C 200 24.29 -1.77 -14.92
CA PHE C 200 25.50 -2.00 -14.14
C PHE C 200 25.75 -0.84 -13.19
N LEU C 201 25.35 0.36 -13.60
CA LEU C 201 25.53 1.55 -12.77
C LEU C 201 24.41 1.70 -11.74
N PHE C 202 23.18 1.38 -12.15
CA PHE C 202 22.03 1.49 -11.27
C PHE C 202 21.97 0.33 -10.27
N CYS C 203 22.83 -0.66 -10.47
CA CYS C 203 22.88 -1.82 -9.58
C CYS C 203 23.97 -1.63 -8.52
N LEU C 204 25.10 -1.09 -8.96
CA LEU C 204 26.24 -0.87 -8.08
C LEU C 204 25.98 0.28 -7.09
N LEU C 205 25.23 1.28 -7.52
CA LEU C 205 24.93 2.43 -6.66
C LEU C 205 24.14 2.01 -5.42
N PRO C 206 22.99 1.30 -5.58
CA PRO C 206 22.19 0.86 -4.43
C PRO C 206 23.02 0.02 -3.47
N PHE C 207 23.89 -0.83 -4.03
CA PHE C 207 24.75 -1.68 -3.22
C PHE C 207 25.67 -0.83 -2.34
N PHE C 208 26.08 0.32 -2.87
CA PHE C 208 26.98 1.22 -2.15
C PHE C 208 26.27 1.81 -0.93
N SER C 209 24.96 1.98 -1.03
CA SER C 209 24.17 2.54 0.07
C SER C 209 23.61 1.43 0.95
N VAL C 211 24.97 -1.69 1.91
CA VAL C 211 25.96 -2.09 2.91
C VAL C 211 26.52 -0.87 3.65
N GLY C 212 26.71 0.21 2.92
CA GLY C 212 27.24 1.42 3.51
C GLY C 212 26.37 1.95 4.64
N PHE C 213 25.06 1.72 4.54
CA PHE C 213 24.14 2.17 5.56
C PHE C 213 24.28 1.34 6.84
N SER C 214 24.58 0.06 6.67
CA SER C 214 24.76 -0.85 7.80
C SER C 214 25.90 -0.37 8.69
N PHE C 215 27.09 -0.28 8.11
CA PHE C 215 28.27 0.15 8.85
C PHE C 215 28.08 1.58 9.36
N LEU C 216 27.20 2.33 8.71
CA LEU C 216 26.91 3.70 9.09
C LEU C 216 26.11 3.75 10.39
N ASP C 217 25.15 2.84 10.51
CA ASP C 217 24.31 2.78 11.71
C ASP C 217 25.10 2.31 12.92
N LEU C 218 26.12 1.50 12.69
CA LEU C 218 26.95 0.98 13.76
C LEU C 218 27.73 2.10 14.44
N HIS C 219 28.38 2.94 13.63
CA HIS C 219 29.15 4.06 14.15
C HIS C 219 28.25 5.24 14.50
N GLY C 220 27.07 5.27 13.87
CA GLY C 220 26.13 6.36 14.13
C GLY C 220 25.49 6.28 15.49
N LEU C 221 25.23 5.05 15.96
CA LEU C 221 24.61 4.86 17.26
C LEU C 221 25.61 5.11 18.39
N ARG C 222 26.89 4.85 18.11
CA ARG C 222 27.96 5.04 19.08
C ARG C 222 27.74 4.17 20.32
N ASN C 223 26.96 4.68 21.27
CA ASN C 223 26.67 3.96 22.50
C ASN C 223 25.50 4.59 23.23
N LEU C 224 24.82 3.80 24.07
CA LEU C 224 23.68 4.29 24.83
C LEU C 224 23.39 3.37 26.01
N ASN C 225 22.35 3.69 26.76
CA ASN C 225 21.96 2.90 27.92
C ASN C 225 20.50 3.12 28.28
N ASP C 226 19.69 2.08 28.14
CA ASP C 226 18.27 2.15 28.46
C ASP C 226 17.86 1.05 29.42
N SER C 227 16.95 1.36 30.33
CA SER C 227 16.47 0.39 31.31
C SER C 227 15.02 0.65 31.68
N ARG C 228 14.12 -0.15 31.13
CA ARG C 228 12.68 0.00 31.40
C ARG C 228 12.25 -0.89 32.56
N GLN C 229 12.94 -2.03 32.72
CA GLN C 229 12.62 -2.97 33.78
C GLN C 229 13.33 -2.59 35.07
N MET A 1 -17.93 -16.07 -26.13
CA MET A 1 -18.63 -17.14 -25.35
C MET A 1 -18.75 -16.74 -23.88
N ASN A 2 -19.39 -15.60 -23.63
CA ASN A 2 -19.57 -15.11 -22.27
C ASN A 2 -20.38 -16.10 -21.43
N LEU A 3 -20.31 -15.96 -20.11
CA LEU A 3 -21.03 -16.84 -19.20
C LEU A 3 -20.60 -18.30 -19.40
N GLU A 4 -19.59 -18.72 -18.64
CA GLU A 4 -19.08 -20.08 -18.73
C GLU A 4 -18.99 -20.71 -17.34
N SER A 5 -18.42 -19.96 -16.40
CA SER A 5 -18.25 -20.44 -15.03
C SER A 5 -19.39 -19.93 -14.15
N LEU A 6 -19.53 -20.53 -12.98
CA LEU A 6 -20.59 -20.13 -12.04
C LEU A 6 -20.07 -20.14 -10.60
N LEU A 7 -18.98 -20.86 -10.37
CA LEU A 7 -18.40 -20.95 -9.04
C LEU A 7 -17.93 -19.58 -8.55
N HIS A 8 -17.44 -18.77 -9.48
CA HIS A 8 -16.96 -17.43 -9.15
C HIS A 8 -18.13 -16.52 -8.82
N TRP A 9 -19.28 -16.80 -9.43
CA TRP A 9 -20.48 -16.01 -9.21
C TRP A 9 -21.05 -16.29 -7.82
N ILE A 10 -21.23 -17.57 -7.50
CA ILE A 10 -21.75 -17.96 -6.20
C ILE A 10 -20.76 -17.61 -5.10
N TYR A 11 -19.50 -17.45 -5.49
CA TYR A 11 -18.44 -17.10 -4.55
C TYR A 11 -18.72 -15.76 -3.90
N VAL A 12 -18.79 -14.72 -4.72
CA VAL A 12 -19.04 -13.37 -4.22
C VAL A 12 -20.38 -13.30 -3.47
N ALA A 13 -21.33 -14.13 -3.89
CA ALA A 13 -22.65 -14.16 -3.26
C ALA A 13 -22.56 -14.55 -1.78
N GLY A 14 -21.94 -15.71 -1.52
CA GLY A 14 -21.81 -16.18 -0.15
C GLY A 14 -21.01 -15.23 0.72
N MET A 15 -20.10 -14.48 0.11
CA MET A 15 -19.28 -13.53 0.84
C MET A 15 -20.09 -12.30 1.25
N THR A 16 -21.18 -12.05 0.52
CA THR A 16 -22.04 -10.92 0.80
C THR A 16 -22.85 -11.15 2.07
N ILE A 17 -23.53 -12.29 2.14
CA ILE A 17 -24.33 -12.64 3.30
C ILE A 17 -23.45 -12.83 4.54
N GLY A 18 -22.18 -13.13 4.30
CA GLY A 18 -21.25 -13.33 5.40
C GLY A 18 -20.96 -12.06 6.17
N ALA A 19 -20.65 -10.99 5.44
CA ALA A 19 -20.36 -9.70 6.05
C ALA A 19 -21.56 -9.17 6.82
N LEU A 20 -22.76 -9.45 6.30
CA LEU A 20 -24.00 -9.01 6.94
C LEU A 20 -24.21 -9.74 8.26
N HIS A 21 -23.82 -11.01 8.29
CA HIS A 21 -23.96 -11.82 9.49
C HIS A 21 -23.18 -11.20 10.64
N PHE A 22 -22.20 -10.35 10.31
CA PHE A 22 -21.38 -9.70 11.31
C PHE A 22 -22.23 -8.79 12.20
N TRP A 23 -23.04 -7.95 11.57
CA TRP A 23 -23.90 -7.03 12.31
C TRP A 23 -24.84 -7.80 13.23
N SER A 24 -25.43 -8.86 12.70
CA SER A 24 -26.36 -9.69 13.46
C SER A 24 -25.59 -10.49 14.53
N LEU A 25 -24.29 -10.61 14.34
CA LEU A 25 -23.43 -11.35 15.26
C LEU A 25 -23.15 -10.55 16.54
N SER A 26 -23.70 -9.35 16.64
CA SER A 26 -23.47 -8.54 17.84
C SER A 26 -24.13 -9.17 19.06
N ARG A 27 -25.41 -9.51 18.96
CA ARG A 27 -26.12 -10.14 20.07
C ARG A 27 -25.34 -11.39 20.49
N ASN A 28 -24.55 -11.86 19.55
CA ASN A 28 -23.67 -13.01 19.71
C ASN A 28 -22.49 -12.60 20.64
N PRO A 29 -21.23 -13.17 20.56
CA PRO A 29 -20.15 -12.87 21.48
C PRO A 29 -20.51 -12.00 22.68
N ARG A 30 -20.78 -12.66 23.81
CA ARG A 30 -21.11 -12.00 25.06
C ARG A 30 -19.89 -12.03 25.98
N GLY A 31 -19.12 -10.95 25.97
CA GLY A 31 -17.91 -10.86 26.77
C GLY A 31 -16.73 -10.54 25.88
N VAL A 32 -16.73 -11.10 24.68
CA VAL A 32 -15.69 -10.85 23.70
C VAL A 32 -16.26 -10.03 22.54
N PRO A 33 -15.64 -8.90 22.21
CA PRO A 33 -16.12 -8.02 21.13
C PRO A 33 -16.04 -8.64 19.74
N GLN A 34 -16.74 -8.01 18.81
CA GLN A 34 -16.81 -8.44 17.42
C GLN A 34 -15.53 -8.10 16.66
N TYR A 35 -14.69 -7.26 17.25
CA TYR A 35 -13.43 -6.81 16.63
C TYR A 35 -12.73 -7.95 15.87
N GLU A 36 -12.78 -9.16 16.41
CA GLU A 36 -12.14 -10.30 15.76
C GLU A 36 -12.82 -10.59 14.42
N TYR A 37 -14.15 -10.60 14.44
CA TYR A 37 -14.93 -10.86 13.25
C TYR A 37 -14.90 -9.66 12.31
N LEU A 38 -14.53 -8.50 12.86
CA LEU A 38 -14.45 -7.28 12.06
C LEU A 38 -13.43 -7.44 10.94
N VAL A 39 -12.20 -7.76 11.32
CA VAL A 39 -11.14 -7.97 10.33
C VAL A 39 -11.50 -9.14 9.42
N ALA A 40 -12.14 -10.15 10.00
CA ALA A 40 -12.56 -11.32 9.25
C ALA A 40 -13.76 -11.00 8.36
N MET A 41 -14.28 -9.79 8.49
CA MET A 41 -15.43 -9.35 7.69
C MET A 41 -14.95 -8.71 6.39
N PHE A 42 -13.82 -8.00 6.46
CA PHE A 42 -13.26 -7.33 5.30
C PHE A 42 -12.65 -8.36 4.33
N ILE A 43 -12.10 -9.43 4.88
CA ILE A 43 -11.48 -10.48 4.06
C ILE A 43 -12.42 -11.01 2.98
N PRO A 44 -13.65 -11.44 3.34
CA PRO A 44 -14.61 -11.97 2.37
C PRO A 44 -15.21 -10.90 1.46
N ILE A 45 -15.39 -9.69 1.99
CA ILE A 45 -15.97 -8.60 1.22
C ILE A 45 -15.16 -8.31 -0.05
N TRP A 46 -13.91 -7.90 0.13
CA TRP A 46 -13.04 -7.57 -1.00
C TRP A 46 -12.82 -8.77 -1.90
N SER A 47 -12.41 -9.89 -1.30
CA SER A 47 -12.14 -11.11 -2.06
C SER A 47 -13.33 -11.47 -2.97
N GLY A 48 -14.50 -11.57 -2.37
CA GLY A 48 -15.70 -11.91 -3.12
C GLY A 48 -15.82 -11.17 -4.44
N LEU A 49 -15.77 -9.84 -4.38
CA LEU A 49 -15.88 -9.00 -5.57
C LEU A 49 -14.90 -9.45 -6.65
N ALA A 50 -13.69 -9.81 -6.22
CA ALA A 50 -12.65 -10.25 -7.15
C ALA A 50 -13.10 -11.49 -7.93
N TYR A 51 -13.80 -12.39 -7.25
CA TYR A 51 -14.29 -13.61 -7.87
C TYR A 51 -15.39 -13.30 -8.88
N MET A 52 -16.32 -12.44 -8.49
CA MET A 52 -17.42 -12.05 -9.36
C MET A 52 -16.89 -11.66 -10.73
N ALA A 53 -15.70 -11.08 -10.74
CA ALA A 53 -15.06 -10.66 -11.98
C ALA A 53 -14.59 -11.86 -12.78
N MET A 54 -14.00 -12.84 -12.09
CA MET A 54 -13.50 -14.04 -12.75
C MET A 54 -14.62 -14.70 -13.57
N ALA A 55 -15.85 -14.46 -13.16
CA ALA A 55 -17.01 -15.01 -13.85
C ALA A 55 -17.27 -14.25 -15.14
N ILE A 56 -17.28 -12.92 -15.07
CA ILE A 56 -17.50 -12.09 -16.24
C ILE A 56 -16.23 -11.96 -17.07
N ASP A 57 -15.20 -12.70 -16.68
CA ASP A 57 -13.91 -12.68 -17.38
C ASP A 57 -13.31 -11.29 -17.37
N GLN A 58 -13.15 -10.72 -16.18
CA GLN A 58 -12.59 -9.38 -16.03
C GLN A 58 -11.39 -9.41 -15.07
N GLY A 59 -10.26 -8.93 -15.55
CA GLY A 59 -9.06 -8.90 -14.73
C GLY A 59 -7.93 -9.69 -15.34
N LYS A 60 -7.90 -9.76 -16.66
CA LYS A 60 -6.85 -10.51 -17.37
C LYS A 60 -6.57 -9.89 -18.74
N VAL A 61 -5.30 -9.92 -19.14
CA VAL A 61 -4.90 -9.38 -20.43
C VAL A 61 -4.07 -10.38 -21.22
N GLU A 62 -4.23 -10.37 -22.54
CA GLU A 62 -3.49 -11.28 -23.42
C GLU A 62 -2.15 -10.67 -23.82
N ALA A 63 -1.10 -11.02 -23.08
CA ALA A 63 0.24 -10.52 -23.37
C ALA A 63 1.18 -11.66 -23.74
N ALA A 64 1.94 -11.45 -24.82
CA ALA A 64 2.89 -12.46 -25.29
C ALA A 64 2.17 -13.76 -25.65
N GLY A 65 0.88 -13.65 -25.96
CA GLY A 65 0.11 -14.84 -26.32
C GLY A 65 -0.46 -15.55 -25.11
N GLN A 66 0.06 -15.22 -23.93
CA GLN A 66 -0.39 -15.83 -22.69
C GLN A 66 -1.28 -14.88 -21.90
N ILE A 67 -2.20 -15.44 -21.12
CA ILE A 67 -3.10 -14.62 -20.32
C ILE A 67 -2.61 -14.53 -18.87
N ALA A 68 -2.71 -13.33 -18.31
CA ALA A 68 -2.27 -13.10 -16.93
C ALA A 68 -3.47 -12.79 -16.04
N HIS A 69 -3.69 -13.65 -15.04
CA HIS A 69 -4.80 -13.47 -14.12
C HIS A 69 -4.47 -12.42 -13.05
N TYR A 70 -4.60 -11.15 -13.45
CA TYR A 70 -4.33 -10.04 -12.55
C TYR A 70 -5.22 -10.10 -11.32
N ALA A 71 -6.48 -10.44 -11.54
CA ALA A 71 -7.45 -10.52 -10.46
C ALA A 71 -7.12 -11.67 -9.51
N ARG A 72 -6.41 -12.66 -10.01
CA ARG A 72 -6.05 -13.83 -9.22
C ARG A 72 -5.09 -13.50 -8.09
N TYR A 73 -3.98 -12.82 -8.41
CA TYR A 73 -2.99 -12.49 -7.39
C TYR A 73 -3.28 -11.15 -6.72
N ILE A 74 -3.93 -10.23 -7.43
CA ILE A 74 -4.25 -8.93 -6.83
C ILE A 74 -5.07 -9.11 -5.58
N ASP A 75 -6.02 -10.04 -5.63
CA ASP A 75 -6.86 -10.33 -4.48
C ASP A 75 -6.03 -11.05 -3.42
N TRP A 76 -4.88 -11.57 -3.86
CA TRP A 76 -3.98 -12.27 -2.98
C TRP A 76 -2.97 -11.32 -2.37
N MET A 77 -3.16 -10.03 -2.64
CA MET A 77 -2.28 -9.00 -2.09
C MET A 77 -2.96 -8.25 -0.95
N VAL A 78 -4.28 -8.38 -0.88
CA VAL A 78 -5.05 -7.72 0.17
C VAL A 78 -5.71 -8.73 1.11
N THR A 79 -6.11 -9.87 0.57
CA THR A 79 -6.77 -10.91 1.35
C THR A 79 -5.79 -11.69 2.21
N THR A 80 -4.81 -12.33 1.56
CA THR A 80 -3.81 -13.13 2.25
C THR A 80 -3.18 -12.38 3.43
N PRO A 81 -2.69 -11.14 3.24
CA PRO A 81 -2.07 -10.37 4.33
C PRO A 81 -2.97 -10.31 5.56
N LEU A 82 -4.22 -9.89 5.34
CA LEU A 82 -5.18 -9.78 6.44
C LEU A 82 -5.47 -11.16 7.02
N LEU A 83 -5.29 -12.20 6.23
CA LEU A 83 -5.54 -13.55 6.70
C LEU A 83 -4.44 -13.98 7.66
N LEU A 84 -3.25 -13.41 7.46
CA LEU A 84 -2.11 -13.72 8.31
C LEU A 84 -2.14 -12.84 9.56
N LEU A 85 -2.84 -11.71 9.45
CA LEU A 85 -2.97 -10.79 10.58
C LEU A 85 -4.11 -11.21 11.50
N SER A 86 -5.13 -11.82 10.92
CA SER A 86 -6.28 -12.28 11.69
C SER A 86 -5.88 -13.32 12.73
N LEU A 87 -5.13 -14.33 12.29
CA LEU A 87 -4.68 -15.38 13.19
C LEU A 87 -3.77 -14.83 14.28
N SER A 88 -3.12 -13.70 13.97
CA SER A 88 -2.23 -13.05 14.93
C SER A 88 -3.00 -12.50 16.12
N TRP A 89 -4.13 -11.86 15.84
CA TRP A 89 -4.96 -11.28 16.89
C TRP A 89 -5.49 -12.36 17.83
N THR A 90 -5.88 -13.50 17.25
CA THR A 90 -6.41 -14.61 18.03
C THR A 90 -5.37 -15.11 19.04
N ALA A 91 -4.10 -15.05 18.64
CA ALA A 91 -3.01 -15.50 19.50
C ALA A 91 -2.64 -14.43 20.51
N MET A 92 -2.81 -13.16 20.13
CA MET A 92 -2.49 -12.04 21.01
C MET A 92 -3.56 -11.88 22.10
N GLN A 93 -3.15 -12.05 23.35
CA GLN A 93 -4.06 -11.92 24.48
C GLN A 93 -4.17 -10.47 24.94
N PHE A 94 -3.02 -9.87 25.25
CA PHE A 94 -2.98 -8.49 25.72
C PHE A 94 -1.84 -7.72 25.06
N ILE A 95 -2.07 -6.44 24.80
CA ILE A 95 -1.07 -5.58 24.16
C ILE A 95 -0.51 -4.59 25.18
N LYS A 96 0.76 -4.23 25.00
CA LYS A 96 1.41 -3.28 25.91
C LYS A 96 2.19 -2.23 25.13
N LYS A 97 3.34 -2.61 24.61
CA LYS A 97 4.18 -1.68 23.84
C LYS A 97 4.76 -2.35 22.60
N ASP A 98 4.67 -3.67 22.54
CA ASP A 98 5.19 -4.42 21.40
C ASP A 98 4.40 -4.10 20.14
N TRP A 99 5.00 -3.34 19.23
CA TRP A 99 4.35 -2.97 17.99
C TRP A 99 5.23 -3.28 16.78
N THR A 100 6.53 -3.39 17.02
CA THR A 100 7.48 -3.69 15.96
C THR A 100 7.24 -5.08 15.38
N LEU A 101 6.67 -5.96 16.18
CA LEU A 101 6.39 -7.33 15.75
C LEU A 101 5.43 -7.34 14.57
N ILE A 102 4.47 -6.40 14.57
CA ILE A 102 3.50 -6.32 13.50
C ILE A 102 4.18 -6.02 12.16
N GLY A 103 5.20 -5.17 12.19
CA GLY A 103 5.91 -4.82 10.97
C GLY A 103 6.60 -6.02 10.36
N PHE A 104 7.13 -6.90 11.20
CA PHE A 104 7.82 -8.09 10.74
C PHE A 104 6.89 -8.98 9.92
N LEU A 105 5.65 -9.12 10.38
CA LEU A 105 4.67 -9.95 9.69
C LEU A 105 4.39 -9.42 8.29
N MET A 106 4.14 -8.12 8.19
CA MET A 106 3.84 -7.49 6.91
C MET A 106 5.01 -7.64 5.94
N SER A 107 6.22 -7.76 6.49
CA SER A 107 7.42 -7.90 5.67
C SER A 107 7.49 -9.29 5.02
N THR A 108 7.18 -10.31 5.82
CA THR A 108 7.21 -11.68 5.34
C THR A 108 6.06 -11.97 4.38
N GLN A 109 5.00 -11.18 4.48
CA GLN A 109 3.83 -11.37 3.63
C GLN A 109 4.04 -10.72 2.26
N ILE A 110 4.54 -9.49 2.26
CA ILE A 110 4.77 -8.77 1.01
C ILE A 110 5.74 -9.51 0.10
N VAL A 111 6.71 -10.20 0.69
CA VAL A 111 7.69 -10.95 -0.10
C VAL A 111 7.06 -12.19 -0.73
N VAL A 112 6.27 -12.92 0.05
CA VAL A 112 5.61 -14.13 -0.43
C VAL A 112 4.69 -13.82 -1.62
N ILE A 113 3.76 -12.90 -1.43
CA ILE A 113 2.83 -12.52 -2.48
C ILE A 113 3.56 -12.05 -3.74
N THR A 114 4.72 -11.42 -3.54
CA THR A 114 5.51 -10.93 -4.67
C THR A 114 5.82 -12.07 -5.63
N SER A 115 6.22 -13.21 -5.08
CA SER A 115 6.56 -14.38 -5.89
C SER A 115 5.31 -14.95 -6.57
N GLY A 116 4.15 -14.71 -5.95
CA GLY A 116 2.90 -15.21 -6.50
C GLY A 116 2.41 -14.42 -7.71
N LEU A 117 2.53 -13.11 -7.63
CA LEU A 117 2.08 -12.24 -8.72
C LEU A 117 3.01 -12.29 -9.92
N ILE A 118 4.29 -12.57 -9.66
CA ILE A 118 5.28 -12.65 -10.74
C ILE A 118 5.25 -14.01 -11.42
N ALA A 119 4.81 -15.03 -10.68
CA ALA A 119 4.72 -16.38 -11.23
C ALA A 119 3.79 -16.42 -12.45
N ASP A 120 2.73 -15.63 -12.38
CA ASP A 120 1.76 -15.58 -13.46
C ASP A 120 2.23 -14.64 -14.57
N LEU A 121 3.03 -13.64 -14.19
CA LEU A 121 3.54 -12.67 -15.16
C LEU A 121 4.81 -13.18 -15.83
N SER A 122 4.89 -14.49 -16.05
CA SER A 122 6.05 -15.10 -16.69
C SER A 122 5.92 -15.04 -18.20
N GLU A 123 6.99 -14.58 -18.87
CA GLU A 123 6.99 -14.48 -20.33
C GLU A 123 7.29 -15.83 -20.97
N ARG A 124 8.02 -16.67 -20.25
CA ARG A 124 8.38 -17.99 -20.75
C ARG A 124 8.07 -19.07 -19.72
N ASP A 125 7.93 -20.30 -20.20
CA ASP A 125 7.63 -21.43 -19.32
C ASP A 125 8.89 -21.92 -18.61
N TRP A 126 10.04 -21.45 -19.07
CA TRP A 126 11.31 -21.84 -18.47
C TRP A 126 11.70 -20.89 -17.35
N VAL A 127 11.56 -19.59 -17.62
CA VAL A 127 11.88 -18.57 -16.63
C VAL A 127 10.94 -18.66 -15.44
N ARG A 128 9.73 -19.15 -15.68
CA ARG A 128 8.72 -19.28 -14.63
C ARG A 128 9.17 -20.29 -13.57
N TYR A 129 9.76 -21.40 -14.02
CA TYR A 129 10.23 -22.43 -13.11
C TYR A 129 11.22 -21.87 -12.10
N LEU A 130 12.16 -21.06 -12.59
CA LEU A 130 13.17 -20.46 -11.73
C LEU A 130 12.54 -19.59 -10.65
N TRP A 131 11.58 -18.77 -11.04
CA TRP A 131 10.89 -17.88 -10.10
C TRP A 131 10.09 -18.68 -9.09
N TYR A 132 9.61 -19.84 -9.50
CA TYR A 132 8.82 -20.70 -8.62
C TYR A 132 9.67 -21.25 -7.48
N ILE A 133 10.88 -21.69 -7.81
CA ILE A 133 11.79 -22.24 -6.81
C ILE A 133 12.08 -21.23 -5.72
N CYS A 134 12.23 -19.97 -6.12
CA CYS A 134 12.53 -18.89 -5.19
C CYS A 134 11.33 -18.64 -4.27
N GLY A 135 10.14 -18.92 -4.77
CA GLY A 135 8.93 -18.72 -3.99
C GLY A 135 8.89 -19.59 -2.75
N VAL A 136 9.02 -20.90 -2.95
CA VAL A 136 9.00 -21.85 -1.83
C VAL A 136 10.18 -21.62 -0.89
N CYS A 137 11.33 -21.27 -1.45
CA CYS A 137 12.54 -21.03 -0.65
C CYS A 137 12.31 -19.89 0.34
N ALA A 138 11.69 -18.82 -0.14
CA ALA A 138 11.41 -17.65 0.71
C ALA A 138 10.52 -18.04 1.89
N PHE A 139 9.60 -18.97 1.64
CA PHE A 139 8.69 -19.44 2.68
C PHE A 139 9.43 -20.26 3.73
N LEU A 140 10.57 -20.82 3.35
CA LEU A 140 11.36 -21.65 4.26
C LEU A 140 12.01 -20.80 5.35
N ILE A 141 12.85 -19.84 4.95
CA ILE A 141 13.53 -18.98 5.90
C ILE A 141 12.55 -18.16 6.74
N ILE A 142 11.37 -17.91 6.19
CA ILE A 142 10.35 -17.14 6.89
C ILE A 142 9.63 -17.98 7.93
N LEU A 143 9.16 -19.15 7.52
CA LEU A 143 8.45 -20.06 8.42
C LEU A 143 9.21 -20.25 9.73
N TRP A 144 10.47 -20.67 9.61
CA TRP A 144 11.32 -20.89 10.78
C TRP A 144 11.56 -19.59 11.54
N GLY A 145 11.66 -18.49 10.81
CA GLY A 145 11.89 -17.20 11.43
C GLY A 145 10.72 -16.73 12.26
N ILE A 146 9.55 -17.32 12.04
CA ILE A 146 8.35 -16.95 12.78
C ILE A 146 8.02 -17.99 13.85
N TRP A 147 8.57 -19.20 13.69
CA TRP A 147 8.33 -20.28 14.64
C TRP A 147 8.80 -19.93 16.05
N ASN A 148 9.93 -19.25 16.15
CA ASN A 148 10.49 -18.88 17.46
C ASN A 148 9.71 -17.73 18.11
N PRO A 149 9.52 -16.59 17.42
CA PRO A 149 8.81 -15.43 17.98
C PRO A 149 7.39 -15.76 18.42
N LEU A 150 6.89 -16.92 18.00
CA LEU A 150 5.54 -17.35 18.35
C LEU A 150 5.53 -18.03 19.71
N ARG A 151 6.15 -17.39 20.69
CA ARG A 151 6.23 -17.93 22.05
C ARG A 151 6.83 -19.34 22.05
N ALA A 152 8.12 -19.42 21.76
CA ALA A 152 8.82 -20.69 21.72
C ALA A 152 9.22 -21.15 23.12
N LYS A 153 9.56 -20.17 23.97
CA LYS A 153 9.96 -20.47 25.35
C LYS A 153 8.76 -20.88 26.18
N THR A 154 7.55 -20.61 25.68
CA THR A 154 6.33 -20.96 26.38
C THR A 154 5.99 -22.44 26.21
N ARG A 155 6.50 -23.03 25.15
CA ARG A 155 6.25 -24.45 24.86
C ARG A 155 6.68 -25.34 26.03
N THR A 156 7.71 -24.92 26.75
CA THR A 156 8.21 -25.68 27.89
C THR A 156 7.53 -25.22 29.19
N GLN A 157 7.06 -23.99 29.20
CA GLN A 157 6.40 -23.43 30.38
C GLN A 157 5.03 -24.08 30.58
N SER A 158 4.04 -23.63 29.81
CA SER A 158 2.69 -24.16 29.91
C SER A 158 2.42 -25.17 28.80
N SER A 159 2.04 -26.38 29.19
CA SER A 159 1.75 -27.44 28.22
C SER A 159 0.37 -27.26 27.60
N GLU A 160 -0.57 -26.78 28.40
CA GLU A 160 -1.93 -26.56 27.92
C GLU A 160 -1.98 -25.46 26.86
N LEU A 161 -1.22 -24.40 27.08
CA LEU A 161 -1.18 -23.28 26.13
C LEU A 161 -0.45 -23.69 24.86
N ALA A 162 0.37 -24.74 24.95
CA ALA A 162 1.11 -25.23 23.82
C ALA A 162 0.23 -26.05 22.88
N ASN A 163 -0.72 -26.77 23.46
CA ASN A 163 -1.64 -27.58 22.68
C ASN A 163 -2.57 -26.70 21.85
N LEU A 164 -3.00 -25.59 22.44
CA LEU A 164 -3.88 -24.64 21.77
C LEU A 164 -3.17 -24.02 20.57
N TYR A 165 -2.04 -23.38 20.84
CA TYR A 165 -1.26 -22.74 19.79
C TYR A 165 -0.90 -23.71 18.68
N ASP A 166 -0.56 -24.94 19.07
CA ASP A 166 -0.20 -25.98 18.11
C ASP A 166 -1.25 -26.11 17.00
N LYS A 167 -2.49 -26.35 17.41
CA LYS A 167 -3.57 -26.52 16.44
C LYS A 167 -3.73 -25.28 15.56
N LEU A 168 -3.35 -24.12 16.10
CA LEU A 168 -3.46 -22.87 15.36
C LEU A 168 -2.40 -22.78 14.25
N VAL A 169 -1.14 -22.72 14.66
CA VAL A 169 -0.04 -22.61 13.71
C VAL A 169 -0.03 -23.76 12.71
N THR A 170 -0.40 -24.95 13.16
CA THR A 170 -0.43 -26.13 12.30
C THR A 170 -1.32 -25.91 11.08
N TYR A 171 -2.56 -25.50 11.34
CA TYR A 171 -3.51 -25.25 10.25
C TYR A 171 -2.98 -24.21 9.28
N PHE A 172 -2.16 -23.30 9.79
CA PHE A 172 -1.58 -22.24 8.96
C PHE A 172 -0.54 -22.80 7.99
N THR A 173 0.17 -23.84 8.43
CA THR A 173 1.19 -24.45 7.60
C THR A 173 0.61 -25.38 6.54
N VAL A 174 -0.44 -26.11 6.91
CA VAL A 174 -1.08 -27.04 5.98
C VAL A 174 -1.62 -26.32 4.74
N LEU A 175 -2.27 -25.18 4.94
CA LEU A 175 -2.84 -24.41 3.84
C LEU A 175 -1.75 -23.69 3.04
N TRP A 176 -0.90 -22.95 3.73
CA TRP A 176 0.18 -22.22 3.07
C TRP A 176 1.02 -23.16 2.22
N ILE A 177 1.14 -24.41 2.68
CA ILE A 177 1.89 -25.41 1.96
C ILE A 177 1.01 -26.11 0.93
N GLY A 178 -0.30 -26.05 1.15
CA GLY A 178 -1.24 -26.68 0.24
C GLY A 178 -1.10 -26.20 -1.19
N TYR A 179 -1.20 -24.88 -1.39
CA TYR A 179 -1.09 -24.32 -2.73
C TYR A 179 0.21 -24.78 -3.41
N PRO A 180 1.39 -24.57 -2.78
CA PRO A 180 2.67 -25.00 -3.36
C PRO A 180 2.62 -26.42 -3.91
N ILE A 181 1.79 -27.26 -3.30
CA ILE A 181 1.64 -28.65 -3.73
C ILE A 181 1.04 -28.74 -5.13
N VAL A 182 -0.19 -28.24 -5.26
CA VAL A 182 -0.89 -28.27 -6.54
C VAL A 182 -0.11 -27.55 -7.63
N TRP A 183 0.72 -26.58 -7.23
CA TRP A 183 1.52 -25.83 -8.18
C TRP A 183 2.56 -26.71 -8.86
N ILE A 184 3.25 -27.54 -8.06
CA ILE A 184 4.27 -28.44 -8.60
C ILE A 184 3.67 -29.43 -9.59
N ILE A 185 2.76 -30.28 -9.10
CA ILE A 185 2.12 -31.28 -9.95
C ILE A 185 1.42 -30.64 -11.15
N GLY A 186 1.48 -31.33 -12.28
CA GLY A 186 0.84 -30.82 -13.49
C GLY A 186 1.47 -29.53 -13.98
N PRO A 187 1.07 -29.06 -15.18
CA PRO A 187 1.59 -27.83 -15.76
C PRO A 187 0.83 -26.60 -15.28
N SER A 188 1.21 -26.10 -14.10
CA SER A 188 0.56 -24.94 -13.52
C SER A 188 -0.94 -25.17 -13.34
N GLY A 189 -1.30 -26.39 -12.97
CA GLY A 189 -2.70 -26.72 -12.78
C GLY A 189 -2.88 -27.97 -11.94
N PHE A 190 -3.26 -29.08 -12.58
CA PHE A 190 -3.46 -30.34 -11.89
C PHE A 190 -2.78 -31.48 -12.62
N GLY A 191 -2.68 -31.36 -13.94
CA GLY A 191 -2.05 -32.39 -14.74
C GLY A 191 -2.58 -32.43 -16.17
N TRP A 192 -1.71 -32.12 -17.12
CA TRP A 192 -2.08 -32.12 -18.53
C TRP A 192 -3.27 -31.21 -18.78
N ILE A 193 -3.32 -30.08 -18.07
CA ILE A 193 -4.40 -29.12 -18.22
C ILE A 193 -3.88 -27.69 -18.28
N ASN A 194 -4.59 -26.83 -19.00
CA ASN A 194 -4.20 -25.44 -19.14
C ASN A 194 -5.41 -24.57 -19.48
N GLN A 195 -6.59 -25.17 -19.42
CA GLN A 195 -7.84 -24.46 -19.73
C GLN A 195 -8.36 -23.74 -18.49
N THR A 196 -9.67 -23.47 -18.49
CA THR A 196 -10.30 -22.78 -17.36
C THR A 196 -10.27 -23.66 -16.10
N ILE A 197 -10.01 -24.94 -16.29
CA ILE A 197 -9.96 -25.89 -15.18
C ILE A 197 -8.97 -25.44 -14.11
N ASP A 198 -7.89 -24.79 -14.55
CA ASP A 198 -6.87 -24.31 -13.63
C ASP A 198 -7.47 -23.48 -12.50
N THR A 199 -8.23 -22.46 -12.88
CA THR A 199 -8.86 -21.57 -11.91
C THR A 199 -9.86 -22.32 -11.03
N PHE A 200 -10.50 -23.33 -11.61
CA PHE A 200 -11.48 -24.14 -10.88
C PHE A 200 -10.89 -24.71 -9.59
N LEU A 201 -9.62 -25.12 -9.66
CA LEU A 201 -8.93 -25.68 -8.50
C LEU A 201 -8.52 -24.59 -7.52
N PHE A 202 -7.93 -23.53 -8.05
CA PHE A 202 -7.47 -22.42 -7.22
C PHE A 202 -8.66 -21.61 -6.68
N CYS A 203 -9.87 -22.04 -7.01
CA CYS A 203 -11.08 -21.36 -6.55
C CYS A 203 -11.63 -22.06 -5.30
N LEU A 204 -11.70 -23.39 -5.36
CA LEU A 204 -12.22 -24.20 -4.27
C LEU A 204 -11.26 -24.22 -3.08
N LEU A 205 -9.96 -24.24 -3.34
CA LEU A 205 -8.97 -24.28 -2.28
C LEU A 205 -9.13 -23.10 -1.32
N PRO A 206 -9.12 -21.84 -1.83
CA PRO A 206 -9.29 -20.66 -0.97
C PRO A 206 -10.58 -20.74 -0.16
N PHE A 207 -11.66 -21.14 -0.82
CA PHE A 207 -12.96 -21.26 -0.14
C PHE A 207 -12.88 -22.31 0.96
N PHE A 208 -11.96 -23.26 0.80
CA PHE A 208 -11.78 -24.33 1.78
C PHE A 208 -11.07 -23.81 3.03
N SER A 209 -10.20 -22.82 2.84
CA SER A 209 -9.46 -22.24 3.95
C SER A 209 -10.17 -21.01 4.50
N VAL A 211 -13.87 -20.55 4.94
CA VAL A 211 -14.89 -20.97 5.89
C VAL A 211 -14.29 -21.81 7.01
N GLY A 212 -13.27 -22.60 6.67
CA GLY A 212 -12.63 -23.45 7.65
C GLY A 212 -11.94 -22.65 8.74
N PHE A 213 -11.49 -21.45 8.39
CA PHE A 213 -10.81 -20.58 9.33
C PHE A 213 -11.80 -19.94 10.30
N SER A 214 -13.02 -19.70 9.83
CA SER A 214 -14.06 -19.09 10.64
C SER A 214 -14.42 -19.98 11.82
N PHE A 215 -14.92 -21.18 11.52
CA PHE A 215 -15.31 -22.14 12.55
C PHE A 215 -14.12 -22.49 13.43
N LEU A 216 -12.92 -22.40 12.86
CA LEU A 216 -11.70 -22.71 13.59
C LEU A 216 -11.48 -21.72 14.74
N ASP A 217 -11.59 -20.43 14.42
CA ASP A 217 -11.40 -19.38 15.41
C ASP A 217 -12.48 -19.45 16.49
N LEU A 218 -13.64 -19.98 16.12
CA LEU A 218 -14.75 -20.11 17.06
C LEU A 218 -14.41 -21.08 18.19
N HIS A 219 -13.91 -22.25 17.83
CA HIS A 219 -13.54 -23.26 18.82
C HIS A 219 -12.30 -22.85 19.59
N GLY A 220 -11.26 -22.44 18.86
CA GLY A 220 -10.03 -22.03 19.49
C GLY A 220 -10.22 -20.85 20.43
N LEU A 221 -11.31 -20.11 20.24
CA LEU A 221 -11.60 -18.95 21.07
C LEU A 221 -11.76 -19.36 22.54
N ARG A 222 -12.67 -20.29 22.79
CA ARG A 222 -12.91 -20.76 24.15
C ARG A 222 -13.35 -19.61 25.05
N ASN A 223 -14.67 -19.48 25.24
CA ASN A 223 -15.22 -18.42 26.07
C ASN A 223 -14.64 -18.46 27.49
N LEU A 224 -13.86 -17.43 27.82
CA LEU A 224 -13.24 -17.35 29.14
C LEU A 224 -13.26 -15.92 29.67
N ASN A 225 -13.30 -15.79 30.99
CA ASN A 225 -13.33 -14.48 31.63
C ASN A 225 -12.06 -14.22 32.42
N ASP A 226 -11.18 -13.37 31.87
CA ASP A 226 -9.92 -13.04 32.51
C ASP A 226 -9.61 -11.55 32.36
N SER A 227 -10.38 -10.87 31.52
CA SER A 227 -10.18 -9.45 31.29
C SER A 227 -10.98 -8.61 32.28
N ARG A 228 -10.33 -7.61 32.87
CA ARG A 228 -10.97 -6.74 33.84
C ARG A 228 -10.72 -5.27 33.51
N GLN A 229 -10.74 -4.95 32.21
CA GLN A 229 -10.50 -3.58 31.77
C GLN A 229 -10.96 -3.39 30.32
N MET B 1 0.03 17.36 -32.73
CA MET B 1 -0.90 17.54 -31.59
C MET B 1 -0.27 17.09 -30.28
N ASN B 2 0.56 17.95 -29.69
CA ASN B 2 1.22 17.64 -28.44
C ASN B 2 0.44 18.20 -27.25
N LEU B 3 0.20 19.50 -27.27
CA LEU B 3 -0.53 20.16 -26.20
C LEU B 3 -1.91 20.62 -26.67
N GLU B 4 -2.95 20.24 -25.95
CA GLU B 4 -4.31 20.60 -26.30
C GLU B 4 -5.08 21.11 -25.07
N SER B 5 -4.93 20.39 -23.96
CA SER B 5 -5.59 20.76 -22.72
C SER B 5 -4.78 21.77 -21.94
N LEU B 6 -5.44 22.49 -21.02
CA LEU B 6 -4.76 23.49 -20.20
C LEU B 6 -5.21 23.41 -18.76
N LEU B 7 -6.45 22.95 -18.54
CA LEU B 7 -6.99 22.83 -17.19
C LEU B 7 -6.13 21.91 -16.33
N HIS B 8 -5.57 20.88 -16.96
CA HIS B 8 -4.73 19.93 -16.25
C HIS B 8 -3.46 20.60 -15.74
N TRP B 9 -2.97 21.58 -16.49
CA TRP B 9 -1.76 22.31 -16.11
C TRP B 9 -2.06 23.26 -14.96
N ILE B 10 -3.15 24.02 -15.08
CA ILE B 10 -3.54 24.95 -14.04
C ILE B 10 -3.94 24.21 -12.77
N TYR B 11 -4.29 22.94 -12.94
CA TYR B 11 -4.70 22.10 -11.82
C TYR B 11 -3.53 21.89 -10.87
N VAL B 12 -2.45 21.33 -11.38
CA VAL B 12 -1.25 21.07 -10.57
C VAL B 12 -0.67 22.37 -10.02
N ALA B 13 -0.86 23.47 -10.75
CA ALA B 13 -0.36 24.76 -10.33
C ALA B 13 -1.03 25.24 -9.05
N GLY B 14 -2.36 25.19 -9.03
CA GLY B 14 -3.10 25.62 -7.86
C GLY B 14 -2.82 24.75 -6.64
N MET B 15 -2.56 23.47 -6.88
CA MET B 15 -2.26 22.55 -5.80
C MET B 15 -0.89 22.82 -5.19
N THR B 16 0.00 23.40 -6.00
CA THR B 16 1.34 23.72 -5.54
C THR B 16 1.31 24.86 -4.53
N ILE B 17 0.79 26.00 -4.94
CA ILE B 17 0.71 27.17 -4.07
C ILE B 17 -0.05 26.86 -2.79
N GLY B 18 -0.95 25.86 -2.87
CA GLY B 18 -1.72 25.48 -1.70
C GLY B 18 -0.84 24.89 -0.60
N ALA B 19 0.03 23.97 -0.98
CA ALA B 19 0.94 23.32 -0.04
C ALA B 19 1.85 24.34 0.63
N LEU B 20 2.22 25.38 -0.11
CA LEU B 20 3.08 26.44 0.41
C LEU B 20 2.34 27.26 1.46
N HIS B 21 1.04 27.43 1.26
CA HIS B 21 0.20 28.19 2.17
C HIS B 21 0.22 27.56 3.56
N PHE B 22 0.58 26.28 3.61
CA PHE B 22 0.65 25.54 4.86
C PHE B 22 1.65 26.19 5.82
N TRP B 23 2.87 26.38 5.34
CA TRP B 23 3.92 26.97 6.14
C TRP B 23 3.55 28.41 6.54
N SER B 24 3.02 29.16 5.59
CA SER B 24 2.63 30.54 5.84
C SER B 24 1.46 30.62 6.80
N LEU B 25 0.72 29.52 6.93
CA LEU B 25 -0.43 29.48 7.83
C LEU B 25 0.00 29.27 9.27
N SER B 26 1.30 29.04 9.47
CA SER B 26 1.83 28.83 10.80
C SER B 26 1.85 30.13 11.60
N ARG B 27 1.69 31.26 10.89
CA ARG B 27 1.67 32.58 11.53
C ARG B 27 0.76 32.52 12.76
N ASN B 28 -0.36 31.82 12.60
CA ASN B 28 -1.33 31.64 13.67
C ASN B 28 -2.49 30.78 13.20
N PRO B 29 -2.85 29.73 13.97
CA PRO B 29 -3.97 28.86 13.63
C PRO B 29 -5.25 29.26 14.34
N ARG B 30 -6.32 28.53 14.10
CA ARG B 30 -7.61 28.82 14.72
C ARG B 30 -7.87 27.89 15.90
N GLY B 31 -6.91 27.82 16.82
CA GLY B 31 -7.05 26.98 17.99
C GLY B 31 -6.41 25.62 17.81
N VAL B 32 -6.66 25.00 16.67
CA VAL B 32 -6.11 23.68 16.37
C VAL B 32 -4.78 23.82 15.62
N PRO B 33 -3.81 22.91 15.89
CA PRO B 33 -2.51 22.95 15.22
C PRO B 33 -2.61 22.73 13.72
N GLN B 34 -1.52 23.04 13.02
CA GLN B 34 -1.46 22.89 11.57
C GLN B 34 -1.62 21.44 11.14
N TYR B 35 -1.44 20.51 12.07
CA TYR B 35 -1.56 19.08 11.78
C TYR B 35 -2.76 18.78 10.88
N GLU B 36 -3.84 19.54 11.07
CA GLU B 36 -5.04 19.35 10.27
C GLU B 36 -4.76 19.67 8.81
N TYR B 37 -4.13 20.82 8.58
CA TYR B 37 -3.79 21.25 7.23
C TYR B 37 -2.65 20.41 6.66
N LEU B 38 -1.92 19.74 7.55
CA LEU B 38 -0.81 18.89 7.14
C LEU B 38 -1.30 17.77 6.23
N VAL B 39 -2.30 17.03 6.69
CA VAL B 39 -2.87 15.95 5.90
C VAL B 39 -3.53 16.52 4.64
N ALA B 40 -4.18 17.67 4.81
CA ALA B 40 -4.84 18.34 3.69
C ALA B 40 -3.82 18.94 2.74
N MET B 41 -2.55 18.88 3.13
CA MET B 41 -1.46 19.41 2.31
C MET B 41 -0.97 18.34 1.33
N PHE B 42 -0.95 17.09 1.80
CA PHE B 42 -0.50 15.98 0.98
C PHE B 42 -1.51 15.67 -0.14
N ILE B 43 -2.79 15.87 0.15
CA ILE B 43 -3.85 15.61 -0.82
C ILE B 43 -3.62 16.35 -2.15
N PRO B 44 -3.43 17.69 -2.13
CA PRO B 44 -3.23 18.48 -3.35
C PRO B 44 -1.88 18.25 -4.01
N ILE B 45 -0.83 18.07 -3.21
CA ILE B 45 0.50 17.84 -3.75
C ILE B 45 0.54 16.68 -4.73
N TRP B 46 0.25 15.48 -4.23
CA TRP B 46 0.26 14.28 -5.06
C TRP B 46 -0.76 14.38 -6.19
N SER B 47 -2.01 14.67 -5.84
CA SER B 47 -3.08 14.78 -6.82
C SER B 47 -2.73 15.75 -7.94
N GLY B 48 -1.96 16.78 -7.60
CA GLY B 48 -1.56 17.77 -8.58
C GLY B 48 -0.69 17.20 -9.68
N LEU B 49 0.34 16.47 -9.29
CA LEU B 49 1.26 15.86 -10.25
C LEU B 49 0.52 15.00 -11.27
N ALA B 50 -0.42 14.19 -10.78
CA ALA B 50 -1.19 13.30 -11.64
C ALA B 50 -1.87 14.07 -12.78
N TYR B 51 -2.56 15.15 -12.43
CA TYR B 51 -3.26 15.96 -13.42
C TYR B 51 -2.27 16.60 -14.40
N MET B 52 -1.13 17.06 -13.89
CA MET B 52 -0.11 17.67 -14.74
C MET B 52 0.22 16.74 -15.90
N ALA B 53 0.18 15.44 -15.64
CA ALA B 53 0.48 14.44 -16.65
C ALA B 53 -0.62 14.40 -17.71
N MET B 54 -1.87 14.50 -17.25
CA MET B 54 -3.01 14.48 -18.17
C MET B 54 -2.84 15.53 -19.25
N ALA B 55 -2.14 16.61 -18.91
CA ALA B 55 -1.90 17.70 -19.86
C ALA B 55 -0.89 17.28 -20.92
N ILE B 56 0.25 16.77 -20.47
CA ILE B 56 1.30 16.33 -21.38
C ILE B 56 0.99 14.96 -21.97
N ASP B 57 -0.23 14.49 -21.75
CA ASP B 57 -0.66 13.19 -22.27
C ASP B 57 0.22 12.07 -21.71
N GLN B 58 0.18 11.89 -20.40
CA GLN B 58 0.97 10.85 -19.75
C GLN B 58 0.13 10.11 -18.71
N GLY B 59 0.13 8.78 -18.79
CA GLY B 59 -0.64 7.98 -17.86
C GLY B 59 -1.83 7.32 -18.52
N LYS B 60 -1.66 6.86 -19.75
CA LYS B 60 -2.73 6.20 -20.49
C LYS B 60 -2.16 5.19 -21.46
N VAL B 61 -2.84 4.04 -21.58
CA VAL B 61 -2.41 2.98 -22.48
C VAL B 61 -3.54 2.54 -23.39
N GLU B 62 -3.20 2.24 -24.65
CA GLU B 62 -4.18 1.80 -25.63
C GLU B 62 -4.24 0.28 -25.69
N ALA B 63 -5.17 -0.31 -24.95
CA ALA B 63 -5.32 -1.76 -24.92
C ALA B 63 -6.69 -2.17 -25.47
N ALA B 64 -6.67 -3.04 -26.47
CA ALA B 64 -7.89 -3.54 -27.10
C ALA B 64 -8.71 -2.39 -27.67
N GLY B 65 -8.02 -1.38 -28.21
CA GLY B 65 -8.70 -0.24 -28.79
C GLY B 65 -9.37 0.63 -27.75
N GLN B 66 -9.16 0.30 -26.48
CA GLN B 66 -9.75 1.06 -25.38
C GLN B 66 -8.67 1.85 -24.64
N ILE B 67 -9.02 3.07 -24.24
CA ILE B 67 -8.08 3.93 -23.52
C ILE B 67 -8.34 3.88 -22.02
N ALA B 68 -7.35 3.44 -21.26
CA ALA B 68 -7.47 3.36 -19.82
C ALA B 68 -6.73 4.50 -19.12
N HIS B 69 -7.48 5.37 -18.47
CA HIS B 69 -6.90 6.52 -17.78
C HIS B 69 -6.21 6.07 -16.48
N TYR B 70 -4.97 5.62 -16.64
CA TYR B 70 -4.16 5.14 -15.53
C TYR B 70 -4.11 6.18 -14.40
N ALA B 71 -3.67 7.38 -14.72
CA ALA B 71 -3.55 8.45 -13.73
C ALA B 71 -4.89 8.84 -13.12
N ARG B 72 -5.97 8.54 -13.82
CA ARG B 72 -7.30 8.91 -13.34
C ARG B 72 -7.66 8.18 -12.05
N TYR B 73 -7.54 6.85 -12.04
CA TYR B 73 -7.88 6.08 -10.84
C TYR B 73 -6.69 5.96 -9.90
N ILE B 74 -5.48 5.97 -10.45
CA ILE B 74 -4.27 5.89 -9.63
C ILE B 74 -4.29 6.99 -8.59
N ASP B 75 -4.60 8.20 -9.03
CA ASP B 75 -4.68 9.35 -8.13
C ASP B 75 -5.86 9.14 -7.18
N TRP B 76 -6.82 8.35 -7.62
CA TRP B 76 -7.99 8.05 -6.82
C TRP B 76 -7.74 6.91 -5.87
N MET B 77 -6.49 6.48 -5.81
CA MET B 77 -6.09 5.37 -4.94
C MET B 77 -5.35 5.91 -3.72
N VAL B 78 -4.79 7.10 -3.86
CA VAL B 78 -4.04 7.73 -2.78
C VAL B 78 -4.73 8.99 -2.25
N THR B 79 -5.46 9.67 -3.12
CA THR B 79 -6.15 10.90 -2.75
C THR B 79 -7.47 10.62 -2.04
N THR B 80 -8.32 9.80 -2.66
CA THR B 80 -9.62 9.47 -2.09
C THR B 80 -9.51 8.98 -0.63
N PRO B 81 -8.61 8.01 -0.33
CA PRO B 81 -8.44 7.50 1.03
C PRO B 81 -8.16 8.63 2.02
N LEU B 82 -7.17 9.45 1.69
CA LEU B 82 -6.80 10.58 2.54
C LEU B 82 -7.93 11.59 2.62
N LEU B 83 -8.77 11.62 1.58
CA LEU B 83 -9.90 12.54 1.55
C LEU B 83 -10.93 12.14 2.60
N LEU B 84 -11.08 10.84 2.78
CA LEU B 84 -12.03 10.29 3.74
C LEU B 84 -11.44 10.34 5.14
N LEU B 85 -10.11 10.32 5.23
CA LEU B 85 -9.42 10.35 6.52
C LEU B 85 -9.41 11.75 7.11
N SER B 86 -9.26 12.75 6.24
CA SER B 86 -9.22 14.14 6.67
C SER B 86 -10.48 14.51 7.45
N LEU B 87 -11.63 14.00 7.00
CA LEU B 87 -12.91 14.27 7.65
C LEU B 87 -12.97 13.60 9.02
N SER B 88 -12.38 12.41 9.11
CA SER B 88 -12.38 11.67 10.37
C SER B 88 -11.68 12.43 11.47
N TRP B 89 -10.63 13.18 11.12
CA TRP B 89 -9.89 13.96 12.10
C TRP B 89 -10.69 15.17 12.55
N THR B 90 -11.45 15.76 11.63
CA THR B 90 -12.27 16.92 11.95
C THR B 90 -13.38 16.55 12.92
N ALA B 91 -13.95 15.36 12.74
CA ALA B 91 -15.02 14.87 13.59
C ALA B 91 -14.47 14.33 14.91
N MET B 92 -13.24 13.83 14.87
CA MET B 92 -12.59 13.29 16.05
C MET B 92 -12.07 14.41 16.96
N GLN B 93 -12.61 14.48 18.17
CA GLN B 93 -12.20 15.50 19.13
C GLN B 93 -10.99 15.06 19.93
N PHE B 94 -11.13 13.97 20.68
CA PHE B 94 -10.03 13.46 21.49
C PHE B 94 -9.76 11.99 21.19
N ILE B 95 -8.56 11.53 21.56
CA ILE B 95 -8.17 10.15 21.34
C ILE B 95 -7.73 9.49 22.64
N LYS B 96 -8.08 8.22 22.81
CA LYS B 96 -7.72 7.47 24.02
C LYS B 96 -7.30 6.05 23.67
N LYS B 97 -8.13 5.37 22.88
CA LYS B 97 -7.85 4.00 22.47
C LYS B 97 -8.70 3.62 21.27
N ASP B 98 -8.84 2.31 21.03
CA ASP B 98 -9.63 1.82 19.90
C ASP B 98 -9.06 2.31 18.57
N TRP B 99 -8.11 1.57 18.04
CA TRP B 99 -7.47 1.92 16.77
C TRP B 99 -8.05 1.08 15.63
N THR B 100 -9.00 0.21 15.96
CA THR B 100 -9.62 -0.64 14.95
C THR B 100 -10.55 0.14 14.05
N LEU B 101 -11.07 1.26 14.56
CA LEU B 101 -11.97 2.11 13.79
C LEU B 101 -11.28 2.64 12.54
N ILE B 102 -10.01 3.00 12.68
CA ILE B 102 -9.23 3.52 11.56
C ILE B 102 -9.13 2.50 10.44
N GLY B 103 -8.99 1.23 10.81
CA GLY B 103 -8.90 0.18 9.82
C GLY B 103 -10.20 -0.04 9.09
N PHE B 104 -11.31 0.24 9.76
CA PHE B 104 -12.64 0.08 9.17
C PHE B 104 -12.83 1.06 8.02
N LEU B 105 -12.30 2.26 8.19
CA LEU B 105 -12.41 3.30 7.18
C LEU B 105 -11.59 2.94 5.93
N MET B 106 -10.40 2.42 6.15
CA MET B 106 -9.51 2.04 5.06
C MET B 106 -10.13 0.91 4.22
N SER B 107 -10.65 -0.11 4.91
CA SER B 107 -11.24 -1.25 4.24
C SER B 107 -12.35 -0.83 3.29
N THR B 108 -13.18 0.11 3.71
CA THR B 108 -14.28 0.60 2.89
C THR B 108 -13.78 1.40 1.70
N GLN B 109 -12.58 1.97 1.82
CA GLN B 109 -11.99 2.75 0.74
C GLN B 109 -11.35 1.87 -0.32
N ILE B 110 -10.61 0.86 0.12
CA ILE B 110 -9.94 -0.05 -0.80
C ILE B 110 -10.94 -0.72 -1.74
N VAL B 111 -12.10 -1.07 -1.21
CA VAL B 111 -13.13 -1.74 -2.01
C VAL B 111 -13.77 -0.80 -3.03
N VAL B 112 -14.07 0.43 -2.60
CA VAL B 112 -14.68 1.41 -3.49
C VAL B 112 -13.78 1.72 -4.69
N ILE B 113 -12.55 2.13 -4.43
CA ILE B 113 -11.61 2.45 -5.49
C ILE B 113 -11.33 1.24 -6.39
N THR B 114 -11.44 0.04 -5.81
CA THR B 114 -11.21 -1.18 -6.57
C THR B 114 -12.12 -1.22 -7.80
N SER B 115 -13.41 -0.97 -7.57
CA SER B 115 -14.38 -0.97 -8.66
C SER B 115 -14.17 0.24 -9.56
N GLY B 116 -13.50 1.27 -9.03
CA GLY B 116 -13.24 2.47 -9.80
C GLY B 116 -12.12 2.31 -10.80
N LEU B 117 -11.12 1.51 -10.46
CA LEU B 117 -9.98 1.28 -11.35
C LEU B 117 -10.30 0.20 -12.38
N ILE B 118 -11.25 -0.68 -12.05
CA ILE B 118 -11.64 -1.75 -12.96
C ILE B 118 -12.61 -1.22 -14.02
N ALA B 119 -13.48 -0.30 -13.62
CA ALA B 119 -14.46 0.28 -14.53
C ALA B 119 -13.80 0.79 -15.81
N ASP B 120 -12.60 1.36 -15.66
CA ASP B 120 -11.87 1.89 -16.80
C ASP B 120 -11.10 0.77 -17.51
N LEU B 121 -10.75 -0.28 -16.78
CA LEU B 121 -10.01 -1.40 -17.35
C LEU B 121 -10.96 -2.42 -17.98
N SER B 122 -12.16 -1.98 -18.32
CA SER B 122 -13.16 -2.86 -18.93
C SER B 122 -12.72 -3.31 -20.32
N GLU B 123 -12.95 -4.58 -20.63
CA GLU B 123 -12.58 -5.13 -21.94
C GLU B 123 -13.73 -5.06 -22.91
N ARG B 124 -14.94 -4.87 -22.39
CA ARG B 124 -16.14 -4.79 -23.22
C ARG B 124 -17.05 -3.67 -22.72
N ASP B 125 -17.89 -3.17 -23.61
CA ASP B 125 -18.82 -2.09 -23.26
C ASP B 125 -19.98 -2.63 -22.44
N TRP B 126 -20.15 -3.95 -22.44
CA TRP B 126 -21.23 -4.58 -21.69
C TRP B 126 -20.77 -5.00 -20.30
N VAL B 127 -19.53 -5.48 -20.20
CA VAL B 127 -18.98 -5.91 -18.93
C VAL B 127 -18.83 -4.74 -17.96
N ARG B 128 -18.73 -3.53 -18.52
CA ARG B 128 -18.58 -2.33 -17.72
C ARG B 128 -19.80 -2.08 -16.83
N TYR B 129 -20.98 -2.18 -17.43
CA TYR B 129 -22.23 -1.97 -16.71
C TYR B 129 -22.37 -2.92 -15.53
N LEU B 130 -21.83 -4.13 -15.67
CA LEU B 130 -21.88 -5.12 -14.60
C LEU B 130 -21.08 -4.67 -13.39
N TRP B 131 -19.86 -4.20 -13.64
CA TRP B 131 -18.99 -3.73 -12.57
C TRP B 131 -19.45 -2.38 -12.05
N TYR B 132 -20.14 -1.63 -12.91
CA TYR B 132 -20.64 -0.31 -12.54
C TYR B 132 -21.67 -0.42 -11.42
N ILE B 133 -22.68 -1.28 -11.62
CA ILE B 133 -23.72 -1.47 -10.63
C ILE B 133 -23.14 -2.04 -9.34
N CYS B 134 -22.11 -2.87 -9.46
CA CYS B 134 -21.45 -3.46 -8.31
C CYS B 134 -20.76 -2.40 -7.47
N GLY B 135 -20.36 -1.32 -8.12
CA GLY B 135 -19.69 -0.24 -7.41
C GLY B 135 -20.63 0.52 -6.50
N VAL B 136 -21.74 0.99 -7.05
CA VAL B 136 -22.72 1.73 -6.26
C VAL B 136 -23.30 0.89 -5.14
N CYS B 137 -23.48 -0.40 -5.40
CA CYS B 137 -24.03 -1.32 -4.39
C CYS B 137 -23.12 -1.38 -3.18
N ALA B 138 -21.81 -1.30 -3.41
CA ALA B 138 -20.84 -1.35 -2.32
C ALA B 138 -20.95 -0.11 -1.45
N PHE B 139 -21.26 1.02 -2.09
CA PHE B 139 -21.42 2.29 -1.37
C PHE B 139 -22.67 2.27 -0.50
N LEU B 140 -23.63 1.42 -0.85
CA LEU B 140 -24.88 1.32 -0.10
C LEU B 140 -24.65 0.65 1.25
N ILE B 141 -24.08 -0.55 1.23
CA ILE B 141 -23.81 -1.30 2.45
C ILE B 141 -22.76 -0.61 3.31
N ILE B 142 -21.85 0.12 2.66
CA ILE B 142 -20.79 0.83 3.37
C ILE B 142 -21.33 2.08 4.07
N LEU B 143 -22.04 2.91 3.30
CA LEU B 143 -22.62 4.14 3.85
C LEU B 143 -23.44 3.84 5.09
N TRP B 144 -24.33 2.86 4.99
CA TRP B 144 -25.18 2.46 6.10
C TRP B 144 -24.34 1.84 7.22
N GLY B 145 -23.19 1.31 6.85
CA GLY B 145 -22.32 0.68 7.83
C GLY B 145 -21.49 1.68 8.61
N ILE B 146 -21.39 2.91 8.10
CA ILE B 146 -20.63 3.95 8.76
C ILE B 146 -21.55 4.95 9.46
N TRP B 147 -22.80 4.97 9.04
CA TRP B 147 -23.79 5.88 9.63
C TRP B 147 -23.87 5.74 11.15
N ASN B 148 -24.02 4.50 11.62
CA ASN B 148 -24.14 4.25 13.06
C ASN B 148 -22.81 4.53 13.80
N PRO B 149 -21.68 3.94 13.36
CA PRO B 149 -20.38 4.16 14.00
C PRO B 149 -20.05 5.64 14.17
N LEU B 150 -20.69 6.49 13.37
CA LEU B 150 -20.46 7.93 13.43
C LEU B 150 -21.26 8.55 14.57
N ARG B 151 -21.26 7.89 15.72
CA ARG B 151 -21.99 8.38 16.90
C ARG B 151 -23.45 8.62 16.56
N ALA B 152 -24.21 7.53 16.43
CA ALA B 152 -25.63 7.62 16.11
C ALA B 152 -26.47 7.89 17.35
N LYS B 153 -25.99 7.42 18.50
CA LYS B 153 -26.69 7.61 19.76
C LYS B 153 -26.58 9.06 20.23
N THR B 154 -25.60 9.78 19.71
CA THR B 154 -25.40 11.17 20.07
C THR B 154 -26.35 12.08 19.29
N ARG B 155 -27.08 11.48 18.37
CA ARG B 155 -28.04 12.23 17.55
C ARG B 155 -29.18 12.77 18.40
N THR B 156 -29.59 11.99 19.40
CA THR B 156 -30.66 12.38 20.29
C THR B 156 -30.11 12.96 21.59
N GLN B 157 -28.86 12.66 21.89
CA GLN B 157 -28.22 13.15 23.12
C GLN B 157 -28.09 14.67 23.08
N SER B 158 -27.22 15.17 22.21
CA SER B 158 -26.98 16.60 22.08
C SER B 158 -27.37 17.09 20.69
N SER B 159 -28.40 17.94 20.63
CA SER B 159 -28.86 18.48 19.36
C SER B 159 -27.82 19.42 18.76
N GLU B 160 -27.04 20.06 19.61
CA GLU B 160 -26.00 20.99 19.17
C GLU B 160 -24.99 20.27 18.26
N LEU B 161 -24.33 19.26 18.83
CA LEU B 161 -23.35 18.49 18.09
C LEU B 161 -23.98 17.79 16.89
N ALA B 162 -25.25 17.43 17.01
CA ALA B 162 -25.97 16.76 15.93
C ALA B 162 -26.03 17.64 14.69
N ASN B 163 -26.28 18.93 14.88
CA ASN B 163 -26.37 19.87 13.78
C ASN B 163 -25.02 20.00 13.07
N LEU B 164 -23.94 19.96 13.84
CA LEU B 164 -22.60 20.08 13.30
C LEU B 164 -22.24 18.86 12.44
N TYR B 165 -22.33 17.69 13.05
CA TYR B 165 -22.02 16.44 12.36
C TYR B 165 -22.86 16.29 11.09
N ASP B 166 -24.06 16.88 11.12
CA ASP B 166 -24.96 16.81 9.97
C ASP B 166 -24.35 17.47 8.74
N LYS B 167 -24.02 18.75 8.88
CA LYS B 167 -23.43 19.52 7.77
C LYS B 167 -22.13 18.88 7.29
N LEU B 168 -21.49 18.08 8.13
CA LEU B 168 -20.24 17.43 7.78
C LEU B 168 -20.48 16.19 6.93
N VAL B 169 -21.15 15.19 7.51
CA VAL B 169 -21.43 13.95 6.81
C VAL B 169 -22.26 14.18 5.55
N THR B 170 -23.11 15.21 5.58
CA THR B 170 -23.96 15.52 4.44
C THR B 170 -23.12 15.84 3.20
N TYR B 171 -22.17 16.76 3.35
CA TYR B 171 -21.31 17.15 2.24
C TYR B 171 -20.56 15.94 1.69
N PHE B 172 -20.23 15.01 2.57
CA PHE B 172 -19.51 13.80 2.17
C PHE B 172 -20.43 12.86 1.39
N THR B 173 -21.73 12.97 1.64
CA THR B 173 -22.71 12.13 0.96
C THR B 173 -23.02 12.63 -0.45
N VAL B 174 -23.11 13.94 -0.60
CA VAL B 174 -23.42 14.55 -1.90
C VAL B 174 -22.27 14.34 -2.89
N LEU B 175 -21.04 14.37 -2.38
CA LEU B 175 -19.87 14.21 -3.22
C LEU B 175 -19.72 12.77 -3.70
N TRP B 176 -19.65 11.83 -2.76
CA TRP B 176 -19.52 10.42 -3.09
C TRP B 176 -20.61 9.97 -4.04
N ILE B 177 -21.78 10.59 -3.94
CA ILE B 177 -22.91 10.27 -4.81
C ILE B 177 -22.84 11.10 -6.08
N GLY B 178 -22.13 12.22 -6.02
CA GLY B 178 -22.00 13.10 -7.17
C GLY B 178 -21.43 12.40 -8.39
N TYR B 179 -20.25 11.80 -8.25
CA TYR B 179 -19.61 11.10 -9.36
C TYR B 179 -20.55 10.06 -9.98
N PRO B 180 -21.11 9.12 -9.17
CA PRO B 180 -22.02 8.10 -9.67
C PRO B 180 -23.08 8.66 -10.62
N ILE B 181 -23.52 9.89 -10.36
CA ILE B 181 -24.54 10.53 -11.19
C ILE B 181 -24.01 10.79 -12.60
N VAL B 182 -22.97 11.60 -12.70
CA VAL B 182 -22.39 11.93 -13.99
C VAL B 182 -21.98 10.67 -14.75
N TRP B 183 -21.72 9.59 -14.02
CA TRP B 183 -21.32 8.33 -14.62
C TRP B 183 -22.46 7.69 -15.41
N ILE B 184 -23.61 7.51 -14.77
CA ILE B 184 -24.76 6.88 -15.41
C ILE B 184 -25.25 7.68 -16.61
N ILE B 185 -25.49 8.97 -16.40
CA ILE B 185 -25.97 9.84 -17.48
C ILE B 185 -24.95 9.88 -18.63
N GLY B 186 -25.43 9.67 -19.84
CA GLY B 186 -24.57 9.68 -21.00
C GLY B 186 -23.61 8.49 -21.01
N PRO B 187 -22.95 8.22 -22.15
CA PRO B 187 -22.02 7.10 -22.27
C PRO B 187 -20.67 7.40 -21.61
N SER B 188 -20.61 7.14 -20.30
CA SER B 188 -19.39 7.37 -19.54
C SER B 188 -18.91 8.81 -19.68
N GLY B 189 -19.86 9.75 -19.61
CA GLY B 189 -19.51 11.16 -19.72
C GLY B 189 -20.64 12.08 -19.29
N PHE B 190 -21.04 12.97 -20.18
CA PHE B 190 -22.11 13.91 -19.88
C PHE B 190 -23.34 13.64 -20.75
N GLY B 191 -23.10 13.05 -21.93
CA GLY B 191 -24.20 12.75 -22.84
C GLY B 191 -23.79 12.84 -24.29
N TRP B 192 -23.85 11.71 -24.98
CA TRP B 192 -23.48 11.65 -26.40
C TRP B 192 -22.04 12.14 -26.61
N ILE B 193 -21.18 11.88 -25.64
CA ILE B 193 -19.78 12.29 -25.73
C ILE B 193 -18.85 11.20 -25.21
N ASN B 194 -17.69 11.07 -25.84
CA ASN B 194 -16.69 10.08 -25.45
C ASN B 194 -15.29 10.59 -25.72
N GLN B 195 -15.19 11.85 -26.11
CA GLN B 195 -13.89 12.47 -26.41
C GLN B 195 -13.22 12.95 -25.13
N THR B 196 -12.24 13.83 -25.28
CA THR B 196 -11.51 14.37 -24.13
C THR B 196 -12.45 15.12 -23.19
N ILE B 197 -13.60 15.53 -23.70
CA ILE B 197 -14.58 16.26 -22.90
C ILE B 197 -14.84 15.56 -21.57
N ASP B 198 -14.81 14.23 -21.60
CA ASP B 198 -15.04 13.42 -20.40
C ASP B 198 -14.14 13.88 -19.26
N THR B 199 -12.84 13.90 -19.51
CA THR B 199 -11.87 14.30 -18.50
C THR B 199 -12.15 15.71 -17.98
N PHE B 200 -12.58 16.60 -18.87
CA PHE B 200 -12.88 17.98 -18.50
C PHE B 200 -13.94 18.04 -17.40
N LEU B 201 -14.84 17.07 -17.40
CA LEU B 201 -15.90 17.01 -16.39
C LEU B 201 -15.41 16.36 -15.11
N PHE B 202 -14.64 15.28 -15.25
CA PHE B 202 -14.11 14.58 -14.09
C PHE B 202 -12.92 15.30 -13.50
N CYS B 203 -12.54 16.42 -14.10
CA CYS B 203 -11.44 17.23 -13.63
C CYS B 203 -11.95 18.38 -12.75
N LEU B 204 -13.02 19.01 -13.22
CA LEU B 204 -13.63 20.13 -12.51
C LEU B 204 -14.38 19.68 -11.26
N LEU B 205 -15.03 18.53 -11.32
CA LEU B 205 -15.79 18.03 -10.19
C LEU B 205 -14.91 17.86 -8.95
N PRO B 206 -13.79 17.11 -9.04
CA PRO B 206 -12.89 16.91 -7.90
C PRO B 206 -12.35 18.24 -7.38
N PHE B 207 -12.03 19.14 -8.32
CA PHE B 207 -11.53 20.46 -7.95
C PHE B 207 -12.59 21.24 -7.19
N PHE B 208 -13.85 20.93 -7.46
CA PHE B 208 -14.96 21.61 -6.79
C PHE B 208 -15.13 21.09 -5.36
N SER B 209 -14.67 19.86 -5.14
CA SER B 209 -14.76 19.24 -3.82
C SER B 209 -13.48 19.49 -3.02
N VAL B 211 -11.31 22.53 -3.21
CA VAL B 211 -11.35 23.89 -2.67
C VAL B 211 -12.53 24.09 -1.73
N GLY B 212 -13.61 23.35 -1.98
CA GLY B 212 -14.78 23.45 -1.13
C GLY B 212 -14.54 22.88 0.25
N PHE B 213 -13.93 21.71 0.30
CA PHE B 213 -13.62 21.05 1.56
C PHE B 213 -12.73 21.92 2.44
N SER B 214 -11.77 22.59 1.82
CA SER B 214 -10.86 23.46 2.54
C SER B 214 -11.60 24.52 3.35
N PHE B 215 -12.36 25.36 2.65
CA PHE B 215 -13.12 26.41 3.29
C PHE B 215 -14.20 25.83 4.19
N LEU B 216 -14.56 24.58 3.94
CA LEU B 216 -15.59 23.89 4.72
C LEU B 216 -15.07 23.57 6.11
N ASP B 217 -13.86 23.04 6.18
CA ASP B 217 -13.25 22.68 7.45
C ASP B 217 -12.98 23.92 8.30
N LEU B 218 -12.78 25.05 7.64
CA LEU B 218 -12.52 26.31 8.32
C LEU B 218 -13.73 26.77 9.12
N HIS B 219 -14.91 26.71 8.50
CA HIS B 219 -16.15 27.13 9.16
C HIS B 219 -16.59 26.10 10.20
N GLY B 220 -16.52 24.83 9.82
CA GLY B 220 -16.94 23.77 10.73
C GLY B 220 -16.01 23.61 11.92
N LEU B 221 -14.80 24.15 11.80
CA LEU B 221 -13.81 24.06 12.88
C LEU B 221 -14.34 24.72 14.16
N ARG B 222 -14.74 25.98 14.04
CA ARG B 222 -15.25 26.73 15.18
C ARG B 222 -14.22 26.81 16.29
N ASN B 223 -13.47 27.92 16.33
CA ASN B 223 -12.44 28.11 17.34
C ASN B 223 -13.02 27.99 18.74
N LEU B 224 -12.43 27.10 19.53
CA LEU B 224 -12.88 26.86 20.91
C LEU B 224 -11.69 26.62 21.83
N ASN B 225 -11.98 26.41 23.10
CA ASN B 225 -10.94 26.17 24.09
C ASN B 225 -11.42 25.20 25.17
N ASP B 226 -11.10 23.92 24.98
CA ASP B 226 -11.50 22.88 25.92
C ASP B 226 -10.47 21.75 25.97
N SER B 227 -9.27 22.05 25.48
CA SER B 227 -8.20 21.06 25.45
C SER B 227 -7.00 21.53 26.27
N ARG B 228 -7.00 21.19 27.56
CA ARG B 228 -5.90 21.58 28.44
C ARG B 228 -4.89 20.45 28.60
N GLN B 229 -4.16 20.16 27.52
CA GLN B 229 -3.15 19.11 27.54
C GLN B 229 -1.85 19.61 28.15
N MET C 1 21.87 -15.45 -25.02
CA MET C 1 20.53 -15.96 -25.39
C MET C 1 19.65 -16.12 -24.15
N ASN C 2 20.28 -16.40 -23.01
CA ASN C 2 19.56 -16.58 -21.75
C ASN C 2 20.13 -15.68 -20.66
N LEU C 3 21.32 -16.03 -20.18
CA LEU C 3 21.99 -15.26 -19.14
C LEU C 3 23.17 -14.48 -19.68
N GLU C 4 23.28 -13.23 -19.26
CA GLU C 4 24.37 -12.35 -19.70
C GLU C 4 24.98 -11.58 -18.53
N SER C 5 24.12 -11.09 -17.65
CA SER C 5 24.56 -10.33 -16.49
C SER C 5 24.65 -11.23 -15.25
N LEU C 6 25.72 -11.04 -14.48
CA LEU C 6 25.93 -11.83 -13.27
C LEU C 6 25.78 -10.96 -12.03
N LEU C 7 25.84 -9.64 -12.23
CA LEU C 7 25.71 -8.69 -11.14
C LEU C 7 24.36 -8.83 -10.45
N HIS C 8 23.35 -9.19 -11.24
CA HIS C 8 21.99 -9.35 -10.71
C HIS C 8 21.92 -10.57 -9.79
N TRP C 9 22.72 -11.60 -10.08
CA TRP C 9 22.74 -12.81 -9.28
C TRP C 9 23.49 -12.57 -7.97
N ILE C 10 24.73 -12.10 -8.07
CA ILE C 10 25.54 -11.83 -6.89
C ILE C 10 24.83 -10.85 -5.97
N TYR C 11 23.90 -10.09 -6.54
CA TYR C 11 23.13 -9.10 -5.79
C TYR C 11 22.20 -9.80 -4.81
N VAL C 12 21.30 -10.64 -5.33
CA VAL C 12 20.34 -11.36 -4.49
C VAL C 12 21.06 -12.31 -3.52
N ALA C 13 22.22 -12.81 -3.93
CA ALA C 13 22.99 -13.72 -3.10
C ALA C 13 23.51 -13.03 -1.84
N GLY C 14 24.10 -11.85 -2.02
CA GLY C 14 24.64 -11.11 -0.90
C GLY C 14 23.57 -10.66 0.08
N MET C 15 22.37 -10.40 -0.44
CA MET C 15 21.26 -9.96 0.39
C MET C 15 20.74 -11.10 1.25
N THR C 16 20.94 -12.33 0.79
CA THR C 16 20.50 -13.51 1.51
C THR C 16 21.31 -13.71 2.79
N ILE C 17 22.63 -13.75 2.64
CA ILE C 17 23.52 -13.93 3.78
C ILE C 17 23.40 -12.77 4.76
N GLY C 18 22.97 -11.62 4.26
CA GLY C 18 22.82 -10.44 5.10
C GLY C 18 21.75 -10.63 6.17
N ALA C 19 20.54 -11.00 5.74
CA ALA C 19 19.44 -11.21 6.66
C ALA C 19 19.77 -12.30 7.67
N LEU C 20 20.55 -13.28 7.24
CA LEU C 20 20.96 -14.38 8.12
C LEU C 20 21.82 -13.87 9.26
N HIS C 21 22.62 -12.84 8.97
CA HIS C 21 23.50 -12.25 9.97
C HIS C 21 22.71 -11.62 11.10
N PHE C 22 21.43 -11.34 10.85
CA PHE C 22 20.56 -10.74 11.85
C PHE C 22 20.46 -11.62 13.10
N TRP C 23 20.02 -12.85 12.91
CA TRP C 23 19.87 -13.80 14.01
C TRP C 23 21.23 -14.12 14.64
N SER C 24 22.27 -14.15 13.80
CA SER C 24 23.61 -14.44 14.28
C SER C 24 24.19 -13.29 15.09
N LEU C 25 23.64 -12.09 14.88
CA LEU C 25 24.10 -10.90 15.59
C LEU C 25 23.41 -10.77 16.94
N SER C 26 22.45 -11.65 17.20
CA SER C 26 21.72 -11.63 18.46
C SER C 26 22.64 -12.01 19.62
N ARG C 27 23.81 -12.55 19.29
CA ARG C 27 24.78 -12.95 20.30
C ARG C 27 24.94 -11.82 21.31
N ASN C 28 25.02 -10.60 20.78
CA ASN C 28 25.15 -9.40 21.60
C ASN C 28 25.14 -8.16 20.71
N PRO C 29 24.31 -7.16 21.06
CA PRO C 29 24.22 -5.91 20.32
C PRO C 29 25.02 -4.80 20.97
N ARG C 30 25.17 -3.68 20.27
CA ARG C 30 25.91 -2.54 20.79
C ARG C 30 25.00 -1.61 21.58
N GLY C 31 24.32 -2.16 22.59
CA GLY C 31 23.44 -1.36 23.41
C GLY C 31 22.04 -1.27 22.83
N VAL C 32 21.96 -1.03 21.53
CA VAL C 32 20.68 -0.91 20.84
C VAL C 32 20.14 -2.29 20.43
N PRO C 33 18.85 -2.57 20.71
CA PRO C 33 18.23 -3.85 20.37
C PRO C 33 18.28 -4.13 18.87
N GLN C 34 18.16 -5.40 18.52
CA GLN C 34 18.21 -5.83 17.12
C GLN C 34 17.11 -5.17 16.27
N TYR C 35 16.10 -4.62 16.92
CA TYR C 35 14.99 -3.98 16.21
C TYR C 35 15.50 -3.06 15.09
N GLU C 36 16.66 -2.46 15.31
CA GLU C 36 17.26 -1.57 14.31
C GLU C 36 17.64 -2.37 13.06
N TYR C 37 18.33 -3.49 13.29
CA TYR C 37 18.75 -4.36 12.19
C TYR C 37 17.54 -5.07 11.59
N LEU C 38 16.45 -5.12 12.35
CA LEU C 38 15.22 -5.77 11.88
C LEU C 38 14.71 -5.10 10.61
N VAL C 39 14.47 -3.79 10.69
CA VAL C 39 14.00 -3.04 9.54
C VAL C 39 15.03 -3.08 8.42
N ALA C 40 16.30 -3.06 8.80
CA ALA C 40 17.39 -3.10 7.85
C ALA C 40 17.56 -4.51 7.29
N MET C 41 16.77 -5.44 7.82
CA MET C 41 16.83 -6.83 7.38
C MET C 41 15.86 -7.05 6.21
N PHE C 42 14.72 -6.39 6.26
CA PHE C 42 13.72 -6.51 5.21
C PHE C 42 14.17 -5.79 3.94
N ILE C 43 14.88 -4.69 4.09
CA ILE C 43 15.37 -3.92 2.95
C ILE C 43 16.11 -4.79 1.93
N PRO C 44 17.13 -5.58 2.35
CA PRO C 44 17.89 -6.44 1.44
C PRO C 44 17.10 -7.65 0.96
N ILE C 45 16.25 -8.19 1.82
CA ILE C 45 15.44 -9.36 1.47
C ILE C 45 14.64 -9.13 0.19
N TRP C 46 13.73 -8.15 0.24
CA TRP C 46 12.88 -7.85 -0.91
C TRP C 46 13.70 -7.37 -2.09
N SER C 47 14.53 -6.35 -1.86
CA SER C 47 15.37 -5.78 -2.91
C SER C 47 16.22 -6.85 -3.60
N GLY C 48 16.60 -7.88 -2.87
CA GLY C 48 17.41 -8.94 -3.44
C GLY C 48 16.67 -9.72 -4.51
N LEU C 49 15.45 -10.16 -4.19
CA LEU C 49 14.64 -10.92 -5.13
C LEU C 49 14.41 -10.16 -6.43
N ALA C 50 14.26 -8.85 -6.32
CA ALA C 50 14.03 -7.99 -7.48
C ALA C 50 15.15 -8.14 -8.52
N TYR C 51 16.39 -7.93 -8.07
CA TYR C 51 17.54 -8.02 -8.96
C TYR C 51 17.67 -9.42 -9.56
N MET C 52 17.39 -10.45 -8.75
CA MET C 52 17.48 -11.83 -9.22
C MET C 52 16.71 -11.98 -10.54
N ALA C 53 15.57 -11.29 -10.61
CA ALA C 53 14.74 -11.33 -11.80
C ALA C 53 15.44 -10.66 -12.98
N MET C 54 16.07 -9.52 -12.71
CA MET C 54 16.79 -8.78 -13.74
C MET C 54 17.75 -9.70 -14.49
N ALA C 55 18.24 -10.73 -13.80
CA ALA C 55 19.16 -11.68 -14.39
C ALA C 55 18.43 -12.59 -15.38
N ILE C 56 17.33 -13.19 -14.91
CA ILE C 56 16.54 -14.08 -15.75
C ILE C 56 15.68 -13.30 -16.74
N ASP C 57 15.92 -12.00 -16.82
CA ASP C 57 15.18 -11.13 -17.73
C ASP C 57 13.68 -11.16 -17.43
N GLN C 58 13.33 -10.95 -16.17
CA GLN C 58 11.92 -10.96 -15.76
C GLN C 58 11.53 -9.62 -15.15
N GLY C 59 10.33 -9.15 -15.48
CA GLY C 59 9.84 -7.89 -14.96
C GLY C 59 10.01 -6.76 -15.96
N LYS C 60 9.89 -7.10 -17.25
CA LYS C 60 10.02 -6.10 -18.31
C LYS C 60 8.99 -6.33 -19.41
N VAL C 61 8.37 -5.25 -19.87
CA VAL C 61 7.36 -5.34 -20.92
C VAL C 61 7.73 -4.46 -22.11
N GLU C 62 7.55 -5.01 -23.32
CA GLU C 62 7.87 -4.28 -24.54
C GLU C 62 6.65 -3.52 -25.04
N ALA C 63 6.51 -2.26 -24.60
CA ALA C 63 5.39 -1.43 -25.01
C ALA C 63 5.86 -0.21 -25.79
N ALA C 64 5.27 0.02 -26.95
CA ALA C 64 5.63 1.15 -27.79
C ALA C 64 7.10 1.09 -28.21
N GLY C 65 7.60 -0.13 -28.39
CA GLY C 65 8.98 -0.31 -28.80
C GLY C 65 9.96 0.16 -27.73
N GLN C 66 9.45 0.34 -26.51
CA GLN C 66 10.29 0.79 -25.40
C GLN C 66 10.15 -0.17 -24.21
N ILE C 67 11.29 -0.67 -23.75
CA ILE C 67 11.30 -1.59 -22.61
C ILE C 67 11.07 -0.86 -21.29
N ALA C 68 10.17 -1.41 -20.47
CA ALA C 68 9.85 -0.82 -19.18
C ALA C 68 10.31 -1.72 -18.04
N HIS C 69 11.30 -1.26 -17.28
CA HIS C 69 11.84 -2.02 -16.16
C HIS C 69 10.89 -1.99 -14.96
N TYR C 70 9.85 -2.81 -15.04
CA TYR C 70 8.85 -2.90 -13.99
C TYR C 70 9.49 -3.27 -12.65
N ALA C 71 10.54 -4.10 -12.71
CA ALA C 71 11.23 -4.55 -11.50
C ALA C 71 12.14 -3.46 -10.94
N ARG C 72 12.55 -2.54 -11.81
CA ARG C 72 13.45 -1.46 -11.40
C ARG C 72 12.80 -0.50 -10.42
N TYR C 73 11.63 0.02 -10.75
CA TYR C 73 10.95 0.97 -9.87
C TYR C 73 10.09 0.29 -8.81
N ILE C 74 9.53 -0.88 -9.14
CA ILE C 74 8.69 -1.59 -8.17
C ILE C 74 9.47 -1.84 -6.90
N ASP C 75 10.73 -2.22 -7.04
CA ASP C 75 11.59 -2.46 -5.90
C ASP C 75 11.89 -1.14 -5.21
N TRP C 76 11.72 -0.06 -5.97
CA TRP C 76 11.94 1.28 -5.46
C TRP C 76 10.67 1.85 -4.85
N MET C 77 9.67 0.99 -4.70
CA MET C 77 8.39 1.39 -4.11
C MET C 77 8.28 0.84 -2.69
N VAL C 78 9.06 -0.21 -2.41
CA VAL C 78 9.06 -0.84 -1.11
C VAL C 78 10.39 -0.68 -0.37
N THR C 79 11.47 -0.58 -1.13
CA THR C 79 12.81 -0.45 -0.55
C THR C 79 13.13 0.99 -0.18
N THR C 80 12.91 1.92 -1.10
CA THR C 80 13.20 3.34 -0.85
C THR C 80 12.49 3.85 0.40
N PRO C 81 11.16 3.63 0.53
CA PRO C 81 10.41 4.09 1.71
C PRO C 81 11.02 3.58 3.00
N LEU C 82 11.33 2.29 3.03
CA LEU C 82 11.93 1.67 4.21
C LEU C 82 13.34 2.20 4.44
N LEU C 83 13.98 2.63 3.35
CA LEU C 83 15.33 3.18 3.43
C LEU C 83 15.30 4.51 4.17
N LEU C 84 14.24 5.27 3.92
CA LEU C 84 14.07 6.57 4.55
C LEU C 84 13.56 6.42 5.98
N LEU C 85 12.87 5.31 6.24
CA LEU C 85 12.32 5.04 7.56
C LEU C 85 13.40 4.52 8.52
N SER C 86 14.36 3.78 7.98
CA SER C 86 15.45 3.24 8.79
C SER C 86 16.28 4.34 9.41
N LEU C 87 16.77 5.26 8.56
CA LEU C 87 17.58 6.37 9.03
C LEU C 87 16.79 7.26 9.98
N SER C 88 15.47 7.20 9.90
CA SER C 88 14.61 8.01 10.76
C SER C 88 14.70 7.53 12.21
N TRP C 89 14.55 6.23 12.41
CA TRP C 89 14.62 5.65 13.75
C TRP C 89 15.99 5.89 14.37
N THR C 90 17.00 6.01 13.51
CA THR C 90 18.36 6.25 13.97
C THR C 90 18.45 7.57 14.74
N ALA C 91 17.97 8.65 14.12
CA ALA C 91 17.99 9.96 14.74
C ALA C 91 16.93 10.07 15.84
N MET C 92 16.02 9.09 15.88
CA MET C 92 14.96 9.06 16.87
C MET C 92 15.44 8.37 18.15
N GLN C 93 15.56 9.13 19.23
CA GLN C 93 16.01 8.60 20.50
C GLN C 93 14.86 8.02 21.31
N PHE C 94 13.90 8.86 21.66
CA PHE C 94 12.74 8.42 22.44
C PHE C 94 11.44 8.89 21.81
N ILE C 95 10.40 8.06 21.90
CA ILE C 95 9.09 8.39 21.35
C ILE C 95 8.09 8.66 22.47
N LYS C 96 7.16 9.59 22.22
CA LYS C 96 6.15 9.92 23.22
C LYS C 96 4.74 9.77 22.66
N LYS C 97 4.26 10.79 21.95
CA LYS C 97 2.93 10.75 21.37
C LYS C 97 2.92 11.34 19.96
N ASP C 98 4.09 11.72 19.47
CA ASP C 98 4.20 12.30 18.13
C ASP C 98 4.25 11.20 17.07
N TRP C 99 3.08 10.84 16.56
CA TRP C 99 2.98 9.80 15.54
C TRP C 99 2.66 10.39 14.17
N THR C 100 2.26 11.66 14.15
CA THR C 100 1.93 12.34 12.90
C THR C 100 3.17 12.58 12.05
N LEU C 101 4.32 12.70 12.71
CA LEU C 101 5.58 12.94 12.02
C LEU C 101 5.89 11.80 11.06
N ILE C 102 5.52 10.60 11.45
CA ILE C 102 5.76 9.41 10.63
C ILE C 102 5.00 9.50 9.31
N GLY C 103 3.78 10.01 9.38
CA GLY C 103 2.96 10.14 8.18
C GLY C 103 3.55 11.10 7.17
N PHE C 104 4.18 12.15 7.67
CA PHE C 104 4.79 13.15 6.79
C PHE C 104 5.94 12.55 6.00
N LEU C 105 6.69 11.64 6.63
CA LEU C 105 7.82 11.00 5.99
C LEU C 105 7.36 10.13 4.81
N MET C 106 6.31 9.35 5.03
CA MET C 106 5.78 8.48 4.00
C MET C 106 5.27 9.30 2.81
N SER C 107 4.56 10.38 3.11
CA SER C 107 4.02 11.26 2.08
C SER C 107 5.09 11.72 1.10
N THR C 108 6.19 12.23 1.63
CA THR C 108 7.29 12.72 0.81
C THR C 108 7.87 11.61 -0.07
N GLN C 109 7.80 10.38 0.41
CA GLN C 109 8.34 9.24 -0.32
C GLN C 109 7.43 8.85 -1.50
N ILE C 110 6.14 8.71 -1.21
CA ILE C 110 5.17 8.32 -2.25
C ILE C 110 5.26 9.25 -3.46
N VAL C 111 5.54 10.52 -3.21
CA VAL C 111 5.64 11.50 -4.28
C VAL C 111 6.88 11.26 -5.15
N VAL C 112 8.03 11.08 -4.52
CA VAL C 112 9.28 10.85 -5.24
C VAL C 112 9.21 9.58 -6.09
N ILE C 113 8.91 8.45 -5.45
CA ILE C 113 8.82 7.17 -6.16
C ILE C 113 7.86 7.23 -7.34
N THR C 114 6.82 8.04 -7.22
CA THR C 114 5.84 8.18 -8.29
C THR C 114 6.50 8.71 -9.56
N SER C 115 7.30 9.75 -9.41
CA SER C 115 7.99 10.35 -10.55
C SER C 115 9.03 9.39 -11.13
N GLY C 116 9.44 8.41 -10.33
CA GLY C 116 10.43 7.45 -10.77
C GLY C 116 9.84 6.34 -11.62
N LEU C 117 8.67 5.85 -11.23
CA LEU C 117 8.02 4.78 -11.96
C LEU C 117 7.41 5.28 -13.28
N ILE C 118 7.02 6.56 -13.30
CA ILE C 118 6.44 7.14 -14.50
C ILE C 118 7.52 7.56 -15.49
N ALA C 119 8.70 7.90 -14.96
CA ALA C 119 9.82 8.31 -15.79
C ALA C 119 10.19 7.22 -16.79
N ASP C 120 10.14 5.97 -16.33
CA ASP C 120 10.47 4.82 -17.17
C ASP C 120 9.30 4.45 -18.07
N LEU C 121 8.09 4.79 -17.62
CA LEU C 121 6.88 4.49 -18.39
C LEU C 121 6.58 5.60 -19.39
N SER C 122 7.63 6.21 -19.92
CA SER C 122 7.49 7.29 -20.89
C SER C 122 7.15 6.75 -22.27
N GLU C 123 6.15 7.35 -22.90
CA GLU C 123 5.72 6.93 -24.23
C GLU C 123 6.58 7.59 -25.30
N ARG C 124 7.15 8.74 -24.96
CA ARG C 124 8.00 9.48 -25.89
C ARG C 124 9.26 9.97 -25.19
N ASP C 125 10.33 10.14 -25.96
CA ASP C 125 11.61 10.58 -25.42
C ASP C 125 11.58 12.08 -25.08
N TRP C 126 10.53 12.76 -25.54
CA TRP C 126 10.40 14.19 -25.29
C TRP C 126 9.57 14.45 -24.03
N VAL C 127 8.51 13.67 -23.86
CA VAL C 127 7.65 13.82 -22.69
C VAL C 127 8.36 13.34 -21.42
N ARG C 128 9.35 12.47 -21.60
CA ARG C 128 10.12 11.94 -20.48
C ARG C 128 10.95 13.05 -19.82
N TYR C 129 11.45 13.97 -20.63
CA TYR C 129 12.26 15.07 -20.13
C TYR C 129 11.46 15.99 -19.23
N LEU C 130 10.16 16.12 -19.52
CA LEU C 130 9.28 16.97 -18.73
C LEU C 130 9.07 16.39 -17.34
N TRP C 131 8.63 15.14 -17.28
CA TRP C 131 8.37 14.47 -16.01
C TRP C 131 9.63 14.43 -15.14
N TYR C 132 10.79 14.41 -15.80
CA TYR C 132 12.06 14.37 -15.08
C TYR C 132 12.29 15.66 -14.29
N ILE C 133 12.03 16.79 -14.95
CA ILE C 133 12.20 18.09 -14.31
C ILE C 133 11.37 18.18 -13.03
N CYS C 134 10.18 17.60 -13.07
CA CYS C 134 9.29 17.60 -11.92
C CYS C 134 9.84 16.71 -10.81
N GLY C 135 10.61 15.70 -11.19
CA GLY C 135 11.19 14.79 -10.21
C GLY C 135 12.12 15.49 -9.25
N VAL C 136 13.13 16.16 -9.79
CA VAL C 136 14.10 16.89 -8.96
C VAL C 136 13.43 18.05 -8.23
N CYS C 137 12.45 18.66 -8.88
CA CYS C 137 11.72 19.77 -8.30
C CYS C 137 10.99 19.33 -7.04
N ALA C 138 10.48 18.10 -7.07
CA ALA C 138 9.77 17.54 -5.93
C ALA C 138 10.67 17.41 -4.72
N PHE C 139 11.88 16.91 -4.94
CA PHE C 139 12.85 16.74 -3.86
C PHE C 139 13.35 18.08 -3.37
N LEU C 140 13.12 19.13 -4.17
CA LEU C 140 13.56 20.48 -3.80
C LEU C 140 12.74 21.00 -2.62
N ILE C 141 11.43 21.06 -2.80
CA ILE C 141 10.54 21.55 -1.76
C ILE C 141 10.43 20.56 -0.60
N ILE C 142 10.62 19.28 -0.91
CA ILE C 142 10.54 18.23 0.10
C ILE C 142 11.76 18.24 1.01
N LEU C 143 12.94 18.37 0.41
CA LEU C 143 14.19 18.40 1.17
C LEU C 143 14.15 19.48 2.24
N TRP C 144 13.94 20.73 1.82
CA TRP C 144 13.89 21.85 2.75
C TRP C 144 12.73 21.70 3.72
N GLY C 145 11.71 20.96 3.30
CA GLY C 145 10.55 20.74 4.15
C GLY C 145 10.83 19.78 5.28
N ILE C 146 11.90 19.01 5.16
CA ILE C 146 12.28 18.05 6.18
C ILE C 146 13.47 18.53 7.00
N TRP C 147 14.19 19.50 6.46
CA TRP C 147 15.37 20.06 7.13
C TRP C 147 15.01 20.72 8.45
N ASN C 148 13.93 21.49 8.45
CA ASN C 148 13.49 22.20 9.65
C ASN C 148 12.91 21.25 10.71
N PRO C 149 11.91 20.40 10.35
CA PRO C 149 11.29 19.47 11.30
C PRO C 149 12.26 18.41 11.83
N LEU C 150 13.50 18.45 11.37
CA LEU C 150 14.51 17.48 11.80
C LEU C 150 15.48 18.12 12.80
N ARG C 151 14.93 18.61 13.91
CA ARG C 151 15.74 19.25 14.95
C ARG C 151 16.60 20.36 14.38
N ALA C 152 15.96 21.41 13.87
CA ALA C 152 16.68 22.54 13.29
C ALA C 152 17.11 23.53 14.38
N LYS C 153 16.25 23.74 15.36
CA LYS C 153 16.54 24.65 16.46
C LYS C 153 17.61 24.07 17.37
N THR C 154 17.66 22.75 17.44
CA THR C 154 18.63 22.06 18.28
C THR C 154 20.06 22.28 17.77
N ARG C 155 20.17 22.75 16.53
CA ARG C 155 21.47 23.00 15.92
C ARG C 155 22.21 24.13 16.65
N THR C 156 21.45 25.00 17.30
CA THR C 156 22.04 26.12 18.03
C THR C 156 22.04 25.86 19.53
N GLN C 157 21.62 24.65 19.91
CA GLN C 157 21.57 24.26 21.31
C GLN C 157 22.78 23.41 21.68
N SER C 158 22.89 22.24 21.04
CA SER C 158 24.00 21.33 21.30
C SER C 158 24.88 21.18 20.05
N SER C 159 26.14 21.56 20.17
CA SER C 159 27.08 21.46 19.06
C SER C 159 27.52 20.02 18.86
N GLU C 160 27.38 19.22 19.90
CA GLU C 160 27.77 17.81 19.83
C GLU C 160 26.77 17.01 18.99
N LEU C 161 25.51 17.03 19.40
CA LEU C 161 24.46 16.32 18.69
C LEU C 161 24.27 16.86 17.28
N ALA C 162 24.70 18.11 17.07
CA ALA C 162 24.58 18.75 15.78
C ALA C 162 25.51 18.12 14.75
N ASN C 163 26.77 17.92 15.15
CA ASN C 163 27.77 17.33 14.27
C ASN C 163 27.39 15.91 13.85
N LEU C 164 26.92 15.12 14.81
CA LEU C 164 26.53 13.74 14.54
C LEU C 164 25.39 13.69 13.55
N TYR C 165 24.26 14.27 13.94
CA TYR C 165 23.07 14.31 13.10
C TYR C 165 23.37 14.96 11.75
N ASP C 166 24.40 15.80 11.71
CA ASP C 166 24.79 16.48 10.48
C ASP C 166 25.29 15.48 9.45
N LYS C 167 26.22 14.63 9.85
CA LYS C 167 26.78 13.62 8.96
C LYS C 167 25.70 12.67 8.46
N LEU C 168 24.74 12.36 9.34
CA LEU C 168 23.64 11.48 9.00
C LEU C 168 22.85 12.00 7.80
N VAL C 169 22.24 13.17 7.97
CA VAL C 169 21.46 13.79 6.92
C VAL C 169 22.30 14.06 5.67
N THR C 170 23.58 14.36 5.87
CA THR C 170 24.47 14.64 4.76
C THR C 170 24.53 13.46 3.78
N TYR C 171 24.80 12.27 4.31
CA TYR C 171 24.86 11.07 3.48
C TYR C 171 23.57 10.87 2.71
N PHE C 172 22.44 11.16 3.36
CA PHE C 172 21.13 11.00 2.74
C PHE C 172 20.98 11.94 1.54
N THR C 173 21.63 13.09 1.63
CA THR C 173 21.57 14.09 0.56
C THR C 173 22.41 13.66 -0.65
N VAL C 174 23.63 13.21 -0.39
CA VAL C 174 24.54 12.77 -1.45
C VAL C 174 23.96 11.60 -2.24
N LEU C 175 23.13 10.79 -1.57
CA LEU C 175 22.52 9.63 -2.21
C LEU C 175 21.31 10.01 -3.06
N TRP C 176 20.32 10.65 -2.43
CA TRP C 176 19.13 11.07 -3.14
C TRP C 176 19.48 11.97 -4.31
N ILE C 177 20.58 12.68 -4.18
CA ILE C 177 21.05 13.59 -5.24
C ILE C 177 21.93 12.81 -6.22
N GLY C 178 22.51 11.71 -5.75
CA GLY C 178 23.37 10.90 -6.59
C GLY C 178 22.70 10.41 -7.85
N TYR C 179 21.57 9.71 -7.72
CA TYR C 179 20.84 9.20 -8.87
C TYR C 179 20.54 10.32 -9.88
N PRO C 180 19.88 11.42 -9.44
CA PRO C 180 19.55 12.54 -10.34
C PRO C 180 20.74 12.94 -11.21
N ILE C 181 21.95 12.82 -10.67
CA ILE C 181 23.15 13.18 -11.42
C ILE C 181 23.34 12.30 -12.64
N VAL C 182 23.49 11.00 -12.41
CA VAL C 182 23.69 10.05 -13.50
C VAL C 182 22.56 10.11 -14.52
N TRP C 183 21.33 10.35 -14.03
CA TRP C 183 20.18 10.43 -14.91
C TRP C 183 20.36 11.51 -15.98
N ILE C 184 20.73 12.71 -15.54
CA ILE C 184 20.94 13.83 -16.46
C ILE C 184 21.95 13.48 -17.56
N ILE C 185 23.20 13.26 -17.15
CA ILE C 185 24.25 12.92 -18.09
C ILE C 185 23.86 11.75 -18.98
N GLY C 186 24.14 11.88 -20.28
CA GLY C 186 23.81 10.82 -21.21
C GLY C 186 22.30 10.63 -21.36
N PRO C 187 21.85 9.96 -22.43
CA PRO C 187 20.42 9.72 -22.66
C PRO C 187 19.86 8.65 -21.72
N SER C 188 19.54 9.07 -20.50
CA SER C 188 19.00 8.16 -19.49
C SER C 188 19.93 6.97 -19.29
N GLY C 189 21.20 7.25 -19.07
CA GLY C 189 22.18 6.20 -18.87
C GLY C 189 23.52 6.72 -18.41
N PHE C 190 24.44 6.91 -19.35
CA PHE C 190 25.77 7.42 -19.04
C PHE C 190 26.30 8.31 -20.16
N GLY C 191 25.89 8.01 -21.39
CA GLY C 191 26.33 8.79 -22.52
C GLY C 191 26.38 7.97 -23.80
N TRP C 192 25.48 8.27 -24.73
CA TRP C 192 25.42 7.57 -26.01
C TRP C 192 25.24 6.06 -25.80
N ILE C 193 24.60 5.70 -24.69
CA ILE C 193 24.36 4.29 -24.38
C ILE C 193 22.87 4.00 -24.25
N ASN C 194 22.52 2.72 -24.38
CA ASN C 194 21.13 2.30 -24.28
C ASN C 194 21.04 0.78 -24.16
N GLN C 195 22.18 0.15 -23.88
CA GLN C 195 22.24 -1.30 -23.73
C GLN C 195 22.09 -1.71 -22.28
N THR C 196 22.47 -2.94 -21.96
CA THR C 196 22.37 -3.45 -20.59
C THR C 196 23.26 -2.65 -19.65
N ILE C 197 24.24 -1.94 -20.22
CA ILE C 197 25.16 -1.14 -19.42
C ILE C 197 24.42 -0.20 -18.47
N ASP C 198 23.25 0.26 -18.90
CA ASP C 198 22.44 1.17 -18.09
C ASP C 198 22.17 0.56 -16.71
N THR C 199 21.59 -0.63 -16.70
CA THR C 199 21.26 -1.32 -15.46
C THR C 199 22.52 -1.60 -14.64
N PHE C 200 23.64 -1.82 -15.33
CA PHE C 200 24.90 -2.12 -14.66
C PHE C 200 25.27 -1.01 -13.67
N LEU C 201 25.02 0.24 -14.04
CA LEU C 201 25.34 1.37 -13.17
C LEU C 201 24.27 1.57 -12.10
N PHE C 202 23.00 1.52 -12.50
CA PHE C 202 21.90 1.69 -11.57
C PHE C 202 21.81 0.50 -10.61
N CYS C 203 22.66 -0.49 -10.83
CA CYS C 203 22.70 -1.67 -9.97
C CYS C 203 23.79 -1.50 -8.91
N LEU C 204 24.92 -0.97 -9.33
CA LEU C 204 26.06 -0.76 -8.45
C LEU C 204 25.83 0.41 -7.49
N LEU C 205 25.18 1.47 -7.98
CA LEU C 205 24.92 2.64 -7.16
C LEU C 205 24.12 2.27 -5.89
N PRO C 206 22.96 1.59 -6.03
CA PRO C 206 22.16 1.19 -4.85
C PRO C 206 22.97 0.32 -3.91
N PHE C 207 23.72 -0.63 -4.47
CA PHE C 207 24.54 -1.52 -3.68
C PHE C 207 25.63 -0.74 -2.94
N PHE C 208 26.00 0.40 -3.50
CA PHE C 208 27.02 1.25 -2.90
C PHE C 208 26.45 2.00 -1.71
N SER C 209 25.14 2.21 -1.72
CA SER C 209 24.46 2.91 -0.63
C SER C 209 23.91 1.93 0.40
N VAL C 211 25.29 -1.28 1.45
CA VAL C 211 26.35 -1.70 2.37
C VAL C 211 26.96 -0.51 3.10
N GLY C 212 26.92 0.66 2.46
CA GLY C 212 27.47 1.85 3.07
C GLY C 212 26.62 2.38 4.20
N PHE C 213 25.31 2.18 4.10
CA PHE C 213 24.38 2.65 5.12
C PHE C 213 24.49 1.79 6.38
N SER C 214 24.72 0.49 6.20
CA SER C 214 24.85 -0.43 7.32
C SER C 214 26.02 -0.05 8.21
N PHE C 215 27.21 0.04 7.60
CA PHE C 215 28.42 0.39 8.33
C PHE C 215 28.30 1.78 8.94
N LEU C 216 27.47 2.61 8.33
CA LEU C 216 27.26 3.98 8.81
C LEU C 216 26.50 3.98 10.13
N ASP C 217 25.37 3.27 10.15
CA ASP C 217 24.54 3.20 11.35
C ASP C 217 25.30 2.58 12.51
N LEU C 218 26.35 1.82 12.19
CA LEU C 218 27.16 1.17 13.22
C LEU C 218 28.14 2.16 13.85
N HIS C 219 28.66 3.08 13.04
CA HIS C 219 29.62 4.06 13.53
C HIS C 219 28.91 5.24 14.20
N GLY C 220 27.72 5.57 13.70
CA GLY C 220 26.95 6.67 14.26
C GLY C 220 26.20 6.26 15.50
N LEU C 221 26.01 4.95 15.67
CA LEU C 221 25.29 4.42 16.82
C LEU C 221 25.95 4.85 18.13
N ARG C 222 27.22 4.50 18.30
CA ARG C 222 27.98 4.84 19.50
C ARG C 222 27.32 4.23 20.74
N ASN C 223 27.86 3.10 21.18
CA ASN C 223 27.33 2.40 22.35
C ASN C 223 27.31 3.31 23.58
N LEU C 224 26.10 3.66 24.01
CA LEU C 224 25.92 4.52 25.17
C LEU C 224 24.85 3.97 26.10
N ASN C 225 24.98 4.28 27.39
CA ASN C 225 24.01 3.81 28.38
C ASN C 225 23.20 4.98 28.95
N ASP C 226 21.98 5.13 28.46
CA ASP C 226 21.10 6.19 28.90
C ASP C 226 19.67 5.94 28.45
N SER C 227 19.03 4.95 29.08
CA SER C 227 17.65 4.60 28.75
C SER C 227 16.84 4.34 30.01
N ARG C 228 17.21 3.30 30.75
CA ARG C 228 16.51 2.94 31.99
C ARG C 228 15.03 2.74 31.74
N GLN C 229 14.67 1.54 31.27
CA GLN C 229 13.27 1.23 30.99
C GLN C 229 12.72 0.23 32.01
N MET A 1 -15.40 -18.64 -26.43
CA MET A 1 -16.38 -17.63 -26.86
C MET A 1 -17.77 -17.95 -26.33
N ASN A 2 -18.43 -16.95 -25.77
CA ASN A 2 -19.77 -17.12 -25.20
C ASN A 2 -19.78 -18.23 -24.15
N LEU A 3 -19.23 -17.93 -22.98
CA LEU A 3 -19.17 -18.89 -21.89
C LEU A 3 -19.38 -18.20 -20.55
N GLU A 4 -20.32 -18.71 -19.77
CA GLU A 4 -20.63 -18.13 -18.46
C GLU A 4 -20.40 -19.15 -17.35
N SER A 5 -19.71 -18.74 -16.29
CA SER A 5 -19.43 -19.60 -15.15
C SER A 5 -20.36 -19.27 -13.99
N LEU A 6 -20.87 -20.31 -13.33
CA LEU A 6 -21.78 -20.13 -12.21
C LEU A 6 -21.08 -20.41 -10.88
N LEU A 7 -19.81 -20.81 -10.95
CA LEU A 7 -19.04 -21.12 -9.76
C LEU A 7 -18.69 -19.85 -8.99
N HIS A 8 -17.98 -18.93 -9.65
CA HIS A 8 -17.59 -17.67 -9.03
C HIS A 8 -18.81 -16.88 -8.59
N TRP A 9 -19.94 -17.16 -9.24
CA TRP A 9 -21.19 -16.48 -8.92
C TRP A 9 -21.66 -16.85 -7.51
N ILE A 10 -21.79 -18.14 -7.26
CA ILE A 10 -22.22 -18.62 -5.95
C ILE A 10 -21.22 -18.22 -4.87
N TYR A 11 -19.99 -17.97 -5.30
CA TYR A 11 -18.92 -17.58 -4.38
C TYR A 11 -19.26 -16.28 -3.67
N VAL A 12 -19.43 -15.21 -4.43
CA VAL A 12 -19.77 -13.90 -3.86
C VAL A 12 -21.04 -13.98 -3.03
N ALA A 13 -21.97 -14.84 -3.44
CA ALA A 13 -23.23 -15.00 -2.73
C ALA A 13 -23.00 -15.48 -1.30
N GLY A 14 -22.08 -16.42 -1.14
CA GLY A 14 -21.77 -16.96 0.17
C GLY A 14 -20.98 -15.98 1.02
N MET A 15 -20.31 -15.05 0.37
CA MET A 15 -19.51 -14.05 1.07
C MET A 15 -20.41 -13.02 1.74
N THR A 16 -21.45 -12.59 1.03
CA THR A 16 -22.39 -11.60 1.57
C THR A 16 -23.08 -12.12 2.81
N ILE A 17 -23.63 -13.33 2.71
CA ILE A 17 -24.33 -13.94 3.85
C ILE A 17 -23.38 -14.18 5.01
N GLY A 18 -22.09 -14.30 4.70
CA GLY A 18 -21.10 -14.52 5.74
C GLY A 18 -21.01 -13.37 6.72
N ALA A 19 -20.95 -12.16 6.18
CA ALA A 19 -20.85 -10.95 7.01
C ALA A 19 -22.12 -10.77 7.85
N LEU A 20 -23.26 -11.09 7.26
CA LEU A 20 -24.55 -10.96 7.95
C LEU A 20 -24.60 -11.84 9.18
N HIS A 21 -23.86 -12.95 9.14
CA HIS A 21 -23.81 -13.90 10.25
C HIS A 21 -23.41 -13.19 11.54
N PHE A 22 -22.57 -12.16 11.40
CA PHE A 22 -22.10 -11.40 12.54
C PHE A 22 -23.19 -10.46 13.05
N TRP A 23 -23.97 -9.90 12.13
CA TRP A 23 -25.05 -8.99 12.49
C TRP A 23 -25.99 -9.64 13.50
N SER A 24 -26.18 -10.94 13.36
CA SER A 24 -27.05 -11.69 14.26
C SER A 24 -26.31 -12.13 15.53
N LEU A 25 -25.00 -12.35 15.39
CA LEU A 25 -24.18 -12.78 16.51
C LEU A 25 -23.65 -11.59 17.30
N SER A 26 -23.92 -10.38 16.82
CA SER A 26 -23.45 -9.18 17.49
C SER A 26 -24.02 -9.08 18.90
N ARG A 27 -25.12 -9.80 19.15
CA ARG A 27 -25.75 -9.80 20.47
C ARG A 27 -24.70 -10.05 21.54
N ASN A 28 -23.69 -10.84 21.17
CA ASN A 28 -22.58 -11.17 22.06
C ASN A 28 -21.55 -12.01 21.33
N PRO A 29 -20.25 -11.66 21.43
CA PRO A 29 -19.18 -12.39 20.77
C PRO A 29 -18.53 -13.41 21.69
N ARG A 30 -17.49 -14.07 21.17
CA ARG A 30 -16.78 -15.09 21.94
C ARG A 30 -15.68 -14.45 22.79
N GLY A 31 -16.01 -13.35 23.46
CA GLY A 31 -15.05 -12.67 24.30
C GLY A 31 -14.24 -11.64 23.53
N VAL A 32 -13.75 -12.03 22.36
CA VAL A 32 -12.95 -11.13 21.54
C VAL A 32 -13.81 -10.04 20.91
N PRO A 33 -13.51 -8.77 21.23
CA PRO A 33 -14.24 -7.61 20.71
C PRO A 33 -14.28 -7.60 19.18
N GLN A 34 -15.14 -6.73 18.65
CA GLN A 34 -15.31 -6.57 17.21
C GLN A 34 -14.00 -6.66 16.42
N TYR A 35 -12.86 -6.48 17.10
CA TYR A 35 -11.56 -6.55 16.45
C TYR A 35 -11.49 -7.68 15.43
N GLU A 36 -11.68 -8.91 15.92
CA GLU A 36 -11.62 -10.09 15.06
C GLU A 36 -12.70 -10.05 13.97
N TYR A 37 -13.90 -9.63 14.34
CA TYR A 37 -15.01 -9.55 13.39
C TYR A 37 -14.78 -8.45 12.35
N LEU A 38 -13.90 -7.51 12.68
CA LEU A 38 -13.59 -6.41 11.77
C LEU A 38 -12.84 -6.92 10.55
N VAL A 39 -11.72 -7.60 10.81
CA VAL A 39 -10.90 -8.16 9.73
C VAL A 39 -11.63 -9.30 9.02
N ALA A 40 -12.45 -10.02 9.77
CA ALA A 40 -13.21 -11.15 9.23
C ALA A 40 -14.39 -10.68 8.39
N MET A 41 -14.73 -9.41 8.50
CA MET A 41 -15.86 -8.85 7.75
C MET A 41 -15.41 -8.34 6.39
N PHE A 42 -14.20 -7.78 6.33
CA PHE A 42 -13.68 -7.23 5.08
C PHE A 42 -13.17 -8.32 4.14
N ILE A 43 -12.62 -9.39 4.69
CA ILE A 43 -12.10 -10.50 3.88
C ILE A 43 -13.16 -11.02 2.90
N PRO A 44 -14.38 -11.34 3.38
CA PRO A 44 -15.46 -11.86 2.52
C PRO A 44 -16.03 -10.80 1.57
N ILE A 45 -16.26 -9.60 2.10
CA ILE A 45 -16.82 -8.50 1.28
C ILE A 45 -15.97 -8.23 0.05
N TRP A 46 -14.72 -7.85 0.25
CA TRP A 46 -13.82 -7.54 -0.86
C TRP A 46 -13.72 -8.71 -1.84
N SER A 47 -13.31 -9.87 -1.34
CA SER A 47 -13.15 -11.06 -2.16
C SER A 47 -14.40 -11.35 -2.96
N GLY A 48 -15.56 -11.21 -2.32
CA GLY A 48 -16.83 -11.47 -2.99
C GLY A 48 -16.95 -10.79 -4.33
N LEU A 49 -16.86 -9.46 -4.33
CA LEU A 49 -16.96 -8.69 -5.57
C LEU A 49 -15.97 -9.19 -6.62
N ALA A 50 -14.80 -9.63 -6.16
CA ALA A 50 -13.76 -10.13 -7.05
C ALA A 50 -14.23 -11.38 -7.79
N TYR A 51 -14.81 -12.32 -7.05
CA TYR A 51 -15.29 -13.57 -7.63
C TYR A 51 -16.42 -13.31 -8.63
N MET A 52 -17.42 -12.54 -8.20
CA MET A 52 -18.55 -12.21 -9.06
C MET A 52 -18.07 -11.79 -10.44
N ALA A 53 -16.92 -11.12 -10.48
CA ALA A 53 -16.33 -10.66 -11.72
C ALA A 53 -15.77 -11.83 -12.52
N MET A 54 -15.07 -12.72 -11.83
CA MET A 54 -14.48 -13.89 -12.46
C MET A 54 -15.54 -14.65 -13.26
N ALA A 55 -16.80 -14.52 -12.81
CA ALA A 55 -17.91 -15.17 -13.48
C ALA A 55 -18.24 -14.47 -14.78
N ILE A 56 -18.30 -13.13 -14.72
CA ILE A 56 -18.60 -12.33 -15.90
C ILE A 56 -17.45 -12.37 -16.90
N ASP A 57 -16.38 -13.08 -16.52
CA ASP A 57 -15.19 -13.22 -17.38
C ASP A 57 -14.49 -11.88 -17.55
N GLN A 58 -14.36 -11.13 -16.45
CA GLN A 58 -13.70 -9.83 -16.48
C GLN A 58 -12.51 -9.82 -15.52
N GLY A 59 -11.58 -8.89 -15.75
CA GLY A 59 -10.42 -8.79 -14.89
C GLY A 59 -9.21 -9.50 -15.49
N LYS A 60 -9.32 -9.84 -16.77
CA LYS A 60 -8.24 -10.52 -17.47
C LYS A 60 -7.96 -9.86 -18.81
N VAL A 61 -6.69 -9.75 -19.17
CA VAL A 61 -6.29 -9.13 -20.42
C VAL A 61 -5.51 -10.11 -21.30
N GLU A 62 -5.62 -9.93 -22.61
CA GLU A 62 -4.93 -10.80 -23.56
C GLU A 62 -3.65 -10.12 -24.07
N ALA A 63 -2.54 -10.39 -23.40
CA ALA A 63 -1.25 -9.82 -23.77
C ALA A 63 -0.25 -10.91 -24.13
N ALA A 64 0.50 -10.68 -25.21
CA ALA A 64 1.51 -11.63 -25.66
C ALA A 64 0.89 -12.97 -26.02
N GLY A 65 -0.44 -12.97 -26.23
CA GLY A 65 -1.12 -14.20 -26.58
C GLY A 65 -1.59 -14.98 -25.36
N GLN A 66 -1.08 -14.61 -24.19
CA GLN A 66 -1.45 -15.29 -22.96
C GLN A 66 -2.52 -14.52 -22.20
N ILE A 67 -3.28 -15.23 -21.37
CA ILE A 67 -4.35 -14.63 -20.59
C ILE A 67 -3.93 -14.49 -19.12
N ALA A 68 -3.66 -13.26 -18.71
CA ALA A 68 -3.24 -13.00 -17.33
C ALA A 68 -4.45 -12.87 -16.40
N HIS A 69 -4.33 -13.45 -15.21
CA HIS A 69 -5.40 -13.39 -14.22
C HIS A 69 -5.14 -12.29 -13.21
N TYR A 70 -5.35 -11.05 -13.64
CA TYR A 70 -5.13 -9.89 -12.80
C TYR A 70 -5.95 -9.96 -11.50
N ALA A 71 -7.22 -10.32 -11.64
CA ALA A 71 -8.12 -10.41 -10.49
C ALA A 71 -7.74 -11.56 -9.55
N ARG A 72 -7.09 -12.57 -10.09
CA ARG A 72 -6.70 -13.73 -9.29
C ARG A 72 -5.68 -13.37 -8.21
N TYR A 73 -4.59 -12.71 -8.59
CA TYR A 73 -3.56 -12.36 -7.62
C TYR A 73 -3.84 -11.02 -6.93
N ILE A 74 -4.59 -10.13 -7.58
CA ILE A 74 -4.91 -8.83 -6.97
C ILE A 74 -5.57 -9.05 -5.62
N ASP A 75 -6.49 -10.01 -5.57
CA ASP A 75 -7.18 -10.32 -4.32
C ASP A 75 -6.20 -10.98 -3.36
N TRP A 76 -5.13 -11.53 -3.93
CA TRP A 76 -4.10 -12.19 -3.14
C TRP A 76 -3.09 -11.20 -2.62
N MET A 77 -3.33 -9.92 -2.89
CA MET A 77 -2.43 -8.86 -2.43
C MET A 77 -3.01 -8.13 -1.24
N VAL A 78 -4.33 -8.19 -1.08
CA VAL A 78 -5.01 -7.52 0.02
C VAL A 78 -5.66 -8.50 0.99
N THR A 79 -6.19 -9.61 0.46
CA THR A 79 -6.85 -10.61 1.29
C THR A 79 -5.87 -11.41 2.12
N THR A 80 -4.85 -11.97 1.46
CA THR A 80 -3.84 -12.78 2.13
C THR A 80 -3.19 -12.04 3.31
N PRO A 81 -2.69 -10.80 3.11
CA PRO A 81 -2.05 -10.07 4.21
C PRO A 81 -2.99 -9.92 5.40
N LEU A 82 -4.25 -9.59 5.13
CA LEU A 82 -5.24 -9.45 6.18
C LEU A 82 -5.45 -10.79 6.86
N LEU A 83 -5.30 -11.87 6.08
CA LEU A 83 -5.45 -13.22 6.61
C LEU A 83 -4.29 -13.52 7.55
N LEU A 84 -3.20 -12.81 7.34
CA LEU A 84 -2.01 -12.97 8.16
C LEU A 84 -2.10 -12.12 9.42
N LEU A 85 -2.79 -10.98 9.30
CA LEU A 85 -2.96 -10.06 10.42
C LEU A 85 -3.98 -10.60 11.42
N SER A 86 -5.01 -11.26 10.90
CA SER A 86 -6.06 -11.82 11.75
C SER A 86 -5.49 -12.80 12.76
N LEU A 87 -4.34 -13.38 12.42
CA LEU A 87 -3.68 -14.35 13.30
C LEU A 87 -3.04 -13.65 14.50
N SER A 88 -2.43 -12.49 14.24
CA SER A 88 -1.77 -11.73 15.29
C SER A 88 -2.77 -11.30 16.36
N TRP A 89 -3.98 -10.97 15.93
CA TRP A 89 -5.03 -10.53 16.86
C TRP A 89 -5.58 -11.73 17.65
N THR A 90 -5.72 -12.86 16.98
CA THR A 90 -6.23 -14.07 17.61
C THR A 90 -5.32 -14.53 18.74
N ALA A 91 -4.03 -14.22 18.61
CA ALA A 91 -3.04 -14.59 19.62
C ALA A 91 -2.92 -13.53 20.70
N MET A 92 -2.95 -12.27 20.29
CA MET A 92 -2.84 -11.16 21.23
C MET A 92 -4.22 -10.56 21.53
N GLN A 93 -4.71 -10.83 22.73
CA GLN A 93 -6.01 -10.31 23.16
C GLN A 93 -5.88 -8.88 23.66
N PHE A 94 -4.70 -8.54 24.15
CA PHE A 94 -4.44 -7.20 24.66
C PHE A 94 -3.10 -6.67 24.13
N ILE A 95 -3.08 -5.39 23.75
CA ILE A 95 -1.87 -4.78 23.22
C ILE A 95 -1.35 -3.71 24.17
N LYS A 96 -0.02 -3.62 24.27
CA LYS A 96 0.62 -2.64 25.14
C LYS A 96 1.61 -1.78 24.36
N LYS A 97 2.67 -2.39 23.88
CA LYS A 97 3.70 -1.68 23.11
C LYS A 97 4.54 -2.66 22.29
N ASP A 98 3.99 -3.08 21.14
CA ASP A 98 4.70 -4.02 20.27
C ASP A 98 4.34 -3.76 18.81
N TRP A 99 5.30 -3.25 18.06
CA TRP A 99 5.10 -2.95 16.64
C TRP A 99 6.21 -3.57 15.80
N THR A 100 7.02 -4.43 16.41
CA THR A 100 8.12 -5.08 15.72
C THR A 100 7.71 -6.45 15.19
N LEU A 101 6.81 -7.12 15.90
CA LEU A 101 6.34 -8.44 15.50
C LEU A 101 5.39 -8.33 14.31
N ILE A 102 4.46 -7.39 14.39
CA ILE A 102 3.49 -7.17 13.33
C ILE A 102 4.16 -6.75 12.03
N GLY A 103 5.25 -6.00 12.15
CA GLY A 103 5.97 -5.54 10.97
C GLY A 103 6.71 -6.66 10.26
N PHE A 104 7.23 -7.61 11.03
CA PHE A 104 7.97 -8.73 10.45
C PHE A 104 7.05 -9.63 9.63
N LEU A 105 5.80 -9.76 10.08
CA LEU A 105 4.82 -10.59 9.39
C LEU A 105 4.31 -9.90 8.13
N MET A 106 3.85 -8.66 8.30
CA MET A 106 3.31 -7.88 7.19
C MET A 106 4.35 -7.70 6.08
N SER A 107 5.61 -7.60 6.47
CA SER A 107 6.70 -7.42 5.51
C SER A 107 6.95 -8.69 4.71
N THR A 108 7.22 -9.79 5.42
CA THR A 108 7.47 -11.07 4.77
C THR A 108 6.30 -11.46 3.88
N GLN A 109 5.13 -10.94 4.19
CA GLN A 109 3.93 -11.22 3.41
C GLN A 109 4.02 -10.60 2.02
N ILE A 110 4.43 -9.33 1.97
CA ILE A 110 4.57 -8.62 0.71
C ILE A 110 5.46 -9.41 -0.26
N VAL A 111 6.48 -10.04 0.29
CA VAL A 111 7.41 -10.82 -0.52
C VAL A 111 6.70 -12.00 -1.18
N VAL A 112 5.86 -12.70 -0.41
CA VAL A 112 5.13 -13.84 -0.93
C VAL A 112 4.10 -13.41 -1.98
N ILE A 113 3.50 -12.25 -1.78
CA ILE A 113 2.50 -11.72 -2.71
C ILE A 113 3.10 -11.53 -4.10
N THR A 114 4.33 -11.01 -4.14
CA THR A 114 5.01 -10.78 -5.41
C THR A 114 5.21 -12.09 -6.17
N SER A 115 5.78 -13.08 -5.50
CA SER A 115 6.01 -14.38 -6.12
C SER A 115 4.70 -15.01 -6.59
N GLY A 116 3.59 -14.53 -6.04
CA GLY A 116 2.29 -15.06 -6.41
C GLY A 116 1.73 -14.42 -7.67
N LEU A 117 2.01 -13.14 -7.86
CA LEU A 117 1.52 -12.42 -9.03
C LEU A 117 2.44 -12.62 -10.23
N ILE A 118 3.72 -12.85 -9.96
CA ILE A 118 4.70 -13.06 -11.04
C ILE A 118 4.71 -14.51 -11.53
N ALA A 119 4.35 -15.43 -10.65
CA ALA A 119 4.32 -16.85 -11.00
C ALA A 119 3.39 -17.08 -12.19
N ASP A 120 2.27 -16.38 -12.21
CA ASP A 120 1.30 -16.51 -13.29
C ASP A 120 1.73 -15.67 -14.49
N LEU A 121 2.71 -14.79 -14.28
CA LEU A 121 3.21 -13.93 -15.35
C LEU A 121 4.37 -14.60 -16.09
N SER A 122 4.42 -15.92 -16.00
CA SER A 122 5.48 -16.69 -16.66
C SER A 122 5.09 -17.02 -18.09
N GLU A 123 5.90 -16.57 -19.04
CA GLU A 123 5.65 -16.82 -20.46
C GLU A 123 6.32 -18.11 -20.91
N ARG A 124 7.64 -18.11 -20.94
CA ARG A 124 8.40 -19.29 -21.36
C ARG A 124 8.19 -20.43 -20.38
N ASP A 125 8.05 -21.64 -20.91
CA ASP A 125 7.85 -22.82 -20.08
C ASP A 125 9.15 -23.25 -19.41
N TRP A 126 10.25 -22.64 -19.83
CA TRP A 126 11.56 -22.95 -19.28
C TRP A 126 11.86 -22.10 -18.07
N VAL A 127 11.46 -20.83 -18.12
CA VAL A 127 11.69 -19.90 -17.01
C VAL A 127 10.67 -20.10 -15.91
N ARG A 128 9.51 -20.65 -16.27
CA ARG A 128 8.44 -20.90 -15.31
C ARG A 128 8.94 -21.74 -14.14
N TYR A 129 9.73 -22.77 -14.45
CA TYR A 129 10.27 -23.65 -13.42
C TYR A 129 11.22 -22.90 -12.51
N LEU A 130 11.93 -21.92 -13.08
CA LEU A 130 12.89 -21.12 -12.33
C LEU A 130 12.17 -20.25 -11.29
N TRP A 131 11.26 -19.40 -11.75
CA TRP A 131 10.51 -18.52 -10.87
C TRP A 131 9.80 -19.30 -9.77
N TYR A 132 9.35 -20.51 -10.12
CA TYR A 132 8.65 -21.37 -9.17
C TYR A 132 9.51 -21.66 -7.95
N ILE A 133 10.76 -22.07 -8.19
CA ILE A 133 11.69 -22.38 -7.11
C ILE A 133 11.95 -21.15 -6.24
N CYS A 134 11.84 -19.97 -6.84
CA CYS A 134 12.07 -18.72 -6.12
C CYS A 134 10.97 -18.49 -5.10
N GLY A 135 9.75 -18.92 -5.43
CA GLY A 135 8.62 -18.75 -4.54
C GLY A 135 8.71 -19.65 -3.32
N VAL A 136 8.95 -20.93 -3.52
CA VAL A 136 9.04 -21.89 -2.43
C VAL A 136 10.21 -21.55 -1.51
N CYS A 137 11.25 -20.96 -2.07
CA CYS A 137 12.44 -20.58 -1.30
C CYS A 137 12.10 -19.48 -0.29
N ALA A 138 11.38 -18.47 -0.75
CA ALA A 138 10.99 -17.36 0.10
C ALA A 138 10.10 -17.84 1.25
N PHE A 139 9.34 -18.90 0.99
CA PHE A 139 8.46 -19.46 2.00
C PHE A 139 9.25 -20.19 3.08
N LEU A 140 10.43 -20.69 2.71
CA LEU A 140 11.28 -21.41 3.65
C LEU A 140 11.80 -20.49 4.75
N ILE A 141 12.43 -19.38 4.34
CA ILE A 141 12.97 -18.42 5.29
C ILE A 141 11.87 -17.83 6.19
N ILE A 142 10.76 -17.45 5.57
CA ILE A 142 9.65 -16.86 6.31
C ILE A 142 9.06 -17.87 7.29
N LEU A 143 9.02 -19.13 6.89
CA LEU A 143 8.48 -20.19 7.74
C LEU A 143 9.31 -20.33 9.01
N TRP A 144 10.59 -19.99 8.92
CA TRP A 144 11.49 -20.06 10.06
C TRP A 144 11.18 -18.95 11.05
N GLY A 145 10.78 -17.80 10.53
CA GLY A 145 10.45 -16.66 11.38
C GLY A 145 9.09 -16.80 12.03
N ILE A 146 8.13 -17.39 11.30
CA ILE A 146 6.78 -17.58 11.82
C ILE A 146 6.77 -18.64 12.92
N TRP A 147 7.75 -19.54 12.87
CA TRP A 147 7.86 -20.60 13.86
C TRP A 147 8.68 -20.14 15.05
N ASN A 148 9.09 -18.89 15.02
CA ASN A 148 9.90 -18.33 16.08
C ASN A 148 9.07 -17.91 17.30
N PRO A 149 7.95 -17.18 17.08
CA PRO A 149 7.09 -16.72 18.19
C PRO A 149 6.81 -17.80 19.22
N LEU A 150 6.86 -19.07 18.79
CA LEU A 150 6.62 -20.19 19.70
C LEU A 150 7.54 -20.11 20.91
N ARG A 151 8.84 -20.12 20.66
CA ARG A 151 9.84 -20.04 21.73
C ARG A 151 9.73 -21.24 22.68
N ALA A 152 10.74 -22.11 22.62
CA ALA A 152 10.76 -23.29 23.47
C ALA A 152 10.98 -22.93 24.94
N LYS A 153 11.68 -21.82 25.17
CA LYS A 153 11.96 -21.35 26.51
C LYS A 153 10.75 -20.64 27.12
N THR A 154 9.70 -20.50 26.32
CA THR A 154 8.48 -19.83 26.77
C THR A 154 7.40 -20.86 27.13
N ARG A 155 7.53 -22.07 26.60
CA ARG A 155 6.56 -23.13 26.85
C ARG A 155 6.57 -23.54 28.31
N THR A 156 7.64 -23.19 29.02
CA THR A 156 7.77 -23.53 30.43
C THR A 156 7.17 -22.43 31.32
N GLN A 157 6.80 -21.32 30.70
CA GLN A 157 6.21 -20.19 31.42
C GLN A 157 4.69 -20.27 31.42
N SER A 158 4.09 -20.01 30.27
CA SER A 158 2.64 -20.04 30.14
C SER A 158 2.21 -21.15 29.18
N SER A 159 1.53 -22.16 29.72
CA SER A 159 1.06 -23.28 28.91
C SER A 159 -0.20 -22.89 28.14
N GLU A 160 -0.87 -21.85 28.60
CA GLU A 160 -2.10 -21.38 27.97
C GLU A 160 -1.78 -20.64 26.67
N LEU A 161 -1.02 -19.57 26.78
CA LEU A 161 -0.64 -18.77 25.62
C LEU A 161 0.16 -19.61 24.63
N ALA A 162 0.86 -20.62 25.14
CA ALA A 162 1.67 -21.49 24.30
C ALA A 162 0.79 -22.40 23.44
N ASN A 163 0.02 -23.26 24.11
CA ASN A 163 -0.87 -24.18 23.40
C ASN A 163 -1.79 -23.42 22.46
N LEU A 164 -2.09 -22.18 22.82
CA LEU A 164 -2.95 -21.33 22.00
C LEU A 164 -2.34 -21.07 20.64
N TYR A 165 -1.04 -20.78 20.63
CA TYR A 165 -0.33 -20.52 19.39
C TYR A 165 0.07 -21.82 18.71
N ASP A 166 0.12 -22.90 19.49
CA ASP A 166 0.48 -24.21 18.96
C ASP A 166 -0.58 -24.74 18.01
N LYS A 167 -1.83 -24.73 18.47
CA LYS A 167 -2.96 -25.21 17.66
C LYS A 167 -3.32 -24.21 16.57
N LEU A 168 -3.04 -22.94 16.82
CA LEU A 168 -3.34 -21.89 15.85
C LEU A 168 -2.45 -21.99 14.61
N VAL A 169 -1.15 -22.16 14.85
CA VAL A 169 -0.19 -22.26 13.74
C VAL A 169 -0.34 -23.59 13.00
N THR A 170 -0.77 -24.63 13.71
CA THR A 170 -0.94 -25.95 13.11
C THR A 170 -1.90 -25.89 11.92
N TYR A 171 -3.11 -25.42 12.17
CA TYR A 171 -4.12 -25.32 11.11
C TYR A 171 -3.65 -24.37 10.02
N PHE A 172 -2.93 -23.33 10.43
CA PHE A 172 -2.42 -22.34 9.49
C PHE A 172 -1.38 -22.96 8.56
N THR A 173 -0.74 -24.02 9.04
CA THR A 173 0.28 -24.71 8.25
C THR A 173 -0.35 -25.54 7.13
N VAL A 174 -1.34 -26.35 7.49
CA VAL A 174 -2.03 -27.20 6.52
C VAL A 174 -2.60 -26.39 5.36
N LEU A 175 -2.99 -25.15 5.64
CA LEU A 175 -3.56 -24.28 4.61
C LEU A 175 -2.48 -23.71 3.70
N TRP A 176 -1.51 -23.02 4.30
CA TRP A 176 -0.42 -22.42 3.54
C TRP A 176 0.39 -23.46 2.79
N ILE A 177 0.34 -24.71 3.25
CA ILE A 177 1.06 -25.79 2.59
C ILE A 177 0.19 -26.41 1.50
N GLY A 178 -1.12 -26.21 1.61
CA GLY A 178 -2.03 -26.73 0.63
C GLY A 178 -1.85 -26.10 -0.74
N TYR A 179 -1.70 -24.78 -0.77
CA TYR A 179 -1.50 -24.07 -2.04
C TYR A 179 -0.33 -24.67 -2.82
N PRO A 180 0.88 -24.75 -2.21
CA PRO A 180 2.07 -25.31 -2.88
C PRO A 180 1.77 -26.65 -3.54
N ILE A 181 0.97 -27.48 -2.87
CA ILE A 181 0.61 -28.80 -3.38
C ILE A 181 0.01 -28.70 -4.78
N VAL A 182 -1.08 -27.97 -4.91
CA VAL A 182 -1.76 -27.81 -6.18
C VAL A 182 -0.91 -27.01 -7.16
N TRP A 183 -0.01 -26.19 -6.63
CA TRP A 183 0.86 -25.36 -7.46
C TRP A 183 1.72 -26.20 -8.41
N ILE A 184 2.44 -27.16 -7.84
CA ILE A 184 3.33 -28.02 -8.64
C ILE A 184 2.56 -28.77 -9.73
N ILE A 185 1.25 -28.90 -9.56
CA ILE A 185 0.42 -29.59 -10.53
C ILE A 185 -0.59 -28.65 -11.20
N GLY A 186 -0.28 -28.25 -12.43
CA GLY A 186 -1.16 -27.35 -13.16
C GLY A 186 -0.41 -26.20 -13.81
N PRO A 187 -1.13 -25.15 -14.23
CA PRO A 187 -0.51 -23.97 -14.87
C PRO A 187 0.29 -23.15 -13.88
N SER A 188 1.19 -22.31 -14.40
CA SER A 188 2.03 -21.47 -13.56
C SER A 188 2.85 -22.32 -12.59
N GLY A 189 2.87 -23.62 -12.84
CA GLY A 189 3.62 -24.53 -12.00
C GLY A 189 4.48 -25.49 -12.80
N PHE A 190 3.84 -26.30 -13.63
CA PHE A 190 4.55 -27.27 -14.46
C PHE A 190 3.60 -27.94 -15.44
N GLY A 191 2.37 -28.17 -15.00
CA GLY A 191 1.37 -28.80 -15.83
C GLY A 191 1.12 -28.04 -17.12
N TRP A 192 0.45 -28.69 -18.07
CA TRP A 192 0.14 -28.07 -19.35
C TRP A 192 -1.37 -27.98 -19.55
N ILE A 193 -2.11 -27.93 -18.45
CA ILE A 193 -3.57 -27.85 -18.49
C ILE A 193 -4.06 -26.47 -18.09
N ASN A 194 -5.32 -26.17 -18.44
CA ASN A 194 -5.92 -24.89 -18.11
C ASN A 194 -7.43 -24.94 -18.35
N GLN A 195 -8.13 -25.72 -17.55
CA GLN A 195 -9.58 -25.86 -17.68
C GLN A 195 -10.29 -25.25 -16.47
N THR A 196 -11.59 -25.51 -16.37
CA THR A 196 -12.39 -24.98 -15.26
C THR A 196 -12.00 -25.65 -13.94
N ILE A 197 -11.52 -26.88 -14.03
CA ILE A 197 -11.13 -27.64 -12.85
C ILE A 197 -10.02 -26.94 -12.07
N ASP A 198 -9.09 -26.31 -12.78
CA ASP A 198 -7.99 -25.60 -12.13
C ASP A 198 -8.53 -24.44 -11.30
N THR A 199 -9.25 -23.53 -11.96
CA THR A 199 -9.82 -22.37 -11.28
C THR A 199 -10.78 -22.80 -10.18
N PHE A 200 -11.21 -24.06 -10.22
CA PHE A 200 -12.13 -24.58 -9.22
C PHE A 200 -11.38 -25.02 -7.97
N LEU A 201 -10.13 -25.45 -8.14
CA LEU A 201 -9.31 -25.90 -7.02
C LEU A 201 -8.63 -24.71 -6.33
N PHE A 202 -8.22 -23.73 -7.11
CA PHE A 202 -7.56 -22.54 -6.57
C PHE A 202 -8.56 -21.60 -5.92
N CYS A 203 -9.85 -21.82 -6.20
CA CYS A 203 -10.90 -20.98 -5.63
C CYS A 203 -11.48 -21.63 -4.38
N LEU A 204 -11.59 -22.96 -4.40
CA LEU A 204 -12.14 -23.71 -3.28
C LEU A 204 -11.17 -23.75 -2.10
N LEU A 205 -9.87 -23.79 -2.39
CA LEU A 205 -8.86 -23.85 -1.34
C LEU A 205 -8.93 -22.62 -0.43
N PRO A 206 -8.88 -21.38 -0.99
CA PRO A 206 -8.97 -20.16 -0.19
C PRO A 206 -10.24 -20.14 0.66
N PHE A 207 -11.36 -20.55 0.05
CA PHE A 207 -12.63 -20.60 0.76
C PHE A 207 -12.55 -21.56 1.93
N PHE A 208 -11.80 -22.65 1.74
CA PHE A 208 -11.63 -23.66 2.78
C PHE A 208 -10.66 -23.18 3.86
N SER A 209 -9.84 -22.19 3.50
CA SER A 209 -8.87 -21.64 4.44
C SER A 209 -9.48 -20.51 5.27
N VAL A 211 -13.16 -20.53 5.91
CA VAL A 211 -14.28 -21.12 6.63
C VAL A 211 -13.81 -21.89 7.86
N GLY A 212 -12.68 -22.58 7.72
CA GLY A 212 -12.13 -23.34 8.82
C GLY A 212 -11.61 -22.45 9.94
N PHE A 213 -11.08 -21.29 9.57
CA PHE A 213 -10.56 -20.35 10.55
C PHE A 213 -11.68 -19.82 11.44
N SER A 214 -12.85 -19.58 10.83
CA SER A 214 -14.00 -19.08 11.57
C SER A 214 -14.38 -20.02 12.70
N PHE A 215 -14.66 -21.28 12.36
CA PHE A 215 -15.04 -22.27 13.35
C PHE A 215 -13.89 -22.52 14.32
N LEU A 216 -12.67 -22.22 13.89
CA LEU A 216 -11.49 -22.42 14.72
C LEU A 216 -11.46 -21.43 15.88
N ASP A 217 -11.68 -20.16 15.57
CA ASP A 217 -11.68 -19.11 16.60
C ASP A 217 -12.78 -19.34 17.63
N LEU A 218 -13.88 -19.92 17.19
CA LEU A 218 -15.00 -20.19 18.07
C LEU A 218 -14.68 -21.30 19.07
N HIS A 219 -14.30 -22.46 18.55
CA HIS A 219 -13.96 -23.60 19.39
C HIS A 219 -12.68 -23.35 20.17
N GLY A 220 -11.85 -22.44 19.66
CA GLY A 220 -10.60 -22.13 20.32
C GLY A 220 -10.78 -21.62 21.74
N LEU A 221 -11.51 -20.51 21.88
CA LEU A 221 -11.76 -19.94 23.19
C LEU A 221 -12.92 -20.64 23.88
N ARG A 222 -14.07 -20.67 23.21
CA ARG A 222 -15.27 -21.30 23.75
C ARG A 222 -15.62 -20.72 25.11
N ASN A 223 -16.30 -19.58 25.10
CA ASN A 223 -16.70 -18.92 26.34
C ASN A 223 -18.07 -18.28 26.20
N LEU A 224 -18.86 -18.33 27.27
CA LEU A 224 -20.20 -17.76 27.26
C LEU A 224 -20.25 -16.47 28.08
N ASN A 225 -20.29 -15.34 27.38
CA ASN A 225 -20.34 -14.04 28.04
C ASN A 225 -21.77 -13.49 28.04
N ASP A 226 -22.15 -12.86 29.15
CA ASP A 226 -23.49 -12.29 29.29
C ASP A 226 -23.42 -10.83 29.77
N SER A 227 -22.85 -10.64 30.95
CA SER A 227 -22.73 -9.30 31.53
C SER A 227 -21.41 -9.14 32.27
N ARG A 228 -20.42 -9.95 31.89
CA ARG A 228 -19.11 -9.91 32.53
C ARG A 228 -18.32 -8.69 32.07
N GLN A 229 -17.96 -8.66 30.78
CA GLN A 229 -17.20 -7.56 30.22
C GLN A 229 -18.08 -6.69 29.33
N MET B 1 -2.58 12.90 -32.83
CA MET B 1 -3.12 14.27 -32.64
C MET B 1 -2.16 15.12 -31.82
N ASN B 2 -2.16 16.43 -32.07
CA ASN B 2 -1.30 17.36 -31.34
C ASN B 2 -2.12 18.43 -30.63
N LEU B 3 -2.48 18.16 -29.39
CA LEU B 3 -3.28 19.09 -28.60
C LEU B 3 -2.60 19.37 -27.26
N GLU B 4 -2.69 20.62 -26.80
CA GLU B 4 -2.09 21.01 -25.52
C GLU B 4 -3.12 21.66 -24.60
N SER B 5 -3.68 20.86 -23.70
CA SER B 5 -4.68 21.36 -22.76
C SER B 5 -4.06 22.33 -21.76
N LEU B 6 -4.86 23.29 -21.30
CA LEU B 6 -4.39 24.28 -20.34
C LEU B 6 -5.11 24.14 -19.01
N LEU B 7 -6.17 23.33 -19.00
CA LEU B 7 -6.95 23.11 -17.79
C LEU B 7 -6.13 22.36 -16.74
N HIS B 8 -5.48 21.28 -17.16
CA HIS B 8 -4.66 20.48 -16.26
C HIS B 8 -3.47 21.29 -15.75
N TRP B 9 -3.07 22.30 -16.52
CA TRP B 9 -1.96 23.17 -16.15
C TRP B 9 -2.31 24.05 -14.96
N ILE B 10 -3.38 24.82 -15.10
CA ILE B 10 -3.81 25.71 -14.03
C ILE B 10 -4.14 24.93 -12.76
N TYR B 11 -4.40 23.63 -12.93
CA TYR B 11 -4.73 22.77 -11.81
C TYR B 11 -3.54 22.63 -10.87
N VAL B 12 -2.44 22.11 -11.38
CA VAL B 12 -1.23 21.93 -10.59
C VAL B 12 -0.76 23.25 -9.97
N ALA B 13 -1.05 24.35 -10.66
CA ALA B 13 -0.67 25.67 -10.18
C ALA B 13 -1.49 26.07 -8.95
N GLY B 14 -2.78 25.74 -8.99
CA GLY B 14 -3.66 26.08 -7.88
C GLY B 14 -3.36 25.25 -6.63
N MET B 15 -2.80 24.07 -6.82
CA MET B 15 -2.48 23.20 -5.70
C MET B 15 -1.21 23.68 -4.99
N THR B 16 -0.24 24.15 -5.78
CA THR B 16 1.01 24.66 -5.22
C THR B 16 0.76 25.78 -4.22
N ILE B 17 0.06 26.81 -4.66
CA ILE B 17 -0.27 27.94 -3.80
C ILE B 17 -1.04 27.48 -2.57
N GLY B 18 -1.92 26.51 -2.76
CA GLY B 18 -2.71 25.98 -1.66
C GLY B 18 -1.87 25.74 -0.42
N ALA B 19 -0.86 24.89 -0.55
CA ALA B 19 0.03 24.56 0.56
C ALA B 19 0.70 25.80 1.10
N LEU B 20 1.06 26.72 0.22
CA LEU B 20 1.71 27.96 0.62
C LEU B 20 0.79 28.81 1.50
N HIS B 21 -0.51 28.67 1.28
CA HIS B 21 -1.50 29.41 2.06
C HIS B 21 -1.44 28.99 3.52
N PHE B 22 -1.12 27.73 3.76
CA PHE B 22 -1.02 27.20 5.13
C PHE B 22 0.28 27.65 5.78
N TRP B 23 1.25 28.04 4.96
CA TRP B 23 2.53 28.50 5.45
C TRP B 23 2.39 29.85 6.16
N SER B 24 1.62 30.74 5.53
CA SER B 24 1.40 32.08 6.09
C SER B 24 0.34 32.02 7.19
N LEU B 25 -0.60 31.09 7.05
CA LEU B 25 -1.67 30.92 8.02
C LEU B 25 -1.22 30.02 9.17
N SER B 26 0.01 29.52 9.07
CA SER B 26 0.55 28.63 10.10
C SER B 26 0.60 29.33 11.45
N ARG B 27 0.39 30.65 11.45
CA ARG B 27 0.39 31.42 12.68
C ARG B 27 -0.46 30.70 13.72
N ASN B 28 -1.66 30.30 13.28
CA ASN B 28 -2.58 29.56 14.13
C ASN B 28 -3.84 29.19 13.34
N PRO B 29 -4.26 27.92 13.39
CA PRO B 29 -5.45 27.43 12.72
C PRO B 29 -6.62 27.22 13.68
N ARG B 30 -6.63 26.07 14.36
CA ARG B 30 -7.66 25.74 15.34
C ARG B 30 -7.04 25.69 16.73
N GLY B 31 -5.77 26.08 16.77
CA GLY B 31 -5.01 26.11 18.00
C GLY B 31 -3.75 25.27 17.87
N VAL B 32 -3.92 24.02 17.47
CA VAL B 32 -2.78 23.14 17.23
C VAL B 32 -3.04 22.23 16.04
N PRO B 33 -2.43 22.47 14.87
CA PRO B 33 -2.65 21.59 13.73
C PRO B 33 -1.69 20.42 13.69
N GLN B 34 -2.19 19.24 13.98
CA GLN B 34 -1.41 18.02 13.87
C GLN B 34 -1.66 17.40 12.51
N TYR B 35 -2.94 17.16 12.33
CA TYR B 35 -3.55 16.52 11.16
C TYR B 35 -3.81 17.48 10.00
N GLU B 36 -4.65 18.48 10.25
CA GLU B 36 -5.09 19.45 9.25
C GLU B 36 -3.97 19.87 8.30
N TYR B 37 -2.92 20.49 8.82
CA TYR B 37 -1.83 20.96 7.99
C TYR B 37 -1.11 19.81 7.28
N LEU B 38 -0.92 18.70 8.00
CA LEU B 38 -0.23 17.54 7.44
C LEU B 38 -0.95 17.00 6.19
N VAL B 39 -2.16 16.50 6.39
CA VAL B 39 -2.95 15.93 5.28
C VAL B 39 -3.26 16.96 4.20
N ALA B 40 -3.80 18.10 4.60
CA ALA B 40 -4.16 19.15 3.64
C ALA B 40 -2.97 19.61 2.82
N MET B 41 -1.76 19.25 3.25
CA MET B 41 -0.55 19.64 2.53
C MET B 41 -0.18 18.62 1.46
N PHE B 42 -0.34 17.35 1.78
CA PHE B 42 -0.01 16.26 0.86
C PHE B 42 -1.00 16.16 -0.30
N ILE B 43 -2.28 16.29 0.00
CA ILE B 43 -3.32 16.18 -1.03
C ILE B 43 -3.03 17.07 -2.25
N PRO B 44 -2.75 18.38 -2.05
CA PRO B 44 -2.48 19.30 -3.17
C PRO B 44 -1.16 19.02 -3.87
N ILE B 45 -0.11 18.75 -3.09
CA ILE B 45 1.21 18.47 -3.67
C ILE B 45 1.14 17.32 -4.67
N TRP B 46 0.77 16.14 -4.19
CA TRP B 46 0.66 14.95 -5.04
C TRP B 46 -0.26 15.19 -6.23
N SER B 47 -1.51 15.53 -5.95
CA SER B 47 -2.49 15.77 -7.00
C SER B 47 -1.97 16.77 -8.03
N GLY B 48 -1.15 17.71 -7.58
CA GLY B 48 -0.61 18.70 -8.49
C GLY B 48 0.18 18.08 -9.63
N LEU B 49 1.19 17.30 -9.29
CA LEU B 49 2.03 16.65 -10.29
C LEU B 49 1.21 15.70 -11.16
N ALA B 50 0.13 15.17 -10.59
CA ALA B 50 -0.74 14.25 -11.32
C ALA B 50 -1.43 14.95 -12.50
N TYR B 51 -2.19 16.00 -12.19
CA TYR B 51 -2.89 16.75 -13.22
C TYR B 51 -1.91 17.42 -14.18
N MET B 52 -0.80 17.91 -13.65
CA MET B 52 0.22 18.56 -14.46
C MET B 52 0.57 17.71 -15.67
N ALA B 53 0.70 16.41 -15.44
CA ALA B 53 1.02 15.48 -16.51
C ALA B 53 -0.12 15.39 -17.51
N MET B 54 -1.34 15.35 -16.99
CA MET B 54 -2.53 15.28 -17.83
C MET B 54 -2.49 16.37 -18.90
N ALA B 55 -1.85 17.49 -18.56
CA ALA B 55 -1.72 18.61 -19.49
C ALA B 55 -0.76 18.24 -20.61
N ILE B 56 0.39 17.68 -20.22
CA ILE B 56 1.41 17.28 -21.18
C ILE B 56 0.96 16.03 -21.94
N ASP B 57 -0.25 15.58 -21.67
CA ASP B 57 -0.82 14.41 -22.32
C ASP B 57 -0.07 13.13 -21.93
N GLN B 58 0.14 12.96 -20.63
CA GLN B 58 0.85 11.78 -20.12
C GLN B 58 -0.02 11.02 -19.12
N GLY B 59 0.48 9.87 -18.68
CA GLY B 59 -0.27 9.07 -17.73
C GLY B 59 -1.39 8.28 -18.39
N LYS B 60 -1.27 8.07 -19.70
CA LYS B 60 -2.27 7.32 -20.44
C LYS B 60 -1.60 6.41 -21.47
N VAL B 61 -2.19 5.23 -21.68
CA VAL B 61 -1.65 4.26 -22.62
C VAL B 61 -2.69 3.87 -23.67
N GLU B 62 -2.23 3.61 -24.89
CA GLU B 62 -3.12 3.22 -25.98
C GLU B 62 -3.08 1.71 -26.20
N ALA B 63 -3.86 0.98 -25.42
CA ALA B 63 -3.91 -0.48 -25.54
C ALA B 63 -5.29 -0.93 -26.05
N ALA B 64 -5.28 -1.98 -26.86
CA ALA B 64 -6.51 -2.52 -27.43
C ALA B 64 -7.27 -1.47 -28.24
N GLY B 65 -6.57 -0.39 -28.59
CA GLY B 65 -7.19 0.67 -29.38
C GLY B 65 -7.85 1.72 -28.51
N GLN B 66 -8.06 1.41 -27.24
CA GLN B 66 -8.68 2.35 -26.32
C GLN B 66 -7.62 3.07 -25.49
N ILE B 67 -8.07 4.05 -24.72
CA ILE B 67 -7.16 4.82 -23.88
C ILE B 67 -7.48 4.63 -22.40
N ALA B 68 -6.53 4.09 -21.65
CA ALA B 68 -6.72 3.86 -20.22
C ALA B 68 -6.08 4.97 -19.39
N HIS B 69 -6.91 5.78 -18.75
CA HIS B 69 -6.43 6.88 -17.92
C HIS B 69 -5.76 6.35 -16.65
N TYR B 70 -4.51 5.93 -16.80
CA TYR B 70 -3.74 5.38 -15.69
C TYR B 70 -3.47 6.43 -14.62
N ALA B 71 -3.37 7.69 -15.04
CA ALA B 71 -3.10 8.79 -14.11
C ALA B 71 -4.36 9.23 -13.37
N ARG B 72 -5.51 9.01 -13.98
CA ARG B 72 -6.77 9.41 -13.37
C ARG B 72 -7.13 8.58 -12.14
N TYR B 73 -7.08 7.26 -12.28
CA TYR B 73 -7.43 6.38 -11.15
C TYR B 73 -6.32 6.32 -10.12
N ILE B 74 -5.07 6.34 -10.57
CA ILE B 74 -3.93 6.26 -9.66
C ILE B 74 -4.02 7.34 -8.59
N ASP B 75 -4.37 8.55 -9.01
CA ASP B 75 -4.50 9.66 -8.06
C ASP B 75 -5.70 9.39 -7.16
N TRP B 76 -6.65 8.61 -7.68
CA TRP B 76 -7.84 8.26 -6.92
C TRP B 76 -7.58 7.05 -6.05
N MET B 77 -6.31 6.66 -5.98
CA MET B 77 -5.90 5.51 -5.18
C MET B 77 -5.18 5.98 -3.91
N VAL B 78 -4.59 7.17 -3.97
CA VAL B 78 -3.87 7.72 -2.83
C VAL B 78 -4.54 8.97 -2.26
N THR B 79 -5.10 9.79 -3.14
CA THR B 79 -5.77 11.02 -2.72
C THR B 79 -7.07 10.74 -1.99
N THR B 80 -7.99 10.04 -2.64
CA THR B 80 -9.29 9.72 -2.06
C THR B 80 -9.18 9.15 -0.65
N PRO B 81 -8.35 8.10 -0.43
CA PRO B 81 -8.19 7.52 0.91
C PRO B 81 -7.82 8.59 1.94
N LEU B 82 -6.86 9.43 1.57
CA LEU B 82 -6.42 10.52 2.44
C LEU B 82 -7.58 11.48 2.69
N LEU B 83 -8.44 11.62 1.69
CA LEU B 83 -9.60 12.50 1.80
C LEU B 83 -10.59 11.88 2.77
N LEU B 84 -10.50 10.55 2.90
CA LEU B 84 -11.38 9.80 3.78
C LEU B 84 -10.83 9.81 5.21
N LEU B 85 -9.50 9.91 5.31
CA LEU B 85 -8.83 9.92 6.61
C LEU B 85 -8.95 11.29 7.27
N SER B 86 -8.84 12.34 6.47
CA SER B 86 -8.93 13.70 6.98
C SER B 86 -10.24 13.93 7.73
N LEU B 87 -11.23 13.08 7.44
CA LEU B 87 -12.54 13.17 8.08
C LEU B 87 -12.48 12.66 9.52
N SER B 88 -11.71 11.60 9.74
CA SER B 88 -11.57 11.01 11.06
C SER B 88 -10.74 11.90 11.98
N TRP B 89 -9.93 12.78 11.38
CA TRP B 89 -9.09 13.69 12.14
C TRP B 89 -9.87 14.91 12.61
N THR B 90 -10.66 15.49 11.70
CA THR B 90 -11.46 16.66 12.02
C THR B 90 -12.56 16.32 13.02
N ALA B 91 -12.94 15.05 13.08
CA ALA B 91 -13.98 14.60 14.00
C ALA B 91 -13.39 14.23 15.36
N MET B 92 -12.19 13.65 15.35
CA MET B 92 -11.52 13.26 16.58
C MET B 92 -10.38 14.21 16.91
N GLN B 93 -10.63 15.13 17.85
CA GLN B 93 -9.63 16.11 18.25
C GLN B 93 -8.54 15.44 19.09
N PHE B 94 -8.91 14.37 19.78
CA PHE B 94 -7.97 13.65 20.63
C PHE B 94 -8.05 12.14 20.37
N ILE B 95 -6.96 11.44 20.62
CA ILE B 95 -6.91 10.00 20.41
C ILE B 95 -6.49 9.26 21.68
N LYS B 96 -7.07 8.08 21.89
CA LYS B 96 -6.77 7.28 23.05
C LYS B 96 -7.28 5.85 22.87
N LYS B 97 -6.44 5.00 22.29
CA LYS B 97 -6.79 3.60 22.05
C LYS B 97 -8.04 3.50 21.18
N ASP B 98 -7.86 3.62 19.87
CA ASP B 98 -8.98 3.53 18.93
C ASP B 98 -8.47 3.44 17.50
N TRP B 99 -8.37 2.21 17.00
CA TRP B 99 -7.89 1.98 15.63
C TRP B 99 -8.86 1.09 14.87
N THR B 100 -9.93 0.67 15.53
CA THR B 100 -10.93 -0.20 14.91
C THR B 100 -11.73 0.55 13.86
N LEU B 101 -12.12 1.78 14.19
CA LEU B 101 -12.89 2.61 13.28
C LEU B 101 -12.02 3.12 12.14
N ILE B 102 -10.76 3.43 12.46
CA ILE B 102 -9.82 3.93 11.47
C ILE B 102 -9.62 2.91 10.35
N GLY B 103 -9.59 1.64 10.72
CA GLY B 103 -9.40 0.58 9.75
C GLY B 103 -10.67 0.26 9.00
N PHE B 104 -11.81 0.59 9.60
CA PHE B 104 -13.11 0.33 8.99
C PHE B 104 -13.29 1.18 7.73
N LEU B 105 -12.83 2.43 7.79
CA LEU B 105 -12.94 3.33 6.65
C LEU B 105 -11.85 3.07 5.63
N MET B 106 -10.63 2.89 6.13
CA MET B 106 -9.48 2.65 5.27
C MET B 106 -9.69 1.43 4.37
N SER B 107 -10.31 0.39 4.93
CA SER B 107 -10.57 -0.83 4.16
C SER B 107 -11.67 -0.62 3.13
N THR B 108 -12.81 -0.10 3.57
CA THR B 108 -13.93 0.16 2.68
C THR B 108 -13.51 0.99 1.48
N GLN B 109 -12.56 1.89 1.69
CA GLN B 109 -12.06 2.75 0.63
C GLN B 109 -11.36 1.93 -0.46
N ILE B 110 -10.46 1.05 -0.04
CA ILE B 110 -9.72 0.20 -0.96
C ILE B 110 -10.64 -0.47 -1.98
N VAL B 111 -11.77 -0.99 -1.49
CA VAL B 111 -12.73 -1.66 -2.36
C VAL B 111 -13.30 -0.71 -3.41
N VAL B 112 -13.64 0.50 -2.98
CA VAL B 112 -14.21 1.50 -3.87
C VAL B 112 -13.23 1.88 -4.98
N ILE B 113 -11.97 2.13 -4.62
CA ILE B 113 -10.95 2.51 -5.59
C ILE B 113 -10.82 1.46 -6.68
N THR B 114 -10.94 0.18 -6.30
CA THR B 114 -10.83 -0.91 -7.27
C THR B 114 -11.86 -0.76 -8.37
N SER B 115 -13.11 -0.54 -7.97
CA SER B 115 -14.20 -0.36 -8.93
C SER B 115 -13.95 0.88 -9.79
N GLY B 116 -13.14 1.80 -9.27
CA GLY B 116 -12.84 3.01 -10.00
C GLY B 116 -11.85 2.79 -11.12
N LEU B 117 -10.79 2.03 -10.83
CA LEU B 117 -9.77 1.74 -11.83
C LEU B 117 -10.24 0.68 -12.82
N ILE B 118 -11.18 -0.15 -12.40
CA ILE B 118 -11.72 -1.20 -13.25
C ILE B 118 -12.81 -0.66 -14.18
N ALA B 119 -13.60 0.28 -13.67
CA ALA B 119 -14.68 0.88 -14.46
C ALA B 119 -14.15 1.47 -15.76
N ASP B 120 -13.05 2.23 -15.67
CA ASP B 120 -12.46 2.86 -16.84
C ASP B 120 -11.79 1.83 -17.74
N LEU B 121 -11.54 0.64 -17.20
CA LEU B 121 -10.90 -0.42 -17.96
C LEU B 121 -11.93 -1.30 -18.67
N SER B 122 -13.14 -0.77 -18.84
CA SER B 122 -14.21 -1.50 -19.52
C SER B 122 -14.01 -1.49 -21.03
N GLU B 123 -13.98 -2.67 -21.62
CA GLU B 123 -13.80 -2.82 -23.06
C GLU B 123 -15.13 -2.80 -23.79
N ARG B 124 -15.93 -3.85 -23.57
CA ARG B 124 -17.24 -3.95 -24.21
C ARG B 124 -18.22 -2.97 -23.59
N ASP B 125 -19.20 -2.54 -24.38
CA ASP B 125 -20.20 -1.58 -23.91
C ASP B 125 -21.30 -2.29 -23.13
N TRP B 126 -21.38 -3.61 -23.29
CA TRP B 126 -22.38 -4.42 -22.59
C TRP B 126 -21.93 -4.73 -21.16
N VAL B 127 -20.63 -4.96 -21.00
CA VAL B 127 -20.08 -5.28 -19.69
C VAL B 127 -19.91 -4.02 -18.85
N ARG B 128 -19.78 -2.88 -19.53
CA ARG B 128 -19.62 -1.59 -18.85
C ARG B 128 -20.79 -1.32 -17.91
N TYR B 129 -21.98 -1.77 -18.32
CA TYR B 129 -23.18 -1.58 -17.52
C TYR B 129 -23.21 -2.55 -16.35
N LEU B 130 -22.48 -3.65 -16.47
CA LEU B 130 -22.43 -4.66 -15.42
C LEU B 130 -21.55 -4.20 -14.26
N TRP B 131 -20.26 -3.97 -14.54
CA TRP B 131 -19.33 -3.53 -13.52
C TRP B 131 -19.78 -2.21 -12.90
N TYR B 132 -20.50 -1.42 -13.67
CA TYR B 132 -21.00 -0.14 -13.19
C TYR B 132 -21.89 -0.33 -11.97
N ILE B 133 -22.79 -1.30 -12.06
CA ILE B 133 -23.70 -1.60 -10.97
C ILE B 133 -22.93 -2.12 -9.76
N CYS B 134 -21.84 -2.85 -10.03
CA CYS B 134 -21.01 -3.40 -8.96
C CYS B 134 -20.40 -2.29 -8.12
N GLY B 135 -20.15 -1.15 -8.75
CA GLY B 135 -19.58 -0.02 -8.06
C GLY B 135 -20.55 0.62 -7.08
N VAL B 136 -21.74 0.97 -7.59
CA VAL B 136 -22.76 1.60 -6.76
C VAL B 136 -23.21 0.66 -5.62
N CYS B 137 -23.17 -0.64 -5.89
CA CYS B 137 -23.57 -1.62 -4.90
C CYS B 137 -22.62 -1.61 -3.70
N ALA B 138 -21.32 -1.58 -3.99
CA ALA B 138 -20.32 -1.56 -2.94
C ALA B 138 -20.43 -0.28 -2.12
N PHE B 139 -20.87 0.79 -2.76
CA PHE B 139 -21.03 2.07 -2.10
C PHE B 139 -22.25 2.05 -1.17
N LEU B 140 -23.18 1.14 -1.45
CA LEU B 140 -24.39 1.01 -0.65
C LEU B 140 -24.06 0.45 0.74
N ILE B 141 -23.45 -0.73 0.77
CA ILE B 141 -23.08 -1.38 2.03
C ILE B 141 -22.12 -0.52 2.84
N ILE B 142 -21.19 0.15 2.15
CA ILE B 142 -20.22 1.00 2.82
C ILE B 142 -20.89 2.26 3.38
N LEU B 143 -21.90 2.75 2.67
CA LEU B 143 -22.63 3.94 3.10
C LEU B 143 -23.26 3.71 4.47
N TRP B 144 -23.80 2.51 4.67
CA TRP B 144 -24.43 2.16 5.93
C TRP B 144 -23.42 2.20 7.08
N GLY B 145 -22.26 1.60 6.86
CA GLY B 145 -21.23 1.60 7.89
C GLY B 145 -20.72 2.98 8.22
N ILE B 146 -20.67 3.85 7.22
CA ILE B 146 -20.22 5.22 7.41
C ILE B 146 -21.27 6.04 8.15
N TRP B 147 -22.52 5.63 8.04
CA TRP B 147 -23.62 6.31 8.70
C TRP B 147 -23.87 5.74 10.09
N ASN B 148 -23.02 4.80 10.48
CA ASN B 148 -23.15 4.15 11.78
C ASN B 148 -22.56 5.01 12.91
N PRO B 149 -21.32 5.54 12.73
CA PRO B 149 -20.66 6.36 13.75
C PRO B 149 -21.59 7.39 14.38
N LEU B 150 -22.64 7.77 13.66
CA LEU B 150 -23.60 8.75 14.15
C LEU B 150 -24.21 8.28 15.47
N ARG B 151 -24.87 7.12 15.43
CA ARG B 151 -25.52 6.55 16.61
C ARG B 151 -26.60 7.48 17.16
N ALA B 152 -27.86 7.07 17.00
CA ALA B 152 -28.99 7.86 17.47
C ALA B 152 -29.06 7.88 18.99
N LYS B 153 -28.41 6.90 19.61
CA LYS B 153 -28.41 6.79 21.07
C LYS B 153 -27.47 7.83 21.69
N THR B 154 -26.44 8.20 20.94
CA THR B 154 -25.47 9.18 21.41
C THR B 154 -25.91 10.59 21.05
N ARG B 155 -27.00 10.70 20.29
CA ARG B 155 -27.52 11.99 19.87
C ARG B 155 -27.96 12.81 21.08
N THR B 156 -28.36 12.11 22.14
CA THR B 156 -28.81 12.77 23.36
C THR B 156 -27.66 12.99 24.34
N GLN B 157 -26.62 12.17 24.21
CA GLN B 157 -25.46 12.28 25.09
C GLN B 157 -24.73 13.59 24.88
N SER B 158 -23.97 13.67 23.79
CA SER B 158 -23.21 14.88 23.46
C SER B 158 -23.77 15.55 22.22
N SER B 159 -24.34 16.74 22.40
CA SER B 159 -24.92 17.49 21.28
C SER B 159 -23.83 18.17 20.46
N GLU B 160 -22.66 18.37 21.07
CA GLU B 160 -21.55 19.01 20.38
C GLU B 160 -20.83 18.03 19.44
N LEU B 161 -20.58 16.82 19.93
CA LEU B 161 -19.90 15.81 19.14
C LEU B 161 -20.82 15.26 18.06
N ALA B 162 -22.12 15.28 18.32
CA ALA B 162 -23.11 14.78 17.38
C ALA B 162 -23.28 15.73 16.21
N ASN B 163 -23.72 16.95 16.50
CA ASN B 163 -23.91 17.96 15.46
C ASN B 163 -22.64 18.13 14.64
N LEU B 164 -21.50 17.81 15.26
CA LEU B 164 -20.21 17.92 14.60
C LEU B 164 -20.12 16.94 13.45
N TYR B 165 -20.49 15.69 13.71
CA TYR B 165 -20.45 14.65 12.69
C TYR B 165 -21.62 14.76 11.72
N ASP B 166 -22.71 15.38 12.19
CA ASP B 166 -23.90 15.56 11.37
C ASP B 166 -23.60 16.43 10.16
N LYS B 167 -23.16 17.65 10.41
CA LYS B 167 -22.85 18.59 9.34
C LYS B 167 -21.61 18.15 8.56
N LEU B 168 -20.73 17.40 9.22
CA LEU B 168 -19.52 16.91 8.57
C LEU B 168 -19.84 15.96 7.44
N VAL B 169 -20.58 14.91 7.74
CA VAL B 169 -20.96 13.90 6.74
C VAL B 169 -21.93 14.48 5.72
N THR B 170 -22.64 15.53 6.10
CA THR B 170 -23.61 16.16 5.21
C THR B 170 -22.97 16.54 3.89
N TYR B 171 -21.94 17.38 3.95
CA TYR B 171 -21.23 17.81 2.76
C TYR B 171 -20.55 16.63 2.09
N PHE B 172 -19.92 15.78 2.90
CA PHE B 172 -19.22 14.60 2.39
C PHE B 172 -20.16 13.77 1.50
N THR B 173 -21.44 13.84 1.78
CA THR B 173 -22.43 13.10 1.01
C THR B 173 -22.64 13.71 -0.37
N VAL B 174 -22.87 15.01 -0.41
CA VAL B 174 -23.10 15.72 -1.66
C VAL B 174 -22.00 15.45 -2.68
N LEU B 175 -20.74 15.45 -2.23
CA LEU B 175 -19.60 15.21 -3.11
C LEU B 175 -19.54 13.75 -3.58
N TRP B 176 -19.55 12.82 -2.61
CA TRP B 176 -19.48 11.40 -2.95
C TRP B 176 -20.64 10.98 -3.83
N ILE B 177 -21.73 11.74 -3.76
CA ILE B 177 -22.91 11.45 -4.58
C ILE B 177 -22.79 12.14 -5.94
N GLY B 178 -21.98 13.20 -5.98
CA GLY B 178 -21.77 13.94 -7.22
C GLY B 178 -21.09 13.11 -8.29
N TYR B 179 -20.08 12.34 -7.90
CA TYR B 179 -19.36 11.51 -8.85
C TYR B 179 -20.30 10.57 -9.60
N PRO B 180 -21.09 9.74 -8.88
CA PRO B 180 -22.04 8.81 -9.51
C PRO B 180 -22.93 9.50 -10.54
N ILE B 181 -23.35 10.73 -10.23
CA ILE B 181 -24.21 11.50 -11.12
C ILE B 181 -23.59 11.61 -12.51
N VAL B 182 -22.39 12.16 -12.59
CA VAL B 182 -21.70 12.34 -13.87
C VAL B 182 -21.28 10.99 -14.45
N TRP B 183 -21.12 10.00 -13.59
CA TRP B 183 -20.71 8.67 -14.02
C TRP B 183 -21.72 8.03 -14.98
N ILE B 184 -22.99 8.00 -14.56
CA ILE B 184 -24.04 7.39 -15.38
C ILE B 184 -24.15 8.06 -16.75
N ILE B 185 -23.58 9.25 -16.89
CA ILE B 185 -23.63 9.96 -18.16
C ILE B 185 -22.22 10.27 -18.68
N GLY B 186 -21.79 9.51 -19.69
CA GLY B 186 -20.48 9.70 -20.26
C GLY B 186 -19.73 8.40 -20.47
N PRO B 187 -18.39 8.45 -20.56
CA PRO B 187 -17.58 7.24 -20.76
C PRO B 187 -17.44 6.42 -19.48
N SER B 188 -17.20 5.13 -19.64
CA SER B 188 -17.06 4.24 -18.49
C SER B 188 -18.31 4.29 -17.61
N GLY B 189 -19.43 4.66 -18.21
CA GLY B 189 -20.67 4.74 -17.47
C GLY B 189 -21.84 5.17 -18.33
N PHE B 190 -22.21 4.35 -19.30
CA PHE B 190 -23.33 4.63 -20.20
C PHE B 190 -23.16 6.01 -20.86
N GLY B 191 -22.63 6.01 -22.07
CA GLY B 191 -22.42 7.24 -22.79
C GLY B 191 -21.29 7.14 -23.80
N TRP B 192 -21.63 7.23 -25.09
CA TRP B 192 -20.65 7.14 -26.15
C TRP B 192 -20.06 8.52 -26.47
N ILE B 193 -19.39 9.11 -25.51
CA ILE B 193 -18.78 10.42 -25.68
C ILE B 193 -17.42 10.51 -24.99
N ASN B 194 -16.47 11.15 -25.65
CA ASN B 194 -15.12 11.31 -25.10
C ASN B 194 -14.48 12.60 -25.60
N GLN B 195 -14.88 13.72 -25.00
CA GLN B 195 -14.34 15.02 -25.40
C GLN B 195 -13.61 15.68 -24.23
N THR B 196 -13.21 16.94 -24.43
CA THR B 196 -12.50 17.68 -23.40
C THR B 196 -13.42 17.98 -22.21
N ILE B 197 -14.70 18.17 -22.50
CA ILE B 197 -15.68 18.48 -21.45
C ILE B 197 -15.72 17.37 -20.40
N ASP B 198 -15.60 16.13 -20.84
CA ASP B 198 -15.63 14.99 -19.93
C ASP B 198 -14.50 15.08 -18.91
N THR B 199 -13.28 15.25 -19.41
CA THR B 199 -12.11 15.36 -18.54
C THR B 199 -12.17 16.64 -17.71
N PHE B 200 -12.97 17.60 -18.15
CA PHE B 200 -13.12 18.87 -17.46
C PHE B 200 -14.13 18.75 -16.32
N LEU B 201 -15.08 17.83 -16.45
CA LEU B 201 -16.10 17.63 -15.42
C LEU B 201 -15.59 16.71 -14.32
N PHE B 202 -14.68 15.81 -14.66
CA PHE B 202 -14.12 14.88 -13.68
C PHE B 202 -12.93 15.51 -12.95
N CYS B 203 -12.45 16.64 -13.45
CA CYS B 203 -11.33 17.34 -12.82
C CYS B 203 -11.84 18.45 -11.90
N LEU B 204 -12.97 19.04 -12.28
CA LEU B 204 -13.57 20.12 -11.50
C LEU B 204 -14.26 19.60 -10.25
N LEU B 205 -14.93 18.45 -10.37
CA LEU B 205 -15.64 17.87 -9.23
C LEU B 205 -14.69 17.62 -8.05
N PRO B 206 -13.55 16.90 -8.25
CA PRO B 206 -12.59 16.64 -7.17
C PRO B 206 -12.07 17.94 -6.56
N PHE B 207 -11.72 18.88 -7.43
CA PHE B 207 -11.21 20.17 -6.97
C PHE B 207 -12.27 20.89 -6.15
N PHE B 208 -13.53 20.62 -6.47
CA PHE B 208 -14.66 21.24 -5.77
C PHE B 208 -14.85 20.56 -4.41
N SER B 209 -14.44 19.30 -4.32
CA SER B 209 -14.56 18.54 -3.08
C SER B 209 -13.32 18.75 -2.21
N VAL B 211 -11.65 21.97 -2.15
CA VAL B 211 -11.75 23.33 -1.65
C VAL B 211 -12.92 23.48 -0.68
N GLY B 212 -14.04 22.85 -0.99
CA GLY B 212 -15.20 22.93 -0.14
C GLY B 212 -14.94 22.41 1.26
N PHE B 213 -14.12 21.37 1.37
CA PHE B 213 -13.78 20.80 2.67
C PHE B 213 -12.87 21.72 3.46
N SER B 214 -12.07 22.51 2.75
CA SER B 214 -11.15 23.44 3.39
C SER B 214 -11.91 24.51 4.18
N PHE B 215 -12.73 25.28 3.48
CA PHE B 215 -13.51 26.33 4.12
C PHE B 215 -14.47 25.76 5.16
N LEU B 216 -14.92 24.53 4.92
CA LEU B 216 -15.85 23.87 5.84
C LEU B 216 -15.19 23.61 7.18
N ASP B 217 -13.91 23.23 7.15
CA ASP B 217 -13.17 22.95 8.37
C ASP B 217 -12.94 24.22 9.18
N LEU B 218 -12.83 25.35 8.47
CA LEU B 218 -12.61 26.64 9.12
C LEU B 218 -13.88 27.11 9.82
N HIS B 219 -14.95 27.28 9.06
CA HIS B 219 -16.22 27.74 9.59
C HIS B 219 -16.82 26.71 10.55
N GLY B 220 -16.36 25.46 10.43
CA GLY B 220 -16.86 24.40 11.29
C GLY B 220 -16.60 24.66 12.76
N LEU B 221 -15.34 24.84 13.12
CA LEU B 221 -14.96 25.10 14.51
C LEU B 221 -15.07 26.59 14.85
N ARG B 222 -14.37 27.43 14.09
CA ARG B 222 -14.40 28.86 14.31
C ARG B 222 -13.93 29.20 15.72
N ASN B 223 -12.63 29.37 15.90
CA ASN B 223 -12.06 29.69 17.19
C ASN B 223 -10.94 30.71 17.06
N LEU B 224 -10.50 31.26 18.19
CA LEU B 224 -9.43 32.25 18.19
C LEU B 224 -8.39 31.93 19.26
N ASN B 225 -7.30 31.30 18.84
CA ASN B 225 -6.22 30.94 19.76
C ASN B 225 -5.05 31.89 19.62
N ASP B 226 -4.68 32.54 20.73
CA ASP B 226 -3.58 33.49 20.72
C ASP B 226 -2.43 33.01 21.61
N SER B 227 -2.78 32.54 22.81
CA SER B 227 -1.78 32.05 23.75
C SER B 227 -2.41 31.14 24.80
N ARG B 228 -3.35 30.30 24.36
CA ARG B 228 -4.03 29.38 25.26
C ARG B 228 -3.32 28.04 25.29
N GLN B 229 -3.29 27.37 24.14
CA GLN B 229 -2.64 26.07 24.02
C GLN B 229 -1.32 26.19 23.26
N MET C 1 20.18 -12.44 -28.17
CA MET C 1 18.95 -13.08 -27.66
C MET C 1 19.25 -13.88 -26.39
N ASN C 2 20.52 -14.20 -26.19
CA ASN C 2 20.94 -14.97 -25.02
C ASN C 2 22.08 -14.26 -24.30
N LEU C 3 21.85 -13.93 -23.02
CA LEU C 3 22.85 -13.26 -22.21
C LEU C 3 22.50 -13.35 -20.73
N GLU C 4 23.47 -13.74 -19.91
CA GLU C 4 23.24 -13.88 -18.48
C GLU C 4 24.18 -12.98 -17.68
N SER C 5 23.61 -12.10 -16.86
CA SER C 5 24.39 -11.18 -16.04
C SER C 5 24.65 -11.78 -14.67
N LEU C 6 25.93 -11.95 -14.33
CA LEU C 6 26.31 -12.52 -13.04
C LEU C 6 26.34 -11.46 -11.95
N LEU C 7 26.15 -10.21 -12.33
CA LEU C 7 26.15 -9.11 -11.37
C LEU C 7 24.92 -9.17 -10.47
N HIS C 8 23.78 -9.47 -11.06
CA HIS C 8 22.53 -9.57 -10.33
C HIS C 8 22.50 -10.84 -9.47
N TRP C 9 23.23 -11.85 -9.92
CA TRP C 9 23.29 -13.12 -9.20
C TRP C 9 24.08 -12.96 -7.89
N ILE C 10 25.21 -12.26 -7.96
CA ILE C 10 26.04 -12.04 -6.79
C ILE C 10 25.37 -11.06 -5.83
N TYR C 11 24.45 -10.26 -6.36
CA TYR C 11 23.73 -9.28 -5.57
C TYR C 11 22.87 -9.96 -4.50
N VAL C 12 22.04 -10.89 -4.94
CA VAL C 12 21.15 -11.63 -4.03
C VAL C 12 21.96 -12.48 -3.05
N ALA C 13 23.09 -13.00 -3.51
CA ALA C 13 23.95 -13.83 -2.67
C ALA C 13 24.46 -13.05 -1.46
N GLY C 14 24.91 -11.82 -1.70
CA GLY C 14 25.43 -10.99 -0.64
C GLY C 14 24.34 -10.53 0.33
N MET C 15 23.10 -10.49 -0.15
CA MET C 15 21.97 -10.07 0.68
C MET C 15 21.59 -11.15 1.69
N THR C 16 21.67 -12.41 1.28
CA THR C 16 21.33 -13.52 2.16
C THR C 16 22.29 -13.59 3.34
N ILE C 17 23.59 -13.60 3.05
CA ILE C 17 24.60 -13.64 4.10
C ILE C 17 24.53 -12.40 4.98
N GLY C 18 23.97 -11.33 4.43
CA GLY C 18 23.85 -10.09 5.17
C GLY C 18 22.99 -10.25 6.41
N ALA C 19 21.76 -10.72 6.23
CA ALA C 19 20.83 -10.93 7.34
C ALA C 19 21.41 -11.90 8.36
N LEU C 20 22.15 -12.89 7.87
CA LEU C 20 22.77 -13.89 8.74
C LEU C 20 23.77 -13.24 9.69
N HIS C 21 24.46 -12.21 9.20
CA HIS C 21 25.44 -11.50 10.01
C HIS C 21 24.81 -10.96 11.28
N PHE C 22 23.51 -10.66 11.21
CA PHE C 22 22.78 -10.14 12.36
C PHE C 22 22.53 -11.25 13.38
N TRP C 23 22.25 -12.45 12.88
CA TRP C 23 21.98 -13.60 13.74
C TRP C 23 23.15 -13.84 14.70
N SER C 24 24.36 -13.54 14.23
CA SER C 24 25.55 -13.71 15.05
C SER C 24 25.74 -12.54 16.01
N LEU C 25 25.32 -11.35 15.60
CA LEU C 25 25.46 -10.16 16.44
C LEU C 25 24.28 -10.00 17.39
N SER C 26 23.32 -10.92 17.30
CA SER C 26 22.14 -10.87 18.15
C SER C 26 22.51 -11.02 19.63
N ARG C 27 23.71 -11.55 19.88
CA ARG C 27 24.18 -11.73 21.25
C ARG C 27 24.00 -10.43 22.02
N ASN C 28 24.15 -9.33 21.31
CA ASN C 28 23.98 -8.00 21.88
C ASN C 28 24.10 -6.95 20.78
N PRO C 29 23.14 -5.99 20.72
CA PRO C 29 23.14 -4.93 19.73
C PRO C 29 23.89 -3.69 20.20
N ARG C 30 23.75 -2.60 19.45
CA ARG C 30 24.42 -1.35 19.77
C ARG C 30 23.55 -0.49 20.68
N GLY C 31 22.79 -1.15 21.56
CA GLY C 31 21.91 -0.43 22.47
C GLY C 31 20.48 -0.42 22.01
N VAL C 32 20.26 -0.12 20.73
CA VAL C 32 18.91 -0.07 20.18
C VAL C 32 18.38 -1.48 19.92
N PRO C 33 17.14 -1.75 20.32
CA PRO C 33 16.50 -3.05 20.14
C PRO C 33 16.40 -3.45 18.66
N GLN C 34 16.07 -4.72 18.44
CA GLN C 34 15.94 -5.30 17.10
C GLN C 34 15.24 -4.37 16.10
N TYR C 35 14.54 -3.34 16.59
CA TYR C 35 13.81 -2.41 15.72
C TYR C 35 14.62 -2.09 14.46
N GLU C 36 15.78 -1.47 14.65
CA GLU C 36 16.64 -1.09 13.52
C GLU C 36 17.01 -2.30 12.67
N TYR C 37 17.28 -3.42 13.33
CA TYR C 37 17.67 -4.64 12.63
C TYR C 37 16.48 -5.28 11.91
N LEU C 38 15.27 -4.89 12.31
CA LEU C 38 14.06 -5.43 11.68
C LEU C 38 13.93 -4.90 10.26
N VAL C 39 14.15 -3.60 10.10
CA VAL C 39 14.06 -2.96 8.79
C VAL C 39 15.30 -3.30 7.95
N ALA C 40 16.44 -3.44 8.62
CA ALA C 40 17.69 -3.75 7.94
C ALA C 40 17.72 -5.21 7.47
N MET C 41 16.81 -6.02 8.00
CA MET C 41 16.74 -7.43 7.62
C MET C 41 15.83 -7.64 6.42
N PHE C 42 14.73 -6.90 6.36
CA PHE C 42 13.77 -7.02 5.27
C PHE C 42 14.30 -6.45 3.95
N ILE C 43 15.03 -5.33 4.05
CA ILE C 43 15.58 -4.68 2.87
C ILE C 43 16.40 -5.64 2.00
N PRO C 44 17.40 -6.36 2.58
CA PRO C 44 18.24 -7.28 1.83
C PRO C 44 17.48 -8.51 1.32
N ILE C 45 16.61 -9.07 2.16
CA ILE C 45 15.83 -10.24 1.77
C ILE C 45 15.02 -9.99 0.49
N TRP C 46 14.11 -9.02 0.56
CA TRP C 46 13.27 -8.70 -0.60
C TRP C 46 14.12 -8.30 -1.80
N SER C 47 14.95 -7.28 -1.64
CA SER C 47 15.82 -6.80 -2.72
C SER C 47 16.64 -7.94 -3.31
N GLY C 48 16.91 -8.95 -2.51
CA GLY C 48 17.70 -10.08 -2.98
C GLY C 48 17.02 -10.82 -4.13
N LEU C 49 15.84 -11.36 -3.85
CA LEU C 49 15.09 -12.10 -4.86
C LEU C 49 14.77 -11.23 -6.07
N ALA C 50 14.73 -9.92 -5.85
CA ALA C 50 14.44 -8.98 -6.93
C ALA C 50 15.56 -8.98 -7.97
N TYR C 51 16.77 -8.67 -7.53
CA TYR C 51 17.92 -8.64 -8.43
C TYR C 51 18.20 -10.02 -9.02
N MET C 52 18.08 -11.06 -8.20
CA MET C 52 18.30 -12.43 -8.66
C MET C 52 17.54 -12.68 -9.95
N ALA C 53 16.33 -12.13 -10.01
CA ALA C 53 15.49 -12.29 -11.19
C ALA C 53 16.10 -11.57 -12.38
N MET C 54 16.62 -10.36 -12.14
CA MET C 54 17.24 -9.58 -13.18
C MET C 54 18.31 -10.40 -13.90
N ALA C 55 18.93 -11.31 -13.15
CA ALA C 55 19.96 -12.19 -13.70
C ALA C 55 19.33 -13.21 -14.64
N ILE C 56 18.16 -13.70 -14.26
CA ILE C 56 17.44 -14.69 -15.06
C ILE C 56 16.75 -14.01 -16.24
N ASP C 57 16.92 -12.69 -16.34
CA ASP C 57 16.33 -11.90 -17.42
C ASP C 57 14.81 -11.84 -17.29
N GLN C 58 14.34 -11.66 -16.07
CA GLN C 58 12.90 -11.57 -15.80
C GLN C 58 12.53 -10.22 -15.22
N GLY C 59 11.23 -9.97 -15.08
CA GLY C 59 10.78 -8.71 -14.53
C GLY C 59 10.68 -7.63 -15.58
N LYS C 60 10.69 -8.03 -16.84
CA LYS C 60 10.62 -7.09 -17.96
C LYS C 60 9.65 -7.59 -19.03
N VAL C 61 9.04 -6.66 -19.74
CA VAL C 61 8.09 -6.99 -20.79
C VAL C 61 8.36 -6.18 -22.06
N GLU C 62 8.17 -6.81 -23.21
CA GLU C 62 8.39 -6.14 -24.49
C GLU C 62 7.09 -5.54 -25.02
N ALA C 63 6.84 -4.28 -24.65
CA ALA C 63 5.63 -3.59 -25.09
C ALA C 63 5.98 -2.35 -25.90
N ALA C 64 5.21 -2.11 -26.96
CA ALA C 64 5.43 -0.96 -27.84
C ALA C 64 6.82 -0.99 -28.45
N GLY C 65 7.48 -2.14 -28.38
CA GLY C 65 8.81 -2.27 -28.95
C GLY C 65 9.91 -1.95 -27.94
N GLN C 66 9.52 -1.34 -26.82
CA GLN C 66 10.48 -0.97 -25.78
C GLN C 66 10.37 -1.91 -24.59
N ILE C 67 11.49 -2.10 -23.88
CA ILE C 67 11.54 -2.96 -22.72
C ILE C 67 11.39 -2.14 -21.43
N ALA C 68 10.42 -2.51 -20.61
CA ALA C 68 10.17 -1.83 -19.35
C ALA C 68 10.68 -2.66 -18.18
N HIS C 69 11.55 -2.07 -17.37
CA HIS C 69 12.11 -2.75 -16.21
C HIS C 69 11.14 -2.71 -15.02
N TYR C 70 10.11 -3.55 -15.09
CA TYR C 70 9.10 -3.63 -14.06
C TYR C 70 9.72 -3.96 -12.69
N ALA C 71 10.75 -4.79 -12.70
CA ALA C 71 11.41 -5.20 -11.47
C ALA C 71 12.33 -4.11 -10.92
N ARG C 72 12.82 -3.26 -11.82
CA ARG C 72 13.73 -2.20 -11.42
C ARG C 72 13.07 -1.18 -10.49
N TYR C 73 11.92 -0.65 -10.87
CA TYR C 73 11.24 0.34 -10.05
C TYR C 73 10.35 -0.28 -8.98
N ILE C 74 9.85 -1.50 -9.22
CA ILE C 74 9.00 -2.16 -8.24
C ILE C 74 9.72 -2.27 -6.90
N ASP C 75 11.00 -2.62 -6.95
CA ASP C 75 11.81 -2.72 -5.75
C ASP C 75 12.07 -1.34 -5.19
N TRP C 76 11.85 -0.34 -6.03
CA TRP C 76 12.06 1.05 -5.65
C TRP C 76 10.81 1.65 -5.03
N MET C 77 9.77 0.81 -4.89
CA MET C 77 8.51 1.27 -4.31
C MET C 77 8.33 0.74 -2.88
N VAL C 78 9.08 -0.32 -2.55
CA VAL C 78 8.99 -0.91 -1.22
C VAL C 78 10.29 -0.75 -0.43
N THR C 79 11.42 -0.90 -1.11
CA THR C 79 12.72 -0.79 -0.46
C THR C 79 13.03 0.65 -0.04
N THR C 80 12.86 1.58 -0.97
CA THR C 80 13.15 2.98 -0.71
C THR C 80 12.38 3.53 0.49
N PRO C 81 11.03 3.37 0.54
CA PRO C 81 10.24 3.87 1.66
C PRO C 81 10.75 3.33 2.99
N LEU C 82 11.16 2.07 2.99
CA LEU C 82 11.69 1.45 4.20
C LEU C 82 13.04 2.05 4.54
N LEU C 83 13.78 2.45 3.51
CA LEU C 83 15.09 3.07 3.70
C LEU C 83 14.90 4.45 4.31
N LEU C 84 13.71 5.00 4.10
CA LEU C 84 13.35 6.31 4.61
C LEU C 84 12.85 6.20 6.05
N LEU C 85 12.14 5.12 6.33
CA LEU C 85 11.58 4.87 7.66
C LEU C 85 12.70 4.55 8.66
N SER C 86 13.74 3.86 8.18
CA SER C 86 14.87 3.49 9.03
C SER C 86 15.57 4.72 9.58
N LEU C 87 15.35 5.86 8.95
CA LEU C 87 15.97 7.11 9.37
C LEU C 87 15.24 7.70 10.57
N SER C 88 13.93 7.47 10.64
CA SER C 88 13.13 7.99 11.73
C SER C 88 13.39 7.22 13.02
N TRP C 89 13.69 5.92 12.88
CA TRP C 89 13.96 5.07 14.03
C TRP C 89 15.34 5.34 14.62
N THR C 90 16.33 5.53 13.76
CA THR C 90 17.69 5.80 14.21
C THR C 90 17.79 7.19 14.85
N ALA C 91 16.86 8.07 14.49
CA ALA C 91 16.84 9.43 15.02
C ALA C 91 15.90 9.53 16.22
N MET C 92 15.06 8.52 16.40
CA MET C 92 14.10 8.50 17.50
C MET C 92 14.20 7.19 18.28
N GLN C 93 14.89 7.25 19.41
CA GLN C 93 15.06 6.06 20.26
C GLN C 93 13.73 5.64 20.88
N PHE C 94 13.09 6.58 21.57
CA PHE C 94 11.81 6.31 22.22
C PHE C 94 10.67 7.09 21.56
N ILE C 95 9.47 6.50 21.59
CA ILE C 95 8.30 7.14 21.00
C ILE C 95 7.21 7.36 22.05
N LYS C 96 6.47 8.46 21.92
CA LYS C 96 5.40 8.77 22.86
C LYS C 96 4.07 8.98 22.14
N LYS C 97 3.95 10.09 21.43
CA LYS C 97 2.71 10.40 20.71
C LYS C 97 3.00 11.02 19.34
N ASP C 98 4.13 10.65 18.75
CA ASP C 98 4.51 11.18 17.44
C ASP C 98 3.92 10.33 16.33
N TRP C 99 3.43 10.99 15.27
CA TRP C 99 2.83 10.30 14.14
C TRP C 99 2.68 11.25 12.95
N THR C 100 2.66 12.54 13.24
CA THR C 100 2.51 13.55 12.20
C THR C 100 3.76 13.65 11.34
N LEU C 101 4.93 13.47 11.96
CA LEU C 101 6.19 13.55 11.25
C LEU C 101 6.43 12.28 10.43
N ILE C 102 6.14 11.13 11.03
CA ILE C 102 6.32 9.85 10.34
C ILE C 102 5.47 9.78 9.08
N GLY C 103 4.32 10.45 9.12
CA GLY C 103 3.42 10.46 7.97
C GLY C 103 3.85 11.45 6.92
N PHE C 104 4.51 12.51 7.34
CA PHE C 104 4.99 13.55 6.42
C PHE C 104 6.06 12.99 5.48
N LEU C 105 6.88 12.09 6.01
CA LEU C 105 7.95 11.47 5.23
C LEU C 105 7.41 10.35 4.35
N MET C 106 6.56 9.53 4.93
CA MET C 106 5.97 8.40 4.20
C MET C 106 5.17 8.88 2.99
N SER C 107 4.52 10.02 3.14
CA SER C 107 3.70 10.57 2.05
C SER C 107 4.59 11.12 0.93
N THR C 108 5.45 12.07 1.27
CA THR C 108 6.35 12.68 0.30
C THR C 108 7.13 11.62 -0.48
N GLN C 109 7.40 10.50 0.19
CA GLN C 109 8.13 9.41 -0.44
C GLN C 109 7.36 8.86 -1.64
N ILE C 110 6.11 8.48 -1.39
CA ILE C 110 5.24 7.94 -2.43
C ILE C 110 5.30 8.78 -3.70
N VAL C 111 5.33 10.09 -3.52
CA VAL C 111 5.39 11.01 -4.66
C VAL C 111 6.64 10.74 -5.51
N VAL C 112 7.77 10.60 -4.84
CA VAL C 112 9.04 10.33 -5.53
C VAL C 112 9.02 8.95 -6.19
N ILE C 113 8.32 8.01 -5.57
CA ILE C 113 8.22 6.66 -6.09
C ILE C 113 7.61 6.66 -7.48
N THR C 114 6.58 7.49 -7.66
CA THR C 114 5.90 7.61 -8.94
C THR C 114 6.85 8.11 -10.03
N SER C 115 7.48 9.25 -9.78
CA SER C 115 8.41 9.83 -10.75
C SER C 115 9.48 8.82 -11.14
N GLY C 116 9.74 7.85 -10.26
CA GLY C 116 10.76 6.85 -10.53
C GLY C 116 10.29 5.81 -11.52
N LEU C 117 9.08 5.29 -11.32
CA LEU C 117 8.52 4.28 -12.21
C LEU C 117 8.03 4.90 -13.51
N ILE C 118 7.76 6.20 -13.48
CA ILE C 118 7.28 6.92 -14.65
C ILE C 118 8.43 7.34 -15.56
N ALA C 119 9.55 7.71 -14.95
CA ALA C 119 10.73 8.13 -15.71
C ALA C 119 11.15 7.06 -16.70
N ASP C 120 10.94 5.80 -16.35
CA ASP C 120 11.30 4.69 -17.21
C ASP C 120 10.22 4.44 -18.26
N LEU C 121 9.00 4.86 -17.97
CA LEU C 121 7.89 4.69 -18.90
C LEU C 121 7.86 5.78 -19.96
N SER C 122 9.05 6.25 -20.35
CA SER C 122 9.16 7.30 -21.36
C SER C 122 9.30 6.69 -22.76
N GLU C 123 8.33 7.01 -23.62
CA GLU C 123 8.33 6.49 -24.99
C GLU C 123 9.16 7.37 -25.91
N ARG C 124 8.79 8.66 -25.99
CA ARG C 124 9.51 9.60 -26.84
C ARG C 124 10.64 10.27 -26.08
N ASP C 125 11.61 10.78 -26.83
CA ASP C 125 12.77 11.45 -26.23
C ASP C 125 12.46 12.91 -25.94
N TRP C 126 11.38 13.41 -26.55
CA TRP C 126 10.97 14.80 -26.35
C TRP C 126 10.25 14.97 -25.02
N VAL C 127 9.43 13.99 -24.68
CA VAL C 127 8.66 14.02 -23.43
C VAL C 127 9.53 13.58 -22.26
N ARG C 128 10.51 12.73 -22.52
CA ARG C 128 11.40 12.23 -21.48
C ARG C 128 12.08 13.38 -20.74
N TYR C 129 12.39 14.45 -21.46
CA TYR C 129 13.04 15.62 -20.88
C TYR C 129 12.06 16.41 -20.01
N LEU C 130 10.77 16.29 -20.31
CA LEU C 130 9.74 17.00 -19.55
C LEU C 130 9.47 16.31 -18.23
N TRP C 131 9.33 15.00 -18.26
CA TRP C 131 9.07 14.22 -17.05
C TRP C 131 10.23 14.30 -16.08
N TYR C 132 11.46 14.30 -16.63
CA TYR C 132 12.65 14.37 -15.81
C TYR C 132 12.62 15.59 -14.89
N ILE C 133 12.26 16.75 -15.45
CA ILE C 133 12.19 17.98 -14.68
C ILE C 133 11.13 17.87 -13.58
N CYS C 134 10.05 17.16 -13.86
CA CYS C 134 8.98 16.97 -12.90
C CYS C 134 9.46 16.18 -11.68
N GLY C 135 10.41 15.29 -11.92
CA GLY C 135 10.95 14.49 -10.83
C GLY C 135 11.78 15.29 -9.86
N VAL C 136 12.77 16.01 -10.38
CA VAL C 136 13.65 16.83 -9.55
C VAL C 136 12.86 17.91 -8.81
N CYS C 137 11.86 18.47 -9.48
CA CYS C 137 11.02 19.50 -8.88
C CYS C 137 10.46 19.03 -7.54
N ALA C 138 9.83 17.86 -7.55
CA ALA C 138 9.25 17.28 -6.35
C ALA C 138 10.32 17.02 -5.30
N PHE C 139 11.53 16.72 -5.77
CA PHE C 139 12.65 16.44 -4.88
C PHE C 139 13.10 17.71 -4.17
N LEU C 140 12.82 18.86 -4.77
CA LEU C 140 13.19 20.15 -4.19
C LEU C 140 12.33 20.49 -2.98
N ILE C 141 11.01 20.46 -3.16
CA ILE C 141 10.08 20.78 -2.08
C ILE C 141 10.24 19.85 -0.89
N ILE C 142 10.38 18.55 -1.15
CA ILE C 142 10.54 17.57 -0.09
C ILE C 142 11.88 17.75 0.62
N LEU C 143 12.87 18.24 -0.13
CA LEU C 143 14.20 18.45 0.43
C LEU C 143 14.16 19.45 1.57
N TRP C 144 13.33 20.48 1.43
CA TRP C 144 13.20 21.51 2.45
C TRP C 144 12.52 20.95 3.69
N GLY C 145 11.46 20.16 3.47
CA GLY C 145 10.74 19.57 4.58
C GLY C 145 11.60 18.66 5.44
N ILE C 146 12.40 17.83 4.79
CA ILE C 146 13.29 16.91 5.50
C ILE C 146 14.36 17.68 6.25
N TRP C 147 14.65 18.90 5.78
CA TRP C 147 15.66 19.75 6.41
C TRP C 147 15.04 20.61 7.50
N ASN C 148 13.77 20.38 7.78
CA ASN C 148 13.06 21.14 8.80
C ASN C 148 13.30 20.58 10.21
N PRO C 149 13.18 19.24 10.40
CA PRO C 149 13.39 18.60 11.70
C PRO C 149 14.63 19.11 12.42
N LEU C 150 15.58 19.62 11.65
CA LEU C 150 16.82 20.15 12.22
C LEU C 150 16.52 21.23 13.25
N ARG C 151 15.83 22.27 12.82
CA ARG C 151 15.46 23.38 13.71
C ARG C 151 16.69 24.04 14.30
N ALA C 152 17.02 25.22 13.77
CA ALA C 152 18.18 25.97 14.25
C ALA C 152 17.96 26.51 15.66
N LYS C 153 16.68 26.62 16.04
CA LYS C 153 16.32 27.11 17.37
C LYS C 153 16.38 26.00 18.40
N THR C 154 16.46 24.76 17.93
CA THR C 154 16.52 23.60 18.82
C THR C 154 17.97 23.16 19.05
N ARG C 155 18.87 23.60 18.19
CA ARG C 155 20.28 23.24 18.30
C ARG C 155 20.89 23.83 19.57
N THR C 156 20.25 24.87 20.11
CA THR C 156 20.71 25.52 21.32
C THR C 156 20.14 24.86 22.57
N GLN C 157 19.45 23.74 22.36
CA GLN C 157 18.85 23.00 23.47
C GLN C 157 19.62 21.72 23.74
N SER C 158 19.55 20.78 22.80
CA SER C 158 20.23 19.51 22.94
C SER C 158 21.30 19.36 21.85
N SER C 159 22.57 19.35 22.28
CA SER C 159 23.67 19.21 21.34
C SER C 159 23.83 17.77 20.86
N GLU C 160 23.31 16.84 21.65
CA GLU C 160 23.39 15.42 21.30
C GLU C 160 22.38 15.06 20.23
N LEU C 161 21.11 15.38 20.48
CA LEU C 161 20.04 15.08 19.53
C LEU C 161 20.25 15.85 18.22
N ALA C 162 20.86 17.02 18.33
CA ALA C 162 21.12 17.86 17.16
C ALA C 162 22.19 17.25 16.27
N ASN C 163 23.40 17.13 16.81
CA ASN C 163 24.52 16.56 16.06
C ASN C 163 24.17 15.18 15.53
N LEU C 164 23.20 14.54 16.17
CA LEU C 164 22.75 13.21 15.76
C LEU C 164 22.05 13.27 14.42
N TYR C 165 21.18 14.27 14.26
CA TYR C 165 20.44 14.43 13.02
C TYR C 165 21.28 15.14 11.95
N ASP C 166 22.25 15.92 12.42
CA ASP C 166 23.13 16.66 11.51
C ASP C 166 23.93 15.70 10.62
N LYS C 167 24.66 14.78 11.26
CA LYS C 167 25.47 13.82 10.53
C LYS C 167 24.60 12.78 9.82
N LEU C 168 23.47 12.44 10.43
CA LEU C 168 22.55 11.45 9.87
C LEU C 168 22.07 11.88 8.48
N VAL C 169 21.58 13.11 8.39
CA VAL C 169 21.07 13.63 7.11
C VAL C 169 22.21 13.86 6.12
N THR C 170 23.39 14.17 6.64
CA THR C 170 24.56 14.43 5.79
C THR C 170 24.80 13.28 4.82
N TYR C 171 25.00 12.09 5.37
CA TYR C 171 25.25 10.90 4.54
C TYR C 171 24.04 10.59 3.67
N PHE C 172 22.84 10.82 4.21
CA PHE C 172 21.61 10.57 3.47
C PHE C 172 21.50 11.51 2.27
N THR C 173 22.19 12.64 2.34
CA THR C 173 22.17 13.62 1.27
C THR C 173 22.95 13.15 0.05
N VAL C 174 24.25 12.89 0.26
CA VAL C 174 25.12 12.42 -0.83
C VAL C 174 24.53 11.22 -1.56
N LEU C 175 23.77 10.40 -0.83
CA LEU C 175 23.16 9.21 -1.42
C LEU C 175 22.00 9.59 -2.34
N TRP C 176 21.02 10.31 -1.78
CA TRP C 176 19.86 10.74 -2.54
C TRP C 176 20.25 11.69 -3.66
N ILE C 177 21.43 12.30 -3.54
CA ILE C 177 21.93 13.22 -4.54
C ILE C 177 22.70 12.46 -5.62
N GLY C 178 23.23 11.30 -5.26
CA GLY C 178 23.98 10.50 -6.19
C GLY C 178 23.12 9.96 -7.32
N TYR C 179 21.90 9.54 -6.99
CA TYR C 179 20.98 9.01 -7.99
C TYR C 179 20.76 10.01 -9.13
N PRO C 180 20.31 11.26 -8.83
CA PRO C 180 20.08 12.28 -9.85
C PRO C 180 21.28 12.44 -10.78
N ILE C 181 22.49 12.40 -10.20
CA ILE C 181 23.71 12.54 -10.98
C ILE C 181 23.72 11.60 -12.19
N VAL C 182 23.66 10.30 -11.91
CA VAL C 182 23.67 9.30 -12.98
C VAL C 182 22.43 9.42 -13.87
N TRP C 183 21.34 9.92 -13.30
CA TRP C 183 20.10 10.09 -14.05
C TRP C 183 20.26 11.13 -15.15
N ILE C 184 21.17 12.09 -14.94
CA ILE C 184 21.43 13.14 -15.91
C ILE C 184 21.77 12.56 -17.27
N ILE C 185 22.44 11.41 -17.27
CA ILE C 185 22.83 10.75 -18.50
C ILE C 185 22.27 9.33 -18.58
N GLY C 186 22.38 8.71 -19.75
CA GLY C 186 21.87 7.37 -19.93
C GLY C 186 20.42 7.35 -20.36
N PRO C 187 19.72 6.20 -20.20
CA PRO C 187 18.32 6.08 -20.59
C PRO C 187 17.38 6.67 -19.54
N SER C 188 16.16 7.02 -19.97
CA SER C 188 15.18 7.60 -19.08
C SER C 188 15.71 8.87 -18.43
N GLY C 189 16.73 9.46 -19.05
CA GLY C 189 17.33 10.68 -18.53
C GLY C 189 18.29 11.32 -19.52
N PHE C 190 17.84 11.47 -20.77
CA PHE C 190 18.66 12.07 -21.81
C PHE C 190 19.94 11.26 -22.03
N GLY C 191 19.93 10.42 -23.07
CA GLY C 191 21.08 9.60 -23.36
C GLY C 191 20.72 8.31 -24.07
N TRP C 192 21.20 8.14 -25.29
CA TRP C 192 20.92 6.93 -26.06
C TRP C 192 21.93 5.84 -25.74
N ILE C 193 22.12 5.59 -24.46
CA ILE C 193 23.06 4.56 -24.00
C ILE C 193 22.37 3.56 -23.08
N ASN C 194 22.74 2.30 -23.19
CA ASN C 194 22.17 1.25 -22.36
C ASN C 194 23.22 0.21 -21.99
N GLN C 195 23.22 -0.92 -22.68
CA GLN C 195 24.18 -1.99 -22.41
C GLN C 195 24.09 -2.48 -20.97
N THR C 196 24.95 -3.43 -20.63
CA THR C 196 24.97 -4.00 -19.28
C THR C 196 25.60 -3.01 -18.29
N ILE C 197 26.46 -2.14 -18.80
CA ILE C 197 27.15 -1.16 -17.98
C ILE C 197 26.17 -0.27 -17.22
N ASP C 198 25.10 0.16 -17.89
CA ASP C 198 24.10 1.03 -17.28
C ASP C 198 23.48 0.38 -16.06
N THR C 199 22.97 -0.83 -16.23
CA THR C 199 22.33 -1.56 -15.13
C THR C 199 23.29 -1.78 -13.97
N PHE C 200 24.59 -1.71 -14.24
CA PHE C 200 25.60 -1.90 -13.21
C PHE C 200 25.68 -0.71 -12.26
N LEU C 201 25.56 0.49 -12.82
CA LEU C 201 25.63 1.71 -12.02
C LEU C 201 24.42 1.84 -11.09
N PHE C 202 23.22 1.72 -11.66
CA PHE C 202 21.99 1.82 -10.88
C PHE C 202 21.85 0.66 -9.91
N CYS C 203 22.74 -0.33 -10.04
CA CYS C 203 22.72 -1.50 -9.17
C CYS C 203 23.71 -1.32 -8.01
N LEU C 204 24.88 -0.79 -8.33
CA LEU C 204 25.93 -0.58 -7.33
C LEU C 204 25.61 0.60 -6.42
N LEU C 205 24.92 1.60 -6.95
CA LEU C 205 24.58 2.79 -6.15
C LEU C 205 23.71 2.42 -4.95
N PRO C 206 22.57 1.73 -5.15
CA PRO C 206 21.69 1.34 -4.04
C PRO C 206 22.43 0.46 -3.05
N PHE C 207 23.25 -0.44 -3.57
CA PHE C 207 24.04 -1.35 -2.74
C PHE C 207 25.02 -0.56 -1.88
N PHE C 208 25.45 0.59 -2.39
CA PHE C 208 26.40 1.45 -1.69
C PHE C 208 25.67 2.36 -0.69
N SER C 209 24.37 2.53 -0.91
CA SER C 209 23.55 3.37 -0.04
C SER C 209 23.00 2.57 1.14
N VAL C 211 24.92 -0.39 2.40
CA VAL C 211 26.06 -0.88 3.15
C VAL C 211 26.68 0.25 3.99
N GLY C 212 26.65 1.46 3.44
CA GLY C 212 27.21 2.61 4.14
C GLY C 212 26.39 2.99 5.35
N PHE C 213 25.09 2.73 5.29
CA PHE C 213 24.19 3.06 6.40
C PHE C 213 24.41 2.12 7.57
N SER C 214 24.68 0.85 7.26
CA SER C 214 24.91 -0.16 8.29
C SER C 214 26.09 0.23 9.18
N PHE C 215 27.24 0.49 8.56
CA PHE C 215 28.44 0.87 9.30
C PHE C 215 28.26 2.24 9.94
N LEU C 216 27.32 3.03 9.42
CA LEU C 216 27.04 4.35 9.95
C LEU C 216 26.36 4.28 11.30
N ASP C 217 25.33 3.42 11.39
CA ASP C 217 24.60 3.25 12.63
C ASP C 217 25.47 2.57 13.68
N LEU C 218 26.52 1.89 13.22
CA LEU C 218 27.44 1.19 14.11
C LEU C 218 28.35 2.17 14.85
N HIS C 219 29.04 3.01 14.09
CA HIS C 219 29.96 3.99 14.65
C HIS C 219 29.20 5.21 15.19
N GLY C 220 27.97 5.39 14.71
CA GLY C 220 27.17 6.52 15.15
C GLY C 220 26.97 6.54 16.65
N LEU C 221 26.39 5.47 17.18
CA LEU C 221 26.15 5.37 18.62
C LEU C 221 27.42 4.95 19.34
N ARG C 222 27.97 3.79 18.94
CA ARG C 222 29.19 3.27 19.54
C ARG C 222 29.04 3.14 21.05
N ASN C 223 28.35 2.09 21.48
CA ASN C 223 28.13 1.86 22.91
C ASN C 223 28.45 0.41 23.27
N LEU C 224 28.50 0.13 24.57
CA LEU C 224 28.80 -1.21 25.05
C LEU C 224 27.79 -1.64 26.11
N ASN C 225 26.86 -2.51 25.73
CA ASN C 225 25.84 -3.00 26.65
C ASN C 225 26.06 -4.48 26.97
N ASP C 226 26.20 -4.78 28.26
CA ASP C 226 26.41 -6.16 28.70
C ASP C 226 25.20 -6.66 29.48
N SER C 227 24.91 -6.02 30.61
CA SER C 227 23.78 -6.40 31.44
C SER C 227 22.96 -5.18 31.82
N ARG C 228 23.39 -4.02 31.34
CA ARG C 228 22.69 -2.77 31.62
C ARG C 228 21.73 -2.41 30.50
N GLN C 229 20.51 -2.93 30.58
CA GLN C 229 19.49 -2.66 29.56
C GLN C 229 18.14 -2.37 30.19
#